data_5HSA
#
_entry.id   5HSA
#
_cell.length_a   117.100
_cell.length_b   165.190
_cell.length_c   164.310
_cell.angle_alpha   90.000
_cell.angle_beta   95.670
_cell.angle_gamma   90.000
#
_symmetry.space_group_name_H-M   'P 1 21 1'
#
loop_
_entity.id
_entity.type
_entity.pdbx_description
1 polymer 'Alcohol oxidase 1'
2 non-polymer 'ARABINO-FLAVIN-ADENINE DINUCLEOTIDE'
3 non-polymer 'HEXAETHYLENE GLYCOL'
4 non-polymer 'TRIETHYLENE GLYCOL'
5 non-polymer 'PHOSPHATE ION'
6 non-polymer 'CALCIUM ION'
7 non-polymer GLYCEROL
8 non-polymer 'CHLORIDE ION'
9 water water
#
_entity_poly.entity_id   1
_entity_poly.type   'polypeptide(L)'
_entity_poly.pdbx_seq_one_letter_code
;MAIPEEFDILVLGGGSSGSCIAGRLANLDHSLKVGLIEAGENNLNNPWVYLPGIYPRNMKLDSKTASFYTSNPSPHLNGR
RAIVPCANVLGGGSSINFMMYTRGSASDYDDFQAEGWKTKDLLPLMKKTETYQRACNNPDIHGFEGPIKVSFGNYTYPVC
QDFLRASESQGIPYVDDLEDLVTAHGAEHWLKWINRDTGRRSDSAHAFVHSTMRNHDNLYLICNTKVDKIIVEDGRAAAV
RTVPSKPLNPKKPSHKIYRARKQIVLSCGTISSPLVLQRSGFGDPIKLRAAGVKPLVNLPGVGRNFQDHYCFFSPYRIKP
QYESFDDFVRGDAEIQKRVFDQWYANGTGPLATNGIEAGVKIRPTPEELSQMDESFQEGYREYFEDKPDKPVMHYSIIAG
FFGDHTKIPPGKYMTMFHFLEYPFSRGSIHITSPDPYAAPDFDPGFMNDERDMAPMVWAYKKSRETARRMDHFAGEVTSH
HPLFPYSSEARALEMDLETSNAYGGPLNLSAGLAHGSWTQPLKKPTAKNEGHVTSNQVELHPDIEYDEEDDKAIENYIRE
HTETTWHCLGTCSIGPREGSKIVKWGGVLDHRSNVYGVKGLKVGDLSVCPDNVGCNTYTTALLIGEKTATLVGEDLGYSG
EALDMTVPQFKLGTYEKTGLARF
;
_entity_poly.pdbx_strand_id   A,B,C,D,E,F,G,H
#
# COMPACT_ATOMS: atom_id res chain seq x y z
N ALA A 2 38.76 6.85 36.76
CA ALA A 2 39.38 5.54 36.52
C ALA A 2 38.90 4.48 37.52
N ILE A 3 38.90 3.22 37.10
CA ILE A 3 38.52 2.11 37.96
C ILE A 3 39.66 1.75 38.90
N PRO A 4 39.42 1.84 40.22
CA PRO A 4 40.45 1.51 41.20
C PRO A 4 40.94 0.08 41.09
N GLU A 5 42.18 -0.17 41.53
CA GLU A 5 42.75 -1.51 41.50
C GLU A 5 42.45 -2.24 42.78
N GLU A 6 42.08 -1.49 43.82
CA GLU A 6 41.77 -2.07 45.11
C GLU A 6 40.41 -1.59 45.63
N PHE A 7 39.58 -2.53 46.06
CA PHE A 7 38.29 -2.22 46.63
C PHE A 7 38.22 -2.72 48.08
N ASP A 8 37.17 -2.30 48.80
CA ASP A 8 36.89 -2.89 50.10
C ASP A 8 36.16 -4.20 49.91
N ILE A 9 35.15 -4.18 49.03
CA ILE A 9 34.35 -5.38 48.75
C ILE A 9 34.32 -5.66 47.25
N LEU A 10 34.57 -6.92 46.90
CA LEU A 10 34.56 -7.35 45.52
C LEU A 10 33.45 -8.39 45.28
N VAL A 11 32.56 -8.12 44.35
CA VAL A 11 31.52 -9.08 44.00
C VAL A 11 31.75 -9.60 42.59
N LEU A 12 31.84 -10.92 42.46
CA LEU A 12 32.20 -11.56 41.20
C LEU A 12 30.98 -12.19 40.53
N GLY A 13 30.53 -11.58 39.43
CA GLY A 13 29.33 -12.01 38.76
C GLY A 13 28.17 -11.11 39.15
N GLY A 14 27.65 -10.38 38.19
CA GLY A 14 26.56 -9.44 38.45
C GLY A 14 25.19 -9.97 38.02
N GLY A 15 24.88 -11.19 38.43
CA GLY A 15 23.63 -11.82 38.05
C GLY A 15 22.49 -11.48 38.99
N SER A 16 21.51 -12.38 39.04
CA SER A 16 20.33 -12.18 39.88
C SER A 16 20.71 -11.96 41.35
N SER A 17 21.62 -12.80 41.86
CA SER A 17 22.11 -12.64 43.22
C SER A 17 23.17 -11.55 43.30
N GLY A 18 24.15 -11.64 42.40
CA GLY A 18 25.30 -10.75 42.41
C GLY A 18 25.00 -9.26 42.37
N SER A 19 24.12 -8.83 41.47
CA SER A 19 23.73 -7.43 41.41
C SER A 19 23.03 -7.00 42.71
N CYS A 20 22.21 -7.89 43.25
CA CYS A 20 21.53 -7.60 44.50
C CYS A 20 22.53 -7.42 45.65
N ILE A 21 23.48 -8.34 45.74
CA ILE A 21 24.51 -8.30 46.77
C ILE A 21 25.37 -7.03 46.66
N ALA A 22 25.82 -6.73 45.45
CA ALA A 22 26.66 -5.54 45.23
C ALA A 22 25.92 -4.25 45.57
N GLY A 23 24.65 -4.15 45.15
CA GLY A 23 23.84 -2.99 45.43
C GLY A 23 23.57 -2.80 46.92
N ARG A 24 23.17 -3.88 47.59
CA ARG A 24 22.92 -3.82 49.03
C ARG A 24 24.18 -3.39 49.79
N LEU A 25 25.30 -4.02 49.48
CA LEU A 25 26.56 -3.75 50.18
C LEU A 25 27.06 -2.33 49.96
N ALA A 26 26.81 -1.77 48.78
CA ALA A 26 27.22 -0.39 48.50
C ALA A 26 26.42 0.60 49.36
N ASN A 27 25.24 0.17 49.80
CA ASN A 27 24.42 1.01 50.67
C ASN A 27 24.56 0.66 52.15
N LEU A 28 25.39 -0.34 52.45
CA LEU A 28 25.71 -0.68 53.82
C LEU A 28 26.44 0.48 54.48
N ASP A 29 27.38 1.07 53.74
CA ASP A 29 28.19 2.19 54.20
C ASP A 29 28.89 2.80 52.98
N HIS A 30 28.57 4.04 52.68
CA HIS A 30 29.00 4.65 51.42
C HIS A 30 30.47 5.08 51.42
N SER A 31 31.18 4.79 52.50
CA SER A 31 32.63 4.99 52.51
C SER A 31 33.32 3.71 52.06
N LEU A 32 32.56 2.62 51.97
CA LEU A 32 33.09 1.36 51.45
C LEU A 32 33.12 1.35 49.93
N LYS A 33 34.29 1.04 49.37
CA LYS A 33 34.45 0.90 47.93
C LYS A 33 34.01 -0.49 47.48
N VAL A 34 32.98 -0.55 46.64
CA VAL A 34 32.46 -1.82 46.15
C VAL A 34 32.66 -1.99 44.65
N GLY A 35 33.28 -3.09 44.25
CA GLY A 35 33.51 -3.39 42.84
C GLY A 35 32.71 -4.59 42.38
N LEU A 36 31.95 -4.41 41.30
CA LEU A 36 31.16 -5.50 40.72
C LEU A 36 31.71 -5.90 39.36
N ILE A 37 32.17 -7.14 39.27
CA ILE A 37 32.78 -7.64 38.04
C ILE A 37 31.82 -8.58 37.31
N GLU A 38 31.59 -8.30 36.02
CA GLU A 38 30.65 -9.07 35.21
C GLU A 38 31.22 -9.39 33.82
N ALA A 39 31.03 -10.63 33.36
CA ALA A 39 31.59 -11.06 32.09
C ALA A 39 30.78 -10.56 30.89
N GLY A 40 29.47 -10.43 31.06
CA GLY A 40 28.61 -9.99 29.98
C GLY A 40 28.58 -8.48 29.84
N GLU A 41 27.74 -7.98 28.93
CA GLU A 41 27.64 -6.55 28.70
C GLU A 41 26.81 -5.85 29.78
N ASN A 42 27.04 -4.54 29.91
CA ASN A 42 26.18 -3.69 30.71
C ASN A 42 24.76 -3.72 30.12
N ASN A 43 23.73 -3.67 30.96
CA ASN A 43 22.36 -3.77 30.48
C ASN A 43 21.56 -2.48 30.69
N LEU A 44 22.25 -1.43 31.16
CA LEU A 44 21.63 -0.16 31.48
C LEU A 44 20.77 0.39 30.35
N ASN A 45 19.48 0.54 30.62
CA ASN A 45 18.50 1.07 29.66
C ASN A 45 18.52 0.40 28.29
N ASN A 46 18.86 -0.89 28.27
CA ASN A 46 18.80 -1.68 27.05
C ASN A 46 17.38 -2.23 26.83
N PRO A 47 16.73 -1.80 25.74
CA PRO A 47 15.36 -2.26 25.46
C PRO A 47 15.27 -3.77 25.24
N TRP A 48 16.34 -4.38 24.75
CA TRP A 48 16.36 -5.82 24.56
C TRP A 48 16.40 -6.56 25.89
N VAL A 49 16.56 -5.81 26.98
CA VAL A 49 16.43 -6.37 28.31
C VAL A 49 15.10 -5.97 28.95
N TYR A 50 14.72 -4.68 28.87
CA TYR A 50 13.60 -4.23 29.71
C TYR A 50 12.22 -4.38 29.07
N LEU A 51 12.16 -4.67 27.78
CA LEU A 51 10.88 -4.98 27.14
C LEU A 51 10.55 -6.46 27.34
N PRO A 52 9.49 -6.75 28.11
CA PRO A 52 9.14 -8.14 28.46
C PRO A 52 8.85 -9.05 27.27
N GLY A 53 8.01 -8.59 26.34
CA GLY A 53 7.47 -9.45 25.31
C GLY A 53 8.43 -10.08 24.31
N ILE A 54 9.66 -9.59 24.26
CA ILE A 54 10.61 -10.13 23.30
C ILE A 54 11.54 -11.19 23.91
N TYR A 55 11.24 -11.62 25.13
CA TYR A 55 12.15 -12.51 25.86
C TYR A 55 12.61 -13.81 25.17
N PRO A 56 11.79 -14.43 24.29
CA PRO A 56 12.31 -15.68 23.69
C PRO A 56 13.62 -15.57 22.90
N ARG A 57 13.96 -14.41 22.36
CA ARG A 57 15.14 -14.33 21.48
C ARG A 57 16.46 -14.54 22.23
N ASN A 58 16.43 -14.47 23.56
CA ASN A 58 17.63 -14.69 24.34
C ASN A 58 18.11 -16.15 24.27
N MET A 59 17.23 -17.05 23.85
CA MET A 59 17.59 -18.46 23.77
C MET A 59 17.86 -18.93 22.35
N LYS A 60 17.91 -18.00 21.39
CA LYS A 60 18.47 -18.31 20.08
C LYS A 60 19.94 -18.70 20.28
N LEU A 61 20.40 -19.71 19.54
CA LEU A 61 21.76 -20.20 19.75
C LEU A 61 22.83 -19.15 19.46
N ASP A 62 22.51 -18.15 18.66
CA ASP A 62 23.48 -17.09 18.35
C ASP A 62 23.28 -15.85 19.23
N SER A 63 22.53 -16.01 20.32
CA SER A 63 22.27 -14.90 21.24
C SER A 63 23.55 -14.38 21.89
N LYS A 64 23.62 -13.06 22.06
CA LYS A 64 24.75 -12.43 22.76
C LYS A 64 24.54 -12.44 24.27
N THR A 65 23.33 -12.71 24.71
CA THR A 65 22.99 -12.54 26.12
C THR A 65 23.03 -13.83 26.92
N ALA A 66 23.51 -14.90 26.28
CA ALA A 66 23.59 -16.19 26.96
C ALA A 66 24.82 -16.97 26.53
N SER A 67 25.26 -17.88 27.40
CA SER A 67 26.28 -18.87 27.07
C SER A 67 25.58 -20.22 26.92
N PHE A 68 26.05 -21.04 26.00
CA PHE A 68 25.43 -22.35 25.79
C PHE A 68 26.41 -23.48 26.08
N TYR A 69 26.37 -23.99 27.31
CA TYR A 69 27.27 -25.04 27.77
C TYR A 69 26.87 -26.41 27.24
N THR A 70 27.82 -27.10 26.62
CA THR A 70 27.59 -28.47 26.15
C THR A 70 27.88 -29.47 27.27
N SER A 71 27.31 -30.65 27.14
CA SER A 71 27.49 -31.69 28.14
C SER A 71 27.80 -33.02 27.48
N ASN A 72 28.19 -34.00 28.28
CA ASN A 72 28.50 -35.33 27.76
C ASN A 72 27.25 -36.08 27.32
N PRO A 73 27.39 -36.95 26.32
CA PRO A 73 26.25 -37.78 25.90
C PRO A 73 25.71 -38.63 27.06
N SER A 74 24.39 -38.77 27.13
CA SER A 74 23.75 -39.49 28.21
C SER A 74 22.78 -40.54 27.70
N PRO A 75 22.94 -41.79 28.15
CA PRO A 75 22.02 -42.87 27.78
C PRO A 75 20.63 -42.63 28.33
N HIS A 76 20.53 -41.84 29.40
CA HIS A 76 19.25 -41.56 30.04
C HIS A 76 18.45 -40.57 29.21
N LEU A 77 19.14 -39.82 28.36
CA LEU A 77 18.52 -38.92 27.40
C LEU A 77 18.58 -39.51 25.99
N ASN A 78 18.62 -40.83 25.91
CA ASN A 78 18.73 -41.57 24.66
C ASN A 78 19.88 -41.08 23.77
N GLY A 79 21.02 -40.79 24.38
CA GLY A 79 22.22 -40.43 23.66
C GLY A 79 22.47 -38.94 23.52
N ARG A 80 21.50 -38.12 23.92
CA ARG A 80 21.60 -36.67 23.76
C ARG A 80 22.72 -36.03 24.57
N ARG A 81 23.39 -35.06 23.97
CA ARG A 81 24.25 -34.16 24.73
C ARG A 81 23.47 -32.88 24.96
N ALA A 82 22.85 -32.80 26.14
CA ALA A 82 22.01 -31.67 26.51
C ALA A 82 22.76 -30.36 26.50
N ILE A 83 22.14 -29.34 25.95
CA ILE A 83 22.69 -27.99 25.97
C ILE A 83 22.13 -27.24 27.17
N VAL A 84 23.00 -26.69 28.00
CA VAL A 84 22.57 -25.97 29.19
C VAL A 84 22.91 -24.49 29.07
N PRO A 85 21.92 -23.66 28.73
CA PRO A 85 22.16 -22.23 28.61
C PRO A 85 22.16 -21.55 29.97
N CYS A 86 22.85 -20.42 30.07
CA CYS A 86 22.74 -19.55 31.23
C CYS A 86 23.06 -18.12 30.77
N ALA A 87 22.73 -17.14 31.60
CA ALA A 87 22.85 -15.76 31.20
C ALA A 87 24.30 -15.29 31.00
N ASN A 88 24.48 -14.39 30.05
CA ASN A 88 25.76 -13.75 29.78
C ASN A 88 25.54 -12.27 29.58
N VAL A 89 25.22 -11.57 30.67
CA VAL A 89 24.81 -10.17 30.61
C VAL A 89 24.61 -9.66 32.03
N LEU A 90 24.88 -8.38 32.28
CA LEU A 90 24.65 -7.81 33.60
C LEU A 90 23.18 -8.00 33.99
N GLY A 91 22.96 -8.39 35.23
CA GLY A 91 21.62 -8.74 35.69
C GLY A 91 21.42 -10.25 35.67
N GLY A 92 22.26 -10.94 34.92
CA GLY A 92 22.20 -12.38 34.82
C GLY A 92 20.84 -12.86 34.32
N GLY A 93 20.35 -13.93 34.94
CA GLY A 93 19.08 -14.51 34.57
C GLY A 93 17.95 -13.52 34.58
N SER A 94 18.00 -12.56 35.50
CA SER A 94 16.91 -11.60 35.64
C SER A 94 16.78 -10.66 34.45
N SER A 95 17.80 -10.63 33.60
CA SER A 95 17.74 -9.79 32.41
C SER A 95 17.08 -10.51 31.24
N ILE A 96 16.97 -11.83 31.30
CA ILE A 96 16.52 -12.62 30.16
C ILE A 96 15.51 -13.72 30.48
N ASN A 97 14.99 -13.78 31.71
CA ASN A 97 14.17 -14.91 32.11
C ASN A 97 12.71 -14.84 31.61
N PHE A 98 11.93 -15.88 31.93
CA PHE A 98 10.52 -15.94 31.52
C PHE A 98 9.63 -15.02 32.35
N MET A 99 10.23 -14.40 33.37
CA MET A 99 9.54 -13.46 34.24
C MET A 99 8.44 -14.11 35.08
N MET A 100 8.51 -15.43 35.31
CA MET A 100 7.56 -16.09 36.21
C MET A 100 7.94 -15.89 37.68
N TYR A 101 7.01 -15.36 38.47
CA TYR A 101 7.21 -15.16 39.90
C TYR A 101 6.69 -16.37 40.67
N THR A 102 7.57 -17.02 41.43
CA THR A 102 7.23 -18.23 42.15
C THR A 102 8.08 -18.35 43.42
N ARG A 103 7.43 -18.64 44.54
CA ARG A 103 8.15 -18.89 45.80
C ARG A 103 8.13 -20.38 46.15
N GLY A 104 9.15 -20.82 46.85
CA GLY A 104 9.21 -22.20 47.31
C GLY A 104 8.28 -22.47 48.48
N SER A 105 8.38 -23.68 49.02
CA SER A 105 7.62 -24.04 50.21
C SER A 105 8.46 -23.81 51.45
N ALA A 106 7.79 -23.57 52.58
CA ALA A 106 8.47 -23.27 53.84
C ALA A 106 9.49 -24.34 54.23
N SER A 107 9.16 -25.60 53.93
CA SER A 107 10.03 -26.71 54.31
C SER A 107 11.30 -26.76 53.46
N ASP A 108 11.27 -26.15 52.27
CA ASP A 108 12.43 -26.16 51.39
C ASP A 108 13.68 -25.61 52.06
N TYR A 109 13.53 -24.45 52.69
CA TYR A 109 14.66 -23.76 53.29
C TYR A 109 14.99 -24.34 54.66
N ASP A 110 13.98 -24.85 55.36
CA ASP A 110 14.21 -25.59 56.59
C ASP A 110 15.09 -26.81 56.30
N ASP A 111 14.84 -27.45 55.16
CA ASP A 111 15.54 -28.67 54.78
C ASP A 111 16.95 -28.40 54.25
N PHE A 112 17.38 -27.14 54.30
CA PHE A 112 18.79 -26.82 54.03
C PHE A 112 19.65 -27.32 55.20
N GLN A 113 18.99 -27.54 56.34
CA GLN A 113 19.67 -28.00 57.57
C GLN A 113 20.83 -27.08 57.94
N ALA A 114 20.60 -25.77 57.83
CA ALA A 114 21.64 -24.79 58.12
C ALA A 114 21.12 -23.70 59.03
N GLU A 115 21.90 -23.36 60.05
CA GLU A 115 21.53 -22.33 61.02
C GLU A 115 21.34 -20.97 60.34
N GLY A 116 20.18 -20.37 60.56
CA GLY A 116 19.90 -19.05 60.04
C GLY A 116 19.28 -19.06 58.64
N TRP A 117 19.10 -20.25 58.08
CA TRP A 117 18.51 -20.39 56.76
C TRP A 117 17.13 -21.05 56.82
N LYS A 118 16.50 -21.01 57.99
CA LYS A 118 15.14 -21.51 58.10
C LYS A 118 14.16 -20.45 57.61
N THR A 119 13.00 -20.88 57.15
CA THR A 119 12.00 -19.97 56.59
C THR A 119 11.61 -18.88 57.59
N LYS A 120 11.53 -19.25 58.87
CA LYS A 120 11.21 -18.29 59.91
C LYS A 120 12.25 -17.16 59.98
N ASP A 121 13.51 -17.52 59.73
CA ASP A 121 14.60 -16.55 59.74
C ASP A 121 14.62 -15.69 58.48
N LEU A 122 14.29 -16.32 57.35
CA LEU A 122 14.43 -15.69 56.03
C LEU A 122 13.21 -14.88 55.59
N LEU A 123 12.07 -15.11 56.25
CA LEU A 123 10.80 -14.48 55.83
C LEU A 123 10.86 -12.95 55.73
N PRO A 124 11.46 -12.26 56.71
CA PRO A 124 11.55 -10.81 56.50
C PRO A 124 12.44 -10.42 55.32
N LEU A 125 13.43 -11.24 54.98
CA LEU A 125 14.27 -10.99 53.82
C LEU A 125 13.53 -11.26 52.51
N MET A 126 12.58 -12.20 52.55
CA MET A 126 11.74 -12.45 51.39
C MET A 126 10.89 -11.23 51.06
N LYS A 127 10.35 -10.60 52.09
CA LYS A 127 9.44 -9.47 51.92
C LYS A 127 10.20 -8.22 51.53
N LYS A 128 11.42 -8.12 52.03
CA LYS A 128 12.30 -6.97 51.84
C LYS A 128 12.53 -6.62 50.36
N THR A 129 12.62 -7.64 49.53
CA THR A 129 12.99 -7.48 48.12
C THR A 129 11.89 -6.88 47.24
N GLU A 130 10.64 -7.26 47.52
CA GLU A 130 9.56 -7.02 46.57
C GLU A 130 8.63 -5.85 46.91
N THR A 131 8.07 -5.27 45.85
CA THR A 131 6.85 -4.47 45.95
C THR A 131 5.75 -5.25 45.20
N TYR A 132 4.77 -5.71 45.96
CA TYR A 132 3.73 -6.63 45.49
C TYR A 132 2.56 -5.85 44.88
N GLN A 133 2.60 -5.63 43.56
CA GLN A 133 1.62 -4.75 42.90
C GLN A 133 0.37 -5.46 42.45
N ARG A 134 -0.35 -6.06 43.39
CA ARG A 134 -1.64 -6.70 43.08
C ARG A 134 -2.43 -6.94 44.36
N ALA A 135 -3.67 -7.42 44.21
CA ALA A 135 -4.55 -7.66 45.35
C ALA A 135 -3.95 -8.68 46.30
N CYS A 136 -3.98 -8.39 47.59
CA CYS A 136 -3.35 -9.30 48.55
C CYS A 136 -4.22 -9.62 49.75
N ASN A 137 -4.57 -10.89 49.89
CA ASN A 137 -5.36 -11.34 51.03
C ASN A 137 -4.49 -11.77 52.20
N ASN A 138 -3.18 -11.88 51.96
CA ASN A 138 -2.24 -12.27 53.01
C ASN A 138 -0.99 -11.39 53.06
N PRO A 139 -1.18 -10.08 53.33
CA PRO A 139 -0.08 -9.12 53.27
C PRO A 139 1.05 -9.36 54.28
N ASP A 140 0.81 -10.20 55.28
CA ASP A 140 1.82 -10.45 56.30
C ASP A 140 3.04 -11.18 55.75
N ILE A 141 2.87 -11.88 54.62
CA ILE A 141 3.99 -12.60 54.03
C ILE A 141 4.39 -12.06 52.67
N HIS A 142 4.06 -10.79 52.41
CA HIS A 142 4.50 -10.14 51.17
C HIS A 142 5.05 -8.75 51.46
N GLY A 143 5.86 -8.23 50.55
CA GLY A 143 6.48 -6.93 50.73
C GLY A 143 5.84 -5.88 49.84
N PHE A 144 5.88 -4.63 50.28
CA PHE A 144 5.23 -3.56 49.53
C PHE A 144 6.10 -2.32 49.36
N GLU A 145 7.39 -2.46 49.64
CA GLU A 145 8.32 -1.33 49.58
C GLU A 145 9.65 -1.67 48.91
N GLY A 146 9.84 -2.95 48.57
CA GLY A 146 11.06 -3.42 47.96
C GLY A 146 11.31 -2.88 46.56
N PRO A 147 12.59 -2.85 46.14
CA PRO A 147 12.98 -2.31 44.84
C PRO A 147 12.58 -3.17 43.63
N ILE A 148 12.30 -4.46 43.84
CA ILE A 148 11.85 -5.31 42.74
C ILE A 148 10.31 -5.37 42.68
N LYS A 149 9.74 -4.82 41.60
CA LYS A 149 8.29 -4.75 41.48
C LYS A 149 7.75 -5.96 40.75
N VAL A 150 6.69 -6.56 41.31
CA VAL A 150 6.07 -7.73 40.69
C VAL A 150 4.59 -7.45 40.46
N SER A 151 4.05 -7.97 39.37
CA SER A 151 2.69 -7.65 38.95
C SER A 151 2.16 -8.63 37.90
N PHE A 152 0.93 -8.41 37.46
CA PHE A 152 0.34 -9.22 36.40
C PHE A 152 0.61 -8.61 35.02
N GLY A 153 1.53 -7.66 34.97
CA GLY A 153 1.85 -6.98 33.72
C GLY A 153 0.72 -6.08 33.24
N ASN A 154 0.82 -5.63 31.99
CA ASN A 154 -0.18 -4.73 31.43
C ASN A 154 -0.88 -5.35 30.22
N TYR A 155 -1.04 -6.66 30.28
CA TYR A 155 -1.80 -7.41 29.29
C TYR A 155 -2.00 -8.83 29.77
N THR A 156 -3.21 -9.35 29.59
CA THR A 156 -3.48 -10.72 29.98
C THR A 156 -4.14 -11.48 28.85
N TYR A 157 -3.47 -12.50 28.34
CA TYR A 157 -4.05 -13.37 27.34
C TYR A 157 -5.17 -14.18 27.98
N PRO A 158 -6.30 -14.29 27.27
CA PRO A 158 -7.51 -14.98 27.76
C PRO A 158 -7.35 -16.46 28.09
N VAL A 159 -6.16 -17.05 27.90
CA VAL A 159 -5.96 -18.43 28.33
C VAL A 159 -6.02 -18.56 29.84
N CYS A 160 -5.91 -17.43 30.53
CA CYS A 160 -5.83 -17.39 31.99
C CYS A 160 -6.99 -18.09 32.69
N GLN A 161 -8.20 -17.56 32.53
CA GLN A 161 -9.34 -18.12 33.25
C GLN A 161 -9.84 -19.40 32.59
N ASP A 162 -9.57 -19.55 31.29
CA ASP A 162 -9.88 -20.77 30.58
C ASP A 162 -9.12 -21.94 31.21
N PHE A 163 -7.83 -21.74 31.43
CA PHE A 163 -6.97 -22.74 32.09
C PHE A 163 -7.47 -23.06 33.50
N LEU A 164 -7.87 -22.03 34.25
CA LEU A 164 -8.27 -22.22 35.64
C LEU A 164 -9.58 -23.00 35.76
N ARG A 165 -10.52 -22.76 34.85
CA ARG A 165 -11.75 -23.54 34.82
C ARG A 165 -11.45 -25.00 34.51
N ALA A 166 -10.58 -25.25 33.54
CA ALA A 166 -10.21 -26.62 33.17
C ALA A 166 -9.51 -27.35 34.30
N SER A 167 -8.55 -26.69 34.93
CA SER A 167 -7.78 -27.32 36.01
C SER A 167 -8.65 -27.58 37.24
N GLU A 168 -9.65 -26.74 37.46
CA GLU A 168 -10.56 -26.95 38.58
C GLU A 168 -11.34 -28.24 38.40
N SER A 169 -11.75 -28.50 37.17
CA SER A 169 -12.55 -29.70 36.88
C SER A 169 -11.74 -30.98 37.07
N GLN A 170 -10.42 -30.82 37.26
CA GLN A 170 -9.54 -31.97 37.49
C GLN A 170 -9.20 -32.17 38.97
N GLY A 171 -9.78 -31.34 39.85
CA GLY A 171 -9.50 -31.45 41.27
C GLY A 171 -8.29 -30.63 41.70
N ILE A 172 -7.93 -29.64 40.89
CA ILE A 172 -6.87 -28.70 41.26
C ILE A 172 -7.50 -27.35 41.59
N PRO A 173 -7.63 -27.05 42.88
CA PRO A 173 -8.41 -25.89 43.33
C PRO A 173 -7.74 -24.55 43.04
N TYR A 174 -8.52 -23.56 42.62
CA TYR A 174 -8.03 -22.20 42.48
C TYR A 174 -7.66 -21.64 43.86
N VAL A 175 -6.55 -20.92 43.94
CA VAL A 175 -6.18 -20.18 45.13
C VAL A 175 -5.81 -18.75 44.76
N ASP A 176 -5.98 -17.83 45.70
CA ASP A 176 -5.63 -16.43 45.47
C ASP A 176 -4.11 -16.26 45.42
N ASP A 177 -3.40 -17.16 46.10
CA ASP A 177 -1.95 -17.07 46.17
C ASP A 177 -1.33 -18.45 46.33
N LEU A 178 -0.76 -18.97 45.24
CA LEU A 178 -0.10 -20.27 45.25
C LEU A 178 1.33 -20.13 45.80
N GLU A 179 1.73 -18.90 46.08
CA GLU A 179 3.07 -18.62 46.58
C GLU A 179 3.03 -18.20 48.05
N ASP A 180 2.23 -18.92 48.83
CA ASP A 180 2.03 -18.61 50.24
C ASP A 180 2.88 -19.49 51.14
N LEU A 181 3.89 -20.13 50.55
CA LEU A 181 4.88 -20.95 51.26
C LEU A 181 4.29 -22.22 51.89
N VAL A 182 3.01 -22.51 51.63
CA VAL A 182 2.35 -23.65 52.26
C VAL A 182 1.60 -24.55 51.28
N THR A 183 0.99 -23.96 50.27
CA THR A 183 0.14 -24.73 49.36
C THR A 183 0.96 -25.49 48.30
N ALA A 184 0.66 -26.77 48.13
CA ALA A 184 1.42 -27.63 47.24
C ALA A 184 0.56 -28.25 46.15
N HIS A 185 -0.75 -28.00 46.22
CA HIS A 185 -1.68 -28.53 45.23
C HIS A 185 -2.75 -27.48 44.93
N GLY A 186 -2.57 -26.75 43.84
CA GLY A 186 -3.49 -25.68 43.50
C GLY A 186 -3.16 -25.00 42.18
N ALA A 187 -4.02 -24.05 41.80
CA ALA A 187 -3.87 -23.34 40.53
C ALA A 187 -4.03 -21.85 40.75
N GLU A 188 -3.33 -21.04 39.97
CA GLU A 188 -3.41 -19.59 40.13
C GLU A 188 -3.13 -18.82 38.86
N HIS A 189 -3.60 -17.58 38.85
CA HIS A 189 -3.17 -16.54 37.92
C HIS A 189 -1.70 -16.25 38.23
N TRP A 190 -0.81 -16.41 37.26
CA TRP A 190 0.62 -16.39 37.57
C TRP A 190 1.26 -15.00 37.48
N LEU A 191 1.95 -14.63 38.57
CA LEU A 191 2.59 -13.33 38.70
C LEU A 191 3.84 -13.20 37.85
N LYS A 192 4.27 -11.96 37.60
CA LYS A 192 5.40 -11.70 36.71
C LYS A 192 6.41 -10.77 37.34
N TRP A 193 7.68 -10.94 36.96
CA TRP A 193 8.73 -9.99 37.35
C TRP A 193 8.65 -8.77 36.43
N ILE A 194 7.54 -8.05 36.53
CA ILE A 194 7.29 -6.90 35.69
C ILE A 194 6.71 -5.77 36.54
N ASN A 195 7.26 -4.56 36.39
CA ASN A 195 6.70 -3.37 37.02
C ASN A 195 5.53 -2.87 36.18
N ARG A 196 4.31 -2.96 36.71
CA ARG A 196 3.15 -2.57 35.93
C ARG A 196 3.09 -1.05 35.74
N ASP A 197 3.75 -0.29 36.61
CA ASP A 197 3.76 1.17 36.45
C ASP A 197 4.44 1.58 35.14
N THR A 198 5.55 0.92 34.82
CA THR A 198 6.36 1.26 33.65
C THR A 198 6.16 0.30 32.48
N GLY A 199 5.62 -0.88 32.74
CA GLY A 199 5.50 -1.90 31.72
C GLY A 199 6.83 -2.54 31.39
N ARG A 200 7.80 -2.41 32.29
CA ARG A 200 9.14 -2.92 32.06
C ARG A 200 9.46 -4.15 32.92
N ARG A 201 10.33 -5.00 32.40
CA ARG A 201 10.90 -6.09 33.17
C ARG A 201 11.60 -5.58 34.42
N SER A 202 11.47 -6.31 35.53
CA SER A 202 12.21 -6.03 36.75
C SER A 202 13.45 -6.92 36.84
N ASP A 203 14.63 -6.31 36.84
CA ASP A 203 15.88 -7.09 36.94
C ASP A 203 16.76 -6.55 38.07
N SER A 204 17.69 -7.39 38.53
CA SER A 204 18.52 -7.03 39.68
C SER A 204 19.43 -5.84 39.43
N ALA A 205 19.93 -5.71 38.20
CA ALA A 205 20.87 -4.64 37.89
C ALA A 205 20.21 -3.27 38.00
N HIS A 206 19.06 -3.09 37.35
CA HIS A 206 18.37 -1.80 37.42
C HIS A 206 17.87 -1.51 38.84
N ALA A 207 17.35 -2.53 39.51
CA ALA A 207 16.79 -2.35 40.84
C ALA A 207 17.87 -2.01 41.89
N PHE A 208 18.99 -2.72 41.86
CA PHE A 208 19.99 -2.59 42.92
C PHE A 208 21.26 -1.84 42.53
N VAL A 209 21.68 -1.98 41.27
CA VAL A 209 22.98 -1.43 40.85
C VAL A 209 22.88 -0.06 40.20
N HIS A 210 22.10 0.04 39.12
CA HIS A 210 22.00 1.30 38.38
C HIS A 210 21.36 2.39 39.21
N SER A 211 20.40 2.02 40.06
CA SER A 211 19.76 2.97 40.96
C SER A 211 20.78 3.56 41.93
N THR A 212 21.60 2.68 42.50
CA THR A 212 22.64 3.09 43.45
C THR A 212 23.70 3.97 42.78
N MET A 213 24.19 3.54 41.63
CA MET A 213 25.25 4.28 40.93
C MET A 213 24.80 5.66 40.46
N ARG A 214 23.49 5.83 40.32
CA ARG A 214 22.95 7.08 39.84
C ARG A 214 22.84 8.11 41.00
N ASN A 215 22.96 7.65 42.24
CA ASN A 215 22.78 8.52 43.39
C ASN A 215 23.92 8.44 44.42
N HIS A 216 24.89 7.56 44.19
CA HIS A 216 26.03 7.43 45.10
C HIS A 216 27.30 7.18 44.29
N ASP A 217 28.44 7.25 44.95
CA ASP A 217 29.71 7.20 44.21
C ASP A 217 30.59 6.00 44.56
N ASN A 218 30.19 5.20 45.53
CA ASN A 218 31.08 4.15 46.03
C ASN A 218 30.91 2.79 45.36
N LEU A 219 30.04 2.71 44.36
CA LEU A 219 29.84 1.46 43.63
C LEU A 219 30.41 1.56 42.22
N TYR A 220 31.31 0.63 41.89
CA TYR A 220 31.97 0.62 40.58
C TYR A 220 31.53 -0.58 39.74
N LEU A 221 31.29 -0.33 38.45
CA LEU A 221 30.81 -1.37 37.55
C LEU A 221 31.87 -1.77 36.52
N ILE A 222 32.20 -3.06 36.48
CA ILE A 222 33.24 -3.58 35.60
C ILE A 222 32.71 -4.74 34.74
N CYS A 223 32.17 -4.41 33.58
CA CYS A 223 31.57 -5.40 32.67
C CYS A 223 32.56 -5.90 31.61
N ASN A 224 32.11 -6.86 30.80
CA ASN A 224 32.91 -7.46 29.73
C ASN A 224 34.21 -8.02 30.26
N THR A 225 34.18 -8.48 31.51
CA THR A 225 35.37 -8.92 32.20
C THR A 225 35.14 -10.28 32.87
N LYS A 226 35.89 -11.29 32.45
CA LYS A 226 35.69 -12.64 32.98
C LYS A 226 36.64 -12.97 34.12
N VAL A 227 36.09 -13.48 35.21
CA VAL A 227 36.88 -13.87 36.36
C VAL A 227 37.59 -15.21 36.12
N ASP A 228 38.91 -15.17 36.19
CA ASP A 228 39.73 -16.37 36.02
C ASP A 228 39.81 -17.16 37.33
N LYS A 229 40.52 -16.61 38.30
CA LYS A 229 40.70 -17.31 39.58
C LYS A 229 40.83 -16.33 40.74
N ILE A 230 40.65 -16.85 41.95
CA ILE A 230 40.81 -16.05 43.15
C ILE A 230 42.17 -16.33 43.79
N ILE A 231 42.91 -15.26 44.09
CA ILE A 231 44.26 -15.36 44.62
C ILE A 231 44.29 -15.29 46.15
N VAL A 232 44.90 -16.30 46.78
CA VAL A 232 44.97 -16.38 48.23
C VAL A 232 46.34 -15.99 48.77
N GLU A 233 46.35 -15.09 49.74
CA GLU A 233 47.57 -14.66 50.41
C GLU A 233 47.43 -14.81 51.92
N ASP A 234 48.25 -15.69 52.50
CA ASP A 234 48.22 -15.97 53.94
C ASP A 234 46.84 -16.43 54.40
N GLY A 235 46.26 -17.37 53.68
CA GLY A 235 44.96 -17.91 54.04
C GLY A 235 43.79 -16.95 53.88
N ARG A 236 44.02 -15.84 53.20
CA ARG A 236 42.97 -14.85 52.97
C ARG A 236 42.75 -14.62 51.47
N ALA A 237 41.49 -14.62 51.05
CA ALA A 237 41.16 -14.28 49.66
C ALA A 237 41.45 -12.81 49.44
N ALA A 238 42.51 -12.53 48.70
CA ALA A 238 43.06 -11.18 48.64
C ALA A 238 42.85 -10.51 47.29
N ALA A 239 42.84 -11.29 46.22
CA ALA A 239 42.77 -10.70 44.90
C ALA A 239 42.07 -11.59 43.89
N VAL A 240 41.72 -11.01 42.75
CA VAL A 240 41.08 -11.74 41.66
C VAL A 240 41.82 -11.46 40.36
N ARG A 241 42.13 -12.51 39.62
CA ARG A 241 42.71 -12.36 38.29
C ARG A 241 41.59 -12.42 37.25
N THR A 242 41.53 -11.42 36.36
CA THR A 242 40.51 -11.40 35.32
C THR A 242 41.11 -11.30 33.94
N VAL A 243 40.35 -11.75 32.94
CA VAL A 243 40.74 -11.64 31.54
C VAL A 243 39.56 -11.05 30.77
N PRO A 244 39.82 -10.48 29.59
CA PRO A 244 38.69 -9.97 28.80
C PRO A 244 37.74 -11.09 28.39
N SER A 245 36.45 -10.80 28.28
CA SER A 245 35.51 -11.84 27.90
C SER A 245 35.69 -12.25 26.44
N LYS A 246 36.27 -11.35 25.64
CA LYS A 246 36.62 -11.66 24.26
C LYS A 246 38.13 -11.54 24.04
N PRO A 247 38.81 -12.68 23.80
CA PRO A 247 40.25 -12.67 23.53
C PRO A 247 40.57 -12.18 22.12
N LEU A 248 40.74 -10.87 21.98
CA LEU A 248 40.88 -10.26 20.66
C LEU A 248 42.34 -9.96 20.29
N ASN A 249 43.28 -10.36 21.14
CA ASN A 249 44.69 -10.11 20.87
C ASN A 249 45.57 -11.28 21.33
N PRO A 250 45.59 -12.36 20.54
CA PRO A 250 46.27 -13.61 20.92
C PRO A 250 47.78 -13.45 20.96
N LYS A 251 48.30 -12.49 20.20
CA LYS A 251 49.74 -12.25 20.13
C LYS A 251 50.28 -11.77 21.47
N LYS A 252 49.45 -11.08 22.24
CA LYS A 252 49.82 -10.64 23.57
C LYS A 252 48.60 -10.52 24.47
N PRO A 253 48.17 -11.65 25.05
CA PRO A 253 46.97 -11.69 25.90
C PRO A 253 47.12 -10.82 27.14
N SER A 254 46.04 -10.16 27.55
CA SER A 254 46.08 -9.28 28.71
C SER A 254 45.33 -9.88 29.90
N HIS A 255 45.58 -9.32 31.07
CA HIS A 255 44.86 -9.72 32.28
C HIS A 255 44.93 -8.58 33.29
N LYS A 256 43.98 -8.57 34.22
CA LYS A 256 43.99 -7.57 35.28
C LYS A 256 43.88 -8.23 36.64
N ILE A 257 44.42 -7.58 37.66
CA ILE A 257 44.27 -8.05 39.02
C ILE A 257 43.58 -7.00 39.86
N TYR A 258 42.50 -7.40 40.54
CA TYR A 258 41.77 -6.53 41.44
C TYR A 258 41.90 -7.05 42.86
N ARG A 259 42.16 -6.15 43.81
CA ARG A 259 42.35 -6.56 45.19
C ARG A 259 41.16 -6.17 46.06
N ALA A 260 40.93 -6.95 47.11
CA ALA A 260 39.87 -6.64 48.07
C ALA A 260 40.44 -6.56 49.47
N ARG A 261 40.09 -5.49 50.19
CA ARG A 261 40.57 -5.31 51.55
C ARG A 261 39.75 -6.12 52.55
N LYS A 262 38.43 -6.08 52.42
CA LYS A 262 37.57 -6.63 53.45
C LYS A 262 36.81 -7.91 53.08
N GLN A 263 36.33 -8.02 51.85
CA GLN A 263 35.48 -9.15 51.49
C GLN A 263 35.43 -9.42 49.99
N ILE A 264 35.41 -10.71 49.64
CA ILE A 264 35.14 -11.14 48.28
C ILE A 264 33.91 -12.03 48.28
N VAL A 265 32.96 -11.76 47.39
CA VAL A 265 31.79 -12.61 47.22
C VAL A 265 31.75 -13.18 45.81
N LEU A 266 31.66 -14.50 45.72
CA LEU A 266 31.59 -15.18 44.43
C LEU A 266 30.12 -15.45 44.06
N SER A 267 29.69 -14.88 42.95
CA SER A 267 28.30 -15.01 42.50
C SER A 267 28.23 -15.28 40.99
N CYS A 268 29.04 -16.19 40.49
CA CYS A 268 29.08 -16.44 39.06
C CYS A 268 28.05 -17.46 38.60
N GLY A 269 27.20 -17.91 39.51
CA GLY A 269 26.15 -18.85 39.16
C GLY A 269 26.58 -20.30 39.34
N THR A 270 25.59 -21.18 39.39
CA THR A 270 25.79 -22.60 39.66
C THR A 270 26.80 -23.27 38.72
N ILE A 271 26.76 -22.92 37.44
CA ILE A 271 27.65 -23.53 36.46
C ILE A 271 29.08 -22.98 36.57
N SER A 272 29.21 -21.68 36.83
CA SER A 272 30.49 -21.00 36.69
C SER A 272 31.28 -20.85 38.00
N SER A 273 30.58 -20.62 39.11
CA SER A 273 31.24 -20.50 40.41
C SER A 273 32.19 -21.66 40.78
N PRO A 274 31.77 -22.93 40.56
CA PRO A 274 32.73 -23.99 40.90
C PRO A 274 33.95 -23.97 40.00
N LEU A 275 33.77 -23.54 38.76
CA LEU A 275 34.88 -23.45 37.83
C LEU A 275 35.90 -22.43 38.32
N VAL A 276 35.41 -21.32 38.87
CA VAL A 276 36.28 -20.31 39.45
C VAL A 276 37.01 -20.87 40.68
N LEU A 277 36.30 -21.58 41.54
CA LEU A 277 36.89 -22.17 42.72
C LEU A 277 37.94 -23.23 42.34
N GLN A 278 37.59 -24.08 41.38
CA GLN A 278 38.51 -25.12 40.94
C GLN A 278 39.78 -24.54 40.33
N ARG A 279 39.64 -23.46 39.56
CA ARG A 279 40.80 -22.80 38.98
C ARG A 279 41.63 -22.14 40.06
N SER A 280 41.01 -21.85 41.20
CA SER A 280 41.69 -21.21 42.31
C SER A 280 42.36 -22.22 43.24
N GLY A 281 42.18 -23.50 42.93
CA GLY A 281 42.81 -24.55 43.71
C GLY A 281 41.92 -25.16 44.78
N PHE A 282 40.62 -24.91 44.69
CA PHE A 282 39.66 -25.50 45.61
C PHE A 282 38.93 -26.68 44.97
N GLY A 283 39.18 -27.89 45.47
CA GLY A 283 38.47 -29.05 44.95
C GLY A 283 39.12 -30.38 45.28
N ASP A 284 38.85 -31.36 44.42
CA ASP A 284 39.46 -32.68 44.51
C ASP A 284 40.86 -32.62 43.92
N PRO A 285 41.90 -32.82 44.76
CA PRO A 285 43.31 -32.71 44.37
C PRO A 285 43.66 -33.56 43.14
N ILE A 286 43.11 -34.77 43.07
CA ILE A 286 43.37 -35.65 41.94
C ILE A 286 42.82 -35.05 40.64
N LYS A 287 41.57 -34.60 40.69
CA LYS A 287 40.93 -33.99 39.53
C LYS A 287 41.57 -32.65 39.16
N LEU A 288 41.94 -31.88 40.17
CA LEU A 288 42.59 -30.59 39.93
C LEU A 288 43.91 -30.76 39.20
N ARG A 289 44.73 -31.70 39.67
CA ARG A 289 46.02 -31.99 39.04
C ARG A 289 45.81 -32.54 37.63
N ALA A 290 44.73 -33.29 37.45
CA ALA A 290 44.41 -33.84 36.13
C ALA A 290 44.04 -32.71 35.17
N ALA A 291 43.66 -31.56 35.73
CA ALA A 291 43.28 -30.41 34.93
C ALA A 291 44.37 -29.35 34.91
N GLY A 292 45.53 -29.67 35.46
CA GLY A 292 46.68 -28.78 35.39
C GLY A 292 46.70 -27.69 36.44
N VAL A 293 45.91 -27.86 37.50
CA VAL A 293 45.84 -26.86 38.56
C VAL A 293 46.46 -27.39 39.85
N LYS A 294 47.29 -26.57 40.51
CA LYS A 294 47.88 -26.94 41.79
C LYS A 294 46.86 -26.82 42.92
N PRO A 295 46.60 -27.94 43.62
CA PRO A 295 45.65 -27.98 44.74
C PRO A 295 46.05 -27.04 45.87
N LEU A 296 45.07 -26.42 46.51
CA LEU A 296 45.29 -25.52 47.63
C LEU A 296 44.46 -25.93 48.83
N VAL A 297 43.18 -26.22 48.59
CA VAL A 297 42.27 -26.64 49.64
C VAL A 297 41.50 -27.89 49.21
N ASN A 298 41.54 -28.92 50.06
CA ASN A 298 40.88 -30.18 49.77
C ASN A 298 39.36 -30.08 49.99
N LEU A 299 38.63 -29.83 48.90
CA LEU A 299 37.19 -29.67 48.96
C LEU A 299 36.50 -30.42 47.83
N PRO A 300 36.35 -31.75 47.97
CA PRO A 300 35.80 -32.58 46.89
C PRO A 300 34.34 -32.23 46.52
N GLY A 301 33.69 -31.42 47.33
CA GLY A 301 32.30 -31.04 47.10
C GLY A 301 32.11 -30.01 45.98
N VAL A 302 33.17 -29.29 45.64
CA VAL A 302 33.10 -28.26 44.61
C VAL A 302 32.80 -28.85 43.25
N GLY A 303 31.62 -28.52 42.71
CA GLY A 303 31.21 -29.01 41.41
C GLY A 303 30.32 -30.22 41.51
N ARG A 304 30.14 -30.71 42.74
CA ARG A 304 29.31 -31.88 42.97
C ARG A 304 27.92 -31.45 43.38
N ASN A 305 26.99 -32.41 43.42
CA ASN A 305 25.63 -32.16 43.91
C ASN A 305 24.87 -31.20 42.98
N PHE A 306 25.16 -31.28 41.68
CA PHE A 306 24.49 -30.45 40.68
C PHE A 306 23.03 -30.83 40.55
N GLN A 307 22.16 -29.87 40.83
CA GLN A 307 20.72 -30.09 40.75
C GLN A 307 20.07 -29.08 39.80
N ASP A 308 18.85 -29.38 39.39
CA ASP A 308 18.11 -28.53 38.48
C ASP A 308 16.66 -28.95 38.50
N HIS A 309 15.81 -28.20 37.82
CA HIS A 309 14.47 -28.66 37.51
C HIS A 309 14.48 -29.17 36.07
N TYR A 310 13.81 -30.29 35.82
CA TYR A 310 13.82 -30.88 34.50
C TYR A 310 12.50 -30.55 33.80
N CYS A 311 12.58 -29.87 32.65
CA CYS A 311 11.36 -29.37 32.02
C CYS A 311 11.11 -29.97 30.64
N PHE A 312 9.89 -29.81 30.15
CA PHE A 312 9.58 -30.12 28.75
C PHE A 312 8.33 -29.36 28.31
N PHE A 313 8.22 -29.14 27.01
CA PHE A 313 7.17 -28.33 26.43
C PHE A 313 6.25 -29.18 25.53
N SER A 314 4.95 -28.95 25.64
CA SER A 314 3.98 -29.65 24.79
C SER A 314 3.00 -28.65 24.21
N PRO A 315 3.11 -28.40 22.89
CA PRO A 315 2.30 -27.36 22.25
C PRO A 315 0.94 -27.84 21.75
N TYR A 316 -0.06 -26.96 21.81
CA TYR A 316 -1.38 -27.27 21.31
C TYR A 316 -1.87 -26.23 20.31
N ARG A 317 -2.71 -26.69 19.39
CA ARG A 317 -3.42 -25.85 18.45
C ARG A 317 -4.47 -25.00 19.17
N ILE A 318 -4.60 -23.72 18.83
CA ILE A 318 -5.75 -22.96 19.34
C ILE A 318 -6.67 -22.55 18.20
N LYS A 319 -7.94 -22.26 18.53
CA LYS A 319 -8.90 -21.83 17.53
C LYS A 319 -8.49 -20.48 16.94
N PRO A 320 -8.77 -20.28 15.64
CA PRO A 320 -8.28 -19.11 14.91
C PRO A 320 -8.73 -17.75 15.50
N GLN A 321 -9.80 -17.74 16.28
CA GLN A 321 -10.29 -16.48 16.82
C GLN A 321 -9.56 -16.03 18.08
N TYR A 322 -8.77 -16.92 18.66
CA TYR A 322 -8.11 -16.61 19.93
C TYR A 322 -6.70 -16.02 19.75
N GLU A 323 -6.17 -15.44 20.81
CA GLU A 323 -4.91 -14.69 20.70
C GLU A 323 -3.69 -15.51 21.15
N SER A 324 -2.55 -15.20 20.56
CA SER A 324 -1.27 -15.75 20.98
C SER A 324 -0.17 -14.79 20.53
N PHE A 325 1.07 -15.03 20.97
CA PHE A 325 2.14 -14.14 20.54
C PHE A 325 2.92 -14.71 19.36
N ASP A 326 2.37 -15.73 18.71
CA ASP A 326 3.08 -16.46 17.66
C ASP A 326 3.49 -15.59 16.46
N ASP A 327 2.54 -14.82 15.90
CA ASP A 327 2.86 -13.96 14.77
C ASP A 327 3.91 -12.91 15.13
N PHE A 328 3.80 -12.37 16.34
CA PHE A 328 4.77 -11.42 16.86
C PHE A 328 6.18 -12.03 16.90
N VAL A 329 6.30 -13.22 17.49
CA VAL A 329 7.59 -13.88 17.64
C VAL A 329 8.10 -14.40 16.28
N ARG A 330 7.18 -14.70 15.37
CA ARG A 330 7.57 -15.18 14.04
C ARG A 330 8.23 -14.07 13.22
N GLY A 331 7.84 -12.82 13.47
CA GLY A 331 8.43 -11.69 12.79
C GLY A 331 7.50 -10.93 11.85
N ASP A 332 6.19 -11.03 12.08
CA ASP A 332 5.23 -10.27 11.29
C ASP A 332 5.40 -8.77 11.51
N ALA A 333 5.69 -8.04 10.45
CA ALA A 333 6.09 -6.64 10.57
C ALA A 333 4.96 -5.76 11.09
N GLU A 334 3.77 -5.90 10.53
CA GLU A 334 2.65 -5.05 10.94
C GLU A 334 2.24 -5.31 12.37
N ILE A 335 2.22 -6.56 12.78
CA ILE A 335 1.84 -6.89 14.14
C ILE A 335 2.89 -6.42 15.14
N GLN A 336 4.17 -6.58 14.81
CA GLN A 336 5.23 -6.05 15.67
C GLN A 336 5.13 -4.54 15.81
N LYS A 337 4.84 -3.86 14.71
CA LYS A 337 4.69 -2.41 14.71
C LYS A 337 3.58 -1.97 15.65
N ARG A 338 2.42 -2.64 15.60
CA ARG A 338 1.29 -2.24 16.43
C ARG A 338 1.56 -2.52 17.91
N VAL A 339 2.23 -3.63 18.18
CA VAL A 339 2.54 -4.01 19.55
C VAL A 339 3.52 -3.01 20.20
N PHE A 340 4.55 -2.62 19.45
CA PHE A 340 5.49 -1.61 19.95
C PHE A 340 4.83 -0.25 20.07
N ASP A 341 3.98 0.10 19.11
CA ASP A 341 3.30 1.41 19.12
C ASP A 341 2.44 1.58 20.37
N GLN A 342 1.73 0.53 20.77
CA GLN A 342 0.91 0.62 21.97
C GLN A 342 1.80 0.81 23.20
N TRP A 343 2.93 0.12 23.24
CA TRP A 343 3.81 0.22 24.41
C TRP A 343 4.42 1.62 24.51
N TYR A 344 4.84 2.17 23.38
CA TYR A 344 5.35 3.54 23.34
C TYR A 344 4.29 4.54 23.77
N ALA A 345 3.04 4.27 23.41
CA ALA A 345 1.93 5.17 23.73
C ALA A 345 1.66 5.27 25.23
N ASN A 346 1.57 4.12 25.91
CA ASN A 346 1.24 4.14 27.33
C ASN A 346 1.71 2.91 28.12
N GLY A 347 2.69 2.18 27.59
CA GLY A 347 3.25 1.04 28.30
C GLY A 347 2.32 -0.16 28.51
N THR A 348 1.29 -0.31 27.67
CA THR A 348 0.39 -1.45 27.77
C THR A 348 0.40 -2.30 26.50
N GLY A 349 -0.31 -3.42 26.53
CA GLY A 349 -0.39 -4.29 25.36
C GLY A 349 0.52 -5.49 25.49
N PRO A 350 0.51 -6.38 24.48
CA PRO A 350 1.24 -7.65 24.48
C PRO A 350 2.73 -7.55 24.83
N LEU A 351 3.35 -6.40 24.60
CA LEU A 351 4.77 -6.26 24.90
C LEU A 351 5.04 -6.22 26.41
N ALA A 352 4.00 -5.96 27.20
CA ALA A 352 4.13 -5.80 28.65
C ALA A 352 3.68 -7.04 29.42
N THR A 353 3.86 -8.21 28.82
CA THR A 353 3.56 -9.47 29.51
C THR A 353 4.49 -10.57 29.01
N ASN A 354 4.47 -11.72 29.69
CA ASN A 354 5.24 -12.87 29.26
C ASN A 354 4.38 -13.92 28.58
N GLY A 355 3.06 -13.71 28.63
CA GLY A 355 2.11 -14.63 28.06
C GLY A 355 1.99 -15.94 28.84
N ILE A 356 2.59 -15.98 30.02
CA ILE A 356 2.48 -17.14 30.90
C ILE A 356 1.50 -16.79 32.01
N GLU A 357 0.22 -17.06 31.78
CA GLU A 357 -0.83 -16.40 32.55
C GLU A 357 -1.42 -17.22 33.68
N ALA A 358 -1.29 -18.54 33.62
CA ALA A 358 -1.84 -19.39 34.64
C ALA A 358 -1.03 -20.66 34.77
N GLY A 359 -1.13 -21.31 35.92
CA GLY A 359 -0.35 -22.50 36.19
C GLY A 359 -0.76 -23.25 37.43
N VAL A 360 0.06 -24.22 37.79
CA VAL A 360 -0.36 -25.26 38.71
C VAL A 360 0.82 -25.83 39.51
N LYS A 361 0.56 -26.12 40.78
CA LYS A 361 1.46 -26.96 41.58
C LYS A 361 0.66 -28.20 41.95
N ILE A 362 1.22 -29.39 41.76
CA ILE A 362 0.43 -30.59 42.02
C ILE A 362 1.16 -31.71 42.76
N ARG A 363 0.38 -32.46 43.52
CA ARG A 363 0.82 -33.69 44.15
C ARG A 363 -0.10 -34.83 43.71
N PRO A 364 0.43 -36.04 43.63
CA PRO A 364 -0.41 -37.17 43.19
C PRO A 364 -1.38 -37.62 44.28
N THR A 365 -2.58 -38.04 43.90
CA THR A 365 -3.50 -38.69 44.84
C THR A 365 -2.96 -40.09 45.11
N PRO A 366 -3.37 -40.71 46.23
CA PRO A 366 -2.92 -42.08 46.51
C PRO A 366 -3.25 -43.08 45.39
N GLU A 367 -4.35 -42.86 44.67
CA GLU A 367 -4.72 -43.72 43.55
C GLU A 367 -3.74 -43.52 42.39
N GLU A 368 -3.44 -42.25 42.07
CA GLU A 368 -2.49 -41.93 41.00
C GLU A 368 -1.12 -42.53 41.29
N LEU A 369 -0.69 -42.44 42.54
CA LEU A 369 0.57 -43.03 42.99
C LEU A 369 0.63 -44.53 42.71
N SER A 370 -0.46 -45.21 42.99
CA SER A 370 -0.52 -46.67 42.85
C SER A 370 -0.39 -47.12 41.39
N GLN A 371 -0.48 -46.18 40.46
CA GLN A 371 -0.38 -46.48 39.04
C GLN A 371 1.03 -46.20 38.50
N MET A 372 1.88 -45.61 39.32
CA MET A 372 3.21 -45.19 38.89
C MET A 372 4.26 -46.25 39.18
N ASP A 373 5.48 -46.04 38.65
CA ASP A 373 6.62 -46.91 38.91
C ASP A 373 6.78 -47.17 40.41
N GLU A 374 7.16 -48.40 40.76
CA GLU A 374 7.38 -48.74 42.16
C GLU A 374 8.51 -47.90 42.74
N SER A 375 9.51 -47.61 41.91
CA SER A 375 10.65 -46.82 42.34
C SER A 375 10.25 -45.42 42.82
N PHE A 376 9.32 -44.78 42.11
CA PHE A 376 8.88 -43.46 42.55
C PHE A 376 7.89 -43.54 43.72
N GLN A 377 7.11 -44.61 43.79
CA GLN A 377 6.24 -44.81 44.93
C GLN A 377 7.05 -44.84 46.21
N GLU A 378 8.21 -45.48 46.15
CA GLU A 378 9.11 -45.55 47.29
C GLU A 378 9.76 -44.20 47.54
N GLY A 379 10.13 -43.52 46.45
CA GLY A 379 10.71 -42.20 46.55
C GLY A 379 9.75 -41.21 47.17
N TYR A 380 8.46 -41.38 46.89
CA TYR A 380 7.43 -40.51 47.43
C TYR A 380 7.32 -40.67 48.95
N ARG A 381 7.36 -41.92 49.42
CA ARG A 381 7.32 -42.20 50.85
C ARG A 381 8.52 -41.60 51.56
N GLU A 382 9.68 -41.72 50.95
CA GLU A 382 10.92 -41.23 51.56
C GLU A 382 11.02 -39.71 51.61
N TYR A 383 10.52 -39.03 50.57
CA TYR A 383 10.79 -37.62 50.40
C TYR A 383 9.57 -36.71 50.56
N PHE A 384 8.40 -37.16 50.10
CA PHE A 384 7.24 -36.28 50.00
C PHE A 384 6.13 -36.50 51.03
N GLU A 385 5.95 -37.75 51.46
CA GLU A 385 4.76 -38.10 52.24
C GLU A 385 4.65 -37.35 53.57
N ASP A 386 5.77 -37.12 54.23
CA ASP A 386 5.78 -36.38 55.49
C ASP A 386 6.15 -34.91 55.28
N LYS A 387 6.16 -34.49 54.02
CA LYS A 387 6.39 -33.08 53.67
C LYS A 387 5.21 -32.56 52.84
N PRO A 388 4.05 -32.35 53.48
CA PRO A 388 2.82 -32.04 52.75
C PRO A 388 2.82 -30.72 51.98
N ASP A 389 3.83 -29.87 52.18
CA ASP A 389 3.84 -28.58 51.51
C ASP A 389 4.69 -28.54 50.23
N LYS A 390 5.34 -29.66 49.90
CA LYS A 390 6.16 -29.76 48.70
C LYS A 390 5.39 -30.27 47.49
N PRO A 391 5.39 -29.50 46.40
CA PRO A 391 4.78 -29.97 45.14
C PRO A 391 5.68 -30.98 44.42
N VAL A 392 5.09 -31.87 43.63
CA VAL A 392 5.89 -32.82 42.85
C VAL A 392 6.16 -32.30 41.44
N MET A 393 5.11 -31.81 40.78
CA MET A 393 5.26 -31.25 39.45
C MET A 393 4.67 -29.84 39.36
N HIS A 394 5.23 -29.04 38.47
CA HIS A 394 4.62 -27.78 38.06
C HIS A 394 4.30 -27.82 36.59
N TYR A 395 3.19 -27.20 36.19
CA TYR A 395 3.06 -26.81 34.79
C TYR A 395 2.18 -25.59 34.64
N SER A 396 2.42 -24.87 33.56
CA SER A 396 1.74 -23.61 33.30
C SER A 396 1.41 -23.49 31.82
N ILE A 397 0.53 -22.54 31.49
CA ILE A 397 0.10 -22.36 30.10
C ILE A 397 0.74 -21.12 29.50
N ILE A 398 1.39 -21.30 28.35
CA ILE A 398 2.01 -20.20 27.63
C ILE A 398 1.16 -19.84 26.41
N ALA A 399 0.85 -18.56 26.24
CA ALA A 399 -0.06 -18.11 25.18
C ALA A 399 0.66 -17.99 23.83
N GLY A 400 1.23 -19.11 23.39
CA GLY A 400 1.97 -19.16 22.14
C GLY A 400 2.87 -20.37 22.16
N PHE A 401 3.57 -20.62 21.06
CA PHE A 401 4.56 -21.67 21.04
C PHE A 401 5.91 -21.16 21.53
N PHE A 402 6.44 -21.76 22.58
CA PHE A 402 7.83 -21.49 22.93
C PHE A 402 8.75 -22.53 22.30
N GLY A 403 9.62 -22.05 21.42
CA GLY A 403 10.48 -22.92 20.63
C GLY A 403 10.75 -22.29 19.27
N ASP A 404 11.35 -23.07 18.37
CA ASP A 404 11.73 -22.55 17.07
C ASP A 404 10.54 -22.55 16.12
N HIS A 405 10.05 -21.37 15.76
CA HIS A 405 8.92 -21.26 14.86
C HIS A 405 9.20 -21.70 13.42
N THR A 406 10.48 -21.81 13.05
CA THR A 406 10.80 -22.27 11.71
C THR A 406 10.69 -23.80 11.61
N LYS A 407 10.42 -24.46 12.73
CA LYS A 407 10.31 -25.92 12.77
C LYS A 407 8.92 -26.40 13.19
N ILE A 408 7.93 -25.52 13.13
CA ILE A 408 6.56 -25.88 13.49
C ILE A 408 5.66 -25.24 12.42
N PRO A 409 4.49 -25.84 12.14
CA PRO A 409 3.65 -25.27 11.08
C PRO A 409 3.16 -23.86 11.39
N PRO A 410 2.69 -23.12 10.38
CA PRO A 410 2.08 -21.81 10.65
C PRO A 410 0.82 -21.96 11.49
N GLY A 411 0.35 -20.84 12.03
CA GLY A 411 -0.84 -20.85 12.86
C GLY A 411 -0.55 -20.38 14.27
N LYS A 412 -1.54 -20.50 15.15
CA LYS A 412 -1.38 -20.04 16.52
C LYS A 412 -1.44 -21.21 17.49
N TYR A 413 -0.75 -21.06 18.62
CA TYR A 413 -0.59 -22.16 19.55
C TYR A 413 -0.72 -21.73 21.02
N MET A 414 -0.78 -22.72 21.90
CA MET A 414 -0.54 -22.52 23.31
C MET A 414 0.33 -23.67 23.78
N THR A 415 1.20 -23.43 24.75
CA THR A 415 2.16 -24.46 25.17
C THR A 415 2.06 -24.78 26.65
N MET A 416 2.00 -26.07 26.96
CA MET A 416 2.11 -26.52 28.35
C MET A 416 3.58 -26.62 28.72
N PHE A 417 3.97 -25.92 29.78
CA PHE A 417 5.34 -25.86 30.23
C PHE A 417 5.44 -26.58 31.58
N HIS A 418 6.07 -27.75 31.61
CA HIS A 418 6.16 -28.56 32.84
C HIS A 418 7.57 -28.57 33.40
N PHE A 419 7.72 -28.70 34.72
CA PHE A 419 9.01 -29.13 35.25
C PHE A 419 8.91 -29.89 36.58
N LEU A 420 9.89 -30.75 36.81
CA LEU A 420 9.97 -31.58 38.01
C LEU A 420 10.58 -30.77 39.16
N GLU A 421 9.90 -30.77 40.31
CA GLU A 421 10.23 -29.86 41.41
C GLU A 421 11.42 -30.28 42.28
N TYR A 422 11.50 -31.57 42.61
CA TYR A 422 12.61 -32.07 43.44
C TYR A 422 13.16 -33.38 42.88
N PRO A 423 13.98 -33.29 41.83
CA PRO A 423 14.53 -34.50 41.21
C PRO A 423 15.49 -35.24 42.15
N PHE A 424 15.55 -36.57 42.01
CA PHE A 424 16.47 -37.39 42.78
C PHE A 424 17.82 -37.47 42.07
N SER A 425 17.80 -37.22 40.77
CA SER A 425 19.01 -37.26 39.97
C SER A 425 20.03 -36.24 40.43
N ARG A 426 21.30 -36.52 40.21
CA ARG A 426 22.39 -35.62 40.57
C ARG A 426 23.44 -35.60 39.47
N GLY A 427 24.07 -34.43 39.28
CA GLY A 427 25.13 -34.32 38.30
C GLY A 427 26.39 -33.72 38.89
N SER A 428 27.35 -33.41 38.02
CA SER A 428 28.61 -32.81 38.44
C SER A 428 29.24 -32.00 37.33
N ILE A 429 30.15 -31.10 37.68
CA ILE A 429 30.84 -30.30 36.69
C ILE A 429 32.26 -30.02 37.15
N HIS A 430 33.20 -29.99 36.21
CA HIS A 430 34.60 -29.77 36.54
C HIS A 430 35.37 -29.18 35.36
N ILE A 431 36.30 -28.26 35.64
CA ILE A 431 37.15 -27.69 34.61
C ILE A 431 37.99 -28.75 33.88
N THR A 432 38.39 -28.44 32.65
CA THR A 432 39.21 -29.35 31.86
C THR A 432 40.66 -28.89 31.79
N SER A 433 40.88 -27.60 32.09
CA SER A 433 42.22 -27.02 32.08
C SER A 433 42.20 -25.72 32.88
N PRO A 434 43.38 -25.08 33.08
CA PRO A 434 43.32 -23.79 33.79
C PRO A 434 42.86 -22.62 32.90
N ASP A 435 42.65 -22.88 31.62
CA ASP A 435 42.17 -21.86 30.70
C ASP A 435 40.77 -21.41 31.11
N PRO A 436 40.62 -20.11 31.46
CA PRO A 436 39.32 -19.62 31.91
C PRO A 436 38.24 -19.70 30.82
N TYR A 437 38.66 -19.74 29.55
CA TYR A 437 37.73 -19.83 28.43
C TYR A 437 37.30 -21.26 28.12
N ALA A 438 38.03 -22.23 28.67
CA ALA A 438 37.84 -23.63 28.29
C ALA A 438 36.51 -24.19 28.74
N ALA A 439 35.86 -24.94 27.85
CA ALA A 439 34.61 -25.61 28.17
C ALA A 439 34.83 -26.69 29.23
N PRO A 440 33.99 -26.68 30.29
CA PRO A 440 34.15 -27.66 31.37
C PRO A 440 33.64 -29.05 30.99
N ASP A 441 34.08 -30.05 31.74
CA ASP A 441 33.54 -31.39 31.65
C ASP A 441 32.22 -31.41 32.44
N PHE A 442 31.12 -31.62 31.73
CA PHE A 442 29.79 -31.35 32.30
C PHE A 442 28.84 -32.54 32.17
N ASP A 443 28.38 -33.04 33.32
CA ASP A 443 27.33 -34.05 33.36
C ASP A 443 26.21 -33.56 34.26
N PRO A 444 25.18 -32.93 33.66
CA PRO A 444 24.04 -32.36 34.40
C PRO A 444 23.24 -33.44 35.13
N GLY A 445 23.32 -34.67 34.63
CA GLY A 445 22.69 -35.81 35.27
C GLY A 445 21.19 -35.93 35.07
N PHE A 446 20.66 -35.23 34.07
CA PHE A 446 19.23 -35.22 33.80
C PHE A 446 18.68 -36.64 33.65
N MET A 447 17.70 -36.98 34.47
CA MET A 447 16.97 -38.26 34.41
C MET A 447 17.81 -39.51 34.66
N ASN A 448 18.98 -39.38 35.28
CA ASN A 448 19.81 -40.57 35.49
C ASN A 448 19.32 -41.42 36.66
N ASP A 449 18.45 -40.85 37.50
CA ASP A 449 17.81 -41.62 38.57
C ASP A 449 16.43 -42.09 38.10
N GLU A 450 16.13 -43.37 38.30
CA GLU A 450 14.91 -43.98 37.75
C GLU A 450 13.64 -43.43 38.40
N ARG A 451 13.77 -42.80 39.56
CA ARG A 451 12.62 -42.28 40.29
C ARG A 451 12.03 -41.03 39.64
N ASP A 452 12.78 -40.41 38.73
CA ASP A 452 12.37 -39.13 38.18
C ASP A 452 11.46 -39.25 36.95
N MET A 453 11.27 -40.47 36.44
CA MET A 453 10.52 -40.64 35.20
C MET A 453 9.00 -40.57 35.40
N ALA A 454 8.49 -41.28 36.41
CA ALA A 454 7.04 -41.37 36.61
C ALA A 454 6.32 -40.01 36.77
N PRO A 455 6.87 -39.07 37.57
CA PRO A 455 6.15 -37.79 37.71
C PRO A 455 6.01 -37.02 36.39
N MET A 456 7.04 -37.12 35.54
CA MET A 456 7.04 -36.44 34.25
C MET A 456 5.95 -37.01 33.33
N VAL A 457 5.89 -38.33 33.26
CA VAL A 457 4.85 -39.02 32.48
C VAL A 457 3.47 -38.62 32.97
N TRP A 458 3.32 -38.65 34.29
CA TRP A 458 2.09 -38.24 34.95
C TRP A 458 1.67 -36.82 34.57
N ALA A 459 2.63 -35.89 34.58
CA ALA A 459 2.36 -34.49 34.29
C ALA A 459 1.94 -34.26 32.84
N TYR A 460 2.54 -35.00 31.91
CA TYR A 460 2.14 -34.90 30.51
C TYR A 460 0.66 -35.25 30.34
N LYS A 461 0.25 -36.37 30.94
CA LYS A 461 -1.13 -36.82 30.83
C LYS A 461 -2.09 -35.81 31.47
N LYS A 462 -1.67 -35.26 32.60
CA LYS A 462 -2.48 -34.31 33.33
C LYS A 462 -2.70 -33.02 32.53
N SER A 463 -1.61 -32.42 32.05
CA SER A 463 -1.71 -31.16 31.31
C SER A 463 -2.44 -31.33 29.98
N ARG A 464 -2.30 -32.50 29.38
CA ARG A 464 -3.00 -32.79 28.13
C ARG A 464 -4.51 -32.81 28.36
N GLU A 465 -4.91 -33.33 29.52
CA GLU A 465 -6.31 -33.38 29.90
C GLU A 465 -6.81 -31.96 30.17
N THR A 466 -5.96 -31.13 30.78
CA THR A 466 -6.28 -29.73 30.99
C THR A 466 -6.50 -29.03 29.65
N ALA A 467 -5.58 -29.26 28.73
CA ALA A 467 -5.61 -28.61 27.42
C ALA A 467 -6.90 -28.96 26.67
N ARG A 468 -7.28 -30.23 26.71
CA ARG A 468 -8.45 -30.68 25.96
C ARG A 468 -9.76 -30.20 26.55
N ARG A 469 -9.71 -29.62 27.75
CA ARG A 469 -10.90 -29.09 28.40
C ARG A 469 -10.94 -27.57 28.37
N MET A 470 -10.02 -26.97 27.62
CA MET A 470 -9.99 -25.52 27.44
C MET A 470 -10.74 -25.10 26.18
N ASP A 471 -11.42 -23.95 26.24
CA ASP A 471 -12.11 -23.40 25.08
C ASP A 471 -11.16 -23.13 23.93
N HIS A 472 -9.92 -22.74 24.26
CA HIS A 472 -8.90 -22.44 23.27
C HIS A 472 -8.55 -23.64 22.40
N PHE A 473 -8.68 -24.84 22.95
CA PHE A 473 -8.18 -26.05 22.33
C PHE A 473 -8.73 -26.32 20.93
N ALA A 474 -7.84 -26.57 19.98
CA ALA A 474 -8.27 -26.91 18.63
C ALA A 474 -7.49 -28.08 18.03
N GLY A 475 -6.65 -28.72 18.83
CA GLY A 475 -5.86 -29.85 18.34
C GLY A 475 -4.48 -29.98 18.96
N GLU A 476 -3.79 -31.04 18.56
CA GLU A 476 -2.50 -31.39 19.12
C GLU A 476 -1.44 -31.49 18.03
N VAL A 477 -0.29 -30.84 18.26
CA VAL A 477 0.76 -30.78 17.27
C VAL A 477 1.56 -32.09 17.26
N THR A 478 1.27 -32.94 16.28
CA THR A 478 1.75 -34.32 16.31
C THR A 478 3.27 -34.42 16.34
N SER A 479 3.95 -33.55 15.60
CA SER A 479 5.41 -33.60 15.54
C SER A 479 6.08 -33.27 16.87
N HIS A 480 5.35 -32.58 17.76
CA HIS A 480 5.91 -32.13 19.03
C HIS A 480 5.26 -32.83 20.21
N HIS A 481 4.67 -33.99 19.94
CA HIS A 481 4.07 -34.82 20.99
C HIS A 481 4.73 -36.18 21.00
N PRO A 482 4.46 -36.99 22.03
CA PRO A 482 5.05 -38.34 22.05
C PRO A 482 4.68 -39.14 20.81
N LEU A 483 5.61 -39.97 20.35
CA LEU A 483 5.43 -40.76 19.15
C LEU A 483 4.61 -42.02 19.42
N PHE A 484 3.32 -41.81 19.72
CA PHE A 484 2.41 -42.91 19.97
C PHE A 484 2.35 -43.85 18.76
N PRO A 485 1.99 -45.12 19.00
CA PRO A 485 1.71 -46.02 17.88
C PRO A 485 0.67 -45.39 16.96
N TYR A 486 0.85 -45.49 15.65
CA TYR A 486 0.05 -44.72 14.70
C TYR A 486 -1.46 -44.82 14.94
N SER A 487 -1.95 -46.03 15.22
CA SER A 487 -3.39 -46.23 15.34
C SER A 487 -3.86 -46.28 16.79
N SER A 488 -3.00 -45.90 17.72
CA SER A 488 -3.39 -45.83 19.12
C SER A 488 -4.48 -44.79 19.34
N GLU A 489 -5.40 -45.09 20.23
CA GLU A 489 -6.46 -44.14 20.57
C GLU A 489 -5.94 -43.02 21.45
N ALA A 490 -4.67 -43.11 21.82
CA ALA A 490 -4.01 -42.06 22.59
C ALA A 490 -3.19 -41.12 21.70
N ARG A 491 -3.20 -41.36 20.39
CA ARG A 491 -2.36 -40.60 19.47
C ARG A 491 -2.75 -39.13 19.44
N ALA A 492 -1.81 -38.28 19.01
CA ALA A 492 -2.07 -36.85 18.86
C ALA A 492 -3.02 -36.61 17.70
N LEU A 493 -4.07 -35.81 17.94
CA LEU A 493 -5.02 -35.48 16.90
C LEU A 493 -4.95 -34.00 16.54
N GLU A 494 -4.68 -33.73 15.27
CA GLU A 494 -4.50 -32.36 14.77
C GLU A 494 -5.83 -31.61 14.63
N MET A 495 -5.74 -30.34 14.27
CA MET A 495 -6.93 -29.56 13.98
C MET A 495 -7.69 -30.16 12.80
N ASP A 496 -9.01 -29.98 12.76
CA ASP A 496 -9.81 -30.60 11.72
C ASP A 496 -9.76 -29.84 10.40
N LEU A 497 -10.55 -30.30 9.43
CA LEU A 497 -10.54 -29.74 8.09
C LEU A 497 -10.92 -28.25 8.08
N GLU A 498 -12.01 -27.90 8.75
CA GLU A 498 -12.50 -26.53 8.76
C GLU A 498 -11.48 -25.57 9.36
N THR A 499 -10.89 -25.97 10.48
CA THR A 499 -9.90 -25.15 11.14
C THR A 499 -8.63 -24.99 10.29
N SER A 500 -8.24 -26.07 9.61
CA SER A 500 -7.09 -26.03 8.71
C SER A 500 -7.33 -25.03 7.58
N ASN A 501 -8.53 -25.05 7.02
CA ASN A 501 -8.89 -24.11 5.97
C ASN A 501 -8.92 -22.68 6.46
N ALA A 502 -9.35 -22.49 7.71
CA ALA A 502 -9.37 -21.15 8.30
C ALA A 502 -7.95 -20.62 8.40
N TYR A 503 -7.03 -21.45 8.87
CA TYR A 503 -5.63 -21.02 9.00
C TYR A 503 -4.95 -20.90 7.64
N GLY A 504 -5.33 -21.75 6.69
CA GLY A 504 -4.75 -21.72 5.36
C GLY A 504 -5.17 -20.51 4.56
N GLY A 505 -6.34 -19.94 4.88
CA GLY A 505 -6.84 -18.79 4.16
C GLY A 505 -7.65 -19.18 2.93
N PRO A 506 -8.37 -18.22 2.35
CA PRO A 506 -9.32 -18.50 1.26
C PRO A 506 -8.65 -18.87 -0.07
N LEU A 507 -7.34 -18.66 -0.20
CA LEU A 507 -6.64 -18.93 -1.44
C LEU A 507 -5.84 -20.23 -1.41
N ASN A 508 -5.85 -20.92 -0.27
CA ASN A 508 -5.01 -22.11 -0.13
C ASN A 508 -5.42 -23.22 -1.11
N LEU A 509 -4.44 -24.04 -1.49
CA LEU A 509 -4.68 -25.11 -2.45
C LEU A 509 -4.30 -26.48 -1.90
N SER A 510 -4.01 -26.57 -0.60
CA SER A 510 -3.62 -27.86 -0.03
C SER A 510 -4.07 -28.10 1.41
N ALA A 511 -4.80 -27.16 2.01
CA ALA A 511 -5.34 -27.40 3.35
C ALA A 511 -6.32 -28.57 3.31
N GLY A 512 -6.12 -29.55 4.17
CA GLY A 512 -6.98 -30.72 4.19
C GLY A 512 -6.63 -31.74 3.13
N LEU A 513 -5.47 -31.57 2.49
CA LEU A 513 -4.97 -32.58 1.56
C LEU A 513 -4.32 -33.67 2.38
N ALA A 514 -5.05 -34.77 2.60
CA ALA A 514 -4.64 -35.79 3.58
C ALA A 514 -3.59 -36.75 3.07
N HIS A 515 -3.46 -36.88 1.75
CA HIS A 515 -2.56 -37.85 1.13
C HIS A 515 -1.14 -37.80 1.69
N GLY A 516 -0.68 -38.92 2.24
CA GLY A 516 0.60 -39.00 2.92
C GLY A 516 0.38 -39.48 4.36
N SER A 517 -0.80 -39.18 4.89
CA SER A 517 -1.22 -39.62 6.22
C SER A 517 -0.26 -39.13 7.31
N TRP A 518 0.19 -37.89 7.18
CA TRP A 518 1.12 -37.32 8.15
C TRP A 518 0.43 -37.02 9.49
N THR A 519 -0.84 -36.69 9.44
CA THR A 519 -1.60 -36.40 10.65
C THR A 519 -2.96 -37.08 10.61
N GLN A 520 -3.62 -37.13 11.78
CA GLN A 520 -5.00 -37.57 11.89
C GLN A 520 -5.81 -36.46 12.56
N PRO A 521 -7.05 -36.24 12.11
CA PRO A 521 -7.86 -35.11 12.56
C PRO A 521 -8.65 -35.36 13.84
N LEU A 522 -8.79 -34.29 14.62
CA LEU A 522 -9.67 -34.28 15.78
C LEU A 522 -11.12 -34.49 15.34
N LYS A 523 -11.88 -35.27 16.10
CA LYS A 523 -13.30 -35.47 15.80
C LYS A 523 -14.14 -34.39 16.47
N LYS A 524 -15.38 -34.22 16.01
CA LYS A 524 -16.27 -33.24 16.63
C LYS A 524 -16.54 -33.59 18.09
N PRO A 525 -16.54 -32.57 18.96
CA PRO A 525 -16.85 -32.78 20.38
C PRO A 525 -18.33 -33.06 20.61
N THR A 526 -18.73 -33.34 21.85
CA THR A 526 -20.12 -33.60 22.14
C THR A 526 -20.96 -32.35 21.94
N ALA A 527 -22.25 -32.54 21.67
CA ALA A 527 -23.16 -31.43 21.41
C ALA A 527 -23.52 -30.68 22.70
N LYS A 528 -23.82 -29.40 22.57
CA LYS A 528 -24.30 -28.61 23.69
C LYS A 528 -25.66 -29.12 24.19
N ASN A 529 -25.85 -29.06 25.50
CA ASN A 529 -27.14 -29.41 26.10
C ASN A 529 -28.12 -28.26 25.93
N GLU A 530 -29.07 -28.42 25.01
CA GLU A 530 -30.00 -27.35 24.68
C GLU A 530 -30.96 -27.01 25.82
N GLY A 531 -31.07 -27.91 26.79
CA GLY A 531 -31.93 -27.67 27.94
C GLY A 531 -31.24 -26.87 29.04
N HIS A 532 -29.97 -26.52 28.81
CA HIS A 532 -29.22 -25.73 29.78
C HIS A 532 -29.14 -24.27 29.36
N VAL A 533 -28.91 -23.40 30.35
CA VAL A 533 -28.66 -21.98 30.12
C VAL A 533 -27.39 -21.85 29.26
N THR A 534 -27.42 -20.95 28.28
CA THR A 534 -26.36 -20.86 27.27
C THR A 534 -24.97 -20.75 27.86
N SER A 535 -24.84 -19.97 28.94
CA SER A 535 -23.53 -19.76 29.54
C SER A 535 -23.01 -20.97 30.31
N ASN A 536 -23.82 -22.02 30.41
CA ASN A 536 -23.37 -23.25 31.09
C ASN A 536 -23.23 -24.41 30.12
N GLN A 537 -23.44 -24.16 28.84
CA GLN A 537 -23.33 -25.21 27.83
C GLN A 537 -21.86 -25.48 27.50
N VAL A 538 -21.55 -26.75 27.22
CA VAL A 538 -20.18 -27.14 26.92
C VAL A 538 -20.12 -28.11 25.75
N GLU A 539 -18.95 -28.16 25.12
CA GLU A 539 -18.67 -29.16 24.09
C GLU A 539 -17.42 -29.90 24.50
N LEU A 540 -17.53 -31.20 24.71
CA LEU A 540 -16.45 -31.95 25.34
C LEU A 540 -15.74 -32.91 24.40
N HIS A 541 -14.41 -32.93 24.51
CA HIS A 541 -13.58 -33.90 23.82
C HIS A 541 -13.37 -35.11 24.71
N PRO A 542 -13.06 -36.27 24.12
CA PRO A 542 -12.97 -37.49 24.94
C PRO A 542 -11.76 -37.54 25.87
N ASP A 543 -11.92 -38.23 27.00
CA ASP A 543 -10.79 -38.56 27.85
C ASP A 543 -9.91 -39.57 27.14
N ILE A 544 -8.63 -39.61 27.51
CA ILE A 544 -7.69 -40.49 26.84
C ILE A 544 -7.27 -41.66 27.72
N GLU A 545 -7.30 -42.86 27.15
CA GLU A 545 -6.80 -44.05 27.83
C GLU A 545 -5.46 -44.48 27.24
N TYR A 546 -4.52 -44.82 28.11
CA TYR A 546 -3.18 -45.22 27.69
C TYR A 546 -2.89 -46.67 28.04
N ASP A 547 -2.28 -47.41 27.12
CA ASP A 547 -1.74 -48.71 27.48
C ASP A 547 -0.22 -48.62 27.63
N GLU A 548 0.44 -49.77 27.73
CA GLU A 548 1.88 -49.81 27.99
C GLU A 548 2.71 -49.26 26.84
N GLU A 549 2.26 -49.48 25.61
CA GLU A 549 2.95 -48.96 24.44
C GLU A 549 2.90 -47.43 24.41
N ASP A 550 1.75 -46.88 24.77
CA ASP A 550 1.58 -45.44 24.87
C ASP A 550 2.52 -44.85 25.93
N ASP A 551 2.56 -45.50 27.08
CA ASP A 551 3.40 -45.06 28.19
C ASP A 551 4.87 -45.08 27.81
N LYS A 552 5.25 -46.12 27.05
CA LYS A 552 6.61 -46.24 26.54
C LYS A 552 6.96 -45.05 25.65
N ALA A 553 6.01 -44.62 24.84
CA ALA A 553 6.21 -43.49 23.93
C ALA A 553 6.43 -42.20 24.70
N ILE A 554 5.66 -42.01 25.77
CA ILE A 554 5.78 -40.82 26.60
C ILE A 554 7.13 -40.80 27.30
N GLU A 555 7.58 -41.95 27.77
CA GLU A 555 8.88 -42.03 28.45
C GLU A 555 10.01 -41.63 27.52
N ASN A 556 10.01 -42.15 26.30
CA ASN A 556 11.01 -41.79 25.31
C ASN A 556 10.91 -40.31 24.92
N TYR A 557 9.69 -39.81 24.91
CA TYR A 557 9.42 -38.39 24.67
C TYR A 557 10.11 -37.52 25.73
N ILE A 558 9.97 -37.90 26.99
CA ILE A 558 10.61 -37.20 28.09
C ILE A 558 12.12 -37.27 27.94
N ARG A 559 12.65 -38.47 27.66
CA ARG A 559 14.09 -38.65 27.52
C ARG A 559 14.65 -37.81 26.39
N GLU A 560 13.87 -37.62 25.35
CA GLU A 560 14.38 -36.96 24.15
C GLU A 560 14.13 -35.45 24.12
N HIS A 561 13.25 -34.95 24.99
CA HIS A 561 12.92 -33.52 24.93
C HIS A 561 12.93 -32.83 26.30
N THR A 562 13.41 -33.51 27.32
CA THR A 562 13.64 -32.87 28.61
C THR A 562 14.84 -31.94 28.53
N GLU A 563 14.72 -30.76 29.12
CA GLU A 563 15.81 -29.80 29.15
C GLU A 563 16.03 -29.24 30.55
N THR A 564 17.13 -28.51 30.73
CA THR A 564 17.29 -27.68 31.91
C THR A 564 16.17 -26.65 31.95
N THR A 565 15.73 -26.29 33.15
CA THR A 565 14.78 -25.21 33.31
C THR A 565 15.52 -23.97 33.77
N TRP A 566 16.84 -24.01 33.62
CA TRP A 566 17.74 -22.91 33.99
C TRP A 566 17.72 -22.61 35.49
N HIS A 567 17.29 -23.56 36.29
CA HIS A 567 17.23 -23.38 37.75
C HIS A 567 18.35 -24.13 38.45
N CYS A 568 19.49 -24.27 37.79
CA CYS A 568 20.62 -25.05 38.30
C CYS A 568 21.07 -24.59 39.69
N LEU A 569 21.34 -25.54 40.58
CA LEU A 569 21.81 -25.20 41.93
C LEU A 569 22.64 -26.33 42.56
N GLY A 570 23.39 -25.99 43.60
CA GLY A 570 23.98 -27.00 44.46
C GLY A 570 25.46 -27.29 44.37
N THR A 571 26.14 -26.69 43.41
CA THR A 571 27.54 -27.02 43.12
C THR A 571 28.52 -26.48 44.17
N CYS A 572 28.04 -25.59 45.03
CA CYS A 572 28.84 -25.10 46.18
C CYS A 572 27.99 -25.20 47.44
N SER A 573 27.53 -26.42 47.73
CA SER A 573 26.51 -26.63 48.76
C SER A 573 26.91 -26.21 50.17
N ILE A 574 25.97 -25.60 50.88
CA ILE A 574 26.11 -25.35 52.30
C ILE A 574 25.95 -26.66 53.07
N GLY A 575 26.91 -26.96 53.94
CA GLY A 575 26.85 -28.15 54.75
C GLY A 575 28.16 -28.47 55.44
N PRO A 576 28.13 -29.47 56.33
CA PRO A 576 29.34 -29.92 57.03
C PRO A 576 30.42 -30.33 56.03
N ARG A 577 31.66 -29.88 56.25
CA ARG A 577 32.74 -30.17 55.31
C ARG A 577 32.95 -31.67 55.09
N GLU A 578 32.74 -32.45 56.14
CA GLU A 578 32.93 -33.89 56.09
C GLU A 578 31.82 -34.57 55.29
N GLY A 579 30.71 -33.86 55.10
CA GLY A 579 29.60 -34.39 54.34
C GLY A 579 28.34 -34.56 55.17
N SER A 580 27.28 -35.02 54.52
CA SER A 580 25.99 -35.23 55.16
C SER A 580 25.15 -36.14 54.27
N LYS A 581 23.93 -36.45 54.70
CA LYS A 581 23.05 -37.33 53.93
C LYS A 581 22.63 -36.67 52.61
N ILE A 582 22.47 -35.35 52.64
CA ILE A 582 22.04 -34.62 51.44
C ILE A 582 23.23 -34.01 50.69
N VAL A 583 24.36 -33.88 51.38
CA VAL A 583 25.59 -33.43 50.74
C VAL A 583 26.67 -34.51 50.86
N LYS A 584 26.53 -35.56 50.06
CA LYS A 584 27.35 -36.76 50.20
C LYS A 584 28.82 -36.55 49.86
N TRP A 585 29.11 -35.67 48.91
CA TRP A 585 30.48 -35.45 48.45
C TRP A 585 31.23 -34.47 49.33
N GLY A 586 30.54 -33.87 50.29
CA GLY A 586 31.17 -32.93 51.19
C GLY A 586 30.68 -31.51 50.99
N GLY A 587 30.52 -30.79 52.10
CA GLY A 587 30.09 -29.41 52.05
C GLY A 587 31.18 -28.50 51.49
N VAL A 588 30.76 -27.36 50.97
CA VAL A 588 31.68 -26.38 50.41
C VAL A 588 31.66 -25.11 51.25
N LEU A 589 30.52 -24.84 51.89
CA LEU A 589 30.35 -23.64 52.69
C LEU A 589 29.77 -23.92 54.06
N ASP A 590 30.11 -23.09 55.04
CA ASP A 590 29.47 -23.16 56.35
C ASP A 590 28.12 -22.44 56.29
N HIS A 591 27.44 -22.34 57.44
CA HIS A 591 26.12 -21.73 57.47
C HIS A 591 26.17 -20.22 57.30
N ARG A 592 27.38 -19.65 57.25
CA ARG A 592 27.52 -18.23 56.95
C ARG A 592 28.09 -18.04 55.55
N SER A 593 27.97 -19.09 54.73
CA SER A 593 28.34 -19.07 53.32
C SER A 593 29.82 -18.85 53.07
N ASN A 594 30.65 -19.04 54.09
CA ASN A 594 32.10 -18.98 53.92
C ASN A 594 32.63 -20.24 53.25
N VAL A 595 33.55 -20.09 52.30
CA VAL A 595 34.22 -21.24 51.73
C VAL A 595 35.19 -21.82 52.76
N TYR A 596 35.11 -23.13 53.01
CA TYR A 596 36.03 -23.79 53.94
C TYR A 596 37.47 -23.64 53.48
N GLY A 597 38.39 -23.49 54.45
CA GLY A 597 39.81 -23.51 54.15
C GLY A 597 40.42 -22.17 53.76
N VAL A 598 39.61 -21.12 53.81
CA VAL A 598 40.08 -19.78 53.46
C VAL A 598 39.28 -18.73 54.21
N LYS A 599 39.85 -17.54 54.38
CA LYS A 599 39.17 -16.43 55.04
C LYS A 599 38.79 -15.34 54.04
N GLY A 600 37.67 -14.67 54.29
CA GLY A 600 37.26 -13.52 53.51
C GLY A 600 36.67 -13.85 52.16
N LEU A 601 36.09 -15.05 52.04
CA LEU A 601 35.47 -15.48 50.79
C LEU A 601 34.12 -16.15 51.02
N LYS A 602 33.07 -15.56 50.48
CA LYS A 602 31.74 -16.15 50.52
C LYS A 602 31.26 -16.48 49.12
N VAL A 603 30.36 -17.46 49.02
CA VAL A 603 29.65 -17.69 47.77
C VAL A 603 28.20 -17.26 47.97
N GLY A 604 27.70 -16.45 47.04
CA GLY A 604 26.34 -15.95 47.11
C GLY A 604 25.61 -16.04 45.78
N ASP A 605 25.13 -17.24 45.46
CA ASP A 605 24.28 -17.47 44.30
C ASP A 605 23.57 -18.79 44.50
N LEU A 606 23.02 -19.35 43.43
CA LEU A 606 22.23 -20.58 43.57
C LEU A 606 23.06 -21.83 43.82
N SER A 607 24.38 -21.76 43.64
CA SER A 607 25.23 -22.91 43.88
C SER A 607 25.22 -23.30 45.36
N VAL A 608 24.78 -22.35 46.18
CA VAL A 608 24.70 -22.47 47.63
C VAL A 608 23.74 -23.57 48.14
N CYS A 609 22.61 -23.76 47.44
CA CYS A 609 21.53 -24.62 47.94
C CYS A 609 21.90 -26.11 48.00
N PRO A 610 21.86 -26.71 49.18
CA PRO A 610 22.21 -28.13 49.34
C PRO A 610 21.13 -29.07 48.81
N ASP A 611 19.88 -28.59 48.80
CA ASP A 611 18.76 -29.34 48.28
C ASP A 611 17.87 -28.38 47.50
N ASN A 612 16.87 -28.91 46.80
CA ASN A 612 16.13 -28.11 45.84
C ASN A 612 15.02 -27.24 46.44
N VAL A 613 14.44 -26.39 45.61
CA VAL A 613 13.32 -25.55 46.02
C VAL A 613 12.16 -25.73 45.04
N GLY A 614 10.93 -25.69 45.56
CA GLY A 614 9.76 -25.97 44.74
C GLY A 614 9.27 -24.76 43.97
N CYS A 615 10.15 -24.12 43.21
CA CYS A 615 9.82 -22.86 42.54
C CYS A 615 10.81 -22.47 41.46
N ASN A 616 10.35 -21.67 40.50
CA ASN A 616 11.25 -20.91 39.64
C ASN A 616 12.17 -20.12 40.56
N THR A 617 13.45 -20.05 40.22
CA THR A 617 14.45 -19.72 41.24
C THR A 617 14.91 -18.26 41.36
N TYR A 618 14.19 -17.31 40.76
CA TYR A 618 14.60 -15.92 40.93
C TYR A 618 14.33 -15.45 42.36
N THR A 619 13.22 -15.89 42.96
CA THR A 619 12.96 -15.53 44.37
C THR A 619 14.07 -16.07 45.25
N THR A 620 14.53 -17.28 44.95
CA THR A 620 15.61 -17.91 45.70
C THR A 620 16.91 -17.12 45.52
N ALA A 621 17.20 -16.71 44.29
CA ALA A 621 18.40 -15.94 44.00
C ALA A 621 18.41 -14.61 44.75
N LEU A 622 17.27 -13.93 44.76
CA LEU A 622 17.12 -12.67 45.47
C LEU A 622 17.28 -12.88 46.98
N LEU A 623 16.66 -13.94 47.48
CA LEU A 623 16.72 -14.26 48.89
C LEU A 623 18.14 -14.55 49.34
N ILE A 624 18.83 -15.36 48.56
CA ILE A 624 20.24 -15.67 48.82
C ILE A 624 21.05 -14.38 48.80
N GLY A 625 20.68 -13.48 47.90
CA GLY A 625 21.36 -12.19 47.80
C GLY A 625 21.18 -11.33 49.02
N GLU A 626 19.93 -11.18 49.47
CA GLU A 626 19.64 -10.40 50.68
C GLU A 626 20.33 -11.01 51.90
N LYS A 627 20.30 -12.34 51.99
CA LYS A 627 20.91 -13.06 53.10
C LYS A 627 22.43 -12.92 53.11
N THR A 628 23.04 -13.09 51.94
CA THR A 628 24.49 -12.99 51.82
C THR A 628 24.97 -11.58 52.15
N ALA A 629 24.22 -10.57 51.72
CA ALA A 629 24.58 -9.19 52.01
C ALA A 629 24.53 -8.93 53.52
N THR A 630 23.53 -9.50 54.18
CA THR A 630 23.39 -9.35 55.62
C THR A 630 24.54 -10.05 56.35
N LEU A 631 24.88 -11.25 55.89
CA LEU A 631 25.99 -12.00 56.48
C LEU A 631 27.30 -11.21 56.41
N VAL A 632 27.58 -10.63 55.26
CA VAL A 632 28.78 -9.81 55.09
C VAL A 632 28.75 -8.61 56.01
N GLY A 633 27.60 -7.94 56.07
CA GLY A 633 27.44 -6.75 56.91
C GLY A 633 27.70 -7.05 58.38
N GLU A 634 27.15 -8.15 58.86
CA GLU A 634 27.35 -8.57 60.24
C GLU A 634 28.83 -8.87 60.49
N ASP A 635 29.44 -9.59 59.55
CA ASP A 635 30.85 -9.96 59.65
C ASP A 635 31.77 -8.73 59.74
N LEU A 636 31.39 -7.65 59.07
CA LEU A 636 32.19 -6.44 59.08
C LEU A 636 31.83 -5.53 60.26
N GLY A 637 30.98 -6.02 61.15
CA GLY A 637 30.69 -5.33 62.40
C GLY A 637 29.50 -4.38 62.39
N TYR A 638 28.71 -4.43 61.33
CA TYR A 638 27.54 -3.56 61.23
C TYR A 638 26.32 -4.22 61.89
N SER A 639 25.38 -3.39 62.33
CA SER A 639 24.20 -3.90 63.02
C SER A 639 23.04 -2.92 62.94
N GLY A 640 21.86 -3.37 63.36
CA GLY A 640 20.68 -2.52 63.40
C GLY A 640 20.25 -1.99 62.06
N GLU A 641 19.94 -0.70 62.00
CA GLU A 641 19.41 -0.10 60.79
C GLU A 641 20.42 -0.03 59.66
N ALA A 642 21.69 -0.19 60.00
CA ALA A 642 22.74 -0.23 58.99
C ALA A 642 22.55 -1.44 58.07
N LEU A 643 21.98 -2.50 58.60
CA LEU A 643 21.77 -3.73 57.85
C LEU A 643 20.54 -3.64 56.93
N ASP A 644 19.83 -2.52 56.99
CA ASP A 644 18.71 -2.29 56.08
C ASP A 644 19.21 -2.26 54.63
N MET A 645 20.30 -1.54 54.43
CA MET A 645 20.93 -1.42 53.11
C MET A 645 19.92 -1.02 52.03
N THR A 646 19.07 -0.06 52.38
CA THR A 646 18.05 0.45 51.48
C THR A 646 18.69 1.08 50.24
N VAL A 647 18.24 0.64 49.06
CA VAL A 647 18.73 1.22 47.80
C VAL A 647 17.83 2.36 47.38
N PRO A 648 18.38 3.31 46.60
CA PRO A 648 17.58 4.43 46.10
C PRO A 648 16.36 3.96 45.32
N GLN A 649 15.22 4.56 45.62
CA GLN A 649 13.97 4.21 44.94
C GLN A 649 12.93 5.32 45.15
N PHE A 650 12.17 5.61 44.10
CA PHE A 650 11.00 6.46 44.26
C PHE A 650 9.77 5.57 44.28
N LYS A 651 9.14 5.46 45.46
CA LYS A 651 8.00 4.58 45.64
C LYS A 651 6.71 5.22 45.14
N LEU A 652 5.89 4.45 44.44
CA LEU A 652 4.66 4.98 43.86
C LEU A 652 3.41 4.46 44.57
N GLY A 653 3.57 3.39 45.34
CA GLY A 653 2.47 2.80 46.09
C GLY A 653 1.33 2.33 45.19
N THR A 654 0.10 2.48 45.67
CA THR A 654 -1.07 2.19 44.85
C THR A 654 -1.73 3.48 44.40
N TYR A 655 -2.47 3.41 43.29
CA TYR A 655 -3.07 4.61 42.71
C TYR A 655 -3.99 5.35 43.67
N GLU A 656 -4.84 4.63 44.38
CA GLU A 656 -5.85 5.28 45.21
C GLU A 656 -5.23 5.94 46.44
N LYS A 657 -4.01 5.56 46.78
CA LYS A 657 -3.32 6.17 47.91
C LYS A 657 -2.50 7.38 47.50
N THR A 658 -1.74 7.26 46.40
CA THR A 658 -0.78 8.29 46.00
C THR A 658 -1.17 9.04 44.73
N GLY A 659 -1.91 8.37 43.84
CA GLY A 659 -2.26 8.97 42.56
C GLY A 659 -1.10 8.96 41.57
N LEU A 660 0.00 8.32 41.96
CA LEU A 660 1.21 8.32 41.15
C LEU A 660 1.41 6.99 40.40
N ALA A 661 1.03 5.89 41.03
CA ALA A 661 1.09 4.58 40.39
C ALA A 661 0.08 4.50 39.25
N ARG A 662 0.26 3.53 38.36
CA ARG A 662 -0.67 3.31 37.26
C ARG A 662 -2.04 2.86 37.77
N PHE A 663 -3.10 3.45 37.23
CA PHE A 663 -4.45 3.05 37.61
C PHE A 663 -4.76 1.62 37.15
N ALA B 2 9.77 48.21 21.99
CA ALA B 2 10.84 48.54 21.05
C ALA B 2 12.21 48.23 21.62
N ILE B 3 13.17 47.93 20.74
CA ILE B 3 14.54 47.66 21.14
C ILE B 3 15.27 48.96 21.44
N PRO B 4 15.75 49.13 22.69
CA PRO B 4 16.47 50.35 23.06
C PRO B 4 17.73 50.56 22.23
N GLU B 5 18.15 51.82 22.11
CA GLU B 5 19.35 52.16 21.36
C GLU B 5 20.57 52.15 22.27
N GLU B 6 20.33 52.20 23.57
CA GLU B 6 21.41 52.19 24.55
C GLU B 6 21.18 51.12 25.62
N PHE B 7 22.22 50.33 25.87
CA PHE B 7 22.18 49.31 26.91
C PHE B 7 23.25 49.58 27.95
N ASP B 8 23.17 48.87 29.07
CA ASP B 8 24.26 48.88 30.04
C ASP B 8 25.36 47.94 29.57
N ILE B 9 24.96 46.74 29.16
CA ILE B 9 25.91 45.73 28.68
C ILE B 9 25.54 45.23 27.30
N LEU B 10 26.52 45.17 26.42
CA LEU B 10 26.32 44.73 25.05
C LEU B 10 27.16 43.48 24.77
N VAL B 11 26.50 42.40 24.37
CA VAL B 11 27.22 41.18 24.02
C VAL B 11 27.08 40.92 22.52
N LEU B 12 28.23 40.79 21.85
CA LEU B 12 28.26 40.68 20.39
C LEU B 12 28.53 39.25 19.95
N GLY B 13 27.50 38.60 19.39
CA GLY B 13 27.60 37.21 19.02
C GLY B 13 26.97 36.34 20.09
N GLY B 14 25.88 35.65 19.74
CA GLY B 14 25.13 34.85 20.69
C GLY B 14 25.42 33.36 20.56
N GLY B 15 26.69 33.01 20.49
CA GLY B 15 27.08 31.62 20.31
C GLY B 15 27.19 30.86 21.62
N SER B 16 28.03 29.82 21.61
CA SER B 16 28.21 28.97 22.78
C SER B 16 28.65 29.77 24.00
N SER B 17 29.60 30.67 23.81
CA SER B 17 30.05 31.54 24.88
C SER B 17 29.11 32.72 25.05
N GLY B 18 28.79 33.38 23.93
CA GLY B 18 28.00 34.59 23.94
C GLY B 18 26.65 34.51 24.63
N SER B 19 25.88 33.46 24.32
CA SER B 19 24.58 33.28 24.95
C SER B 19 24.74 33.05 26.45
N CYS B 20 25.76 32.30 26.82
CA CYS B 20 26.05 32.05 28.23
C CYS B 20 26.37 33.36 28.96
N ILE B 21 27.25 34.16 28.34
CA ILE B 21 27.67 35.43 28.92
C ILE B 21 26.50 36.40 29.08
N ALA B 22 25.70 36.53 28.02
CA ALA B 22 24.52 37.42 28.05
C ALA B 22 23.50 36.99 29.10
N GLY B 23 23.24 35.69 29.18
CA GLY B 23 22.30 35.15 30.14
C GLY B 23 22.75 35.35 31.58
N ARG B 24 24.01 35.01 31.87
CA ARG B 24 24.58 35.20 33.19
C ARG B 24 24.53 36.67 33.61
N LEU B 25 24.97 37.56 32.72
CA LEU B 25 25.04 38.98 33.04
C LEU B 25 23.65 39.59 33.27
N ALA B 26 22.63 39.10 32.56
CA ALA B 26 21.28 39.61 32.76
C ALA B 26 20.75 39.24 34.15
N ASN B 27 21.32 38.20 34.73
CA ASN B 27 20.92 37.77 36.08
C ASN B 27 21.88 38.28 37.15
N LEU B 28 22.91 39.01 36.74
CA LEU B 28 23.82 39.66 37.68
C LEU B 28 23.04 40.71 38.49
N ASP B 29 22.20 41.46 37.80
CA ASP B 29 21.39 42.51 38.38
C ASP B 29 20.33 42.90 37.36
N HIS B 30 19.07 42.69 37.72
CA HIS B 30 17.99 42.83 36.74
C HIS B 30 17.62 44.28 36.45
N SER B 31 18.33 45.23 37.04
CA SER B 31 18.17 46.64 36.67
C SER B 31 19.14 47.00 35.54
N LEU B 32 20.06 46.08 35.25
CA LEU B 32 20.99 46.26 34.13
C LEU B 32 20.35 45.85 32.81
N LYS B 33 20.39 46.75 31.83
CA LYS B 33 19.90 46.47 30.49
C LYS B 33 20.96 45.74 29.68
N VAL B 34 20.65 44.51 29.26
CA VAL B 34 21.59 43.70 28.49
C VAL B 34 21.09 43.42 27.08
N GLY B 35 21.92 43.75 26.09
CA GLY B 35 21.57 43.52 24.70
C GLY B 35 22.46 42.47 24.05
N LEU B 36 21.83 41.48 23.43
CA LEU B 36 22.56 40.40 22.77
C LEU B 36 22.35 40.47 21.25
N ILE B 37 23.43 40.71 20.53
CA ILE B 37 23.36 40.87 19.08
C ILE B 37 23.89 39.63 18.37
N GLU B 38 23.09 39.08 17.45
CA GLU B 38 23.42 37.84 16.75
C GLU B 38 23.12 37.95 15.26
N ALA B 39 24.04 37.48 14.43
CA ALA B 39 23.89 37.56 12.97
C ALA B 39 22.91 36.54 12.41
N GLY B 40 22.87 35.36 13.03
CA GLY B 40 22.01 34.29 12.56
C GLY B 40 20.58 34.43 13.06
N GLU B 41 19.74 33.46 12.75
CA GLU B 41 18.35 33.48 13.17
C GLU B 41 18.17 33.09 14.62
N ASN B 42 17.06 33.54 15.21
CA ASN B 42 16.63 33.08 16.52
C ASN B 42 16.40 31.55 16.45
N ASN B 43 16.72 30.83 17.52
CA ASN B 43 16.58 29.37 17.51
C ASN B 43 15.50 28.87 18.48
N LEU B 44 14.76 29.80 19.07
CA LEU B 44 13.74 29.47 20.06
C LEU B 44 12.76 28.40 19.57
N ASN B 45 12.74 27.27 20.28
CA ASN B 45 11.83 26.16 19.99
C ASN B 45 11.86 25.68 18.54
N ASN B 46 13.01 25.81 17.90
CA ASN B 46 13.21 25.31 16.55
C ASN B 46 13.61 23.84 16.57
N PRO B 47 12.74 22.96 16.04
CA PRO B 47 13.02 21.51 16.04
C PRO B 47 14.29 21.17 15.27
N TRP B 48 14.64 21.95 14.26
CA TRP B 48 15.87 21.70 13.50
C TRP B 48 17.11 22.02 14.33
N VAL B 49 16.90 22.62 15.51
CA VAL B 49 17.96 22.77 16.47
C VAL B 49 17.87 21.75 17.61
N TYR B 50 16.68 21.57 18.20
CA TYR B 50 16.62 20.80 19.44
C TYR B 50 16.47 19.27 19.27
N LEU B 51 16.19 18.81 18.05
CA LEU B 51 16.20 17.38 17.80
C LEU B 51 17.62 16.92 17.49
N PRO B 52 18.21 16.09 18.36
CA PRO B 52 19.60 15.67 18.20
C PRO B 52 19.90 14.91 16.90
N GLY B 53 19.09 13.91 16.57
CA GLY B 53 19.40 12.98 15.50
C GLY B 53 19.58 13.52 14.10
N ILE B 54 19.14 14.76 13.85
CA ILE B 54 19.19 15.30 12.50
C ILE B 54 20.41 16.20 12.30
N TYR B 55 21.33 16.20 13.26
CA TYR B 55 22.44 17.15 13.23
C TYR B 55 23.32 17.21 11.96
N PRO B 56 23.50 16.09 11.22
CA PRO B 56 24.37 16.24 10.04
C PRO B 56 23.93 17.27 8.99
N ARG B 57 22.64 17.60 8.87
CA ARG B 57 22.20 18.50 7.79
C ARG B 57 22.74 19.93 7.94
N ASN B 58 23.25 20.27 9.11
CA ASN B 58 23.80 21.60 9.31
C ASN B 58 25.07 21.83 8.50
N MET B 59 25.69 20.76 8.05
CA MET B 59 26.94 20.88 7.30
C MET B 59 26.76 20.69 5.80
N LYS B 60 25.51 20.59 5.35
CA LYS B 60 25.21 20.69 3.93
C LYS B 60 25.66 22.08 3.46
N LEU B 61 26.25 22.16 2.28
CA LEU B 61 26.81 23.44 1.82
C LEU B 61 25.75 24.53 1.66
N ASP B 62 24.49 24.13 1.50
CA ASP B 62 23.40 25.11 1.35
C ASP B 62 22.66 25.34 2.66
N SER B 63 23.26 24.91 3.77
CA SER B 63 22.66 25.09 5.09
C SER B 63 22.48 26.56 5.45
N LYS B 64 21.37 26.87 6.12
CA LYS B 64 21.13 28.23 6.59
C LYS B 64 21.72 28.47 7.96
N THR B 65 22.18 27.39 8.61
CA THR B 65 22.61 27.50 10.00
C THR B 65 24.13 27.58 10.14
N ALA B 66 24.83 27.70 9.01
CA ALA B 66 26.29 27.80 9.05
C ALA B 66 26.82 28.74 7.97
N SER B 67 28.01 29.29 8.22
CA SER B 67 28.77 30.01 7.20
C SER B 67 29.93 29.12 6.75
N PHE B 68 30.27 29.18 5.47
CA PHE B 68 31.36 28.36 4.96
C PHE B 68 32.51 29.21 4.43
N TYR B 69 33.49 29.46 5.30
CA TYR B 69 34.64 30.29 4.96
C TYR B 69 35.65 29.56 4.10
N THR B 70 36.01 30.17 2.98
CA THR B 70 37.04 29.63 2.10
C THR B 70 38.41 30.08 2.55
N SER B 71 39.44 29.34 2.15
CA SER B 71 40.81 29.66 2.54
C SER B 71 41.73 29.59 1.32
N ASN B 72 42.96 30.04 1.49
CA ASN B 72 43.94 30.02 0.39
C ASN B 72 44.43 28.59 0.12
N PRO B 73 44.79 28.31 -1.13
CA PRO B 73 45.35 27.00 -1.47
C PRO B 73 46.61 26.70 -0.65
N SER B 74 46.76 25.44 -0.22
CA SER B 74 47.88 25.05 0.62
C SER B 74 48.60 23.83 0.06
N PRO B 75 49.92 23.94 -0.11
CA PRO B 75 50.73 22.81 -0.58
C PRO B 75 50.75 21.67 0.43
N HIS B 76 50.52 22.00 1.69
CA HIS B 76 50.51 21.00 2.77
C HIS B 76 49.25 20.14 2.70
N LEU B 77 48.22 20.66 2.06
CA LEU B 77 46.99 19.92 1.82
C LEU B 77 46.91 19.52 0.36
N ASN B 78 48.07 19.34 -0.26
CA ASN B 78 48.20 18.98 -1.67
C ASN B 78 47.37 19.88 -2.61
N GLY B 79 47.38 21.18 -2.32
CA GLY B 79 46.74 22.14 -3.20
C GLY B 79 45.34 22.56 -2.79
N ARG B 80 44.78 21.87 -1.81
CA ARG B 80 43.41 22.12 -1.38
C ARG B 80 43.18 23.50 -0.78
N ARG B 81 42.06 24.12 -1.12
CA ARG B 81 41.57 25.27 -0.38
C ARG B 81 40.51 24.78 0.59
N ALA B 82 40.93 24.55 1.83
CA ALA B 82 40.07 23.99 2.86
C ALA B 82 38.88 24.89 3.17
N ILE B 83 37.71 24.29 3.31
CA ILE B 83 36.51 25.01 3.70
C ILE B 83 36.33 24.91 5.21
N VAL B 84 36.23 26.06 5.87
CA VAL B 84 36.08 26.08 7.32
C VAL B 84 34.70 26.59 7.72
N PRO B 85 33.80 25.68 8.05
CA PRO B 85 32.45 26.06 8.47
C PRO B 85 32.41 26.56 9.91
N CYS B 86 31.41 27.37 10.23
CA CYS B 86 31.13 27.73 11.61
C CYS B 86 29.67 28.11 11.70
N ALA B 87 29.15 28.19 12.92
CA ALA B 87 27.72 28.37 13.10
C ALA B 87 27.22 29.75 12.65
N ASN B 88 26.00 29.77 12.15
CA ASN B 88 25.32 30.99 11.75
C ASN B 88 23.87 30.93 12.26
N VAL B 89 23.71 31.03 13.57
CA VAL B 89 22.42 30.84 14.23
C VAL B 89 22.58 31.14 15.72
N LEU B 90 21.51 31.61 16.36
CA LEU B 90 21.56 31.86 17.80
C LEU B 90 21.90 30.56 18.52
N GLY B 91 22.80 30.64 19.50
CA GLY B 91 23.29 29.47 20.18
C GLY B 91 24.65 29.07 19.63
N GLY B 92 24.94 29.54 18.42
CA GLY B 92 26.21 29.25 17.79
C GLY B 92 26.43 27.77 17.60
N GLY B 93 27.66 27.34 17.85
CA GLY B 93 28.02 25.94 17.68
C GLY B 93 27.13 24.99 18.46
N SER B 94 26.66 25.44 19.62
CA SER B 94 25.84 24.59 20.48
C SER B 94 24.49 24.26 19.88
N SER B 95 24.09 24.99 18.83
CA SER B 95 22.83 24.70 18.17
C SER B 95 22.97 23.66 17.08
N ILE B 96 24.20 23.37 16.65
CA ILE B 96 24.42 22.51 15.49
C ILE B 96 25.54 21.48 15.63
N ASN B 97 26.10 21.34 16.83
CA ASN B 97 27.30 20.51 16.98
C ASN B 97 27.02 19.01 17.05
N PHE B 98 28.08 18.20 17.14
CA PHE B 98 27.98 16.75 17.21
C PHE B 98 27.49 16.27 18.58
N MET B 99 27.37 17.22 19.51
CA MET B 99 26.90 16.95 20.86
C MET B 99 27.83 16.06 21.68
N MET B 100 29.11 15.99 21.32
CA MET B 100 30.10 15.26 22.12
C MET B 100 30.53 16.09 23.34
N TYR B 101 30.40 15.49 24.52
CA TYR B 101 30.85 16.12 25.76
C TYR B 101 32.28 15.68 26.10
N THR B 102 33.18 16.64 26.19
CA THR B 102 34.59 16.36 26.44
C THR B 102 35.25 17.49 27.21
N ARG B 103 35.98 17.15 28.27
CA ARG B 103 36.75 18.15 29.01
C ARG B 103 38.24 18.03 28.72
N GLY B 104 38.96 19.14 28.83
CA GLY B 104 40.38 19.16 28.63
C GLY B 104 41.13 18.56 29.81
N SER B 105 42.46 18.62 29.75
CA SER B 105 43.29 18.19 30.86
C SER B 105 43.61 19.38 31.76
N ALA B 106 43.89 19.11 33.03
CA ALA B 106 44.16 20.16 34.01
C ALA B 106 45.29 21.07 33.59
N SER B 107 46.30 20.51 32.92
CA SER B 107 47.47 21.28 32.51
C SER B 107 47.16 22.25 31.37
N ASP B 108 46.10 21.96 30.62
CA ASP B 108 45.73 22.80 29.48
C ASP B 108 45.51 24.25 29.88
N TYR B 109 44.75 24.45 30.95
CA TYR B 109 44.39 25.79 31.38
C TYR B 109 45.51 26.42 32.21
N ASP B 110 46.25 25.60 32.94
CA ASP B 110 47.46 26.05 33.60
C ASP B 110 48.44 26.63 32.59
N ASP B 111 48.52 25.99 31.43
CA ASP B 111 49.47 26.37 30.39
C ASP B 111 49.00 27.59 29.59
N PHE B 112 47.90 28.20 30.01
CA PHE B 112 47.50 29.49 29.46
C PHE B 112 48.44 30.58 29.98
N GLN B 113 49.11 30.26 31.09
CA GLN B 113 50.07 31.17 31.73
C GLN B 113 49.41 32.51 32.06
N ALA B 114 48.18 32.44 32.56
CA ALA B 114 47.42 33.65 32.87
C ALA B 114 46.81 33.56 34.26
N GLU B 115 46.96 34.65 35.02
CA GLU B 115 46.45 34.72 36.39
C GLU B 115 44.93 34.53 36.42
N GLY B 116 44.47 33.58 37.23
CA GLY B 116 43.04 33.36 37.40
C GLY B 116 42.46 32.37 36.40
N TRP B 117 43.29 31.88 35.50
CA TRP B 117 42.86 30.91 34.49
C TRP B 117 43.48 29.54 34.72
N LYS B 118 43.92 29.28 35.94
CA LYS B 118 44.42 27.94 36.26
C LYS B 118 43.25 27.02 36.60
N THR B 119 43.45 25.73 36.40
CA THR B 119 42.37 24.75 36.60
C THR B 119 41.83 24.81 38.02
N LYS B 120 42.70 25.05 38.98
CA LYS B 120 42.28 25.17 40.37
C LYS B 120 41.31 26.34 40.54
N ASP B 121 41.51 27.41 39.79
CA ASP B 121 40.65 28.58 39.85
C ASP B 121 39.33 28.36 39.10
N LEU B 122 39.40 27.62 38.00
CA LEU B 122 38.28 27.48 37.09
C LEU B 122 37.36 26.32 37.42
N LEU B 123 37.83 25.39 38.25
CA LEU B 123 37.09 24.16 38.54
C LEU B 123 35.66 24.39 39.06
N PRO B 124 35.46 25.35 39.99
CA PRO B 124 34.06 25.57 40.38
C PRO B 124 33.20 26.14 39.24
N LEU B 125 33.81 26.85 38.30
CA LEU B 125 33.07 27.36 37.15
C LEU B 125 32.75 26.25 36.15
N MET B 126 33.60 25.22 36.11
CA MET B 126 33.34 24.05 35.26
C MET B 126 32.09 23.33 35.74
N LYS B 127 31.98 23.18 37.06
CA LYS B 127 30.88 22.45 37.66
C LYS B 127 29.58 23.24 37.59
N LYS B 128 29.73 24.56 37.67
CA LYS B 128 28.61 25.50 37.69
C LYS B 128 27.66 25.35 36.50
N THR B 129 28.23 25.05 35.34
CA THR B 129 27.46 25.02 34.09
C THR B 129 26.54 23.81 33.94
N GLU B 130 26.99 22.65 34.42
CA GLU B 130 26.37 21.39 34.04
C GLU B 130 25.45 20.77 35.09
N THR B 131 24.47 20.00 34.61
CA THR B 131 23.79 18.99 35.39
C THR B 131 24.16 17.64 34.80
N TYR B 132 24.90 16.85 35.58
CA TYR B 132 25.52 15.60 35.12
C TYR B 132 24.55 14.44 35.28
N GLN B 133 23.80 14.13 34.24
CA GLN B 133 22.71 13.14 34.33
C GLN B 133 23.16 11.71 34.06
N ARG B 134 24.09 11.21 34.86
CA ARG B 134 24.52 9.82 34.75
C ARG B 134 25.29 9.40 36.00
N ALA B 135 25.65 8.12 36.07
CA ALA B 135 26.34 7.57 37.23
C ALA B 135 27.69 8.27 37.43
N CYS B 136 27.99 8.67 38.66
CA CYS B 136 29.22 9.40 38.91
C CYS B 136 30.01 8.87 40.09
N ASN B 137 31.22 8.38 39.81
CA ASN B 137 32.12 7.90 40.85
C ASN B 137 33.01 9.01 41.40
N ASN B 138 33.01 10.17 40.74
CA ASN B 138 33.82 11.30 41.18
C ASN B 138 33.06 12.62 41.20
N PRO B 139 31.99 12.71 42.02
CA PRO B 139 31.09 13.87 41.99
C PRO B 139 31.75 15.19 42.41
N ASP B 140 32.94 15.14 43.00
CA ASP B 140 33.61 16.36 43.45
C ASP B 140 34.04 17.25 42.29
N ILE B 141 34.19 16.66 41.10
CA ILE B 141 34.60 17.44 39.94
C ILE B 141 33.51 17.53 38.87
N HIS B 142 32.26 17.33 39.26
CA HIS B 142 31.14 17.48 38.32
C HIS B 142 30.00 18.26 38.98
N GLY B 143 29.16 18.86 38.14
CA GLY B 143 28.05 19.67 38.61
C GLY B 143 26.72 18.96 38.47
N PHE B 144 25.77 19.29 39.33
CA PHE B 144 24.49 18.61 39.34
C PHE B 144 23.30 19.57 39.44
N GLU B 145 23.56 20.85 39.20
CA GLU B 145 22.52 21.87 39.31
C GLU B 145 22.55 22.89 38.18
N GLY B 146 23.55 22.78 37.31
CA GLY B 146 23.71 23.72 36.21
C GLY B 146 22.62 23.62 35.16
N PRO B 147 22.43 24.72 34.39
CA PRO B 147 21.37 24.79 33.37
C PRO B 147 21.65 23.95 32.13
N ILE B 148 22.89 23.55 31.88
CA ILE B 148 23.20 22.69 30.73
C ILE B 148 23.21 21.22 31.14
N LYS B 149 22.26 20.45 30.63
CA LYS B 149 22.14 19.05 31.00
C LYS B 149 22.91 18.15 30.05
N VAL B 150 23.70 17.23 30.61
CA VAL B 150 24.48 16.30 29.82
C VAL B 150 24.12 14.86 30.21
N SER B 151 24.11 13.97 29.23
CA SER B 151 23.63 12.60 29.43
C SER B 151 24.05 11.68 28.30
N PHE B 152 23.67 10.41 28.40
CA PHE B 152 23.96 9.44 27.36
C PHE B 152 22.83 9.39 26.33
N GLY B 153 21.92 10.36 26.40
CA GLY B 153 20.79 10.41 25.49
C GLY B 153 19.77 9.33 25.80
N ASN B 154 18.82 9.14 24.88
CA ASN B 154 17.77 8.16 25.10
C ASN B 154 17.80 7.07 24.04
N TYR B 155 19.02 6.75 23.60
CA TYR B 155 19.25 5.63 22.69
C TYR B 155 20.74 5.37 22.58
N THR B 156 21.13 4.11 22.62
CA THR B 156 22.53 3.77 22.48
C THR B 156 22.73 2.71 21.40
N TYR B 157 23.43 3.08 20.33
CA TYR B 157 23.80 2.10 19.31
C TYR B 157 24.79 1.11 19.89
N PRO B 158 24.60 -0.19 19.59
CA PRO B 158 25.41 -1.28 20.12
C PRO B 158 26.90 -1.25 19.76
N VAL B 159 27.35 -0.27 18.98
CA VAL B 159 28.79 -0.14 18.70
C VAL B 159 29.55 0.22 19.98
N CYS B 160 28.82 0.71 20.98
CA CYS B 160 29.40 1.19 22.23
C CYS B 160 30.33 0.18 22.90
N GLN B 161 29.78 -0.94 23.37
CA GLN B 161 30.58 -1.89 24.12
C GLN B 161 31.46 -2.74 23.20
N ASP B 162 31.03 -2.87 21.95
CA ASP B 162 31.83 -3.53 20.93
C ASP B 162 33.17 -2.79 20.78
N PHE B 163 33.09 -1.48 20.65
CA PHE B 163 34.27 -0.63 20.53
C PHE B 163 35.18 -0.73 21.75
N LEU B 164 34.58 -0.75 22.93
CA LEU B 164 35.34 -0.77 24.18
C LEU B 164 36.09 -2.09 24.37
N ARG B 165 35.47 -3.20 23.97
CA ARG B 165 36.15 -4.49 24.04
C ARG B 165 37.35 -4.51 23.09
N ALA B 166 37.16 -3.96 21.89
CA ALA B 166 38.22 -3.94 20.89
C ALA B 166 39.38 -3.05 21.32
N SER B 167 39.06 -1.86 21.84
CA SER B 167 40.10 -0.93 22.25
C SER B 167 40.86 -1.42 23.48
N GLU B 168 40.19 -2.19 24.34
CA GLU B 168 40.86 -2.76 25.50
C GLU B 168 41.95 -3.74 25.08
N SER B 169 41.64 -4.53 24.05
CA SER B 169 42.60 -5.51 23.56
C SER B 169 43.84 -4.86 22.95
N GLN B 170 43.78 -3.54 22.76
CA GLN B 170 44.91 -2.79 22.22
C GLN B 170 45.74 -2.07 23.29
N GLY B 171 45.37 -2.27 24.56
CA GLY B 171 46.08 -1.61 25.64
C GLY B 171 45.53 -0.23 25.97
N ILE B 172 44.30 0.02 25.54
CA ILE B 172 43.61 1.26 25.91
C ILE B 172 42.53 0.94 26.93
N PRO B 173 42.80 1.22 28.22
CA PRO B 173 41.93 0.77 29.31
C PRO B 173 40.61 1.53 29.40
N TYR B 174 39.54 0.80 29.70
CA TYR B 174 38.26 1.42 29.98
C TYR B 174 38.34 2.23 31.26
N VAL B 175 37.75 3.42 31.25
CA VAL B 175 37.58 4.21 32.47
C VAL B 175 36.11 4.64 32.61
N ASP B 176 35.68 4.87 33.86
CA ASP B 176 34.34 5.35 34.11
C ASP B 176 34.16 6.79 33.67
N ASP B 177 35.27 7.54 33.66
CA ASP B 177 35.24 8.96 33.29
C ASP B 177 36.54 9.40 32.66
N LEU B 178 36.55 9.55 31.34
CA LEU B 178 37.72 10.00 30.60
C LEU B 178 37.85 11.51 30.70
N GLU B 179 36.85 12.15 31.30
CA GLU B 179 36.82 13.60 31.40
C GLU B 179 37.07 14.04 32.84
N ASP B 180 38.07 13.42 33.47
CA ASP B 180 38.38 13.67 34.88
C ASP B 180 39.56 14.63 35.03
N LEU B 181 39.90 15.31 33.93
CA LEU B 181 40.95 16.32 33.89
C LEU B 181 42.36 15.78 34.11
N VAL B 182 42.51 14.46 34.18
CA VAL B 182 43.82 13.87 34.45
C VAL B 182 44.20 12.74 33.48
N THR B 183 43.22 11.95 33.04
CA THR B 183 43.51 10.78 32.23
C THR B 183 43.75 11.15 30.76
N ALA B 184 44.85 10.65 30.20
CA ALA B 184 45.24 10.98 28.83
C ALA B 184 45.33 9.75 27.93
N HIS B 185 45.14 8.58 28.51
CA HIS B 185 45.18 7.33 27.75
C HIS B 185 44.10 6.39 28.27
N GLY B 186 42.96 6.36 27.57
CA GLY B 186 41.84 5.53 27.99
C GLY B 186 40.66 5.56 27.03
N ALA B 187 39.64 4.76 27.34
CA ALA B 187 38.46 4.64 26.51
C ALA B 187 37.20 4.75 27.36
N GLU B 188 36.12 5.30 26.79
CA GLU B 188 34.90 5.48 27.55
C GLU B 188 33.64 5.50 26.67
N HIS B 189 32.52 5.24 27.33
CA HIS B 189 31.19 5.52 26.83
C HIS B 189 31.05 7.05 26.74
N TRP B 190 30.80 7.58 25.54
CA TRP B 190 30.93 9.02 25.37
C TRP B 190 29.64 9.81 25.65
N LEU B 191 29.76 10.80 26.52
CA LEU B 191 28.65 11.65 26.95
C LEU B 191 28.18 12.59 25.86
N LYS B 192 26.96 13.10 26.02
CA LYS B 192 26.34 13.96 25.01
C LYS B 192 25.78 15.24 25.61
N TRP B 193 25.77 16.31 24.82
CA TRP B 193 25.08 17.55 25.19
C TRP B 193 23.58 17.38 24.92
N ILE B 194 22.97 16.45 25.64
CA ILE B 194 21.57 16.13 25.49
C ILE B 194 20.90 15.98 26.85
N ASN B 195 19.77 16.64 27.05
CA ASN B 195 18.97 16.46 28.25
C ASN B 195 18.13 15.18 28.11
N ARG B 196 18.43 14.17 28.91
CA ARG B 196 17.74 12.89 28.78
C ARG B 196 16.29 12.99 29.24
N ASP B 197 15.98 13.97 30.08
CA ASP B 197 14.59 14.15 30.53
C ASP B 197 13.66 14.50 29.36
N THR B 198 14.14 15.35 28.47
CA THR B 198 13.32 15.83 27.34
C THR B 198 13.68 15.17 26.01
N GLY B 199 14.86 14.55 25.95
CA GLY B 199 15.36 14.00 24.70
C GLY B 199 15.77 15.08 23.72
N ARG B 200 16.05 16.28 24.23
CA ARG B 200 16.42 17.42 23.41
C ARG B 200 17.90 17.79 23.54
N ARG B 201 18.43 18.38 22.48
CA ARG B 201 19.78 18.97 22.51
C ARG B 201 19.87 20.05 23.57
N SER B 202 21.01 20.12 24.26
CA SER B 202 21.28 21.23 25.18
C SER B 202 22.11 22.29 24.48
N ASP B 203 21.58 23.51 24.36
CA ASP B 203 22.32 24.61 23.75
C ASP B 203 22.33 25.84 24.66
N SER B 204 23.26 26.75 24.42
CA SER B 204 23.44 27.91 25.29
C SER B 204 22.26 28.87 25.26
N ALA B 205 21.62 29.01 24.10
CA ALA B 205 20.54 29.97 23.96
C ALA B 205 19.34 29.57 24.83
N HIS B 206 18.88 28.32 24.71
CA HIS B 206 17.76 27.86 25.51
C HIS B 206 18.11 27.83 27.01
N ALA B 207 19.31 27.38 27.32
CA ALA B 207 19.72 27.27 28.71
C ALA B 207 19.86 28.63 29.41
N PHE B 208 20.48 29.59 28.73
CA PHE B 208 20.83 30.85 29.38
C PHE B 208 19.98 32.04 28.96
N VAL B 209 19.56 32.07 27.69
CA VAL B 209 18.92 33.26 27.15
C VAL B 209 17.39 33.17 27.18
N HIS B 210 16.83 32.15 26.54
CA HIS B 210 15.38 32.02 26.44
C HIS B 210 14.75 31.80 27.81
N SER B 211 15.43 31.05 28.67
CA SER B 211 14.98 30.84 30.04
C SER B 211 14.87 32.17 30.78
N THR B 212 15.91 33.00 30.64
CA THR B 212 15.95 34.30 31.28
C THR B 212 14.88 35.24 30.76
N MET B 213 14.76 35.33 29.44
CA MET B 213 13.82 36.23 28.81
C MET B 213 12.37 35.86 29.11
N ARG B 214 12.13 34.61 29.50
CA ARG B 214 10.78 34.11 29.72
C ARG B 214 10.34 34.53 31.15
N ASN B 215 11.30 35.02 31.94
CA ASN B 215 11.07 35.20 33.37
C ASN B 215 11.57 36.54 33.92
N HIS B 216 12.19 37.29 33.03
CA HIS B 216 12.75 38.60 33.40
C HIS B 216 12.62 39.53 32.22
N ASP B 217 12.83 40.83 32.43
CA ASP B 217 12.58 41.80 31.38
C ASP B 217 13.82 42.55 30.91
N ASN B 218 14.97 42.34 31.55
CA ASN B 218 16.12 43.19 31.27
C ASN B 218 17.07 42.66 30.19
N LEU B 219 16.72 41.53 29.59
CA LEU B 219 17.53 40.96 28.51
C LEU B 219 16.82 41.11 27.16
N TYR B 220 17.52 41.73 26.20
CA TYR B 220 16.98 41.99 24.88
C TYR B 220 17.70 41.16 23.82
N LEU B 221 16.94 40.62 22.88
CA LEU B 221 17.48 39.75 21.85
C LEU B 221 17.40 40.40 20.46
N ILE B 222 18.55 40.52 19.80
CA ILE B 222 18.64 41.17 18.50
C ILE B 222 19.32 40.26 17.46
N CYS B 223 18.51 39.48 16.76
CA CYS B 223 19.03 38.52 15.79
C CYS B 223 19.02 39.08 14.37
N ASN B 224 19.56 38.29 13.42
CA ASN B 224 19.63 38.65 12.01
C ASN B 224 20.39 39.96 11.81
N THR B 225 21.33 40.23 12.70
CA THR B 225 22.02 41.50 12.75
C THR B 225 23.53 41.28 12.84
N LYS B 226 24.27 41.73 11.83
CA LYS B 226 25.71 41.49 11.80
C LYS B 226 26.51 42.67 12.33
N VAL B 227 27.43 42.39 13.24
CA VAL B 227 28.28 43.41 13.81
C VAL B 227 29.38 43.82 12.84
N ASP B 228 29.40 45.11 12.50
CA ASP B 228 30.42 45.67 11.60
C ASP B 228 31.68 46.00 12.37
N LYS B 229 31.62 47.04 13.20
CA LYS B 229 32.78 47.48 13.96
C LYS B 229 32.39 48.07 15.31
N ILE B 230 33.38 48.18 16.19
CA ILE B 230 33.20 48.78 17.50
C ILE B 230 33.72 50.22 17.49
N ILE B 231 32.88 51.14 17.96
CA ILE B 231 33.21 52.56 17.94
C ILE B 231 33.80 53.04 19.26
N VAL B 232 34.98 53.65 19.19
CA VAL B 232 35.68 54.11 20.38
C VAL B 232 35.56 55.63 20.56
N GLU B 233 35.17 56.03 21.78
CA GLU B 233 35.08 57.45 22.13
C GLU B 233 35.85 57.73 23.41
N ASP B 234 36.89 58.54 23.29
CA ASP B 234 37.77 58.89 24.41
C ASP B 234 38.38 57.66 25.07
N GLY B 235 38.91 56.75 24.25
CA GLY B 235 39.55 55.55 24.75
C GLY B 235 38.62 54.53 25.38
N ARG B 236 37.32 54.70 25.16
CA ARG B 236 36.33 53.77 25.70
C ARG B 236 35.47 53.18 24.58
N ALA B 237 35.29 51.86 24.62
CA ALA B 237 34.38 51.19 23.69
C ALA B 237 32.96 51.63 23.99
N ALA B 238 32.39 52.47 23.13
CA ALA B 238 31.15 53.15 23.46
C ALA B 238 29.95 52.67 22.64
N ALA B 239 30.20 52.24 21.41
CA ALA B 239 29.10 51.87 20.54
C ALA B 239 29.47 50.79 19.53
N VAL B 240 28.46 50.21 18.92
CA VAL B 240 28.64 49.20 17.89
C VAL B 240 27.83 49.56 16.65
N ARG B 241 28.47 49.50 15.49
CA ARG B 241 27.76 49.69 14.24
C ARG B 241 27.37 48.34 13.67
N THR B 242 26.10 48.16 13.33
CA THR B 242 25.63 46.90 12.77
C THR B 242 24.94 47.09 11.43
N VAL B 243 24.93 46.02 10.64
CA VAL B 243 24.22 46.00 9.36
C VAL B 243 23.35 44.75 9.33
N PRO B 244 22.33 44.73 8.45
CA PRO B 244 21.52 43.51 8.34
C PRO B 244 22.37 42.34 7.85
N SER B 245 22.05 41.13 8.27
CA SER B 245 22.82 39.97 7.82
C SER B 245 22.55 39.68 6.35
N LYS B 246 21.41 40.14 5.85
CA LYS B 246 21.09 40.01 4.42
C LYS B 246 20.89 41.40 3.80
N PRO B 247 21.82 41.81 2.91
CA PRO B 247 21.71 43.10 2.23
C PRO B 247 20.66 43.08 1.13
N LEU B 248 19.41 43.38 1.48
CA LEU B 248 18.29 43.23 0.56
C LEU B 248 17.87 44.54 -0.11
N ASN B 249 18.60 45.62 0.16
CA ASN B 249 18.27 46.92 -0.42
C ASN B 249 19.51 47.72 -0.78
N PRO B 250 20.16 47.36 -1.90
CA PRO B 250 21.45 47.94 -2.30
C PRO B 250 21.32 49.40 -2.68
N LYS B 251 20.14 49.81 -3.09
CA LYS B 251 19.90 51.19 -3.52
C LYS B 251 20.05 52.16 -2.35
N LYS B 252 19.77 51.67 -1.15
CA LYS B 252 19.93 52.48 0.06
C LYS B 252 20.21 51.60 1.26
N PRO B 253 21.47 51.16 1.42
CA PRO B 253 21.87 50.28 2.53
C PRO B 253 21.61 50.91 3.89
N SER B 254 21.20 50.09 4.85
CA SER B 254 20.90 50.58 6.19
C SER B 254 21.94 50.13 7.20
N HIS B 255 21.94 50.77 8.37
CA HIS B 255 22.80 50.38 9.46
C HIS B 255 22.22 50.90 10.77
N LYS B 256 22.59 50.28 11.87
CA LYS B 256 22.15 50.73 13.18
C LYS B 256 23.34 50.91 14.12
N ILE B 257 23.18 51.80 15.09
CA ILE B 257 24.21 51.98 16.11
C ILE B 257 23.61 51.72 17.48
N TYR B 258 24.25 50.83 18.22
CA TYR B 258 23.84 50.51 19.59
C TYR B 258 24.93 50.97 20.55
N ARG B 259 24.53 51.60 21.65
CA ARG B 259 25.49 52.13 22.61
C ARG B 259 25.52 51.31 23.89
N ALA B 260 26.67 51.28 24.55
CA ALA B 260 26.80 50.61 25.83
C ALA B 260 27.32 51.56 26.90
N ARG B 261 26.67 51.57 28.05
CA ARG B 261 27.09 52.45 29.13
C ARG B 261 28.24 51.84 29.92
N LYS B 262 28.14 50.55 30.25
CA LYS B 262 29.09 49.95 31.19
C LYS B 262 30.08 48.96 30.59
N GLN B 263 29.64 48.15 29.63
CA GLN B 263 30.50 47.06 29.14
C GLN B 263 30.11 46.55 27.76
N ILE B 264 31.12 46.25 26.95
CA ILE B 264 30.92 45.54 25.69
C ILE B 264 31.72 44.24 25.72
N VAL B 265 31.08 43.13 25.37
CA VAL B 265 31.78 41.86 25.26
C VAL B 265 31.69 41.34 23.83
N LEU B 266 32.85 41.04 23.25
CA LEU B 266 32.91 40.51 21.89
C LEU B 266 32.99 38.99 21.91
N SER B 267 31.99 38.33 21.33
CA SER B 267 31.91 36.88 21.34
C SER B 267 31.50 36.34 19.97
N CYS B 268 32.12 36.83 18.92
CA CYS B 268 31.72 36.42 17.57
C CYS B 268 32.45 35.17 17.09
N GLY B 269 33.24 34.58 17.96
CA GLY B 269 33.94 33.35 17.61
C GLY B 269 35.33 33.59 17.05
N THR B 270 36.13 32.54 17.01
CA THR B 270 37.53 32.62 16.62
C THR B 270 37.75 33.21 15.23
N ILE B 271 36.88 32.85 14.28
CA ILE B 271 37.01 33.34 12.91
C ILE B 271 36.57 34.80 12.78
N SER B 272 35.50 35.17 13.48
CA SER B 272 34.84 36.45 13.25
C SER B 272 35.26 37.59 14.18
N SER B 273 35.55 37.27 15.43
CA SER B 273 35.98 38.30 16.39
C SER B 273 37.19 39.13 15.93
N PRO B 274 38.23 38.50 15.34
CA PRO B 274 39.35 39.35 14.92
C PRO B 274 38.95 40.26 13.76
N LEU B 275 38.04 39.79 12.93
CA LEU B 275 37.56 40.59 11.81
C LEU B 275 36.85 41.85 12.34
N VAL B 276 36.09 41.69 13.40
CA VAL B 276 35.43 42.82 14.04
C VAL B 276 36.46 43.79 14.62
N LEU B 277 37.45 43.25 15.31
CA LEU B 277 38.52 44.07 15.90
C LEU B 277 39.29 44.80 14.81
N GLN B 278 39.66 44.09 13.75
CA GLN B 278 40.42 44.68 12.65
C GLN B 278 39.63 45.79 11.95
N ARG B 279 38.33 45.58 11.78
CA ARG B 279 37.48 46.62 11.18
C ARG B 279 37.35 47.82 12.11
N SER B 280 37.59 47.59 13.40
CA SER B 280 37.48 48.64 14.41
C SER B 280 38.80 49.40 14.58
N GLY B 281 39.83 48.96 13.85
CA GLY B 281 41.11 49.63 13.89
C GLY B 281 42.11 49.01 14.85
N PHE B 282 41.84 47.79 15.28
CA PHE B 282 42.77 47.06 16.14
C PHE B 282 43.56 46.02 15.35
N GLY B 283 44.86 46.23 15.20
CA GLY B 283 45.69 45.25 14.51
C GLY B 283 47.03 45.77 14.04
N ASP B 284 47.55 45.14 13.01
CA ASP B 284 48.79 45.56 12.34
C ASP B 284 48.48 46.72 11.42
N PRO B 285 49.03 47.91 11.72
CA PRO B 285 48.77 49.15 10.98
C PRO B 285 49.01 49.02 9.48
N ILE B 286 50.06 48.30 9.10
CA ILE B 286 50.38 48.11 7.69
C ILE B 286 49.28 47.29 7.00
N LYS B 287 48.89 46.18 7.62
CA LYS B 287 47.83 45.33 7.07
C LYS B 287 46.47 46.02 7.10
N LEU B 288 46.19 46.77 8.16
CA LEU B 288 44.93 47.50 8.27
C LEU B 288 44.78 48.53 7.16
N ARG B 289 45.85 49.29 6.92
CA ARG B 289 45.84 50.29 5.86
C ARG B 289 45.74 49.63 4.48
N ALA B 290 46.33 48.45 4.35
CA ALA B 290 46.25 47.68 3.12
C ALA B 290 44.82 47.21 2.87
N ALA B 291 44.02 47.19 3.93
CA ALA B 291 42.64 46.75 3.84
C ALA B 291 41.67 47.93 3.90
N GLY B 292 42.20 49.14 3.87
CA GLY B 292 41.38 50.34 3.82
C GLY B 292 40.83 50.80 5.16
N VAL B 293 41.43 50.33 6.25
CA VAL B 293 41.00 50.71 7.58
C VAL B 293 42.04 51.60 8.28
N LYS B 294 41.57 52.67 8.92
CA LYS B 294 42.45 53.55 9.67
C LYS B 294 42.83 52.94 11.01
N PRO B 295 44.14 52.73 11.23
CA PRO B 295 44.65 52.14 12.49
C PRO B 295 44.29 52.97 13.71
N LEU B 296 44.00 52.30 14.82
CA LEU B 296 43.68 52.98 16.07
C LEU B 296 44.56 52.47 17.20
N VAL B 297 44.71 51.16 17.28
CA VAL B 297 45.53 50.53 18.30
C VAL B 297 46.48 49.51 17.66
N ASN B 298 47.77 49.64 17.96
CA ASN B 298 48.78 48.74 17.42
C ASN B 298 48.78 47.39 18.13
N LEU B 299 48.08 46.42 17.54
CA LEU B 299 47.96 45.07 18.10
C LEU B 299 48.15 43.99 17.05
N PRO B 300 49.40 43.72 16.67
CA PRO B 300 49.71 42.77 15.59
C PRO B 300 49.22 41.33 15.87
N GLY B 301 48.82 41.05 17.10
CA GLY B 301 48.37 39.72 17.48
C GLY B 301 46.97 39.38 17.02
N VAL B 302 46.18 40.39 16.68
CA VAL B 302 44.80 40.18 16.24
C VAL B 302 44.75 39.41 14.92
N GLY B 303 44.22 38.19 14.98
CA GLY B 303 44.10 37.36 13.80
C GLY B 303 45.24 36.38 13.67
N ARG B 304 46.21 36.49 14.57
CA ARG B 304 47.36 35.60 14.57
C ARG B 304 47.14 34.45 15.54
N ASN B 305 48.03 33.45 15.49
CA ASN B 305 48.00 32.34 16.43
C ASN B 305 46.72 31.49 16.27
N PHE B 306 46.25 31.37 15.04
CA PHE B 306 45.06 30.57 14.73
C PHE B 306 45.34 29.09 14.93
N GLN B 307 44.59 28.49 15.85
CA GLN B 307 44.75 27.07 16.14
C GLN B 307 43.43 26.33 15.94
N ASP B 308 43.52 25.00 15.86
CA ASP B 308 42.35 24.17 15.64
C ASP B 308 42.74 22.73 15.95
N HIS B 309 41.76 21.85 15.93
CA HIS B 309 42.04 20.42 15.91
C HIS B 309 41.88 19.94 14.48
N TYR B 310 42.79 19.09 14.04
CA TYR B 310 42.76 18.63 12.65
C TYR B 310 42.15 17.23 12.62
N CYS B 311 41.05 17.06 11.90
CA CYS B 311 40.33 15.80 11.93
C CYS B 311 40.27 15.10 10.58
N PHE B 312 39.91 13.81 10.61
CA PHE B 312 39.59 13.07 9.39
C PHE B 312 38.69 11.88 9.72
N PHE B 313 37.95 11.42 8.71
CA PHE B 313 36.96 10.38 8.89
C PHE B 313 37.32 9.15 8.07
N SER B 314 37.17 7.97 8.67
CA SER B 314 37.43 6.72 7.98
C SER B 314 36.28 5.74 8.17
N PRO B 315 35.47 5.52 7.11
CA PRO B 315 34.26 4.71 7.25
C PRO B 315 34.48 3.22 7.06
N TYR B 316 33.71 2.41 7.78
CA TYR B 316 33.77 0.97 7.64
C TYR B 316 32.40 0.36 7.36
N ARG B 317 32.41 -0.75 6.64
CA ARG B 317 31.25 -1.59 6.42
C ARG B 317 30.80 -2.25 7.73
N ILE B 318 29.49 -2.31 8.00
CA ILE B 318 29.01 -3.13 9.11
C ILE B 318 28.14 -4.28 8.59
N LYS B 319 28.01 -5.34 9.39
CA LYS B 319 27.19 -6.48 9.02
C LYS B 319 25.72 -6.08 8.93
N PRO B 320 24.98 -6.69 7.98
CA PRO B 320 23.61 -6.26 7.68
C PRO B 320 22.65 -6.33 8.87
N GLN B 321 22.96 -7.13 9.89
CA GLN B 321 22.05 -7.26 11.02
C GLN B 321 22.20 -6.13 12.04
N TYR B 322 23.27 -5.35 11.96
CA TYR B 322 23.52 -4.31 12.96
C TYR B 322 22.92 -2.97 12.58
N GLU B 323 22.83 -2.07 13.55
CA GLU B 323 22.13 -0.80 13.35
C GLU B 323 23.08 0.36 13.02
N SER B 324 22.55 1.32 12.27
CA SER B 324 23.23 2.59 12.01
C SER B 324 22.17 3.62 11.67
N PHE B 325 22.57 4.89 11.55
CA PHE B 325 21.58 5.92 11.20
C PHE B 325 21.59 6.23 9.71
N ASP B 326 22.23 5.38 8.92
CA ASP B 326 22.44 5.66 7.50
C ASP B 326 21.14 5.82 6.69
N ASP B 327 20.21 4.89 6.85
CA ASP B 327 18.95 4.98 6.11
C ASP B 327 18.16 6.22 6.52
N PHE B 328 18.22 6.54 7.81
CA PHE B 328 17.59 7.74 8.33
C PHE B 328 18.14 9.01 7.67
N VAL B 329 19.45 9.18 7.60
CA VAL B 329 19.93 10.45 7.05
C VAL B 329 20.01 10.37 5.52
N ARG B 330 19.90 9.17 4.94
CA ARG B 330 19.76 9.08 3.49
C ARG B 330 18.41 9.61 3.03
N GLY B 331 17.39 9.48 3.87
CA GLY B 331 16.08 10.02 3.58
C GLY B 331 14.99 8.98 3.37
N ASP B 332 15.16 7.79 3.96
CA ASP B 332 14.15 6.75 3.87
C ASP B 332 12.89 7.19 4.62
N ALA B 333 11.77 7.26 3.91
CA ALA B 333 10.55 7.86 4.45
C ALA B 333 9.96 7.07 5.61
N GLU B 334 9.86 5.75 5.46
CA GLU B 334 9.26 4.93 6.50
C GLU B 334 10.10 4.92 7.76
N ILE B 335 11.42 4.85 7.60
CA ILE B 335 12.30 4.81 8.77
C ILE B 335 12.30 6.18 9.48
N GLN B 336 12.32 7.26 8.72
CA GLN B 336 12.21 8.60 9.32
C GLN B 336 10.91 8.75 10.09
N LYS B 337 9.82 8.24 9.52
CA LYS B 337 8.51 8.31 10.15
C LYS B 337 8.49 7.57 11.50
N ARG B 338 9.07 6.38 11.55
CA ARG B 338 9.07 5.60 12.79
C ARG B 338 9.97 6.23 13.86
N VAL B 339 11.10 6.78 13.43
CA VAL B 339 12.02 7.44 14.35
C VAL B 339 11.40 8.68 15.00
N PHE B 340 10.73 9.50 14.20
CA PHE B 340 10.03 10.68 14.72
C PHE B 340 8.84 10.28 15.60
N ASP B 341 8.11 9.25 15.19
CA ASP B 341 6.94 8.79 15.94
C ASP B 341 7.31 8.36 17.35
N GLN B 342 8.45 7.66 17.48
CA GLN B 342 8.88 7.23 18.80
C GLN B 342 9.25 8.43 19.67
N TRP B 343 9.91 9.42 19.06
CA TRP B 343 10.30 10.61 19.82
C TRP B 343 9.08 11.41 20.27
N TYR B 344 8.08 11.54 19.40
CA TYR B 344 6.85 12.23 19.75
C TYR B 344 6.11 11.50 20.87
N ALA B 345 6.19 10.16 20.85
CA ALA B 345 5.52 9.34 21.83
C ALA B 345 6.09 9.52 23.24
N ASN B 346 7.40 9.48 23.40
CA ASN B 346 8.00 9.57 24.72
C ASN B 346 9.44 10.04 24.75
N GLY B 347 9.89 10.71 23.69
CA GLY B 347 11.22 11.29 23.67
C GLY B 347 12.39 10.32 23.64
N THR B 348 12.16 9.09 23.19
CA THR B 348 13.23 8.10 23.11
C THR B 348 13.45 7.63 21.68
N GLY B 349 14.46 6.80 21.47
CA GLY B 349 14.76 6.29 20.14
C GLY B 349 15.89 7.02 19.46
N PRO B 350 16.26 6.59 18.25
CA PRO B 350 17.42 7.09 17.50
C PRO B 350 17.48 8.62 17.36
N LEU B 351 16.35 9.30 17.45
CA LEU B 351 16.35 10.76 17.31
C LEU B 351 16.96 11.45 18.53
N ALA B 352 17.05 10.72 19.65
CA ALA B 352 17.53 11.28 20.90
C ALA B 352 18.99 10.92 21.20
N THR B 353 19.79 10.75 20.15
CA THR B 353 21.22 10.48 20.31
C THR B 353 22.01 11.07 19.14
N ASN B 354 23.34 11.09 19.27
CA ASN B 354 24.19 11.54 18.19
C ASN B 354 24.85 10.36 17.47
N GLY B 355 24.69 9.17 18.02
CA GLY B 355 25.28 7.97 17.45
C GLY B 355 26.78 7.89 17.64
N ILE B 356 27.33 8.81 18.44
CA ILE B 356 28.74 8.78 18.75
C ILE B 356 28.91 8.22 20.16
N GLU B 357 29.06 6.91 20.25
CA GLU B 357 28.79 6.22 21.52
C GLU B 357 30.02 5.86 22.35
N ALA B 358 31.17 5.78 21.71
CA ALA B 358 32.38 5.44 22.43
C ALA B 358 33.58 6.06 21.76
N GLY B 359 34.65 6.21 22.52
CA GLY B 359 35.82 6.89 22.02
C GLY B 359 37.05 6.72 22.89
N VAL B 360 38.08 7.48 22.55
CA VAL B 360 39.42 7.18 23.05
C VAL B 360 40.29 8.44 23.13
N LYS B 361 41.08 8.55 24.19
CA LYS B 361 42.20 9.48 24.26
C LYS B 361 43.47 8.66 24.32
N ILE B 362 44.46 8.97 23.49
CA ILE B 362 45.66 8.13 23.48
C ILE B 362 46.99 8.87 23.41
N ARG B 363 48.00 8.26 24.03
CA ARG B 363 49.40 8.67 23.93
C ARG B 363 50.21 7.51 23.39
N PRO B 364 51.28 7.82 22.64
CA PRO B 364 52.10 6.74 22.09
C PRO B 364 52.97 6.07 23.16
N THR B 365 53.18 4.77 23.04
CA THR B 365 54.17 4.08 23.86
C THR B 365 55.55 4.47 23.36
N PRO B 366 56.60 4.31 24.19
CA PRO B 366 57.95 4.62 23.72
C PRO B 366 58.37 3.85 22.47
N GLU B 367 57.87 2.63 22.30
CA GLU B 367 58.15 1.86 21.10
C GLU B 367 57.48 2.47 19.87
N GLU B 368 56.21 2.84 20.01
CA GLU B 368 55.46 3.48 18.93
C GLU B 368 56.13 4.77 18.50
N LEU B 369 56.58 5.55 19.48
CA LEU B 369 57.31 6.78 19.22
C LEU B 369 58.55 6.56 18.36
N SER B 370 59.28 5.49 18.65
CA SER B 370 60.53 5.21 17.96
C SER B 370 60.31 4.85 16.49
N GLN B 371 59.07 4.65 16.10
CA GLN B 371 58.73 4.29 14.73
C GLN B 371 58.24 5.50 13.94
N MET B 372 58.08 6.63 14.62
CA MET B 372 57.52 7.82 13.98
C MET B 372 58.62 8.76 13.46
N ASP B 373 58.20 9.79 12.71
CA ASP B 373 59.10 10.83 12.23
C ASP B 373 59.98 11.36 13.35
N GLU B 374 61.23 11.66 13.03
CA GLU B 374 62.14 12.21 14.02
C GLU B 374 61.63 13.57 14.49
N SER B 375 61.02 14.31 13.59
CA SER B 375 60.51 15.64 13.92
C SER B 375 59.45 15.57 15.02
N PHE B 376 58.56 14.59 14.96
CA PHE B 376 57.54 14.48 16.01
C PHE B 376 58.12 13.88 17.30
N GLN B 377 59.11 13.01 17.17
CA GLN B 377 59.79 12.47 18.35
C GLN B 377 60.36 13.60 19.18
N GLU B 378 60.92 14.60 18.49
CA GLU B 378 61.47 15.77 19.16
C GLU B 378 60.35 16.64 19.71
N GLY B 379 59.28 16.78 18.94
CA GLY B 379 58.12 17.55 19.38
C GLY B 379 57.49 16.95 20.62
N TYR B 380 57.53 15.62 20.71
CA TYR B 380 56.97 14.92 21.87
C TYR B 380 57.76 15.22 23.14
N ARG B 381 59.10 15.22 23.02
CA ARG B 381 59.96 15.55 24.15
C ARG B 381 59.73 16.97 24.62
N GLU B 382 59.58 17.90 23.68
CA GLU B 382 59.41 19.31 24.01
C GLU B 382 58.06 19.64 24.64
N TYR B 383 57.01 18.95 24.20
CA TYR B 383 55.64 19.36 24.51
C TYR B 383 54.87 18.37 25.40
N PHE B 384 55.09 17.08 25.20
CA PHE B 384 54.25 16.07 25.84
C PHE B 384 54.90 15.28 26.98
N GLU B 385 56.21 15.05 26.90
CA GLU B 385 56.86 14.11 27.81
C GLU B 385 56.74 14.48 29.29
N ASP B 386 56.83 15.77 29.59
CA ASP B 386 56.69 16.24 30.97
C ASP B 386 55.28 16.72 31.27
N LYS B 387 54.35 16.44 30.37
CA LYS B 387 52.94 16.76 30.56
C LYS B 387 52.10 15.49 30.43
N PRO B 388 52.19 14.59 31.42
CA PRO B 388 51.59 13.25 31.32
C PRO B 388 50.07 13.23 31.18
N ASP B 389 49.39 14.35 31.38
CA ASP B 389 47.92 14.35 31.34
C ASP B 389 47.35 14.81 29.99
N LYS B 390 48.23 15.17 29.05
CA LYS B 390 47.80 15.60 27.72
C LYS B 390 47.76 14.44 26.73
N PRO B 391 46.59 14.23 26.09
CA PRO B 391 46.48 13.23 25.02
C PRO B 391 47.08 13.73 23.70
N VAL B 392 47.54 12.83 22.85
CA VAL B 392 48.07 13.23 21.55
C VAL B 392 46.99 13.15 20.46
N MET B 393 46.25 12.05 20.43
CA MET B 393 45.16 11.89 19.46
C MET B 393 43.85 11.49 20.15
N HIS B 394 42.75 11.88 19.53
CA HIS B 394 41.45 11.36 19.90
C HIS B 394 40.84 10.63 18.72
N TYR B 395 40.12 9.55 18.99
CA TYR B 395 39.16 9.08 17.99
C TYR B 395 37.98 8.38 18.63
N SER B 396 36.87 8.39 17.91
CA SER B 396 35.62 7.86 18.41
C SER B 396 34.86 7.14 17.30
N ILE B 397 33.88 6.33 17.68
CA ILE B 397 33.12 5.56 16.71
C ILE B 397 31.74 6.18 16.49
N ILE B 398 31.40 6.43 15.23
CA ILE B 398 30.10 6.97 14.86
C ILE B 398 29.27 5.86 14.23
N ALA B 399 28.02 5.70 14.70
CA ALA B 399 27.15 4.61 14.27
C ALA B 399 26.48 4.91 12.93
N GLY B 400 27.30 5.16 11.92
CA GLY B 400 26.81 5.50 10.60
C GLY B 400 27.91 6.22 9.84
N PHE B 401 27.66 6.53 8.58
CA PHE B 401 28.62 7.30 7.81
C PHE B 401 28.36 8.79 8.00
N PHE B 402 29.37 9.51 8.48
CA PHE B 402 29.29 10.96 8.46
C PHE B 402 29.96 11.48 7.20
N GLY B 403 29.16 12.13 6.35
CA GLY B 403 29.61 12.61 5.06
C GLY B 403 28.45 12.59 4.07
N ASP B 404 28.76 12.79 2.79
CA ASP B 404 27.73 12.84 1.77
C ASP B 404 27.33 11.44 1.32
N HIS B 405 26.09 11.04 1.64
CA HIS B 405 25.62 9.70 1.29
C HIS B 405 25.40 9.51 -0.21
N THR B 406 25.33 10.59 -0.98
CA THR B 406 25.18 10.47 -2.42
C THR B 406 26.50 10.11 -3.09
N LYS B 407 27.58 10.09 -2.30
CA LYS B 407 28.92 9.80 -2.84
C LYS B 407 29.54 8.53 -2.23
N ILE B 408 28.71 7.71 -1.58
CA ILE B 408 29.17 6.45 -1.00
C ILE B 408 28.14 5.38 -1.36
N PRO B 409 28.56 4.11 -1.48
CA PRO B 409 27.59 3.09 -1.89
C PRO B 409 26.45 2.91 -0.89
N PRO B 410 25.35 2.28 -1.32
CA PRO B 410 24.28 1.96 -0.37
C PRO B 410 24.75 0.98 0.69
N GLY B 411 23.98 0.83 1.77
CA GLY B 411 24.35 -0.06 2.85
C GLY B 411 24.53 0.69 4.15
N LYS B 412 25.03 -0.01 5.16
CA LYS B 412 25.18 0.59 6.48
C LYS B 412 26.66 0.65 6.87
N TYR B 413 27.01 1.65 7.66
CA TYR B 413 28.40 1.93 7.97
C TYR B 413 28.63 2.29 9.43
N MET B 414 29.90 2.35 9.80
CA MET B 414 30.34 2.99 11.03
C MET B 414 31.58 3.79 10.67
N THR B 415 31.77 4.93 11.32
CA THR B 415 32.89 5.81 10.97
C THR B 415 33.81 6.09 12.15
N MET B 416 35.11 5.94 11.91
CA MET B 416 36.11 6.39 12.88
C MET B 416 36.38 7.87 12.68
N PHE B 417 36.20 8.63 13.77
CA PHE B 417 36.36 10.08 13.74
C PHE B 417 37.58 10.45 14.57
N HIS B 418 38.67 10.88 13.92
CA HIS B 418 39.92 11.22 14.61
C HIS B 418 40.16 12.72 14.62
N PHE B 419 40.86 13.22 15.65
CA PHE B 419 41.48 14.54 15.52
C PHE B 419 42.73 14.71 16.39
N LEU B 420 43.61 15.59 15.94
CA LEU B 420 44.87 15.90 16.62
C LEU B 420 44.64 16.92 17.73
N GLU B 421 45.09 16.58 18.93
CA GLU B 421 44.77 17.34 20.13
C GLU B 421 45.54 18.66 20.32
N TYR B 422 46.84 18.65 20.06
CA TYR B 422 47.65 19.87 20.22
C TYR B 422 48.59 20.06 19.04
N PRO B 423 48.07 20.56 17.91
CA PRO B 423 48.90 20.72 16.71
C PRO B 423 49.99 21.78 16.90
N PHE B 424 51.12 21.61 16.24
CA PHE B 424 52.20 22.59 16.27
C PHE B 424 51.98 23.65 15.21
N SER B 425 51.19 23.31 14.19
CA SER B 425 50.90 24.22 13.09
C SER B 425 50.16 25.46 13.59
N ARG B 426 50.33 26.57 12.86
CA ARG B 426 49.66 27.81 13.22
C ARG B 426 49.18 28.51 11.94
N GLY B 427 48.07 29.22 12.05
CA GLY B 427 47.54 29.96 10.92
C GLY B 427 47.24 31.40 11.27
N SER B 428 46.60 32.11 10.34
CA SER B 428 46.26 33.51 10.55
C SER B 428 45.04 33.90 9.71
N ILE B 429 44.38 34.98 10.10
CA ILE B 429 43.23 35.47 9.34
C ILE B 429 43.18 37.01 9.41
N HIS B 430 42.75 37.62 8.32
CA HIS B 430 42.70 39.08 8.24
C HIS B 430 41.66 39.55 7.22
N ILE B 431 40.98 40.64 7.54
CA ILE B 431 40.01 41.24 6.62
C ILE B 431 40.65 41.66 5.30
N THR B 432 39.86 41.74 4.24
CA THR B 432 40.35 42.16 2.94
C THR B 432 39.90 43.59 2.62
N SER B 433 38.87 44.06 3.32
CA SER B 433 38.33 45.40 3.11
C SER B 433 37.49 45.80 4.33
N PRO B 434 37.01 47.06 4.39
CA PRO B 434 36.17 47.39 5.54
C PRO B 434 34.74 46.87 5.41
N ASP B 435 34.40 46.28 4.26
CA ASP B 435 33.09 45.69 4.04
C ASP B 435 32.86 44.54 5.02
N PRO B 436 31.85 44.69 5.90
CA PRO B 436 31.57 43.63 6.90
C PRO B 436 31.16 42.30 6.27
N TYR B 437 30.66 42.33 5.04
CA TYR B 437 30.25 41.11 4.33
C TYR B 437 31.41 40.42 3.62
N ALA B 438 32.53 41.13 3.46
CA ALA B 438 33.63 40.65 2.63
C ALA B 438 34.32 39.43 3.22
N ALA B 439 34.63 38.46 2.35
CA ALA B 439 35.37 37.27 2.74
C ALA B 439 36.80 37.63 3.14
N PRO B 440 37.23 37.15 4.32
CA PRO B 440 38.58 37.46 4.80
C PRO B 440 39.68 36.68 4.07
N ASP B 441 40.91 37.19 4.19
CA ASP B 441 42.08 36.44 3.74
C ASP B 441 42.42 35.42 4.82
N PHE B 442 42.29 34.14 4.49
CA PHE B 442 42.30 33.08 5.49
C PHE B 442 43.32 31.98 5.19
N ASP B 443 44.26 31.80 6.12
CA ASP B 443 45.18 30.66 6.08
C ASP B 443 45.10 29.94 7.42
N PRO B 444 44.28 28.88 7.49
CA PRO B 444 44.08 28.09 8.70
C PRO B 444 45.36 27.39 9.16
N GLY B 445 46.26 27.13 8.20
CA GLY B 445 47.57 26.58 8.49
C GLY B 445 47.58 25.08 8.77
N PHE B 446 46.53 24.40 8.34
CA PHE B 446 46.40 22.95 8.57
C PHE B 446 47.62 22.19 8.03
N MET B 447 48.26 21.44 8.93
CA MET B 447 49.39 20.56 8.58
C MET B 447 50.63 21.25 8.02
N ASN B 448 50.80 22.55 8.25
CA ASN B 448 51.95 23.23 7.67
C ASN B 448 53.23 23.00 8.48
N ASP B 449 53.07 22.50 9.69
CA ASP B 449 54.21 22.07 10.51
C ASP B 449 54.43 20.57 10.35
N GLU B 450 55.67 20.17 10.10
CA GLU B 450 55.98 18.77 9.78
C GLU B 450 55.75 17.83 10.96
N ARG B 451 55.68 18.37 12.16
CA ARG B 451 55.53 17.55 13.37
C ARG B 451 54.11 16.98 13.51
N ASP B 452 53.17 17.51 12.74
CA ASP B 452 51.77 17.15 12.91
C ASP B 452 51.35 15.93 12.09
N MET B 453 52.23 15.43 11.22
CA MET B 453 51.87 14.33 10.33
C MET B 453 51.88 12.96 11.02
N ALA B 454 52.94 12.68 11.78
CA ALA B 454 53.10 11.36 12.38
C ALA B 454 51.95 10.90 13.29
N PRO B 455 51.42 11.78 14.17
CA PRO B 455 50.33 11.30 15.03
C PRO B 455 49.08 10.92 14.25
N MET B 456 48.82 11.63 13.16
CA MET B 456 47.63 11.36 12.34
C MET B 456 47.74 10.00 11.65
N VAL B 457 48.91 9.72 11.08
CA VAL B 457 49.19 8.42 10.48
C VAL B 457 49.03 7.31 11.51
N TRP B 458 49.64 7.54 12.66
CA TRP B 458 49.55 6.62 13.79
C TRP B 458 48.09 6.30 14.16
N ALA B 459 47.26 7.34 14.23
CA ALA B 459 45.87 7.20 14.65
C ALA B 459 45.04 6.42 13.62
N TYR B 460 45.33 6.62 12.35
CA TYR B 460 44.62 5.86 11.32
C TYR B 460 44.86 4.36 11.50
N LYS B 461 46.12 3.99 11.69
CA LYS B 461 46.49 2.59 11.85
C LYS B 461 45.86 1.99 13.11
N LYS B 462 45.86 2.79 14.17
CA LYS B 462 45.29 2.37 15.45
C LYS B 462 43.78 2.11 15.36
N SER B 463 43.03 3.08 14.84
CA SER B 463 41.57 2.97 14.75
C SER B 463 41.16 1.85 13.77
N ARG B 464 41.95 1.65 12.73
CA ARG B 464 41.67 0.59 11.77
C ARG B 464 41.79 -0.77 12.43
N GLU B 465 42.77 -0.90 13.33
CA GLU B 465 42.95 -2.11 14.10
C GLU B 465 41.79 -2.31 15.07
N THR B 466 41.31 -1.21 15.65
CA THR B 466 40.12 -1.26 16.51
C THR B 466 38.92 -1.77 15.71
N ALA B 467 38.72 -1.17 14.54
CA ALA B 467 37.57 -1.50 13.69
C ALA B 467 37.56 -2.98 13.32
N ARG B 468 38.73 -3.50 12.97
CA ARG B 468 38.81 -4.88 12.50
C ARG B 468 38.62 -5.89 13.62
N ARG B 469 38.62 -5.41 14.86
CA ARG B 469 38.41 -6.28 16.01
C ARG B 469 37.02 -6.13 16.61
N MET B 470 36.16 -5.38 15.93
CA MET B 470 34.78 -5.20 16.36
C MET B 470 33.84 -6.21 15.69
N ASP B 471 32.82 -6.66 16.42
CA ASP B 471 31.84 -7.59 15.87
C ASP B 471 31.09 -6.98 14.69
N HIS B 472 30.91 -5.65 14.73
CA HIS B 472 30.22 -4.93 13.68
C HIS B 472 30.92 -5.02 12.33
N PHE B 473 32.25 -5.13 12.38
CA PHE B 473 33.09 -5.01 11.18
C PHE B 473 32.72 -5.99 10.06
N ALA B 474 32.57 -5.46 8.85
CA ALA B 474 32.25 -6.28 7.68
C ALA B 474 33.05 -5.87 6.45
N GLY B 475 33.97 -4.93 6.60
CA GLY B 475 34.79 -4.51 5.49
C GLY B 475 35.18 -3.04 5.52
N GLU B 476 35.97 -2.65 4.52
CA GLU B 476 36.54 -1.31 4.46
C GLU B 476 36.16 -0.62 3.15
N VAL B 477 35.67 0.61 3.26
CA VAL B 477 35.20 1.34 2.08
C VAL B 477 36.38 1.91 1.29
N THR B 478 36.75 1.23 0.20
CA THR B 478 38.00 1.52 -0.48
C THR B 478 38.11 2.96 -0.98
N SER B 479 37.01 3.51 -1.48
CA SER B 479 37.02 4.87 -2.01
C SER B 479 37.29 5.93 -0.95
N HIS B 480 37.07 5.57 0.32
CA HIS B 480 37.20 6.54 1.41
C HIS B 480 38.35 6.17 2.34
N HIS B 481 39.27 5.35 1.84
CA HIS B 481 40.46 4.97 2.59
C HIS B 481 41.71 5.41 1.83
N PRO B 482 42.88 5.36 2.48
CA PRO B 482 44.10 5.73 1.75
C PRO B 482 44.31 4.90 0.48
N LEU B 483 44.87 5.54 -0.53
CA LEU B 483 45.06 4.92 -1.84
C LEU B 483 46.31 4.04 -1.84
N PHE B 484 46.24 2.93 -1.11
CA PHE B 484 47.34 1.98 -1.05
C PHE B 484 47.66 1.45 -2.45
N PRO B 485 48.91 1.00 -2.66
CA PRO B 485 49.24 0.28 -3.88
C PRO B 485 48.28 -0.88 -4.08
N TYR B 486 47.82 -1.11 -5.31
CA TYR B 486 46.70 -2.03 -5.55
C TYR B 486 46.88 -3.40 -4.91
N SER B 487 48.09 -3.94 -4.99
CA SER B 487 48.33 -5.30 -4.52
C SER B 487 48.99 -5.34 -3.14
N SER B 488 49.03 -4.21 -2.46
CA SER B 488 49.58 -4.17 -1.11
C SER B 488 48.74 -4.99 -0.14
N GLU B 489 49.39 -5.65 0.80
CA GLU B 489 48.68 -6.43 1.79
C GLU B 489 48.05 -5.52 2.84
N ALA B 490 48.28 -4.22 2.71
CA ALA B 490 47.66 -3.23 3.58
C ALA B 490 46.43 -2.58 2.95
N ARG B 491 46.10 -2.99 1.73
CA ARG B 491 45.02 -2.35 0.99
C ARG B 491 43.66 -2.52 1.68
N ALA B 492 42.73 -1.64 1.35
CA ALA B 492 41.38 -1.73 1.88
C ALA B 492 40.64 -2.93 1.30
N LEU B 493 40.02 -3.74 2.16
CA LEU B 493 39.28 -4.91 1.70
C LEU B 493 37.78 -4.73 1.96
N GLU B 494 36.99 -4.79 0.88
CA GLU B 494 35.55 -4.59 0.96
C GLU B 494 34.82 -5.78 1.55
N MET B 495 33.52 -5.63 1.76
CA MET B 495 32.67 -6.73 2.22
C MET B 495 32.69 -7.86 1.20
N ASP B 496 32.51 -9.09 1.66
CA ASP B 496 32.62 -10.24 0.76
C ASP B 496 31.35 -10.45 -0.08
N LEU B 497 31.36 -11.52 -0.86
CA LEU B 497 30.27 -11.86 -1.77
C LEU B 497 28.92 -12.01 -1.05
N GLU B 498 28.89 -12.82 0.00
CA GLU B 498 27.66 -13.08 0.73
C GLU B 498 27.06 -11.80 1.31
N THR B 499 27.90 -10.96 1.91
CA THR B 499 27.45 -9.72 2.51
C THR B 499 26.95 -8.75 1.44
N SER B 500 27.63 -8.71 0.30
CA SER B 500 27.22 -7.88 -0.82
C SER B 500 25.83 -8.26 -1.32
N ASN B 501 25.60 -9.56 -1.43
CA ASN B 501 24.29 -10.08 -1.84
C ASN B 501 23.21 -9.78 -0.82
N ALA B 502 23.58 -9.78 0.47
CA ALA B 502 22.62 -9.46 1.51
C ALA B 502 22.17 -8.02 1.37
N TYR B 503 23.13 -7.13 1.15
CA TYR B 503 22.81 -5.71 1.00
C TYR B 503 22.12 -5.42 -0.34
N GLY B 504 22.50 -6.17 -1.38
CA GLY B 504 21.89 -6.01 -2.69
C GLY B 504 20.45 -6.47 -2.74
N GLY B 505 20.07 -7.40 -1.89
CA GLY B 505 18.71 -7.92 -1.89
C GLY B 505 18.54 -9.09 -2.83
N PRO B 506 17.42 -9.81 -2.70
CA PRO B 506 17.21 -11.05 -3.46
C PRO B 506 16.97 -10.86 -4.95
N LEU B 507 16.70 -9.63 -5.39
CA LEU B 507 16.43 -9.37 -6.79
C LEU B 507 17.62 -8.77 -7.54
N ASN B 508 18.73 -8.55 -6.85
CA ASN B 508 19.89 -7.89 -7.47
C ASN B 508 20.46 -8.70 -8.63
N LEU B 509 21.06 -8.00 -9.59
CA LEU B 509 21.60 -8.64 -10.77
C LEU B 509 23.07 -8.34 -10.98
N SER B 510 23.72 -7.71 -10.00
CA SER B 510 25.13 -7.36 -10.16
C SER B 510 25.97 -7.41 -8.88
N ALA B 511 25.37 -7.81 -7.76
CA ALA B 511 26.15 -7.96 -6.53
C ALA B 511 27.18 -9.06 -6.73
N GLY B 512 28.44 -8.74 -6.47
CA GLY B 512 29.51 -9.70 -6.64
C GLY B 512 29.98 -9.84 -8.08
N LEU B 513 29.55 -8.91 -8.93
CA LEU B 513 30.07 -8.85 -10.29
C LEU B 513 31.42 -8.14 -10.24
N ALA B 514 32.50 -8.92 -10.24
CA ALA B 514 33.84 -8.40 -9.95
C ALA B 514 34.50 -7.67 -11.12
N HIS B 515 34.04 -7.93 -12.34
CA HIS B 515 34.66 -7.40 -13.55
C HIS B 515 34.85 -5.88 -13.52
N GLY B 516 36.11 -5.45 -13.65
CA GLY B 516 36.48 -4.06 -13.49
C GLY B 516 37.52 -3.92 -12.40
N SER B 517 37.49 -4.87 -11.45
CA SER B 517 38.45 -4.92 -10.34
C SER B 517 38.48 -3.63 -9.51
N TRP B 518 37.31 -3.07 -9.27
CA TRP B 518 37.19 -1.84 -8.50
C TRP B 518 37.49 -2.06 -7.02
N THR B 519 37.17 -3.23 -6.51
CA THR B 519 37.42 -3.57 -5.11
C THR B 519 38.02 -4.97 -4.98
N GLN B 520 38.55 -5.26 -3.80
CA GLN B 520 39.00 -6.61 -3.45
C GLN B 520 38.30 -7.03 -2.16
N PRO B 521 37.90 -8.29 -2.07
CA PRO B 521 37.07 -8.77 -0.96
C PRO B 521 37.83 -9.20 0.29
N LEU B 522 37.22 -8.95 1.43
CA LEU B 522 37.68 -9.46 2.71
C LEU B 522 37.67 -10.99 2.72
N LYS B 523 38.70 -11.60 3.28
CA LYS B 523 38.76 -13.06 3.40
C LYS B 523 38.08 -13.51 4.69
N LYS B 524 37.72 -14.80 4.76
CA LYS B 524 37.09 -15.32 5.96
C LYS B 524 38.03 -15.22 7.15
N PRO B 525 37.49 -14.82 8.31
CA PRO B 525 38.28 -14.73 9.54
C PRO B 525 38.62 -16.11 10.09
N THR B 526 39.40 -16.17 11.16
CA THR B 526 39.77 -17.46 11.75
C THR B 526 38.55 -18.13 12.35
N ALA B 527 38.60 -19.46 12.46
CA ALA B 527 37.49 -20.25 12.98
C ALA B 527 37.37 -20.10 14.50
N LYS B 528 36.14 -20.25 15.01
CA LYS B 528 35.91 -20.27 16.44
C LYS B 528 36.57 -21.49 17.09
N ASN B 529 37.08 -21.29 18.30
CA ASN B 529 37.66 -22.38 19.08
C ASN B 529 36.55 -23.21 19.72
N GLU B 530 36.29 -24.39 19.17
CA GLU B 530 35.17 -25.21 19.62
C GLU B 530 35.35 -25.75 21.04
N GLY B 531 36.58 -25.71 21.54
CA GLY B 531 36.87 -26.15 22.90
C GLY B 531 36.60 -25.07 23.94
N HIS B 532 36.20 -23.89 23.49
CA HIS B 532 35.90 -22.79 24.39
C HIS B 532 34.40 -22.62 24.62
N VAL B 533 34.04 -22.03 25.75
CA VAL B 533 32.67 -21.64 26.04
C VAL B 533 32.18 -20.67 24.95
N THR B 534 30.94 -20.85 24.50
CA THR B 534 30.43 -20.13 23.32
C THR B 534 30.59 -18.61 23.42
N SER B 535 30.37 -18.07 24.61
CA SER B 535 30.43 -16.61 24.80
C SER B 535 31.86 -16.07 24.82
N ASN B 536 32.85 -16.96 24.71
CA ASN B 536 34.24 -16.53 24.66
C ASN B 536 34.89 -16.82 23.30
N GLN B 537 34.09 -17.35 22.38
CA GLN B 537 34.59 -17.68 21.06
C GLN B 537 34.72 -16.42 20.21
N VAL B 538 35.75 -16.39 19.35
CA VAL B 538 35.99 -15.23 18.49
C VAL B 538 36.37 -15.64 17.09
N GLU B 539 36.16 -14.73 16.15
CA GLU B 539 36.60 -14.90 14.77
C GLU B 539 37.44 -13.69 14.41
N LEU B 540 38.72 -13.92 14.12
CA LEU B 540 39.66 -12.82 14.00
C LEU B 540 40.13 -12.55 12.58
N HIS B 541 40.22 -11.27 12.25
CA HIS B 541 40.79 -10.81 10.99
C HIS B 541 42.27 -10.53 11.20
N PRO B 542 43.06 -10.54 10.12
CA PRO B 542 44.50 -10.41 10.29
C PRO B 542 44.95 -9.01 10.69
N ASP B 543 46.05 -8.93 11.44
CA ASP B 543 46.72 -7.67 11.68
C ASP B 543 47.34 -7.17 10.38
N ILE B 544 47.54 -5.87 10.27
CA ILE B 544 48.05 -5.30 9.04
C ILE B 544 49.49 -4.80 9.17
N GLU B 545 50.33 -5.15 8.21
CA GLU B 545 51.70 -4.65 8.17
C GLU B 545 51.85 -3.63 7.04
N TYR B 546 52.53 -2.53 7.35
CA TYR B 546 52.72 -1.43 6.41
C TYR B 546 54.18 -1.26 6.03
N ASP B 547 54.46 -1.05 4.75
CA ASP B 547 55.79 -0.62 4.35
C ASP B 547 55.77 0.87 4.03
N GLU B 548 56.85 1.37 3.42
CA GLU B 548 57.01 2.79 3.19
C GLU B 548 56.03 3.34 2.17
N GLU B 549 55.70 2.53 1.17
CA GLU B 549 54.72 2.92 0.16
C GLU B 549 53.32 3.08 0.77
N ASP B 550 52.98 2.17 1.67
CA ASP B 550 51.71 2.24 2.39
C ASP B 550 51.64 3.51 3.24
N ASP B 551 52.72 3.79 3.96
CA ASP B 551 52.80 4.96 4.82
C ASP B 551 52.66 6.24 3.99
N LYS B 552 53.27 6.24 2.81
CA LYS B 552 53.16 7.37 1.89
C LYS B 552 51.70 7.62 1.50
N ALA B 553 50.97 6.54 1.27
CA ALA B 553 49.56 6.62 0.89
C ALA B 553 48.73 7.24 2.00
N ILE B 554 49.01 6.84 3.24
CA ILE B 554 48.30 7.36 4.40
C ILE B 554 48.58 8.85 4.59
N GLU B 555 49.83 9.25 4.39
CA GLU B 555 50.21 10.66 4.52
C GLU B 555 49.45 11.53 3.52
N ASN B 556 49.40 11.10 2.26
CA ASN B 556 48.65 11.82 1.25
C ASN B 556 47.14 11.82 1.55
N TYR B 557 46.68 10.71 2.13
CA TYR B 557 45.30 10.59 2.59
C TYR B 557 44.97 11.67 3.63
N ILE B 558 45.87 11.85 4.60
CA ILE B 558 45.70 12.87 5.62
C ILE B 558 45.71 14.25 4.98
N ARG B 559 46.66 14.50 4.09
CA ARG B 559 46.78 15.81 3.44
C ARG B 559 45.53 16.14 2.63
N GLU B 560 44.91 15.12 2.05
CA GLU B 560 43.80 15.36 1.13
C GLU B 560 42.42 15.33 1.80
N HIS B 561 42.34 14.82 3.02
CA HIS B 561 41.03 14.67 3.67
C HIS B 561 40.98 15.15 5.12
N THR B 562 42.04 15.83 5.56
CA THR B 562 42.02 16.50 6.86
C THR B 562 41.15 17.76 6.79
N GLU B 563 40.36 17.99 7.83
CA GLU B 563 39.49 19.15 7.87
C GLU B 563 39.59 19.84 9.23
N THR B 564 39.01 21.02 9.33
CA THR B 564 38.77 21.64 10.63
C THR B 564 37.84 20.73 11.44
N THR B 565 38.04 20.70 12.76
CA THR B 565 37.13 19.99 13.64
C THR B 565 36.19 21.01 14.29
N TRP B 566 36.18 22.21 13.73
CA TRP B 566 35.35 23.32 14.20
C TRP B 566 35.72 23.78 15.61
N HIS B 567 36.93 23.46 16.05
CA HIS B 567 37.39 23.84 17.39
C HIS B 567 38.37 25.01 17.35
N CYS B 568 38.21 25.88 16.36
CA CYS B 568 39.14 26.99 16.13
C CYS B 568 39.31 27.88 17.36
N LEU B 569 40.56 28.27 17.63
CA LEU B 569 40.85 29.13 18.78
C LEU B 569 42.15 29.92 18.61
N GLY B 570 42.30 30.99 19.39
CA GLY B 570 43.59 31.64 19.52
C GLY B 570 43.80 32.99 18.86
N THR B 571 42.84 33.44 18.06
CA THR B 571 43.03 34.63 17.25
C THR B 571 42.98 35.95 18.05
N CYS B 572 42.56 35.87 19.31
CA CYS B 572 42.61 37.02 20.22
C CYS B 572 43.25 36.58 21.54
N SER B 573 44.46 36.04 21.45
CA SER B 573 45.09 35.35 22.57
C SER B 573 45.32 36.19 23.82
N ILE B 574 45.07 35.57 24.97
CA ILE B 574 45.46 36.15 26.26
C ILE B 574 46.96 36.04 26.43
N GLY B 575 47.61 37.15 26.74
CA GLY B 575 49.04 37.15 26.96
C GLY B 575 49.63 38.54 27.01
N PRO B 576 50.91 38.64 27.37
CA PRO B 576 51.63 39.92 27.41
C PRO B 576 51.58 40.60 26.05
N ARG B 577 51.27 41.90 26.01
CA ARG B 577 51.11 42.61 24.75
C ARG B 577 52.38 42.53 23.88
N GLU B 578 53.54 42.54 24.54
CA GLU B 578 54.83 42.50 23.85
C GLU B 578 55.09 41.13 23.25
N GLY B 579 54.37 40.12 23.73
CA GLY B 579 54.52 38.77 23.23
C GLY B 579 55.02 37.79 24.26
N SER B 580 55.14 36.53 23.85
CA SER B 580 55.61 35.46 24.72
C SER B 580 56.05 34.28 23.86
N LYS B 581 56.49 33.20 24.50
CA LYS B 581 56.96 32.04 23.74
C LYS B 581 55.79 31.35 23.02
N ILE B 582 54.60 31.39 23.62
CA ILE B 582 53.43 30.74 23.04
C ILE B 582 52.58 31.73 22.26
N VAL B 583 52.75 33.02 22.53
CA VAL B 583 52.06 34.07 21.77
C VAL B 583 53.09 34.97 21.11
N LYS B 584 53.70 34.47 20.04
CA LYS B 584 54.86 35.12 19.41
C LYS B 584 54.53 36.45 18.75
N TRP B 585 53.33 36.57 18.20
CA TRP B 585 52.94 37.77 17.46
C TRP B 585 52.43 38.88 18.37
N GLY B 586 52.31 38.58 19.65
CA GLY B 586 51.83 39.57 20.60
C GLY B 586 50.46 39.27 21.17
N GLY B 587 50.29 39.52 22.45
CA GLY B 587 49.03 39.29 23.11
C GLY B 587 47.97 40.28 22.67
N VAL B 588 46.71 39.89 22.80
CA VAL B 588 45.58 40.74 22.44
C VAL B 588 44.81 41.14 23.69
N LEU B 589 44.83 40.27 24.69
CA LEU B 589 44.08 40.50 25.92
C LEU B 589 44.93 40.31 27.17
N ASP B 590 44.60 41.04 28.24
CA ASP B 590 45.21 40.79 29.53
C ASP B 590 44.54 39.61 30.21
N HIS B 591 44.93 39.30 31.45
CA HIS B 591 44.40 38.13 32.14
C HIS B 591 42.95 38.33 32.59
N ARG B 592 42.43 39.53 32.38
CA ARG B 592 41.01 39.79 32.66
C ARG B 592 40.25 39.97 31.36
N SER B 593 40.85 39.49 30.28
CA SER B 593 40.23 39.42 28.95
C SER B 593 39.94 40.80 28.34
N ASN B 594 40.55 41.84 28.89
CA ASN B 594 40.44 43.17 28.31
C ASN B 594 41.29 43.31 27.05
N VAL B 595 40.74 43.93 26.02
CA VAL B 595 41.52 44.24 24.84
C VAL B 595 42.50 45.38 25.18
N TYR B 596 43.79 45.19 24.88
CA TYR B 596 44.78 46.24 25.12
C TYR B 596 44.46 47.50 24.34
N GLY B 597 44.75 48.66 24.93
CA GLY B 597 44.64 49.92 24.22
C GLY B 597 43.27 50.57 24.24
N VAL B 598 42.33 49.96 24.96
CA VAL B 598 40.98 50.50 25.05
C VAL B 598 40.35 50.09 26.38
N LYS B 599 39.35 50.85 26.82
CA LYS B 599 38.63 50.55 28.05
C LYS B 599 37.20 50.07 27.76
N GLY B 600 36.71 49.17 28.61
CA GLY B 600 35.33 48.72 28.53
C GLY B 600 35.05 47.72 27.42
N LEU B 601 36.08 46.97 27.03
CA LEU B 601 35.92 45.97 25.98
C LEU B 601 36.63 44.66 26.32
N LYS B 602 35.85 43.60 26.44
CA LYS B 602 36.39 42.27 26.66
C LYS B 602 36.09 41.35 25.49
N VAL B 603 36.91 40.34 25.29
CA VAL B 603 36.59 39.27 24.36
C VAL B 603 36.30 38.00 25.14
N GLY B 604 35.15 37.40 24.85
CA GLY B 604 34.71 36.20 25.54
C GLY B 604 34.24 35.11 24.59
N ASP B 605 35.17 34.41 23.98
CA ASP B 605 34.89 33.23 23.17
C ASP B 605 36.18 32.43 23.02
N LEU B 606 36.23 31.51 22.06
CA LEU B 606 37.38 30.63 21.93
C LEU B 606 38.63 31.31 21.40
N SER B 607 38.49 32.50 20.82
CA SER B 607 39.64 33.23 20.30
C SER B 607 40.62 33.58 21.43
N VAL B 608 40.10 33.53 22.65
CA VAL B 608 40.83 33.87 23.87
C VAL B 608 42.04 32.95 24.16
N CYS B 609 41.91 31.66 23.86
CA CYS B 609 42.90 30.67 24.26
C CYS B 609 44.26 30.83 23.58
N PRO B 610 45.32 31.04 24.38
CA PRO B 610 46.67 31.22 23.82
C PRO B 610 47.28 29.91 23.34
N ASP B 611 46.84 28.79 23.91
CA ASP B 611 47.30 27.46 23.52
C ASP B 611 46.09 26.53 23.52
N ASN B 612 46.27 25.32 23.02
CA ASN B 612 45.13 24.45 22.76
C ASN B 612 44.60 23.69 23.97
N VAL B 613 43.47 23.02 23.80
CA VAL B 613 42.88 22.19 24.85
C VAL B 613 42.61 20.79 24.31
N GLY B 614 42.81 19.77 25.14
CA GLY B 614 42.68 18.40 24.70
C GLY B 614 41.26 17.87 24.70
N CYS B 615 40.36 18.58 24.01
CA CYS B 615 38.95 18.26 24.07
C CYS B 615 38.12 18.95 22.99
N ASN B 616 36.99 18.35 22.64
CA ASN B 616 35.94 19.06 21.92
C ASN B 616 35.62 20.30 22.74
N THR B 617 35.43 21.44 22.08
CA THR B 617 35.57 22.71 22.78
C THR B 617 34.30 23.38 23.30
N TYR B 618 33.19 22.66 23.43
CA TYR B 618 32.00 23.29 24.00
C TYR B 618 32.19 23.51 25.50
N THR B 619 32.84 22.58 26.18
CA THR B 619 33.12 22.78 27.61
C THR B 619 34.01 24.00 27.80
N THR B 620 34.97 24.19 26.90
CA THR B 620 35.85 25.34 26.94
C THR B 620 35.07 26.64 26.69
N ALA B 621 34.17 26.62 25.72
CA ALA B 621 33.35 27.79 25.40
C ALA B 621 32.49 28.18 26.59
N LEU B 622 31.87 27.19 27.23
CA LEU B 622 31.03 27.44 28.40
C LEU B 622 31.86 27.99 29.55
N LEU B 623 33.03 27.40 29.75
CA LEU B 623 33.93 27.81 30.83
C LEU B 623 34.38 29.25 30.62
N ILE B 624 34.80 29.57 29.41
CA ILE B 624 35.20 30.93 29.06
C ILE B 624 34.03 31.88 29.31
N GLY B 625 32.83 31.41 29.01
CA GLY B 625 31.62 32.19 29.23
C GLY B 625 31.36 32.49 30.69
N GLU B 626 31.42 31.46 31.54
CA GLU B 626 31.23 31.64 32.98
C GLU B 626 32.30 32.55 33.57
N LYS B 627 33.54 32.36 33.12
CA LYS B 627 34.66 33.16 33.58
C LYS B 627 34.53 34.63 33.16
N THR B 628 34.20 34.85 31.89
CA THR B 628 34.06 36.20 31.36
C THR B 628 32.94 36.96 32.06
N ALA B 629 31.85 36.26 32.34
CA ALA B 629 30.72 36.87 33.05
C ALA B 629 31.14 37.29 34.45
N THR B 630 31.93 36.45 35.11
CA THR B 630 32.42 36.74 36.44
C THR B 630 33.36 37.94 36.43
N LEU B 631 34.24 37.98 35.44
CA LEU B 631 35.18 39.09 35.29
C LEU B 631 34.45 40.42 35.13
N VAL B 632 33.42 40.44 34.29
CA VAL B 632 32.62 41.64 34.08
C VAL B 632 31.92 42.06 35.36
N GLY B 633 31.34 41.08 36.05
CA GLY B 633 30.64 41.34 37.30
C GLY B 633 31.53 41.96 38.36
N GLU B 634 32.74 41.42 38.52
CA GLU B 634 33.71 41.95 39.46
C GLU B 634 34.08 43.37 39.08
N ASP B 635 34.34 43.59 37.79
CA ASP B 635 34.72 44.91 37.28
C ASP B 635 33.66 45.96 37.57
N LEU B 636 32.39 45.56 37.55
CA LEU B 636 31.29 46.49 37.79
C LEU B 636 30.99 46.62 39.29
N GLY B 637 31.80 45.98 40.11
CA GLY B 637 31.72 46.18 41.56
C GLY B 637 30.86 45.19 42.32
N TYR B 638 30.44 44.11 41.65
CA TYR B 638 29.61 43.11 42.29
C TYR B 638 30.47 42.06 42.98
N SER B 639 29.92 41.41 43.99
CA SER B 639 30.66 40.41 44.76
C SER B 639 29.73 39.42 45.44
N GLY B 640 30.31 38.35 45.99
CA GLY B 640 29.57 37.37 46.74
C GLY B 640 28.51 36.64 45.95
N GLU B 641 27.32 36.52 46.54
CA GLU B 641 26.23 35.76 45.91
C GLU B 641 25.73 36.41 44.63
N ALA B 642 26.01 37.70 44.45
CA ALA B 642 25.62 38.40 43.23
C ALA B 642 26.30 37.79 42.01
N LEU B 643 27.50 37.24 42.22
CA LEU B 643 28.28 36.64 41.14
C LEU B 643 27.80 35.24 40.79
N ASP B 644 26.81 34.72 41.53
CA ASP B 644 26.20 33.44 41.21
C ASP B 644 25.57 33.49 39.82
N MET B 645 24.82 34.57 39.58
CA MET B 645 24.15 34.81 38.30
C MET B 645 23.33 33.60 37.87
N THR B 646 22.60 33.04 38.82
CA THR B 646 21.77 31.89 38.56
C THR B 646 20.65 32.21 37.57
N VAL B 647 20.54 31.39 36.52
CA VAL B 647 19.50 31.58 35.52
C VAL B 647 18.27 30.76 35.90
N PRO B 648 17.08 31.21 35.46
CA PRO B 648 15.84 30.46 35.73
C PRO B 648 15.94 29.02 35.27
N GLN B 649 15.52 28.10 36.12
CA GLN B 649 15.54 26.68 35.79
C GLN B 649 14.62 25.91 36.75
N PHE B 650 13.91 24.92 36.21
CA PHE B 650 13.20 23.98 37.06
C PHE B 650 14.01 22.69 37.13
N LYS B 651 14.61 22.42 38.28
CA LYS B 651 15.48 21.26 38.44
C LYS B 651 14.68 20.00 38.69
N LEU B 652 15.07 18.91 38.02
CA LEU B 652 14.34 17.65 38.14
C LEU B 652 15.11 16.59 38.94
N GLY B 653 16.40 16.82 39.14
CA GLY B 653 17.24 15.90 39.89
C GLY B 653 17.29 14.51 39.28
N THR B 654 17.33 13.49 40.13
CA THR B 654 17.26 12.11 39.68
C THR B 654 15.88 11.54 40.02
N TYR B 655 15.48 10.50 39.30
CA TYR B 655 14.15 9.93 39.45
C TYR B 655 13.89 9.44 40.87
N GLU B 656 14.84 8.73 41.46
CA GLU B 656 14.61 8.11 42.76
C GLU B 656 14.52 9.14 43.89
N LYS B 657 15.04 10.35 43.64
CA LYS B 657 14.96 11.42 44.64
C LYS B 657 13.69 12.25 44.51
N THR B 658 13.34 12.62 43.28
CA THR B 658 12.25 13.56 43.05
C THR B 658 11.03 12.94 42.38
N GLY B 659 11.24 11.91 41.57
CA GLY B 659 10.16 11.27 40.83
C GLY B 659 9.74 12.09 39.62
N LEU B 660 10.49 13.16 39.35
CA LEU B 660 10.16 14.08 38.26
C LEU B 660 11.02 13.87 37.03
N ALA B 661 12.28 13.50 37.25
CA ALA B 661 13.19 13.21 36.15
C ALA B 661 12.78 11.91 35.46
N ARG B 662 13.27 11.71 34.24
CA ARG B 662 13.01 10.48 33.51
C ARG B 662 13.63 9.27 34.20
N PHE B 663 12.86 8.19 34.31
CA PHE B 663 13.38 6.96 34.90
C PHE B 663 14.47 6.33 34.02
N ALA C 2 -5.12 -19.16 50.04
CA ALA C 2 -6.27 -20.02 49.72
C ALA C 2 -7.59 -19.33 50.07
N ILE C 3 -8.64 -19.68 49.34
CA ILE C 3 -9.97 -19.14 49.59
C ILE C 3 -10.60 -19.85 50.78
N PRO C 4 -10.95 -19.08 51.83
CA PRO C 4 -11.56 -19.67 53.03
C PRO C 4 -12.89 -20.36 52.73
N GLU C 5 -13.26 -21.33 53.54
CA GLU C 5 -14.52 -22.05 53.38
C GLU C 5 -15.63 -21.35 54.15
N GLU C 6 -15.24 -20.49 55.10
CA GLU C 6 -16.20 -19.77 55.90
C GLU C 6 -15.91 -18.26 55.92
N PHE C 7 -16.94 -17.47 55.66
CA PHE C 7 -16.83 -16.03 55.69
C PHE C 7 -17.76 -15.45 56.76
N ASP C 8 -17.61 -14.16 57.03
CA ASP C 8 -18.57 -13.46 57.88
C ASP C 8 -19.77 -13.05 57.02
N ILE C 9 -19.47 -12.49 55.84
CA ILE C 9 -20.51 -12.05 54.92
C ILE C 9 -20.31 -12.67 53.54
N LEU C 10 -21.39 -13.19 52.98
CA LEU C 10 -21.36 -13.81 51.67
C LEU C 10 -22.27 -13.05 50.71
N VAL C 11 -21.71 -12.58 49.60
CA VAL C 11 -22.52 -11.91 48.58
C VAL C 11 -22.57 -12.76 47.32
N LEU C 12 -23.78 -13.08 46.88
CA LEU C 12 -23.98 -14.00 45.76
C LEU C 12 -24.37 -13.28 44.48
N GLY C 13 -23.44 -13.22 43.53
CA GLY C 13 -23.63 -12.47 42.30
C GLY C 13 -22.93 -11.13 42.41
N GLY C 14 -21.91 -10.93 41.57
CA GLY C 14 -21.11 -9.72 41.62
C GLY C 14 -21.47 -8.72 40.52
N GLY C 15 -22.77 -8.46 40.37
CA GLY C 15 -23.23 -7.57 39.32
C GLY C 15 -23.23 -6.12 39.75
N SER C 16 -24.09 -5.32 39.11
CA SER C 16 -24.19 -3.90 39.38
C SER C 16 -24.45 -3.61 40.85
N SER C 17 -25.39 -4.35 41.45
CA SER C 17 -25.68 -4.21 42.87
C SER C 17 -24.65 -4.99 43.68
N GLY C 18 -24.43 -6.24 43.30
CA GLY C 18 -23.61 -7.17 44.05
C GLY C 18 -22.19 -6.69 44.35
N SER C 19 -21.50 -6.21 43.32
CA SER C 19 -20.15 -5.69 43.52
C SER C 19 -20.18 -4.48 44.45
N CYS C 20 -21.19 -3.64 44.31
CA CYS C 20 -21.33 -2.47 45.16
C CYS C 20 -21.50 -2.89 46.62
N ILE C 21 -22.40 -3.84 46.85
CA ILE C 21 -22.69 -4.35 48.18
C ILE C 21 -21.45 -4.99 48.82
N ALA C 22 -20.76 -5.84 48.07
CA ALA C 22 -19.57 -6.52 48.57
C ALA C 22 -18.44 -5.54 48.91
N GLY C 23 -18.24 -4.55 48.04
CA GLY C 23 -17.23 -3.54 48.27
C GLY C 23 -17.52 -2.68 49.49
N ARG C 24 -18.74 -2.17 49.58
CA ARG C 24 -19.15 -1.38 50.74
C ARG C 24 -18.99 -2.15 52.05
N LEU C 25 -19.51 -3.38 52.08
CA LEU C 25 -19.46 -4.20 53.28
C LEU C 25 -18.02 -4.55 53.72
N ALA C 26 -17.12 -4.74 52.76
CA ALA C 26 -15.73 -5.03 53.09
C ALA C 26 -15.07 -3.81 53.76
N ASN C 27 -15.61 -2.62 53.52
CA ASN C 27 -15.10 -1.42 54.14
C ASN C 27 -15.90 -1.00 55.37
N LEU C 28 -16.94 -1.76 55.69
CA LEU C 28 -17.69 -1.55 56.92
C LEU C 28 -16.79 -1.77 58.12
N ASP C 29 -15.99 -2.83 58.04
CA ASP C 29 -15.08 -3.22 59.11
C ASP C 29 -14.12 -4.26 58.54
N HIS C 30 -12.84 -3.92 58.51
CA HIS C 30 -11.87 -4.75 57.80
C HIS C 30 -11.47 -6.01 58.55
N SER C 31 -12.08 -6.25 59.71
CA SER C 31 -11.89 -7.53 60.39
C SER C 31 -12.97 -8.52 59.94
N LEU C 32 -13.97 -8.02 59.22
CA LEU C 32 -14.99 -8.88 58.63
C LEU C 32 -14.52 -9.53 57.33
N LYS C 33 -14.61 -10.85 57.26
CA LYS C 33 -14.30 -11.60 56.05
C LYS C 33 -15.48 -11.58 55.09
N VAL C 34 -15.28 -11.00 53.91
CA VAL C 34 -16.33 -10.90 52.90
C VAL C 34 -16.00 -11.72 51.64
N GLY C 35 -16.92 -12.59 51.25
CA GLY C 35 -16.75 -13.39 50.07
C GLY C 35 -17.75 -13.04 48.98
N LEU C 36 -17.23 -12.77 47.79
CA LEU C 36 -18.08 -12.43 46.65
C LEU C 36 -18.04 -13.53 45.59
N ILE C 37 -19.19 -14.15 45.36
CA ILE C 37 -19.27 -15.26 44.41
C ILE C 37 -19.92 -14.84 43.10
N GLU C 38 -19.25 -15.12 41.99
CA GLU C 38 -19.72 -14.69 40.67
C GLU C 38 -19.58 -15.82 39.63
N ALA C 39 -20.61 -16.00 38.81
CA ALA C 39 -20.62 -17.07 37.82
C ALA C 39 -19.76 -16.75 36.60
N GLY C 40 -19.71 -15.48 36.21
CA GLY C 40 -18.94 -15.08 35.05
C GLY C 40 -17.47 -14.91 35.35
N GLU C 41 -16.70 -14.46 34.36
CA GLU C 41 -15.27 -14.24 34.52
C GLU C 41 -14.95 -12.96 35.28
N ASN C 42 -13.77 -12.93 35.88
CA ASN C 42 -13.22 -11.70 36.45
C ASN C 42 -13.05 -10.68 35.33
N ASN C 43 -13.28 -9.40 35.63
CA ASN C 43 -13.20 -8.36 34.60
C ASN C 43 -12.06 -7.38 34.81
N LEU C 44 -11.21 -7.68 35.80
CA LEU C 44 -10.10 -6.80 36.18
C LEU C 44 -9.24 -6.40 35.00
N ASN C 45 -9.18 -5.09 34.73
CA ASN C 45 -8.38 -4.53 33.64
C ASN C 45 -8.58 -5.19 32.28
N ASN C 46 -9.79 -5.68 32.03
CA ASN C 46 -10.16 -6.24 30.74
C ASN C 46 -10.61 -5.13 29.78
N PRO C 47 -9.85 -4.90 28.70
CA PRO C 47 -10.20 -3.85 27.74
C PRO C 47 -11.56 -4.08 27.10
N TRP C 48 -11.99 -5.32 26.96
CA TRP C 48 -13.30 -5.61 26.37
C TRP C 48 -14.42 -5.22 27.32
N VAL C 49 -14.06 -4.83 28.53
CA VAL C 49 -15.01 -4.23 29.45
C VAL C 49 -14.82 -2.71 29.54
N TYR C 50 -13.59 -2.23 29.71
CA TYR C 50 -13.43 -0.82 30.07
C TYR C 50 -13.39 0.15 28.88
N LEU C 51 -13.25 -0.36 27.66
CA LEU C 51 -13.34 0.48 26.47
C LEU C 51 -14.80 0.67 26.08
N PRO C 52 -15.33 1.91 26.21
CA PRO C 52 -16.76 2.16 25.97
C PRO C 52 -17.24 1.82 24.56
N GLY C 53 -16.51 2.26 23.54
CA GLY C 53 -17.00 2.22 22.18
C GLY C 53 -17.29 0.86 21.55
N ILE C 54 -16.80 -0.21 22.18
CA ILE C 54 -16.99 -1.53 21.60
C ILE C 54 -18.18 -2.26 22.23
N TYR C 55 -18.97 -1.56 23.04
CA TYR C 55 -20.07 -2.21 23.78
C TYR C 55 -21.10 -3.08 23.00
N PRO C 56 -21.39 -2.78 21.71
CA PRO C 56 -22.38 -3.66 21.06
C PRO C 56 -22.01 -5.15 20.98
N ARG C 57 -20.72 -5.53 20.99
CA ARG C 57 -20.37 -6.94 20.78
C ARG C 57 -20.84 -7.85 21.92
N ASN C 58 -21.18 -7.27 23.06
CA ASN C 58 -21.64 -8.07 24.18
C ASN C 58 -22.99 -8.75 23.90
N MET C 59 -23.72 -8.24 22.91
CA MET C 59 -25.03 -8.80 22.59
C MET C 59 -25.02 -9.69 21.36
N LYS C 60 -23.84 -9.99 20.84
CA LYS C 60 -23.69 -11.06 19.85
C LYS C 60 -24.13 -12.36 20.53
N LEU C 61 -24.85 -13.22 19.81
CA LEU C 61 -25.39 -14.43 20.42
C LEU C 61 -24.30 -15.39 20.94
N ASP C 62 -23.09 -15.27 20.39
CA ASP C 62 -21.99 -16.12 20.84
C ASP C 62 -21.09 -15.41 21.88
N SER C 63 -21.57 -14.31 22.43
CA SER C 63 -20.84 -13.55 23.44
C SER C 63 -20.55 -14.36 24.70
N LYS C 64 -19.35 -14.18 25.25
CA LYS C 64 -18.97 -14.84 26.50
C LYS C 64 -19.47 -14.04 27.72
N THR C 65 -19.86 -12.80 27.49
CA THR C 65 -20.14 -11.89 28.60
C THR C 65 -21.62 -11.79 28.93
N ALA C 66 -22.44 -12.62 28.29
CA ALA C 66 -23.88 -12.60 28.54
C ALA C 66 -24.47 -14.00 28.50
N SER C 67 -25.60 -14.18 29.17
CA SER C 67 -26.45 -15.36 29.02
C SER C 67 -27.67 -14.98 28.22
N PHE C 68 -28.18 -15.90 27.40
CA PHE C 68 -29.35 -15.61 26.57
C PHE C 68 -30.51 -16.54 26.92
N TYR C 69 -31.38 -16.07 27.80
CA TYR C 69 -32.52 -16.85 28.28
C TYR C 69 -33.65 -16.88 27.28
N THR C 70 -34.10 -18.09 26.95
CA THR C 70 -35.23 -18.24 26.05
C THR C 70 -36.54 -18.20 26.83
N SER C 71 -37.63 -17.89 26.15
CA SER C 71 -38.93 -17.81 26.79
C SER C 71 -39.99 -18.54 25.97
N ASN C 72 -41.18 -18.70 26.55
CA ASN C 72 -42.26 -19.38 25.86
C ASN C 72 -42.84 -18.52 24.74
N PRO C 73 -43.35 -19.17 23.68
CA PRO C 73 -44.02 -18.42 22.60
C PRO C 73 -45.19 -17.58 23.11
N SER C 74 -45.34 -16.38 22.57
CA SER C 74 -46.37 -15.47 23.02
C SER C 74 -47.21 -14.93 21.87
N PRO C 75 -48.54 -15.07 21.97
CA PRO C 75 -49.44 -14.55 20.95
C PRO C 75 -49.40 -13.02 20.89
N HIS C 76 -48.99 -12.39 22.00
CA HIS C 76 -48.92 -10.94 22.06
C HIS C 76 -47.72 -10.42 21.29
N LEU C 77 -46.75 -11.31 21.08
CA LEU C 77 -45.58 -10.99 20.25
C LEU C 77 -45.69 -11.71 18.91
N ASN C 78 -46.92 -11.95 18.47
CA ASN C 78 -47.22 -12.66 17.24
C ASN C 78 -46.47 -13.98 17.10
N GLY C 79 -46.40 -14.74 18.19
CA GLY C 79 -45.80 -16.06 18.17
C GLY C 79 -44.34 -16.13 18.61
N ARG C 80 -43.70 -14.98 18.76
CA ARG C 80 -42.27 -14.94 19.08
C ARG C 80 -41.94 -15.54 20.44
N ARG C 81 -40.83 -16.27 20.50
CA ARG C 81 -40.22 -16.60 21.77
C ARG C 81 -39.07 -15.62 22.00
N ALA C 82 -39.36 -14.57 22.76
CA ALA C 82 -38.41 -13.50 23.04
C ALA C 82 -37.17 -14.02 23.73
N ILE C 83 -36.01 -13.52 23.29
CA ILE C 83 -34.75 -13.83 23.94
C ILE C 83 -34.42 -12.73 24.94
N VAL C 84 -34.18 -13.11 26.19
CA VAL C 84 -33.86 -12.14 27.22
C VAL C 84 -32.42 -12.30 27.70
N PRO C 85 -31.53 -11.44 27.20
CA PRO C 85 -30.13 -11.50 27.61
C PRO C 85 -29.92 -10.86 28.99
N CYS C 86 -28.85 -11.27 29.67
CA CYS C 86 -28.40 -10.58 30.87
C CYS C 86 -26.92 -10.85 31.03
N ALA C 87 -26.26 -10.10 31.91
CA ALA C 87 -24.82 -10.17 32.00
C ALA C 87 -24.31 -11.49 32.58
N ASN C 88 -23.14 -11.91 32.11
CA ASN C 88 -22.46 -13.11 32.60
C ASN C 88 -20.98 -12.79 32.75
N VAL C 89 -20.66 -11.95 33.74
CA VAL C 89 -19.32 -11.42 33.91
C VAL C 89 -19.31 -10.59 35.20
N LEU C 90 -18.15 -10.53 35.86
CA LEU C 90 -18.02 -9.72 37.07
C LEU C 90 -18.33 -8.27 36.72
N GLY C 91 -19.10 -7.61 37.59
CA GLY C 91 -19.58 -6.27 37.30
C GLY C 91 -21.01 -6.31 36.78
N GLY C 92 -21.42 -7.48 36.30
CA GLY C 92 -22.77 -7.66 35.78
C GLY C 92 -23.07 -6.69 34.65
N GLY C 93 -24.28 -6.14 34.66
CA GLY C 93 -24.71 -5.22 33.63
C GLY C 93 -23.76 -4.06 33.44
N SER C 94 -23.16 -3.60 34.53
CA SER C 94 -22.31 -2.42 34.47
C SER C 94 -21.04 -2.68 33.64
N SER C 95 -20.73 -3.94 33.37
CA SER C 95 -19.56 -4.25 32.55
C SER C 95 -19.86 -4.22 31.06
N ILE C 96 -21.14 -4.29 30.70
CA ILE C 96 -21.53 -4.45 29.30
C ILE C 96 -22.69 -3.56 28.81
N ASN C 97 -23.12 -2.60 29.64
CA ASN C 97 -24.32 -1.84 29.31
C ASN C 97 -24.10 -0.71 28.28
N PHE C 98 -25.19 -0.03 27.90
CA PHE C 98 -25.12 1.09 26.94
C PHE C 98 -24.52 2.36 27.55
N MET C 99 -24.27 2.31 28.85
CA MET C 99 -23.65 3.41 29.59
C MET C 99 -24.53 4.65 29.64
N MET C 100 -25.84 4.50 29.51
CA MET C 100 -26.76 5.62 29.68
C MET C 100 -27.03 5.90 31.15
N TYR C 101 -26.79 7.14 31.57
CA TYR C 101 -27.07 7.56 32.94
C TYR C 101 -28.45 8.18 33.04
N THR C 102 -29.30 7.60 33.88
CA THR C 102 -30.68 8.04 34.02
C THR C 102 -31.21 7.77 35.42
N ARG C 103 -31.83 8.77 36.03
CA ARG C 103 -32.46 8.60 37.34
C ARG C 103 -33.98 8.55 37.21
N GLY C 104 -34.62 7.85 38.14
CA GLY C 104 -36.08 7.77 38.15
C GLY C 104 -36.70 9.05 38.67
N SER C 105 -38.03 9.01 38.82
CA SER C 105 -38.75 10.13 39.42
C SER C 105 -38.93 9.90 40.91
N ALA C 106 -39.06 10.98 41.67
CA ALA C 106 -39.17 10.92 43.12
C ALA C 106 -40.31 10.01 43.57
N SER C 107 -41.41 10.02 42.82
CA SER C 107 -42.57 9.23 43.20
C SER C 107 -42.35 7.74 43.01
N ASP C 108 -41.40 7.36 42.15
CA ASP C 108 -41.13 5.95 41.87
C ASP C 108 -40.79 5.18 43.15
N TYR C 109 -39.91 5.75 43.96
CA TYR C 109 -39.44 5.07 45.15
C TYR C 109 -40.44 5.21 46.29
N ASP C 110 -41.14 6.35 46.32
CA ASP C 110 -42.23 6.53 47.26
C ASP C 110 -43.29 5.45 47.05
N ASP C 111 -43.53 5.13 45.78
CA ASP C 111 -44.56 4.18 45.40
C ASP C 111 -44.14 2.72 45.62
N PHE C 112 -42.97 2.52 46.22
CA PHE C 112 -42.58 1.19 46.67
C PHE C 112 -43.41 0.81 47.89
N GLN C 113 -43.97 1.84 48.54
CA GLN C 113 -44.79 1.67 49.74
C GLN C 113 -44.04 0.89 50.83
N ALA C 114 -42.78 1.24 51.01
CA ALA C 114 -41.94 0.55 51.98
C ALA C 114 -41.18 1.54 52.85
N GLU C 115 -41.20 1.30 54.16
CA GLU C 115 -40.53 2.15 55.12
C GLU C 115 -39.03 2.23 54.84
N GLY C 116 -38.52 3.46 54.72
CA GLY C 116 -37.10 3.67 54.52
C GLY C 116 -36.68 3.68 53.06
N TRP C 117 -37.63 3.44 52.17
CA TRP C 117 -37.34 3.44 50.74
C TRP C 117 -37.98 4.61 50.02
N LYS C 118 -38.31 5.67 50.76
CA LYS C 118 -38.84 6.87 50.13
C LYS C 118 -37.68 7.70 49.60
N THR C 119 -37.95 8.52 48.58
CA THR C 119 -36.90 9.31 47.94
C THR C 119 -36.20 10.22 48.93
N LYS C 120 -36.95 10.75 49.90
CA LYS C 120 -36.38 11.60 50.92
C LYS C 120 -35.33 10.83 51.74
N ASP C 121 -35.57 9.55 51.96
CA ASP C 121 -34.65 8.71 52.71
C ASP C 121 -33.45 8.29 51.88
N LEU C 122 -33.68 8.07 50.59
CA LEU C 122 -32.66 7.49 49.71
C LEU C 122 -31.77 8.53 49.03
N LEU C 123 -32.18 9.79 49.05
CA LEU C 123 -31.47 10.85 48.34
C LEU C 123 -29.98 10.97 48.71
N PRO C 124 -29.64 10.92 50.01
CA PRO C 124 -28.19 10.95 50.28
C PRO C 124 -27.44 9.72 49.76
N LEU C 125 -28.12 8.58 49.66
CA LEU C 125 -27.49 7.39 49.09
C LEU C 125 -27.35 7.50 47.57
N MET C 126 -28.24 8.25 46.94
CA MET C 126 -28.13 8.50 45.50
C MET C 126 -26.86 9.29 45.20
N LYS C 127 -26.60 10.30 46.03
CA LYS C 127 -25.48 11.20 45.82
C LYS C 127 -24.17 10.51 46.17
N LYS C 128 -24.23 9.63 47.16
CA LYS C 128 -23.06 8.93 47.70
C LYS C 128 -22.27 8.17 46.63
N THR C 129 -22.99 7.60 45.65
CA THR C 129 -22.38 6.72 44.67
C THR C 129 -21.53 7.45 43.63
N GLU C 130 -21.97 8.63 43.22
CA GLU C 130 -21.44 9.26 42.02
C GLU C 130 -20.44 10.40 42.23
N THR C 131 -19.58 10.58 41.23
CA THR C 131 -18.84 11.83 41.03
C THR C 131 -19.34 12.41 39.71
N TYR C 132 -20.02 13.55 39.81
CA TYR C 132 -20.74 14.16 38.70
C TYR C 132 -19.82 15.08 37.90
N GLN C 133 -19.20 14.54 36.86
CA GLN C 133 -18.16 15.26 36.12
C GLN C 133 -18.70 16.12 34.99
N ARG C 134 -19.57 17.08 35.32
CA ARG C 134 -20.07 18.02 34.33
C ARG C 134 -20.71 19.22 35.01
N ALA C 135 -21.13 20.21 34.21
CA ALA C 135 -21.70 21.44 34.74
C ALA C 135 -22.98 21.15 35.52
N CYS C 136 -23.11 21.73 36.71
CA CYS C 136 -24.27 21.41 37.53
C CYS C 136 -24.96 22.65 38.11
N ASN C 137 -26.22 22.86 37.71
CA ASN C 137 -27.01 23.96 38.23
C ASN C 137 -27.79 23.59 39.48
N ASN C 138 -27.80 22.29 39.80
CA ASN C 138 -28.51 21.81 40.99
C ASN C 138 -27.68 20.83 41.82
N PRO C 139 -26.53 21.28 42.34
CA PRO C 139 -25.59 20.39 43.03
C PRO C 139 -26.13 19.75 44.32
N ASP C 140 -27.24 20.26 44.84
CA ASP C 140 -27.81 19.72 46.07
C ASP C 140 -28.33 18.29 45.90
N ILE C 141 -28.64 17.90 44.67
CA ILE C 141 -29.14 16.55 44.42
C ILE C 141 -28.18 15.71 43.59
N HIS C 142 -26.91 16.07 43.58
CA HIS C 142 -25.88 15.26 42.90
C HIS C 142 -24.66 15.08 43.78
N GLY C 143 -23.87 14.04 43.50
CA GLY C 143 -22.69 13.73 44.27
C GLY C 143 -21.42 14.09 43.55
N PHE C 144 -20.37 14.41 44.30
CA PHE C 144 -19.12 14.84 43.68
C PHE C 144 -17.89 14.15 44.27
N GLU C 145 -18.11 13.09 45.03
CA GLU C 145 -17.02 12.38 45.69
C GLU C 145 -17.13 10.86 45.57
N GLY C 146 -18.22 10.38 45.00
CA GLY C 146 -18.46 8.95 44.87
C GLY C 146 -17.51 8.24 43.92
N PRO C 147 -17.35 6.92 44.10
CA PRO C 147 -16.43 6.10 43.30
C PRO C 147 -16.86 5.87 41.86
N ILE C 148 -18.15 6.04 41.55
CA ILE C 148 -18.62 5.88 40.18
C ILE C 148 -18.66 7.23 39.46
N LYS C 149 -17.81 7.40 38.45
CA LYS C 149 -17.70 8.67 37.75
C LYS C 149 -18.61 8.71 36.54
N VAL C 150 -19.36 9.80 36.40
CA VAL C 150 -20.26 9.97 35.27
C VAL C 150 -19.95 11.26 34.52
N SER C 151 -20.07 11.20 33.19
CA SER C 151 -19.64 12.31 32.34
C SER C 151 -20.24 12.22 30.94
N PHE C 152 -19.90 13.19 30.09
CA PHE C 152 -20.34 13.16 28.70
C PHE C 152 -19.33 12.45 27.81
N GLY C 153 -18.40 11.74 28.44
CA GLY C 153 -17.36 11.05 27.69
C GLY C 153 -16.36 11.99 27.06
N ASN C 154 -15.54 11.46 26.15
CA ASN C 154 -14.51 12.27 25.52
C ASN C 154 -14.70 12.33 24.00
N TYR C 155 -15.96 12.33 23.60
CA TYR C 155 -16.35 12.50 22.21
C TYR C 155 -17.85 12.68 22.13
N THR C 156 -18.31 13.63 21.33
CA THR C 156 -19.73 13.85 21.14
C THR C 156 -20.09 13.87 19.67
N TYR C 157 -20.89 12.91 19.24
CA TYR C 157 -21.40 12.91 17.88
C TYR C 157 -22.37 14.07 17.71
N PRO C 158 -22.26 14.80 16.58
CA PRO C 158 -23.07 16.00 16.30
C PRO C 158 -24.59 15.78 16.24
N VAL C 159 -25.07 14.56 16.40
CA VAL C 159 -26.52 14.35 16.46
C VAL C 159 -27.12 15.00 17.70
N CYS C 160 -26.26 15.32 18.66
CA CYS C 160 -26.68 15.85 19.96
C CYS C 160 -27.58 17.09 19.85
N GLN C 161 -27.03 18.19 19.35
CA GLN C 161 -27.79 19.43 19.32
C GLN C 161 -28.80 19.44 18.17
N ASP C 162 -28.52 18.65 17.14
CA ASP C 162 -29.46 18.47 16.04
C ASP C 162 -30.77 17.88 16.58
N PHE C 163 -30.65 16.84 17.39
CA PHE C 163 -31.79 16.20 18.03
C PHE C 163 -32.56 17.17 18.94
N LEU C 164 -31.82 17.96 19.71
CA LEU C 164 -32.45 18.87 20.67
C LEU C 164 -33.22 19.99 19.98
N ARG C 165 -32.70 20.51 18.87
CA ARG C 165 -33.43 21.51 18.09
C ARG C 165 -34.72 20.91 17.54
N ALA C 166 -34.64 19.68 17.02
CA ALA C 166 -35.80 19.01 16.45
C ALA C 166 -36.87 18.73 17.50
N SER C 167 -36.45 18.23 18.66
CA SER C 167 -37.39 17.88 19.71
C SER C 167 -38.04 19.12 20.33
N GLU C 168 -37.31 20.23 20.35
CA GLU C 168 -37.87 21.48 20.85
C GLU C 168 -39.04 21.92 20.00
N SER C 169 -38.90 21.78 18.69
CA SER C 169 -39.94 22.21 17.75
C SER C 169 -41.21 21.36 17.91
N GLN C 170 -41.12 20.28 18.69
CA GLN C 170 -42.27 19.42 18.93
C GLN C 170 -42.93 19.68 20.29
N GLY C 171 -42.44 20.67 21.03
CA GLY C 171 -42.99 20.97 22.34
C GLY C 171 -42.33 20.19 23.46
N ILE C 172 -41.14 19.65 23.21
CA ILE C 172 -40.37 18.97 24.24
C ILE C 172 -39.19 19.86 24.63
N PRO C 173 -39.31 20.55 25.77
CA PRO C 173 -38.35 21.61 26.14
C PRO C 173 -37.00 21.07 26.58
N TYR C 174 -35.94 21.75 26.17
CA TYR C 174 -34.60 21.42 26.65
C TYR C 174 -34.51 21.71 28.14
N VAL C 175 -33.86 20.82 28.87
CA VAL C 175 -33.52 21.09 30.26
C VAL C 175 -32.03 20.81 30.51
N ASP C 176 -31.48 21.47 31.52
CA ASP C 176 -30.07 21.26 31.88
C ASP C 176 -29.89 19.90 32.54
N ASP C 177 -30.96 19.40 33.17
CA ASP C 177 -30.89 18.13 33.87
C ASP C 177 -32.24 17.44 33.86
N LEU C 178 -32.37 16.42 33.02
CA LEU C 178 -33.61 15.63 32.95
C LEU C 178 -33.65 14.59 34.06
N GLU C 179 -32.57 14.51 34.84
CA GLU C 179 -32.47 13.53 35.92
C GLU C 179 -32.56 14.22 37.28
N ASP C 180 -33.48 15.16 37.40
CA ASP C 180 -33.62 15.96 38.61
C ASP C 180 -34.73 15.42 39.52
N LEU C 181 -35.16 14.18 39.25
CA LEU C 181 -36.15 13.47 40.03
C LEU C 181 -37.56 14.09 39.96
N VAL C 182 -37.75 15.10 39.12
CA VAL C 182 -39.05 15.75 39.06
C VAL C 182 -39.59 15.93 37.63
N THR C 183 -38.70 16.15 36.67
CA THR C 183 -39.14 16.45 35.30
C THR C 183 -39.53 15.18 34.53
N ALA C 184 -40.70 15.21 33.90
CA ALA C 184 -41.23 14.05 33.20
C ALA C 184 -41.48 14.31 31.72
N HIS C 185 -41.26 15.55 31.30
CA HIS C 185 -41.45 15.93 29.90
C HIS C 185 -40.37 16.91 29.48
N GLY C 186 -39.32 16.40 28.85
CA GLY C 186 -38.19 17.24 28.46
C GLY C 186 -37.14 16.50 27.65
N ALA C 187 -36.13 17.25 27.21
CA ALA C 187 -35.04 16.69 26.41
C ALA C 187 -33.70 17.16 26.95
N GLU C 188 -32.68 16.32 26.81
CA GLU C 188 -31.36 16.67 27.33
C GLU C 188 -30.22 16.00 26.58
N HIS C 189 -29.04 16.59 26.74
CA HIS C 189 -27.77 15.97 26.43
C HIS C 189 -27.57 14.80 27.41
N TRP C 190 -27.43 13.59 26.90
CA TRP C 190 -27.50 12.42 27.79
C TRP C 190 -26.15 11.98 28.38
N LEU C 191 -26.14 11.87 29.70
CA LEU C 191 -24.95 11.51 30.47
C LEU C 191 -24.55 10.05 30.29
N LYS C 192 -23.29 9.74 30.61
CA LYS C 192 -22.76 8.40 30.43
C LYS C 192 -22.09 7.86 31.66
N TRP C 193 -22.11 6.53 31.82
CA TRP C 193 -21.33 5.88 32.87
C TRP C 193 -19.88 5.74 32.41
N ILE C 194 -19.24 6.89 32.23
CA ILE C 194 -17.87 6.95 31.73
C ILE C 194 -17.09 7.98 32.54
N ASN C 195 -15.89 7.58 32.99
CA ASN C 195 -14.97 8.50 33.63
C ASN C 195 -14.22 9.29 32.55
N ARG C 196 -14.46 10.59 32.47
CA ARG C 196 -13.84 11.38 31.41
C ARG C 196 -12.35 11.56 31.65
N ASP C 197 -11.90 11.44 32.89
CA ASP C 197 -10.47 11.55 33.19
C ASP C 197 -9.68 10.44 32.48
N THR C 198 -10.20 9.23 32.49
CA THR C 198 -9.50 8.08 31.92
C THR C 198 -10.05 7.66 30.57
N GLY C 199 -11.26 8.09 30.23
CA GLY C 199 -11.91 7.66 29.01
C GLY C 199 -12.38 6.22 29.10
N ARG C 200 -12.54 5.73 30.32
CA ARG C 200 -12.95 4.34 30.55
C ARG C 200 -14.38 4.23 31.06
N ARG C 201 -15.01 3.10 30.77
CA ARG C 201 -16.30 2.76 31.34
C ARG C 201 -16.22 2.71 32.88
N SER C 202 -17.28 3.17 33.55
CA SER C 202 -17.40 3.02 34.99
C SER C 202 -18.25 1.81 35.33
N ASP C 203 -17.67 0.82 36.01
CA ASP C 203 -18.44 -0.36 36.41
C ASP C 203 -18.29 -0.62 37.91
N SER C 204 -19.21 -1.38 38.47
CA SER C 204 -19.25 -1.62 39.92
C SER C 204 -18.04 -2.40 40.43
N ALA C 205 -17.52 -3.31 39.61
CA ALA C 205 -16.40 -4.14 40.05
C ALA C 205 -15.13 -3.31 40.27
N HIS C 206 -14.75 -2.52 39.28
CA HIS C 206 -13.56 -1.69 39.42
C HIS C 206 -13.74 -0.63 40.49
N ALA C 207 -14.93 -0.04 40.56
CA ALA C 207 -15.18 1.04 41.52
C ALA C 207 -15.18 0.55 42.96
N PHE C 208 -15.84 -0.59 43.21
CA PHE C 208 -16.06 -1.04 44.59
C PHE C 208 -15.21 -2.25 44.99
N VAL C 209 -14.93 -3.15 44.06
CA VAL C 209 -14.28 -4.40 44.42
C VAL C 209 -12.77 -4.39 44.21
N HIS C 210 -12.33 -4.11 42.99
CA HIS C 210 -10.91 -4.14 42.67
C HIS C 210 -10.14 -3.06 43.43
N SER C 211 -10.76 -1.90 43.62
CA SER C 211 -10.16 -0.83 44.41
C SER C 211 -9.92 -1.29 45.84
N THR C 212 -10.93 -1.92 46.42
CA THR C 212 -10.84 -2.43 47.78
C THR C 212 -9.80 -3.52 47.94
N MET C 213 -9.82 -4.50 47.04
CA MET C 213 -8.90 -5.63 47.09
C MET C 213 -7.45 -5.23 46.89
N ARG C 214 -7.24 -4.08 46.25
CA ARG C 214 -5.90 -3.60 45.97
C ARG C 214 -5.30 -2.89 47.20
N ASN C 215 -6.12 -2.58 48.19
CA ASN C 215 -5.66 -1.84 49.37
C ASN C 215 -6.06 -2.46 50.71
N HIS C 216 -6.81 -3.55 50.68
CA HIS C 216 -7.22 -4.24 51.90
C HIS C 216 -7.20 -5.73 51.68
N ASP C 217 -7.32 -6.51 52.74
CA ASP C 217 -7.16 -7.94 52.64
C ASP C 217 -8.40 -8.76 52.98
N ASN C 218 -9.48 -8.12 53.39
CA ASN C 218 -10.62 -8.87 53.92
C ASN C 218 -11.70 -9.17 52.89
N LEU C 219 -11.46 -8.79 51.63
CA LEU C 219 -12.42 -9.09 50.56
C LEU C 219 -11.87 -10.16 49.61
N TYR C 220 -12.63 -11.24 49.45
CA TYR C 220 -12.23 -12.36 48.61
C TYR C 220 -13.11 -12.47 47.37
N LEU C 221 -12.49 -12.76 46.23
CA LEU C 221 -13.18 -12.82 44.95
C LEU C 221 -13.21 -14.24 44.40
N ILE C 222 -14.41 -14.74 44.14
CA ILE C 222 -14.63 -16.11 43.67
C ILE C 222 -15.46 -16.13 42.39
N CYS C 223 -14.78 -16.08 41.24
CA CYS C 223 -15.44 -16.03 39.95
C CYS C 223 -15.57 -17.42 39.32
N ASN C 224 -16.22 -17.47 38.16
CA ASN C 224 -16.45 -18.70 37.41
C ASN C 224 -17.17 -19.75 38.25
N THR C 225 -17.98 -19.28 39.18
CA THR C 225 -18.61 -20.15 40.15
C THR C 225 -20.10 -19.86 40.25
N LYS C 226 -20.93 -20.86 39.92
CA LYS C 226 -22.38 -20.63 39.89
C LYS C 226 -23.06 -21.08 41.18
N VAL C 227 -23.90 -20.21 41.72
CA VAL C 227 -24.63 -20.52 42.94
C VAL C 227 -25.81 -21.44 42.66
N ASP C 228 -25.80 -22.61 43.30
CA ASP C 228 -26.89 -23.57 43.16
C ASP C 228 -28.04 -23.23 44.08
N LYS C 229 -27.83 -23.40 45.39
CA LYS C 229 -28.89 -23.15 46.36
C LYS C 229 -28.33 -22.67 47.70
N ILE C 230 -29.22 -22.11 48.51
CA ILE C 230 -28.85 -21.64 49.84
C ILE C 230 -29.30 -22.65 50.89
N ILE C 231 -28.37 -23.05 51.75
CA ILE C 231 -28.64 -24.07 52.76
C ILE C 231 -29.07 -23.46 54.09
N VAL C 232 -30.21 -23.90 54.60
CA VAL C 232 -30.75 -23.38 55.86
C VAL C 232 -30.54 -24.35 57.02
N GLU C 233 -30.01 -23.83 58.12
CA GLU C 233 -29.81 -24.61 59.33
C GLU C 233 -30.42 -23.90 60.53
N ASP C 234 -31.44 -24.52 61.12
CA ASP C 234 -32.16 -23.96 62.27
C ASP C 234 -32.74 -22.58 61.95
N GLY C 235 -33.41 -22.47 60.81
CA GLY C 235 -34.05 -21.24 60.41
C GLY C 235 -33.10 -20.10 60.04
N ARG C 236 -31.82 -20.44 59.88
CA ARG C 236 -30.82 -19.44 59.50
C ARG C 236 -30.12 -19.82 58.19
N ALA C 237 -29.99 -18.86 57.28
CA ALA C 237 -29.22 -19.08 56.05
C ALA C 237 -27.75 -19.23 56.41
N ALA C 238 -27.25 -20.46 56.30
CA ALA C 238 -25.95 -20.78 56.88
C ALA C 238 -24.88 -21.03 55.84
N ALA C 239 -25.28 -21.56 54.68
CA ALA C 239 -24.30 -21.96 53.68
C ALA C 239 -24.84 -21.85 52.26
N VAL C 240 -23.92 -21.90 51.30
CA VAL C 240 -24.27 -21.87 49.88
C VAL C 240 -23.59 -23.03 49.17
N ARG C 241 -24.36 -23.77 48.38
CA ARG C 241 -23.78 -24.80 47.52
C ARG C 241 -23.51 -24.21 46.14
N THR C 242 -22.28 -24.37 45.64
CA THR C 242 -21.94 -23.87 44.32
C THR C 242 -21.42 -24.97 43.42
N VAL C 243 -21.51 -24.73 42.11
CA VAL C 243 -20.97 -25.64 41.10
C VAL C 243 -20.17 -24.80 40.11
N PRO C 244 -19.24 -25.44 39.36
CA PRO C 244 -18.51 -24.67 38.36
C PRO C 244 -19.46 -24.12 37.29
N SER C 245 -19.15 -22.97 36.71
CA SER C 245 -20.02 -22.40 35.70
C SER C 245 -19.95 -23.23 34.41
N LYS C 246 -18.84 -23.95 34.22
CA LYS C 246 -18.69 -24.86 33.09
C LYS C 246 -18.50 -26.29 33.57
N PRO C 247 -19.50 -27.16 33.34
CA PRO C 247 -19.40 -28.58 33.73
C PRO C 247 -18.48 -29.37 32.81
N LEU C 248 -17.19 -29.40 33.14
CA LEU C 248 -16.19 -29.97 32.24
C LEU C 248 -15.78 -31.40 32.62
N ASN C 249 -16.43 -31.97 33.64
CA ASN C 249 -16.11 -33.31 34.08
C ASN C 249 -17.35 -34.09 34.51
N PRO C 250 -18.15 -34.55 33.53
CA PRO C 250 -19.45 -35.21 33.79
C PRO C 250 -19.29 -36.54 34.51
N LYS C 251 -18.13 -37.19 34.35
CA LYS C 251 -17.88 -38.47 34.98
C LYS C 251 -17.86 -38.36 36.51
N LYS C 252 -17.46 -37.20 37.00
CA LYS C 252 -17.47 -36.95 38.44
C LYS C 252 -17.64 -35.46 38.71
N PRO C 253 -18.90 -34.99 38.68
CA PRO C 253 -19.20 -33.56 38.91
C PRO C 253 -18.76 -33.09 40.29
N SER C 254 -18.28 -31.84 40.36
CA SER C 254 -17.82 -31.29 41.63
C SER C 254 -18.77 -30.22 42.15
N HIS C 255 -18.61 -29.89 43.42
CA HIS C 255 -19.36 -28.81 44.04
C HIS C 255 -18.62 -28.29 45.26
N LYS C 256 -18.90 -27.07 45.67
CA LYS C 256 -18.29 -26.51 46.86
C LYS C 256 -19.35 -25.93 47.78
N ILE C 257 -19.04 -25.91 49.07
CA ILE C 257 -19.93 -25.31 50.04
C ILE C 257 -19.21 -24.20 50.78
N TYR C 258 -19.79 -23.01 50.77
CA TYR C 258 -19.25 -21.87 51.48
C TYR C 258 -20.21 -21.47 52.61
N ARG C 259 -19.66 -21.22 53.80
CA ARG C 259 -20.49 -20.89 54.95
C ARG C 259 -20.40 -19.40 55.29
N ALA C 260 -21.48 -18.88 55.87
CA ALA C 260 -21.48 -17.49 56.34
C ALA C 260 -21.84 -17.42 57.81
N ARG C 261 -21.06 -16.66 58.58
CA ARG C 261 -21.31 -16.53 60.00
C ARG C 261 -22.41 -15.49 60.27
N LYS C 262 -22.34 -14.36 59.60
CA LYS C 262 -23.19 -13.22 59.97
C LYS C 262 -24.30 -12.89 58.96
N GLN C 263 -23.99 -12.95 57.66
CA GLN C 263 -24.95 -12.48 56.67
C GLN C 263 -24.74 -13.08 55.28
N ILE C 264 -25.84 -13.38 54.61
CA ILE C 264 -25.82 -13.75 53.20
C ILE C 264 -26.67 -12.75 52.42
N VAL C 265 -26.13 -12.23 51.33
CA VAL C 265 -26.89 -11.34 50.45
C VAL C 265 -26.99 -11.95 49.05
N LEU C 266 -28.22 -12.08 48.56
CA LEU C 266 -28.44 -12.65 47.24
C LEU C 266 -28.60 -11.53 46.22
N SER C 267 -27.70 -11.51 45.23
CA SER C 267 -27.68 -10.44 44.22
C SER C 267 -27.46 -11.01 42.82
N CYS C 268 -28.15 -12.08 42.48
CA CYS C 268 -27.93 -12.73 41.19
C CYS C 268 -28.75 -12.12 40.06
N GLY C 269 -29.49 -11.06 40.36
CA GLY C 269 -30.26 -10.38 39.34
C GLY C 269 -31.70 -10.88 39.26
N THR C 270 -32.54 -10.10 38.59
CA THR C 270 -33.98 -10.37 38.52
C THR C 270 -34.32 -11.75 37.97
N ILE C 271 -33.58 -12.17 36.95
CA ILE C 271 -33.83 -13.47 36.33
C ILE C 271 -33.35 -14.63 37.19
N SER C 272 -32.19 -14.47 37.83
CA SER C 272 -31.52 -15.59 38.46
C SER C 272 -31.78 -15.74 39.96
N SER C 273 -31.93 -14.63 40.68
CA SER C 273 -32.23 -14.68 42.11
C SER C 273 -33.44 -15.55 42.51
N PRO C 274 -34.57 -15.45 41.77
CA PRO C 274 -35.68 -16.33 42.17
C PRO C 274 -35.37 -17.78 41.93
N LEU C 275 -34.56 -18.07 40.91
CA LEU C 275 -34.17 -19.44 40.61
C LEU C 275 -33.37 -20.02 41.77
N VAL C 276 -32.48 -19.21 42.34
CA VAL C 276 -31.71 -19.62 43.50
C VAL C 276 -32.63 -19.86 44.70
N LEU C 277 -33.57 -18.95 44.93
CA LEU C 277 -34.51 -19.10 46.04
C LEU C 277 -35.39 -20.34 45.85
N GLN C 278 -35.90 -20.53 44.64
CA GLN C 278 -36.74 -21.70 44.35
C GLN C 278 -35.98 -23.01 44.54
N ARG C 279 -34.73 -23.05 44.10
CA ARG C 279 -33.90 -24.23 44.30
C ARG C 279 -33.62 -24.46 45.79
N SER C 280 -33.72 -23.40 46.57
CA SER C 280 -33.45 -23.47 48.01
C SER C 280 -34.70 -23.85 48.80
N GLY C 281 -35.83 -24.00 48.10
CA GLY C 281 -37.06 -24.39 48.74
C GLY C 281 -37.99 -23.23 49.10
N PHE C 282 -37.72 -22.06 48.53
CA PHE C 282 -38.58 -20.90 48.75
C PHE C 282 -39.49 -20.67 47.55
N GLY C 283 -40.79 -20.87 47.72
CA GLY C 283 -41.73 -20.60 46.66
C GLY C 283 -43.09 -21.23 46.84
N ASP C 284 -43.76 -21.46 45.71
CA ASP C 284 -45.04 -22.15 45.67
C ASP C 284 -44.80 -23.65 45.77
N PRO C 285 -45.25 -24.28 46.87
CA PRO C 285 -45.02 -25.70 47.16
C PRO C 285 -45.43 -26.61 46.02
N ILE C 286 -46.54 -26.32 45.38
CA ILE C 286 -47.02 -27.14 44.27
C ILE C 286 -46.04 -27.08 43.09
N LYS C 287 -45.64 -25.87 42.72
CA LYS C 287 -44.69 -25.67 41.63
C LYS C 287 -43.30 -26.22 41.97
N LEU C 288 -42.88 -26.04 43.21
CA LEU C 288 -41.58 -26.54 43.66
C LEU C 288 -41.52 -28.06 43.55
N ARG C 289 -42.56 -28.73 44.05
CA ARG C 289 -42.64 -30.19 43.97
C ARG C 289 -42.70 -30.66 42.52
N ALA C 290 -43.37 -29.87 41.68
CA ALA C 290 -43.45 -30.19 40.26
C ALA C 290 -42.09 -30.07 39.59
N ALA C 291 -41.18 -29.35 40.23
CA ALA C 291 -39.83 -29.16 39.72
C ALA C 291 -38.82 -30.02 40.46
N GLY C 292 -39.30 -30.89 41.34
CA GLY C 292 -38.43 -31.83 42.04
C GLY C 292 -37.73 -31.26 43.26
N VAL C 293 -38.21 -30.14 43.77
CA VAL C 293 -37.61 -29.52 44.95
C VAL C 293 -38.52 -29.64 46.17
N LYS C 294 -37.95 -29.98 47.32
CA LYS C 294 -38.71 -30.07 48.56
C LYS C 294 -38.96 -28.68 49.13
N PRO C 295 -40.24 -28.31 49.30
CA PRO C 295 -40.62 -27.00 49.84
C PRO C 295 -40.11 -26.77 51.26
N LEU C 296 -39.72 -25.54 51.56
CA LEU C 296 -39.22 -25.18 52.87
C LEU C 296 -40.02 -24.01 53.43
N VAL C 297 -40.21 -22.99 52.59
CA VAL C 297 -40.94 -21.79 52.98
C VAL C 297 -41.99 -21.45 51.93
N ASN C 298 -43.23 -21.27 52.39
CA ASN C 298 -44.34 -20.97 51.49
C ASN C 298 -44.31 -19.50 51.07
N LEU C 299 -43.73 -19.23 49.90
CA LEU C 299 -43.60 -17.87 49.36
C LEU C 299 -43.96 -17.81 47.89
N PRO C 300 -45.26 -17.83 47.56
CA PRO C 300 -45.71 -17.87 46.17
C PRO C 300 -45.27 -16.65 45.33
N GLY C 301 -44.75 -15.62 45.98
CA GLY C 301 -44.33 -14.41 45.29
C GLY C 301 -43.01 -14.55 44.54
N VAL C 302 -42.22 -15.56 44.90
CA VAL C 302 -40.91 -15.76 44.30
C VAL C 302 -41.04 -16.12 42.82
N GLY C 303 -40.56 -15.22 41.97
CA GLY C 303 -40.60 -15.44 40.54
C GLY C 303 -41.79 -14.76 39.89
N ARG C 304 -42.66 -14.20 40.71
CA ARG C 304 -43.83 -13.49 40.23
C ARG C 304 -43.55 -12.00 40.10
N ASN C 305 -44.49 -11.27 39.48
CA ASN C 305 -44.40 -9.82 39.37
C ASN C 305 -43.19 -9.38 38.53
N PHE C 306 -42.86 -10.17 37.51
CA PHE C 306 -41.75 -9.85 36.62
C PHE C 306 -42.08 -8.63 35.77
N GLN C 307 -41.25 -7.61 35.91
CA GLN C 307 -41.43 -6.37 35.16
C GLN C 307 -40.19 -6.03 34.37
N ASP C 308 -40.33 -5.12 33.43
CA ASP C 308 -39.24 -4.70 32.56
C ASP C 308 -39.65 -3.44 31.85
N HIS C 309 -38.73 -2.86 31.10
CA HIS C 309 -39.07 -1.83 30.13
C HIS C 309 -39.11 -2.49 28.76
N TYR C 310 -40.09 -2.13 27.94
CA TYR C 310 -40.23 -2.76 26.64
C TYR C 310 -39.71 -1.81 25.57
N CYS C 311 -38.68 -2.24 24.83
CA CYS C 311 -38.02 -1.33 23.89
C CYS C 311 -38.16 -1.76 22.43
N PHE C 312 -37.85 -0.82 21.54
CA PHE C 312 -37.71 -1.13 20.13
C PHE C 312 -36.83 -0.09 19.43
N PHE C 313 -36.23 -0.49 18.31
CA PHE C 313 -35.26 0.34 17.61
C PHE C 313 -35.78 0.70 16.21
N SER C 314 -35.62 1.96 15.81
CA SER C 314 -36.00 2.38 14.48
C SER C 314 -34.86 3.16 13.82
N PRO C 315 -34.21 2.56 12.82
CA PRO C 315 -33.01 3.18 12.22
C PRO C 315 -33.33 4.14 11.08
N TYR C 316 -32.50 5.18 10.94
CA TYR C 316 -32.66 6.15 9.86
C TYR C 316 -31.36 6.33 9.08
N ARG C 317 -31.52 6.66 7.82
CA ARG C 317 -30.41 7.04 6.94
C ARG C 317 -29.84 8.40 7.36
N ILE C 318 -28.52 8.55 7.39
CA ILE C 318 -27.96 9.90 7.55
C ILE C 318 -27.19 10.33 6.31
N LYS C 319 -27.03 11.64 6.13
CA LYS C 319 -26.31 12.18 4.98
C LYS C 319 -24.84 11.75 5.01
N PRO C 320 -24.25 11.51 3.84
CA PRO C 320 -22.90 10.94 3.77
C PRO C 320 -21.81 11.77 4.46
N GLN C 321 -22.05 13.05 4.70
CA GLN C 321 -21.02 13.90 5.30
C GLN C 321 -20.99 13.78 6.83
N TYR C 322 -22.03 13.19 7.41
CA TYR C 322 -22.13 13.16 8.88
C TYR C 322 -21.50 11.89 9.46
N GLU C 323 -21.28 11.91 10.77
CA GLU C 323 -20.54 10.83 11.43
C GLU C 323 -21.45 9.81 12.10
N SER C 324 -20.97 8.58 12.18
CA SER C 324 -21.63 7.51 12.93
C SER C 324 -20.57 6.47 13.28
N PHE C 325 -20.92 5.50 14.11
CA PHE C 325 -19.93 4.47 14.46
C PHE C 325 -20.09 3.22 13.61
N ASP C 326 -20.86 3.31 12.52
CA ASP C 326 -21.21 2.13 11.73
C ASP C 326 -20.02 1.40 11.12
N ASP C 327 -19.11 2.15 10.46
CA ASP C 327 -17.93 1.52 9.87
C ASP C 327 -17.05 0.87 10.93
N PHE C 328 -16.94 1.52 12.09
CA PHE C 328 -16.20 0.98 13.21
C PHE C 328 -16.76 -0.37 13.69
N VAL C 329 -18.06 -0.48 13.91
CA VAL C 329 -18.52 -1.77 14.43
C VAL C 329 -18.78 -2.76 13.28
N ARG C 330 -18.81 -2.29 12.04
CA ARG C 330 -18.85 -3.22 10.91
C ARG C 330 -17.54 -3.99 10.81
N GLY C 331 -16.45 -3.34 11.21
CA GLY C 331 -15.15 -4.00 11.22
C GLY C 331 -14.14 -3.44 10.21
N ASP C 332 -14.30 -2.18 9.84
CA ASP C 332 -13.33 -1.52 8.95
C ASP C 332 -11.98 -1.39 9.65
N ALA C 333 -10.95 -2.01 9.09
CA ALA C 333 -9.65 -2.10 9.74
C ALA C 333 -8.98 -0.74 9.95
N GLU C 334 -8.95 0.10 8.93
CA GLU C 334 -8.27 1.38 9.05
C GLU C 334 -8.98 2.30 10.03
N ILE C 335 -10.31 2.30 10.01
CA ILE C 335 -11.06 3.17 10.93
C ILE C 335 -10.92 2.67 12.37
N GLN C 336 -10.96 1.35 12.57
CA GLN C 336 -10.72 0.82 13.92
C GLN C 336 -9.32 1.19 14.43
N LYS C 337 -8.33 1.08 13.55
CA LYS C 337 -6.95 1.42 13.88
C LYS C 337 -6.86 2.89 14.36
N ARG C 338 -7.48 3.81 13.63
CA ARG C 338 -7.36 5.23 13.99
C ARG C 338 -8.10 5.54 15.29
N VAL C 339 -9.24 4.90 15.49
CA VAL C 339 -10.02 5.12 16.70
C VAL C 339 -9.26 4.64 17.94
N PHE C 340 -8.69 3.45 17.87
CA PHE C 340 -7.88 2.93 18.97
C PHE C 340 -6.61 3.78 19.18
N ASP C 341 -5.98 4.20 18.10
CA ASP C 341 -4.75 5.00 18.20
C ASP C 341 -4.98 6.31 18.95
N GLN C 342 -6.12 6.95 18.69
CA GLN C 342 -6.43 8.19 19.39
C GLN C 342 -6.63 7.93 20.88
N TRP C 343 -7.31 6.84 21.22
CA TRP C 343 -7.57 6.52 22.61
C TRP C 343 -6.26 6.20 23.37
N TYR C 344 -5.37 5.47 22.71
CA TYR C 344 -4.08 5.15 23.31
C TYR C 344 -3.25 6.41 23.51
N ALA C 345 -3.40 7.36 22.59
CA ALA C 345 -2.66 8.61 22.64
C ALA C 345 -3.05 9.47 23.84
N ASN C 346 -4.35 9.67 24.07
CA ASN C 346 -4.77 10.55 25.15
C ASN C 346 -6.18 10.29 25.67
N GLY C 347 -6.72 9.09 25.41
CA GLY C 347 -8.02 8.72 25.93
C GLY C 347 -9.23 9.47 25.38
N THR C 348 -9.11 10.03 24.17
CA THR C 348 -10.22 10.74 23.55
C THR C 348 -10.62 10.10 22.22
N GLY C 349 -11.69 10.62 21.60
CA GLY C 349 -12.16 10.09 20.34
C GLY C 349 -13.33 9.13 20.51
N PRO C 350 -13.84 8.61 19.38
CA PRO C 350 -15.05 7.79 19.32
C PRO C 350 -15.06 6.58 20.27
N LEU C 351 -13.90 6.10 20.68
CA LEU C 351 -13.86 4.94 21.58
C LEU C 351 -14.31 5.31 23.01
N ALA C 352 -14.30 6.61 23.31
CA ALA C 352 -14.61 7.10 24.66
C ALA C 352 -16.04 7.63 24.78
N THR C 353 -16.95 7.07 23.99
CA THR C 353 -18.37 7.44 24.08
C THR C 353 -19.26 6.25 23.74
N ASN C 354 -20.55 6.38 23.99
CA ASN C 354 -21.50 5.34 23.62
C ASN C 354 -22.28 5.73 22.37
N GLY C 355 -22.12 6.97 21.94
CA GLY C 355 -22.82 7.47 20.77
C GLY C 355 -24.30 7.71 21.01
N ILE C 356 -24.71 7.64 22.27
CA ILE C 356 -26.09 7.93 22.63
C ILE C 356 -26.13 9.31 23.27
N GLU C 357 -26.29 10.33 22.44
CA GLU C 357 -25.93 11.69 22.84
C GLU C 357 -27.06 12.57 23.33
N ALA C 358 -28.29 12.23 22.96
CA ALA C 358 -29.43 13.04 23.36
C ALA C 358 -30.68 12.19 23.45
N GLY C 359 -31.64 12.65 24.23
CA GLY C 359 -32.83 11.87 24.45
C GLY C 359 -33.95 12.65 25.11
N VAL C 360 -34.99 11.91 25.48
CA VAL C 360 -36.26 12.53 25.79
C VAL C 360 -37.06 11.72 26.83
N LYS C 361 -37.73 12.42 27.74
CA LYS C 361 -38.80 11.82 28.56
C LYS C 361 -40.09 12.52 28.18
N ILE C 362 -41.16 11.78 27.93
CA ILE C 362 -42.38 12.44 27.47
C ILE C 362 -43.67 11.91 28.08
N ARG C 363 -44.63 12.83 28.22
CA ARG C 363 -46.00 12.50 28.57
C ARG C 363 -46.93 13.01 27.47
N PRO C 364 -48.06 12.32 27.26
CA PRO C 364 -49.00 12.76 26.22
C PRO C 364 -49.76 14.02 26.63
N THR C 365 -50.05 14.89 25.66
CA THR C 365 -50.97 16.00 25.89
C THR C 365 -52.37 15.43 25.95
N PRO C 366 -53.33 16.16 26.54
CA PRO C 366 -54.72 15.67 26.58
C PRO C 366 -55.30 15.38 25.20
N GLU C 367 -54.86 16.13 24.18
CA GLU C 367 -55.32 15.86 22.82
C GLU C 367 -54.76 14.55 22.29
N GLU C 368 -53.47 14.33 22.51
CA GLU C 368 -52.82 13.09 22.08
C GLU C 368 -53.47 11.88 22.74
N LEU C 369 -53.79 12.02 24.02
CA LEU C 369 -54.48 10.98 24.77
C LEU C 369 -55.81 10.60 24.14
N SER C 370 -56.55 11.61 23.70
CA SER C 370 -57.89 11.40 23.15
C SER C 370 -57.86 10.63 21.82
N GLN C 371 -56.66 10.46 21.26
CA GLN C 371 -56.51 9.74 20.00
C GLN C 371 -56.06 8.31 20.21
N MET C 372 -55.78 7.94 21.46
CA MET C 372 -55.24 6.63 21.77
C MET C 372 -56.32 5.65 22.18
N ASP C 373 -55.96 4.37 22.29
CA ASP C 373 -56.87 3.33 22.76
C ASP C 373 -57.58 3.74 24.03
N GLU C 374 -58.84 3.35 24.15
CA GLU C 374 -59.62 3.68 25.34
C GLU C 374 -58.99 3.02 26.56
N SER C 375 -58.45 1.82 26.36
CA SER C 375 -57.85 1.07 27.46
C SER C 375 -56.67 1.83 28.09
N PHE C 376 -55.84 2.46 27.27
CA PHE C 376 -54.72 3.22 27.84
C PHE C 376 -55.18 4.57 28.40
N GLN C 377 -56.22 5.15 27.81
CA GLN C 377 -56.78 6.39 28.36
C GLN C 377 -57.21 6.17 29.80
N GLU C 378 -57.81 5.00 30.06
CA GLU C 378 -58.22 4.63 31.41
C GLU C 378 -57.01 4.34 32.28
N GLY C 379 -56.02 3.66 31.70
CA GLY C 379 -54.79 3.35 32.41
C GLY C 379 -54.06 4.62 32.82
N TYR C 380 -54.13 5.64 31.97
CA TYR C 380 -53.48 6.91 32.24
C TYR C 380 -54.12 7.61 33.45
N ARG C 381 -55.45 7.59 33.51
CA ARG C 381 -56.18 8.16 34.65
C ARG C 381 -55.84 7.45 35.94
N GLU C 382 -55.74 6.14 35.88
CA GLU C 382 -55.47 5.32 37.06
C GLU C 382 -54.04 5.47 37.60
N TYR C 383 -53.07 5.60 36.70
CA TYR C 383 -51.67 5.47 37.07
C TYR C 383 -50.86 6.77 36.94
N PHE C 384 -51.16 7.57 35.91
CA PHE C 384 -50.29 8.71 35.58
C PHE C 384 -50.84 10.09 35.93
N GLU C 385 -52.16 10.27 35.84
CA GLU C 385 -52.75 11.60 35.92
C GLU C 385 -52.44 12.34 37.22
N ASP C 386 -52.43 11.63 38.33
CA ASP C 386 -52.13 12.24 39.63
C ASP C 386 -50.67 12.01 40.05
N LYS C 387 -49.85 11.56 39.09
CA LYS C 387 -48.42 11.41 39.30
C LYS C 387 -47.67 12.18 38.22
N PRO C 388 -47.68 13.52 38.32
CA PRO C 388 -47.16 14.39 37.26
C PRO C 388 -45.66 14.25 36.97
N ASP C 389 -44.91 13.54 37.81
CA ASP C 389 -43.47 13.45 37.61
C ASP C 389 -43.03 12.16 36.90
N LYS C 390 -43.99 11.30 36.57
CA LYS C 390 -43.70 10.04 35.87
C LYS C 390 -43.80 10.19 34.36
N PRO C 391 -42.73 9.87 33.64
CA PRO C 391 -42.78 9.84 32.17
C PRO C 391 -43.50 8.59 31.65
N VAL C 392 -44.10 8.68 30.46
CA VAL C 392 -44.75 7.52 29.86
C VAL C 392 -43.81 6.78 28.91
N MET C 393 -43.12 7.52 28.05
CA MET C 393 -42.16 6.92 27.11
C MET C 393 -40.81 7.61 27.19
N HIS C 394 -39.76 6.85 26.91
CA HIS C 394 -38.45 7.43 26.66
C HIS C 394 -38.01 7.12 25.25
N TYR C 395 -37.31 8.06 24.60
CA TYR C 395 -36.49 7.67 23.47
C TYR C 395 -35.28 8.56 23.30
N SER C 396 -34.25 8.00 22.68
CA SER C 396 -32.99 8.67 22.52
C SER C 396 -32.40 8.39 21.15
N ILE C 397 -31.41 9.19 20.75
CA ILE C 397 -30.80 9.04 19.43
C ILE C 397 -29.42 8.38 19.56
N ILE C 398 -29.23 7.31 18.79
CA ILE C 398 -27.94 6.61 18.75
C ILE C 398 -27.22 6.93 17.44
N ALA C 399 -25.95 7.33 17.53
CA ALA C 399 -25.20 7.78 16.37
C ALA C 399 -24.66 6.61 15.55
N GLY C 400 -25.57 5.76 15.11
CA GLY C 400 -25.21 4.58 14.34
C GLY C 400 -26.36 3.60 14.41
N PHE C 401 -26.24 2.49 13.67
CA PHE C 401 -27.24 1.45 13.77
C PHE C 401 -26.90 0.51 14.91
N PHE C 402 -27.81 0.36 15.87
CA PHE C 402 -27.67 -0.72 16.84
C PHE C 402 -28.46 -1.93 16.38
N GLY C 403 -27.73 -3.02 16.15
CA GLY C 403 -28.29 -4.24 15.59
C GLY C 403 -27.27 -4.94 14.72
N ASP C 404 -27.70 -5.96 13.99
CA ASP C 404 -26.79 -6.77 13.18
C ASP C 404 -26.50 -6.08 11.84
N HIS C 405 -25.27 -5.61 11.67
CA HIS C 405 -24.90 -4.93 10.44
C HIS C 405 -24.85 -5.83 9.21
N THR C 406 -24.82 -7.15 9.41
CA THR C 406 -24.83 -8.06 8.27
C THR C 406 -26.24 -8.20 7.70
N LYS C 407 -27.23 -7.60 8.37
CA LYS C 407 -28.62 -7.69 7.93
C LYS C 407 -29.21 -6.33 7.54
N ILE C 408 -28.36 -5.33 7.35
CA ILE C 408 -28.81 -4.00 6.96
C ILE C 408 -27.89 -3.53 5.84
N PRO C 409 -28.37 -2.66 4.93
CA PRO C 409 -27.49 -2.24 3.82
C PRO C 409 -26.26 -1.48 4.29
N PRO C 410 -25.25 -1.37 3.42
CA PRO C 410 -24.09 -0.54 3.76
C PRO C 410 -24.50 0.92 3.90
N GLY C 411 -23.62 1.74 4.48
CA GLY C 411 -23.91 3.14 4.68
C GLY C 411 -23.89 3.50 6.14
N LYS C 412 -24.29 4.73 6.45
CA LYS C 412 -24.27 5.21 7.83
C LYS C 412 -25.69 5.51 8.31
N TYR C 413 -25.90 5.33 9.60
CA TYR C 413 -27.24 5.42 10.17
C TYR C 413 -27.30 6.19 11.48
N MET C 414 -28.52 6.45 11.92
CA MET C 414 -28.79 6.86 13.30
C MET C 414 -30.03 6.09 13.74
N THR C 415 -30.10 5.73 15.01
CA THR C 415 -31.19 4.89 15.49
C THR C 415 -31.97 5.54 16.62
N MET C 416 -33.30 5.54 16.49
CA MET C 416 -34.16 5.94 17.60
C MET C 416 -34.38 4.74 18.52
N PHE C 417 -34.06 4.92 19.79
CA PHE C 417 -34.15 3.87 20.80
C PHE C 417 -35.25 4.23 21.78
N HIS C 418 -36.38 3.51 21.74
CA HIS C 418 -37.53 3.81 22.60
C HIS C 418 -37.72 2.74 23.67
N PHE C 419 -38.27 3.11 24.83
CA PHE C 419 -38.82 2.10 25.73
C PHE C 419 -39.96 2.64 26.61
N LEU C 420 -40.85 1.73 26.99
CA LEU C 420 -42.02 2.04 27.81
C LEU C 420 -41.63 2.07 29.28
N GLU C 421 -41.98 3.15 29.98
CA GLU C 421 -41.46 3.42 31.32
C GLU C 421 -42.13 2.63 32.44
N TYR C 422 -43.46 2.51 32.40
CA TYR C 422 -44.19 1.79 33.45
C TYR C 422 -45.25 0.87 32.84
N PRO C 423 -44.84 -0.29 32.30
CA PRO C 423 -45.80 -1.20 31.66
C PRO C 423 -46.79 -1.79 32.66
N PHE C 424 -48.01 -2.07 32.19
CA PHE C 424 -49.03 -2.71 33.01
C PHE C 424 -48.87 -4.22 32.95
N SER C 425 -48.23 -4.70 31.90
CA SER C 425 -48.02 -6.14 31.72
C SER C 425 -47.18 -6.72 32.85
N ARG C 426 -47.37 -8.01 33.12
CA ARG C 426 -46.61 -8.71 34.14
C ARG C 426 -46.25 -10.10 33.66
N GLY C 427 -45.09 -10.59 34.09
CA GLY C 427 -44.66 -11.93 33.74
C GLY C 427 -44.26 -12.74 34.96
N SER C 428 -43.70 -13.92 34.71
CA SER C 428 -43.27 -14.80 35.79
C SER C 428 -42.15 -15.72 35.32
N ILE C 429 -41.39 -16.25 36.28
CA ILE C 429 -40.32 -17.18 35.95
C ILE C 429 -40.19 -18.25 37.04
N HIS C 430 -39.84 -19.46 36.64
CA HIS C 430 -39.75 -20.57 37.58
C HIS C 430 -38.82 -21.67 37.06
N ILE C 431 -38.05 -22.28 37.96
CA ILE C 431 -37.16 -23.38 37.61
C ILE C 431 -37.94 -24.57 37.03
N THR C 432 -37.25 -25.39 36.24
CA THR C 432 -37.88 -26.58 35.66
C THR C 432 -37.41 -27.84 36.36
N SER C 433 -36.27 -27.75 37.06
CA SER C 433 -35.72 -28.89 37.78
C SER C 433 -34.73 -28.37 38.84
N PRO C 434 -34.19 -29.27 39.70
CA PRO C 434 -33.20 -28.74 40.65
C PRO C 434 -31.81 -28.52 40.04
N ASP C 435 -31.64 -28.91 38.78
CA ASP C 435 -30.38 -28.70 38.07
C ASP C 435 -30.09 -27.20 37.96
N PRO C 436 -28.98 -26.73 38.56
CA PRO C 436 -28.65 -25.31 38.53
C PRO C 436 -28.39 -24.79 37.11
N TYR C 437 -28.03 -25.69 36.19
CA TYR C 437 -27.74 -25.32 34.81
C TYR C 437 -29.01 -25.24 33.95
N ALA C 438 -30.10 -25.81 34.44
CA ALA C 438 -31.30 -26.00 33.64
C ALA C 438 -32.01 -24.68 33.30
N ALA C 439 -32.42 -24.56 32.05
CA ALA C 439 -33.17 -23.40 31.59
C ALA C 439 -34.52 -23.32 32.30
N PRO C 440 -34.85 -22.14 32.85
CA PRO C 440 -36.12 -21.97 33.56
C PRO C 440 -37.32 -21.88 32.61
N ASP C 441 -38.50 -22.11 33.16
CA ASP C 441 -39.75 -21.81 32.46
C ASP C 441 -40.02 -20.32 32.57
N PHE C 442 -40.00 -19.63 31.44
CA PHE C 442 -39.93 -18.16 31.44
C PHE C 442 -41.02 -17.52 30.58
N ASP C 443 -41.87 -16.73 31.22
CA ASP C 443 -42.83 -15.87 30.53
C ASP C 443 -42.64 -14.43 30.96
N PRO C 444 -41.86 -13.66 30.18
CA PRO C 444 -41.56 -12.26 30.48
C PRO C 444 -42.81 -11.38 30.46
N GLY C 445 -43.82 -11.81 29.71
CA GLY C 445 -45.11 -11.14 29.69
C GLY C 445 -45.16 -9.88 28.84
N PHE C 446 -44.18 -9.71 27.95
CA PHE C 446 -44.10 -8.53 27.11
C PHE C 446 -45.41 -8.30 26.33
N MET C 447 -45.98 -7.11 26.52
CA MET C 447 -47.18 -6.66 25.80
C MET C 447 -48.43 -7.50 26.01
N ASN C 448 -48.52 -8.28 27.09
CA ASN C 448 -49.71 -9.12 27.27
C ASN C 448 -50.90 -8.33 27.83
N ASP C 449 -50.64 -7.13 28.35
CA ASP C 449 -51.69 -6.21 28.76
C ASP C 449 -51.99 -5.22 27.63
N GLU C 450 -53.27 -5.05 27.31
CA GLU C 450 -53.67 -4.25 26.16
C GLU C 450 -53.36 -2.75 26.31
N ARG C 451 -53.15 -2.32 27.55
CA ARG C 451 -52.88 -0.91 27.83
C ARG C 451 -51.48 -0.47 27.38
N ASP C 452 -50.61 -1.43 27.10
CA ASP C 452 -49.22 -1.11 26.81
C ASP C 452 -48.96 -0.80 25.33
N MET C 453 -49.95 -1.01 24.47
CA MET C 453 -49.73 -0.84 23.03
C MET C 453 -49.73 0.61 22.56
N ALA C 454 -50.71 1.39 23.03
CA ALA C 454 -50.86 2.78 22.57
C ALA C 454 -49.62 3.67 22.78
N PRO C 455 -48.97 3.62 23.96
CA PRO C 455 -47.82 4.51 24.12
C PRO C 455 -46.67 4.20 23.16
N MET C 456 -46.49 2.92 22.83
CA MET C 456 -45.44 2.50 21.93
C MET C 456 -45.69 3.03 20.52
N VAL C 457 -46.93 2.91 20.06
CA VAL C 457 -47.33 3.41 18.75
C VAL C 457 -47.10 4.92 18.70
N TRP C 458 -47.57 5.58 19.75
CA TRP C 458 -47.39 7.02 19.91
C TRP C 458 -45.91 7.43 19.82
N ALA C 459 -45.04 6.70 20.50
CA ALA C 459 -43.62 7.02 20.54
C ALA C 459 -42.94 6.85 19.18
N TYR C 460 -43.36 5.83 18.42
CA TYR C 460 -42.80 5.63 17.08
C TYR C 460 -43.07 6.85 16.20
N LYS C 461 -44.33 7.31 16.21
CA LYS C 461 -44.74 8.45 15.40
C LYS C 461 -44.00 9.70 15.83
N LYS C 462 -43.85 9.86 17.14
CA LYS C 462 -43.15 11.03 17.70
C LYS C 462 -41.68 11.08 17.28
N SER C 463 -40.95 9.99 17.50
CA SER C 463 -39.52 9.94 17.20
C SER C 463 -39.26 10.05 15.70
N ARG C 464 -40.18 9.52 14.90
CA ARG C 464 -40.06 9.61 13.44
C ARG C 464 -40.16 11.07 13.00
N GLU C 465 -41.05 11.82 13.66
CA GLU C 465 -41.19 13.23 13.38
C GLU C 465 -39.94 13.99 13.81
N THR C 466 -39.35 13.58 14.92
CA THR C 466 -38.08 14.15 15.37
C THR C 466 -37.01 13.91 14.33
N ALA C 467 -36.91 12.66 13.88
CA ALA C 467 -35.89 12.26 12.91
C ALA C 467 -35.97 13.07 11.62
N ARG C 468 -37.19 13.26 11.13
CA ARG C 468 -37.39 13.94 9.85
C ARG C 468 -37.11 15.45 9.95
N ARG C 469 -36.94 15.96 11.16
CA ARG C 469 -36.66 17.37 11.36
C ARG C 469 -35.20 17.61 11.75
N MET C 470 -34.38 16.56 11.67
CA MET C 470 -32.96 16.68 11.96
C MET C 470 -32.16 16.88 10.68
N ASP C 471 -31.09 17.68 10.76
CA ASP C 471 -30.21 17.92 9.63
C ASP C 471 -29.58 16.62 9.13
N HIS C 472 -29.34 15.69 10.04
CA HIS C 472 -28.72 14.41 9.71
C HIS C 472 -29.58 13.57 8.76
N PHE C 473 -30.89 13.75 8.84
CA PHE C 473 -31.85 12.87 8.18
C PHE C 473 -31.66 12.78 6.66
N ALA C 474 -31.60 11.55 6.15
CA ALA C 474 -31.48 11.34 4.72
C ALA C 474 -32.39 10.22 4.21
N GLY C 475 -33.24 9.69 5.08
CA GLY C 475 -34.15 8.64 4.66
C GLY C 475 -34.48 7.62 5.74
N GLU C 476 -35.35 6.69 5.38
CA GLU C 476 -35.87 5.71 6.33
C GLU C 476 -35.60 4.29 5.82
N VAL C 477 -35.06 3.45 6.68
CA VAL C 477 -34.69 2.09 6.29
C VAL C 477 -35.93 1.20 6.25
N THR C 478 -36.43 0.95 5.05
CA THR C 478 -37.72 0.30 4.86
C THR C 478 -37.84 -1.05 5.57
N SER C 479 -36.79 -1.85 5.47
CA SER C 479 -36.80 -3.21 6.02
C SER C 479 -36.89 -3.22 7.55
N HIS C 480 -36.54 -2.10 8.17
CA HIS C 480 -36.52 -2.03 9.63
C HIS C 480 -37.57 -1.06 10.16
N HIS C 481 -38.58 -0.79 9.35
CA HIS C 481 -39.69 0.06 9.75
C HIS C 481 -40.99 -0.73 9.65
N PRO C 482 -42.09 -0.18 10.20
CA PRO C 482 -43.37 -0.89 10.08
C PRO C 482 -43.74 -1.18 8.62
N LEU C 483 -44.38 -2.32 8.40
CA LEU C 483 -44.74 -2.75 7.06
C LEU C 483 -46.02 -2.06 6.58
N PHE C 484 -45.93 -0.75 6.36
CA PHE C 484 -47.07 0.02 5.87
C PHE C 484 -47.56 -0.54 4.53
N PRO C 485 -48.84 -0.31 4.21
CA PRO C 485 -49.34 -0.63 2.87
C PRO C 485 -48.45 0.04 1.81
N TYR C 486 -48.14 -0.66 0.72
CA TYR C 486 -47.11 -0.22 -0.20
C TYR C 486 -47.28 1.23 -0.67
N SER C 487 -48.51 1.61 -0.97
CA SER C 487 -48.77 2.93 -1.54
C SER C 487 -49.27 3.94 -0.51
N SER C 488 -49.18 3.59 0.77
CA SER C 488 -49.56 4.52 1.82
C SER C 488 -48.65 5.74 1.83
N GLU C 489 -49.22 6.90 2.12
CA GLU C 489 -48.43 8.11 2.22
C GLU C 489 -47.65 8.15 3.53
N ALA C 490 -47.83 7.13 4.36
CA ALA C 490 -47.09 7.00 5.61
C ALA C 490 -45.91 6.03 5.46
N ARG C 491 -45.73 5.48 4.27
CA ARG C 491 -44.71 4.45 4.06
C ARG C 491 -43.31 4.98 4.29
N ALA C 492 -42.37 4.07 4.55
CA ALA C 492 -40.97 4.46 4.73
C ALA C 492 -40.37 4.89 3.40
N LEU C 493 -39.70 6.03 3.39
CA LEU C 493 -39.05 6.53 2.18
C LEU C 493 -37.52 6.52 2.31
N GLU C 494 -36.86 5.78 1.42
CA GLU C 494 -35.42 5.61 1.46
C GLU C 494 -34.67 6.85 0.99
N MET C 495 -33.35 6.82 1.08
CA MET C 495 -32.52 7.89 0.55
C MET C 495 -32.71 8.01 -0.96
N ASP C 496 -32.56 9.22 -1.50
CA ASP C 496 -32.80 9.44 -2.93
C ASP C 496 -31.66 8.95 -3.81
N LEU C 497 -31.78 9.22 -5.11
CA LEU C 497 -30.81 8.74 -6.10
C LEU C 497 -29.41 9.29 -5.84
N GLU C 498 -29.29 10.60 -5.64
CA GLU C 498 -28.00 11.25 -5.45
C GLU C 498 -27.28 10.67 -4.23
N THR C 499 -28.00 10.55 -3.12
CA THR C 499 -27.43 10.03 -1.88
C THR C 499 -27.01 8.57 -2.03
N SER C 500 -27.81 7.80 -2.76
CA SER C 500 -27.49 6.41 -3.03
C SER C 500 -26.19 6.29 -3.81
N ASN C 501 -26.02 7.16 -4.80
CA ASN C 501 -24.82 7.18 -5.60
C ASN C 501 -23.60 7.60 -4.78
N ALA C 502 -23.82 8.51 -3.84
CA ALA C 502 -22.75 8.96 -2.96
C ALA C 502 -22.26 7.78 -2.13
N TYR C 503 -23.19 7.03 -1.54
CA TYR C 503 -22.83 5.88 -0.71
C TYR C 503 -22.28 4.72 -1.54
N GLY C 504 -22.79 4.59 -2.77
CA GLY C 504 -22.33 3.53 -3.66
C GLY C 504 -20.92 3.74 -4.16
N GLY C 505 -20.50 5.00 -4.25
CA GLY C 505 -19.18 5.32 -4.75
C GLY C 505 -19.16 5.50 -6.27
N PRO C 506 -18.07 6.06 -6.80
CA PRO C 506 -18.00 6.42 -8.22
C PRO C 506 -17.91 5.23 -9.17
N LEU C 507 -17.66 4.03 -8.65
CA LEU C 507 -17.52 2.86 -9.52
C LEU C 507 -18.75 1.96 -9.51
N ASN C 508 -19.78 2.33 -8.74
CA ASN C 508 -20.96 1.48 -8.60
C ASN C 508 -21.71 1.29 -9.91
N LEU C 509 -22.36 0.15 -10.06
CA LEU C 509 -23.07 -0.18 -11.29
C LEU C 509 -24.53 -0.48 -11.05
N SER C 510 -25.03 -0.23 -9.85
CA SER C 510 -26.44 -0.53 -9.57
C SER C 510 -27.13 0.44 -8.60
N ALA C 511 -26.44 1.48 -8.14
CA ALA C 511 -27.08 2.47 -7.29
C ALA C 511 -28.18 3.17 -8.08
N GLY C 512 -29.39 3.18 -7.52
CA GLY C 512 -30.52 3.81 -8.19
C GLY C 512 -31.14 2.93 -9.26
N LEU C 513 -30.76 1.65 -9.27
CA LEU C 513 -31.42 0.69 -10.15
C LEU C 513 -32.73 0.27 -9.47
N ALA C 514 -33.83 0.90 -9.88
CA ALA C 514 -35.11 0.77 -9.17
C ALA C 514 -35.86 -0.53 -9.43
N HIS C 515 -35.54 -1.21 -10.54
CA HIS C 515 -36.27 -2.41 -10.97
C HIS C 515 -36.40 -3.46 -9.86
N GLY C 516 -37.64 -3.80 -9.52
CA GLY C 516 -37.93 -4.69 -8.41
C GLY C 516 -38.83 -3.99 -7.40
N SER C 517 -38.72 -2.66 -7.37
CA SER C 517 -39.57 -1.80 -6.53
C SER C 517 -39.46 -2.16 -5.06
N TRP C 518 -38.24 -2.45 -4.62
CA TRP C 518 -38.00 -2.82 -3.24
C TRP C 518 -38.15 -1.63 -2.30
N THR C 519 -37.82 -0.43 -2.79
CA THR C 519 -37.92 0.77 -1.99
C THR C 519 -38.57 1.90 -2.79
N GLN C 520 -38.98 2.95 -2.08
CA GLN C 520 -39.43 4.19 -2.70
C GLN C 520 -38.60 5.35 -2.16
N PRO C 521 -38.25 6.32 -3.02
CA PRO C 521 -37.33 7.40 -2.66
C PRO C 521 -37.97 8.60 -1.96
N LEU C 522 -37.20 9.18 -1.06
CA LEU C 522 -37.56 10.45 -0.42
C LEU C 522 -37.62 11.56 -1.47
N LYS C 523 -38.62 12.43 -1.37
CA LYS C 523 -38.71 13.56 -2.29
C LYS C 523 -37.91 14.76 -1.77
N LYS C 524 -37.60 15.71 -2.63
CA LYS C 524 -36.87 16.90 -2.22
C LYS C 524 -37.67 17.68 -1.17
N PRO C 525 -36.98 18.18 -0.15
CA PRO C 525 -37.63 18.99 0.89
C PRO C 525 -37.99 20.37 0.36
N THR C 526 -38.64 21.20 1.17
CA THR C 526 -38.98 22.55 0.75
C THR C 526 -37.73 23.41 0.58
N ALA C 527 -37.83 24.44 -0.25
CA ALA C 527 -36.70 25.32 -0.54
C ALA C 527 -36.41 26.26 0.62
N LYS C 528 -35.14 26.67 0.73
CA LYS C 528 -34.76 27.66 1.74
C LYS C 528 -35.41 29.00 1.44
N ASN C 529 -35.77 29.72 2.51
CA ASN C 529 -36.29 31.08 2.38
C ASN C 529 -35.14 32.06 2.13
N GLU C 530 -35.00 32.51 0.89
CA GLU C 530 -33.88 33.38 0.51
C GLU C 530 -33.92 34.75 1.18
N GLY C 531 -35.09 35.12 1.72
CA GLY C 531 -35.25 36.39 2.40
C GLY C 531 -34.83 36.33 3.86
N HIS C 532 -34.41 35.15 4.31
CA HIS C 532 -33.95 34.96 5.68
C HIS C 532 -32.44 34.92 5.79
N VAL C 533 -31.94 35.25 6.98
CA VAL C 533 -30.52 35.12 7.29
C VAL C 533 -30.12 33.65 7.14
N THR C 534 -28.96 33.40 6.51
CA THR C 534 -28.55 32.05 6.14
C THR C 534 -28.63 31.03 7.28
N SER C 535 -28.24 31.46 8.47
CA SER C 535 -28.21 30.55 9.62
C SER C 535 -29.60 30.22 10.16
N ASN C 536 -30.64 30.82 9.60
CA ASN C 536 -32.01 30.54 10.01
C ASN C 536 -32.80 29.84 8.91
N GLN C 537 -32.15 29.57 7.80
CA GLN C 537 -32.82 28.91 6.67
C GLN C 537 -32.98 27.42 6.95
N VAL C 538 -34.08 26.86 6.48
CA VAL C 538 -34.38 25.44 6.69
C VAL C 538 -34.92 24.77 5.43
N GLU C 539 -34.76 23.46 5.36
CA GLU C 539 -35.37 22.64 4.32
C GLU C 539 -36.21 21.57 5.00
N LEU C 540 -37.51 21.59 4.78
CA LEU C 540 -38.42 20.77 5.56
C LEU C 540 -39.04 19.61 4.78
N HIS C 541 -39.08 18.45 5.44
CA HIS C 541 -39.78 17.28 4.91
C HIS C 541 -41.22 17.29 5.42
N PRO C 542 -42.13 16.60 4.71
CA PRO C 542 -43.54 16.68 5.10
C PRO C 542 -43.87 15.96 6.40
N ASP C 543 -44.88 16.46 7.11
CA ASP C 543 -45.46 15.75 8.23
C ASP C 543 -46.19 14.52 7.71
N ILE C 544 -46.35 13.51 8.56
CA ILE C 544 -46.97 12.27 8.12
C ILE C 544 -48.35 12.06 8.74
N GLU C 545 -49.31 11.70 7.89
CA GLU C 545 -50.65 11.37 8.35
C GLU C 545 -50.88 9.86 8.28
N TYR C 546 -51.47 9.31 9.33
CA TYR C 546 -51.70 7.88 9.43
C TYR C 546 -53.20 7.56 9.44
N ASP C 547 -53.60 6.52 8.71
CA ASP C 547 -54.95 6.00 8.86
C ASP C 547 -54.91 4.70 9.66
N GLU C 548 -56.02 3.98 9.69
CA GLU C 548 -56.13 2.80 10.53
C GLU C 548 -55.25 1.64 10.04
N GLU C 549 -55.08 1.53 8.73
CA GLU C 549 -54.20 0.51 8.18
C GLU C 549 -52.75 0.75 8.59
N ASP C 550 -52.34 2.01 8.57
CA ASP C 550 -51.00 2.39 8.99
C ASP C 550 -50.78 2.06 10.46
N ASP C 551 -51.76 2.41 11.29
CA ASP C 551 -51.69 2.16 12.73
C ASP C 551 -51.58 0.67 13.00
N LYS C 552 -52.32 -0.12 12.23
CA LYS C 552 -52.27 -1.58 12.32
C LYS C 552 -50.86 -2.08 12.06
N ALA C 553 -50.20 -1.49 11.07
CA ALA C 553 -48.85 -1.89 10.69
C ALA C 553 -47.86 -1.61 11.82
N ILE C 554 -48.02 -0.46 12.46
CA ILE C 554 -47.17 -0.06 13.57
C ILE C 554 -47.35 -0.99 14.76
N GLU C 555 -48.61 -1.37 15.02
CA GLU C 555 -48.91 -2.28 16.13
C GLU C 555 -48.21 -3.62 15.93
N ASN C 556 -48.33 -4.19 14.74
CA ASN C 556 -47.65 -5.45 14.44
C ASN C 556 -46.14 -5.30 14.49
N TYR C 557 -45.65 -4.12 14.10
CA TYR C 557 -44.24 -3.78 14.18
C TYR C 557 -43.75 -3.86 15.62
N ILE C 558 -44.51 -3.27 16.53
CA ILE C 558 -44.20 -3.32 17.96
C ILE C 558 -44.21 -4.76 18.45
N ARG C 559 -45.25 -5.51 18.09
CA ARG C 559 -45.38 -6.89 18.53
C ARG C 559 -44.22 -7.77 18.06
N GLU C 560 -43.70 -7.44 16.88
CA GLU C 560 -42.70 -8.29 16.25
C GLU C 560 -41.26 -7.87 16.56
N HIS C 561 -41.06 -6.66 17.07
CA HIS C 561 -39.70 -6.17 17.28
C HIS C 561 -39.47 -5.52 18.65
N THR C 562 -40.44 -5.66 19.55
CA THR C 562 -40.24 -5.24 20.94
C THR C 562 -39.34 -6.25 21.64
N GLU C 563 -38.42 -5.74 22.46
CA GLU C 563 -37.50 -6.59 23.21
C GLU C 563 -37.42 -6.13 24.66
N THR C 564 -36.78 -6.96 25.49
CA THR C 564 -36.36 -6.52 26.81
C THR C 564 -35.40 -5.34 26.66
N THR C 565 -35.45 -4.40 27.60
CA THR C 565 -34.47 -3.33 27.65
C THR C 565 -33.43 -3.65 28.72
N TRP C 566 -33.42 -4.91 29.15
CA TRP C 566 -32.49 -5.41 30.16
C TRP C 566 -32.68 -4.75 31.53
N HIS C 567 -33.85 -4.15 31.75
CA HIS C 567 -34.13 -3.49 33.02
C HIS C 567 -35.06 -4.33 33.90
N CYS C 568 -34.98 -5.65 33.77
CA CYS C 568 -35.89 -6.57 34.47
C CYS C 568 -35.89 -6.35 35.99
N LEU C 569 -37.07 -6.39 36.60
CA LEU C 569 -37.18 -6.20 38.05
C LEU C 569 -38.45 -6.84 38.61
N GLY C 570 -38.47 -7.05 39.92
CA GLY C 570 -39.71 -7.40 40.61
C GLY C 570 -39.92 -8.81 41.10
N THR C 571 -39.05 -9.73 40.72
CA THR C 571 -39.27 -11.15 40.99
C THR C 571 -39.09 -11.54 42.46
N CYS C 572 -38.53 -10.64 43.27
CA CYS C 572 -38.42 -10.83 44.71
C CYS C 572 -38.91 -9.58 45.42
N SER C 573 -40.16 -9.20 45.14
CA SER C 573 -40.68 -7.89 45.52
C SER C 573 -40.74 -7.64 47.03
N ILE C 574 -40.38 -6.41 47.39
CA ILE C 574 -40.61 -5.91 48.75
C ILE C 574 -42.10 -5.65 48.95
N GLY C 575 -42.65 -6.21 50.02
CA GLY C 575 -44.06 -5.99 50.34
C GLY C 575 -44.56 -6.92 51.40
N PRO C 576 -45.78 -6.68 51.90
CA PRO C 576 -46.43 -7.57 52.87
C PRO C 576 -46.49 -9.00 52.36
N ARG C 577 -46.13 -9.97 53.19
CA ARG C 577 -46.10 -11.38 52.77
C ARG C 577 -47.46 -11.85 52.24
N GLU C 578 -48.54 -11.35 52.84
CA GLU C 578 -49.89 -11.74 52.46
C GLU C 578 -50.28 -11.14 51.11
N GLY C 579 -49.55 -10.12 50.68
CA GLY C 579 -49.82 -9.49 49.40
C GLY C 579 -50.27 -8.05 49.52
N SER C 580 -50.48 -7.42 48.37
CA SER C 580 -50.89 -6.02 48.32
C SER C 580 -51.47 -5.74 46.93
N LYS C 581 -51.90 -4.51 46.69
CA LYS C 581 -52.49 -4.16 45.40
C LYS C 581 -51.45 -4.22 44.28
N ILE C 582 -50.20 -3.87 44.60
CA ILE C 582 -49.13 -3.86 43.61
C ILE C 582 -48.32 -5.15 43.64
N VAL C 583 -48.42 -5.89 44.74
CA VAL C 583 -47.77 -7.20 44.86
C VAL C 583 -48.82 -8.27 45.11
N LYS C 584 -49.56 -8.62 44.07
CA LYS C 584 -50.75 -9.46 44.20
C LYS C 584 -50.44 -10.90 44.61
N TRP C 585 -49.31 -11.43 44.16
CA TRP C 585 -48.96 -12.82 44.41
C TRP C 585 -48.29 -13.02 45.76
N GLY C 586 -48.03 -11.92 46.47
CA GLY C 586 -47.42 -12.00 47.77
C GLY C 586 -46.01 -11.44 47.81
N GLY C 587 -45.68 -10.75 48.89
CA GLY C 587 -44.35 -10.18 49.06
C GLY C 587 -43.32 -11.26 49.31
N VAL C 588 -42.07 -10.93 49.00
CA VAL C 588 -40.95 -11.85 49.20
C VAL C 588 -40.03 -11.32 50.28
N LEU C 589 -39.97 -10.01 50.41
CA LEU C 589 -39.08 -9.36 51.36
C LEU C 589 -39.79 -8.32 52.21
N ASP C 590 -39.31 -8.12 53.44
CA ASP C 590 -39.80 -7.02 54.27
C ASP C 590 -39.10 -5.73 53.86
N HIS C 591 -39.38 -4.64 54.58
CA HIS C 591 -38.82 -3.34 54.21
C HIS C 591 -37.32 -3.24 54.51
N ARG C 592 -36.77 -4.28 55.14
CA ARG C 592 -35.33 -4.34 55.37
C ARG C 592 -34.70 -5.38 54.45
N SER C 593 -35.44 -5.75 53.40
CA SER C 593 -34.97 -6.65 52.34
C SER C 593 -34.68 -8.08 52.82
N ASN C 594 -35.19 -8.43 54.00
CA ASN C 594 -35.07 -9.81 54.50
C ASN C 594 -36.05 -10.73 53.79
N VAL C 595 -35.59 -11.92 53.41
CA VAL C 595 -36.49 -12.93 52.89
C VAL C 595 -37.37 -13.46 54.02
N TYR C 596 -38.69 -13.47 53.81
CA TYR C 596 -39.61 -14.00 54.82
C TYR C 596 -39.33 -15.48 55.10
N GLY C 597 -39.50 -15.89 56.35
CA GLY C 597 -39.41 -17.30 56.71
C GLY C 597 -38.02 -17.82 57.02
N VAL C 598 -37.03 -16.93 57.01
CA VAL C 598 -35.66 -17.32 57.30
C VAL C 598 -34.89 -16.13 57.88
N LYS C 599 -33.82 -16.43 58.62
CA LYS C 599 -32.98 -15.38 59.21
C LYS C 599 -31.64 -15.31 58.51
N GLY C 600 -31.09 -14.09 58.43
CA GLY C 600 -29.74 -13.88 57.92
C GLY C 600 -29.63 -13.94 56.41
N LEU C 601 -30.72 -13.63 55.72
CA LEU C 601 -30.73 -13.64 54.26
C LEU C 601 -31.45 -12.42 53.71
N LYS C 602 -30.71 -11.61 52.96
CA LYS C 602 -31.30 -10.48 52.25
C LYS C 602 -31.16 -10.64 50.74
N VAL C 603 -32.05 -9.99 49.99
CA VAL C 603 -31.88 -9.88 48.55
C VAL C 603 -31.55 -8.43 48.22
N GLY C 604 -30.49 -8.25 47.44
CA GLY C 604 -30.04 -6.93 47.07
C GLY C 604 -29.71 -6.83 45.59
N ASP C 605 -30.74 -6.69 44.78
CA ASP C 605 -30.58 -6.41 43.35
C ASP C 605 -31.90 -5.88 42.82
N LEU C 606 -32.09 -5.88 41.51
CA LEU C 606 -33.27 -5.26 40.95
C LEU C 606 -34.55 -6.08 41.17
N SER C 607 -34.44 -7.34 41.58
CA SER C 607 -35.61 -8.18 41.82
C SER C 607 -36.45 -7.63 42.98
N VAL C 608 -35.81 -6.79 43.78
CA VAL C 608 -36.39 -6.13 44.95
C VAL C 608 -37.59 -5.21 44.66
N CYS C 609 -37.56 -4.50 43.53
CA CYS C 609 -38.54 -3.44 43.25
C CYS C 609 -39.97 -3.97 43.03
N PRO C 610 -40.92 -3.54 43.88
CA PRO C 610 -42.31 -3.98 43.75
C PRO C 610 -43.04 -3.34 42.57
N ASP C 611 -42.58 -2.15 42.16
CA ASP C 611 -43.14 -1.45 41.01
C ASP C 611 -41.98 -0.83 40.23
N ASN C 612 -42.26 -0.30 39.05
CA ASN C 612 -41.20 0.11 38.14
C ASN C 612 -40.58 1.48 38.42
N VAL C 613 -39.50 1.79 37.71
CA VAL C 613 -38.84 3.08 37.83
C VAL C 613 -38.69 3.71 36.45
N GLY C 614 -38.82 5.03 36.38
CA GLY C 614 -38.83 5.72 35.09
C GLY C 614 -37.44 6.03 34.56
N CYS C 615 -36.60 5.00 34.45
CA CYS C 615 -35.19 5.21 34.11
C CYS C 615 -34.46 3.93 33.73
N ASN C 616 -33.42 4.07 32.92
CA ASN C 616 -32.42 3.02 32.78
C ASN C 616 -31.95 2.67 34.20
N THR C 617 -31.78 1.39 34.49
CA THR C 617 -31.78 0.94 35.88
C THR C 617 -30.44 0.77 36.59
N TYR C 618 -29.35 1.30 36.05
CA TYR C 618 -28.08 1.20 36.76
C TYR C 618 -28.09 2.09 38.01
N THR C 619 -28.70 3.27 37.93
CA THR C 619 -28.82 4.12 39.12
C THR C 619 -29.62 3.41 40.19
N THR C 620 -30.65 2.68 39.78
CA THR C 620 -31.48 1.93 40.71
C THR C 620 -30.68 0.80 41.35
N ALA C 621 -29.90 0.09 40.53
CA ALA C 621 -29.05 -1.00 41.02
C ALA C 621 -28.04 -0.51 42.04
N LEU C 622 -27.40 0.62 41.75
CA LEU C 622 -26.43 1.20 42.66
C LEU C 622 -27.11 1.63 43.95
N LEU C 623 -28.28 2.25 43.83
CA LEU C 623 -29.03 2.74 44.97
C LEU C 623 -29.44 1.59 45.87
N ILE C 624 -29.96 0.52 45.27
CA ILE C 624 -30.33 -0.68 45.99
C ILE C 624 -29.10 -1.25 46.70
N GLY C 625 -27.96 -1.15 46.03
CA GLY C 625 -26.71 -1.63 46.59
C GLY C 625 -26.27 -0.84 47.82
N GLU C 626 -26.28 0.48 47.72
CA GLU C 626 -25.93 1.34 48.85
C GLU C 626 -26.89 1.13 50.02
N LYS C 627 -28.18 1.02 49.70
CA LYS C 627 -29.21 0.81 50.72
C LYS C 627 -29.07 -0.54 51.42
N THR C 628 -28.87 -1.60 50.62
CA THR C 628 -28.72 -2.94 51.16
C THR C 628 -27.49 -3.06 52.06
N ALA C 629 -26.41 -2.41 51.66
CA ALA C 629 -25.19 -2.42 52.46
C ALA C 629 -25.42 -1.73 53.80
N THR C 630 -26.16 -0.63 53.77
CA THR C 630 -26.49 0.10 54.99
C THR C 630 -27.38 -0.75 55.90
N LEU C 631 -28.36 -1.42 55.32
CA LEU C 631 -29.26 -2.28 56.08
C LEU C 631 -28.49 -3.39 56.81
N VAL C 632 -27.56 -4.02 56.10
CA VAL C 632 -26.75 -5.07 56.70
C VAL C 632 -25.89 -4.50 57.83
N GLY C 633 -25.28 -3.35 57.58
CA GLY C 633 -24.44 -2.70 58.58
C GLY C 633 -25.17 -2.38 59.87
N GLU C 634 -26.38 -1.82 59.73
CA GLU C 634 -27.22 -1.52 60.87
C GLU C 634 -27.57 -2.79 61.63
N ASP C 635 -27.95 -3.83 60.88
CA ASP C 635 -28.33 -5.11 61.46
C ASP C 635 -27.20 -5.73 62.28
N LEU C 636 -25.96 -5.52 61.85
CA LEU C 636 -24.81 -6.08 62.54
C LEU C 636 -24.31 -5.16 63.66
N GLY C 637 -25.06 -4.08 63.91
CA GLY C 637 -24.82 -3.22 65.06
C GLY C 637 -23.91 -2.04 64.82
N TYR C 638 -23.61 -1.75 63.56
CA TYR C 638 -22.77 -0.60 63.23
C TYR C 638 -23.59 0.67 63.08
N SER C 639 -22.97 1.82 63.31
CA SER C 639 -23.67 3.09 63.25
C SER C 639 -22.71 4.25 62.97
N GLY C 640 -23.27 5.41 62.69
CA GLY C 640 -22.49 6.62 62.49
C GLY C 640 -21.56 6.55 61.29
N GLU C 641 -20.32 6.98 61.48
CA GLU C 641 -19.36 7.06 60.39
C GLU C 641 -18.94 5.69 59.87
N ALA C 642 -19.21 4.65 60.65
CA ALA C 642 -18.92 3.29 60.23
C ALA C 642 -19.76 2.92 59.01
N LEU C 643 -20.95 3.49 58.92
CA LEU C 643 -21.88 3.23 57.82
C LEU C 643 -21.50 3.98 56.55
N ASP C 644 -20.46 4.81 56.62
CA ASP C 644 -19.95 5.49 55.43
C ASP C 644 -19.47 4.46 54.41
N MET C 645 -18.72 3.48 54.89
CA MET C 645 -18.18 2.40 54.06
C MET C 645 -17.46 2.94 52.83
N THR C 646 -16.67 3.98 53.03
CA THR C 646 -15.90 4.60 51.97
C THR C 646 -14.91 3.61 51.35
N VAL C 647 -14.93 3.50 50.03
CA VAL C 647 -14.00 2.63 49.33
C VAL C 647 -12.78 3.43 48.90
N PRO C 648 -11.62 2.74 48.75
CA PRO C 648 -10.41 3.42 48.29
C PRO C 648 -10.60 4.13 46.97
N GLN C 649 -10.09 5.33 46.92
CA GLN C 649 -10.31 6.13 45.72
C GLN C 649 -9.32 7.35 45.74
N PHE C 650 -8.67 7.64 44.62
CA PHE C 650 -7.92 8.90 44.49
C PHE C 650 -8.78 9.91 43.73
N LYS C 651 -9.27 10.91 44.45
CA LYS C 651 -10.17 11.91 43.85
C LYS C 651 -9.39 12.95 43.06
N LEU C 652 -9.90 13.31 41.89
CA LEU C 652 -9.21 14.26 41.02
C LEU C 652 -9.94 15.60 40.94
N GLY C 653 -11.19 15.63 41.39
CA GLY C 653 -12.00 16.84 41.38
C GLY C 653 -12.17 17.43 39.99
N THR C 654 -12.16 18.76 39.91
CA THR C 654 -12.19 19.45 38.62
C THR C 654 -10.82 20.04 38.32
N TYR C 655 -10.54 20.27 37.03
CA TYR C 655 -9.22 20.73 36.61
C TYR C 655 -8.83 22.05 37.26
N GLU C 656 -9.74 23.02 37.28
CA GLU C 656 -9.39 24.35 37.78
C GLU C 656 -9.15 24.37 39.28
N LYS C 657 -9.63 23.36 39.99
CA LYS C 657 -9.39 23.27 41.42
C LYS C 657 -8.11 22.51 41.77
N THR C 658 -7.88 21.39 41.10
CA THR C 658 -6.77 20.50 41.47
C THR C 658 -5.66 20.43 40.42
N GLY C 659 -6.01 20.65 39.17
CA GLY C 659 -5.06 20.53 38.08
C GLY C 659 -4.74 19.08 37.72
N LEU C 660 -5.46 18.15 38.34
CA LEU C 660 -5.21 16.73 38.16
C LEU C 660 -6.22 16.07 37.23
N ALA C 661 -7.47 16.54 37.29
CA ALA C 661 -8.50 16.04 36.40
C ALA C 661 -8.22 16.47 34.97
N ARG C 662 -8.88 15.82 34.02
CA ARG C 662 -8.74 16.18 32.61
C ARG C 662 -9.33 17.57 32.35
N PHE C 663 -8.58 18.40 31.63
CA PHE C 663 -9.08 19.72 31.24
C PHE C 663 -10.29 19.60 30.29
N ALA D 2 -34.08 22.28 35.33
CA ALA D 2 -34.79 23.07 34.31
C ALA D 2 -34.24 24.49 34.24
N ILE D 3 -34.37 25.11 33.07
CA ILE D 3 -33.93 26.49 32.88
C ILE D 3 -34.98 27.43 33.43
N PRO D 4 -34.59 28.28 34.41
CA PRO D 4 -35.52 29.24 35.00
C PRO D 4 -36.08 30.22 33.97
N GLU D 5 -37.26 30.77 34.26
CA GLU D 5 -37.89 31.74 33.37
C GLU D 5 -37.47 33.14 33.75
N GLU D 6 -36.96 33.29 34.97
CA GLU D 6 -36.53 34.59 35.45
C GLU D 6 -35.11 34.54 36.01
N PHE D 7 -34.28 35.48 35.58
CA PHE D 7 -32.91 35.59 36.06
C PHE D 7 -32.70 36.94 36.73
N ASP D 8 -31.58 37.09 37.41
CA ASP D 8 -31.17 38.39 37.91
C ASP D 8 -30.53 39.18 36.79
N ILE D 9 -29.63 38.52 36.07
CA ILE D 9 -28.92 39.14 34.96
C ILE D 9 -29.05 38.31 33.68
N LEU D 10 -29.38 38.99 32.60
CA LEU D 10 -29.56 38.35 31.29
C LEU D 10 -28.53 38.89 30.30
N VAL D 11 -27.73 38.00 29.72
CA VAL D 11 -26.78 38.42 28.69
C VAL D 11 -27.19 37.83 27.34
N LEU D 12 -27.36 38.69 26.35
CA LEU D 12 -27.89 38.30 25.05
C LEU D 12 -26.80 38.23 24.00
N GLY D 13 -26.45 37.01 23.58
CA GLY D 13 -25.34 36.80 22.68
C GLY D 13 -24.11 36.38 23.46
N GLY D 14 -23.65 35.15 23.22
CA GLY D 14 -22.50 34.63 23.93
C GLY D 14 -21.22 34.64 23.13
N GLY D 15 -20.91 35.79 22.53
CA GLY D 15 -19.74 35.91 21.67
C GLY D 15 -18.50 36.30 22.45
N SER D 16 -17.56 36.92 21.76
CA SER D 16 -16.29 37.30 22.36
C SER D 16 -16.48 38.18 23.59
N SER D 17 -17.36 39.16 23.49
CA SER D 17 -17.69 40.01 24.63
C SER D 17 -18.69 39.32 25.55
N GLY D 18 -19.76 38.79 24.96
CA GLY D 18 -20.87 38.21 25.69
C GLY D 18 -20.49 37.12 26.68
N SER D 19 -19.72 36.15 26.23
CA SER D 19 -19.27 35.07 27.12
C SER D 19 -18.42 35.62 28.26
N CYS D 20 -17.58 36.61 27.95
CA CYS D 20 -16.75 37.24 28.96
C CYS D 20 -17.62 37.93 30.02
N ILE D 21 -18.59 38.71 29.55
CA ILE D 21 -19.49 39.44 30.43
C ILE D 21 -20.31 38.50 31.32
N ALA D 22 -20.88 37.46 30.72
CA ALA D 22 -21.67 36.49 31.46
C ALA D 22 -20.84 35.75 32.52
N GLY D 23 -19.63 35.35 32.15
CA GLY D 23 -18.73 34.65 33.06
C GLY D 23 -18.30 35.52 34.22
N ARG D 24 -17.87 36.75 33.93
CA ARG D 24 -17.46 37.69 34.97
C ARG D 24 -18.61 37.96 35.95
N LEU D 25 -19.79 38.25 35.40
CA LEU D 25 -20.94 38.60 36.23
C LEU D 25 -21.39 37.45 37.12
N ALA D 26 -21.26 36.22 36.64
CA ALA D 26 -21.64 35.06 37.44
C ALA D 26 -20.72 34.90 38.63
N ASN D 27 -19.51 35.45 38.53
CA ASN D 27 -18.56 35.40 39.64
C ASN D 27 -18.54 36.68 40.47
N LEU D 28 -19.40 37.64 40.09
CA LEU D 28 -19.57 38.85 40.87
C LEU D 28 -20.16 38.51 42.23
N ASP D 29 -21.14 37.60 42.20
CA ASP D 29 -21.84 37.16 43.39
C ASP D 29 -22.64 35.91 43.01
N HIS D 30 -22.30 34.80 43.63
CA HIS D 30 -22.86 33.51 43.19
C HIS D 30 -24.30 33.28 43.65
N SER D 31 -24.90 34.27 44.31
CA SER D 31 -26.32 34.20 44.62
C SER D 31 -27.13 34.85 43.49
N LEU D 32 -26.43 35.53 42.59
CA LEU D 32 -27.06 36.10 41.40
C LEU D 32 -27.26 35.04 40.30
N LYS D 33 -28.50 34.93 39.83
CA LYS D 33 -28.83 34.05 38.71
C LYS D 33 -28.50 34.72 37.38
N VAL D 34 -27.58 34.14 36.62
CA VAL D 34 -27.17 34.70 35.33
C VAL D 34 -27.54 33.79 34.17
N GLY D 35 -28.25 34.34 33.20
CA GLY D 35 -28.65 33.59 32.02
C GLY D 35 -27.97 34.10 30.76
N LEU D 36 -27.35 33.18 30.01
CA LEU D 36 -26.66 33.54 28.78
C LEU D 36 -27.36 32.92 27.58
N ILE D 37 -27.88 33.76 26.70
CA ILE D 37 -28.64 33.32 25.55
C ILE D 37 -27.82 33.44 24.28
N GLU D 38 -27.73 32.35 23.52
CA GLU D 38 -26.91 32.29 22.31
C GLU D 38 -27.66 31.59 21.17
N ALA D 39 -27.57 32.16 19.97
CA ALA D 39 -28.28 31.63 18.82
C ALA D 39 -27.59 30.38 18.22
N GLY D 40 -26.26 30.36 18.28
CA GLY D 40 -25.51 29.24 17.71
C GLY D 40 -25.44 28.07 18.66
N GLU D 41 -24.68 27.04 18.26
CA GLU D 41 -24.53 25.84 19.06
C GLU D 41 -23.55 26.02 20.21
N ASN D 42 -23.71 25.19 21.24
CA ASN D 42 -22.73 25.11 22.32
C ASN D 42 -21.41 24.66 21.71
N ASN D 43 -20.29 25.16 22.24
CA ASN D 43 -18.97 24.82 21.68
C ASN D 43 -18.11 24.01 22.64
N LEU D 44 -18.70 23.59 23.76
CA LEU D 44 -17.99 22.87 24.81
C LEU D 44 -17.22 21.65 24.26
N ASN D 45 -15.91 21.67 24.42
CA ASN D 45 -15.03 20.58 24.01
C ASN D 45 -15.22 20.12 22.56
N ASN D 46 -15.63 21.06 21.71
CA ASN D 46 -15.74 20.78 20.27
C ASN D 46 -14.39 20.96 19.58
N PRO D 47 -13.83 19.87 19.03
CA PRO D 47 -12.51 19.94 18.37
C PRO D 47 -12.53 20.88 17.18
N TRP D 48 -13.66 21.03 16.50
CA TRP D 48 -13.76 21.93 15.36
C TRP D 48 -13.68 23.39 15.81
N VAL D 49 -13.72 23.61 17.12
CA VAL D 49 -13.44 24.92 17.67
C VAL D 49 -12.03 25.00 18.26
N TYR D 50 -11.62 24.02 19.06
CA TYR D 50 -10.40 24.22 19.84
C TYR D 50 -9.10 23.83 19.12
N LEU D 51 -9.20 23.15 17.99
CA LEU D 51 -8.00 22.86 17.19
C LEU D 51 -7.72 24.05 16.27
N PRO D 52 -6.59 24.75 16.50
CA PRO D 52 -6.27 25.98 15.76
C PRO D 52 -6.15 25.79 14.25
N GLY D 53 -5.38 24.80 13.81
CA GLY D 53 -5.01 24.66 12.41
C GLY D 53 -6.11 24.48 11.37
N ILE D 54 -7.32 24.16 11.80
CA ILE D 54 -8.40 23.91 10.85
C ILE D 54 -9.29 25.13 10.65
N TYR D 55 -8.88 26.28 11.20
CA TYR D 55 -9.73 27.47 11.20
C TYR D 55 -10.32 27.96 9.86
N PRO D 56 -9.63 27.75 8.72
CA PRO D 56 -10.27 28.26 7.48
C PRO D 56 -11.67 27.70 7.15
N ARG D 57 -12.01 26.48 7.58
CA ARG D 57 -13.28 25.89 7.17
C ARG D 57 -14.52 26.63 7.70
N ASN D 58 -14.33 27.50 8.69
CA ASN D 58 -15.44 28.25 9.22
C ASN D 58 -15.99 29.26 8.21
N MET D 59 -15.20 29.59 7.20
CA MET D 59 -15.63 30.58 6.21
C MET D 59 -16.09 29.95 4.89
N LYS D 60 -16.20 28.62 4.86
CA LYS D 60 -16.92 27.94 3.77
C LYS D 60 -18.36 28.43 3.80
N LEU D 61 -18.96 28.66 2.64
CA LEU D 61 -20.30 29.24 2.59
C LEU D 61 -21.36 28.34 3.24
N ASP D 62 -21.08 27.05 3.32
CA ASP D 62 -22.02 26.11 3.93
C ASP D 62 -21.67 25.82 5.40
N SER D 63 -20.81 26.64 5.98
CA SER D 63 -20.41 26.48 7.37
C SER D 63 -21.58 26.60 8.35
N LYS D 64 -21.58 25.78 9.39
CA LYS D 64 -22.58 25.86 10.43
C LYS D 64 -22.23 26.89 11.49
N THR D 65 -20.97 27.33 11.49
CA THR D 65 -20.47 28.16 12.57
C THR D 65 -20.48 29.65 12.25
N ALA D 66 -21.07 30.01 11.11
CA ALA D 66 -21.13 31.41 10.72
C ALA D 66 -22.45 31.74 10.01
N SER D 67 -22.81 33.03 10.05
CA SER D 67 -23.91 33.56 9.24
C SER D 67 -23.30 34.39 8.15
N PHE D 68 -23.90 34.37 6.96
CA PHE D 68 -23.37 35.15 5.84
C PHE D 68 -24.36 36.21 5.37
N TYR D 69 -24.18 37.42 5.90
CA TYR D 69 -25.08 38.53 5.59
C TYR D 69 -24.80 39.15 4.23
N THR D 70 -25.84 39.24 3.41
CA THR D 70 -25.72 39.88 2.11
C THR D 70 -25.93 41.38 2.24
N SER D 71 -25.41 42.15 1.27
CA SER D 71 -25.54 43.60 1.30
C SER D 71 -25.98 44.12 -0.07
N ASN D 72 -26.33 45.41 -0.13
CA ASN D 72 -26.76 46.02 -1.38
C ASN D 72 -25.60 46.21 -2.35
N PRO D 73 -25.88 46.14 -3.66
CA PRO D 73 -24.83 46.40 -4.65
C PRO D 73 -24.21 47.79 -4.48
N SER D 74 -22.89 47.88 -4.67
CA SER D 74 -22.16 49.11 -4.46
C SER D 74 -21.31 49.47 -5.65
N PRO D 75 -21.46 50.71 -6.17
CA PRO D 75 -20.65 51.18 -7.30
C PRO D 75 -19.19 51.31 -6.90
N HIS D 76 -18.95 51.50 -5.60
CA HIS D 76 -17.59 51.65 -5.09
C HIS D 76 -16.84 50.33 -5.09
N LEU D 77 -17.60 49.24 -5.10
CA LEU D 77 -17.03 47.91 -5.22
C LEU D 77 -17.29 47.35 -6.62
N ASN D 78 -17.40 48.25 -7.59
CA ASN D 78 -17.68 47.92 -8.98
C ASN D 78 -18.88 47.01 -9.17
N GLY D 79 -19.93 47.27 -8.39
CA GLY D 79 -21.19 46.56 -8.54
C GLY D 79 -21.40 45.41 -7.57
N ARG D 80 -20.36 45.06 -6.82
CA ARG D 80 -20.40 43.90 -5.94
C ARG D 80 -21.40 44.06 -4.80
N ARG D 81 -22.10 42.97 -4.48
CA ARG D 81 -22.82 42.89 -3.22
C ARG D 81 -21.97 42.08 -2.25
N ALA D 82 -21.23 42.81 -1.42
CA ALA D 82 -20.28 42.21 -0.48
C ALA D 82 -20.98 41.29 0.50
N ILE D 83 -20.37 40.13 0.76
CA ILE D 83 -20.87 39.21 1.76
C ILE D 83 -20.14 39.46 3.07
N VAL D 84 -20.89 39.69 4.15
CA VAL D 84 -20.29 39.97 5.44
C VAL D 84 -20.58 38.84 6.42
N PRO D 85 -19.60 37.95 6.63
CA PRO D 85 -19.78 36.85 7.57
C PRO D 85 -19.61 37.30 9.01
N CYS D 86 -20.23 36.57 9.94
CA CYS D 86 -19.96 36.74 11.35
C CYS D 86 -20.27 35.42 12.05
N ALA D 87 -19.82 35.28 13.28
CA ALA D 87 -19.91 34.00 13.98
C ALA D 87 -21.35 33.60 14.31
N ASN D 88 -21.59 32.30 14.27
CA ASN D 88 -22.87 31.71 14.65
C ASN D 88 -22.60 30.47 15.51
N VAL D 89 -22.13 30.70 16.73
CA VAL D 89 -21.67 29.63 17.62
C VAL D 89 -21.29 30.24 18.96
N LEU D 90 -21.46 29.49 20.04
CA LEU D 90 -21.06 29.97 21.37
C LEU D 90 -19.58 30.31 21.35
N GLY D 91 -19.23 31.45 21.95
CA GLY D 91 -17.87 31.95 21.89
C GLY D 91 -17.74 33.02 20.83
N GLY D 92 -18.70 33.04 19.90
CA GLY D 92 -18.70 34.03 18.83
C GLY D 92 -17.44 33.97 17.99
N GLY D 93 -16.93 35.14 17.65
CA GLY D 93 -15.73 35.25 16.82
C GLY D 93 -14.56 34.49 17.40
N SER D 94 -14.47 34.43 18.72
CA SER D 94 -13.32 33.79 19.37
C SER D 94 -13.30 32.28 19.14
N SER D 95 -14.41 31.72 18.66
CA SER D 95 -14.45 30.28 18.38
C SER D 95 -13.96 29.96 16.96
N ILE D 96 -13.90 30.97 16.10
CA ILE D 96 -13.61 30.73 14.69
C ILE D 96 -12.62 31.69 14.04
N ASN D 97 -11.96 32.54 14.83
CA ASN D 97 -11.13 33.61 14.24
C ASN D 97 -9.76 33.15 13.77
N PHE D 98 -8.98 34.08 13.19
CA PHE D 98 -7.63 33.78 12.70
C PHE D 98 -6.63 33.65 13.83
N MET D 99 -7.07 33.94 15.05
CA MET D 99 -6.24 33.83 16.25
C MET D 99 -5.08 34.83 16.29
N MET D 100 -5.20 35.93 15.55
CA MET D 100 -4.20 37.00 15.62
C MET D 100 -4.40 37.87 16.86
N TYR D 101 -3.36 37.99 17.68
CA TYR D 101 -3.39 38.85 18.86
C TYR D 101 -2.83 40.24 18.52
N THR D 102 -3.66 41.26 18.70
CA THR D 102 -3.29 42.63 18.35
C THR D 102 -3.99 43.63 19.26
N ARG D 103 -3.22 44.58 19.81
CA ARG D 103 -3.80 45.66 20.61
C ARG D 103 -3.81 46.97 19.84
N GLY D 104 -4.77 47.83 20.16
CA GLY D 104 -4.85 49.14 19.53
C GLY D 104 -3.81 50.10 20.07
N SER D 105 -3.89 51.35 19.63
CA SER D 105 -3.02 52.39 20.14
C SER D 105 -3.71 53.12 21.29
N ALA D 106 -2.91 53.71 22.18
CA ALA D 106 -3.43 54.39 23.37
C ALA D 106 -4.43 55.48 23.02
N SER D 107 -4.20 56.16 21.90
CA SER D 107 -5.07 57.26 21.48
C SER D 107 -6.43 56.77 21.00
N ASP D 108 -6.51 55.52 20.56
CA ASP D 108 -7.76 54.95 20.04
C ASP D 108 -8.90 55.07 21.05
N TYR D 109 -8.63 54.66 22.28
CA TYR D 109 -9.65 54.64 23.32
C TYR D 109 -9.86 56.02 23.94
N ASP D 110 -8.79 56.82 23.97
CA ASP D 110 -8.91 58.23 24.36
C ASP D 110 -9.87 58.95 23.42
N ASP D 111 -9.78 58.61 22.13
CA ASP D 111 -10.58 59.26 21.09
C ASP D 111 -12.02 58.77 21.06
N PHE D 112 -12.39 57.93 22.01
CA PHE D 112 -13.80 57.57 22.19
C PHE D 112 -14.55 58.76 22.78
N GLN D 113 -13.79 59.67 23.39
CA GLN D 113 -14.32 60.88 24.01
C GLN D 113 -15.40 60.54 25.04
N ALA D 114 -15.12 59.52 25.84
CA ALA D 114 -16.08 59.05 26.84
C ALA D 114 -15.41 58.86 28.19
N GLU D 115 -16.07 59.36 29.23
CA GLU D 115 -15.55 59.26 30.59
C GLU D 115 -15.38 57.80 31.02
N GLY D 116 -14.17 57.47 31.47
CA GLY D 116 -13.91 56.13 31.97
C GLY D 116 -13.44 55.16 30.91
N TRP D 117 -13.39 55.62 29.67
CA TRP D 117 -12.94 54.79 28.55
C TRP D 117 -11.60 55.24 27.99
N LYS D 118 -10.83 55.98 28.78
CA LYS D 118 -9.49 56.36 28.36
C LYS D 118 -8.52 55.22 28.65
N THR D 119 -7.44 55.16 27.89
CA THR D 119 -6.48 54.07 28.00
C THR D 119 -5.92 53.96 29.42
N LYS D 120 -5.73 55.11 30.07
CA LYS D 120 -5.25 55.12 31.45
C LYS D 120 -6.22 54.40 32.38
N ASP D 121 -7.52 54.53 32.10
CA ASP D 121 -8.56 53.89 32.90
C ASP D 121 -8.68 52.40 32.59
N LEU D 122 -8.49 52.06 31.32
CA LEU D 122 -8.76 50.71 30.82
C LEU D 122 -7.55 49.75 30.92
N LEU D 123 -6.37 50.32 31.12
CA LEU D 123 -5.13 49.52 31.11
C LEU D 123 -5.12 48.35 32.10
N PRO D 124 -5.59 48.55 33.35
CA PRO D 124 -5.63 47.37 34.22
C PRO D 124 -6.63 46.31 33.74
N LEU D 125 -7.67 46.71 33.02
CA LEU D 125 -8.64 45.76 32.48
C LEU D 125 -8.06 45.03 31.28
N MET D 126 -7.15 45.68 30.56
CA MET D 126 -6.46 45.03 29.44
C MET D 126 -5.61 43.88 29.95
N LYS D 127 -4.90 44.13 31.05
CA LYS D 127 -3.99 43.14 31.62
C LYS D 127 -4.74 41.99 32.30
N LYS D 128 -5.89 42.34 32.86
CA LYS D 128 -6.75 41.42 33.61
C LYS D 128 -7.12 40.16 32.82
N THR D 129 -7.34 40.32 31.53
CA THR D 129 -7.87 39.25 30.68
C THR D 129 -6.84 38.17 30.37
N GLU D 130 -5.59 38.56 30.18
CA GLU D 130 -4.61 37.68 29.53
C GLU D 130 -3.59 37.02 30.46
N THR D 131 -3.12 35.86 30.04
CA THR D 131 -1.87 35.30 30.53
C THR D 131 -0.90 35.29 29.35
N TYR D 132 0.15 36.09 29.46
CA TYR D 132 1.08 36.39 28.37
C TYR D 132 2.20 35.35 28.33
N GLN D 133 2.01 34.28 27.55
CA GLN D 133 2.94 33.15 27.58
C GLN D 133 4.11 33.29 26.62
N ARG D 134 4.92 34.33 26.81
CA ARG D 134 6.12 34.52 26.01
C ARG D 134 7.05 35.53 26.67
N ALA D 135 8.24 35.71 26.10
CA ALA D 135 9.23 36.64 26.64
C ALA D 135 8.70 38.07 26.67
N CYS D 136 8.89 38.77 27.78
CA CYS D 136 8.32 40.10 27.91
C CYS D 136 9.31 41.12 28.46
N ASN D 137 9.63 42.12 27.64
CA ASN D 137 10.52 43.19 28.07
C ASN D 137 9.76 44.35 28.70
N ASN D 138 8.43 44.33 28.60
CA ASN D 138 7.60 45.38 29.19
C ASN D 138 6.41 44.84 29.99
N PRO D 139 6.68 44.08 31.06
CA PRO D 139 5.62 43.38 31.79
C PRO D 139 4.61 44.30 32.48
N ASP D 140 4.92 45.58 32.59
CA ASP D 140 4.01 46.53 33.26
C ASP D 140 2.70 46.72 32.48
N ILE D 141 2.72 46.46 31.18
CA ILE D 141 1.52 46.62 30.37
C ILE D 141 0.98 45.30 29.81
N HIS D 142 1.33 44.19 30.46
CA HIS D 142 0.78 42.89 30.08
C HIS D 142 0.34 42.10 31.32
N GLY D 143 -0.58 41.16 31.12
CA GLY D 143 -1.09 40.35 32.21
C GLY D 143 -0.51 38.94 32.22
N PHE D 144 -0.44 38.34 33.40
CA PHE D 144 0.17 37.02 33.54
C PHE D 144 -0.67 36.06 34.38
N GLU D 145 -1.92 36.42 34.64
CA GLU D 145 -2.80 35.59 35.45
C GLU D 145 -4.21 35.44 34.88
N GLY D 146 -4.48 36.12 33.78
CA GLY D 146 -5.79 36.11 33.16
C GLY D 146 -6.17 34.77 32.57
N PRO D 147 -7.49 34.51 32.42
CA PRO D 147 -8.00 33.24 31.90
C PRO D 147 -7.77 33.02 30.40
N ILE D 148 -7.52 34.09 29.64
CA ILE D 148 -7.23 33.94 28.22
C ILE D 148 -5.73 33.86 27.96
N LYS D 149 -5.25 32.69 27.52
CA LYS D 149 -3.83 32.48 27.32
C LYS D 149 -3.41 32.84 25.89
N VAL D 150 -2.33 33.61 25.76
CA VAL D 150 -1.82 33.99 24.44
C VAL D 150 -0.37 33.56 24.30
N SER D 151 0.01 33.13 23.09
CA SER D 151 1.33 32.56 22.86
C SER D 151 1.68 32.50 21.38
N PHE D 152 2.88 32.02 21.09
CA PHE D 152 3.29 31.84 19.69
C PHE D 152 2.89 30.47 19.15
N GLY D 153 2.03 29.77 19.89
CA GLY D 153 1.61 28.44 19.49
C GLY D 153 2.71 27.41 19.63
N ASN D 154 2.48 26.22 19.08
CA ASN D 154 3.46 25.15 19.20
C ASN D 154 3.99 24.71 17.84
N TYR D 155 4.11 25.69 16.94
CA TYR D 155 4.71 25.50 15.64
C TYR D 155 4.91 26.86 14.98
N THR D 156 6.07 27.06 14.36
CA THR D 156 6.32 28.31 13.66
C THR D 156 6.81 28.03 12.25
N TYR D 157 6.03 28.45 11.25
CA TYR D 157 6.45 28.36 9.86
C TYR D 157 7.62 29.33 9.64
N PRO D 158 8.65 28.88 8.92
CA PRO D 158 9.88 29.66 8.68
C PRO D 158 9.70 30.97 7.92
N VAL D 159 8.48 31.31 7.50
CA VAL D 159 8.26 32.62 6.87
C VAL D 159 8.47 33.75 7.87
N CYS D 160 8.47 33.41 9.14
CA CYS D 160 8.57 34.38 10.24
C CYS D 160 9.78 35.32 10.10
N GLN D 161 10.99 34.78 10.23
CA GLN D 161 12.17 35.61 10.23
C GLN D 161 12.54 36.06 8.82
N ASP D 162 12.13 35.28 7.83
CA ASP D 162 12.30 35.67 6.43
C ASP D 162 11.57 36.99 6.17
N PHE D 163 10.32 37.07 6.63
CA PHE D 163 9.51 38.27 6.49
C PHE D 163 10.14 39.46 7.20
N LEU D 164 10.65 39.23 8.41
CA LEU D 164 11.21 40.30 9.23
C LEU D 164 12.49 40.88 8.63
N ARG D 165 13.31 40.02 8.03
CA ARG D 165 14.51 40.51 7.34
C ARG D 165 14.11 41.38 6.14
N ALA D 166 13.12 40.93 5.39
CA ALA D 166 12.66 41.66 4.21
C ALA D 166 12.06 43.00 4.57
N SER D 167 11.22 43.01 5.60
CA SER D 167 10.55 44.24 6.01
C SER D 167 11.53 45.25 6.61
N GLU D 168 12.59 44.75 7.26
CA GLU D 168 13.61 45.63 7.82
C GLU D 168 14.30 46.41 6.70
N SER D 169 14.57 45.73 5.59
CA SER D 169 15.26 46.35 4.47
C SER D 169 14.41 47.45 3.83
N GLN D 170 13.15 47.54 4.22
CA GLN D 170 12.24 48.54 3.70
C GLN D 170 12.05 49.73 4.64
N GLY D 171 12.76 49.72 5.76
CA GLY D 171 12.64 50.79 6.74
C GLY D 171 11.53 50.55 7.75
N ILE D 172 11.12 49.30 7.89
CA ILE D 172 10.15 48.92 8.92
C ILE D 172 10.88 48.14 10.01
N PRO D 173 11.19 48.81 11.13
CA PRO D 173 12.05 48.23 12.16
C PRO D 173 11.40 47.11 12.96
N TYR D 174 12.17 46.07 13.26
CA TYR D 174 11.73 45.02 14.17
C TYR D 174 11.55 45.58 15.57
N VAL D 175 10.47 45.17 16.24
CA VAL D 175 10.28 45.47 17.65
C VAL D 175 9.94 44.20 18.42
N ASP D 176 10.24 44.18 19.71
CA ASP D 176 9.94 43.03 20.55
C ASP D 176 8.44 42.93 20.80
N ASP D 177 7.77 44.08 20.73
CA ASP D 177 6.34 44.13 21.02
C ASP D 177 5.68 45.27 20.23
N LEU D 178 4.98 44.91 19.16
CA LEU D 178 4.25 45.89 18.35
C LEU D 178 2.92 46.24 19.00
N GLU D 179 2.61 45.58 20.10
CA GLU D 179 1.33 45.78 20.79
C GLU D 179 1.56 46.49 22.11
N ASP D 180 2.40 47.52 22.09
CA ASP D 180 2.77 48.25 23.29
C ASP D 180 1.98 49.54 23.43
N LEU D 181 0.90 49.64 22.67
CA LEU D 181 -0.03 50.77 22.73
C LEU D 181 0.56 52.09 22.24
N VAL D 182 1.77 52.06 21.71
CA VAL D 182 2.43 53.30 21.29
C VAL D 182 3.05 53.23 19.90
N THR D 183 3.56 52.07 19.50
CA THR D 183 4.27 51.94 18.22
C THR D 183 3.31 51.81 17.05
N ALA D 184 3.54 52.62 16.02
CA ALA D 184 2.64 52.65 14.86
C ALA D 184 3.36 52.31 13.56
N HIS D 185 4.68 52.14 13.64
CA HIS D 185 5.47 51.77 12.46
C HIS D 185 6.53 50.76 12.87
N GLY D 186 6.27 49.49 12.60
CA GLY D 186 7.19 48.43 12.97
C GLY D 186 6.74 47.04 12.54
N ALA D 187 7.58 46.05 12.81
CA ALA D 187 7.32 44.67 12.43
C ALA D 187 7.59 43.74 13.60
N GLU D 188 6.86 42.64 13.67
CA GLU D 188 7.01 41.72 14.79
C GLU D 188 6.61 40.28 14.45
N HIS D 189 7.13 39.36 15.26
CA HIS D 189 6.65 38.00 15.36
C HIS D 189 5.23 38.06 15.94
N TRP D 190 4.24 37.56 15.22
CA TRP D 190 2.85 37.81 15.62
C TRP D 190 2.27 36.79 16.59
N LEU D 191 1.74 37.30 17.71
CA LEU D 191 1.15 36.48 18.76
C LEU D 191 -0.16 35.85 18.35
N LYS D 192 -0.56 34.81 19.09
CA LYS D 192 -1.77 34.07 18.77
C LYS D 192 -2.69 33.87 19.98
N TRP D 193 -3.99 33.80 19.74
CA TRP D 193 -4.95 33.41 20.78
C TRP D 193 -4.92 31.90 20.95
N ILE D 194 -3.78 31.39 21.40
CA ILE D 194 -3.57 29.97 21.58
C ILE D 194 -2.84 29.71 22.89
N ASN D 195 -3.35 28.77 23.68
CA ASN D 195 -2.69 28.33 24.89
C ASN D 195 -1.60 27.33 24.52
N ARG D 196 -0.33 27.69 24.71
CA ARG D 196 0.75 26.82 24.28
C ARG D 196 0.86 25.58 25.16
N ASP D 197 0.34 25.66 26.39
CA ASP D 197 0.37 24.52 27.29
C ASP D 197 -0.45 23.35 26.73
N THR D 198 -1.61 23.66 26.15
CA THR D 198 -2.51 22.63 25.64
C THR D 198 -2.49 22.51 24.12
N GLY D 199 -1.95 23.51 23.45
CA GLY D 199 -2.01 23.56 21.99
C GLY D 199 -3.40 23.84 21.46
N ARG D 200 -4.26 24.41 22.30
CA ARG D 200 -5.65 24.68 21.94
C ARG D 200 -5.91 26.17 21.74
N ARG D 201 -6.89 26.47 20.90
CA ARG D 201 -7.40 27.83 20.74
C ARG D 201 -7.94 28.37 22.06
N SER D 202 -7.70 29.66 22.31
CA SER D 202 -8.31 30.33 23.47
C SER D 202 -9.57 31.08 23.05
N ASP D 203 -10.72 30.69 23.61
CA ASP D 203 -11.96 31.37 23.28
C ASP D 203 -12.69 31.81 24.56
N SER D 204 -13.60 32.77 24.43
CA SER D 204 -14.28 33.35 25.59
C SER D 204 -15.18 32.36 26.33
N ALA D 205 -15.80 31.45 25.59
CA ALA D 205 -16.72 30.49 26.21
C ALA D 205 -16.00 29.54 27.17
N HIS D 206 -14.91 28.91 26.70
CA HIS D 206 -14.16 28.00 27.57
C HIS D 206 -13.49 28.75 28.72
N ALA D 207 -12.97 29.94 28.42
CA ALA D 207 -12.25 30.70 29.44
C ALA D 207 -13.16 31.22 30.54
N PHE D 208 -14.33 31.74 30.16
CA PHE D 208 -15.19 32.44 31.12
C PHE D 208 -16.45 31.68 31.49
N VAL D 209 -17.03 30.94 30.55
CA VAL D 209 -18.33 30.32 30.77
C VAL D 209 -18.23 28.87 31.25
N HIS D 210 -17.57 28.02 30.48
CA HIS D 210 -17.51 26.60 30.79
C HIS D 210 -16.73 26.35 32.08
N SER D 211 -15.69 27.16 32.31
CA SER D 211 -14.91 27.08 33.54
C SER D 211 -15.79 27.37 34.75
N THR D 212 -16.60 28.43 34.64
CA THR D 212 -17.51 28.83 35.70
C THR D 212 -18.59 27.79 35.97
N MET D 213 -19.22 27.31 34.90
CA MET D 213 -20.32 26.35 35.03
C MET D 213 -19.87 25.01 35.59
N ARG D 214 -18.58 24.73 35.46
CA ARG D 214 -18.02 23.46 35.93
C ARG D 214 -17.75 23.53 37.44
N ASN D 215 -17.78 24.72 38.03
CA ASN D 215 -17.43 24.87 39.43
C ASN D 215 -18.43 25.69 40.25
N HIS D 216 -19.46 26.21 39.59
CA HIS D 216 -20.50 27.00 40.27
C HIS D 216 -21.84 26.67 39.66
N ASP D 217 -22.93 27.11 40.30
CA ASP D 217 -24.25 26.72 39.89
C ASP D 217 -25.15 27.85 39.40
N ASN D 218 -24.67 29.10 39.49
CA ASN D 218 -25.55 30.23 39.24
C ASN D 218 -25.53 30.74 37.79
N LEU D 219 -24.76 30.09 36.93
CA LEU D 219 -24.70 30.46 35.52
C LEU D 219 -25.42 29.45 34.64
N TYR D 220 -26.39 29.92 33.86
CA TYR D 220 -27.19 29.06 33.00
C TYR D 220 -26.91 29.33 31.52
N LEU D 221 -26.84 28.26 30.73
CA LEU D 221 -26.48 28.36 29.32
C LEU D 221 -27.66 27.98 28.43
N ILE D 222 -28.04 28.90 27.55
CA ILE D 222 -29.19 28.72 26.66
C ILE D 222 -28.81 28.94 25.20
N CYS D 223 -28.41 27.86 24.53
CA CYS D 223 -27.96 27.95 23.14
C CYS D 223 -29.08 27.62 22.15
N ASN D 224 -28.75 27.72 20.87
CA ASN D 224 -29.69 27.45 19.77
C ASN D 224 -30.96 28.29 19.89
N THR D 225 -30.79 29.48 20.46
CA THR D 225 -31.92 30.33 20.80
C THR D 225 -31.69 31.76 20.32
N LYS D 226 -32.52 32.23 19.40
CA LYS D 226 -32.31 33.56 18.82
C LYS D 226 -33.15 34.64 19.50
N VAL D 227 -32.50 35.73 19.87
CA VAL D 227 -33.19 36.85 20.52
C VAL D 227 -33.97 37.67 19.51
N ASP D 228 -35.27 37.78 19.74
CA ASP D 228 -36.15 38.55 18.86
C ASP D 228 -36.12 40.03 19.26
N LYS D 229 -36.70 40.35 20.41
CA LYS D 229 -36.76 41.73 20.86
C LYS D 229 -36.72 41.83 22.38
N ILE D 230 -36.44 43.03 22.87
CA ILE D 230 -36.42 43.30 24.30
C ILE D 230 -37.71 44.00 24.72
N ILE D 231 -38.36 43.46 25.75
CA ILE D 231 -39.65 43.96 26.22
C ILE D 231 -39.51 44.98 27.34
N VAL D 232 -40.08 46.16 27.16
CA VAL D 232 -39.99 47.23 28.14
C VAL D 232 -41.28 47.36 28.95
N GLU D 233 -41.13 47.40 30.28
CA GLU D 233 -42.25 47.61 31.19
C GLU D 233 -41.95 48.75 32.15
N ASP D 234 -42.74 49.82 32.05
CA ASP D 234 -42.57 51.02 32.88
C ASP D 234 -41.16 51.60 32.75
N GLY D 235 -40.69 51.75 31.51
CA GLY D 235 -39.40 52.33 31.25
C GLY D 235 -38.20 51.48 31.66
N ARG D 236 -38.47 50.21 31.97
CA ARG D 236 -37.40 49.29 32.37
C ARG D 236 -37.34 48.09 31.44
N ALA D 237 -36.14 47.73 30.99
CA ALA D 237 -35.94 46.52 30.20
C ALA D 237 -36.21 45.31 31.10
N ALA D 238 -37.33 44.64 30.88
CA ALA D 238 -37.83 43.66 31.83
C ALA D 238 -37.75 42.24 31.32
N ALA D 239 -37.89 42.05 30.01
CA ALA D 239 -37.95 40.70 29.46
C ALA D 239 -37.39 40.63 28.04
N VAL D 240 -37.13 39.40 27.60
CA VAL D 240 -36.65 39.15 26.24
C VAL D 240 -37.51 38.09 25.59
N ARG D 241 -37.95 38.35 24.36
CA ARG D 241 -38.66 37.34 23.59
C ARG D 241 -37.68 36.62 22.68
N THR D 242 -37.68 35.29 22.73
CA THR D 242 -36.78 34.52 21.88
C THR D 242 -37.54 33.50 21.03
N VAL D 243 -36.91 33.11 19.92
CA VAL D 243 -37.46 32.09 19.04
C VAL D 243 -36.35 31.08 18.77
N PRO D 244 -36.71 29.86 18.34
CA PRO D 244 -35.65 28.90 18.01
C PRO D 244 -34.80 29.39 16.84
N SER D 245 -33.52 29.04 16.81
CA SER D 245 -32.66 29.48 15.71
C SER D 245 -33.04 28.77 14.40
N LYS D 246 -33.68 27.60 14.53
CA LYS D 246 -34.18 26.89 13.35
C LYS D 246 -35.69 26.71 13.44
N PRO D 247 -36.44 27.39 12.56
CA PRO D 247 -37.91 27.27 12.53
C PRO D 247 -38.36 25.96 11.91
N LEU D 248 -38.49 24.92 12.73
CA LEU D 248 -38.76 23.58 12.23
C LEU D 248 -40.23 23.17 12.33
N ASN D 249 -41.08 24.09 12.76
CA ASN D 249 -42.50 23.79 12.90
C ASN D 249 -43.37 24.98 12.53
N PRO D 250 -43.53 25.23 11.21
CA PRO D 250 -44.22 26.41 10.70
C PRO D 250 -45.71 26.41 11.00
N LYS D 251 -46.26 25.22 11.19
CA LYS D 251 -47.69 25.06 11.46
C LYS D 251 -48.06 25.67 12.81
N LYS D 252 -47.10 25.69 13.73
CA LYS D 252 -47.32 26.28 15.05
C LYS D 252 -45.99 26.76 15.62
N PRO D 253 -45.53 27.94 15.20
CA PRO D 253 -44.26 28.52 15.65
C PRO D 253 -44.24 28.75 17.17
N SER D 254 -43.08 28.51 17.79
CA SER D 254 -42.96 28.68 19.23
C SER D 254 -42.12 29.90 19.58
N HIS D 255 -42.19 30.30 20.84
CA HIS D 255 -41.37 31.39 21.36
C HIS D 255 -41.27 31.28 22.86
N LYS D 256 -40.23 31.86 23.44
CA LYS D 256 -40.08 31.88 24.88
C LYS D 256 -39.85 33.29 25.38
N ILE D 257 -40.23 33.54 26.63
CA ILE D 257 -39.96 34.83 27.24
C ILE D 257 -39.13 34.62 28.51
N TYR D 258 -38.00 35.30 28.57
CA TYR D 258 -37.14 35.27 29.74
C TYR D 258 -37.14 36.65 30.41
N ARG D 259 -37.24 36.66 31.74
CA ARG D 259 -37.29 37.92 32.48
C ARG D 259 -36.00 38.18 33.24
N ALA D 260 -35.69 39.46 33.42
CA ALA D 260 -34.52 39.85 34.20
C ALA D 260 -34.93 40.79 35.34
N ARG D 261 -34.46 40.49 36.54
CA ARG D 261 -34.78 41.32 37.70
C ARG D 261 -33.87 42.56 37.75
N LYS D 262 -32.58 42.38 37.54
CA LYS D 262 -31.62 43.46 37.80
C LYS D 262 -30.99 44.09 36.57
N GLN D 263 -30.66 43.29 35.56
CA GLN D 263 -29.89 43.81 34.43
C GLN D 263 -30.03 42.97 33.17
N ILE D 264 -30.10 43.65 32.02
CA ILE D 264 -29.99 43.01 30.72
C ILE D 264 -28.80 43.61 29.97
N VAL D 265 -27.96 42.74 29.41
CA VAL D 265 -26.84 43.19 28.59
C VAL D 265 -26.98 42.63 27.17
N LEU D 266 -26.96 43.52 26.19
CA LEU D 266 -27.07 43.12 24.79
C LEU D 266 -25.68 42.99 24.17
N SER D 267 -25.34 41.78 23.73
CA SER D 267 -24.02 41.51 23.16
C SER D 267 -24.11 40.64 21.90
N CYS D 268 -25.02 41.00 21.00
CA CYS D 268 -25.24 40.19 19.81
C CYS D 268 -24.31 40.57 18.66
N GLY D 269 -23.39 41.48 18.91
CA GLY D 269 -22.43 41.87 17.89
C GLY D 269 -22.89 43.06 17.07
N THR D 270 -21.95 43.66 16.35
CA THR D 270 -22.18 44.90 15.60
C THR D 270 -23.32 44.79 14.58
N ILE D 271 -23.40 43.65 13.91
CA ILE D 271 -24.43 43.46 12.89
C ILE D 271 -25.80 43.21 13.52
N SER D 272 -25.84 42.44 14.61
CA SER D 272 -27.11 41.92 15.12
C SER D 272 -27.73 42.75 16.25
N SER D 273 -26.90 43.34 17.12
CA SER D 273 -27.41 44.16 18.21
C SER D 273 -28.36 45.31 17.78
N PRO D 274 -28.04 46.04 16.69
CA PRO D 274 -28.99 47.09 16.31
C PRO D 274 -30.31 46.51 15.83
N LEU D 275 -30.25 45.34 15.20
CA LEU D 275 -31.45 44.67 14.73
C LEU D 275 -32.37 44.34 15.90
N VAL D 276 -31.77 43.89 17.00
CA VAL D 276 -32.52 43.60 18.21
C VAL D 276 -33.14 44.89 18.77
N LEU D 277 -32.34 45.95 18.82
CA LEU D 277 -32.83 47.23 19.32
C LEU D 277 -33.95 47.77 18.44
N GLN D 278 -33.76 47.72 17.13
CA GLN D 278 -34.76 48.20 16.19
C GLN D 278 -36.07 47.41 16.29
N ARG D 279 -35.97 46.09 16.46
CA ARG D 279 -37.16 45.28 16.64
C ARG D 279 -37.84 45.59 17.98
N SER D 280 -37.07 46.13 18.91
CA SER D 280 -37.60 46.46 20.24
C SER D 280 -38.20 47.87 20.27
N GLY D 281 -38.12 48.57 19.15
CA GLY D 281 -38.70 49.90 19.04
C GLY D 281 -37.73 51.03 19.29
N PHE D 282 -36.44 50.73 19.25
CA PHE D 282 -35.40 51.76 19.41
C PHE D 282 -34.80 52.13 18.05
N GLY D 283 -35.04 53.35 17.61
CA GLY D 283 -34.46 53.81 16.36
C GLY D 283 -35.12 55.01 15.74
N ASP D 284 -34.99 55.13 14.42
CA ASP D 284 -35.64 56.17 13.64
C ASP D 284 -37.10 55.78 13.42
N PRO D 285 -38.04 56.57 13.99
CA PRO D 285 -39.48 56.27 13.94
C PRO D 285 -40.00 56.05 12.52
N ILE D 286 -39.51 56.84 11.57
CA ILE D 286 -39.94 56.71 10.18
C ILE D 286 -39.51 55.36 9.61
N LYS D 287 -38.24 55.01 9.81
CA LYS D 287 -37.71 53.75 9.34
C LYS D 287 -38.33 52.55 10.07
N LEU D 288 -38.56 52.70 11.37
CA LEU D 288 -39.17 51.63 12.16
C LEU D 288 -40.58 51.32 11.67
N ARG D 289 -41.37 52.38 11.43
CA ARG D 289 -42.73 52.20 10.93
C ARG D 289 -42.72 51.61 9.53
N ALA D 290 -41.71 51.98 8.74
CA ALA D 290 -41.56 51.45 7.39
C ALA D 290 -41.24 49.96 7.44
N ALA D 291 -40.76 49.50 8.60
CA ALA D 291 -40.40 48.10 8.77
C ALA D 291 -41.44 47.36 9.61
N GLY D 292 -42.55 48.03 9.92
CA GLY D 292 -43.65 47.40 10.63
C GLY D 292 -43.50 47.33 12.13
N VAL D 293 -42.61 48.15 12.68
CA VAL D 293 -42.38 48.16 14.12
C VAL D 293 -42.89 49.46 14.74
N LYS D 294 -43.57 49.35 15.88
CA LYS D 294 -44.05 50.53 16.60
C LYS D 294 -42.92 51.18 17.37
N PRO D 295 -42.62 52.46 17.07
CA PRO D 295 -41.54 53.21 17.73
C PRO D 295 -41.78 53.33 19.23
N LEU D 296 -40.69 53.28 20.01
CA LEU D 296 -40.77 53.43 21.46
C LEU D 296 -39.83 54.52 21.94
N VAL D 297 -38.61 54.50 21.42
CA VAL D 297 -37.61 55.48 21.79
C VAL D 297 -36.95 56.05 20.54
N ASN D 298 -36.93 57.38 20.43
CA ASN D 298 -36.35 58.06 19.29
C ASN D 298 -34.82 58.07 19.35
N LEU D 299 -34.20 57.11 18.66
CA LEU D 299 -32.75 56.96 18.65
C LEU D 299 -32.22 56.70 17.24
N PRO D 300 -32.14 57.73 16.41
CA PRO D 300 -31.74 57.57 15.00
C PRO D 300 -30.34 57.00 14.81
N GLY D 301 -29.55 56.93 15.88
CA GLY D 301 -28.18 56.43 15.81
C GLY D 301 -28.06 54.92 15.71
N VAL D 302 -29.13 54.21 16.08
CA VAL D 302 -29.13 52.75 16.05
C VAL D 302 -29.01 52.22 14.63
N GLY D 303 -27.90 51.56 14.35
CA GLY D 303 -27.64 50.99 13.04
C GLY D 303 -26.80 51.90 12.16
N ARG D 304 -26.52 53.10 12.67
CA ARG D 304 -25.70 54.07 11.94
C ARG D 304 -24.25 53.97 12.39
N ASN D 305 -23.37 54.65 11.66
CA ASN D 305 -21.96 54.74 12.01
C ASN D 305 -21.26 53.37 11.94
N PHE D 306 -21.70 52.54 10.99
CA PHE D 306 -21.11 51.23 10.79
C PHE D 306 -19.68 51.34 10.26
N GLN D 307 -18.75 50.80 11.03
CA GLN D 307 -17.34 50.84 10.66
C GLN D 307 -16.76 49.43 10.61
N ASP D 308 -15.60 49.31 9.98
CA ASP D 308 -14.95 48.02 9.83
C ASP D 308 -13.52 48.27 9.38
N HIS D 309 -12.72 47.22 9.31
CA HIS D 309 -11.45 47.28 8.64
C HIS D 309 -11.62 46.66 7.26
N TYR D 310 -11.02 47.27 6.24
CA TYR D 310 -11.22 46.78 4.88
C TYR D 310 -9.97 46.00 4.46
N CYS D 311 -10.15 44.72 4.14
CA CYS D 311 -9.00 43.87 3.88
C CYS D 311 -8.93 43.33 2.46
N PHE D 312 -7.77 42.82 2.07
CA PHE D 312 -7.62 42.07 0.83
C PHE D 312 -6.41 41.16 0.90
N PHE D 313 -6.43 40.10 0.10
CA PHE D 313 -5.42 39.05 0.13
C PHE D 313 -4.65 39.00 -1.19
N SER D 314 -3.34 38.85 -1.10
CA SER D 314 -2.49 38.73 -2.28
C SER D 314 -1.55 37.54 -2.13
N PRO D 315 -1.80 36.46 -2.88
CA PRO D 315 -1.02 35.22 -2.71
C PRO D 315 0.26 35.18 -3.56
N TYR D 316 1.28 34.52 -3.03
CA TYR D 316 2.53 34.36 -3.74
C TYR D 316 2.95 32.90 -3.80
N ARG D 317 3.67 32.56 -4.87
CA ARG D 317 4.31 31.28 -5.05
C ARG D 317 5.47 31.12 -4.06
N ILE D 318 5.63 29.96 -3.42
CA ILE D 318 6.84 29.69 -2.66
C ILE D 318 7.66 28.55 -3.28
N LYS D 319 8.95 28.51 -2.99
CA LYS D 319 9.82 27.46 -3.52
C LYS D 319 9.40 26.10 -2.97
N PRO D 320 9.54 25.06 -3.80
CA PRO D 320 9.02 23.73 -3.44
C PRO D 320 9.59 23.14 -2.14
N GLN D 321 10.75 23.61 -1.68
CA GLN D 321 11.36 23.05 -0.48
C GLN D 321 10.78 23.63 0.82
N TYR D 322 10.03 24.73 0.71
CA TYR D 322 9.53 25.40 1.90
C TYR D 322 8.14 24.91 2.32
N GLU D 323 7.75 25.23 3.54
CA GLU D 323 6.53 24.69 4.12
C GLU D 323 5.33 25.64 4.00
N SER D 324 4.15 25.07 3.91
CA SER D 324 2.89 25.83 3.98
C SER D 324 1.79 24.86 4.43
N PHE D 325 0.61 25.39 4.73
CA PHE D 325 -0.48 24.51 5.17
C PHE D 325 -1.39 24.13 4.01
N ASP D 326 -0.96 24.39 2.78
CA ASP D 326 -1.82 24.22 1.62
C ASP D 326 -2.32 22.80 1.40
N ASP D 327 -1.41 21.81 1.45
CA ASP D 327 -1.81 20.42 1.27
C ASP D 327 -2.76 19.97 2.37
N PHE D 328 -2.51 20.43 3.59
CA PHE D 328 -3.37 20.12 4.72
C PHE D 328 -4.80 20.62 4.50
N VAL D 329 -4.93 21.88 4.09
CA VAL D 329 -6.27 22.45 3.94
C VAL D 329 -6.91 22.01 2.61
N ARG D 330 -6.10 21.57 1.66
CA ARG D 330 -6.63 21.03 0.41
C ARG D 330 -7.34 19.69 0.65
N GLY D 331 -6.85 18.94 1.65
CA GLY D 331 -7.46 17.69 2.02
C GLY D 331 -6.62 16.45 1.77
N ASP D 332 -5.30 16.61 1.74
CA ASP D 332 -4.41 15.47 1.58
C ASP D 332 -4.49 14.56 2.80
N ALA D 333 -4.86 13.31 2.57
CA ALA D 333 -5.17 12.39 3.65
C ALA D 333 -3.97 12.06 4.53
N GLU D 334 -2.84 11.73 3.89
CA GLU D 334 -1.66 11.33 4.65
C GLU D 334 -1.08 12.50 5.45
N ILE D 335 -1.08 13.69 4.87
CA ILE D 335 -0.56 14.85 5.57
C ILE D 335 -1.48 15.24 6.74
N GLN D 336 -2.79 15.19 6.53
CA GLN D 336 -3.74 15.44 7.62
C GLN D 336 -3.56 14.44 8.76
N LYS D 337 -3.36 13.18 8.41
CA LYS D 337 -3.14 12.13 9.38
C LYS D 337 -1.91 12.42 10.24
N ARG D 338 -0.80 12.81 9.61
CA ARG D 338 0.44 13.04 10.36
C ARG D 338 0.34 14.29 11.24
N VAL D 339 -0.33 15.32 10.74
CA VAL D 339 -0.52 16.55 11.51
C VAL D 339 -1.36 16.30 12.77
N PHE D 340 -2.45 15.56 12.63
CA PHE D 340 -3.30 15.21 13.78
C PHE D 340 -2.58 14.28 14.73
N ASP D 341 -1.84 13.31 14.20
CA ASP D 341 -1.11 12.36 15.04
C ASP D 341 -0.11 13.06 15.95
N GLN D 342 0.57 14.07 15.42
CA GLN D 342 1.54 14.79 16.23
C GLN D 342 0.82 15.55 17.36
N TRP D 343 -0.32 16.15 17.04
CA TRP D 343 -1.07 16.90 18.04
C TRP D 343 -1.60 15.98 19.14
N TYR D 344 -2.10 14.81 18.76
CA TYR D 344 -2.57 13.83 19.73
C TYR D 344 -1.43 13.35 20.62
N ALA D 345 -0.24 13.24 20.04
CA ALA D 345 0.93 12.77 20.75
C ALA D 345 1.36 13.72 21.87
N ASN D 346 1.47 15.01 21.56
CA ASN D 346 1.96 15.96 22.55
C ASN D 346 1.56 17.40 22.31
N GLY D 347 0.52 17.63 21.52
CA GLY D 347 -0.01 18.97 21.33
C GLY D 347 0.86 19.93 20.55
N THR D 348 1.78 19.41 19.74
CA THR D 348 2.64 20.27 18.90
C THR D 348 2.45 20.00 17.41
N GLY D 349 3.12 20.78 16.57
CA GLY D 349 3.01 20.61 15.14
C GLY D 349 2.06 21.61 14.51
N PRO D 350 1.91 21.53 13.18
CA PRO D 350 1.15 22.51 12.38
C PRO D 350 -0.28 22.75 12.86
N LEU D 351 -0.87 21.80 13.58
CA LEU D 351 -2.25 21.96 14.03
C LEU D 351 -2.34 22.99 15.16
N ALA D 352 -1.21 23.29 15.79
CA ALA D 352 -1.17 24.18 16.95
C ALA D 352 -0.70 25.59 16.59
N THR D 353 -0.98 26.02 15.36
CA THR D 353 -0.67 27.38 14.94
C THR D 353 -1.69 27.88 13.93
N ASN D 354 -1.66 29.18 13.63
CA ASN D 354 -2.53 29.75 12.61
C ASN D 354 -1.78 30.00 11.32
N GLY D 355 -0.46 29.85 11.38
CA GLY D 355 0.38 30.06 10.21
C GLY D 355 0.53 31.53 9.84
N ILE D 356 0.07 32.40 10.74
CA ILE D 356 0.22 33.84 10.54
C ILE D 356 1.33 34.32 11.46
N GLU D 357 2.56 34.28 10.97
CA GLU D 357 3.72 34.29 11.84
C GLU D 357 4.39 35.65 12.03
N ALA D 358 4.20 36.55 11.08
CA ALA D 358 4.84 37.86 11.18
C ALA D 358 3.99 38.90 10.48
N GLY D 359 4.18 40.15 10.88
CA GLY D 359 3.36 41.22 10.34
C GLY D 359 3.90 42.60 10.63
N VAL D 360 3.07 43.60 10.33
CA VAL D 360 3.55 44.96 10.20
C VAL D 360 2.45 45.98 10.51
N LYS D 361 2.83 47.05 11.20
CA LYS D 361 2.02 48.27 11.29
C LYS D 361 2.80 49.37 10.61
N ILE D 362 2.17 50.12 9.71
CA ILE D 362 2.92 51.15 8.97
C ILE D 362 2.23 52.49 8.81
N ARG D 363 3.06 53.53 8.77
CA ARG D 363 2.64 54.88 8.41
C ARG D 363 3.46 55.33 7.20
N PRO D 364 2.87 56.19 6.36
CA PRO D 364 3.61 56.66 5.18
C PRO D 364 4.67 57.69 5.55
N THR D 365 5.80 57.69 4.85
CA THR D 365 6.79 58.76 4.97
C THR D 365 6.22 59.98 4.25
N PRO D 366 6.74 61.18 4.56
CA PRO D 366 6.26 62.38 3.87
C PRO D 366 6.40 62.31 2.35
N GLU D 367 7.42 61.60 1.87
CA GLU D 367 7.60 61.44 0.43
C GLU D 367 6.52 60.54 -0.16
N GLU D 368 6.25 59.42 0.52
CA GLU D 368 5.21 58.49 0.09
C GLU D 368 3.86 59.18 0.03
N LEU D 369 3.59 60.00 1.04
CA LEU D 369 2.36 60.79 1.09
C LEU D 369 2.19 61.68 -0.13
N SER D 370 3.28 62.31 -0.54
CA SER D 370 3.25 63.26 -1.65
C SER D 370 2.95 62.59 -2.99
N GLN D 371 2.96 61.27 -3.00
CA GLN D 371 2.69 60.51 -4.23
C GLN D 371 1.25 59.99 -4.26
N MET D 372 0.52 60.19 -3.17
CA MET D 372 -0.83 59.65 -3.05
C MET D 372 -1.88 60.68 -3.44
N ASP D 373 -3.13 60.21 -3.53
CA ASP D 373 -4.28 61.07 -3.83
C ASP D 373 -4.30 62.29 -2.92
N GLU D 374 -4.69 63.44 -3.48
CA GLU D 374 -4.76 64.66 -2.70
C GLU D 374 -5.78 64.50 -1.58
N SER D 375 -6.84 63.77 -1.86
CA SER D 375 -7.90 63.55 -0.87
C SER D 375 -7.39 62.85 0.38
N PHE D 376 -6.51 61.86 0.22
CA PHE D 376 -5.97 61.18 1.40
C PHE D 376 -4.88 62.01 2.08
N GLN D 377 -4.13 62.78 1.30
CA GLN D 377 -3.14 63.70 1.87
C GLN D 377 -3.81 64.63 2.87
N GLU D 378 -4.99 65.12 2.50
CA GLU D 378 -5.77 65.99 3.37
C GLU D 378 -6.32 65.20 4.56
N GLY D 379 -6.77 63.98 4.29
CA GLY D 379 -7.29 63.12 5.34
C GLY D 379 -6.23 62.79 6.36
N TYR D 380 -4.98 62.67 5.89
CA TYR D 380 -3.85 62.36 6.77
C TYR D 380 -3.58 63.52 7.73
N ARG D 381 -3.63 64.74 7.21
CA ARG D 381 -3.43 65.92 8.04
C ARG D 381 -4.52 66.04 9.11
N GLU D 382 -5.75 65.77 8.71
CA GLU D 382 -6.90 65.89 9.60
C GLU D 382 -6.91 64.83 10.71
N TYR D 383 -6.51 63.61 10.38
CA TYR D 383 -6.74 62.47 11.27
C TYR D 383 -5.46 61.86 11.87
N PHE D 384 -4.38 61.83 11.10
CA PHE D 384 -3.20 61.07 11.49
C PHE D 384 -1.99 61.90 11.96
N GLU D 385 -1.81 63.08 11.38
CA GLU D 385 -0.57 63.83 11.57
C GLU D 385 -0.28 64.18 13.03
N ASP D 386 -1.31 64.53 13.78
CA ASP D 386 -1.14 64.86 15.19
C ASP D 386 -1.46 63.68 16.10
N LYS D 387 -1.59 62.50 15.50
CA LYS D 387 -1.80 61.25 16.25
C LYS D 387 -0.72 60.25 15.87
N PRO D 388 0.52 60.48 16.34
CA PRO D 388 1.68 59.71 15.90
C PRO D 388 1.65 58.21 16.25
N ASP D 389 0.71 57.78 17.09
CA ASP D 389 0.69 56.38 17.51
C ASP D 389 -0.32 55.53 16.73
N LYS D 390 -1.03 56.14 15.80
CA LYS D 390 -1.99 55.41 14.96
C LYS D 390 -1.38 54.93 13.65
N PRO D 391 -1.47 53.61 13.39
CA PRO D 391 -1.03 53.06 12.11
C PRO D 391 -2.05 53.31 11.00
N VAL D 392 -1.59 53.40 9.76
CA VAL D 392 -2.51 53.58 8.63
C VAL D 392 -2.92 52.24 8.01
N MET D 393 -1.93 51.38 7.76
CA MET D 393 -2.20 50.05 7.21
C MET D 393 -1.56 48.96 8.05
N HIS D 394 -2.18 47.79 8.04
CA HIS D 394 -1.56 46.57 8.56
C HIS D 394 -1.41 45.56 7.43
N TYR D 395 -0.33 44.80 7.46
CA TYR D 395 -0.33 43.55 6.70
C TYR D 395 0.58 42.52 7.33
N SER D 396 0.26 41.26 7.09
CA SER D 396 0.94 40.15 7.70
C SER D 396 1.11 39.02 6.69
N ILE D 397 1.99 38.07 7.00
CA ILE D 397 2.27 36.96 6.09
C ILE D 397 1.60 35.67 6.58
N ILE D 398 0.84 35.04 5.71
CA ILE D 398 0.19 33.76 6.02
C ILE D 398 0.92 32.62 5.31
N ALA D 399 1.26 31.58 6.04
CA ALA D 399 2.05 30.47 5.50
C ALA D 399 1.20 29.51 4.71
N GLY D 400 0.53 30.02 3.69
CA GLY D 400 -0.34 29.23 2.84
C GLY D 400 -1.29 30.16 2.12
N PHE D 401 -2.12 29.60 1.24
CA PHE D 401 -3.15 30.40 0.59
C PHE D 401 -4.41 30.42 1.45
N PHE D 402 -4.83 31.61 1.85
CA PHE D 402 -6.16 31.73 2.44
C PHE D 402 -7.18 32.08 1.36
N GLY D 403 -8.13 31.18 1.15
CA GLY D 403 -9.11 31.30 0.09
C GLY D 403 -9.51 29.93 -0.42
N ASP D 404 -10.23 29.89 -1.53
CA ASP D 404 -10.74 28.62 -2.05
C ASP D 404 -9.67 27.92 -2.89
N HIS D 405 -9.19 26.79 -2.38
CA HIS D 405 -8.14 26.05 -3.07
C HIS D 405 -8.59 25.38 -4.37
N THR D 406 -9.90 25.28 -4.57
CA THR D 406 -10.41 24.69 -5.81
C THR D 406 -10.37 25.71 -6.93
N LYS D 407 -10.01 26.96 -6.62
CA LYS D 407 -9.97 28.02 -7.62
C LYS D 407 -8.55 28.61 -7.80
N ILE D 408 -7.54 27.88 -7.33
CA ILE D 408 -6.16 28.32 -7.47
C ILE D 408 -5.36 27.08 -7.90
N PRO D 409 -4.25 27.27 -8.64
CA PRO D 409 -3.51 26.09 -9.11
C PRO D 409 -2.93 25.27 -7.97
N PRO D 410 -2.54 24.01 -8.24
CA PRO D 410 -1.85 23.22 -7.21
C PRO D 410 -0.50 23.84 -6.85
N GLY D 411 0.07 23.40 -5.74
CA GLY D 411 1.35 23.93 -5.29
C GLY D 411 1.24 24.56 -3.92
N LYS D 412 2.30 25.23 -3.50
CA LYS D 412 2.34 25.83 -2.18
C LYS D 412 2.46 27.34 -2.29
N TYR D 413 1.89 28.05 -1.31
CA TYR D 413 1.77 29.49 -1.37
C TYR D 413 2.09 30.18 -0.06
N MET D 414 2.20 31.51 -0.13
CA MET D 414 2.15 32.35 1.04
C MET D 414 1.27 33.55 0.67
N THR D 415 0.52 34.07 1.65
CA THR D 415 -0.42 35.14 1.35
C THR D 415 -0.17 36.39 2.18
N MET D 416 -0.13 37.54 1.51
CA MET D 416 -0.10 38.83 2.20
C MET D 416 -1.53 39.23 2.55
N PHE D 417 -1.75 39.49 3.83
CA PHE D 417 -3.06 39.82 4.36
C PHE D 417 -3.05 41.27 4.84
N HIS D 418 -3.71 42.18 4.11
CA HIS D 418 -3.71 43.61 4.45
C HIS D 418 -5.06 44.06 4.99
N PHE D 419 -5.08 45.06 5.86
CA PHE D 419 -6.31 45.81 6.08
C PHE D 419 -6.09 47.25 6.51
N LEU D 420 -7.08 48.09 6.18
CA LEU D 420 -7.06 49.52 6.48
C LEU D 420 -7.50 49.78 7.93
N GLU D 421 -6.68 50.53 8.67
CA GLU D 421 -6.83 50.65 10.12
C GLU D 421 -7.94 51.60 10.58
N TYR D 422 -8.04 52.76 9.94
CA TYR D 422 -9.07 53.74 10.32
C TYR D 422 -9.74 54.32 9.08
N PRO D 423 -10.67 53.57 8.47
CA PRO D 423 -11.35 54.06 7.26
C PRO D 423 -12.22 55.28 7.52
N PHE D 424 -12.34 56.15 6.52
CA PHE D 424 -13.20 57.31 6.60
C PHE D 424 -14.63 56.95 6.19
N SER D 425 -14.75 55.87 5.42
CA SER D 425 -16.05 55.41 4.95
C SER D 425 -16.97 55.03 6.11
N ARG D 426 -18.27 55.13 5.88
CA ARG D 426 -19.26 54.78 6.89
C ARG D 426 -20.44 54.06 6.25
N GLY D 427 -21.03 53.12 6.98
CA GLY D 427 -22.18 52.41 6.48
C GLY D 427 -23.34 52.42 7.46
N SER D 428 -24.39 51.67 7.15
CA SER D 428 -25.56 51.59 8.00
C SER D 428 -26.28 50.25 7.83
N ILE D 429 -27.08 49.87 8.82
CA ILE D 429 -27.85 48.65 8.74
C ILE D 429 -29.20 48.83 9.43
N HIS D 430 -30.24 48.21 8.87
CA HIS D 430 -31.59 48.34 9.40
C HIS D 430 -32.46 47.13 9.05
N ILE D 431 -33.31 46.72 9.99
CA ILE D 431 -34.25 45.63 9.76
C ILE D 431 -35.20 45.92 8.60
N THR D 432 -35.71 44.87 7.96
CA THR D 432 -36.66 45.02 6.86
C THR D 432 -38.09 44.72 7.31
N SER D 433 -38.22 44.01 8.44
CA SER D 433 -39.53 43.63 8.97
C SER D 433 -39.36 43.23 10.44
N PRO D 434 -40.47 42.97 11.15
CA PRO D 434 -40.28 42.54 12.54
C PRO D 434 -39.88 41.07 12.67
N ASP D 435 -39.84 40.34 11.56
CA ASP D 435 -39.41 38.95 11.54
C ASP D 435 -37.95 38.84 12.00
N PRO D 436 -37.71 38.16 13.12
CA PRO D 436 -36.34 38.04 13.64
C PRO D 436 -35.40 37.29 12.68
N TYR D 437 -35.96 36.47 11.79
CA TYR D 437 -35.17 35.70 10.83
C TYR D 437 -34.84 36.50 9.56
N ALA D 438 -35.55 37.61 9.37
CA ALA D 438 -35.46 38.35 8.11
C ALA D 438 -34.09 39.00 7.89
N ALA D 439 -33.60 38.90 6.66
CA ALA D 439 -32.35 39.56 6.28
C ALA D 439 -32.50 41.09 6.34
N PRO D 440 -31.56 41.76 7.01
CA PRO D 440 -31.63 43.22 7.13
C PRO D 440 -31.24 43.94 5.84
N ASP D 441 -31.64 45.21 5.74
CA ASP D 441 -31.15 46.10 4.70
C ASP D 441 -29.75 46.59 5.09
N PHE D 442 -28.74 46.20 4.32
CA PHE D 442 -27.36 46.32 4.76
C PHE D 442 -26.48 47.06 3.74
N ASP D 443 -25.92 48.19 4.15
CA ASP D 443 -24.91 48.89 3.38
C ASP D 443 -23.67 49.10 4.24
N PRO D 444 -22.70 48.19 4.13
CA PRO D 444 -21.45 48.24 4.91
C PRO D 444 -20.62 49.48 4.60
N GLY D 445 -20.80 50.02 3.40
CA GLY D 445 -20.16 51.28 3.02
C GLY D 445 -18.71 51.15 2.63
N PHE D 446 -18.26 49.94 2.33
CA PHE D 446 -16.87 49.68 1.98
C PHE D 446 -16.40 50.56 0.82
N MET D 447 -15.35 51.33 1.08
CA MET D 447 -14.68 52.18 0.08
C MET D 447 -15.55 53.29 -0.53
N ASN D 448 -16.63 53.70 0.15
CA ASN D 448 -17.49 54.74 -0.44
C ASN D 448 -16.91 56.14 -0.25
N ASP D 449 -15.93 56.27 0.64
CA ASP D 449 -15.21 57.52 0.80
C ASP D 449 -13.90 57.48 0.00
N GLU D 450 -13.65 58.52 -0.78
CA GLU D 450 -12.53 58.52 -1.71
C GLU D 450 -11.17 58.51 -1.03
N ARG D 451 -11.14 58.86 0.26
CA ARG D 451 -9.89 58.94 1.01
C ARG D 451 -9.32 57.56 1.36
N ASP D 452 -10.14 56.53 1.21
CA ASP D 452 -9.74 55.20 1.65
C ASP D 452 -8.99 54.40 0.58
N MET D 453 -8.91 54.92 -0.64
CA MET D 453 -8.30 54.17 -1.73
C MET D 453 -6.77 54.17 -1.71
N ALA D 454 -6.18 55.35 -1.53
CA ALA D 454 -4.72 55.50 -1.59
C ALA D 454 -3.93 54.59 -0.62
N PRO D 455 -4.34 54.48 0.65
CA PRO D 455 -3.55 53.62 1.55
C PRO D 455 -3.54 52.15 1.11
N MET D 456 -4.65 51.68 0.55
CA MET D 456 -4.76 50.30 0.11
C MET D 456 -3.83 50.01 -1.06
N VAL D 457 -3.81 50.93 -2.03
CA VAL D 457 -2.91 50.83 -3.17
C VAL D 457 -1.47 50.82 -2.68
N TRP D 458 -1.16 51.75 -1.79
CA TRP D 458 0.15 51.87 -1.17
C TRP D 458 0.57 50.55 -0.51
N ALA D 459 -0.33 49.94 0.24
CA ALA D 459 -0.05 48.71 0.97
C ALA D 459 0.23 47.53 0.03
N TYR D 460 -0.50 47.46 -1.08
CA TYR D 460 -0.26 46.39 -2.04
C TYR D 460 1.16 46.45 -2.58
N LYS D 461 1.60 47.64 -2.97
CA LYS D 461 2.94 47.84 -3.50
C LYS D 461 4.01 47.51 -2.47
N LYS D 462 3.75 47.92 -1.23
CA LYS D 462 4.67 47.69 -0.12
C LYS D 462 4.85 46.20 0.16
N SER D 463 3.75 45.48 0.35
CA SER D 463 3.81 44.06 0.68
C SER D 463 4.38 43.23 -0.46
N ARG D 464 4.13 43.67 -1.69
CA ARG D 464 4.67 42.99 -2.86
C ARG D 464 6.18 43.09 -2.87
N GLU D 465 6.69 44.25 -2.47
CA GLU D 465 8.12 44.47 -2.37
C GLU D 465 8.71 43.61 -1.26
N THR D 466 7.97 43.46 -0.16
CA THR D 466 8.38 42.59 0.94
C THR D 466 8.48 41.16 0.44
N ALA D 467 7.45 40.71 -0.27
CA ALA D 467 7.38 39.35 -0.77
C ALA D 467 8.54 39.02 -1.69
N ARG D 468 8.89 39.95 -2.57
CA ARG D 468 9.93 39.70 -3.56
C ARG D 468 11.33 39.70 -2.95
N ARG D 469 11.42 40.11 -1.69
CA ARG D 469 12.70 40.13 -0.99
C ARG D 469 12.80 39.00 0.05
N MET D 470 11.83 38.10 0.03
CA MET D 470 11.85 36.93 0.91
C MET D 470 12.46 35.71 0.21
N ASP D 471 13.17 34.89 0.98
CA ASP D 471 13.78 33.66 0.45
C ASP D 471 12.72 32.71 -0.09
N HIS D 472 11.55 32.73 0.53
CA HIS D 472 10.43 31.87 0.15
C HIS D 472 9.94 32.15 -1.26
N PHE D 473 10.08 33.40 -1.71
CA PHE D 473 9.46 33.88 -2.94
C PHE D 473 9.86 33.09 -4.18
N ALA D 474 8.85 32.66 -4.95
CA ALA D 474 9.10 31.92 -6.18
C ALA D 474 8.20 32.39 -7.32
N GLY D 475 7.42 33.44 -7.09
CA GLY D 475 6.54 33.95 -8.13
C GLY D 475 5.23 34.53 -7.64
N GLU D 476 4.46 35.06 -8.58
CA GLU D 476 3.23 35.77 -8.28
C GLU D 476 2.04 35.13 -9.01
N VAL D 477 0.98 34.86 -8.27
CA VAL D 477 -0.19 34.19 -8.83
C VAL D 477 -1.04 35.16 -9.63
N THR D 478 -0.89 35.10 -10.95
CA THR D 478 -1.43 36.13 -11.84
C THR D 478 -2.94 36.32 -11.70
N SER D 479 -3.67 35.22 -11.54
CA SER D 479 -5.12 35.24 -11.47
C SER D 479 -5.62 35.95 -10.21
N HIS D 480 -4.77 36.06 -9.20
CA HIS D 480 -5.17 36.63 -7.92
C HIS D 480 -4.43 37.93 -7.64
N HIS D 481 -3.90 38.54 -8.68
CA HIS D 481 -3.23 39.83 -8.58
C HIS D 481 -3.94 40.86 -9.45
N PRO D 482 -3.61 42.15 -9.28
CA PRO D 482 -4.24 43.16 -10.14
C PRO D 482 -4.04 42.87 -11.62
N LEU D 483 -5.06 43.20 -12.42
CA LEU D 483 -5.05 42.92 -13.84
C LEU D 483 -4.26 43.98 -14.60
N PHE D 484 -2.94 43.99 -14.39
CA PHE D 484 -2.05 44.90 -15.08
C PHE D 484 -2.16 44.74 -16.60
N PRO D 485 -1.86 45.80 -17.35
CA PRO D 485 -1.73 45.67 -18.80
C PRO D 485 -0.77 44.53 -19.14
N TYR D 486 -1.09 43.72 -20.14
CA TYR D 486 -0.37 42.46 -20.37
C TYR D 486 1.14 42.63 -20.43
N SER D 487 1.61 43.68 -21.10
CA SER D 487 3.04 43.84 -21.32
C SER D 487 3.67 44.86 -20.38
N SER D 488 2.93 45.26 -19.35
CA SER D 488 3.48 46.16 -18.35
C SER D 488 4.63 45.50 -17.60
N GLU D 489 5.64 46.30 -17.24
CA GLU D 489 6.77 45.79 -16.48
C GLU D 489 6.40 45.62 -15.02
N ALA D 490 5.17 45.97 -14.68
CA ALA D 490 4.65 45.80 -13.33
C ALA D 490 3.77 44.55 -13.22
N ARG D 491 3.61 43.83 -14.33
CA ARG D 491 2.72 42.67 -14.37
C ARG D 491 3.17 41.57 -13.42
N ALA D 492 2.24 40.70 -13.04
CA ALA D 492 2.53 39.56 -12.19
C ALA D 492 3.36 38.52 -12.95
N LEU D 493 4.46 38.08 -12.35
CA LEU D 493 5.31 37.07 -12.97
C LEU D 493 5.25 35.76 -12.21
N GLU D 494 4.84 34.69 -12.90
CA GLU D 494 4.68 33.37 -12.29
C GLU D 494 6.01 32.68 -12.04
N MET D 495 5.95 31.52 -11.38
CA MET D 495 7.14 30.70 -11.17
C MET D 495 7.72 30.28 -12.52
N ASP D 496 9.04 30.06 -12.56
CA ASP D 496 9.70 29.75 -13.84
C ASP D 496 9.52 28.29 -14.25
N LEU D 497 10.16 27.92 -15.35
CA LEU D 497 10.04 26.58 -15.91
C LEU D 497 10.48 25.48 -14.93
N GLU D 498 11.66 25.65 -14.35
CA GLU D 498 12.22 24.64 -13.44
C GLU D 498 11.30 24.41 -12.24
N THR D 499 10.83 25.50 -11.64
CA THR D 499 9.95 25.42 -10.49
C THR D 499 8.62 24.77 -10.84
N SER D 500 8.09 25.09 -12.03
CA SER D 500 6.86 24.49 -12.51
C SER D 500 6.99 22.99 -12.66
N ASN D 501 8.13 22.55 -13.20
CA ASN D 501 8.41 21.13 -13.36
C ASN D 501 8.58 20.43 -12.02
N ALA D 502 9.13 21.13 -11.04
CA ALA D 502 9.28 20.59 -9.70
C ALA D 502 7.91 20.32 -9.10
N TYR D 503 7.01 21.29 -9.22
CA TYR D 503 5.66 21.14 -8.69
C TYR D 503 4.83 20.15 -9.50
N GLY D 504 5.08 20.09 -10.80
CA GLY D 504 4.36 19.18 -11.68
C GLY D 504 4.72 17.73 -11.45
N GLY D 505 5.94 17.49 -10.97
CA GLY D 505 6.41 16.14 -10.75
C GLY D 505 7.06 15.54 -11.98
N PRO D 506 7.76 14.41 -11.81
CA PRO D 506 8.55 13.82 -12.90
C PRO D 506 7.72 13.19 -14.02
N LEU D 507 6.42 13.02 -13.81
CA LEU D 507 5.58 12.38 -14.83
C LEU D 507 4.73 13.36 -15.61
N ASN D 508 4.84 14.65 -15.29
CA ASN D 508 3.97 15.65 -15.90
C ASN D 508 4.21 15.78 -17.41
N LEU D 509 3.16 16.15 -18.15
CA LEU D 509 3.24 16.24 -19.59
C LEU D 509 2.89 17.64 -20.10
N SER D 510 2.75 18.61 -19.20
CA SER D 510 2.36 19.95 -19.65
C SER D 510 2.96 21.09 -18.84
N ALA D 511 3.80 20.79 -17.86
CA ALA D 511 4.46 21.86 -17.12
C ALA D 511 5.37 22.63 -18.06
N GLY D 512 5.20 23.94 -18.11
CA GLY D 512 6.02 24.77 -18.97
C GLY D 512 5.53 24.79 -20.41
N LEU D 513 4.32 24.28 -20.63
CA LEU D 513 3.67 24.39 -21.93
C LEU D 513 3.05 25.79 -22.03
N ALA D 514 3.76 26.70 -22.69
CA ALA D 514 3.43 28.12 -22.66
C ALA D 514 2.28 28.52 -23.58
N HIS D 515 2.00 27.70 -24.58
CA HIS D 515 0.99 28.00 -25.61
C HIS D 515 -0.36 28.42 -25.01
N GLY D 516 -0.79 29.63 -25.34
CA GLY D 516 -1.98 30.22 -24.76
C GLY D 516 -1.64 31.54 -24.08
N SER D 517 -0.39 31.65 -23.65
CA SER D 517 0.16 32.85 -23.02
C SER D 517 -0.67 33.30 -21.82
N TRP D 518 -1.05 32.34 -21.00
CA TRP D 518 -1.85 32.64 -19.81
C TRP D 518 -1.01 33.31 -18.73
N THR D 519 0.27 32.96 -18.67
CA THR D 519 1.17 33.56 -17.69
C THR D 519 2.49 33.98 -18.33
N GLN D 520 3.26 34.80 -17.61
CA GLN D 520 4.63 35.12 -17.98
C GLN D 520 5.56 34.76 -16.82
N PRO D 521 6.75 34.23 -17.15
CA PRO D 521 7.66 33.68 -16.14
C PRO D 521 8.57 34.70 -15.47
N LEU D 522 8.85 34.47 -14.20
CA LEU D 522 9.84 35.22 -13.45
C LEU D 522 11.23 34.99 -14.06
N LYS D 523 12.03 36.06 -14.15
CA LYS D 523 13.40 35.93 -14.66
C LYS D 523 14.35 35.59 -13.53
N LYS D 524 15.54 35.09 -13.88
CA LYS D 524 16.53 34.76 -12.86
C LYS D 524 16.96 36.00 -12.09
N PRO D 525 17.10 35.86 -10.76
CA PRO D 525 17.54 36.98 -9.92
C PRO D 525 19.03 37.26 -10.13
N THR D 526 19.55 38.31 -9.49
CA THR D 526 20.97 38.64 -9.60
C THR D 526 21.83 37.55 -8.97
N ALA D 527 23.07 37.44 -9.45
CA ALA D 527 24.00 36.43 -8.96
C ALA D 527 24.53 36.77 -7.57
N LYS D 528 24.88 35.74 -6.81
CA LYS D 528 25.50 35.92 -5.50
C LYS D 528 26.87 36.57 -5.65
N ASN D 529 27.23 37.41 -4.68
CA ASN D 529 28.54 38.02 -4.66
C ASN D 529 29.57 37.03 -4.10
N GLU D 530 30.40 36.47 -4.96
CA GLU D 530 31.33 35.42 -4.57
C GLU D 530 32.42 35.92 -3.62
N GLY D 531 32.58 37.24 -3.54
CA GLY D 531 33.58 37.83 -2.65
C GLY D 531 33.06 38.04 -1.24
N HIS D 532 31.80 37.68 -1.02
CA HIS D 532 31.19 37.81 0.30
C HIS D 532 31.13 36.47 1.03
N VAL D 533 31.09 36.53 2.35
CA VAL D 533 30.85 35.36 3.18
C VAL D 533 29.51 34.74 2.80
N THR D 534 29.46 33.40 2.71
CA THR D 534 28.30 32.70 2.18
C THR D 534 26.97 33.10 2.83
N SER D 535 26.99 33.30 4.14
CA SER D 535 25.78 33.60 4.88
C SER D 535 25.28 35.03 4.66
N ASN D 536 26.04 35.82 3.90
CA ASN D 536 25.64 37.19 3.59
C ASN D 536 25.33 37.37 2.10
N GLN D 537 25.41 36.29 1.35
CA GLN D 537 25.14 36.34 -0.08
C GLN D 537 23.64 36.40 -0.35
N VAL D 538 23.25 37.12 -1.38
CA VAL D 538 21.84 37.27 -1.72
C VAL D 538 21.60 37.17 -3.22
N GLU D 539 20.37 36.82 -3.58
CA GLU D 539 19.93 36.84 -4.97
C GLU D 539 18.69 37.73 -5.04
N LEU D 540 18.78 38.81 -5.80
CA LEU D 540 17.75 39.84 -5.76
C LEU D 540 16.89 39.90 -7.02
N HIS D 541 15.59 40.07 -6.80
CA HIS D 541 14.64 40.31 -7.87
C HIS D 541 14.48 41.82 -8.05
N PRO D 542 14.06 42.26 -9.24
CA PRO D 542 14.01 43.70 -9.49
C PRO D 542 12.90 44.43 -8.73
N ASP D 543 13.16 45.69 -8.41
CA ASP D 543 12.11 46.58 -7.88
C ASP D 543 11.12 46.85 -9.00
N ILE D 544 9.90 47.22 -8.63
CA ILE D 544 8.86 47.43 -9.62
C ILE D 544 8.47 48.90 -9.74
N GLU D 545 8.37 49.37 -10.98
CA GLU D 545 7.91 50.73 -11.25
C GLU D 545 6.51 50.70 -11.86
N TYR D 546 5.65 51.58 -11.34
CA TYR D 546 4.25 51.64 -11.78
C TYR D 546 3.95 52.95 -12.49
N ASP D 547 3.20 52.87 -13.59
CA ASP D 547 2.64 54.09 -14.19
C ASP D 547 1.16 54.20 -13.84
N GLU D 548 0.46 55.12 -14.50
CA GLU D 548 -0.92 55.40 -14.17
C GLU D 548 -1.85 54.24 -14.52
N GLU D 549 -1.55 53.53 -15.60
CA GLU D 549 -2.36 52.38 -15.99
C GLU D 549 -2.25 51.27 -14.96
N ASP D 550 -1.04 51.06 -14.45
CA ASP D 550 -0.81 50.07 -13.41
C ASP D 550 -1.58 50.42 -12.14
N ASP D 551 -1.52 51.69 -11.75
CA ASP D 551 -2.21 52.17 -10.56
C ASP D 551 -3.71 51.98 -10.71
N LYS D 552 -4.21 52.20 -11.93
CA LYS D 552 -5.63 52.01 -12.23
C LYS D 552 -6.03 50.55 -12.00
N ALA D 553 -5.15 49.64 -12.39
CA ALA D 553 -5.40 48.21 -12.24
C ALA D 553 -5.49 47.82 -10.77
N ILE D 554 -4.60 48.39 -9.96
CA ILE D 554 -4.57 48.12 -8.53
C ILE D 554 -5.84 48.65 -7.84
N GLU D 555 -6.27 49.84 -8.26
CA GLU D 555 -7.49 50.42 -7.70
C GLU D 555 -8.70 49.54 -7.96
N ASN D 556 -8.86 49.07 -9.19
CA ASN D 556 -9.95 48.17 -9.53
C ASN D 556 -9.83 46.84 -8.78
N TYR D 557 -8.59 46.40 -8.59
CA TYR D 557 -8.27 45.21 -7.81
C TYR D 557 -8.82 45.34 -6.39
N ILE D 558 -8.55 46.49 -5.77
CA ILE D 558 -9.03 46.77 -4.42
C ILE D 558 -10.57 46.78 -4.42
N ARG D 559 -11.16 47.48 -5.39
CA ARG D 559 -12.61 47.59 -5.45
C ARG D 559 -13.28 46.22 -5.60
N GLU D 560 -12.60 45.31 -6.30
CA GLU D 560 -13.21 44.04 -6.65
C GLU D 560 -12.91 42.92 -5.67
N HIS D 561 -11.93 43.11 -4.79
CA HIS D 561 -11.53 42.03 -3.89
C HIS D 561 -11.35 42.47 -2.43
N THR D 562 -11.75 43.69 -2.11
CA THR D 562 -11.80 44.14 -0.72
C THR D 562 -12.97 43.47 0.00
N GLU D 563 -12.74 43.04 1.23
CA GLU D 563 -13.77 42.40 2.02
C GLU D 563 -13.81 42.97 3.43
N THR D 564 -14.84 42.61 4.18
CA THR D 564 -14.84 42.84 5.62
C THR D 564 -13.67 42.07 6.25
N THR D 565 -13.09 42.62 7.30
CA THR D 565 -12.06 41.91 8.06
C THR D 565 -12.70 41.36 9.33
N TRP D 566 -14.04 41.35 9.33
CA TRP D 566 -14.83 40.85 10.46
C TRP D 566 -14.65 41.66 11.73
N HIS D 567 -14.16 42.89 11.59
CA HIS D 567 -13.93 43.76 12.75
C HIS D 567 -14.99 44.84 12.88
N CYS D 568 -16.20 44.54 12.42
CA CYS D 568 -17.31 45.51 12.39
C CYS D 568 -17.57 46.16 13.75
N LEU D 569 -17.79 47.47 13.75
CA LEU D 569 -18.09 48.18 14.99
C LEU D 569 -18.87 49.48 14.74
N GLY D 570 -19.50 49.99 15.80
CA GLY D 570 -20.03 51.34 15.78
C GLY D 570 -21.54 51.54 15.70
N THR D 571 -22.29 50.47 15.51
CA THR D 571 -23.72 50.58 15.24
C THR D 571 -24.56 50.94 16.47
N CYS D 572 -23.95 50.89 17.64
CA CYS D 572 -24.58 51.36 18.87
C CYS D 572 -23.62 52.27 19.62
N SER D 573 -23.19 53.34 18.95
CA SER D 573 -22.06 54.14 19.43
C SER D 573 -22.28 54.84 20.77
N ILE D 574 -21.23 54.83 21.59
CA ILE D 574 -21.19 55.65 22.80
C ILE D 574 -21.02 57.12 22.42
N GLY D 575 -21.89 57.96 22.94
CA GLY D 575 -21.78 59.39 22.70
C GLY D 575 -23.01 60.16 23.11
N PRO D 576 -22.94 61.50 23.07
CA PRO D 576 -24.08 62.36 23.37
C PRO D 576 -25.28 62.01 22.49
N ARG D 577 -26.47 61.91 23.09
CA ARG D 577 -27.66 61.50 22.35
C ARG D 577 -27.95 62.43 21.17
N GLU D 578 -27.67 63.72 21.37
CA GLU D 578 -27.92 64.74 20.35
C GLU D 578 -26.94 64.63 19.19
N GLY D 579 -25.82 63.95 19.42
CA GLY D 579 -24.82 63.75 18.39
C GLY D 579 -23.49 64.39 18.73
N SER D 580 -22.53 64.22 17.82
CA SER D 580 -21.19 64.74 17.99
C SER D 580 -20.49 64.75 16.64
N LYS D 581 -19.24 65.20 16.61
CA LYS D 581 -18.51 65.27 15.34
C LYS D 581 -18.20 63.87 14.80
N ILE D 582 -17.98 62.92 15.71
CA ILE D 582 -17.66 61.56 15.31
C ILE D 582 -18.88 60.65 15.33
N VAL D 583 -19.93 61.07 16.02
CA VAL D 583 -21.21 60.36 16.01
C VAL D 583 -22.31 61.28 15.49
N LYS D 584 -22.30 61.48 14.16
CA LYS D 584 -23.16 62.48 13.53
C LYS D 584 -24.65 62.16 13.62
N TRP D 585 -25.00 60.89 13.56
CA TRP D 585 -26.40 60.49 13.54
C TRP D 585 -27.02 60.41 14.93
N GLY D 586 -26.20 60.61 15.96
CA GLY D 586 -26.69 60.58 17.32
C GLY D 586 -26.16 59.40 18.11
N GLY D 587 -25.85 59.63 19.38
CA GLY D 587 -25.36 58.59 20.25
C GLY D 587 -26.46 57.59 20.61
N VAL D 588 -26.04 56.38 20.96
CA VAL D 588 -26.98 55.33 21.34
C VAL D 588 -26.81 55.00 22.82
N LEU D 589 -25.60 55.20 23.33
CA LEU D 589 -25.28 54.86 24.72
C LEU D 589 -24.57 55.99 25.44
N ASP D 590 -24.77 56.09 26.75
CA ASP D 590 -23.98 57.00 27.57
C ASP D 590 -22.62 56.38 27.88
N HIS D 591 -21.81 57.07 28.69
CA HIS D 591 -20.46 56.60 28.98
C HIS D 591 -20.46 55.38 29.91
N ARG D 592 -21.64 55.00 30.40
CA ARG D 592 -21.77 53.77 31.19
C ARG D 592 -22.48 52.69 30.37
N SER D 593 -22.49 52.88 29.06
CA SER D 593 -23.03 51.91 28.09
C SER D 593 -24.52 51.66 28.23
N ASN D 594 -25.23 52.53 28.93
CA ASN D 594 -26.69 52.44 29.01
C ASN D 594 -27.34 52.92 27.72
N VAL D 595 -28.35 52.19 27.25
CA VAL D 595 -29.14 52.65 26.12
C VAL D 595 -30.01 53.83 26.57
N TYR D 596 -29.96 54.93 25.83
CA TYR D 596 -30.79 56.09 26.15
C TYR D 596 -32.28 55.75 26.07
N GLY D 597 -33.06 56.35 26.97
CA GLY D 597 -34.51 56.23 26.91
C GLY D 597 -35.09 55.02 27.62
N VAL D 598 -34.24 54.25 28.28
CA VAL D 598 -34.70 53.07 29.01
C VAL D 598 -33.76 52.78 30.18
N LYS D 599 -34.26 52.06 31.18
CA LYS D 599 -33.48 51.70 32.35
C LYS D 599 -33.16 50.20 32.36
N GLY D 600 -31.99 49.84 32.86
CA GLY D 600 -31.62 48.45 33.05
C GLY D 600 -31.20 47.73 31.78
N LEU D 601 -30.68 48.48 30.82
CA LEU D 601 -30.22 47.90 29.56
C LEU D 601 -28.91 48.49 29.11
N LYS D 602 -27.89 47.64 29.02
CA LYS D 602 -26.60 48.04 28.50
C LYS D 602 -26.27 47.27 27.22
N VAL D 603 -25.44 47.86 26.37
CA VAL D 603 -24.88 47.15 25.24
C VAL D 603 -23.40 46.91 25.49
N GLY D 604 -22.97 45.66 25.35
CA GLY D 604 -21.59 45.29 25.60
C GLY D 604 -21.03 44.39 24.50
N ASP D 605 -20.65 45.02 23.40
CA ASP D 605 -19.94 44.34 22.31
C ASP D 605 -19.26 45.41 21.47
N LEU D 606 -18.84 45.04 20.26
CA LEU D 606 -18.09 45.99 19.44
C LEU D 606 -18.93 47.11 18.84
N SER D 607 -20.27 46.98 18.88
CA SER D 607 -21.14 48.03 18.35
C SER D 607 -20.97 49.33 19.14
N VAL D 608 -20.41 49.18 20.34
CA VAL D 608 -20.18 50.26 21.29
C VAL D 608 -19.22 51.36 20.79
N CYS D 609 -18.20 50.97 20.03
CA CYS D 609 -17.12 51.89 19.66
C CYS D 609 -17.55 53.01 18.71
N PRO D 610 -17.40 54.27 19.15
CA PRO D 610 -17.78 55.42 18.32
C PRO D 610 -16.81 55.69 17.18
N ASP D 611 -15.56 55.28 17.37
CA ASP D 611 -14.52 55.40 16.35
C ASP D 611 -13.70 54.12 16.35
N ASN D 612 -12.81 53.97 15.37
CA ASN D 612 -12.14 52.70 15.15
C ASN D 612 -10.93 52.45 16.05
N VAL D 613 -10.40 51.24 15.99
CA VAL D 613 -9.20 50.86 16.75
C VAL D 613 -8.18 50.26 15.79
N GLY D 614 -6.91 50.53 16.04
CA GLY D 614 -5.86 50.10 15.13
C GLY D 614 -5.38 48.67 15.37
N CYS D 615 -6.32 47.73 15.36
CA CYS D 615 -6.01 46.36 15.72
C CYS D 615 -7.11 45.36 15.34
N ASN D 616 -6.70 44.09 15.15
CA ASN D 616 -7.67 43.00 15.16
C ASN D 616 -8.44 43.11 16.47
N THR D 617 -9.75 42.89 16.41
CA THR D 617 -10.61 43.40 17.48
C THR D 617 -11.00 42.44 18.61
N TYR D 618 -10.30 41.32 18.78
CA TYR D 618 -10.64 40.44 19.90
C TYR D 618 -10.19 41.09 21.22
N THR D 619 -9.04 41.76 21.22
CA THR D 619 -8.61 42.47 22.43
C THR D 619 -9.62 43.53 22.82
N THR D 620 -10.18 44.20 21.81
CA THR D 620 -11.19 45.22 22.03
C THR D 620 -12.48 44.60 22.60
N ALA D 621 -12.88 43.47 22.04
CA ALA D 621 -14.06 42.75 22.50
C ALA D 621 -13.92 42.33 23.96
N LEU D 622 -12.75 41.79 24.30
CA LEU D 622 -12.48 41.35 25.66
C LEU D 622 -12.48 42.55 26.62
N LEU D 623 -11.83 43.63 26.18
CA LEU D 623 -11.75 44.85 26.97
C LEU D 623 -13.13 45.42 27.24
N ILE D 624 -13.95 45.50 26.20
CA ILE D 624 -15.33 45.96 26.33
C ILE D 624 -16.08 45.07 27.29
N GLY D 625 -15.80 43.76 27.22
CA GLY D 625 -16.41 42.80 28.12
C GLY D 625 -16.06 43.02 29.58
N GLU D 626 -14.75 43.16 29.87
CA GLU D 626 -14.30 43.43 31.24
C GLU D 626 -14.86 44.75 31.76
N LYS D 627 -14.88 45.77 30.91
CA LYS D 627 -15.40 47.07 31.28
C LYS D 627 -16.90 47.05 31.54
N THR D 628 -17.65 46.40 30.65
CA THR D 628 -19.10 46.30 30.80
C THR D 628 -19.48 45.55 32.07
N ALA D 629 -18.74 44.48 32.37
CA ALA D 629 -19.00 43.70 33.58
C ALA D 629 -18.77 44.54 34.83
N THR D 630 -17.73 45.36 34.79
CA THR D 630 -17.41 46.24 35.90
C THR D 630 -18.50 47.31 36.08
N LEU D 631 -18.96 47.88 34.96
CA LEU D 631 -20.02 48.88 34.99
C LEU D 631 -21.29 48.32 35.62
N VAL D 632 -21.68 47.11 35.23
CA VAL D 632 -22.86 46.46 35.80
C VAL D 632 -22.68 46.23 37.29
N GLY D 633 -21.50 45.73 37.67
CA GLY D 633 -21.20 45.47 39.06
C GLY D 633 -21.30 46.70 39.94
N GLU D 634 -20.74 47.80 39.47
CA GLU D 634 -20.81 49.07 40.19
C GLU D 634 -22.26 49.52 40.32
N ASP D 635 -23.01 49.43 39.23
CA ASP D 635 -24.42 49.82 39.21
C ASP D 635 -25.25 49.05 40.21
N LEU D 636 -24.91 47.79 40.43
CA LEU D 636 -25.66 46.95 41.36
C LEU D 636 -25.14 47.09 42.79
N GLY D 637 -24.19 48.01 42.99
CA GLY D 637 -23.74 48.36 44.33
C GLY D 637 -22.54 47.61 44.85
N TYR D 638 -21.86 46.88 43.98
CA TYR D 638 -20.67 46.13 44.37
C TYR D 638 -19.42 47.00 44.25
N SER D 639 -18.39 46.68 45.05
CA SER D 639 -17.17 47.45 45.06
C SER D 639 -15.98 46.64 45.55
N GLY D 640 -14.79 47.18 45.39
CA GLY D 640 -13.58 46.56 45.89
C GLY D 640 -13.26 45.23 45.24
N GLU D 641 -12.92 44.25 46.06
CA GLU D 641 -12.49 42.93 45.57
C GLU D 641 -13.63 42.18 44.90
N ALA D 642 -14.87 42.58 45.18
CA ALA D 642 -16.03 41.95 44.54
C ALA D 642 -16.00 42.18 43.03
N LEU D 643 -15.41 43.30 42.62
CA LEU D 643 -15.33 43.65 41.20
C LEU D 643 -14.21 42.90 40.48
N ASP D 644 -13.44 42.10 41.22
CA ASP D 644 -12.42 41.25 40.60
C ASP D 644 -13.07 40.26 39.64
N MET D 645 -14.16 39.64 40.11
CA MET D 645 -14.92 38.67 39.33
C MET D 645 -14.03 37.59 38.73
N THR D 646 -13.10 37.11 39.54
CA THR D 646 -12.17 36.08 39.12
C THR D 646 -12.90 34.80 38.74
N VAL D 647 -12.60 34.27 37.55
CA VAL D 647 -13.20 33.01 37.10
C VAL D 647 -12.31 31.84 37.48
N PRO D 648 -12.90 30.65 37.65
CA PRO D 648 -12.12 29.45 37.98
C PRO D 648 -11.02 29.20 36.96
N GLN D 649 -9.83 28.92 37.46
CA GLN D 649 -8.69 28.64 36.60
C GLN D 649 -7.57 27.95 37.39
N PHE D 650 -6.93 26.99 36.75
CA PHE D 650 -5.72 26.43 37.33
C PHE D 650 -4.53 27.02 36.59
N LYS D 651 -3.78 27.89 37.29
CA LYS D 651 -2.66 28.59 36.68
C LYS D 651 -1.42 27.72 36.64
N LEU D 652 -0.72 27.74 35.51
CA LEU D 652 0.47 26.91 35.33
C LEU D 652 1.77 27.73 35.34
N GLY D 653 1.66 29.04 35.18
CA GLY D 653 2.81 29.93 35.18
C GLY D 653 3.80 29.60 34.09
N THR D 654 5.09 29.75 34.40
CA THR D 654 6.15 29.35 33.46
C THR D 654 6.80 28.07 33.96
N TYR D 655 7.43 27.33 33.04
CA TYR D 655 7.99 26.03 33.37
C TYR D 655 9.06 26.12 34.48
N GLU D 656 9.96 27.08 34.38
CA GLU D 656 11.07 27.16 35.33
C GLU D 656 10.62 27.55 36.74
N LYS D 657 9.45 28.16 36.85
CA LYS D 657 8.91 28.50 38.16
C LYS D 657 8.09 27.36 38.79
N THR D 658 7.22 26.73 38.00
CA THR D 658 6.27 25.75 38.54
C THR D 658 6.53 24.32 38.09
N GLY D 659 7.13 24.16 36.91
CA GLY D 659 7.37 22.84 36.35
C GLY D 659 6.11 22.21 35.79
N LEU D 660 5.03 22.99 35.75
CA LEU D 660 3.72 22.48 35.30
C LEU D 660 3.41 22.93 33.88
N ALA D 661 3.83 24.14 33.52
CA ALA D 661 3.63 24.64 32.17
C ALA D 661 4.48 23.87 31.19
N ARG D 662 4.17 23.99 29.91
CA ARG D 662 4.95 23.34 28.87
C ARG D 662 6.35 23.96 28.77
N PHE D 663 7.37 23.11 28.68
CA PHE D 663 8.73 23.60 28.50
C PHE D 663 8.93 24.28 27.14
N ALA E 2 -33.61 -32.56 -26.62
CA ALA E 2 -33.79 -33.48 -25.50
C ALA E 2 -32.86 -34.69 -25.62
N ILE E 3 -32.51 -35.27 -24.46
CA ILE E 3 -31.65 -36.45 -24.43
C ILE E 3 -32.47 -37.68 -24.75
N PRO E 4 -32.11 -38.41 -25.81
CA PRO E 4 -32.83 -39.64 -26.19
C PRO E 4 -32.80 -40.69 -25.09
N GLU E 5 -33.81 -41.56 -25.09
CA GLU E 5 -33.89 -42.64 -24.11
C GLU E 5 -33.19 -43.88 -24.62
N GLU E 6 -32.98 -43.92 -25.93
CA GLU E 6 -32.33 -45.06 -26.55
C GLU E 6 -31.16 -44.61 -27.45
N PHE E 7 -30.01 -45.27 -27.27
CA PHE E 7 -28.84 -44.98 -28.08
C PHE E 7 -28.41 -46.23 -28.82
N ASP E 8 -27.49 -46.08 -29.76
CA ASP E 8 -26.87 -47.23 -30.39
C ASP E 8 -25.76 -47.76 -29.49
N ILE E 9 -24.94 -46.83 -29.00
CA ILE E 9 -23.83 -47.17 -28.11
C ILE E 9 -23.89 -46.37 -26.81
N LEU E 10 -23.72 -47.07 -25.69
CA LEU E 10 -23.76 -46.45 -24.38
C LEU E 10 -22.43 -46.64 -23.67
N VAL E 11 -21.80 -45.54 -23.27
CA VAL E 11 -20.54 -45.61 -22.53
C VAL E 11 -20.76 -45.11 -21.11
N LEU E 12 -20.41 -45.95 -20.13
CA LEU E 12 -20.70 -45.67 -18.73
C LEU E 12 -19.45 -45.25 -17.98
N GLY E 13 -19.38 -43.98 -17.62
CA GLY E 13 -18.20 -43.41 -16.99
C GLY E 13 -17.37 -42.68 -18.04
N GLY E 14 -17.25 -41.37 -17.88
CA GLY E 14 -16.52 -40.55 -18.83
C GLY E 14 -15.13 -40.16 -18.37
N GLY E 15 -14.36 -41.15 -17.93
CA GLY E 15 -13.04 -40.88 -17.38
C GLY E 15 -11.97 -40.92 -18.45
N SER E 16 -10.75 -41.22 -18.04
CA SER E 16 -9.60 -41.23 -18.95
C SER E 16 -9.84 -42.18 -20.13
N SER E 17 -10.36 -43.37 -19.83
CA SER E 17 -10.69 -44.33 -20.88
C SER E 17 -12.04 -44.00 -21.50
N GLY E 18 -13.03 -43.79 -20.66
CA GLY E 18 -14.41 -43.58 -21.08
C GLY E 18 -14.63 -42.46 -22.10
N SER E 19 -14.06 -41.29 -21.84
CA SER E 19 -14.19 -40.17 -22.75
C SER E 19 -13.51 -40.49 -24.08
N CYS E 20 -12.38 -41.17 -24.01
CA CYS E 20 -11.67 -41.57 -25.23
C CYS E 20 -12.52 -42.52 -26.05
N ILE E 21 -13.09 -43.52 -25.38
CA ILE E 21 -13.92 -44.53 -26.04
C ILE E 21 -15.17 -43.91 -26.67
N ALA E 22 -15.86 -43.05 -25.93
CA ALA E 22 -17.05 -42.38 -26.42
C ALA E 22 -16.75 -41.47 -27.62
N GLY E 23 -15.66 -40.73 -27.54
CA GLY E 23 -15.26 -39.84 -28.62
C GLY E 23 -14.89 -40.59 -29.88
N ARG E 24 -14.06 -41.63 -29.73
CA ARG E 24 -13.67 -42.45 -30.88
C ARG E 24 -14.89 -43.08 -31.55
N LEU E 25 -15.76 -43.69 -30.74
CA LEU E 25 -16.93 -44.39 -31.29
C LEU E 25 -17.90 -43.46 -31.98
N ALA E 26 -18.01 -42.21 -31.50
CA ALA E 26 -18.89 -41.24 -32.15
C ALA E 26 -18.38 -40.88 -33.54
N ASN E 27 -17.08 -41.05 -33.76
CA ASN E 27 -16.48 -40.77 -35.05
C ASN E 27 -16.30 -42.02 -35.91
N LEU E 28 -16.71 -43.17 -35.36
CA LEU E 28 -16.71 -44.42 -36.13
C LEU E 28 -17.70 -44.30 -37.28
N ASP E 29 -18.86 -43.72 -36.98
CA ASP E 29 -19.93 -43.55 -37.95
C ASP E 29 -20.94 -42.58 -37.33
N HIS E 30 -21.10 -41.42 -37.96
CA HIS E 30 -21.89 -40.35 -37.37
C HIS E 30 -23.41 -40.56 -37.45
N SER E 31 -23.84 -41.71 -37.98
CA SER E 31 -25.24 -42.07 -37.92
C SER E 31 -25.52 -42.88 -36.66
N LEU E 32 -24.46 -43.29 -35.97
CA LEU E 32 -24.57 -43.98 -34.70
C LEU E 32 -24.79 -42.99 -33.55
N LYS E 33 -25.85 -43.22 -32.77
CA LYS E 33 -26.15 -42.43 -31.59
C LYS E 33 -25.34 -42.93 -30.40
N VAL E 34 -24.48 -42.07 -29.85
CA VAL E 34 -23.61 -42.44 -28.74
C VAL E 34 -23.92 -41.63 -27.49
N GLY E 35 -24.18 -42.33 -26.39
CA GLY E 35 -24.48 -41.68 -25.13
C GLY E 35 -23.39 -41.92 -24.10
N LEU E 36 -22.89 -40.83 -23.52
CA LEU E 36 -21.85 -40.91 -22.50
C LEU E 36 -22.40 -40.48 -21.15
N ILE E 37 -22.43 -41.41 -20.19
CA ILE E 37 -22.98 -41.15 -18.86
C ILE E 37 -21.87 -40.97 -17.82
N GLU E 38 -21.93 -39.88 -17.08
CA GLU E 38 -20.89 -39.55 -16.12
C GLU E 38 -21.48 -39.05 -14.79
N ALA E 39 -20.95 -39.54 -13.68
CA ALA E 39 -21.47 -39.17 -12.36
C ALA E 39 -21.06 -37.77 -11.93
N GLY E 40 -19.86 -37.36 -12.31
CA GLY E 40 -19.34 -36.05 -11.92
C GLY E 40 -19.86 -34.92 -12.80
N GLU E 41 -19.35 -33.71 -12.56
CA GLU E 41 -19.77 -32.55 -13.33
C GLU E 41 -19.10 -32.50 -14.71
N ASN E 42 -19.73 -31.78 -15.63
CA ASN E 42 -19.11 -31.45 -16.90
C ASN E 42 -17.88 -30.60 -16.64
N ASN E 43 -16.82 -30.78 -17.43
CA ASN E 43 -15.57 -30.06 -17.20
C ASN E 43 -15.24 -29.08 -18.32
N LEU E 44 -16.19 -28.89 -19.24
CA LEU E 44 -15.99 -28.02 -20.40
C LEU E 44 -15.50 -26.63 -20.02
N ASN E 45 -14.32 -26.27 -20.51
CA ASN E 45 -13.73 -24.95 -20.28
C ASN E 45 -13.70 -24.51 -18.82
N ASN E 46 -13.57 -25.48 -17.92
CA ASN E 46 -13.40 -25.20 -16.50
C ASN E 46 -11.93 -24.96 -16.17
N PRO E 47 -11.60 -23.73 -15.73
CA PRO E 47 -10.21 -23.39 -15.41
C PRO E 47 -9.64 -24.25 -14.28
N TRP E 48 -10.49 -24.69 -13.36
CA TRP E 48 -10.03 -25.54 -12.26
C TRP E 48 -9.64 -26.91 -12.77
N VAL E 49 -9.94 -27.19 -14.04
CA VAL E 49 -9.44 -28.40 -14.68
C VAL E 49 -8.25 -28.09 -15.61
N TYR E 50 -8.36 -27.07 -16.47
CA TYR E 50 -7.35 -26.93 -17.51
C TYR E 50 -6.08 -26.13 -17.12
N LEU E 51 -6.11 -25.46 -15.98
CA LEU E 51 -4.90 -24.83 -15.47
C LEU E 51 -4.05 -25.84 -14.70
N PRO E 52 -2.87 -26.19 -15.23
CA PRO E 52 -2.04 -27.24 -14.62
C PRO E 52 -1.62 -26.96 -13.18
N GLY E 53 -1.13 -25.75 -12.89
CA GLY E 53 -0.44 -25.47 -11.64
C GLY E 53 -1.25 -25.58 -10.36
N ILE E 54 -2.56 -25.65 -10.47
CA ILE E 54 -3.40 -25.68 -9.28
C ILE E 54 -3.81 -27.11 -8.90
N TYR E 55 -3.24 -28.11 -9.57
CA TYR E 55 -3.69 -29.50 -9.42
C TYR E 55 -3.76 -30.08 -7.98
N PRO E 56 -2.91 -29.62 -7.04
CA PRO E 56 -3.05 -30.26 -5.70
C PRO E 56 -4.42 -30.10 -5.03
N ARG E 57 -5.19 -29.06 -5.32
CA ARG E 57 -6.44 -28.85 -4.57
C ARG E 57 -7.48 -29.93 -4.80
N ASN E 58 -7.30 -30.75 -5.83
CA ASN E 58 -8.25 -31.82 -6.12
C ASN E 58 -8.22 -32.92 -5.05
N MET E 59 -7.15 -32.95 -4.26
CA MET E 59 -7.02 -33.98 -3.23
C MET E 59 -7.30 -33.45 -1.83
N LYS E 60 -7.79 -32.22 -1.73
CA LYS E 60 -8.37 -31.75 -0.47
C LYS E 60 -9.57 -32.62 -0.16
N LEU E 61 -9.76 -32.98 1.11
CA LEU E 61 -10.84 -33.91 1.46
C LEU E 61 -12.24 -33.38 1.13
N ASP E 62 -12.38 -32.07 1.02
CA ASP E 62 -13.67 -31.47 0.68
C ASP E 62 -13.79 -31.15 -0.80
N SER E 63 -12.88 -31.71 -1.60
CA SER E 63 -12.89 -31.49 -3.05
C SER E 63 -14.18 -32.00 -3.70
N LYS E 64 -14.68 -31.26 -4.69
CA LYS E 64 -15.85 -31.68 -5.44
C LYS E 64 -15.47 -32.57 -6.61
N THR E 65 -14.18 -32.64 -6.92
CA THR E 65 -13.74 -33.32 -8.13
C THR E 65 -13.23 -34.74 -7.86
N ALA E 66 -13.40 -35.21 -6.63
CA ALA E 66 -12.96 -36.55 -6.29
C ALA E 66 -13.90 -37.23 -5.29
N SER E 67 -13.90 -38.56 -5.30
CA SER E 67 -14.54 -39.35 -4.25
C SER E 67 -13.46 -39.92 -3.35
N PHE E 68 -13.74 -40.04 -2.05
CA PHE E 68 -12.74 -40.57 -1.13
C PHE E 68 -13.24 -41.87 -0.47
N TYR E 69 -12.85 -42.99 -1.06
CA TYR E 69 -13.27 -44.30 -0.58
C TYR E 69 -12.50 -44.75 0.66
N THR E 70 -13.24 -45.12 1.70
CA THR E 70 -12.62 -45.67 2.89
C THR E 70 -12.41 -47.17 2.76
N SER E 71 -11.49 -47.70 3.56
CA SER E 71 -11.19 -49.11 3.52
C SER E 71 -11.12 -49.68 4.93
N ASN E 72 -11.06 -51.01 5.03
CA ASN E 72 -10.96 -51.66 6.32
C ASN E 72 -9.58 -51.46 6.96
N PRO E 73 -9.54 -51.45 8.31
CA PRO E 73 -8.24 -51.35 9.01
C PRO E 73 -7.32 -52.49 8.64
N SER E 74 -6.03 -52.19 8.48
CA SER E 74 -5.06 -53.18 8.06
C SER E 74 -3.86 -53.21 9.01
N PRO E 75 -3.53 -54.41 9.52
CA PRO E 75 -2.35 -54.58 10.39
C PRO E 75 -1.06 -54.31 9.63
N HIS E 76 -1.09 -54.47 8.31
CA HIS E 76 0.09 -54.25 7.48
C HIS E 76 0.39 -52.77 7.34
N LEU E 77 -0.63 -51.94 7.55
CA LEU E 77 -0.48 -50.49 7.60
C LEU E 77 -0.53 -49.99 9.05
N ASN E 78 -0.11 -50.85 9.97
CA ASN E 78 -0.13 -50.55 11.40
C ASN E 78 -1.47 -50.01 11.89
N GLY E 79 -2.55 -50.60 11.39
CA GLY E 79 -3.89 -50.29 11.87
C GLY E 79 -4.65 -49.28 11.03
N ARG E 80 -3.96 -48.67 10.06
CA ARG E 80 -4.57 -47.62 9.26
C ARG E 80 -5.73 -48.10 8.39
N ARG E 81 -6.76 -47.27 8.28
CA ARG E 81 -7.77 -47.46 7.25
C ARG E 81 -7.44 -46.48 6.13
N ALA E 82 -6.74 -46.99 5.11
CA ALA E 82 -6.27 -46.17 4.00
C ALA E 82 -7.43 -45.54 3.23
N ILE E 83 -7.27 -44.27 2.89
CA ILE E 83 -8.24 -43.57 2.06
C ILE E 83 -7.80 -43.65 0.60
N VAL E 84 -8.70 -44.12 -0.26
CA VAL E 84 -8.38 -44.27 -1.67
C VAL E 84 -9.23 -43.33 -2.50
N PRO E 85 -8.65 -42.20 -2.90
CA PRO E 85 -9.37 -41.23 -3.74
C PRO E 85 -9.43 -41.68 -5.19
N CYS E 86 -10.43 -41.21 -5.91
CA CYS E 86 -10.47 -41.32 -7.36
C CYS E 86 -11.32 -40.19 -7.91
N ALA E 87 -11.24 -39.96 -9.22
CA ALA E 87 -11.86 -38.80 -9.82
C ALA E 87 -13.39 -38.84 -9.76
N ASN E 88 -13.98 -37.67 -9.61
CA ASN E 88 -15.43 -37.49 -9.67
C ASN E 88 -15.76 -36.27 -10.52
N VAL E 89 -15.57 -36.40 -11.82
CA VAL E 89 -15.66 -35.29 -12.76
C VAL E 89 -15.47 -35.83 -14.19
N LEU E 90 -16.10 -35.20 -15.17
CA LEU E 90 -15.93 -35.61 -16.56
C LEU E 90 -14.45 -35.49 -16.92
N GLY E 91 -13.94 -36.51 -17.62
CA GLY E 91 -12.52 -36.57 -17.91
C GLY E 91 -11.83 -37.52 -16.96
N GLY E 92 -12.48 -37.79 -15.82
CA GLY E 92 -11.94 -38.67 -14.82
C GLY E 92 -10.57 -38.22 -14.32
N GLY E 93 -9.68 -39.18 -14.15
CA GLY E 93 -8.35 -38.90 -13.65
C GLY E 93 -7.62 -37.84 -14.46
N SER E 94 -7.87 -37.81 -15.76
CA SER E 94 -7.16 -36.90 -16.65
C SER E 94 -7.52 -35.43 -16.39
N SER E 95 -8.60 -35.19 -15.65
CA SER E 95 -8.98 -33.84 -15.31
C SER E 95 -8.27 -33.33 -14.05
N ILE E 96 -7.69 -34.25 -13.27
CA ILE E 96 -7.17 -33.87 -11.96
C ILE E 96 -5.82 -34.48 -11.61
N ASN E 97 -5.16 -35.13 -12.57
CA ASN E 97 -3.94 -35.89 -12.23
C ASN E 97 -2.68 -35.02 -12.10
N PHE E 98 -1.55 -35.67 -11.75
CA PHE E 98 -0.27 -34.98 -11.60
C PHE E 98 0.34 -34.60 -12.93
N MET E 99 -0.28 -35.06 -14.01
CA MET E 99 0.16 -34.75 -15.37
C MET E 99 1.52 -35.37 -15.73
N MET E 100 1.90 -36.43 -15.03
CA MET E 100 3.12 -37.17 -15.39
C MET E 100 2.88 -38.10 -16.58
N TYR E 101 3.70 -37.95 -17.61
CA TYR E 101 3.63 -38.83 -18.79
C TYR E 101 4.63 -39.97 -18.65
N THR E 102 4.12 -41.20 -18.65
CA THR E 102 4.94 -42.39 -18.46
C THR E 102 4.36 -43.58 -19.20
N ARG E 103 5.20 -44.30 -19.94
CA ARG E 103 4.79 -45.52 -20.61
C ARG E 103 5.36 -46.75 -19.90
N GLY E 104 4.64 -47.86 -20.01
CA GLY E 104 5.11 -49.11 -19.43
C GLY E 104 6.22 -49.76 -20.24
N SER E 105 6.60 -50.96 -19.84
CA SER E 105 7.61 -51.73 -20.59
C SER E 105 6.90 -52.67 -21.55
N ALA E 106 7.60 -53.03 -22.63
CA ALA E 106 7.00 -53.87 -23.67
C ALA E 106 6.48 -55.20 -23.12
N SER E 107 7.17 -55.75 -22.12
CA SER E 107 6.79 -57.03 -21.54
C SER E 107 5.50 -56.93 -20.72
N ASP E 108 5.18 -55.74 -20.23
CA ASP E 108 3.99 -55.54 -19.40
C ASP E 108 2.72 -56.02 -20.11
N TYR E 109 2.57 -55.61 -21.36
CA TYR E 109 1.36 -55.91 -22.10
C TYR E 109 1.42 -57.33 -22.67
N ASP E 110 2.61 -57.79 -23.01
CA ASP E 110 2.82 -59.18 -23.41
C ASP E 110 2.36 -60.10 -22.30
N ASP E 111 2.67 -59.71 -21.06
CA ASP E 111 2.37 -60.52 -19.88
C ASP E 111 0.90 -60.47 -19.47
N PHE E 112 0.07 -59.80 -20.27
CA PHE E 112 -1.37 -59.89 -20.09
C PHE E 112 -1.84 -61.27 -20.51
N GLN E 113 -1.02 -61.94 -21.32
CA GLN E 113 -1.33 -63.28 -21.83
C GLN E 113 -2.66 -63.30 -22.55
N ALA E 114 -2.91 -62.28 -23.36
CA ALA E 114 -4.18 -62.16 -24.07
C ALA E 114 -3.96 -61.83 -25.54
N GLU E 115 -4.67 -62.54 -26.40
CA GLU E 115 -4.55 -62.35 -27.85
C GLU E 115 -4.91 -60.93 -28.26
N GLY E 116 -4.01 -60.27 -28.98
CA GLY E 116 -4.27 -58.94 -29.49
C GLY E 116 -3.86 -57.83 -28.54
N TRP E 117 -3.36 -58.21 -27.36
CA TRP E 117 -2.93 -57.22 -26.36
C TRP E 117 -1.42 -57.25 -26.17
N LYS E 118 -0.69 -57.76 -27.15
CA LYS E 118 0.76 -57.73 -27.07
C LYS E 118 1.25 -56.36 -27.55
N THR E 119 2.43 -55.97 -27.10
CA THR E 119 2.96 -54.65 -27.40
C THR E 119 3.11 -54.44 -28.91
N LYS E 120 3.46 -55.49 -29.62
CA LYS E 120 3.57 -55.43 -31.07
C LYS E 120 2.23 -55.06 -31.72
N ASP E 121 1.15 -55.56 -31.13
CA ASP E 121 -0.21 -55.27 -31.63
C ASP E 121 -0.67 -53.87 -31.23
N LEU E 122 -0.28 -53.43 -30.04
CA LEU E 122 -0.80 -52.20 -29.47
C LEU E 122 -0.01 -50.96 -29.83
N LEU E 123 1.22 -51.15 -30.33
CA LEU E 123 2.12 -50.03 -30.58
C LEU E 123 1.54 -48.95 -31.50
N PRO E 124 0.87 -49.33 -32.61
CA PRO E 124 0.27 -48.24 -33.39
C PRO E 124 -0.84 -47.50 -32.65
N LEU E 125 -1.52 -48.17 -31.72
CA LEU E 125 -2.55 -47.51 -30.93
C LEU E 125 -1.94 -46.59 -29.87
N MET E 126 -0.73 -46.92 -29.42
CA MET E 126 -0.01 -46.05 -28.48
C MET E 126 0.33 -44.72 -29.16
N LYS E 127 0.77 -44.79 -30.40
CA LYS E 127 1.19 -43.61 -31.15
C LYS E 127 -0.01 -42.77 -31.57
N LYS E 128 -1.11 -43.46 -31.84
CA LYS E 128 -2.35 -42.85 -32.33
C LYS E 128 -2.87 -41.73 -31.43
N THR E 129 -2.71 -41.90 -30.12
CA THR E 129 -3.30 -40.99 -29.15
C THR E 129 -2.59 -39.63 -29.07
N GLU E 130 -1.26 -39.65 -29.17
CA GLU E 130 -0.46 -38.50 -28.77
C GLU E 130 0.05 -37.61 -29.91
N THR E 131 0.25 -36.33 -29.58
CA THR E 131 1.14 -35.45 -30.33
C THR E 131 2.32 -35.12 -29.42
N TYR E 132 3.50 -35.60 -29.82
CA TYR E 132 4.71 -35.55 -29.00
C TYR E 132 5.46 -34.23 -29.20
N GLN E 133 5.17 -33.24 -28.38
CA GLN E 133 5.69 -31.88 -28.60
C GLN E 133 7.05 -31.65 -27.95
N ARG E 134 8.06 -32.42 -28.37
CA ARG E 134 9.42 -32.21 -27.90
C ARG E 134 10.41 -32.94 -28.80
N ALA E 135 11.71 -32.75 -28.53
CA ALA E 135 12.76 -33.36 -29.35
C ALA E 135 12.68 -34.88 -29.29
N CYS E 136 12.77 -35.53 -30.45
CA CYS E 136 12.61 -36.98 -30.49
C CYS E 136 13.69 -37.68 -31.29
N ASN E 137 14.48 -38.52 -30.61
CA ASN E 137 15.50 -39.31 -31.27
C ASN E 137 14.98 -40.67 -31.74
N ASN E 138 13.77 -41.02 -31.32
CA ASN E 138 13.16 -42.29 -31.71
C ASN E 138 11.71 -42.14 -32.16
N PRO E 139 11.47 -41.38 -33.25
CA PRO E 139 10.11 -41.06 -33.67
C PRO E 139 9.28 -42.26 -34.13
N ASP E 140 9.91 -43.40 -34.36
CA ASP E 140 9.19 -44.59 -34.80
C ASP E 140 8.24 -45.13 -33.75
N ILE E 141 8.48 -44.81 -32.48
CA ILE E 141 7.62 -45.29 -31.41
C ILE E 141 6.89 -44.15 -30.69
N HIS E 142 6.72 -43.02 -31.36
CA HIS E 142 5.92 -41.93 -30.83
C HIS E 142 4.98 -41.36 -31.88
N GLY E 143 3.91 -40.69 -31.43
CA GLY E 143 2.92 -40.13 -32.33
C GLY E 143 3.05 -38.63 -32.44
N PHE E 144 2.63 -38.07 -33.57
CA PHE E 144 2.79 -36.64 -33.81
C PHE E 144 1.53 -35.99 -34.38
N GLU E 145 0.42 -36.71 -34.34
CA GLU E 145 -0.84 -36.22 -34.90
C GLU E 145 -2.04 -36.44 -33.99
N GLY E 146 -1.83 -37.14 -32.87
CA GLY E 146 -2.91 -37.48 -31.97
C GLY E 146 -3.50 -36.29 -31.24
N PRO E 147 -4.74 -36.42 -30.76
CA PRO E 147 -5.46 -35.33 -30.08
C PRO E 147 -4.96 -34.99 -28.69
N ILE E 148 -4.23 -35.90 -28.04
CA ILE E 148 -3.64 -35.61 -26.73
C ILE E 148 -2.21 -35.09 -26.85
N LYS E 149 -2.01 -33.83 -26.49
CA LYS E 149 -0.69 -33.20 -26.64
C LYS E 149 0.14 -33.35 -25.38
N VAL E 150 1.38 -33.79 -25.54
CA VAL E 150 2.29 -33.94 -24.40
C VAL E 150 3.55 -33.11 -24.61
N SER E 151 4.06 -32.54 -23.52
CA SER E 151 5.18 -31.60 -23.62
C SER E 151 5.85 -31.40 -22.26
N PHE E 152 6.89 -30.56 -22.25
CA PHE E 152 7.56 -30.21 -20.99
C PHE E 152 6.93 -29.00 -20.33
N GLY E 153 5.75 -28.61 -20.81
CA GLY E 153 5.05 -27.45 -20.28
C GLY E 153 5.74 -26.14 -20.64
N ASN E 154 5.34 -25.05 -20.00
CA ASN E 154 5.89 -23.74 -20.32
C ASN E 154 6.58 -23.13 -19.11
N TYR E 155 7.20 -23.99 -18.32
CA TYR E 155 8.03 -23.59 -17.19
C TYR E 155 8.75 -24.80 -16.65
N THR E 156 10.03 -24.64 -16.34
CA THR E 156 10.80 -25.72 -15.76
C THR E 156 11.53 -25.26 -14.51
N TYR E 157 11.16 -25.83 -13.37
CA TYR E 157 11.88 -25.57 -12.13
C TYR E 157 13.29 -26.15 -12.24
N PRO E 158 14.30 -25.39 -11.79
CA PRO E 158 15.71 -25.77 -11.87
C PRO E 158 16.11 -27.05 -11.12
N VAL E 159 15.19 -27.72 -10.43
CA VAL E 159 15.52 -29.00 -9.81
C VAL E 159 15.82 -30.05 -10.87
N CYS E 160 15.43 -29.76 -12.11
CA CYS E 160 15.51 -30.72 -13.21
C CYS E 160 16.92 -31.27 -13.41
N GLN E 161 17.85 -30.40 -13.81
CA GLN E 161 19.20 -30.85 -14.14
C GLN E 161 20.02 -31.14 -12.87
N ASP E 162 19.67 -30.46 -11.78
CA ASP E 162 20.27 -30.74 -10.48
C ASP E 162 20.03 -32.20 -10.10
N PHE E 163 18.79 -32.66 -10.24
CA PHE E 163 18.40 -34.03 -9.94
C PHE E 163 19.15 -35.02 -10.84
N LEU E 164 19.26 -34.69 -12.13
CA LEU E 164 19.90 -35.58 -13.09
C LEU E 164 21.41 -35.73 -12.82
N ARG E 165 22.06 -34.65 -12.41
CA ARG E 165 23.48 -34.74 -12.07
C ARG E 165 23.66 -35.65 -10.85
N ALA E 166 22.81 -35.46 -9.84
CA ALA E 166 22.88 -36.25 -8.62
C ALA E 166 22.63 -37.73 -8.89
N SER E 167 21.61 -38.02 -9.69
CA SER E 167 21.23 -39.41 -9.94
C SER E 167 22.29 -40.12 -10.80
N GLU E 168 22.96 -39.36 -11.66
CA GLU E 168 24.03 -39.93 -12.48
C GLU E 168 25.17 -40.42 -11.60
N SER E 169 25.48 -39.64 -10.57
CA SER E 169 26.58 -39.99 -9.69
C SER E 169 26.28 -41.26 -8.88
N GLN E 170 25.04 -41.73 -8.96
CA GLN E 170 24.62 -42.94 -8.26
C GLN E 170 24.55 -44.17 -9.18
N GLY E 171 24.94 -44.00 -10.44
CA GLY E 171 24.89 -45.10 -11.38
C GLY E 171 23.56 -45.23 -12.09
N ILE E 172 22.77 -44.15 -12.07
CA ILE E 172 21.52 -44.12 -12.83
C ILE E 172 21.69 -43.20 -14.03
N PRO E 173 21.89 -43.81 -15.21
CA PRO E 173 22.27 -43.04 -16.41
C PRO E 173 21.15 -42.19 -16.97
N TYR E 174 21.49 -40.98 -17.42
CA TYR E 174 20.56 -40.13 -18.15
C TYR E 174 20.21 -40.78 -19.49
N VAL E 175 18.93 -40.73 -19.85
CA VAL E 175 18.50 -41.13 -21.19
C VAL E 175 17.62 -40.05 -21.80
N ASP E 176 17.59 -39.99 -23.13
CA ASP E 176 16.77 -39.02 -23.83
C ASP E 176 15.29 -39.37 -23.72
N ASP E 177 15.01 -40.67 -23.52
CA ASP E 177 13.64 -41.15 -23.44
C ASP E 177 13.55 -42.39 -22.57
N LEU E 178 13.08 -42.21 -21.33
CA LEU E 178 12.87 -43.32 -20.40
C LEU E 178 11.58 -44.07 -20.72
N GLU E 179 10.82 -43.55 -21.68
CA GLU E 179 9.54 -44.14 -22.05
C GLU E 179 9.63 -44.82 -23.41
N ASP E 180 10.71 -45.57 -23.62
CA ASP E 180 10.97 -46.19 -24.91
C ASP E 180 10.58 -47.66 -24.90
N LEU E 181 9.80 -48.05 -23.89
CA LEU E 181 9.26 -49.40 -23.75
C LEU E 181 10.31 -50.47 -23.47
N VAL E 182 11.57 -50.07 -23.28
CA VAL E 182 12.63 -51.05 -23.06
C VAL E 182 13.53 -50.75 -21.86
N THR E 183 13.76 -49.47 -21.56
CA THR E 183 14.68 -49.08 -20.50
C THR E 183 14.05 -49.20 -19.12
N ALA E 184 14.73 -49.87 -18.20
CA ALA E 184 14.20 -50.11 -16.85
C ALA E 184 15.08 -49.51 -15.76
N HIS E 185 16.23 -48.98 -16.15
CA HIS E 185 17.15 -48.36 -15.20
C HIS E 185 17.74 -47.10 -15.81
N GLY E 186 17.20 -45.94 -15.45
CA GLY E 186 17.64 -44.68 -16.02
C GLY E 186 16.94 -43.47 -15.44
N ALA E 187 17.36 -42.29 -15.87
CA ALA E 187 16.82 -41.02 -15.38
C ALA E 187 16.50 -40.10 -16.54
N GLU E 188 15.48 -39.27 -16.40
CA GLU E 188 15.08 -38.38 -17.49
C GLU E 188 14.38 -37.11 -17.01
N HIS E 189 14.38 -36.12 -17.89
CA HIS E 189 13.52 -34.96 -17.82
C HIS E 189 12.08 -35.43 -18.04
N TRP E 190 11.20 -35.22 -17.06
CA TRP E 190 9.90 -35.90 -17.13
C TRP E 190 8.81 -35.13 -17.89
N LEU E 191 8.20 -35.81 -18.85
CA LEU E 191 7.16 -35.24 -19.72
C LEU E 191 5.84 -35.00 -18.98
N LYS E 192 5.02 -34.12 -19.54
CA LYS E 192 3.74 -33.76 -18.91
C LYS E 192 2.55 -33.90 -19.86
N TRP E 193 1.38 -34.19 -19.31
CA TRP E 193 0.14 -34.15 -20.06
C TRP E 193 -0.32 -32.72 -20.19
N ILE E 194 0.47 -31.92 -20.89
CA ILE E 194 0.21 -30.50 -21.06
C ILE E 194 0.48 -30.10 -22.51
N ASN E 195 -0.45 -29.36 -23.09
CA ASN E 195 -0.25 -28.80 -24.43
C ASN E 195 0.56 -27.52 -24.31
N ARG E 196 1.77 -27.51 -24.83
CA ARG E 196 2.62 -26.34 -24.66
C ARG E 196 2.14 -25.16 -25.49
N ASP E 197 1.39 -25.44 -26.55
CA ASP E 197 0.86 -24.37 -27.38
C ASP E 197 -0.09 -23.48 -26.58
N THR E 198 -0.93 -24.08 -25.76
CA THR E 198 -1.95 -23.35 -25.01
C THR E 198 -1.59 -23.16 -23.55
N GLY E 199 -0.66 -23.98 -23.04
CA GLY E 199 -0.31 -23.95 -21.64
C GLY E 199 -1.39 -24.59 -20.78
N ARG E 200 -2.24 -25.40 -21.41
CA ARG E 200 -3.34 -26.06 -20.73
C ARG E 200 -3.07 -27.55 -20.49
N ARG E 201 -3.71 -28.09 -19.45
CA ARG E 201 -3.76 -29.53 -19.23
C ARG E 201 -4.43 -30.26 -20.41
N SER E 202 -3.90 -31.43 -20.76
CA SER E 202 -4.53 -32.29 -21.75
C SER E 202 -5.38 -33.37 -21.08
N ASP E 203 -6.68 -33.34 -21.30
CA ASP E 203 -7.57 -34.35 -20.71
C ASP E 203 -8.42 -35.03 -21.78
N SER E 204 -8.95 -36.20 -21.46
CA SER E 204 -9.70 -37.00 -22.42
C SER E 204 -10.99 -36.36 -22.88
N ALA E 205 -11.65 -35.62 -21.99
CA ALA E 205 -12.92 -35.01 -22.33
C ALA E 205 -12.76 -33.93 -23.40
N HIS E 206 -11.85 -32.99 -23.19
CA HIS E 206 -11.62 -31.94 -24.19
C HIS E 206 -11.06 -32.50 -25.49
N ALA E 207 -10.17 -33.48 -25.39
CA ALA E 207 -9.53 -34.04 -26.58
C ALA E 207 -10.49 -34.85 -27.44
N PHE E 208 -11.32 -35.67 -26.81
CA PHE E 208 -12.15 -36.62 -27.54
C PHE E 208 -13.64 -36.28 -27.57
N VAL E 209 -14.15 -35.70 -26.49
CA VAL E 209 -15.60 -35.49 -26.36
C VAL E 209 -16.04 -34.10 -26.79
N HIS E 210 -15.51 -33.07 -26.16
CA HIS E 210 -15.92 -31.70 -26.45
C HIS E 210 -15.57 -31.28 -27.88
N SER E 211 -14.44 -31.76 -28.37
CA SER E 211 -14.05 -31.51 -29.76
C SER E 211 -15.08 -32.09 -30.73
N THR E 212 -15.49 -33.33 -30.47
CA THR E 212 -16.47 -34.03 -31.29
C THR E 212 -17.83 -33.36 -31.24
N MET E 213 -18.29 -33.04 -30.03
CA MET E 213 -19.62 -32.46 -29.85
C MET E 213 -19.73 -31.06 -30.46
N ARG E 214 -18.60 -30.41 -30.63
CA ARG E 214 -18.56 -29.06 -31.19
C ARG E 214 -18.67 -29.10 -32.73
N ASN E 215 -18.48 -30.27 -33.33
CA ASN E 215 -18.46 -30.38 -34.79
C ASN E 215 -19.37 -31.49 -35.35
N HIS E 216 -19.99 -32.26 -34.47
CA HIS E 216 -20.89 -33.33 -34.90
C HIS E 216 -22.08 -33.37 -33.97
N ASP E 217 -23.11 -34.14 -34.34
CA ASP E 217 -24.35 -34.13 -33.60
C ASP E 217 -24.71 -35.46 -32.94
N ASN E 218 -23.93 -36.51 -33.20
CA ASN E 218 -24.36 -37.84 -32.77
C ASN E 218 -23.83 -38.27 -31.40
N LEU E 219 -23.10 -37.39 -30.73
CA LEU E 219 -22.60 -37.68 -29.39
C LEU E 219 -23.35 -36.89 -28.32
N TYR E 220 -23.91 -37.59 -27.35
CA TYR E 220 -24.69 -36.96 -26.28
C TYR E 220 -23.98 -37.08 -24.94
N LEU E 221 -24.03 -35.99 -24.16
CA LEU E 221 -23.33 -35.93 -22.88
C LEU E 221 -24.30 -35.87 -21.71
N ILE E 222 -24.18 -36.83 -20.80
CA ILE E 222 -25.10 -36.96 -19.65
C ILE E 222 -24.32 -37.01 -18.35
N CYS E 223 -24.09 -35.83 -17.76
CA CYS E 223 -23.31 -35.72 -16.52
C CYS E 223 -24.20 -35.69 -15.28
N ASN E 224 -23.55 -35.64 -14.11
CA ASN E 224 -24.24 -35.62 -12.81
C ASN E 224 -25.20 -36.79 -12.64
N THR E 225 -24.86 -37.90 -13.28
CA THR E 225 -25.72 -39.06 -13.35
C THR E 225 -24.97 -40.34 -12.98
N LYS E 226 -25.37 -40.99 -11.89
CA LYS E 226 -24.66 -42.18 -11.44
C LYS E 226 -25.28 -43.48 -11.95
N VAL E 227 -24.44 -44.35 -12.50
CA VAL E 227 -24.90 -45.64 -12.98
C VAL E 227 -25.15 -46.62 -11.84
N ASP E 228 -26.38 -47.09 -11.74
CA ASP E 228 -26.75 -48.06 -10.71
C ASP E 228 -26.40 -49.48 -11.16
N LYS E 229 -27.12 -49.99 -12.16
CA LYS E 229 -26.90 -51.35 -12.63
C LYS E 229 -27.20 -51.50 -14.11
N ILE E 230 -26.70 -52.59 -14.69
CA ILE E 230 -26.95 -52.90 -16.09
C ILE E 230 -28.05 -53.97 -16.20
N ILE E 231 -29.06 -53.68 -17.01
CA ILE E 231 -30.22 -54.56 -17.16
C ILE E 231 -30.07 -55.53 -18.33
N VAL E 232 -30.21 -56.81 -18.06
CA VAL E 232 -30.05 -57.86 -19.07
C VAL E 232 -31.39 -58.39 -19.54
N GLU E 233 -31.57 -58.44 -20.87
CA GLU E 233 -32.78 -58.98 -21.49
C GLU E 233 -32.40 -60.03 -22.53
N ASP E 234 -32.80 -61.28 -22.28
CA ASP E 234 -32.49 -62.41 -23.15
C ASP E 234 -30.99 -62.56 -23.39
N GLY E 235 -30.21 -62.50 -22.32
CA GLY E 235 -28.78 -62.69 -22.40
C GLY E 235 -28.02 -61.55 -23.06
N ARG E 236 -28.71 -60.42 -23.27
CA ARG E 236 -28.08 -59.25 -23.86
C ARG E 236 -28.15 -58.04 -22.93
N ALA E 237 -27.05 -57.32 -22.78
CA ALA E 237 -27.02 -56.07 -22.03
C ALA E 237 -27.83 -55.03 -22.79
N ALA E 238 -29.01 -54.71 -22.28
CA ALA E 238 -29.98 -53.96 -23.05
C ALA E 238 -30.19 -52.54 -22.52
N ALA E 239 -30.07 -52.36 -21.21
CA ALA E 239 -30.37 -51.07 -20.62
C ALA E 239 -29.53 -50.78 -19.37
N VAL E 240 -29.54 -49.52 -18.96
CA VAL E 240 -28.85 -49.09 -17.76
C VAL E 240 -29.80 -48.30 -16.88
N ARG E 241 -29.82 -48.61 -15.59
CA ARG E 241 -30.60 -47.83 -14.64
C ARG E 241 -29.67 -46.81 -13.97
N THR E 242 -30.07 -45.55 -13.98
CA THR E 242 -29.25 -44.52 -13.35
C THR E 242 -30.03 -43.73 -12.30
N VAL E 243 -29.30 -43.13 -11.37
CA VAL E 243 -29.89 -42.28 -10.34
C VAL E 243 -29.09 -40.97 -10.32
N PRO E 244 -29.67 -39.89 -9.77
CA PRO E 244 -28.90 -38.66 -9.68
C PRO E 244 -27.68 -38.84 -8.78
N SER E 245 -26.60 -38.13 -9.05
CA SER E 245 -25.41 -38.26 -8.21
C SER E 245 -25.64 -37.64 -6.83
N LYS E 246 -26.59 -36.71 -6.75
CA LYS E 246 -26.99 -36.12 -5.47
C LYS E 246 -28.45 -36.40 -5.17
N PRO E 247 -28.73 -37.25 -4.17
CA PRO E 247 -30.11 -37.56 -3.78
C PRO E 247 -30.77 -36.40 -3.02
N LEU E 248 -31.40 -35.48 -3.75
CA LEU E 248 -31.90 -34.25 -3.16
C LEU E 248 -33.40 -34.29 -2.87
N ASN E 249 -34.04 -35.44 -3.11
CA ASN E 249 -35.47 -35.56 -2.87
C ASN E 249 -35.85 -36.94 -2.34
N PRO E 250 -35.58 -37.17 -1.05
CA PRO E 250 -35.75 -38.49 -0.42
C PRO E 250 -37.21 -38.92 -0.35
N LYS E 251 -38.11 -37.95 -0.35
CA LYS E 251 -39.54 -38.22 -0.25
C LYS E 251 -40.03 -38.98 -1.49
N LYS E 252 -39.39 -38.74 -2.63
CA LYS E 252 -39.73 -39.43 -3.86
C LYS E 252 -38.51 -39.53 -4.77
N PRO E 253 -37.63 -40.52 -4.51
CA PRO E 253 -36.40 -40.70 -5.29
C PRO E 253 -36.68 -40.98 -6.76
N SER E 254 -35.84 -40.44 -7.63
CA SER E 254 -36.02 -40.62 -9.07
C SER E 254 -34.97 -41.56 -9.65
N HIS E 255 -35.25 -42.04 -10.86
CA HIS E 255 -34.29 -42.85 -11.61
C HIS E 255 -34.60 -42.77 -13.09
N LYS E 256 -33.61 -43.04 -13.93
CA LYS E 256 -33.81 -43.07 -15.37
C LYS E 256 -33.30 -44.37 -15.95
N ILE E 257 -33.89 -44.78 -17.07
CA ILE E 257 -33.42 -45.94 -17.78
C ILE E 257 -33.02 -45.55 -19.20
N TYR E 258 -31.79 -45.89 -19.57
CA TYR E 258 -31.30 -45.65 -20.92
C TYR E 258 -31.05 -46.98 -21.61
N ARG E 259 -31.46 -47.09 -22.86
CA ARG E 259 -31.32 -48.34 -23.60
C ARG E 259 -30.22 -48.24 -24.66
N ALA E 260 -29.61 -49.37 -24.97
CA ALA E 260 -28.62 -49.43 -26.03
C ALA E 260 -29.01 -50.50 -27.06
N ARG E 261 -28.94 -50.13 -28.33
CA ARG E 261 -29.27 -51.06 -29.40
C ARG E 261 -28.11 -51.99 -29.72
N LYS E 262 -26.91 -51.43 -29.84
CA LYS E 262 -25.78 -52.20 -30.36
C LYS E 262 -24.71 -52.57 -29.34
N GLN E 263 -24.38 -51.67 -28.42
CA GLN E 263 -23.25 -51.90 -27.52
C GLN E 263 -23.30 -51.08 -26.23
N ILE E 264 -22.90 -51.71 -25.13
CA ILE E 264 -22.66 -51.02 -23.88
C ILE E 264 -21.21 -51.22 -23.46
N VAL E 265 -20.54 -50.12 -23.11
CA VAL E 265 -19.18 -50.19 -22.59
C VAL E 265 -19.13 -49.64 -21.17
N LEU E 266 -18.61 -50.44 -20.24
CA LEU E 266 -18.49 -50.03 -18.84
C LEU E 266 -17.09 -49.49 -18.57
N SER E 267 -17.01 -48.22 -18.20
CA SER E 267 -15.74 -47.53 -17.97
C SER E 267 -15.78 -46.69 -16.70
N CYS E 268 -16.30 -47.27 -15.62
CA CYS E 268 -16.43 -46.51 -14.38
C CYS E 268 -15.18 -46.54 -13.52
N GLY E 269 -14.11 -47.17 -14.01
CA GLY E 269 -12.87 -47.22 -13.27
C GLY E 269 -12.74 -48.46 -12.41
N THR E 270 -11.52 -48.74 -11.98
CA THR E 270 -11.20 -49.95 -11.22
C THR E 270 -12.03 -50.13 -9.95
N ILE E 271 -12.25 -49.04 -9.22
CA ILE E 271 -13.02 -49.11 -7.99
C ILE E 271 -14.53 -49.30 -8.24
N SER E 272 -15.05 -48.64 -9.26
CA SER E 272 -16.50 -48.52 -9.42
C SER E 272 -17.12 -49.54 -10.39
N SER E 273 -16.40 -49.88 -11.46
CA SER E 273 -16.89 -50.87 -12.42
C SER E 273 -17.32 -52.22 -11.82
N PRO E 274 -16.53 -52.78 -10.87
CA PRO E 274 -17.02 -54.05 -10.31
C PRO E 274 -18.28 -53.86 -9.49
N LEU E 275 -18.42 -52.70 -8.86
CA LEU E 275 -19.61 -52.41 -8.08
C LEU E 275 -20.84 -52.40 -8.97
N VAL E 276 -20.70 -51.82 -10.16
CA VAL E 276 -21.77 -51.81 -11.15
C VAL E 276 -22.10 -53.24 -11.57
N LEU E 277 -21.07 -54.04 -11.85
CA LEU E 277 -21.28 -55.42 -12.27
C LEU E 277 -21.94 -56.23 -11.17
N GLN E 278 -21.45 -56.06 -9.94
CA GLN E 278 -22.01 -56.78 -8.81
C GLN E 278 -23.47 -56.40 -8.56
N ARG E 279 -23.80 -55.12 -8.69
CA ARG E 279 -25.19 -54.69 -8.55
C ARG E 279 -26.06 -55.24 -9.69
N SER E 280 -25.43 -55.58 -10.81
CA SER E 280 -26.13 -56.11 -11.97
C SER E 280 -26.30 -57.63 -11.91
N GLY E 281 -25.74 -58.24 -10.86
CA GLY E 281 -25.86 -59.68 -10.66
C GLY E 281 -24.69 -60.49 -11.18
N PHE E 282 -23.56 -59.82 -11.43
CA PHE E 282 -22.34 -60.50 -11.88
C PHE E 282 -21.36 -60.62 -10.72
N GLY E 283 -21.12 -61.84 -10.27
CA GLY E 283 -20.14 -62.06 -9.22
C GLY E 283 -20.26 -63.39 -8.50
N ASP E 284 -19.76 -63.41 -7.27
CA ASP E 284 -19.88 -64.56 -6.40
C ASP E 284 -21.28 -64.61 -5.80
N PRO E 285 -22.07 -65.63 -6.15
CA PRO E 285 -23.47 -65.79 -5.74
C PRO E 285 -23.67 -65.67 -4.23
N ILE E 286 -22.76 -66.25 -3.45
CA ILE E 286 -22.84 -66.20 -2.00
C ILE E 286 -22.69 -64.75 -1.49
N LYS E 287 -21.67 -64.05 -2.00
CA LYS E 287 -21.45 -62.66 -1.62
C LYS E 287 -22.55 -61.74 -2.15
N LEU E 288 -23.03 -62.00 -3.35
CA LEU E 288 -24.10 -61.20 -3.93
C LEU E 288 -25.37 -61.29 -3.10
N ARG E 289 -25.73 -62.51 -2.71
CA ARG E 289 -26.91 -62.73 -1.89
C ARG E 289 -26.74 -62.11 -0.50
N ALA E 290 -25.51 -62.12 -0.01
CA ALA E 290 -25.18 -61.51 1.27
C ALA E 290 -25.33 -59.99 1.20
N ALA E 291 -25.30 -59.46 -0.02
CA ALA E 291 -25.44 -58.02 -0.23
C ALA E 291 -26.82 -57.67 -0.77
N GLY E 292 -27.73 -58.64 -0.79
CA GLY E 292 -29.11 -58.40 -1.19
C GLY E 292 -29.36 -58.34 -2.69
N VAL E 293 -28.42 -58.88 -3.46
CA VAL E 293 -28.55 -58.89 -4.92
C VAL E 293 -28.80 -60.30 -5.44
N LYS E 294 -29.75 -60.44 -6.36
CA LYS E 294 -30.02 -61.74 -6.99
C LYS E 294 -28.96 -62.05 -8.04
N PRO E 295 -28.25 -63.18 -7.86
CA PRO E 295 -27.20 -63.61 -8.80
C PRO E 295 -27.75 -63.86 -10.21
N LEU E 296 -26.95 -63.53 -11.22
CA LEU E 296 -27.34 -63.74 -12.60
C LEU E 296 -26.26 -64.53 -13.34
N VAL E 297 -25.01 -64.13 -13.15
CA VAL E 297 -23.89 -64.79 -13.77
C VAL E 297 -22.80 -65.09 -12.74
N ASN E 298 -22.38 -66.35 -12.69
CA ASN E 298 -21.36 -66.78 -11.73
C ASN E 298 -19.96 -66.36 -12.18
N LEU E 299 -19.50 -65.24 -11.63
CA LEU E 299 -18.19 -64.67 -11.98
C LEU E 299 -17.44 -64.20 -10.74
N PRO E 300 -16.85 -65.15 -9.98
CA PRO E 300 -16.19 -64.82 -8.70
C PRO E 300 -15.00 -63.85 -8.85
N GLY E 301 -14.55 -63.60 -10.08
CA GLY E 301 -13.42 -62.73 -10.31
C GLY E 301 -13.74 -61.24 -10.20
N VAL E 302 -15.02 -60.90 -10.27
CA VAL E 302 -15.44 -59.50 -10.20
C VAL E 302 -15.13 -58.88 -8.84
N GLY E 303 -14.22 -57.92 -8.83
CA GLY E 303 -13.83 -57.24 -7.61
C GLY E 303 -12.60 -57.85 -6.99
N ARG E 304 -12.09 -58.92 -7.59
CA ARG E 304 -10.89 -59.58 -7.11
C ARG E 304 -9.68 -59.09 -7.90
N ASN E 305 -8.50 -59.46 -7.44
CA ASN E 305 -7.25 -59.15 -8.13
C ASN E 305 -6.97 -57.64 -8.17
N PHE E 306 -7.37 -56.94 -7.10
CA PHE E 306 -7.18 -55.49 -7.02
C PHE E 306 -5.70 -55.16 -6.87
N GLN E 307 -5.19 -54.41 -7.83
CA GLN E 307 -3.79 -54.01 -7.82
C GLN E 307 -3.65 -52.50 -7.85
N ASP E 308 -2.46 -52.02 -7.53
CA ASP E 308 -2.17 -50.59 -7.50
C ASP E 308 -0.68 -50.41 -7.45
N HIS E 309 -0.23 -49.16 -7.53
CA HIS E 309 1.13 -48.82 -7.19
C HIS E 309 1.11 -48.21 -5.78
N TYR E 310 2.09 -48.58 -4.96
CA TYR E 310 2.12 -48.12 -3.58
C TYR E 310 3.14 -46.99 -3.48
N CYS E 311 2.70 -45.82 -3.07
CA CYS E 311 3.57 -44.65 -3.07
C CYS E 311 3.82 -44.08 -1.68
N PHE E 312 4.84 -43.23 -1.57
CA PHE E 312 5.05 -42.43 -0.37
C PHE E 312 5.89 -41.19 -0.72
N PHE E 313 5.76 -40.16 0.10
CA PHE E 313 6.40 -38.87 -0.15
C PHE E 313 7.40 -38.54 0.94
N SER E 314 8.56 -38.03 0.54
CA SER E 314 9.60 -37.62 1.49
C SER E 314 10.10 -36.21 1.16
N PRO E 315 9.74 -35.22 1.99
CA PRO E 315 10.06 -33.83 1.67
C PRO E 315 11.42 -33.36 2.18
N TYR E 316 12.05 -32.46 1.44
CA TYR E 316 13.34 -31.91 1.82
C TYR E 316 13.33 -30.39 1.82
N ARG E 317 14.14 -29.82 2.69
CA ARG E 317 14.38 -28.39 2.74
C ARG E 317 15.17 -27.93 1.50
N ILE E 318 14.82 -26.81 0.89
CA ILE E 318 15.69 -26.24 -0.15
C ILE E 318 16.25 -24.89 0.31
N LYS E 319 17.37 -24.49 -0.28
CA LYS E 319 18.00 -23.21 0.03
C LYS E 319 17.10 -22.05 -0.35
N PRO E 320 17.12 -20.98 0.45
CA PRO E 320 16.16 -19.87 0.29
C PRO E 320 16.20 -19.18 -1.10
N GLN E 321 17.28 -19.35 -1.86
CA GLN E 321 17.39 -18.67 -3.14
C GLN E 321 16.71 -19.46 -4.26
N TYR E 322 16.35 -20.71 -4.01
CA TYR E 322 15.80 -21.54 -5.06
C TYR E 322 14.28 -21.49 -5.11
N GLU E 323 13.72 -21.95 -6.23
CA GLU E 323 12.27 -21.82 -6.46
C GLU E 323 11.50 -23.07 -6.07
N SER E 324 10.24 -22.87 -5.70
CA SER E 324 9.29 -23.95 -5.48
C SER E 324 7.88 -23.38 -5.63
N PHE E 325 6.86 -24.24 -5.64
CA PHE E 325 5.50 -23.73 -5.75
C PHE E 325 4.81 -23.58 -4.39
N ASP E 326 5.60 -23.63 -3.32
CA ASP E 326 5.03 -23.69 -1.96
C ASP E 326 4.20 -22.47 -1.58
N ASP E 327 4.74 -21.27 -1.80
CA ASP E 327 4.01 -20.05 -1.48
C ASP E 327 2.73 -19.94 -2.30
N PHE E 328 2.80 -20.36 -3.55
CA PHE E 328 1.65 -20.36 -4.43
C PHE E 328 0.54 -21.26 -3.89
N VAL E 329 0.87 -22.49 -3.52
N VAL E 329 0.91 -22.47 -3.51
CA VAL E 329 -0.16 -23.42 -3.05
CA VAL E 329 -0.02 -23.48 -3.03
C VAL E 329 -0.52 -23.18 -1.59
C VAL E 329 -0.53 -23.13 -1.63
N ARG E 330 0.29 -22.40 -0.87
CA ARG E 330 -0.07 -22.00 0.49
C ARG E 330 -1.15 -20.93 0.47
N GLY E 331 -1.16 -20.14 -0.59
CA GLY E 331 -2.19 -19.12 -0.76
C GLY E 331 -1.70 -17.68 -0.67
N ASP E 332 -0.43 -17.44 -0.98
CA ASP E 332 0.11 -16.08 -0.98
C ASP E 332 -0.53 -15.29 -2.12
N ALA E 333 -1.20 -14.20 -1.76
CA ALA E 333 -2.02 -13.44 -2.71
C ALA E 333 -1.20 -12.82 -3.83
N GLU E 334 -0.10 -12.15 -3.49
CA GLU E 334 0.68 -11.46 -4.49
C GLU E 334 1.36 -12.42 -5.46
N ILE E 335 1.86 -13.54 -4.94
CA ILE E 335 2.50 -14.53 -5.79
C ILE E 335 1.47 -15.22 -6.69
N GLN E 336 0.30 -15.53 -6.16
CA GLN E 336 -0.77 -16.11 -6.99
C GLN E 336 -1.17 -15.15 -8.11
N LYS E 337 -1.27 -13.87 -7.77
CA LYS E 337 -1.61 -12.84 -8.74
C LYS E 337 -0.60 -12.79 -9.89
N ARG E 338 0.69 -12.82 -9.57
CA ARG E 338 1.71 -12.70 -10.60
C ARG E 338 1.76 -13.95 -11.47
N VAL E 339 1.53 -15.11 -10.87
CA VAL E 339 1.56 -16.36 -11.61
C VAL E 339 0.41 -16.44 -12.60
N PHE E 340 -0.78 -16.03 -12.17
CA PHE E 340 -1.94 -16.00 -13.06
C PHE E 340 -1.77 -14.94 -14.14
N ASP E 341 -1.24 -13.78 -13.77
CA ASP E 341 -1.05 -12.69 -14.72
C ASP E 341 -0.14 -13.10 -15.87
N GLN E 342 0.92 -13.85 -15.58
CA GLN E 342 1.83 -14.29 -16.62
C GLN E 342 1.11 -15.27 -17.56
N TRP E 343 0.30 -16.17 -17.00
CA TRP E 343 -0.41 -17.14 -17.81
C TRP E 343 -1.44 -16.46 -18.71
N TYR E 344 -2.17 -15.47 -18.17
CA TYR E 344 -3.13 -14.71 -18.97
C TYR E 344 -2.42 -13.95 -20.10
N ALA E 345 -1.20 -13.51 -19.83
CA ALA E 345 -0.43 -12.72 -20.78
C ALA E 345 -0.03 -13.53 -22.01
N ASN E 346 0.54 -14.71 -21.78
CA ASN E 346 1.01 -15.53 -22.89
C ASN E 346 1.10 -17.03 -22.61
N GLY E 347 0.39 -17.51 -21.59
CA GLY E 347 0.35 -18.94 -21.32
C GLY E 347 1.65 -19.58 -20.83
N THR E 348 2.53 -18.78 -20.23
CA THR E 348 3.78 -19.31 -19.68
C THR E 348 3.89 -19.04 -18.17
N GLY E 349 4.93 -19.56 -17.55
CA GLY E 349 5.13 -19.37 -16.12
C GLY E 349 4.71 -20.57 -15.31
N PRO E 350 4.89 -20.51 -13.99
CA PRO E 350 4.65 -21.62 -13.06
C PRO E 350 3.29 -22.29 -13.18
N LEU E 351 2.28 -21.57 -13.69
CA LEU E 351 0.94 -22.16 -13.81
C LEU E 351 0.87 -23.22 -14.91
N ALA E 352 1.86 -23.20 -15.80
CA ALA E 352 1.87 -24.08 -16.97
C ALA E 352 2.80 -25.27 -16.79
N THR E 353 2.97 -25.72 -15.55
CA THR E 353 3.76 -26.91 -15.27
C THR E 353 3.21 -27.65 -14.05
N ASN E 354 3.69 -28.87 -13.82
CA ASN E 354 3.30 -29.63 -12.63
C ASN E 354 4.39 -29.60 -11.56
N GLY E 355 5.55 -29.05 -11.92
CA GLY E 355 6.68 -28.99 -11.01
C GLY E 355 7.33 -30.33 -10.77
N ILE E 356 6.93 -31.35 -11.53
CA ILE E 356 7.54 -32.67 -11.43
C ILE E 356 8.48 -32.84 -12.62
N GLU E 357 9.73 -32.42 -12.44
CA GLU E 357 10.59 -32.12 -13.58
C GLU E 357 11.56 -33.22 -13.97
N ALA E 358 11.88 -34.11 -13.04
CA ALA E 358 12.82 -35.18 -13.33
C ALA E 358 12.53 -36.39 -12.47
N GLY E 359 12.96 -37.56 -12.94
CA GLY E 359 12.66 -38.79 -12.25
C GLY E 359 13.48 -39.98 -12.72
N VAL E 360 13.09 -41.15 -12.24
CA VAL E 360 13.95 -42.30 -12.30
C VAL E 360 13.13 -43.61 -12.37
N LYS E 361 13.63 -44.56 -13.17
CA LYS E 361 13.21 -45.95 -13.09
C LYS E 361 14.42 -46.77 -12.67
N ILE E 362 14.28 -47.65 -11.68
CA ILE E 362 15.47 -48.36 -11.19
C ILE E 362 15.25 -49.84 -10.89
N ARG E 363 16.34 -50.59 -11.08
CA ARG E 363 16.42 -51.98 -10.67
C ARG E 363 17.61 -52.13 -9.73
N PRO E 364 17.53 -53.07 -8.78
CA PRO E 364 18.64 -53.26 -7.85
C PRO E 364 19.83 -53.95 -8.51
N THR E 365 21.04 -53.58 -8.11
CA THR E 365 22.23 -54.34 -8.50
C THR E 365 22.26 -55.64 -7.71
N PRO E 366 23.01 -56.65 -8.17
CA PRO E 366 23.08 -57.92 -7.43
C PRO E 366 23.57 -57.75 -5.99
N GLU E 367 24.43 -56.76 -5.75
CA GLU E 367 24.89 -56.47 -4.40
C GLU E 367 23.76 -55.92 -3.53
N GLU E 368 23.02 -54.95 -4.07
CA GLU E 368 21.89 -54.35 -3.37
C GLU E 368 20.84 -55.40 -3.01
N LEU E 369 20.57 -56.29 -3.95
CA LEU E 369 19.67 -57.41 -3.72
C LEU E 369 20.08 -58.26 -2.53
N SER E 370 21.38 -58.53 -2.41
CA SER E 370 21.91 -59.41 -1.37
C SER E 370 21.75 -58.81 0.02
N GLN E 371 21.39 -57.53 0.08
CA GLN E 371 21.20 -56.83 1.35
C GLN E 371 19.74 -56.74 1.76
N MET E 372 18.85 -57.21 0.88
CA MET E 372 17.42 -57.09 1.11
C MET E 372 16.82 -58.36 1.71
N ASP E 373 15.55 -58.28 2.12
CA ASP E 373 14.82 -59.42 2.65
C ASP E 373 14.96 -60.64 1.74
N GLU E 374 15.07 -61.82 2.33
CA GLU E 374 15.17 -63.04 1.55
C GLU E 374 13.91 -63.22 0.72
N SER E 375 12.77 -62.81 1.28
CA SER E 375 11.48 -62.96 0.61
C SER E 375 11.44 -62.19 -0.71
N PHE E 376 12.00 -60.98 -0.73
CA PHE E 376 12.02 -60.23 -1.99
C PHE E 376 13.11 -60.72 -2.93
N GLN E 377 14.20 -61.23 -2.39
CA GLN E 377 15.24 -61.82 -3.23
C GLN E 377 14.66 -62.95 -4.07
N GLU E 378 13.81 -63.75 -3.44
CA GLU E 378 13.13 -64.84 -4.12
C GLU E 378 12.09 -64.31 -5.11
N GLY E 379 11.37 -63.27 -4.69
CA GLY E 379 10.40 -62.64 -5.55
C GLY E 379 11.04 -62.04 -6.79
N TYR E 380 12.26 -61.53 -6.64
CA TYR E 380 12.99 -60.95 -7.75
C TYR E 380 13.35 -62.02 -8.79
N ARG E 381 13.79 -63.18 -8.32
CA ARG E 381 14.13 -64.30 -9.20
C ARG E 381 12.89 -64.76 -9.97
N GLU E 382 11.77 -64.84 -9.28
CA GLU E 382 10.52 -65.32 -9.86
C GLU E 382 9.92 -64.37 -10.90
N TYR E 383 10.02 -63.07 -10.64
CA TYR E 383 9.27 -62.07 -11.40
C TYR E 383 10.12 -61.15 -12.28
N PHE E 384 11.31 -60.77 -11.79
CA PHE E 384 12.09 -59.72 -12.45
C PHE E 384 13.33 -60.17 -13.22
N GLU E 385 14.00 -61.21 -12.73
CA GLU E 385 15.31 -61.59 -13.25
C GLU E 385 15.32 -61.90 -14.75
N ASP E 386 14.27 -62.56 -15.24
CA ASP E 386 14.19 -62.89 -16.67
C ASP E 386 13.31 -61.89 -17.42
N LYS E 387 12.99 -60.77 -16.77
CA LYS E 387 12.27 -59.68 -17.40
C LYS E 387 13.07 -58.39 -17.28
N PRO E 388 14.16 -58.28 -18.04
CA PRO E 388 15.12 -57.17 -17.86
C PRO E 388 14.56 -55.77 -18.15
N ASP E 389 13.37 -55.67 -18.73
CA ASP E 389 12.83 -54.36 -19.08
C ASP E 389 11.85 -53.80 -18.03
N LYS E 390 11.59 -54.56 -16.97
CA LYS E 390 10.69 -54.11 -15.90
C LYS E 390 11.43 -53.40 -14.78
N PRO E 391 11.05 -52.16 -14.47
CA PRO E 391 11.61 -51.44 -13.31
C PRO E 391 11.01 -51.94 -11.99
N VAL E 392 11.76 -51.84 -10.90
CA VAL E 392 11.24 -52.25 -9.59
C VAL E 392 10.63 -51.06 -8.84
N MET E 393 11.34 -49.93 -8.81
CA MET E 393 10.84 -48.72 -8.17
C MET E 393 10.91 -47.52 -9.10
N HIS E 394 9.99 -46.58 -8.90
CA HIS E 394 10.10 -45.27 -9.51
C HIS E 394 10.23 -44.22 -8.43
N TYR E 395 11.00 -43.16 -8.68
CA TYR E 395 10.81 -41.94 -7.93
C TYR E 395 11.20 -40.72 -8.73
N SER E 396 10.61 -39.59 -8.34
CA SER E 396 10.75 -38.34 -9.08
C SER E 396 10.81 -37.18 -8.10
N ILE E 397 11.27 -36.03 -8.59
CA ILE E 397 11.43 -34.86 -7.74
C ILE E 397 10.33 -33.84 -8.03
N ILE E 398 9.64 -33.42 -6.96
CA ILE E 398 8.60 -32.41 -7.06
C ILE E 398 9.13 -31.09 -6.51
N ALA E 399 8.95 -30.02 -7.27
CA ALA E 399 9.50 -28.71 -6.89
C ALA E 399 8.62 -28.00 -5.87
N GLY E 400 8.40 -28.66 -4.74
CA GLY E 400 7.58 -28.10 -3.68
C GLY E 400 7.14 -29.24 -2.77
N PHE E 401 6.45 -28.91 -1.69
CA PHE E 401 5.86 -29.95 -0.86
C PHE E 401 4.49 -30.37 -1.38
N PHE E 402 4.34 -31.65 -1.69
CA PHE E 402 3.01 -32.17 -1.95
C PHE E 402 2.43 -32.77 -0.66
N GLY E 403 1.35 -32.16 -0.19
CA GLY E 403 0.73 -32.51 1.08
C GLY E 403 0.09 -31.30 1.70
N ASP E 404 -0.36 -31.43 2.94
CA ASP E 404 -1.05 -30.35 3.63
C ASP E 404 -0.07 -29.32 4.20
N HIS E 405 -0.04 -28.14 3.61
CA HIS E 405 0.88 -27.10 4.06
C HIS E 405 0.58 -26.55 5.46
N THR E 406 -0.63 -26.80 5.97
CA THR E 406 -0.96 -26.34 7.32
C THR E 406 -0.33 -27.25 8.37
N LYS E 407 0.29 -28.35 7.93
CA LYS E 407 0.87 -29.32 8.85
C LYS E 407 2.38 -29.48 8.65
N ILE E 408 3.00 -28.51 7.98
CA ILE E 408 4.44 -28.53 7.77
C ILE E 408 4.93 -27.09 8.03
N PRO E 409 6.20 -26.91 8.46
CA PRO E 409 6.63 -25.55 8.78
C PRO E 409 6.64 -24.64 7.56
N PRO E 410 6.71 -23.32 7.77
CA PRO E 410 6.87 -22.40 6.63
C PRO E 410 8.20 -22.63 5.93
N GLY E 411 8.35 -22.08 4.73
CA GLY E 411 9.58 -22.23 3.98
C GLY E 411 9.32 -22.90 2.64
N LYS E 412 10.40 -23.25 1.95
CA LYS E 412 10.29 -23.88 0.64
C LYS E 412 10.88 -25.29 0.66
N TYR E 413 10.31 -26.16 -0.18
CA TYR E 413 10.64 -27.58 -0.13
C TYR E 413 10.80 -28.20 -1.51
N MET E 414 11.31 -29.43 -1.51
CA MET E 414 11.21 -30.29 -2.67
C MET E 414 10.84 -31.67 -2.14
N THR E 415 10.07 -32.43 -2.91
CA THR E 415 9.58 -33.72 -2.42
C THR E 415 9.97 -34.87 -3.33
N MET E 416 10.51 -35.92 -2.73
CA MET E 416 10.73 -37.17 -3.46
C MET E 416 9.43 -37.97 -3.46
N PHE E 417 8.99 -38.33 -4.66
CA PHE E 417 7.75 -39.07 -4.85
C PHE E 417 8.09 -40.48 -5.36
N HIS E 418 7.90 -41.50 -4.52
CA HIS E 418 8.24 -42.89 -4.90
C HIS E 418 7.00 -43.74 -5.12
N PHE E 419 7.07 -44.74 -5.99
CA PHE E 419 6.08 -45.82 -5.93
C PHE E 419 6.61 -47.16 -6.45
N LEU E 420 6.03 -48.23 -5.92
CA LEU E 420 6.38 -49.61 -6.26
C LEU E 420 5.69 -50.04 -7.55
N GLU E 421 6.47 -50.56 -8.49
CA GLU E 421 6.00 -50.76 -9.87
C GLU E 421 5.15 -52.02 -10.08
N TYR E 422 5.55 -53.14 -9.48
CA TYR E 422 4.80 -54.38 -9.62
C TYR E 422 4.64 -55.09 -8.27
N PRO E 423 3.73 -54.61 -7.42
CA PRO E 423 3.54 -55.22 -6.10
C PRO E 423 3.03 -56.65 -6.19
N PHE E 424 3.43 -57.47 -5.22
CA PHE E 424 2.94 -58.84 -5.12
C PHE E 424 1.61 -58.89 -4.37
N SER E 425 1.36 -57.87 -3.54
CA SER E 425 0.14 -57.78 -2.75
C SER E 425 -1.10 -57.74 -3.64
N ARG E 426 -2.21 -58.21 -3.11
CA ARG E 426 -3.48 -58.19 -3.83
C ARG E 426 -4.62 -57.82 -2.89
N GLY E 427 -5.62 -57.14 -3.42
CA GLY E 427 -6.78 -56.76 -2.62
C GLY E 427 -8.08 -57.16 -3.29
N SER E 428 -9.18 -56.72 -2.72
CA SER E 428 -10.51 -57.01 -3.25
C SER E 428 -11.51 -55.94 -2.87
N ILE E 429 -12.61 -55.86 -3.61
CA ILE E 429 -13.66 -54.90 -3.28
C ILE E 429 -15.03 -55.51 -3.60
N HIS E 430 -16.04 -55.17 -2.81
CA HIS E 430 -17.37 -55.72 -3.01
C HIS E 430 -18.45 -54.82 -2.42
N ILE E 431 -19.59 -54.71 -3.11
CA ILE E 431 -20.71 -53.92 -2.61
C ILE E 431 -21.21 -54.43 -1.26
N THR E 432 -21.86 -53.55 -0.49
CA THR E 432 -22.41 -53.93 0.80
C THR E 432 -23.93 -54.09 0.72
N SER E 433 -24.53 -53.48 -0.29
CA SER E 433 -25.98 -53.50 -0.48
C SER E 433 -26.31 -53.15 -1.92
N PRO E 434 -27.58 -53.26 -2.34
CA PRO E 434 -27.87 -52.83 -3.72
C PRO E 434 -27.97 -51.31 -3.90
N ASP E 435 -27.86 -50.57 -2.79
CA ASP E 435 -27.86 -49.10 -2.83
C ASP E 435 -26.65 -48.61 -3.64
N PRO E 436 -26.90 -47.91 -4.76
CA PRO E 436 -25.81 -47.43 -5.59
C PRO E 436 -24.93 -46.39 -4.87
N TYR E 437 -25.47 -45.74 -3.85
CA TYR E 437 -24.72 -44.74 -3.07
C TYR E 437 -23.87 -45.36 -1.97
N ALA E 438 -24.15 -46.62 -1.63
CA ALA E 438 -23.54 -47.25 -0.47
C ALA E 438 -22.04 -47.46 -0.63
N ALA E 439 -21.30 -47.19 0.44
CA ALA E 439 -19.87 -47.43 0.48
C ALA E 439 -19.59 -48.93 0.42
N PRO E 440 -18.68 -49.33 -0.49
CA PRO E 440 -18.34 -50.75 -0.62
C PRO E 440 -17.46 -51.27 0.52
N ASP E 441 -17.42 -52.59 0.66
CA ASP E 441 -16.46 -53.26 1.53
C ASP E 441 -15.14 -53.33 0.77
N PHE E 442 -14.12 -52.64 1.29
CA PHE E 442 -12.90 -52.39 0.52
C PHE E 442 -11.64 -52.79 1.26
N ASP E 443 -10.91 -53.73 0.69
CA ASP E 443 -9.57 -54.07 1.17
C ASP E 443 -8.57 -53.95 0.02
N PRO E 444 -7.91 -52.79 -0.08
CA PRO E 444 -6.93 -52.51 -1.15
C PRO E 444 -5.74 -53.44 -1.10
N GLY E 445 -5.45 -53.98 0.08
CA GLY E 445 -4.39 -54.96 0.26
C GLY E 445 -2.98 -54.39 0.29
N PHE E 446 -2.86 -53.09 0.51
CA PHE E 446 -1.55 -52.42 0.52
C PHE E 446 -0.59 -53.09 1.49
N MET E 447 0.57 -53.52 0.96
CA MET E 447 1.67 -54.10 1.74
C MET E 447 1.33 -55.40 2.49
N ASN E 448 0.28 -56.12 2.10
CA ASN E 448 -0.06 -57.34 2.84
C ASN E 448 0.84 -58.52 2.46
N ASP E 449 1.57 -58.39 1.35
CA ASP E 449 2.56 -59.39 0.97
C ASP E 449 3.94 -58.94 1.44
N GLU E 450 4.67 -59.84 2.10
CA GLU E 450 5.94 -59.48 2.72
C GLU E 450 7.03 -59.09 1.71
N ARG E 451 6.85 -59.48 0.46
CA ARG E 451 7.84 -59.21 -0.58
C ARG E 451 7.88 -57.74 -1.00
N ASP E 452 6.86 -56.98 -0.62
CA ASP E 452 6.73 -55.61 -1.10
C ASP E 452 7.46 -54.59 -0.23
N MET E 453 7.97 -55.02 0.92
CA MET E 453 8.57 -54.07 1.86
C MET E 453 9.99 -53.64 1.46
N ALA E 454 10.85 -54.59 1.10
CA ALA E 454 12.24 -54.31 0.81
C ALA E 454 12.48 -53.25 -0.30
N PRO E 455 11.74 -53.32 -1.44
CA PRO E 455 12.01 -52.30 -2.47
C PRO E 455 11.71 -50.87 -2.01
N MET E 456 10.68 -50.73 -1.17
CA MET E 456 10.28 -49.42 -0.67
C MET E 456 11.34 -48.84 0.26
N VAL E 457 11.86 -49.67 1.15
CA VAL E 457 12.95 -49.27 2.03
C VAL E 457 14.16 -48.85 1.20
N TRP E 458 14.51 -49.69 0.24
CA TRP E 458 15.60 -49.44 -0.69
C TRP E 458 15.46 -48.09 -1.40
N ALA E 459 14.26 -47.81 -1.89
CA ALA E 459 13.97 -46.56 -2.61
C ALA E 459 14.11 -45.32 -1.73
N TYR E 460 13.69 -45.42 -0.47
CA TYR E 460 13.83 -44.28 0.43
C TYR E 460 15.30 -43.91 0.60
N LYS E 461 16.14 -44.91 0.86
CA LYS E 461 17.58 -44.69 1.03
C LYS E 461 18.20 -44.11 -0.22
N LYS E 462 17.77 -44.62 -1.37
CA LYS E 462 18.30 -44.18 -2.66
C LYS E 462 17.96 -42.70 -2.95
N SER E 463 16.68 -42.36 -2.84
CA SER E 463 16.24 -40.99 -3.13
C SER E 463 16.81 -39.99 -2.12
N ARG E 464 16.99 -40.43 -0.88
CA ARG E 464 17.59 -39.57 0.14
C ARG E 464 19.03 -39.23 -0.23
N GLU E 465 19.74 -40.21 -0.77
CA GLU E 465 21.10 -40.01 -1.24
C GLU E 465 21.13 -39.06 -2.43
N THR E 466 20.14 -39.19 -3.31
CA THR E 466 19.98 -38.27 -4.44
C THR E 466 19.79 -36.84 -3.93
N ALA E 467 18.86 -36.69 -2.99
CA ALA E 467 18.52 -35.38 -2.43
C ALA E 467 19.75 -34.70 -1.81
N ARG E 468 20.55 -35.46 -1.07
CA ARG E 468 21.68 -34.87 -0.37
C ARG E 468 22.82 -34.49 -1.31
N ARG E 469 22.73 -34.92 -2.56
CA ARG E 469 23.74 -34.58 -3.56
C ARG E 469 23.27 -33.50 -4.53
N MET E 470 22.10 -32.92 -4.26
CA MET E 470 21.56 -31.84 -5.08
C MET E 470 21.95 -30.47 -4.52
N ASP E 471 22.19 -29.51 -5.40
CA ASP E 471 22.51 -28.14 -4.99
C ASP E 471 21.38 -27.53 -4.17
N HIS E 472 20.15 -27.90 -4.50
CA HIS E 472 18.95 -27.39 -3.82
C HIS E 472 18.92 -27.74 -2.34
N PHE E 473 19.52 -28.89 -1.99
CA PHE E 473 19.38 -29.47 -0.66
C PHE E 473 19.81 -28.54 0.47
N ALA E 474 18.95 -28.39 1.48
CA ALA E 474 19.29 -27.58 2.65
C ALA E 474 18.85 -28.24 3.96
N GLY E 475 18.39 -29.47 3.89
CA GLY E 475 17.99 -30.18 5.10
C GLY E 475 16.84 -31.15 4.92
N GLU E 476 16.50 -31.83 6.01
CA GLU E 476 15.50 -32.88 6.00
C GLU E 476 14.39 -32.59 7.01
N VAL E 477 13.14 -32.67 6.57
CA VAL E 477 11.99 -32.33 7.42
C VAL E 477 11.69 -33.48 8.37
N THR E 478 12.14 -33.34 9.62
CA THR E 478 12.14 -34.42 10.60
C THR E 478 10.77 -35.07 10.78
N SER E 479 9.74 -34.22 10.86
CA SER E 479 8.39 -34.69 11.14
C SER E 479 7.83 -35.56 10.04
N HIS E 480 8.40 -35.43 8.83
CA HIS E 480 7.88 -36.15 7.67
C HIS E 480 8.88 -37.19 7.17
N HIS E 481 9.82 -37.57 8.03
CA HIS E 481 10.78 -38.62 7.72
C HIS E 481 10.63 -39.77 8.71
N PRO E 482 11.28 -40.92 8.42
CA PRO E 482 11.19 -42.03 9.38
C PRO E 482 11.65 -41.65 10.78
N LEU E 483 11.01 -42.22 11.78
CA LEU E 483 11.28 -41.90 13.17
C LEU E 483 12.52 -42.65 13.68
N PHE E 484 13.68 -42.28 13.14
CA PHE E 484 14.95 -42.87 13.55
C PHE E 484 15.17 -42.68 15.06
N PRO E 485 15.95 -43.58 15.68
CA PRO E 485 16.37 -43.36 17.07
C PRO E 485 17.00 -41.99 17.20
N TYR E 486 16.71 -41.26 18.27
CA TYR E 486 17.08 -39.85 18.36
C TYR E 486 18.54 -39.56 18.04
N SER E 487 19.44 -40.38 18.55
CA SER E 487 20.86 -40.13 18.40
C SER E 487 21.52 -40.97 17.29
N SER E 488 20.69 -41.60 16.47
CA SER E 488 21.21 -42.34 15.33
C SER E 488 21.91 -41.40 14.34
N GLU E 489 22.99 -41.88 13.74
CA GLU E 489 23.70 -41.10 12.73
C GLU E 489 22.95 -41.11 11.41
N ALA E 490 21.85 -41.85 11.36
CA ALA E 490 20.97 -41.86 10.19
C ALA E 490 19.77 -40.91 10.36
N ARG E 491 19.69 -40.21 11.49
CA ARG E 491 18.53 -39.38 11.77
C ARG E 491 18.38 -38.23 10.78
N ALA E 492 17.17 -37.69 10.68
CA ALA E 492 16.92 -36.54 9.81
C ALA E 492 17.58 -35.30 10.39
N LEU E 493 18.29 -34.55 9.55
CA LEU E 493 18.93 -33.33 9.99
C LEU E 493 18.33 -32.10 9.29
N GLU E 494 17.81 -31.19 10.10
CA GLU E 494 17.11 -30.00 9.60
C GLU E 494 18.07 -28.96 9.04
N MET E 495 17.52 -27.89 8.47
CA MET E 495 18.33 -26.77 8.00
C MET E 495 19.08 -26.14 9.18
N ASP E 496 20.24 -25.56 8.91
CA ASP E 496 21.08 -25.03 10.00
C ASP E 496 20.59 -23.66 10.48
N LEU E 497 21.36 -23.07 11.40
CA LEU E 497 20.98 -21.80 12.02
C LEU E 497 20.83 -20.67 11.01
N GLU E 498 21.83 -20.50 10.14
CA GLU E 498 21.81 -19.41 9.16
C GLU E 498 20.61 -19.51 8.24
N THR E 499 20.34 -20.71 7.74
CA THR E 499 19.23 -20.93 6.83
C THR E 499 17.89 -20.69 7.53
N SER E 500 17.81 -21.10 8.80
CA SER E 500 16.60 -20.87 9.59
C SER E 500 16.33 -19.38 9.75
N ASN E 501 17.39 -18.61 10.00
CA ASN E 501 17.26 -17.18 10.13
C ASN E 501 16.87 -16.51 8.82
N ALA E 502 17.35 -17.07 7.71
CA ALA E 502 17.00 -16.54 6.40
C ALA E 502 15.50 -16.72 6.17
N TYR E 503 14.99 -17.91 6.49
CA TYR E 503 13.56 -18.18 6.29
C TYR E 503 12.70 -17.46 7.31
N GLY E 504 13.22 -17.27 8.52
CA GLY E 504 12.51 -16.57 9.57
C GLY E 504 12.38 -15.09 9.32
N GLY E 505 13.34 -14.52 8.58
CA GLY E 505 13.32 -13.09 8.28
C GLY E 505 14.03 -12.28 9.34
N PRO E 506 14.31 -11.00 9.04
CA PRO E 506 15.14 -10.17 9.92
C PRO E 506 14.47 -9.77 11.24
N LEU E 507 13.17 -9.97 11.37
CA LEU E 507 12.45 -9.56 12.56
C LEU E 507 12.13 -10.74 13.49
N ASN E 508 12.52 -11.95 13.10
CA ASN E 508 12.18 -13.13 13.88
C ASN E 508 12.81 -13.11 15.28
N LEU E 509 12.14 -13.73 16.24
CA LEU E 509 12.58 -13.75 17.63
C LEU E 509 12.78 -15.17 18.17
N SER E 510 12.70 -16.18 17.30
CA SER E 510 12.84 -17.55 17.76
C SER E 510 13.55 -18.51 16.79
N ALA E 511 13.99 -18.02 15.63
CA ALA E 511 14.75 -18.88 14.72
C ALA E 511 16.05 -19.30 15.38
N GLY E 512 16.29 -20.61 15.42
CA GLY E 512 17.49 -21.14 16.05
C GLY E 512 17.38 -21.25 17.55
N LEU E 513 16.17 -21.07 18.08
CA LEU E 513 15.93 -21.31 19.50
C LEU E 513 15.78 -22.83 19.69
N ALA E 514 16.86 -23.47 20.13
CA ALA E 514 16.95 -24.94 20.13
C ALA E 514 16.24 -25.63 21.29
N HIS E 515 15.99 -24.88 22.37
CA HIS E 515 15.41 -25.43 23.59
C HIS E 515 14.12 -26.23 23.35
N GLY E 516 14.16 -27.50 23.72
CA GLY E 516 13.08 -28.43 23.41
C GLY E 516 13.63 -29.62 22.65
N SER E 517 14.71 -29.37 21.90
CA SER E 517 15.40 -30.41 21.14
C SER E 517 14.48 -31.12 20.15
N TRP E 518 13.64 -30.34 19.48
CA TRP E 518 12.70 -30.90 18.52
C TRP E 518 13.40 -31.34 17.23
N THR E 519 14.48 -30.66 16.88
CA THR E 519 15.24 -31.00 15.68
C THR E 519 16.75 -30.98 15.96
N GLN E 520 17.52 -31.56 15.03
CA GLN E 520 18.97 -31.47 15.06
C GLN E 520 19.44 -30.89 13.73
N PRO E 521 20.47 -30.02 13.77
CA PRO E 521 20.90 -29.28 12.58
C PRO E 521 21.88 -30.01 11.68
N LEU E 522 21.75 -29.76 10.38
CA LEU E 522 22.71 -30.20 9.39
C LEU E 522 24.08 -29.57 9.64
N LYS E 523 25.15 -30.34 9.50
CA LYS E 523 26.49 -29.81 9.68
C LYS E 523 27.01 -29.26 8.35
N LYS E 524 28.05 -28.43 8.41
CA LYS E 524 28.63 -27.86 7.19
C LYS E 524 29.18 -28.95 6.30
N PRO E 525 28.96 -28.84 4.98
CA PRO E 525 29.49 -29.80 4.02
C PRO E 525 30.99 -29.64 3.86
N THR E 526 31.63 -30.53 3.08
CA THR E 526 33.05 -30.41 2.83
C THR E 526 33.38 -29.14 2.04
N ALA E 527 34.62 -28.66 2.19
CA ALA E 527 35.06 -27.45 1.53
C ALA E 527 35.31 -27.67 0.04
N LYS E 528 35.14 -26.61 -0.75
CA LYS E 528 35.45 -26.66 -2.18
C LYS E 528 36.95 -26.87 -2.40
N ASN E 529 37.28 -27.64 -3.43
CA ASN E 529 38.67 -27.83 -3.82
C ASN E 529 39.17 -26.59 -4.58
N GLU E 530 39.99 -25.77 -3.92
CA GLU E 530 40.47 -24.53 -4.51
C GLU E 530 41.39 -24.73 -5.70
N GLY E 531 41.92 -25.94 -5.86
CA GLY E 531 42.79 -26.24 -6.98
C GLY E 531 42.03 -26.65 -8.22
N HIS E 532 40.70 -26.69 -8.12
CA HIS E 532 39.86 -27.03 -9.27
C HIS E 532 39.23 -25.80 -9.90
N VAL E 533 38.87 -25.94 -11.17
CA VAL E 533 38.11 -24.91 -11.88
C VAL E 533 36.77 -24.70 -11.17
N THR E 534 36.38 -23.44 -11.01
CA THR E 534 35.22 -23.08 -10.18
C THR E 534 33.96 -23.87 -10.51
N SER E 535 33.71 -24.09 -11.80
CA SER E 535 32.49 -24.77 -12.22
C SER E 535 32.51 -26.28 -11.93
N ASN E 536 33.63 -26.77 -11.41
CA ASN E 536 33.74 -28.19 -11.06
C ASN E 536 33.87 -28.39 -9.56
N GLN E 537 33.82 -27.29 -8.81
CA GLN E 537 33.94 -27.38 -7.35
C GLN E 537 32.63 -27.86 -6.73
N VAL E 538 32.72 -28.63 -5.66
CA VAL E 538 31.54 -29.17 -4.99
C VAL E 538 31.66 -29.08 -3.47
N GLU E 539 30.51 -29.10 -2.80
CA GLU E 539 30.44 -29.18 -1.35
C GLU E 539 29.57 -30.37 -1.00
N LEU E 540 30.15 -31.36 -0.33
CA LEU E 540 29.49 -32.64 -0.16
C LEU E 540 29.03 -32.91 1.27
N HIS E 541 27.81 -33.43 1.38
CA HIS E 541 27.27 -33.92 2.64
C HIS E 541 27.61 -35.40 2.80
N PRO E 542 27.63 -35.90 4.04
CA PRO E 542 28.07 -37.28 4.24
C PRO E 542 27.08 -38.33 3.75
N ASP E 543 27.60 -39.48 3.35
CA ASP E 543 26.78 -40.65 3.06
C ASP E 543 26.20 -41.16 4.38
N ILE E 544 25.08 -41.86 4.31
CA ILE E 544 24.40 -42.33 5.51
C ILE E 544 24.50 -43.83 5.68
N GLU E 545 24.88 -44.27 6.88
CA GLU E 545 24.90 -45.69 7.20
C GLU E 545 23.75 -46.05 8.12
N TYR E 546 23.09 -47.16 7.82
CA TYR E 546 21.93 -47.59 8.59
C TYR E 546 22.19 -48.92 9.31
N ASP E 547 21.74 -49.02 10.56
CA ASP E 547 21.73 -50.32 11.22
C ASP E 547 20.30 -50.86 11.25
N GLU E 548 20.09 -51.91 12.03
CA GLU E 548 18.81 -52.61 12.04
C GLU E 548 17.70 -51.76 12.66
N GLU E 549 18.04 -50.95 13.66
CA GLU E 549 17.07 -50.06 14.27
C GLU E 549 16.59 -49.00 13.28
N ASP E 550 17.51 -48.47 12.49
CA ASP E 550 17.19 -47.51 11.45
C ASP E 550 16.26 -48.13 10.42
N ASP E 551 16.58 -49.33 9.98
CA ASP E 551 15.79 -50.04 8.98
C ASP E 551 14.39 -50.30 9.49
N LYS E 552 14.29 -50.62 10.78
CA LYS E 552 13.01 -50.83 11.43
C LYS E 552 12.16 -49.56 11.36
N ALA E 553 12.80 -48.41 11.54
CA ALA E 553 12.11 -47.12 11.51
C ALA E 553 11.56 -46.84 10.12
N ILE E 554 12.36 -47.16 9.10
CA ILE E 554 11.95 -46.95 7.73
C ILE E 554 10.76 -47.85 7.36
N GLU E 555 10.80 -49.10 7.82
CA GLU E 555 9.71 -50.03 7.55
C GLU E 555 8.38 -49.53 8.14
N ASN E 556 8.42 -49.07 9.38
CA ASN E 556 7.22 -48.52 10.01
C ASN E 556 6.77 -47.24 9.31
N TYR E 557 7.74 -46.48 8.81
CA TYR E 557 7.49 -45.26 8.04
C TYR E 557 6.68 -45.60 6.79
N ILE E 558 7.11 -46.65 6.09
CA ILE E 558 6.41 -47.11 4.89
C ILE E 558 5.00 -47.59 5.26
N ARG E 559 4.89 -48.37 6.32
CA ARG E 559 3.59 -48.89 6.74
C ARG E 559 2.62 -47.78 7.11
N GLU E 560 3.15 -46.69 7.65
CA GLU E 560 2.29 -45.63 8.17
C GLU E 560 2.01 -44.51 7.17
N HIS E 561 2.77 -44.44 6.07
CA HIS E 561 2.60 -43.33 5.14
C HIS E 561 2.53 -43.75 3.67
N THR E 562 2.47 -45.06 3.42
CA THR E 562 2.20 -45.55 2.07
C THR E 562 0.74 -45.29 1.70
N GLU E 563 0.51 -44.85 0.46
CA GLU E 563 -0.82 -44.56 -0.04
C GLU E 563 -1.03 -45.17 -1.42
N THR E 564 -2.27 -45.17 -1.88
CA THR E 564 -2.56 -45.45 -3.27
C THR E 564 -1.86 -44.40 -4.14
N THR E 565 -1.41 -44.80 -5.33
CA THR E 565 -0.87 -43.85 -6.29
C THR E 565 -1.94 -43.56 -7.34
N TRP E 566 -3.17 -43.93 -7.02
CA TRP E 566 -4.33 -43.73 -7.89
C TRP E 566 -4.23 -44.51 -9.21
N HIS E 567 -3.38 -45.54 -9.23
CA HIS E 567 -3.19 -46.34 -10.44
C HIS E 567 -3.89 -47.70 -10.34
N CYS E 568 -4.99 -47.75 -9.58
CA CYS E 568 -5.71 -48.99 -9.31
C CYS E 568 -6.11 -49.74 -10.59
N LEU E 569 -5.95 -51.05 -10.58
CA LEU E 569 -6.31 -51.86 -11.74
C LEU E 569 -6.61 -53.32 -11.35
N GLY E 570 -7.27 -54.04 -12.25
CA GLY E 570 -7.37 -55.49 -12.12
C GLY E 570 -8.67 -56.12 -11.68
N THR E 571 -9.64 -55.31 -11.26
CA THR E 571 -10.87 -55.81 -10.67
C THR E 571 -11.84 -56.46 -11.68
N CYS E 572 -11.58 -56.27 -12.96
CA CYS E 572 -12.34 -56.95 -14.02
C CYS E 572 -11.37 -57.58 -15.01
N SER E 573 -10.50 -58.46 -14.51
CA SER E 573 -9.34 -58.91 -15.27
C SER E 573 -9.67 -59.69 -16.54
N ILE E 574 -8.91 -59.40 -17.59
CA ILE E 574 -8.91 -60.22 -18.79
C ILE E 574 -8.23 -61.55 -18.51
N GLY E 575 -8.91 -62.65 -18.83
CA GLY E 575 -8.32 -63.96 -18.65
C GLY E 575 -9.35 -65.07 -18.79
N PRO E 576 -8.88 -66.33 -18.79
CA PRO E 576 -9.75 -67.50 -18.87
C PRO E 576 -10.75 -67.48 -17.72
N ARG E 577 -12.01 -67.75 -18.00
CA ARG E 577 -13.06 -67.68 -16.98
C ARG E 577 -12.77 -68.62 -15.80
N GLU E 578 -12.18 -69.78 -16.10
CA GLU E 578 -11.88 -70.76 -15.07
C GLU E 578 -10.72 -70.33 -14.19
N GLY E 579 -9.94 -69.37 -14.67
CA GLY E 579 -8.82 -68.85 -13.91
C GLY E 579 -7.48 -69.10 -14.58
N SER E 580 -6.43 -68.62 -13.94
CA SER E 580 -5.07 -68.73 -14.45
C SER E 580 -4.09 -68.47 -13.31
N LYS E 581 -2.80 -68.56 -13.59
CA LYS E 581 -1.79 -68.34 -12.55
C LYS E 581 -1.79 -66.89 -12.07
N ILE E 582 -2.08 -65.96 -12.96
CA ILE E 582 -2.08 -64.54 -12.61
C ILE E 582 -3.49 -64.04 -12.29
N VAL E 583 -4.51 -64.79 -12.72
CA VAL E 583 -5.89 -64.47 -12.39
C VAL E 583 -6.52 -65.62 -11.62
N LYS E 584 -6.14 -65.77 -10.35
CA LYS E 584 -6.47 -66.95 -9.56
C LYS E 584 -7.95 -67.08 -9.26
N TRP E 585 -8.65 -65.96 -9.09
CA TRP E 585 -10.06 -65.99 -8.71
C TRP E 585 -10.99 -66.15 -9.90
N GLY E 586 -10.43 -66.15 -11.11
CA GLY E 586 -11.23 -66.31 -12.30
C GLY E 586 -11.26 -65.06 -13.15
N GLY E 587 -11.21 -65.25 -14.46
CA GLY E 587 -11.27 -64.13 -15.38
C GLY E 587 -12.66 -63.53 -15.43
N VAL E 588 -12.74 -62.27 -15.84
CA VAL E 588 -13.99 -61.55 -15.94
C VAL E 588 -14.30 -61.25 -17.41
N LEU E 589 -13.24 -61.09 -18.20
CA LEU E 589 -13.39 -60.73 -19.62
C LEU E 589 -12.57 -61.65 -20.53
N ASP E 590 -13.06 -61.85 -21.76
CA ASP E 590 -12.26 -62.53 -22.77
C ASP E 590 -11.26 -61.54 -23.38
N HIS E 591 -10.50 -62.00 -24.38
CA HIS E 591 -9.47 -61.16 -24.98
C HIS E 591 -10.05 -60.03 -25.83
N ARG E 592 -11.38 -60.02 -26.01
CA ARG E 592 -12.03 -58.93 -26.70
C ARG E 592 -12.82 -58.07 -25.71
N SER E 593 -12.45 -58.21 -24.44
CA SER E 593 -12.97 -57.39 -23.34
C SER E 593 -14.47 -57.59 -23.09
N ASN E 594 -15.04 -58.66 -23.63
CA ASN E 594 -16.44 -59.00 -23.34
C ASN E 594 -16.59 -59.60 -21.95
N VAL E 595 -17.61 -59.16 -21.21
CA VAL E 595 -17.93 -59.80 -19.94
C VAL E 595 -18.51 -61.19 -20.20
N TYR E 596 -17.96 -62.21 -19.54
CA TYR E 596 -18.46 -63.57 -19.68
C TYR E 596 -19.93 -63.67 -19.25
N GLY E 597 -20.69 -64.52 -19.93
CA GLY E 597 -22.05 -64.80 -19.51
C GLY E 597 -23.12 -63.85 -20.03
N VAL E 598 -22.72 -62.90 -20.85
CA VAL E 598 -23.67 -61.94 -21.41
C VAL E 598 -23.17 -61.43 -22.76
N LYS E 599 -24.09 -60.93 -23.59
CA LYS E 599 -23.75 -60.39 -24.90
C LYS E 599 -23.89 -58.88 -24.92
N GLY E 600 -23.04 -58.22 -25.69
CA GLY E 600 -23.15 -56.78 -25.92
C GLY E 600 -22.66 -55.92 -24.78
N LEU E 601 -21.73 -56.45 -23.98
CA LEU E 601 -21.18 -55.71 -22.85
C LEU E 601 -19.66 -55.87 -22.76
N LYS E 602 -18.95 -54.76 -22.89
CA LYS E 602 -17.52 -54.74 -22.71
C LYS E 602 -17.13 -53.86 -21.52
N VAL E 603 -15.98 -54.16 -20.92
CA VAL E 603 -15.39 -53.26 -19.95
C VAL E 603 -14.16 -52.62 -20.57
N GLY E 604 -14.09 -51.29 -20.49
CA GLY E 604 -12.99 -50.54 -21.05
C GLY E 604 -12.46 -49.48 -20.10
N ASP E 605 -11.68 -49.92 -19.12
CA ASP E 605 -10.93 -49.02 -18.25
C ASP E 605 -9.79 -49.82 -17.62
N LEU E 606 -9.22 -49.31 -16.54
CA LEU E 606 -8.05 -49.96 -15.98
C LEU E 606 -8.34 -51.25 -15.21
N SER E 607 -9.62 -51.51 -14.92
CA SER E 607 -9.99 -52.75 -14.23
C SER E 607 -9.65 -53.98 -15.08
N VAL E 608 -9.44 -53.72 -16.37
CA VAL E 608 -9.17 -54.73 -17.39
C VAL E 608 -7.84 -55.48 -17.18
N CYS E 609 -6.82 -54.78 -16.68
CA CYS E 609 -5.46 -55.32 -16.62
C CYS E 609 -5.30 -56.47 -15.64
N PRO E 610 -4.91 -57.66 -16.15
CA PRO E 610 -4.73 -58.83 -15.28
C PRO E 610 -3.47 -58.74 -14.42
N ASP E 611 -2.47 -58.00 -14.90
CA ASP E 611 -1.24 -57.79 -14.16
C ASP E 611 -0.84 -56.34 -14.33
N ASN E 612 0.18 -55.89 -13.60
CA ASN E 612 0.49 -54.48 -13.51
C ASN E 612 1.32 -53.92 -14.68
N VAL E 613 1.48 -52.60 -14.69
CA VAL E 613 2.28 -51.92 -15.71
C VAL E 613 3.28 -51.00 -15.02
N GLY E 614 4.48 -50.91 -15.58
CA GLY E 614 5.54 -50.15 -14.95
C GLY E 614 5.51 -48.66 -15.25
N CYS E 615 4.37 -48.03 -14.98
CA CYS E 615 4.16 -46.64 -15.35
C CYS E 615 2.96 -45.99 -14.67
N ASN E 616 3.00 -44.67 -14.52
CA ASN E 616 1.78 -43.89 -14.26
C ASN E 616 0.78 -44.26 -15.36
N THR E 617 -0.48 -44.43 -14.99
CA THR E 617 -1.39 -45.22 -15.83
C THR E 617 -2.30 -44.48 -16.80
N TYR E 618 -2.04 -43.20 -17.07
CA TYR E 618 -2.86 -42.49 -18.06
C TYR E 618 -2.59 -43.05 -19.46
N THR E 619 -1.33 -43.34 -19.78
CA THR E 619 -1.02 -43.94 -21.08
C THR E 619 -1.75 -45.28 -21.23
N THR E 620 -1.81 -46.03 -20.13
CA THR E 620 -2.51 -47.31 -20.15
C THR E 620 -4.02 -47.11 -20.35
N ALA E 621 -4.59 -46.13 -19.67
CA ALA E 621 -6.00 -45.81 -19.81
C ALA E 621 -6.35 -45.41 -21.24
N LEU E 622 -5.50 -44.59 -21.85
CA LEU E 622 -5.72 -44.14 -23.22
C LEU E 622 -5.60 -45.32 -24.18
N LEU E 623 -4.60 -46.16 -23.95
CA LEU E 623 -4.36 -47.33 -24.79
C LEU E 623 -5.52 -48.29 -24.73
N ILE E 624 -6.00 -48.56 -23.52
CA ILE E 624 -7.16 -49.41 -23.32
C ILE E 624 -8.37 -48.80 -24.05
N GLY E 625 -8.46 -47.47 -24.00
CA GLY E 625 -9.52 -46.75 -24.68
C GLY E 625 -9.49 -46.93 -26.19
N GLU E 626 -8.32 -46.70 -26.80
CA GLU E 626 -8.16 -46.87 -28.24
C GLU E 626 -8.43 -48.32 -28.65
N LYS E 627 -7.95 -49.25 -27.84
CA LYS E 627 -8.13 -50.67 -28.12
C LYS E 627 -9.60 -51.10 -28.02
N THR E 628 -10.26 -50.67 -26.95
CA THR E 628 -11.67 -51.01 -26.73
C THR E 628 -12.54 -50.44 -27.85
N ALA E 629 -12.24 -49.22 -28.29
CA ALA E 629 -13.01 -48.60 -29.37
C ALA E 629 -12.85 -49.42 -30.65
N THR E 630 -11.64 -49.87 -30.92
CA THR E 630 -11.37 -50.67 -32.10
C THR E 630 -12.11 -52.01 -32.02
N LEU E 631 -12.09 -52.62 -30.85
CA LEU E 631 -12.79 -53.90 -30.65
C LEU E 631 -14.29 -53.76 -30.93
N VAL E 632 -14.90 -52.70 -30.41
CA VAL E 632 -16.31 -52.44 -30.66
C VAL E 632 -16.58 -52.23 -32.15
N GLY E 633 -15.73 -51.43 -32.78
CA GLY E 633 -15.87 -51.13 -34.20
C GLY E 633 -15.83 -52.38 -35.06
N GLU E 634 -14.87 -53.26 -34.78
CA GLU E 634 -14.74 -54.52 -35.51
C GLU E 634 -15.98 -55.38 -35.30
N ASP E 635 -16.43 -55.46 -34.05
CA ASP E 635 -17.60 -56.25 -33.69
C ASP E 635 -18.86 -55.80 -34.43
N LEU E 636 -18.95 -54.49 -34.69
CA LEU E 636 -20.11 -53.94 -35.38
C LEU E 636 -19.95 -54.00 -36.89
N GLY E 637 -18.86 -54.62 -37.35
CA GLY E 637 -18.66 -54.87 -38.77
C GLY E 637 -17.88 -53.82 -39.54
N TYR E 638 -17.27 -52.88 -38.83
CA TYR E 638 -16.48 -51.84 -39.50
C TYR E 638 -15.05 -52.32 -39.73
N SER E 639 -14.39 -51.73 -40.73
CA SER E 639 -13.02 -52.13 -41.06
C SER E 639 -12.28 -51.01 -41.78
N GLY E 640 -10.96 -51.19 -41.94
CA GLY E 640 -10.13 -50.26 -42.67
C GLY E 640 -10.09 -48.86 -42.10
N GLU E 641 -10.24 -47.85 -42.95
CA GLU E 641 -10.10 -46.47 -42.51
C GLU E 641 -11.24 -46.04 -41.59
N ALA E 642 -12.32 -46.81 -41.56
CA ALA E 642 -13.42 -46.51 -40.67
C ALA E 642 -12.97 -46.65 -39.21
N LEU E 643 -12.01 -47.53 -38.99
CA LEU E 643 -11.48 -47.78 -37.64
C LEU E 643 -10.49 -46.71 -37.19
N ASP E 644 -10.20 -45.75 -38.07
CA ASP E 644 -9.34 -44.63 -37.69
C ASP E 644 -10.00 -43.83 -36.58
N MET E 645 -11.30 -43.57 -36.74
CA MET E 645 -12.10 -42.83 -35.76
C MET E 645 -11.43 -41.52 -35.36
N THR E 646 -10.92 -40.81 -36.35
CA THR E 646 -10.25 -39.54 -36.14
C THR E 646 -11.22 -38.52 -35.56
N VAL E 647 -10.82 -37.87 -34.47
CA VAL E 647 -11.61 -36.84 -33.84
C VAL E 647 -11.23 -35.47 -34.40
N PRO E 648 -12.16 -34.52 -34.39
CA PRO E 648 -11.85 -33.16 -34.84
C PRO E 648 -10.69 -32.56 -34.12
N GLN E 649 -9.82 -31.92 -34.89
CA GLN E 649 -8.61 -31.39 -34.29
C GLN E 649 -7.95 -30.39 -35.31
N PHE E 650 -7.51 -29.22 -34.84
CA PHE E 650 -6.66 -28.35 -35.68
C PHE E 650 -5.20 -28.54 -35.30
N LYS E 651 -4.44 -29.20 -36.17
CA LYS E 651 -3.05 -29.53 -35.88
C LYS E 651 -2.14 -28.33 -36.11
N LEU E 652 -1.21 -28.09 -35.18
CA LEU E 652 -0.32 -26.95 -35.28
C LEU E 652 1.12 -27.35 -35.62
N GLY E 653 1.43 -28.64 -35.48
CA GLY E 653 2.76 -29.15 -35.80
C GLY E 653 3.87 -28.51 -34.98
N THR E 654 5.02 -28.29 -35.60
CA THR E 654 6.10 -27.56 -34.95
C THR E 654 6.22 -26.16 -35.55
N TYR E 655 6.82 -25.24 -34.80
CA TYR E 655 6.88 -23.85 -35.21
C TYR E 655 7.60 -23.66 -36.54
N GLU E 656 8.75 -24.31 -36.70
CA GLU E 656 9.56 -24.09 -37.89
C GLU E 656 8.91 -24.65 -39.15
N LYS E 657 7.96 -25.57 -39.00
CA LYS E 657 7.24 -26.12 -40.14
C LYS E 657 6.01 -25.30 -40.51
N THR E 658 5.21 -24.93 -39.50
CA THR E 658 3.91 -24.30 -39.76
C THR E 658 3.85 -22.82 -39.36
N GLY E 659 4.65 -22.44 -38.35
CA GLY E 659 4.61 -21.09 -37.84
C GLY E 659 3.41 -20.83 -36.95
N LEU E 660 2.64 -21.88 -36.67
CA LEU E 660 1.42 -21.76 -35.89
C LEU E 660 1.58 -22.23 -34.45
N ALA E 661 2.41 -23.25 -34.24
CA ALA E 661 2.70 -23.74 -32.91
C ALA E 661 3.52 -22.71 -32.15
N ARG E 662 3.58 -22.85 -30.83
CA ARG E 662 4.37 -21.97 -29.99
C ARG E 662 5.86 -22.14 -30.27
N PHE E 663 6.58 -21.03 -30.43
CA PHE E 663 8.02 -21.08 -30.62
C PHE E 663 8.74 -21.64 -29.37
N ALA F 2 -22.49 14.94 -46.64
CA ALA F 2 -23.72 15.43 -46.02
C ALA F 2 -24.82 14.38 -46.06
N ILE F 3 -25.73 14.45 -45.09
CA ILE F 3 -26.86 13.53 -45.04
C ILE F 3 -27.95 13.96 -46.02
N PRO F 4 -28.29 13.09 -46.98
CA PRO F 4 -29.32 13.42 -47.96
C PRO F 4 -30.68 13.70 -47.33
N GLU F 5 -31.51 14.48 -48.01
CA GLU F 5 -32.84 14.80 -47.50
C GLU F 5 -33.85 13.79 -48.01
N GLU F 6 -33.47 13.05 -49.05
CA GLU F 6 -34.35 12.05 -49.62
C GLU F 6 -33.64 10.70 -49.75
N PHE F 7 -34.31 9.65 -49.28
CA PHE F 7 -33.79 8.29 -49.39
C PHE F 7 -34.73 7.43 -50.20
N ASP F 8 -34.28 6.24 -50.57
CA ASP F 8 -35.18 5.25 -51.17
C ASP F 8 -35.95 4.55 -50.06
N ILE F 9 -35.23 4.13 -49.02
CA ILE F 9 -35.83 3.46 -47.88
C ILE F 9 -35.49 4.16 -46.58
N LEU F 10 -36.51 4.36 -45.75
CA LEU F 10 -36.35 5.02 -44.46
C LEU F 10 -36.75 4.06 -43.34
N VAL F 11 -35.83 3.81 -42.41
CA VAL F 11 -36.13 2.98 -41.24
C VAL F 11 -36.11 3.83 -39.98
N LEU F 12 -37.21 3.80 -39.24
CA LEU F 12 -37.40 4.67 -38.09
C LEU F 12 -37.23 3.91 -36.78
N GLY F 13 -36.14 4.18 -36.07
CA GLY F 13 -35.80 3.45 -34.87
C GLY F 13 -34.77 2.39 -35.20
N GLY F 14 -33.58 2.51 -34.62
CA GLY F 14 -32.50 1.58 -34.89
C GLY F 14 -32.28 0.58 -33.78
N GLY F 15 -33.36 -0.05 -33.35
CA GLY F 15 -33.28 -1.00 -32.26
C GLY F 15 -32.95 -2.41 -32.71
N SER F 16 -33.36 -3.39 -31.91
CA SER F 16 -33.10 -4.80 -32.20
C SER F 16 -33.62 -5.21 -33.58
N SER F 17 -34.85 -4.79 -33.90
CA SER F 17 -35.41 -5.05 -35.21
C SER F 17 -34.90 -4.04 -36.23
N GLY F 18 -34.97 -2.77 -35.87
CA GLY F 18 -34.64 -1.67 -36.77
C GLY F 18 -33.26 -1.72 -37.41
N SER F 19 -32.24 -1.96 -36.60
CA SER F 19 -30.89 -2.07 -37.13
C SER F 19 -30.76 -3.26 -38.06
N CYS F 20 -31.44 -4.35 -37.73
CA CYS F 20 -31.42 -5.54 -38.57
C CYS F 20 -32.06 -5.24 -39.91
N ILE F 21 -33.23 -4.60 -39.88
CA ILE F 21 -33.97 -4.27 -41.09
C ILE F 21 -33.17 -3.31 -41.99
N ALA F 22 -32.60 -2.27 -41.39
CA ALA F 22 -31.81 -1.29 -42.13
C ALA F 22 -30.58 -1.93 -42.78
N GLY F 23 -29.90 -2.79 -42.02
CA GLY F 23 -28.72 -3.46 -42.51
C GLY F 23 -29.01 -4.41 -43.65
N ARG F 24 -30.03 -5.24 -43.48
CA ARG F 24 -30.44 -6.17 -44.52
C ARG F 24 -30.83 -5.44 -45.80
N LEU F 25 -31.67 -4.41 -45.67
CA LEU F 25 -32.16 -3.67 -46.83
C LEU F 25 -31.06 -2.94 -47.58
N ALA F 26 -30.04 -2.47 -46.87
CA ALA F 26 -28.92 -1.80 -47.52
C ALA F 26 -28.12 -2.78 -48.37
N ASN F 27 -28.21 -4.06 -48.06
CA ASN F 27 -27.54 -5.10 -48.82
C ASN F 27 -28.46 -5.79 -49.83
N LEU F 28 -29.72 -5.37 -49.86
CA LEU F 28 -30.65 -5.84 -50.88
C LEU F 28 -30.18 -5.40 -52.26
N ASP F 29 -29.73 -4.15 -52.35
CA ASP F 29 -29.26 -3.56 -53.59
C ASP F 29 -28.54 -2.26 -53.23
N HIS F 30 -27.25 -2.20 -53.53
CA HIS F 30 -26.42 -1.11 -53.03
C HIS F 30 -26.58 0.19 -53.81
N SER F 31 -27.51 0.19 -54.77
CA SER F 31 -27.87 1.43 -55.43
C SER F 31 -29.04 2.09 -54.71
N LEU F 32 -29.64 1.35 -53.77
CA LEU F 32 -30.71 1.89 -52.93
C LEU F 32 -30.15 2.70 -51.76
N LYS F 33 -30.62 3.93 -51.62
CA LYS F 33 -30.24 4.79 -50.51
C LYS F 33 -31.08 4.47 -49.29
N VAL F 34 -30.45 4.02 -48.21
CA VAL F 34 -31.15 3.66 -46.98
C VAL F 34 -30.78 4.58 -45.82
N GLY F 35 -31.79 5.15 -45.18
CA GLY F 35 -31.58 6.03 -44.05
C GLY F 35 -32.13 5.44 -42.76
N LEU F 36 -31.29 5.38 -41.73
CA LEU F 36 -31.69 4.85 -40.44
C LEU F 36 -31.73 5.96 -39.39
N ILE F 37 -32.91 6.23 -38.86
CA ILE F 37 -33.08 7.31 -37.89
C ILE F 37 -33.24 6.76 -36.47
N GLU F 38 -32.43 7.26 -35.55
CA GLU F 38 -32.42 6.77 -34.17
C GLU F 38 -32.37 7.92 -33.16
N ALA F 39 -33.18 7.85 -32.11
CA ALA F 39 -33.26 8.90 -31.11
C ALA F 39 -32.07 8.90 -30.15
N GLY F 40 -31.55 7.71 -29.83
CA GLY F 40 -30.45 7.58 -28.90
C GLY F 40 -29.10 7.85 -29.55
N GLU F 41 -28.03 7.66 -28.79
CA GLU F 41 -26.68 7.88 -29.30
C GLU F 41 -26.19 6.72 -30.16
N ASN F 42 -25.24 7.02 -31.04
CA ASN F 42 -24.51 5.98 -31.77
C ASN F 42 -23.79 5.09 -30.75
N ASN F 43 -23.70 3.79 -31.03
CA ASN F 43 -23.08 2.86 -30.09
C ASN F 43 -21.78 2.26 -30.61
N LEU F 44 -21.31 2.76 -31.76
CA LEU F 44 -20.13 2.21 -32.42
C LEU F 44 -18.91 2.13 -31.49
N ASN F 45 -18.43 0.91 -31.29
CA ASN F 45 -17.24 0.65 -30.45
C ASN F 45 -17.30 1.28 -29.07
N ASN F 46 -18.50 1.39 -28.52
CA ASN F 46 -18.69 1.86 -27.15
C ASN F 46 -18.56 0.71 -26.15
N PRO F 47 -17.55 0.77 -25.28
CA PRO F 47 -17.32 -0.30 -24.30
C PRO F 47 -18.48 -0.47 -23.34
N TRP F 48 -19.22 0.61 -23.05
CA TRP F 48 -20.36 0.52 -22.17
C TRP F 48 -21.51 -0.22 -22.83
N VAL F 49 -21.35 -0.52 -24.12
CA VAL F 49 -22.29 -1.40 -24.80
C VAL F 49 -21.69 -2.81 -24.98
N TYR F 50 -20.46 -2.92 -25.47
CA TYR F 50 -19.98 -4.24 -25.90
C TYR F 50 -19.35 -5.10 -24.79
N LEU F 51 -19.08 -4.53 -23.63
CA LEU F 51 -18.63 -5.33 -22.49
C LEU F 51 -19.83 -5.92 -21.75
N PRO F 52 -20.00 -7.25 -21.79
CA PRO F 52 -21.19 -7.90 -21.22
C PRO F 52 -21.39 -7.65 -19.73
N GLY F 53 -20.35 -7.83 -18.93
CA GLY F 53 -20.48 -7.87 -17.49
C GLY F 53 -20.99 -6.63 -16.76
N ILE F 54 -21.02 -5.49 -17.45
CA ILE F 54 -21.44 -4.26 -16.80
C ILE F 54 -22.90 -3.92 -17.08
N TYR F 55 -23.63 -4.86 -17.68
CA TYR F 55 -25.00 -4.58 -18.13
C TYR F 55 -26.01 -4.02 -17.10
N PRO F 56 -25.88 -4.34 -15.79
CA PRO F 56 -26.91 -3.77 -14.90
C PRO F 56 -26.99 -2.23 -14.86
N ARG F 57 -25.91 -1.51 -15.15
CA ARG F 57 -25.92 -0.05 -14.99
C ARG F 57 -26.89 0.65 -15.95
N ASN F 58 -27.34 -0.05 -16.99
CA ASN F 58 -28.27 0.54 -17.94
C ASN F 58 -29.64 0.79 -17.32
N MET F 59 -29.92 0.15 -16.20
CA MET F 59 -31.22 0.30 -15.56
C MET F 59 -31.19 1.22 -14.34
N LYS F 60 -30.05 1.87 -14.10
CA LYS F 60 -30.00 2.96 -13.15
C LYS F 60 -30.93 4.06 -13.66
N LEU F 61 -31.68 4.69 -12.76
CA LEU F 61 -32.69 5.67 -13.17
C LEU F 61 -32.08 6.87 -13.91
N ASP F 62 -30.79 7.15 -13.68
CA ASP F 62 -30.14 8.26 -14.36
C ASP F 62 -29.36 7.80 -15.60
N SER F 63 -29.63 6.59 -16.06
CA SER F 63 -28.95 6.04 -17.23
C SER F 63 -29.23 6.86 -18.50
N LYS F 64 -28.21 7.00 -19.34
CA LYS F 64 -28.36 7.69 -20.62
C LYS F 64 -28.85 6.75 -21.70
N THR F 65 -28.81 5.45 -21.42
CA THR F 65 -29.06 4.46 -22.46
C THR F 65 -30.49 3.91 -22.42
N ALA F 66 -31.33 4.52 -21.59
CA ALA F 66 -32.71 4.07 -21.48
C ALA F 66 -33.67 5.23 -21.23
N SER F 67 -34.93 5.02 -21.61
CA SER F 67 -36.02 5.92 -21.22
C SER F 67 -36.86 5.24 -20.16
N PHE F 68 -37.37 6.00 -19.20
CA PHE F 68 -38.17 5.40 -18.12
C PHE F 68 -39.60 5.94 -18.15
N TYR F 69 -40.48 5.20 -18.82
CA TYR F 69 -41.89 5.59 -18.98
C TYR F 69 -42.71 5.33 -17.71
N THR F 70 -43.38 6.36 -17.23
CA THR F 70 -44.26 6.24 -16.09
C THR F 70 -45.65 5.78 -16.54
N SER F 71 -46.40 5.18 -15.62
CA SER F 71 -47.74 4.71 -15.94
C SER F 71 -48.72 5.14 -14.86
N ASN F 72 -50.01 4.94 -15.12
CA ASN F 72 -51.05 5.29 -14.16
C ASN F 72 -51.06 4.34 -12.97
N PRO F 73 -51.49 4.85 -11.80
CA PRO F 73 -51.60 3.98 -10.62
C PRO F 73 -52.57 2.83 -10.85
N SER F 74 -52.22 1.65 -10.35
CA SER F 74 -53.03 0.46 -10.57
C SER F 74 -53.36 -0.24 -9.25
N PRO F 75 -54.66 -0.51 -9.02
CA PRO F 75 -55.10 -1.24 -7.82
C PRO F 75 -54.60 -2.68 -7.82
N HIS F 76 -54.33 -3.20 -9.02
CA HIS F 76 -53.83 -4.57 -9.16
C HIS F 76 -52.38 -4.70 -8.72
N LEU F 77 -51.68 -3.57 -8.71
CA LEU F 77 -50.32 -3.49 -8.21
C LEU F 77 -50.30 -2.78 -6.86
N ASN F 78 -51.40 -2.90 -6.13
CA ASN F 78 -51.58 -2.25 -4.83
C ASN F 78 -51.23 -0.76 -4.83
N GLY F 79 -51.65 -0.07 -5.89
CA GLY F 79 -51.49 1.38 -5.96
C GLY F 79 -50.27 1.85 -6.74
N ARG F 80 -49.40 0.93 -7.11
CA ARG F 80 -48.14 1.29 -7.75
C ARG F 80 -48.33 1.92 -9.13
N ARG F 81 -47.51 2.92 -9.43
CA ARG F 81 -47.35 3.37 -10.79
C ARG F 81 -46.06 2.76 -11.34
N ALA F 82 -46.21 1.64 -12.05
CA ALA F 82 -45.08 0.88 -12.55
C ALA F 82 -44.23 1.70 -13.52
N ILE F 83 -42.92 1.58 -13.39
CA ILE F 83 -42.00 2.23 -14.31
C ILE F 83 -41.62 1.24 -15.40
N VAL F 84 -41.81 1.61 -16.65
CA VAL F 84 -41.49 0.74 -17.78
C VAL F 84 -40.33 1.29 -18.59
N PRO F 85 -39.13 0.74 -18.36
CA PRO F 85 -37.96 1.19 -19.10
C PRO F 85 -37.91 0.61 -20.50
N CYS F 86 -37.21 1.27 -21.40
CA CYS F 86 -36.87 0.71 -22.70
C CYS F 86 -35.63 1.40 -23.22
N ALA F 87 -35.01 0.83 -24.24
CA ALA F 87 -33.71 1.31 -24.68
C ALA F 87 -33.77 2.69 -25.32
N ASN F 88 -32.70 3.46 -25.11
CA ASN F 88 -32.53 4.77 -25.72
C ASN F 88 -31.10 4.89 -26.23
N VAL F 89 -30.81 4.15 -27.31
CA VAL F 89 -29.45 4.02 -27.83
C VAL F 89 -29.51 3.18 -29.11
N LEU F 90 -28.60 3.46 -30.04
CA LEU F 90 -28.53 2.66 -31.27
C LEU F 90 -28.31 1.20 -30.91
N GLY F 91 -29.03 0.31 -31.58
CA GLY F 91 -28.99 -1.10 -31.25
C GLY F 91 -30.20 -1.47 -30.40
N GLY F 92 -30.81 -0.46 -29.77
CA GLY F 92 -31.98 -0.66 -28.95
C GLY F 92 -31.71 -1.60 -27.81
N GLY F 93 -32.66 -2.48 -27.54
CA GLY F 93 -32.56 -3.42 -26.44
C GLY F 93 -31.30 -4.27 -26.53
N SER F 94 -30.88 -4.58 -27.74
CA SER F 94 -29.72 -5.46 -27.93
C SER F 94 -28.42 -4.82 -27.45
N SER F 95 -28.42 -3.51 -27.21
CA SER F 95 -27.24 -2.85 -26.69
C SER F 95 -27.16 -2.89 -25.17
N ILE F 96 -28.27 -3.21 -24.52
CA ILE F 96 -28.34 -3.10 -23.06
C ILE F 96 -29.05 -4.25 -22.36
N ASN F 97 -29.35 -5.34 -23.07
CA ASN F 97 -30.16 -6.41 -22.48
C ASN F 97 -29.37 -7.37 -21.57
N PHE F 98 -30.08 -8.33 -20.97
CA PHE F 98 -29.49 -9.33 -20.08
C PHE F 98 -28.70 -10.39 -20.86
N MET F 99 -28.77 -10.31 -22.18
CA MET F 99 -28.07 -11.23 -23.08
C MET F 99 -28.53 -12.68 -22.96
N MET F 100 -29.76 -12.91 -22.49
CA MET F 100 -30.33 -14.26 -22.48
C MET F 100 -30.85 -14.65 -23.87
N TYR F 101 -30.37 -15.78 -24.38
CA TYR F 101 -30.83 -16.32 -25.65
C TYR F 101 -31.96 -17.33 -25.43
N THR F 102 -33.13 -17.05 -26.01
CA THR F 102 -34.32 -17.87 -25.82
C THR F 102 -35.21 -17.83 -27.06
N ARG F 103 -35.65 -18.99 -27.53
CA ARG F 103 -36.60 -19.06 -28.64
C ARG F 103 -37.97 -19.46 -28.14
N GLY F 104 -39.01 -19.01 -28.86
CA GLY F 104 -40.38 -19.36 -28.53
C GLY F 104 -40.72 -20.78 -28.92
N SER F 105 -41.99 -21.15 -28.75
CA SER F 105 -42.47 -22.45 -29.17
C SER F 105 -43.05 -22.34 -30.57
N ALA F 106 -43.04 -23.45 -31.31
CA ALA F 106 -43.52 -23.48 -32.69
C ALA F 106 -44.95 -22.97 -32.82
N SER F 107 -45.79 -23.26 -31.82
CA SER F 107 -47.18 -22.86 -31.88
C SER F 107 -47.36 -21.35 -31.70
N ASP F 108 -46.39 -20.69 -31.09
CA ASP F 108 -46.47 -19.25 -30.83
C ASP F 108 -46.70 -18.47 -32.11
N TYR F 109 -45.91 -18.78 -33.13
CA TYR F 109 -45.97 -18.03 -34.37
C TYR F 109 -47.12 -18.52 -35.26
N ASP F 110 -47.45 -19.81 -35.16
CA ASP F 110 -48.65 -20.34 -35.80
C ASP F 110 -49.87 -19.60 -35.30
N ASP F 111 -49.88 -19.32 -34.00
CA ASP F 111 -51.04 -18.69 -33.36
C ASP F 111 -51.12 -17.19 -33.64
N PHE F 112 -50.24 -16.67 -34.48
CA PHE F 112 -50.38 -15.31 -34.97
C PHE F 112 -51.56 -15.24 -35.94
N GLN F 113 -51.93 -16.41 -36.47
CA GLN F 113 -53.04 -16.54 -37.42
C GLN F 113 -52.83 -15.62 -38.62
N ALA F 114 -51.60 -15.58 -39.13
CA ALA F 114 -51.26 -14.71 -40.24
C ALA F 114 -50.48 -15.47 -41.31
N GLU F 115 -50.88 -15.28 -42.56
CA GLU F 115 -50.24 -15.96 -43.68
C GLU F 115 -48.76 -15.59 -43.79
N GLY F 116 -47.91 -16.61 -43.84
CA GLY F 116 -46.48 -16.39 -44.00
C GLY F 116 -45.74 -16.22 -42.70
N TRP F 117 -46.47 -16.23 -41.58
CA TRP F 117 -45.86 -16.09 -40.26
C TRP F 117 -45.95 -17.37 -39.44
N LYS F 118 -46.12 -18.50 -40.11
CA LYS F 118 -46.11 -19.78 -39.42
C LYS F 118 -44.66 -20.22 -39.22
N THR F 119 -44.42 -21.05 -38.20
CA THR F 119 -43.07 -21.47 -37.85
C THR F 119 -42.39 -22.18 -39.02
N LYS F 120 -43.16 -22.93 -39.78
CA LYS F 120 -42.64 -23.62 -40.95
C LYS F 120 -42.09 -22.62 -41.98
N ASP F 121 -42.74 -21.47 -42.09
CA ASP F 121 -42.32 -20.42 -43.02
C ASP F 121 -41.12 -19.64 -42.48
N LEU F 122 -41.09 -19.45 -41.16
CA LEU F 122 -40.11 -18.56 -40.55
C LEU F 122 -38.81 -19.26 -40.15
N LEU F 123 -38.83 -20.59 -40.11
CA LEU F 123 -37.69 -21.36 -39.61
C LEU F 123 -36.36 -21.06 -40.34
N PRO F 124 -36.38 -20.95 -41.69
CA PRO F 124 -35.10 -20.59 -42.31
C PRO F 124 -34.64 -19.17 -41.94
N LEU F 125 -35.56 -18.28 -41.62
CA LEU F 125 -35.21 -16.93 -41.19
C LEU F 125 -34.66 -16.92 -39.77
N MET F 126 -35.10 -17.88 -38.95
CA MET F 126 -34.58 -18.03 -37.60
C MET F 126 -33.11 -18.42 -37.63
N LYS F 127 -32.78 -19.34 -38.54
CA LYS F 127 -31.43 -19.86 -38.65
C LYS F 127 -30.49 -18.83 -39.29
N LYS F 128 -31.06 -18.04 -40.20
CA LYS F 128 -30.34 -17.05 -40.96
C LYS F 128 -29.56 -16.05 -40.10
N THR F 129 -30.13 -15.69 -38.96
CA THR F 129 -29.59 -14.62 -38.12
C THR F 129 -28.35 -15.03 -37.33
N GLU F 130 -28.31 -16.27 -36.88
CA GLU F 130 -27.34 -16.68 -35.86
C GLU F 130 -26.13 -17.49 -36.35
N THR F 131 -25.03 -17.34 -35.63
CA THR F 131 -23.96 -18.32 -35.65
C THR F 131 -23.92 -18.98 -34.26
N TYR F 132 -24.25 -20.26 -34.22
CA TYR F 132 -24.47 -21.02 -32.99
C TYR F 132 -23.16 -21.60 -32.47
N GLN F 133 -22.48 -20.86 -31.59
CA GLN F 133 -21.13 -21.22 -31.17
C GLN F 133 -21.09 -22.16 -29.96
N ARG F 134 -21.70 -23.33 -30.11
CA ARG F 134 -21.64 -24.34 -29.06
C ARG F 134 -22.04 -25.71 -29.60
N ALA F 135 -21.94 -26.73 -28.76
CA ALA F 135 -22.26 -28.10 -29.16
C ALA F 135 -23.71 -28.22 -29.61
N CYS F 136 -23.96 -28.87 -30.73
CA CYS F 136 -25.32 -28.95 -31.25
C CYS F 136 -25.73 -30.35 -31.68
N ASN F 137 -26.73 -30.90 -30.98
CA ASN F 137 -27.27 -32.20 -31.33
C ASN F 137 -28.41 -32.11 -32.35
N ASN F 138 -28.87 -30.90 -32.62
CA ASN F 138 -29.96 -30.69 -33.59
C ASN F 138 -29.68 -29.54 -34.56
N PRO F 139 -28.60 -29.67 -35.36
CA PRO F 139 -28.17 -28.57 -36.22
C PRO F 139 -29.17 -28.17 -37.32
N ASP F 140 -30.18 -28.99 -37.56
CA ASP F 140 -31.16 -28.68 -38.61
C ASP F 140 -32.01 -27.47 -38.27
N ILE F 141 -32.12 -27.14 -36.97
CA ILE F 141 -32.91 -25.99 -36.57
C ILE F 141 -32.06 -24.87 -35.95
N HIS F 142 -30.78 -24.83 -36.29
CA HIS F 142 -29.91 -23.74 -35.85
C HIS F 142 -29.03 -23.25 -37.00
N GLY F 143 -28.57 -22.01 -36.89
CA GLY F 143 -27.74 -21.41 -37.92
C GLY F 143 -26.28 -21.35 -37.52
N PHE F 144 -25.39 -21.35 -38.51
CA PHE F 144 -23.97 -21.39 -38.24
C PHE F 144 -23.17 -20.42 -39.09
N GLU F 145 -23.88 -19.48 -39.74
CA GLU F 145 -23.22 -18.51 -40.60
C GLU F 145 -23.75 -17.08 -40.43
N GLY F 146 -24.76 -16.93 -39.58
CA GLY F 146 -25.38 -15.63 -39.36
C GLY F 146 -24.47 -14.64 -38.65
N PRO F 147 -24.74 -13.34 -38.83
CA PRO F 147 -23.92 -12.26 -38.25
C PRO F 147 -24.05 -12.09 -36.73
N ILE F 148 -25.11 -12.63 -36.13
CA ILE F 148 -25.26 -12.56 -34.68
C ILE F 148 -24.72 -13.83 -34.01
N LYS F 149 -23.64 -13.71 -33.26
CA LYS F 149 -23.01 -14.85 -32.62
C LYS F 149 -23.55 -15.11 -31.24
N VAL F 150 -23.89 -16.36 -30.95
CA VAL F 150 -24.42 -16.73 -29.64
C VAL F 150 -23.56 -17.82 -29.03
N SER F 151 -23.35 -17.76 -27.71
CA SER F 151 -22.44 -18.67 -27.03
C SER F 151 -22.68 -18.70 -25.52
N PHE F 152 -21.86 -19.50 -24.82
CA PHE F 152 -21.94 -19.56 -23.37
C PHE F 152 -21.01 -18.54 -22.74
N GLY F 153 -20.49 -17.62 -23.55
CA GLY F 153 -19.56 -16.63 -23.07
C GLY F 153 -18.22 -17.22 -22.70
N ASN F 154 -17.38 -16.43 -22.02
CA ASN F 154 -16.04 -16.88 -21.67
C ASN F 154 -15.85 -16.93 -20.16
N TYR F 155 -16.92 -17.28 -19.47
CA TYR F 155 -16.89 -17.51 -18.03
C TYR F 155 -18.22 -18.11 -17.59
N THR F 156 -18.15 -19.12 -16.73
CA THR F 156 -19.36 -19.73 -16.21
C THR F 156 -19.30 -19.81 -14.70
N TYR F 157 -20.21 -19.09 -14.04
CA TYR F 157 -20.38 -19.20 -12.61
C TYR F 157 -20.89 -20.58 -12.26
N PRO F 158 -20.32 -21.20 -11.21
CA PRO F 158 -20.64 -22.57 -10.78
C PRO F 158 -22.08 -22.81 -10.34
N VAL F 159 -22.93 -21.78 -10.33
CA VAL F 159 -24.35 -22.01 -10.03
C VAL F 159 -25.01 -22.87 -11.11
N CYS F 160 -24.35 -22.97 -12.25
CA CYS F 160 -24.90 -23.63 -13.44
C CYS F 160 -25.35 -25.06 -13.16
N GLN F 161 -24.41 -25.93 -12.84
CA GLN F 161 -24.72 -27.35 -12.67
C GLN F 161 -25.37 -27.62 -11.32
N ASP F 162 -25.10 -26.75 -10.34
CA ASP F 162 -25.76 -26.80 -9.05
C ASP F 162 -27.28 -26.64 -9.24
N PHE F 163 -27.67 -25.64 -10.03
CA PHE F 163 -29.07 -25.38 -10.35
C PHE F 163 -29.71 -26.57 -11.06
N LEU F 164 -28.99 -27.13 -12.02
CA LEU F 164 -29.52 -28.22 -12.82
C LEU F 164 -29.75 -29.49 -11.99
N ARG F 165 -28.86 -29.77 -11.06
CA ARG F 165 -29.05 -30.92 -10.18
C ARG F 165 -30.30 -30.70 -9.32
N ALA F 166 -30.45 -29.50 -8.78
CA ALA F 166 -31.58 -29.19 -7.92
C ALA F 166 -32.91 -29.27 -8.68
N SER F 167 -32.93 -28.71 -9.89
CA SER F 167 -34.17 -28.67 -10.67
C SER F 167 -34.56 -30.07 -11.14
N GLU F 168 -33.56 -30.92 -11.39
CA GLU F 168 -33.82 -32.30 -11.78
C GLU F 168 -34.57 -33.05 -10.67
N SER F 169 -34.18 -32.81 -9.43
CA SER F 169 -34.79 -33.48 -8.29
C SER F 169 -36.24 -33.06 -8.10
N GLN F 170 -36.65 -32.02 -8.84
CA GLN F 170 -38.03 -31.54 -8.78
C GLN F 170 -38.91 -32.03 -9.94
N GLY F 171 -38.35 -32.86 -10.80
CA GLY F 171 -39.09 -33.36 -11.95
C GLY F 171 -38.98 -32.46 -13.17
N ILE F 172 -37.98 -31.59 -13.18
CA ILE F 172 -37.71 -30.77 -14.35
C ILE F 172 -36.45 -31.29 -15.06
N PRO F 173 -36.64 -32.04 -16.15
CA PRO F 173 -35.54 -32.77 -16.79
C PRO F 173 -34.55 -31.87 -17.52
N TYR F 174 -33.25 -32.19 -17.40
CA TYR F 174 -32.23 -31.52 -18.18
C TYR F 174 -32.41 -31.84 -19.65
N VAL F 175 -32.24 -30.83 -20.51
CA VAL F 175 -32.20 -31.04 -21.95
C VAL F 175 -30.98 -30.35 -22.55
N ASP F 176 -30.51 -30.85 -23.68
CA ASP F 176 -29.36 -30.26 -24.35
C ASP F 176 -29.73 -28.92 -24.98
N ASP F 177 -31.02 -28.78 -25.32
CA ASP F 177 -31.52 -27.58 -25.99
C ASP F 177 -32.97 -27.32 -25.62
N LEU F 178 -33.20 -26.36 -24.73
CA LEU F 178 -34.55 -25.96 -24.35
C LEU F 178 -35.16 -25.02 -25.39
N GLU F 179 -34.37 -24.67 -26.38
CA GLU F 179 -34.82 -23.74 -27.42
C GLU F 179 -35.02 -24.48 -28.74
N ASP F 180 -35.65 -25.65 -28.67
CA ASP F 180 -35.84 -26.49 -29.83
C ASP F 180 -37.24 -26.35 -30.42
N LEU F 181 -37.91 -25.27 -30.02
CA LEU F 181 -39.25 -24.90 -30.51
C LEU F 181 -40.35 -25.89 -30.12
N VAL F 182 -40.03 -26.88 -29.29
CA VAL F 182 -41.01 -27.90 -28.94
C VAL F 182 -41.12 -28.17 -27.43
N THR F 183 -40.00 -28.06 -26.72
CA THR F 183 -39.99 -28.44 -25.30
C THR F 183 -40.53 -27.31 -24.42
N ALA F 184 -41.46 -27.65 -23.53
CA ALA F 184 -42.11 -26.66 -22.68
C ALA F 184 -41.89 -26.91 -21.20
N HIS F 185 -41.26 -28.04 -20.87
CA HIS F 185 -40.97 -28.39 -19.49
C HIS F 185 -39.58 -29.00 -19.39
N GLY F 186 -38.59 -28.18 -19.00
CA GLY F 186 -37.22 -28.64 -18.93
C GLY F 186 -36.26 -27.61 -18.37
N ALA F 187 -35.00 -28.02 -18.21
CA ALA F 187 -33.96 -27.13 -17.68
C ALA F 187 -32.72 -27.20 -18.56
N GLU F 188 -31.99 -26.10 -18.63
CA GLU F 188 -30.79 -26.06 -19.48
C GLU F 188 -29.75 -25.06 -19.01
N HIS F 189 -28.53 -25.29 -19.47
CA HIS F 189 -27.44 -24.32 -19.45
C HIS F 189 -27.83 -23.18 -20.39
N TRP F 190 -27.94 -21.95 -19.90
CA TRP F 190 -28.55 -20.89 -20.71
C TRP F 190 -27.60 -20.12 -21.60
N LEU F 191 -27.94 -20.06 -22.89
CA LEU F 191 -27.12 -19.39 -23.90
C LEU F 191 -27.12 -17.88 -23.77
N LYS F 192 -26.13 -17.23 -24.38
CA LYS F 192 -26.00 -15.78 -24.27
C LYS F 192 -25.83 -15.11 -25.64
N TRP F 193 -26.29 -13.86 -25.75
CA TRP F 193 -26.01 -13.05 -26.92
C TRP F 193 -24.60 -12.48 -26.82
N ILE F 194 -23.62 -13.38 -26.83
CA ILE F 194 -22.22 -13.01 -26.69
C ILE F 194 -21.38 -13.79 -27.71
N ASN F 195 -20.51 -13.08 -28.42
CA ASN F 195 -19.54 -13.72 -29.29
C ASN F 195 -18.36 -14.22 -28.46
N ARG F 196 -18.19 -15.52 -28.36
CA ARG F 196 -17.13 -16.07 -27.52
C ARG F 196 -15.75 -15.81 -28.12
N ASP F 197 -15.68 -15.59 -29.42
CA ASP F 197 -14.40 -15.30 -30.06
C ASP F 197 -13.81 -14.01 -29.54
N THR F 198 -14.65 -12.99 -29.39
CA THR F 198 -14.19 -11.67 -28.96
C THR F 198 -14.48 -11.36 -27.49
N GLY F 199 -15.38 -12.12 -26.88
CA GLY F 199 -15.80 -11.84 -25.51
C GLY F 199 -16.70 -10.61 -25.44
N ARG F 200 -17.29 -10.24 -26.58
CA ARG F 200 -18.14 -9.05 -26.66
C ARG F 200 -19.62 -9.39 -26.81
N ARG F 201 -20.46 -8.48 -26.33
CA ARG F 201 -21.90 -8.55 -26.56
C ARG F 201 -22.22 -8.52 -28.07
N SER F 202 -23.22 -9.30 -28.47
CA SER F 202 -23.72 -9.27 -29.84
C SER F 202 -24.96 -8.37 -29.92
N ASP F 203 -24.86 -7.28 -30.68
CA ASP F 203 -26.01 -6.38 -30.85
C ASP F 203 -26.31 -6.16 -32.34
N SER F 204 -27.53 -5.72 -32.63
CA SER F 204 -27.98 -5.55 -34.00
C SER F 204 -27.22 -4.48 -34.77
N ALA F 205 -26.81 -3.42 -34.08
CA ALA F 205 -26.13 -2.31 -34.74
C ALA F 205 -24.77 -2.75 -35.29
N HIS F 206 -23.95 -3.37 -34.45
CA HIS F 206 -22.62 -3.82 -34.89
C HIS F 206 -22.74 -4.92 -35.93
N ALA F 207 -23.69 -5.83 -35.73
CA ALA F 207 -23.83 -6.96 -36.62
C ALA F 207 -24.33 -6.56 -38.02
N PHE F 208 -25.31 -5.66 -38.07
CA PHE F 208 -25.99 -5.36 -39.33
C PHE F 208 -25.67 -3.97 -39.91
N VAL F 209 -25.45 -2.99 -39.04
CA VAL F 209 -25.30 -1.61 -39.49
C VAL F 209 -23.85 -1.18 -39.66
N HIS F 210 -23.06 -1.27 -38.59
CA HIS F 210 -21.68 -0.81 -38.61
C HIS F 210 -20.82 -1.65 -39.57
N SER F 211 -21.11 -2.94 -39.64
CA SER F 211 -20.44 -3.82 -40.59
C SER F 211 -20.69 -3.39 -42.03
N THR F 212 -21.95 -3.09 -42.33
CA THR F 212 -22.36 -2.64 -43.65
C THR F 212 -21.73 -1.29 -44.02
N MET F 213 -21.82 -0.34 -43.10
CA MET F 213 -21.34 1.02 -43.34
C MET F 213 -19.83 1.06 -43.53
N ARG F 214 -19.14 0.04 -43.02
CA ARG F 214 -17.68 0.02 -43.03
C ARG F 214 -17.23 -0.50 -44.41
N ASN F 215 -18.16 -1.03 -45.20
CA ASN F 215 -17.82 -1.74 -46.43
C ASN F 215 -18.65 -1.33 -47.64
N HIS F 216 -19.63 -0.49 -47.39
CA HIS F 216 -20.53 -0.03 -48.45
C HIS F 216 -20.89 1.42 -48.20
N ASP F 217 -21.50 2.10 -49.17
CA ASP F 217 -21.72 3.52 -49.07
C ASP F 217 -23.20 3.93 -49.05
N ASN F 218 -24.10 2.97 -49.24
CA ASN F 218 -25.51 3.33 -49.43
C ASN F 218 -26.35 3.35 -48.15
N LEU F 219 -25.72 3.11 -47.01
CA LEU F 219 -26.42 3.16 -45.73
C LEU F 219 -26.01 4.38 -44.91
N TYR F 220 -26.99 5.19 -44.51
CA TYR F 220 -26.74 6.41 -43.77
C TYR F 220 -27.28 6.31 -42.35
N LEU F 221 -26.51 6.81 -41.39
CA LEU F 221 -26.86 6.72 -39.98
C LEU F 221 -27.18 8.10 -39.38
N ILE F 222 -28.38 8.23 -38.83
CA ILE F 222 -28.86 9.49 -38.27
C ILE F 222 -29.32 9.33 -36.82
N CYS F 223 -28.39 9.52 -35.89
CA CYS F 223 -28.68 9.34 -34.47
C CYS F 223 -29.06 10.65 -33.78
N ASN F 224 -29.38 10.55 -32.49
CA ASN F 224 -29.77 11.69 -31.66
C ASN F 224 -30.94 12.46 -32.27
N THR F 225 -31.80 11.73 -32.98
CA THR F 225 -32.87 12.34 -33.76
C THR F 225 -34.19 11.62 -33.49
N LYS F 226 -35.16 12.33 -32.93
CA LYS F 226 -36.43 11.71 -32.57
C LYS F 226 -37.51 11.90 -33.63
N VAL F 227 -38.15 10.79 -34.01
CA VAL F 227 -39.22 10.82 -34.99
C VAL F 227 -40.52 11.36 -34.39
N ASP F 228 -41.00 12.45 -34.97
CA ASP F 228 -42.25 13.08 -34.53
C ASP F 228 -43.45 12.38 -35.16
N LYS F 229 -43.62 12.55 -36.47
CA LYS F 229 -44.76 11.96 -37.16
C LYS F 229 -44.42 11.61 -38.60
N ILE F 230 -45.27 10.77 -39.20
CA ILE F 230 -45.12 10.38 -40.60
C ILE F 230 -46.09 11.18 -41.46
N ILE F 231 -45.57 11.80 -42.52
CA ILE F 231 -46.36 12.65 -43.39
C ILE F 231 -46.89 11.89 -44.61
N VAL F 232 -48.21 11.97 -44.81
CA VAL F 232 -48.85 11.27 -45.91
C VAL F 232 -49.23 12.21 -47.05
N GLU F 233 -48.84 11.83 -48.27
CA GLU F 233 -49.16 12.59 -49.47
C GLU F 233 -49.82 11.68 -50.50
N ASP F 234 -51.09 11.95 -50.82
CA ASP F 234 -51.88 11.16 -51.75
C ASP F 234 -51.93 9.68 -51.36
N GLY F 235 -52.23 9.43 -50.08
CA GLY F 235 -52.37 8.07 -49.58
C GLY F 235 -51.07 7.29 -49.51
N ARG F 236 -49.95 7.98 -49.64
CA ARG F 236 -48.64 7.33 -49.55
C ARG F 236 -47.79 7.96 -48.44
N ALA F 237 -47.16 7.11 -47.64
CA ALA F 237 -46.22 7.57 -46.62
C ALA F 237 -44.99 8.13 -47.31
N ALA F 238 -44.86 9.46 -47.29
CA ALA F 238 -43.89 10.12 -48.15
C ALA F 238 -42.72 10.73 -47.39
N ALA F 239 -42.97 11.17 -46.16
CA ALA F 239 -41.94 11.87 -45.41
C ALA F 239 -42.07 11.67 -43.91
N VAL F 240 -40.99 12.02 -43.20
CA VAL F 240 -40.97 11.94 -41.76
C VAL F 240 -40.50 13.27 -41.18
N ARG F 241 -41.21 13.78 -40.19
CA ARG F 241 -40.79 14.97 -39.47
C ARG F 241 -40.03 14.54 -38.22
N THR F 242 -38.83 15.09 -38.02
CA THR F 242 -38.04 14.75 -36.84
C THR F 242 -37.67 16.00 -36.06
N VAL F 243 -37.38 15.81 -34.77
CA VAL F 243 -36.89 16.86 -33.90
C VAL F 243 -35.64 16.34 -33.17
N PRO F 244 -34.80 17.25 -32.65
CA PRO F 244 -33.66 16.75 -31.88
C PRO F 244 -34.12 16.00 -30.63
N SER F 245 -33.35 15.01 -30.19
CA SER F 245 -33.75 14.26 -29.00
C SER F 245 -33.60 15.12 -27.75
N LYS F 246 -32.75 16.15 -27.83
CA LYS F 246 -32.59 17.10 -26.73
C LYS F 246 -32.96 18.51 -27.19
N PRO F 247 -34.08 19.06 -26.67
CA PRO F 247 -34.50 20.41 -27.02
C PRO F 247 -33.65 21.48 -26.32
N LEU F 248 -32.55 21.86 -26.96
CA LEU F 248 -31.57 22.74 -26.33
C LEU F 248 -31.70 24.22 -26.74
N ASN F 249 -32.72 24.52 -27.55
CA ASN F 249 -32.92 25.89 -28.01
C ASN F 249 -34.40 26.26 -28.10
N PRO F 250 -35.04 26.52 -26.95
CA PRO F 250 -36.48 26.74 -26.86
C PRO F 250 -36.91 28.03 -27.55
N LYS F 251 -35.99 28.98 -27.67
CA LYS F 251 -36.28 30.27 -28.28
C LYS F 251 -36.60 30.11 -29.77
N LYS F 252 -36.02 29.09 -30.39
CA LYS F 252 -36.29 28.80 -31.79
C LYS F 252 -36.08 27.30 -32.06
N PRO F 253 -37.10 26.48 -31.74
CA PRO F 253 -37.04 25.02 -31.93
C PRO F 253 -36.82 24.64 -33.38
N SER F 254 -36.04 23.59 -33.62
CA SER F 254 -35.75 23.16 -34.99
C SER F 254 -36.43 21.83 -35.30
N HIS F 255 -36.50 21.51 -36.59
CA HIS F 255 -37.03 20.24 -37.05
C HIS F 255 -36.49 19.93 -38.42
N LYS F 256 -36.49 18.66 -38.79
CA LYS F 256 -36.05 18.25 -40.12
C LYS F 256 -37.09 17.37 -40.77
N ILE F 257 -37.12 17.38 -42.10
CA ILE F 257 -37.99 16.50 -42.85
C ILE F 257 -37.18 15.62 -43.76
N TYR F 258 -37.38 14.32 -43.66
CA TYR F 258 -36.72 13.35 -44.52
C TYR F 258 -37.76 12.66 -45.40
N ARG F 259 -37.45 12.50 -46.68
CA ARG F 259 -38.40 11.90 -47.61
C ARG F 259 -37.96 10.50 -48.02
N ALA F 260 -38.94 9.66 -48.34
CA ALA F 260 -38.67 8.31 -48.83
C ALA F 260 -39.35 8.09 -50.17
N ARG F 261 -38.59 7.57 -51.13
CA ARG F 261 -39.13 7.30 -52.46
C ARG F 261 -39.90 5.98 -52.49
N LYS F 262 -39.32 4.93 -51.91
CA LYS F 262 -39.87 3.59 -52.09
C LYS F 262 -40.55 2.98 -50.86
N GLN F 263 -39.99 3.19 -49.67
CA GLN F 263 -40.49 2.50 -48.49
C GLN F 263 -40.13 3.19 -47.17
N ILE F 264 -41.08 3.20 -46.25
CA ILE F 264 -40.83 3.59 -44.87
C ILE F 264 -41.13 2.43 -43.94
N VAL F 265 -40.20 2.12 -43.03
CA VAL F 265 -40.43 1.10 -42.02
C VAL F 265 -40.36 1.71 -40.62
N LEU F 266 -41.42 1.50 -39.84
CA LEU F 266 -41.48 2.02 -38.48
C LEU F 266 -41.05 0.93 -37.49
N SER F 267 -39.97 1.20 -36.75
CA SER F 267 -39.41 0.25 -35.81
C SER F 267 -39.01 0.92 -34.50
N CYS F 268 -39.90 1.75 -33.97
CA CYS F 268 -39.58 2.48 -32.75
C CYS F 268 -39.90 1.71 -31.47
N GLY F 269 -40.31 0.46 -31.62
CA GLY F 269 -40.59 -0.38 -30.46
C GLY F 269 -42.04 -0.31 -30.03
N THR F 270 -42.44 -1.27 -29.20
CA THR F 270 -43.82 -1.42 -28.77
C THR F 270 -44.40 -0.19 -28.10
N ILE F 271 -43.61 0.47 -27.27
CA ILE F 271 -44.07 1.67 -26.57
C ILE F 271 -44.16 2.89 -27.48
N SER F 272 -43.20 3.04 -28.39
CA SER F 272 -43.06 4.29 -29.13
C SER F 272 -43.71 4.30 -30.51
N SER F 273 -43.69 3.17 -31.21
CA SER F 273 -44.32 3.09 -32.53
C SER F 273 -45.80 3.54 -32.58
N PRO F 274 -46.63 3.14 -31.61
CA PRO F 274 -48.02 3.63 -31.69
C PRO F 274 -48.10 5.13 -31.49
N LEU F 275 -47.20 5.68 -30.67
CA LEU F 275 -47.17 7.11 -30.44
C LEU F 275 -46.87 7.86 -31.74
N VAL F 276 -45.96 7.31 -32.53
CA VAL F 276 -45.64 7.88 -33.83
C VAL F 276 -46.86 7.79 -34.76
N LEU F 277 -47.53 6.64 -34.78
CA LEU F 277 -48.70 6.47 -35.61
C LEU F 277 -49.83 7.41 -35.18
N GLN F 278 -50.05 7.51 -33.88
CA GLN F 278 -51.10 8.37 -33.35
C GLN F 278 -50.83 9.83 -33.67
N ARG F 279 -49.58 10.25 -33.56
CA ARG F 279 -49.21 11.63 -33.91
C ARG F 279 -49.37 11.87 -35.41
N SER F 280 -49.34 10.79 -36.19
CA SER F 280 -49.47 10.88 -37.65
C SER F 280 -50.93 10.84 -38.09
N GLY F 281 -51.84 10.67 -37.14
CA GLY F 281 -53.26 10.67 -37.42
C GLY F 281 -53.85 9.28 -37.59
N PHE F 282 -53.14 8.26 -37.14
CA PHE F 282 -53.64 6.89 -37.19
C PHE F 282 -54.12 6.45 -35.82
N GLY F 283 -55.43 6.23 -35.67
CA GLY F 283 -55.96 5.75 -34.41
C GLY F 283 -57.44 5.97 -34.22
N ASP F 284 -57.85 6.04 -32.96
CA ASP F 284 -59.23 6.33 -32.60
C ASP F 284 -59.47 7.84 -32.71
N PRO F 285 -60.34 8.25 -33.64
CA PRO F 285 -60.62 9.67 -33.94
C PRO F 285 -60.99 10.47 -32.70
N ILE F 286 -61.78 9.88 -31.80
CA ILE F 286 -62.19 10.57 -30.59
C ILE F 286 -60.99 10.84 -29.68
N LYS F 287 -60.16 9.82 -29.47
CA LYS F 287 -58.97 9.95 -28.66
C LYS F 287 -57.93 10.87 -29.31
N LEU F 288 -57.81 10.78 -30.63
CA LEU F 288 -56.85 11.61 -31.35
C LEU F 288 -57.20 13.08 -31.21
N ARG F 289 -58.48 13.41 -31.40
CA ARG F 289 -58.95 14.78 -31.26
C ARG F 289 -58.80 15.27 -29.82
N ALA F 290 -58.98 14.35 -28.87
CA ALA F 290 -58.81 14.67 -27.46
C ALA F 290 -57.35 15.00 -27.15
N ALA F 291 -56.46 14.55 -28.03
CA ALA F 291 -55.03 14.78 -27.85
C ALA F 291 -54.52 15.86 -28.81
N GLY F 292 -55.44 16.52 -29.51
CA GLY F 292 -55.09 17.65 -30.37
C GLY F 292 -54.57 17.28 -31.74
N VAL F 293 -54.82 16.04 -32.15
CA VAL F 293 -54.35 15.57 -33.46
C VAL F 293 -55.52 15.37 -34.42
N LYS F 294 -55.36 15.82 -35.66
CA LYS F 294 -56.39 15.63 -36.68
C LYS F 294 -56.36 14.21 -37.22
N PRO F 295 -57.48 13.48 -37.07
CA PRO F 295 -57.59 12.09 -37.55
C PRO F 295 -57.37 11.97 -39.05
N LEU F 296 -56.73 10.89 -39.48
CA LEU F 296 -56.48 10.63 -40.90
C LEU F 296 -57.00 9.25 -41.29
N VAL F 297 -56.68 8.26 -40.46
CA VAL F 297 -57.11 6.89 -40.71
C VAL F 297 -57.73 6.29 -39.44
N ASN F 298 -58.92 5.74 -39.58
CA ASN F 298 -59.64 5.16 -38.46
C ASN F 298 -59.09 3.78 -38.10
N LEU F 299 -58.20 3.74 -37.11
CA LEU F 299 -57.56 2.51 -36.67
C LEU F 299 -57.50 2.40 -35.15
N PRO F 300 -58.63 2.05 -34.52
CA PRO F 300 -58.73 2.01 -33.06
C PRO F 300 -57.77 1.01 -32.39
N GLY F 301 -57.13 0.16 -33.18
CA GLY F 301 -56.22 -0.84 -32.65
C GLY F 301 -54.84 -0.30 -32.25
N VAL F 302 -54.48 0.86 -32.78
CA VAL F 302 -53.19 1.48 -32.49
C VAL F 302 -53.05 1.85 -31.02
N GLY F 303 -52.14 1.16 -30.33
CA GLY F 303 -51.92 1.42 -28.92
C GLY F 303 -52.68 0.46 -28.03
N ARG F 304 -53.50 -0.39 -28.64
CA ARG F 304 -54.27 -1.39 -27.91
C ARG F 304 -53.55 -2.72 -27.91
N ASN F 305 -54.03 -3.66 -27.10
CA ASN F 305 -53.51 -5.02 -27.07
C ASN F 305 -52.06 -5.07 -26.57
N PHE F 306 -51.74 -4.17 -25.63
CA PHE F 306 -50.41 -4.11 -25.04
C PHE F 306 -50.15 -5.33 -24.18
N GLN F 307 -49.13 -6.10 -24.56
CA GLN F 307 -48.75 -7.29 -23.84
C GLN F 307 -47.30 -7.22 -23.38
N ASP F 308 -46.95 -8.09 -22.45
CA ASP F 308 -45.61 -8.13 -21.89
C ASP F 308 -45.44 -9.43 -21.14
N HIS F 309 -44.23 -9.69 -20.67
CA HIS F 309 -44.02 -10.74 -19.68
C HIS F 309 -43.90 -10.07 -18.33
N TYR F 310 -44.50 -10.68 -17.31
CA TYR F 310 -44.49 -10.05 -15.99
C TYR F 310 -43.47 -10.78 -15.12
N CYS F 311 -42.48 -10.04 -14.64
CA CYS F 311 -41.37 -10.68 -13.92
C CYS F 311 -41.27 -10.26 -12.45
N PHE F 312 -40.50 -11.01 -11.68
CA PHE F 312 -40.12 -10.60 -10.33
C PHE F 312 -38.84 -11.33 -9.91
N PHE F 313 -38.13 -10.73 -8.95
CA PHE F 313 -36.81 -11.22 -8.54
C PHE F 313 -36.84 -11.64 -7.08
N SER F 314 -36.23 -12.77 -6.78
CA SER F 314 -36.14 -13.26 -5.41
C SER F 314 -34.70 -13.65 -5.07
N PRO F 315 -34.02 -12.84 -4.25
CA PRO F 315 -32.59 -13.07 -3.97
C PRO F 315 -32.33 -14.03 -2.81
N TYR F 316 -31.22 -14.77 -2.92
CA TYR F 316 -30.83 -15.69 -1.87
C TYR F 316 -29.38 -15.47 -1.45
N ARG F 317 -29.11 -15.78 -0.19
CA ARG F 317 -27.78 -15.77 0.38
C ARG F 317 -26.97 -16.93 -0.22
N ILE F 318 -25.70 -16.70 -0.58
CA ILE F 318 -24.82 -17.82 -0.91
C ILE F 318 -23.69 -17.96 0.11
N LYS F 319 -23.12 -19.17 0.20
CA LYS F 319 -22.01 -19.42 1.13
C LYS F 319 -20.79 -18.58 0.75
N PRO F 320 -20.02 -18.14 1.75
CA PRO F 320 -18.92 -17.19 1.51
C PRO F 320 -17.84 -17.69 0.54
N GLN F 321 -17.73 -19.00 0.34
CA GLN F 321 -16.69 -19.53 -0.54
C GLN F 321 -17.07 -19.49 -2.02
N TYR F 322 -18.34 -19.25 -2.32
CA TYR F 322 -18.81 -19.28 -3.70
C TYR F 322 -18.74 -17.93 -4.39
N GLU F 323 -18.83 -17.92 -5.71
CA GLU F 323 -18.64 -16.70 -6.50
C GLU F 323 -19.94 -16.03 -6.87
N SER F 324 -19.87 -14.71 -7.03
CA SER F 324 -20.96 -13.90 -7.57
C SER F 324 -20.37 -12.62 -8.13
N PHE F 325 -21.18 -11.84 -8.84
CA PHE F 325 -20.67 -10.57 -9.37
C PHE F 325 -20.99 -9.38 -8.46
N ASP F 326 -21.38 -9.66 -7.22
CA ASP F 326 -21.87 -8.61 -6.32
C ASP F 326 -20.83 -7.52 -6.00
N ASP F 327 -19.62 -7.94 -5.61
CA ASP F 327 -18.56 -6.97 -5.30
C ASP F 327 -18.20 -6.13 -6.53
N PHE F 328 -18.17 -6.78 -7.69
CA PHE F 328 -17.92 -6.08 -8.94
C PHE F 328 -18.97 -5.00 -9.20
N VAL F 329 -20.25 -5.37 -9.10
CA VAL F 329 -21.34 -4.45 -9.34
C VAL F 329 -21.45 -3.38 -8.24
N ARG F 330 -21.03 -3.72 -7.03
CA ARG F 330 -21.05 -2.77 -5.92
C ARG F 330 -20.03 -1.65 -6.12
N GLY F 331 -18.92 -1.96 -6.79
CA GLY F 331 -17.92 -0.96 -7.10
C GLY F 331 -16.59 -1.16 -6.40
N ASP F 332 -16.26 -2.40 -6.05
CA ASP F 332 -14.97 -2.69 -5.43
C ASP F 332 -13.85 -2.47 -6.44
N ALA F 333 -12.92 -1.57 -6.10
CA ALA F 333 -11.92 -1.11 -7.06
C ALA F 333 -10.96 -2.22 -7.49
N GLU F 334 -10.44 -2.98 -6.53
CA GLU F 334 -9.46 -4.01 -6.85
C GLU F 334 -10.07 -5.15 -7.66
N ILE F 335 -11.29 -5.55 -7.32
CA ILE F 335 -11.95 -6.61 -8.05
C ILE F 335 -12.32 -6.15 -9.47
N GLN F 336 -12.79 -4.91 -9.62
CA GLN F 336 -13.07 -4.37 -10.95
C GLN F 336 -11.81 -4.32 -11.80
N LYS F 337 -10.70 -3.91 -11.19
CA LYS F 337 -9.42 -3.86 -11.88
C LYS F 337 -9.00 -5.24 -12.40
N ARG F 338 -9.13 -6.28 -11.58
CA ARG F 338 -8.69 -7.61 -11.99
C ARG F 338 -9.60 -8.19 -13.07
N VAL F 339 -10.89 -7.90 -12.98
CA VAL F 339 -11.85 -8.39 -13.96
C VAL F 339 -11.59 -7.76 -15.34
N PHE F 340 -11.36 -6.46 -15.37
CA PHE F 340 -11.05 -5.77 -16.62
C PHE F 340 -9.69 -6.21 -17.18
N ASP F 341 -8.70 -6.38 -16.29
CA ASP F 341 -7.37 -6.79 -16.72
C ASP F 341 -7.39 -8.14 -17.43
N GLN F 342 -8.16 -9.08 -16.91
CA GLN F 342 -8.26 -10.38 -17.56
C GLN F 342 -8.90 -10.24 -18.94
N TRP F 343 -9.93 -9.41 -19.05
CA TRP F 343 -10.60 -9.24 -20.34
C TRP F 343 -9.68 -8.59 -21.37
N TYR F 344 -8.92 -7.57 -20.94
CA TYR F 344 -7.94 -6.94 -21.83
C TYR F 344 -6.86 -7.94 -22.26
N ALA F 345 -6.53 -8.85 -21.37
CA ALA F 345 -5.46 -9.82 -21.63
C ALA F 345 -5.84 -10.80 -22.75
N ASN F 346 -7.04 -11.37 -22.65
CA ASN F 346 -7.45 -12.38 -23.61
C ASN F 346 -8.97 -12.57 -23.74
N GLY F 347 -9.75 -11.58 -23.34
CA GLY F 347 -11.19 -11.62 -23.54
C GLY F 347 -11.95 -12.67 -22.73
N THR F 348 -11.38 -13.11 -21.61
CA THR F 348 -12.05 -14.09 -20.75
C THR F 348 -12.27 -13.54 -19.33
N GLY F 349 -12.97 -14.30 -18.50
CA GLY F 349 -13.24 -13.86 -17.15
C GLY F 349 -14.65 -13.32 -16.99
N PRO F 350 -15.01 -12.94 -15.76
CA PRO F 350 -16.37 -12.51 -15.38
C PRO F 350 -16.96 -11.40 -16.27
N LEU F 351 -16.12 -10.61 -16.93
CA LEU F 351 -16.62 -9.53 -17.77
C LEU F 351 -17.28 -10.08 -19.05
N ALA F 352 -16.98 -11.33 -19.38
CA ALA F 352 -17.45 -11.92 -20.63
C ALA F 352 -18.62 -12.88 -20.41
N THR F 353 -19.44 -12.59 -19.40
CA THR F 353 -20.67 -13.34 -19.17
C THR F 353 -21.76 -12.45 -18.58
N ASN F 354 -22.98 -12.96 -18.53
CA ASN F 354 -24.07 -12.22 -17.90
C ASN F 354 -24.39 -12.76 -16.50
N GLY F 355 -23.77 -13.88 -16.17
CA GLY F 355 -23.97 -14.52 -14.87
C GLY F 355 -25.33 -15.20 -14.76
N ILE F 356 -26.05 -15.30 -15.87
CA ILE F 356 -27.33 -15.99 -15.91
C ILE F 356 -27.10 -17.35 -16.56
N GLU F 357 -26.78 -18.35 -15.75
CA GLU F 357 -26.13 -19.54 -16.28
C GLU F 357 -27.04 -20.73 -16.51
N ALA F 358 -28.18 -20.77 -15.83
CA ALA F 358 -29.09 -21.88 -15.99
C ALA F 358 -30.52 -21.43 -15.74
N GLY F 359 -31.47 -22.18 -16.29
CA GLY F 359 -32.86 -21.79 -16.18
C GLY F 359 -33.83 -22.89 -16.53
N VAL F 360 -35.10 -22.51 -16.62
CA VAL F 360 -36.16 -23.48 -16.65
C VAL F 360 -37.39 -22.97 -17.44
N LYS F 361 -38.02 -23.87 -18.20
CA LYS F 361 -39.37 -23.65 -18.71
C LYS F 361 -40.28 -24.68 -18.04
N ILE F 362 -41.42 -24.26 -17.49
CA ILE F 362 -42.25 -25.23 -16.77
C ILE F 362 -43.75 -25.12 -17.04
N ARG F 363 -44.40 -26.28 -16.95
CA ARG F 363 -45.86 -26.40 -16.97
C ARG F 363 -46.30 -27.10 -15.69
N PRO F 364 -47.49 -26.78 -15.20
CA PRO F 364 -47.97 -27.43 -13.97
C PRO F 364 -48.41 -28.87 -14.22
N THR F 365 -48.17 -29.74 -13.25
CA THR F 365 -48.76 -31.08 -13.28
C THR F 365 -50.25 -30.96 -12.97
N PRO F 366 -51.06 -31.96 -13.35
CA PRO F 366 -52.50 -31.90 -13.03
C PRO F 366 -52.79 -31.73 -11.54
N GLU F 367 -51.93 -32.27 -10.69
CA GLU F 367 -52.09 -32.11 -9.24
C GLU F 367 -51.84 -30.65 -8.82
N GLU F 368 -50.75 -30.08 -9.33
CA GLU F 368 -50.41 -28.68 -9.05
C GLU F 368 -51.52 -27.74 -9.49
N LEU F 369 -52.09 -28.02 -10.66
CA LEU F 369 -53.22 -27.26 -11.19
C LEU F 369 -54.41 -27.27 -10.24
N SER F 370 -54.69 -28.43 -9.65
CA SER F 370 -55.86 -28.60 -8.79
C SER F 370 -55.73 -27.80 -7.49
N GLN F 371 -54.54 -27.26 -7.23
CA GLN F 371 -54.28 -26.49 -6.02
C GLN F 371 -54.33 -24.98 -6.29
N MET F 372 -54.47 -24.61 -7.56
CA MET F 372 -54.45 -23.20 -7.95
C MET F 372 -55.85 -22.60 -8.05
N ASP F 373 -55.90 -21.28 -8.21
CA ASP F 373 -57.16 -20.56 -8.40
C ASP F 373 -58.02 -21.21 -9.47
N GLU F 374 -59.32 -21.24 -9.26
CA GLU F 374 -60.23 -21.81 -10.23
C GLU F 374 -60.15 -21.04 -11.54
N SER F 375 -59.96 -19.72 -11.44
CA SER F 375 -59.88 -18.87 -12.61
C SER F 375 -58.73 -19.27 -13.54
N PHE F 376 -57.57 -19.61 -12.97
CA PHE F 376 -56.45 -20.03 -13.81
C PHE F 376 -56.61 -21.47 -14.31
N GLN F 377 -57.26 -22.31 -13.50
CA GLN F 377 -57.56 -23.67 -13.94
C GLN F 377 -58.36 -23.64 -15.23
N GLU F 378 -59.31 -22.72 -15.29
CA GLU F 378 -60.14 -22.55 -16.48
C GLU F 378 -59.31 -21.94 -17.61
N GLY F 379 -58.46 -20.98 -17.27
CA GLY F 379 -57.59 -20.37 -18.25
C GLY F 379 -56.64 -21.36 -18.86
N TYR F 380 -56.20 -22.34 -18.06
CA TYR F 380 -55.30 -23.37 -18.54
C TYR F 380 -55.98 -24.26 -19.57
N ARG F 381 -57.23 -24.64 -19.31
CA ARG F 381 -58.00 -25.45 -20.25
C ARG F 381 -58.20 -24.72 -21.57
N GLU F 382 -58.50 -23.43 -21.49
CA GLU F 382 -58.77 -22.61 -22.67
C GLU F 382 -57.53 -22.38 -23.53
N TYR F 383 -56.38 -22.19 -22.90
CA TYR F 383 -55.20 -21.67 -23.58
C TYR F 383 -54.04 -22.66 -23.70
N PHE F 384 -53.83 -23.47 -22.67
CA PHE F 384 -52.62 -24.29 -22.60
C PHE F 384 -52.81 -25.79 -22.85
N GLU F 385 -53.96 -26.34 -22.45
CA GLU F 385 -54.14 -27.78 -22.42
C GLU F 385 -53.95 -28.46 -23.78
N ASP F 386 -54.43 -27.82 -24.85
CA ASP F 386 -54.28 -28.37 -26.19
C ASP F 386 -53.09 -27.75 -26.94
N LYS F 387 -52.24 -27.04 -26.20
CA LYS F 387 -51.01 -26.48 -26.74
C LYS F 387 -49.82 -26.96 -25.92
N PRO F 388 -49.47 -28.25 -26.06
CA PRO F 388 -48.48 -28.88 -25.18
C PRO F 388 -47.06 -28.30 -25.26
N ASP F 389 -46.79 -27.43 -26.23
CA ASP F 389 -45.43 -26.91 -26.39
C ASP F 389 -45.23 -25.53 -25.77
N LYS F 390 -46.30 -24.97 -25.20
CA LYS F 390 -46.21 -23.66 -24.55
C LYS F 390 -45.91 -23.78 -23.05
N PRO F 391 -44.83 -23.11 -22.59
CA PRO F 391 -44.52 -23.05 -21.15
C PRO F 391 -45.40 -22.04 -20.41
N VAL F 392 -45.66 -22.26 -19.13
CA VAL F 392 -46.46 -21.32 -18.35
C VAL F 392 -45.57 -20.30 -17.64
N MET F 393 -44.51 -20.77 -16.99
CA MET F 393 -43.58 -19.88 -16.31
C MET F 393 -42.15 -20.15 -16.73
N HIS F 394 -41.32 -19.11 -16.72
CA HIS F 394 -39.88 -19.27 -16.79
C HIS F 394 -39.23 -18.80 -15.50
N TYR F 395 -38.15 -19.46 -15.09
CA TYR F 395 -37.23 -18.81 -14.17
C TYR F 395 -35.81 -19.31 -14.33
N SER F 396 -34.87 -18.46 -13.94
CA SER F 396 -33.46 -18.72 -14.15
C SER F 396 -32.66 -18.21 -12.96
N ILE F 397 -31.42 -18.66 -12.84
CA ILE F 397 -30.58 -18.30 -11.70
C ILE F 397 -29.54 -17.27 -12.12
N ILE F 398 -29.48 -16.16 -11.40
CA ILE F 398 -28.49 -15.12 -11.65
C ILE F 398 -27.41 -15.18 -10.56
N ALA F 399 -26.15 -15.18 -10.98
CA ALA F 399 -25.02 -15.35 -10.05
C ALA F 399 -24.67 -14.05 -9.34
N GLY F 400 -25.65 -13.48 -8.65
CA GLY F 400 -25.49 -12.21 -7.98
C GLY F 400 -26.85 -11.62 -7.70
N PHE F 401 -26.88 -10.49 -6.99
CA PHE F 401 -28.13 -9.78 -6.82
C PHE F 401 -28.37 -8.82 -7.98
N PHE F 402 -29.48 -8.99 -8.67
CA PHE F 402 -29.90 -7.95 -9.62
C PHE F 402 -30.87 -7.00 -8.93
N GLY F 403 -30.45 -5.74 -8.84
CA GLY F 403 -31.21 -4.71 -8.14
C GLY F 403 -30.26 -3.70 -7.53
N ASP F 404 -30.79 -2.82 -6.67
CA ASP F 404 -29.97 -1.77 -6.08
C ASP F 404 -29.19 -2.29 -4.88
N HIS F 405 -27.87 -2.37 -5.02
CA HIS F 405 -27.02 -2.88 -3.94
C HIS F 405 -26.95 -1.95 -2.73
N THR F 406 -27.34 -0.68 -2.88
CA THR F 406 -27.35 0.22 -1.74
C THR F 406 -28.56 -0.03 -0.83
N LYS F 407 -29.45 -0.93 -1.25
CA LYS F 407 -30.67 -1.23 -0.49
C LYS F 407 -30.73 -2.68 -0.03
N ILE F 408 -29.61 -3.38 -0.08
CA ILE F 408 -29.54 -4.77 0.37
C ILE F 408 -28.27 -4.91 1.20
N PRO F 409 -28.24 -5.83 2.18
CA PRO F 409 -27.04 -5.93 3.02
C PRO F 409 -25.79 -6.32 2.25
N PRO F 410 -24.61 -6.11 2.84
CA PRO F 410 -23.38 -6.57 2.19
C PRO F 410 -23.35 -8.10 2.10
N GLY F 411 -22.42 -8.63 1.31
CA GLY F 411 -22.32 -10.06 1.13
C GLY F 411 -22.59 -10.47 -0.31
N LYS F 412 -22.68 -11.78 -0.54
CA LYS F 412 -22.85 -12.30 -1.89
C LYS F 412 -24.19 -13.02 -2.02
N TYR F 413 -24.75 -12.97 -3.22
CA TYR F 413 -26.11 -13.45 -3.45
C TYR F 413 -26.25 -14.24 -4.73
N MET F 414 -27.41 -14.88 -4.88
CA MET F 414 -27.87 -15.39 -6.16
C MET F 414 -29.34 -15.02 -6.25
N THR F 415 -29.82 -14.74 -7.47
CA THR F 415 -31.20 -14.28 -7.64
C THR F 415 -32.00 -15.19 -8.58
N MET F 416 -33.19 -15.57 -8.13
CA MET F 416 -34.16 -16.24 -9.00
C MET F 416 -34.93 -15.19 -9.81
N PHE F 417 -34.88 -15.34 -11.12
CA PHE F 417 -35.50 -14.38 -12.04
C PHE F 417 -36.67 -15.08 -12.75
N HIS F 418 -37.90 -14.73 -12.39
CA HIS F 418 -39.11 -15.39 -12.97
C HIS F 418 -39.86 -14.48 -13.93
N PHE F 419 -40.52 -15.05 -14.92
CA PHE F 419 -41.56 -14.27 -15.61
C PHE F 419 -42.66 -15.15 -16.22
N LEU F 420 -43.85 -14.55 -16.33
CA LEU F 420 -45.05 -15.21 -16.85
C LEU F 420 -45.03 -15.17 -18.37
N GLU F 421 -45.20 -16.33 -18.99
CA GLU F 421 -44.97 -16.50 -20.43
C GLU F 421 -46.10 -15.98 -21.33
N TYR F 422 -47.35 -16.26 -20.96
CA TYR F 422 -48.49 -15.82 -21.77
C TYR F 422 -49.58 -15.24 -20.88
N PRO F 423 -49.41 -13.99 -20.43
CA PRO F 423 -50.40 -13.37 -19.55
C PRO F 423 -51.75 -13.13 -20.26
N PHE F 424 -52.84 -13.19 -19.49
CA PHE F 424 -54.16 -12.91 -20.03
C PHE F 424 -54.46 -11.41 -19.95
N SER F 425 -53.77 -10.72 -19.05
CA SER F 425 -53.94 -9.28 -18.88
C SER F 425 -53.60 -8.53 -20.18
N ARG F 426 -54.22 -7.36 -20.34
CA ARG F 426 -53.97 -6.52 -21.51
C ARG F 426 -53.92 -5.06 -21.09
N GLY F 427 -53.11 -4.28 -21.78
CA GLY F 427 -53.01 -2.87 -21.49
C GLY F 427 -53.17 -2.01 -22.73
N SER F 428 -52.94 -0.71 -22.58
CA SER F 428 -53.06 0.22 -23.71
C SER F 428 -52.18 1.43 -23.49
N ILE F 429 -51.85 2.13 -24.58
CA ILE F 429 -51.06 3.35 -24.49
C ILE F 429 -51.54 4.36 -25.53
N HIS F 430 -51.49 5.64 -25.18
CA HIS F 430 -51.93 6.69 -26.09
C HIS F 430 -51.26 8.02 -25.79
N ILE F 431 -50.96 8.80 -26.84
CA ILE F 431 -50.37 10.11 -26.67
C ILE F 431 -51.28 11.05 -25.88
N THR F 432 -50.70 12.07 -25.26
CA THR F 432 -51.47 13.05 -24.49
C THR F 432 -51.59 14.37 -25.25
N SER F 433 -50.70 14.57 -26.22
CA SER F 433 -50.67 15.80 -27.01
C SER F 433 -49.87 15.55 -28.29
N PRO F 434 -49.84 16.52 -29.22
CA PRO F 434 -48.99 16.28 -30.40
C PRO F 434 -47.49 16.50 -30.14
N ASP F 435 -47.15 16.96 -28.95
CA ASP F 435 -45.75 17.16 -28.57
C ASP F 435 -45.01 15.81 -28.58
N PRO F 436 -44.00 15.67 -29.46
CA PRO F 436 -43.26 14.40 -29.55
C PRO F 436 -42.52 14.04 -28.26
N TYR F 437 -42.23 15.04 -27.43
CA TYR F 437 -41.53 14.84 -26.16
C TYR F 437 -42.47 14.44 -25.02
N ALA F 438 -43.76 14.64 -25.22
CA ALA F 438 -44.74 14.48 -24.14
C ALA F 438 -44.90 13.04 -23.70
N ALA F 439 -44.97 12.84 -22.38
CA ALA F 439 -45.20 11.54 -21.80
C ALA F 439 -46.60 11.04 -22.15
N PRO F 440 -46.69 9.79 -22.65
CA PRO F 440 -47.99 9.24 -23.03
C PRO F 440 -48.84 8.82 -21.83
N ASP F 441 -50.14 8.67 -22.07
CA ASP F 441 -51.05 8.07 -21.10
C ASP F 441 -50.87 6.56 -21.20
N PHE F 442 -50.38 5.95 -20.12
CA PHE F 442 -49.89 4.57 -20.17
C PHE F 442 -50.51 3.68 -19.11
N ASP F 443 -51.22 2.64 -19.56
CA ASP F 443 -51.67 1.59 -18.67
C ASP F 443 -51.19 0.24 -19.19
N PRO F 444 -50.06 -0.25 -18.66
CA PRO F 444 -49.45 -1.52 -19.07
C PRO F 444 -50.35 -2.71 -18.77
N GLY F 445 -51.23 -2.56 -17.78
CA GLY F 445 -52.21 -3.58 -17.46
C GLY F 445 -51.69 -4.76 -16.66
N PHE F 446 -50.51 -4.61 -16.06
CA PHE F 446 -49.89 -5.67 -15.29
C PHE F 446 -50.84 -6.25 -14.23
N MET F 447 -51.07 -7.56 -14.32
CA MET F 447 -51.86 -8.31 -13.34
C MET F 447 -53.34 -7.88 -13.21
N ASN F 448 -53.90 -7.21 -14.22
CA ASN F 448 -55.28 -6.76 -14.08
C ASN F 448 -56.29 -7.89 -14.35
N ASP F 449 -55.81 -8.98 -14.95
CA ASP F 449 -56.63 -10.17 -15.13
C ASP F 449 -56.35 -11.16 -13.99
N GLU F 450 -57.41 -11.69 -13.39
CA GLU F 450 -57.26 -12.53 -12.20
C GLU F 450 -56.57 -13.86 -12.47
N ARG F 451 -56.54 -14.27 -13.74
CA ARG F 451 -55.95 -15.54 -14.12
C ARG F 451 -54.42 -15.54 -14.04
N ASP F 452 -53.83 -14.37 -13.95
CA ASP F 452 -52.38 -14.25 -14.02
C ASP F 452 -51.68 -14.40 -12.67
N MET F 453 -52.44 -14.46 -11.58
CA MET F 453 -51.85 -14.50 -10.25
C MET F 453 -51.31 -15.88 -9.86
N ALA F 454 -52.10 -16.93 -10.07
CA ALA F 454 -51.73 -18.27 -9.64
C ALA F 454 -50.38 -18.79 -10.17
N PRO F 455 -50.08 -18.60 -11.48
CA PRO F 455 -48.79 -19.11 -11.95
C PRO F 455 -47.58 -18.45 -11.28
N MET F 456 -47.72 -17.16 -10.98
CA MET F 456 -46.64 -16.41 -10.34
C MET F 456 -46.37 -16.91 -8.93
N VAL F 457 -47.44 -17.13 -8.17
CA VAL F 457 -47.34 -17.70 -6.83
C VAL F 457 -46.68 -19.07 -6.88
N TRP F 458 -47.18 -19.90 -7.81
CA TRP F 458 -46.64 -21.21 -8.06
C TRP F 458 -45.13 -21.19 -8.33
N ALA F 459 -44.70 -20.27 -9.20
CA ALA F 459 -43.30 -20.14 -9.58
C ALA F 459 -42.40 -19.72 -8.41
N TYR F 460 -42.89 -18.84 -7.55
CA TYR F 460 -42.11 -18.44 -6.39
C TYR F 460 -41.81 -19.65 -5.50
N LYS F 461 -42.84 -20.46 -5.24
CA LYS F 461 -42.69 -21.64 -4.39
C LYS F 461 -41.72 -22.63 -5.02
N LYS F 462 -41.82 -22.78 -6.34
CA LYS F 462 -41.00 -23.73 -7.08
C LYS F 462 -39.52 -23.35 -7.05
N SER F 463 -39.22 -22.10 -7.41
CA SER F 463 -37.85 -21.61 -7.44
C SER F 463 -37.21 -21.58 -6.04
N ARG F 464 -38.02 -21.29 -5.03
CA ARG F 464 -37.54 -21.29 -3.66
C ARG F 464 -37.09 -22.69 -3.26
N GLU F 465 -37.85 -23.69 -3.69
CA GLU F 465 -37.51 -25.09 -3.44
C GLU F 465 -36.22 -25.45 -4.18
N THR F 466 -36.05 -24.94 -5.39
CA THR F 466 -34.84 -25.15 -6.17
C THR F 466 -33.65 -24.56 -5.42
N ALA F 467 -33.80 -23.32 -4.97
CA ALA F 467 -32.75 -22.60 -4.26
C ALA F 467 -32.29 -23.36 -3.01
N ARG F 468 -33.25 -23.88 -2.25
CA ARG F 468 -32.92 -24.53 -0.98
C ARG F 468 -32.27 -25.89 -1.19
N ARG F 469 -32.26 -26.38 -2.42
CA ARG F 469 -31.62 -27.65 -2.72
C ARG F 469 -30.29 -27.46 -3.45
N MET F 470 -29.82 -26.22 -3.56
CA MET F 470 -28.54 -25.93 -4.18
C MET F 470 -27.41 -25.85 -3.15
N ASP F 471 -26.22 -26.29 -3.53
CA ASP F 471 -25.05 -26.22 -2.64
C ASP F 471 -24.73 -24.79 -2.26
N HIS F 472 -25.00 -23.86 -3.18
CA HIS F 472 -24.73 -22.44 -2.96
C HIS F 472 -25.55 -21.86 -1.82
N PHE F 473 -26.74 -22.40 -1.60
CA PHE F 473 -27.71 -21.82 -0.67
C PHE F 473 -27.19 -21.61 0.75
N ALA F 474 -27.37 -20.42 1.28
CA ALA F 474 -26.98 -20.12 2.65
C ALA F 474 -28.01 -19.30 3.40
N GLY F 475 -29.16 -19.06 2.77
CA GLY F 475 -30.23 -18.32 3.43
C GLY F 475 -31.08 -17.47 2.51
N GLU F 476 -32.09 -16.83 3.11
CA GLU F 476 -33.08 -16.08 2.35
C GLU F 476 -33.12 -14.63 2.84
N VAL F 477 -33.07 -13.69 1.89
CA VAL F 477 -33.03 -12.26 2.21
C VAL F 477 -34.41 -11.76 2.58
N THR F 478 -34.68 -11.62 3.87
CA THR F 478 -36.04 -11.44 4.35
C THR F 478 -36.68 -10.17 3.80
N SER F 479 -35.91 -9.10 3.67
CA SER F 479 -36.45 -7.83 3.19
C SER F 479 -36.93 -7.88 1.74
N HIS F 480 -36.45 -8.88 1.00
CA HIS F 480 -36.74 -8.98 -0.43
C HIS F 480 -37.56 -10.23 -0.73
N HIS F 481 -38.20 -10.77 0.30
CA HIS F 481 -39.08 -11.92 0.16
C HIS F 481 -40.49 -11.54 0.60
N PRO F 482 -41.48 -12.40 0.31
CA PRO F 482 -42.84 -12.10 0.77
C PRO F 482 -42.91 -11.88 2.28
N LEU F 483 -43.77 -10.96 2.69
CA LEU F 483 -43.92 -10.61 4.09
C LEU F 483 -44.79 -11.62 4.82
N PHE F 484 -44.28 -12.85 4.97
CA PHE F 484 -44.97 -13.90 5.72
C PHE F 484 -45.26 -13.45 7.15
N PRO F 485 -46.30 -14.04 7.77
CA PRO F 485 -46.54 -13.81 9.19
C PRO F 485 -45.27 -14.14 9.97
N TYR F 486 -44.93 -13.33 10.97
CA TYR F 486 -43.61 -13.42 11.61
C TYR F 486 -43.25 -14.84 12.05
N SER F 487 -44.20 -15.56 12.63
CA SER F 487 -43.90 -16.87 13.19
C SER F 487 -44.34 -18.02 12.30
N SER F 488 -44.66 -17.72 11.05
CA SER F 488 -45.00 -18.76 10.09
C SER F 488 -43.80 -19.65 9.83
N GLU F 489 -44.07 -20.94 9.63
CA GLU F 489 -43.01 -21.88 9.30
C GLU F 489 -42.58 -21.74 7.84
N ALA F 490 -43.25 -20.85 7.12
CA ALA F 490 -42.91 -20.55 5.73
C ALA F 490 -42.06 -19.27 5.62
N ARG F 491 -41.78 -18.64 6.76
CA ARG F 491 -41.08 -17.36 6.75
C ARG F 491 -39.67 -17.48 6.17
N ALA F 492 -39.12 -16.35 5.72
CA ALA F 492 -37.76 -16.31 5.20
C ALA F 492 -36.75 -16.48 6.32
N LEU F 493 -35.78 -17.37 6.13
CA LEU F 493 -34.76 -17.62 7.13
C LEU F 493 -33.39 -17.18 6.61
N GLU F 494 -32.77 -16.24 7.36
CA GLU F 494 -31.49 -15.66 6.96
C GLU F 494 -30.33 -16.63 7.21
N MET F 495 -29.14 -16.21 6.77
CA MET F 495 -27.92 -16.96 7.05
C MET F 495 -27.70 -17.07 8.56
N ASP F 496 -27.04 -18.14 9.00
CA ASP F 496 -26.88 -18.37 10.43
C ASP F 496 -25.75 -17.55 11.04
N LEU F 497 -25.49 -17.77 12.32
CA LEU F 497 -24.49 -17.03 13.06
C LEU F 497 -23.10 -17.14 12.46
N GLU F 498 -22.65 -18.38 12.20
CA GLU F 498 -21.32 -18.61 11.65
C GLU F 498 -21.10 -17.91 10.31
N THR F 499 -22.10 -18.03 9.44
CA THR F 499 -22.01 -17.43 8.11
C THR F 499 -22.01 -15.91 8.21
N SER F 500 -22.80 -15.37 9.13
CA SER F 500 -22.85 -13.93 9.36
C SER F 500 -21.47 -13.41 9.79
N ASN F 501 -20.84 -14.15 10.69
CA ASN F 501 -19.51 -13.78 11.18
C ASN F 501 -18.46 -13.87 10.07
N ALA F 502 -18.63 -14.84 9.18
CA ALA F 502 -17.73 -14.98 8.04
C ALA F 502 -17.82 -13.76 7.15
N TYR F 503 -19.05 -13.34 6.84
CA TYR F 503 -19.24 -12.18 6.00
C TYR F 503 -18.88 -10.87 6.72
N GLY F 504 -19.09 -10.83 8.04
CA GLY F 504 -18.77 -9.66 8.82
C GLY F 504 -17.27 -9.43 8.96
N GLY F 505 -16.50 -10.50 8.89
CA GLY F 505 -15.06 -10.41 9.05
C GLY F 505 -14.62 -10.52 10.50
N PRO F 506 -13.31 -10.71 10.73
CA PRO F 506 -12.79 -10.98 12.08
C PRO F 506 -12.83 -9.78 13.01
N LEU F 507 -13.05 -8.58 12.50
CA LEU F 507 -13.08 -7.39 13.34
C LEU F 507 -14.49 -6.89 13.67
N ASN F 508 -15.52 -7.57 13.15
CA ASN F 508 -16.89 -7.10 13.34
C ASN F 508 -17.32 -7.09 14.81
N LEU F 509 -18.22 -6.18 15.15
CA LEU F 509 -18.67 -6.03 16.53
C LEU F 509 -20.18 -6.20 16.67
N SER F 510 -20.86 -6.62 15.61
CA SER F 510 -22.32 -6.75 15.68
C SER F 510 -22.91 -7.92 14.88
N ALA F 511 -22.07 -8.70 14.22
CA ALA F 511 -22.59 -9.88 13.51
C ALA F 511 -23.20 -10.85 14.51
N GLY F 512 -24.45 -11.24 14.26
CA GLY F 512 -25.16 -12.13 15.17
C GLY F 512 -25.73 -11.44 16.40
N LEU F 513 -25.74 -10.10 16.39
CA LEU F 513 -26.43 -9.33 17.42
C LEU F 513 -27.92 -9.35 17.09
N ALA F 514 -28.67 -10.23 17.74
CA ALA F 514 -30.05 -10.52 17.35
C ALA F 514 -31.07 -9.49 17.85
N HIS F 515 -30.71 -8.72 18.88
CA HIS F 515 -31.63 -7.77 19.51
C HIS F 515 -32.30 -6.83 18.50
N GLY F 516 -33.64 -6.88 18.48
CA GLY F 516 -34.43 -6.16 17.49
C GLY F 516 -35.31 -7.14 16.72
N SER F 517 -34.83 -8.39 16.61
CA SER F 517 -35.55 -9.48 15.98
C SER F 517 -35.92 -9.14 14.54
N TRP F 518 -34.97 -8.54 13.83
CA TRP F 518 -35.20 -8.17 12.43
C TRP F 518 -35.22 -9.38 11.51
N THR F 519 -34.46 -10.41 11.87
CA THR F 519 -34.39 -11.64 11.07
C THR F 519 -34.46 -12.87 11.97
N GLN F 520 -34.71 -14.02 11.36
CA GLN F 520 -34.62 -15.31 12.03
C GLN F 520 -33.65 -16.20 11.25
N PRO F 521 -32.83 -16.99 11.97
CA PRO F 521 -31.74 -17.76 11.36
C PRO F 521 -32.17 -19.11 10.80
N LEU F 522 -31.51 -19.49 9.71
CA LEU F 522 -31.60 -20.82 9.14
C LEU F 522 -31.08 -21.87 10.13
N LYS F 523 -31.77 -22.99 10.25
CA LYS F 523 -31.33 -24.08 11.14
C LYS F 523 -30.36 -24.99 10.38
N LYS F 524 -29.59 -25.79 11.13
CA LYS F 524 -28.67 -26.72 10.51
C LYS F 524 -29.41 -27.75 9.66
N PRO F 525 -28.87 -28.07 8.48
CA PRO F 525 -29.48 -29.07 7.60
C PRO F 525 -29.27 -30.48 8.15
N THR F 526 -29.85 -31.49 7.51
CA THR F 526 -29.67 -32.86 7.94
C THR F 526 -28.21 -33.30 7.77
N ALA F 527 -27.80 -34.27 8.57
CA ALA F 527 -26.43 -34.79 8.55
C ALA F 527 -26.18 -35.66 7.32
N LYS F 528 -24.92 -35.68 6.88
CA LYS F 528 -24.50 -36.55 5.78
C LYS F 528 -24.64 -38.01 6.17
N ASN F 529 -25.04 -38.84 5.21
CA ASN F 529 -25.08 -40.29 5.43
C ASN F 529 -23.67 -40.87 5.35
N GLU F 530 -23.11 -41.23 6.51
CA GLU F 530 -21.73 -41.71 6.58
C GLU F 530 -21.54 -43.07 5.89
N GLY F 531 -22.64 -43.78 5.65
CA GLY F 531 -22.58 -45.06 4.96
C GLY F 531 -22.57 -44.93 3.45
N HIS F 532 -22.63 -43.71 2.95
CA HIS F 532 -22.59 -43.46 1.52
C HIS F 532 -21.23 -42.99 1.04
N VAL F 533 -20.96 -43.19 -0.24
CA VAL F 533 -19.77 -42.66 -0.89
C VAL F 533 -19.79 -41.13 -0.78
N THR F 534 -18.63 -40.53 -0.46
CA THR F 534 -18.56 -39.10 -0.14
C THR F 534 -19.20 -38.21 -1.19
N SER F 535 -19.00 -38.54 -2.47
CA SER F 535 -19.53 -37.71 -3.55
C SER F 535 -21.05 -37.83 -3.72
N ASN F 536 -21.69 -38.69 -2.94
CA ASN F 536 -23.14 -38.83 -2.99
C ASN F 536 -23.82 -38.37 -1.70
N GLN F 537 -23.03 -37.84 -0.79
CA GLN F 537 -23.55 -37.38 0.49
C GLN F 537 -24.21 -36.01 0.33
N VAL F 538 -25.30 -35.78 1.06
CA VAL F 538 -26.00 -34.52 0.97
C VAL F 538 -26.39 -33.99 2.33
N GLU F 539 -26.62 -32.68 2.41
CA GLU F 539 -27.17 -32.04 3.60
C GLU F 539 -28.43 -31.29 3.18
N LEU F 540 -29.57 -31.67 3.73
CA LEU F 540 -30.85 -31.18 3.21
C LEU F 540 -31.56 -30.21 4.17
N HIS F 541 -32.09 -29.14 3.58
CA HIS F 541 -32.95 -28.21 4.29
C HIS F 541 -34.41 -28.67 4.14
N PRO F 542 -35.28 -28.25 5.07
CA PRO F 542 -36.66 -28.75 5.03
C PRO F 542 -37.50 -28.20 3.87
N ASP F 543 -38.46 -29.01 3.42
CA ASP F 543 -39.46 -28.53 2.50
C ASP F 543 -40.38 -27.54 3.22
N ILE F 544 -41.01 -26.66 2.47
CA ILE F 544 -41.85 -25.63 3.07
C ILE F 544 -43.33 -25.87 2.84
N GLU F 545 -44.13 -25.77 3.90
CA GLU F 545 -45.57 -25.87 3.78
C GLU F 545 -46.21 -24.50 3.96
N TYR F 546 -47.18 -24.18 3.09
CA TYR F 546 -47.84 -22.89 3.11
C TYR F 546 -49.31 -23.02 3.48
N ASP F 547 -49.81 -22.11 4.33
CA ASP F 547 -51.25 -22.02 4.53
C ASP F 547 -51.78 -20.78 3.78
N GLU F 548 -53.04 -20.44 4.03
CA GLU F 548 -53.69 -19.36 3.30
C GLU F 548 -53.08 -17.99 3.59
N GLU F 549 -52.64 -17.78 4.82
CA GLU F 549 -51.99 -16.52 5.17
C GLU F 549 -50.67 -16.34 4.44
N ASP F 550 -49.93 -17.44 4.31
CA ASP F 550 -48.68 -17.43 3.56
C ASP F 550 -48.94 -17.10 2.09
N ASP F 551 -49.95 -17.74 1.52
CA ASP F 551 -50.30 -17.54 0.12
C ASP F 551 -50.71 -16.09 -0.12
N LYS F 552 -51.42 -15.52 0.85
CA LYS F 552 -51.83 -14.13 0.78
C LYS F 552 -50.61 -13.20 0.70
N ALA F 553 -49.57 -13.54 1.49
CA ALA F 553 -48.35 -12.75 1.53
C ALA F 553 -47.63 -12.79 0.19
N ILE F 554 -47.59 -13.97 -0.42
CA ILE F 554 -46.95 -14.13 -1.72
C ILE F 554 -47.70 -13.35 -2.81
N GLU F 555 -49.03 -13.38 -2.76
CA GLU F 555 -49.83 -12.63 -3.72
C GLU F 555 -49.55 -11.12 -3.64
N ASN F 556 -49.52 -10.57 -2.43
CA ASN F 556 -49.19 -9.17 -2.26
C ASN F 556 -47.76 -8.86 -2.68
N TYR F 557 -46.88 -9.83 -2.46
CA TYR F 557 -45.49 -9.75 -2.91
C TYR F 557 -45.41 -9.58 -4.42
N ILE F 558 -46.18 -10.39 -5.13
CA ILE F 558 -46.24 -10.32 -6.59
C ILE F 558 -46.79 -8.97 -7.02
N ARG F 559 -47.88 -8.53 -6.39
CA ARG F 559 -48.51 -7.27 -6.73
C ARG F 559 -47.58 -6.09 -6.52
N GLU F 560 -46.71 -6.20 -5.53
CA GLU F 560 -45.88 -5.08 -5.13
C GLU F 560 -44.49 -5.07 -5.78
N HIS F 561 -44.09 -6.19 -6.37
CA HIS F 561 -42.74 -6.25 -6.93
C HIS F 561 -42.67 -6.86 -8.34
N THR F 562 -43.83 -7.06 -8.96
CA THR F 562 -43.87 -7.44 -10.37
C THR F 562 -43.48 -6.25 -11.25
N GLU F 563 -42.68 -6.51 -12.28
CA GLU F 563 -42.26 -5.47 -13.20
C GLU F 563 -42.41 -5.93 -14.64
N THR F 564 -42.27 -5.00 -15.57
CA THR F 564 -42.07 -5.35 -16.97
C THR F 564 -40.80 -6.17 -17.09
N THR F 565 -40.79 -7.12 -18.03
CA THR F 565 -39.58 -7.87 -18.34
C THR F 565 -38.97 -7.30 -19.62
N TRP F 566 -39.43 -6.10 -19.98
CA TRP F 566 -38.97 -5.40 -21.18
C TRP F 566 -39.28 -6.14 -22.49
N HIS F 567 -40.25 -7.06 -22.44
CA HIS F 567 -40.62 -7.83 -23.63
C HIS F 567 -41.95 -7.34 -24.24
N CYS F 568 -42.23 -6.04 -24.08
CA CYS F 568 -43.49 -5.45 -24.52
C CYS F 568 -43.81 -5.71 -26.00
N LEU F 569 -45.06 -6.07 -26.30
CA LEU F 569 -45.46 -6.32 -27.67
C LEU F 569 -46.96 -6.10 -27.89
N GLY F 570 -47.36 -5.95 -29.14
CA GLY F 570 -48.76 -6.02 -29.50
C GLY F 570 -49.50 -4.75 -29.87
N THR F 571 -48.87 -3.60 -29.68
CA THR F 571 -49.55 -2.32 -29.85
C THR F 571 -49.84 -1.94 -31.31
N CYS F 572 -49.24 -2.68 -32.25
CA CYS F 572 -49.57 -2.53 -33.68
C CYS F 572 -49.84 -3.90 -34.27
N SER F 573 -50.81 -4.61 -33.70
CA SER F 573 -51.01 -6.03 -33.99
C SER F 573 -51.34 -6.35 -35.45
N ILE F 574 -50.76 -7.44 -35.94
CA ILE F 574 -51.15 -8.02 -37.22
C ILE F 574 -52.49 -8.72 -37.08
N GLY F 575 -53.42 -8.38 -37.96
CA GLY F 575 -54.73 -9.02 -37.93
C GLY F 575 -55.74 -8.31 -38.81
N PRO F 576 -56.92 -8.92 -38.98
CA PRO F 576 -58.01 -8.30 -39.74
C PRO F 576 -58.38 -6.94 -39.18
N ARG F 577 -58.54 -5.94 -40.05
CA ARG F 577 -58.80 -4.58 -39.60
C ARG F 577 -60.06 -4.49 -38.74
N GLU F 578 -61.06 -5.31 -39.07
CA GLU F 578 -62.32 -5.31 -38.35
C GLU F 578 -62.19 -5.93 -36.97
N GLY F 579 -61.12 -6.68 -36.77
CA GLY F 579 -60.87 -7.31 -35.48
C GLY F 579 -60.89 -8.83 -35.55
N SER F 580 -60.63 -9.45 -34.40
CA SER F 580 -60.57 -10.91 -34.29
C SER F 580 -60.70 -11.29 -32.82
N LYS F 581 -60.67 -12.58 -32.52
CA LYS F 581 -60.80 -13.03 -31.13
C LYS F 581 -59.58 -12.64 -30.31
N ILE F 582 -58.41 -12.62 -30.94
CA ILE F 582 -57.18 -12.26 -30.23
C ILE F 582 -56.81 -10.79 -30.42
N VAL F 583 -57.39 -10.15 -31.44
CA VAL F 583 -57.19 -8.72 -31.65
C VAL F 583 -58.54 -8.01 -31.60
N LYS F 584 -59.08 -7.86 -30.40
CA LYS F 584 -60.45 -7.40 -30.21
C LYS F 584 -60.68 -5.96 -30.65
N TRP F 585 -59.68 -5.11 -30.47
CA TRP F 585 -59.83 -3.68 -30.75
C TRP F 585 -59.60 -3.35 -32.21
N GLY F 586 -59.21 -4.35 -33.01
CA GLY F 586 -58.99 -4.14 -34.42
C GLY F 586 -57.53 -4.26 -34.81
N GLY F 587 -57.28 -4.88 -35.96
CA GLY F 587 -55.93 -5.04 -36.46
C GLY F 587 -55.35 -3.72 -36.92
N VAL F 588 -54.03 -3.65 -36.93
CA VAL F 588 -53.31 -2.46 -37.36
C VAL F 588 -52.55 -2.74 -38.66
N LEU F 589 -52.16 -4.00 -38.84
CA LEU F 589 -51.37 -4.38 -40.00
C LEU F 589 -51.94 -5.62 -40.69
N ASP F 590 -51.74 -5.72 -42.01
CA ASP F 590 -52.06 -6.95 -42.72
C ASP F 590 -50.93 -7.97 -42.54
N HIS F 591 -51.04 -9.12 -43.20
CA HIS F 591 -50.04 -10.18 -43.03
C HIS F 591 -48.70 -9.84 -43.69
N ARG F 592 -48.65 -8.72 -44.41
CA ARG F 592 -47.39 -8.25 -44.97
C ARG F 592 -46.89 -7.02 -44.20
N SER F 593 -47.43 -6.85 -43.00
CA SER F 593 -47.00 -5.81 -42.06
C SER F 593 -47.27 -4.39 -42.55
N ASN F 594 -48.12 -4.24 -43.55
CA ASN F 594 -48.55 -2.92 -44.01
C ASN F 594 -49.54 -2.29 -43.05
N VAL F 595 -49.38 -1.01 -42.75
CA VAL F 595 -50.39 -0.29 -41.98
C VAL F 595 -51.62 -0.07 -42.85
N TYR F 596 -52.80 -0.43 -42.34
CA TYR F 596 -54.04 -0.23 -43.07
C TYR F 596 -54.28 1.25 -43.36
N GLY F 597 -54.87 1.55 -44.51
CA GLY F 597 -55.29 2.91 -44.82
C GLY F 597 -54.22 3.79 -45.45
N VAL F 598 -53.05 3.23 -45.71
CA VAL F 598 -51.96 3.99 -46.32
C VAL F 598 -51.06 3.05 -47.12
N LYS F 599 -50.32 3.61 -48.07
CA LYS F 599 -49.39 2.84 -48.89
C LYS F 599 -47.93 3.19 -48.54
N GLY F 600 -47.07 2.18 -48.65
CA GLY F 600 -45.64 2.39 -48.47
C GLY F 600 -45.19 2.54 -47.04
N LEU F 601 -45.93 1.95 -46.12
CA LEU F 601 -45.60 2.01 -44.69
C LEU F 601 -45.77 0.67 -44.01
N LYS F 602 -44.68 0.14 -43.50
CA LYS F 602 -44.70 -1.10 -42.72
C LYS F 602 -44.26 -0.84 -41.29
N VAL F 603 -44.72 -1.68 -40.37
CA VAL F 603 -44.18 -1.68 -39.02
C VAL F 603 -43.36 -2.95 -38.81
N GLY F 604 -42.14 -2.78 -38.35
CA GLY F 604 -41.24 -3.91 -38.13
C GLY F 604 -40.55 -3.85 -36.79
N ASP F 605 -41.27 -4.25 -35.74
CA ASP F 605 -40.71 -4.42 -34.40
C ASP F 605 -41.65 -5.31 -33.62
N LEU F 606 -41.52 -5.33 -32.30
CA LEU F 606 -42.33 -6.26 -31.52
C LEU F 606 -43.78 -5.82 -31.35
N SER F 607 -44.12 -4.59 -31.72
CA SER F 607 -45.51 -4.13 -31.65
C SER F 607 -46.39 -4.95 -32.58
N VAL F 608 -45.75 -5.61 -33.54
CA VAL F 608 -46.37 -6.44 -34.56
C VAL F 608 -47.14 -7.66 -34.02
N CYS F 609 -46.63 -8.29 -32.95
CA CYS F 609 -47.17 -9.56 -32.47
C CYS F 609 -48.58 -9.47 -31.90
N PRO F 610 -49.54 -10.20 -32.49
CA PRO F 610 -50.93 -10.17 -32.02
C PRO F 610 -51.11 -10.95 -30.72
N ASP F 611 -50.26 -11.94 -30.49
CA ASP F 611 -50.29 -12.72 -29.25
C ASP F 611 -48.85 -12.93 -28.80
N ASN F 612 -48.67 -13.50 -27.61
CA ASN F 612 -47.35 -13.53 -26.99
C ASN F 612 -46.45 -14.68 -27.48
N VAL F 613 -45.19 -14.64 -27.04
CA VAL F 613 -44.22 -15.68 -27.37
C VAL F 613 -43.57 -16.18 -26.09
N GLY F 614 -43.30 -17.47 -26.02
CA GLY F 614 -42.78 -18.07 -24.81
C GLY F 614 -41.27 -17.95 -24.65
N CYS F 615 -40.76 -16.73 -24.72
CA CYS F 615 -39.32 -16.49 -24.73
C CYS F 615 -38.94 -15.04 -24.49
N ASN F 616 -37.73 -14.83 -23.96
CA ASN F 616 -37.06 -13.53 -24.05
C ASN F 616 -37.08 -13.13 -25.51
N THR F 617 -37.38 -11.86 -25.80
CA THR F 617 -37.86 -11.49 -27.13
C THR F 617 -36.83 -10.96 -28.14
N TYR F 618 -35.54 -11.15 -27.90
CA TYR F 618 -34.56 -10.70 -28.89
C TYR F 618 -34.62 -11.59 -30.14
N THR F 619 -34.80 -12.90 -29.96
CA THR F 619 -34.95 -13.80 -31.11
C THR F 619 -36.17 -13.39 -31.92
N THR F 620 -37.24 -12.98 -31.24
CA THR F 620 -38.45 -12.53 -31.91
C THR F 620 -38.20 -11.23 -32.69
N ALA F 621 -37.47 -10.31 -32.07
CA ALA F 621 -37.14 -9.04 -32.70
C ALA F 621 -36.31 -9.26 -33.96
N LEU F 622 -35.34 -10.16 -33.88
CA LEU F 622 -34.48 -10.47 -35.01
C LEU F 622 -35.29 -11.13 -36.12
N LEU F 623 -36.15 -12.06 -35.72
CA LEU F 623 -36.99 -12.77 -36.67
C LEU F 623 -37.92 -11.82 -37.41
N ILE F 624 -38.58 -10.95 -36.66
CA ILE F 624 -39.44 -9.93 -37.25
C ILE F 624 -38.64 -9.06 -38.20
N GLY F 625 -37.39 -8.77 -37.82
CA GLY F 625 -36.50 -7.98 -38.66
C GLY F 625 -36.17 -8.65 -39.99
N GLU F 626 -35.78 -9.93 -39.94
CA GLU F 626 -35.48 -10.68 -41.15
C GLU F 626 -36.70 -10.82 -42.03
N LYS F 627 -37.84 -11.07 -41.42
CA LYS F 627 -39.11 -11.21 -42.13
C LYS F 627 -39.55 -9.90 -42.79
N THR F 628 -39.48 -8.80 -42.05
CA THR F 628 -39.87 -7.49 -42.55
C THR F 628 -38.99 -7.07 -43.73
N ALA F 629 -37.69 -7.35 -43.62
CA ALA F 629 -36.76 -7.02 -44.69
C ALA F 629 -37.10 -7.79 -45.96
N THR F 630 -37.46 -9.06 -45.79
CA THR F 630 -37.84 -9.91 -46.91
C THR F 630 -39.13 -9.40 -47.56
N LEU F 631 -40.10 -9.02 -46.72
CA LEU F 631 -41.36 -8.48 -47.21
C LEU F 631 -41.14 -7.23 -48.07
N VAL F 632 -40.30 -6.33 -47.59
CA VAL F 632 -39.99 -5.11 -48.33
C VAL F 632 -39.31 -5.44 -49.66
N GLY F 633 -38.35 -6.35 -49.61
CA GLY F 633 -37.62 -6.77 -50.79
C GLY F 633 -38.53 -7.35 -51.87
N GLU F 634 -39.45 -8.21 -51.46
CA GLU F 634 -40.42 -8.80 -52.39
C GLU F 634 -41.31 -7.72 -52.99
N ASP F 635 -41.78 -6.82 -52.15
CA ASP F 635 -42.64 -5.71 -52.58
C ASP F 635 -41.96 -4.82 -53.62
N LEU F 636 -40.64 -4.66 -53.50
CA LEU F 636 -39.91 -3.82 -54.43
C LEU F 636 -39.47 -4.59 -55.67
N GLY F 637 -39.91 -5.85 -55.78
CA GLY F 637 -39.70 -6.64 -56.98
C GLY F 637 -38.46 -7.51 -57.00
N TYR F 638 -37.79 -7.65 -55.86
CA TYR F 638 -36.60 -8.48 -55.79
C TYR F 638 -36.96 -9.93 -55.50
N SER F 639 -36.10 -10.85 -55.91
CA SER F 639 -36.35 -12.27 -55.72
C SER F 639 -35.07 -13.08 -55.72
N GLY F 640 -35.18 -14.36 -55.34
CA GLY F 640 -34.05 -15.27 -55.36
C GLY F 640 -32.92 -14.88 -54.42
N GLU F 641 -31.69 -14.94 -54.94
CA GLU F 641 -30.50 -14.69 -54.13
C GLU F 641 -30.42 -13.24 -53.66
N ALA F 642 -31.15 -12.36 -54.33
CA ALA F 642 -31.17 -10.95 -53.94
C ALA F 642 -31.77 -10.79 -52.54
N LEU F 643 -32.68 -11.70 -52.19
CA LEU F 643 -33.34 -11.66 -50.89
C LEU F 643 -32.46 -12.22 -49.77
N ASP F 644 -31.27 -12.71 -50.11
CA ASP F 644 -30.32 -13.16 -49.11
C ASP F 644 -29.93 -12.00 -48.20
N MET F 645 -29.62 -10.86 -48.82
CA MET F 645 -29.25 -9.63 -48.11
C MET F 645 -28.13 -9.89 -47.11
N THR F 646 -27.14 -10.65 -47.54
CA THR F 646 -26.00 -10.99 -46.71
C THR F 646 -25.21 -9.75 -46.33
N VAL F 647 -24.95 -9.58 -45.03
CA VAL F 647 -24.18 -8.45 -44.54
C VAL F 647 -22.70 -8.84 -44.45
N PRO F 648 -21.81 -7.85 -44.57
CA PRO F 648 -20.36 -8.11 -44.45
C PRO F 648 -20.02 -8.80 -43.14
N GLN F 649 -19.21 -9.85 -43.24
CA GLN F 649 -18.78 -10.59 -42.04
C GLN F 649 -17.57 -11.43 -42.36
N PHE F 650 -16.64 -11.50 -41.42
CA PHE F 650 -15.57 -12.47 -41.54
C PHE F 650 -15.86 -13.65 -40.63
N LYS F 651 -16.18 -14.79 -41.24
CA LYS F 651 -16.58 -15.97 -40.49
C LYS F 651 -15.37 -16.73 -39.95
N LEU F 652 -15.44 -17.16 -38.69
CA LEU F 652 -14.33 -17.84 -38.04
C LEU F 652 -14.58 -19.34 -37.84
N GLY F 653 -15.84 -19.75 -37.97
CA GLY F 653 -16.23 -21.14 -37.81
C GLY F 653 -15.87 -21.71 -36.44
N THR F 654 -15.48 -22.98 -36.41
CA THR F 654 -14.99 -23.59 -35.18
C THR F 654 -13.47 -23.73 -35.24
N TYR F 655 -12.84 -23.82 -34.08
CA TYR F 655 -11.38 -23.86 -34.00
C TYR F 655 -10.79 -25.04 -34.77
N GLU F 656 -11.34 -26.23 -34.59
CA GLU F 656 -10.76 -27.42 -35.20
C GLU F 656 -10.89 -27.43 -36.73
N LYS F 657 -11.81 -26.63 -37.27
CA LYS F 657 -11.96 -26.53 -38.72
C LYS F 657 -11.07 -25.46 -39.32
N THR F 658 -11.04 -24.28 -38.71
CA THR F 658 -10.36 -23.12 -39.30
C THR F 658 -9.09 -22.70 -38.55
N GLY F 659 -9.06 -22.94 -37.24
CA GLY F 659 -7.93 -22.52 -36.42
C GLY F 659 -7.97 -21.03 -36.11
N LEU F 660 -9.07 -20.37 -36.51
CA LEU F 660 -9.20 -18.93 -36.35
C LEU F 660 -10.10 -18.57 -35.17
N ALA F 661 -11.11 -19.38 -34.93
CA ALA F 661 -12.02 -19.16 -33.81
C ALA F 661 -11.30 -19.45 -32.49
N ARG F 662 -11.86 -18.97 -31.40
CA ARG F 662 -11.28 -19.22 -30.08
C ARG F 662 -11.36 -20.70 -29.72
N PHE F 663 -10.27 -21.24 -29.21
CA PHE F 663 -10.25 -22.64 -28.78
C PHE F 663 -11.16 -22.85 -27.56
N ALA G 2 17.84 -44.02 -25.46
CA ALA G 2 19.15 -44.00 -24.82
C ALA G 2 20.19 -43.31 -25.70
N ILE G 3 21.20 -42.72 -25.07
CA ILE G 3 22.29 -42.06 -25.79
C ILE G 3 23.28 -43.10 -26.30
N PRO G 4 23.47 -43.16 -27.63
CA PRO G 4 24.40 -44.14 -28.22
C PRO G 4 25.83 -43.94 -27.72
N GLU G 5 26.61 -45.02 -27.75
CA GLU G 5 28.00 -44.96 -27.33
C GLU G 5 28.91 -44.62 -28.50
N GLU G 6 28.38 -44.79 -29.72
CA GLU G 6 29.15 -44.50 -30.92
C GLU G 6 28.37 -43.59 -31.86
N PHE G 7 29.02 -42.53 -32.33
CA PHE G 7 28.43 -41.61 -33.29
C PHE G 7 29.25 -41.60 -34.57
N ASP G 8 28.70 -40.96 -35.60
CA ASP G 8 29.47 -40.71 -36.82
C ASP G 8 30.33 -39.48 -36.61
N ILE G 9 29.72 -38.43 -36.06
CA ILE G 9 30.41 -37.17 -35.80
C ILE G 9 30.25 -36.76 -34.33
N LEU G 10 31.36 -36.37 -33.72
CA LEU G 10 31.37 -35.95 -32.33
C LEU G 10 31.84 -34.51 -32.23
N VAL G 11 31.02 -33.64 -31.63
CA VAL G 11 31.41 -32.25 -31.42
C VAL G 11 31.58 -31.99 -29.92
N LEU G 12 32.76 -31.51 -29.54
CA LEU G 12 33.11 -31.35 -28.14
C LEU G 12 33.06 -29.88 -27.71
N GLY G 13 32.06 -29.54 -26.90
CA GLY G 13 31.82 -28.16 -26.52
C GLY G 13 30.71 -27.57 -27.38
N GLY G 14 29.60 -27.22 -26.76
CA GLY G 14 28.45 -26.70 -27.48
C GLY G 14 28.29 -25.19 -27.34
N GLY G 15 29.38 -24.48 -27.59
CA GLY G 15 29.39 -23.03 -27.45
C GLY G 15 28.95 -22.32 -28.70
N SER G 16 29.40 -21.08 -28.86
CA SER G 16 29.04 -20.26 -30.01
C SER G 16 29.39 -20.94 -31.34
N SER G 17 30.59 -21.51 -31.41
CA SER G 17 31.00 -22.25 -32.60
C SER G 17 30.41 -23.66 -32.56
N GLY G 18 30.60 -24.35 -31.44
CA GLY G 18 30.22 -25.74 -31.31
C GLY G 18 28.77 -26.09 -31.63
N SER G 19 27.84 -25.30 -31.09
CA SER G 19 26.43 -25.53 -31.38
C SER G 19 26.15 -25.32 -32.87
N CYS G 20 26.80 -24.33 -33.45
CA CYS G 20 26.64 -24.05 -34.87
C CYS G 20 27.15 -25.23 -35.69
N ILE G 21 28.33 -25.71 -35.36
CA ILE G 21 28.95 -26.83 -36.07
C ILE G 21 28.10 -28.09 -35.97
N ALA G 22 27.64 -28.41 -34.77
CA ALA G 22 26.83 -29.60 -34.53
C ALA G 22 25.50 -29.53 -35.29
N GLY G 23 24.86 -28.37 -35.25
CA GLY G 23 23.60 -28.17 -35.94
C GLY G 23 23.74 -28.28 -37.45
N ARG G 24 24.74 -27.60 -38.02
CA ARG G 24 24.97 -27.67 -39.45
C ARG G 24 25.26 -29.10 -39.89
N LEU G 25 26.15 -29.79 -39.19
CA LEU G 25 26.55 -31.14 -39.56
C LEU G 25 25.40 -32.14 -39.47
N ALA G 26 24.49 -31.94 -38.53
CA ALA G 26 23.33 -32.82 -38.39
C ALA G 26 22.40 -32.68 -39.60
N ASN G 27 22.46 -31.53 -40.26
CA ASN G 27 21.66 -31.29 -41.45
C ASN G 27 22.43 -31.53 -42.75
N LEU G 28 23.70 -31.92 -42.62
CA LEU G 28 24.49 -32.32 -43.79
C LEU G 28 23.88 -33.57 -44.42
N ASP G 29 23.49 -34.52 -43.56
CA ASP G 29 22.92 -35.78 -43.98
C ASP G 29 22.30 -36.43 -42.74
N HIS G 30 20.99 -36.61 -42.77
CA HIS G 30 20.28 -37.02 -41.56
C HIS G 30 20.43 -38.51 -41.23
N SER G 31 21.24 -39.22 -42.02
CA SER G 31 21.58 -40.60 -41.67
C SER G 31 22.84 -40.62 -40.84
N LEU G 32 23.52 -39.46 -40.75
CA LEU G 32 24.69 -39.32 -39.90
C LEU G 32 24.29 -39.07 -38.44
N LYS G 33 24.83 -39.89 -37.55
CA LYS G 33 24.62 -39.72 -36.11
C LYS G 33 25.58 -38.67 -35.55
N VAL G 34 25.03 -37.58 -35.02
CA VAL G 34 25.86 -36.50 -34.49
C VAL G 34 25.67 -36.33 -32.98
N GLY G 35 26.77 -36.36 -32.23
CA GLY G 35 26.72 -36.19 -30.80
C GLY G 35 27.38 -34.89 -30.36
N LEU G 36 26.67 -34.11 -29.56
CA LEU G 36 27.19 -32.84 -29.05
C LEU G 36 27.38 -32.90 -27.54
N ILE G 37 28.63 -32.80 -27.10
CA ILE G 37 28.96 -32.92 -25.69
C ILE G 37 29.25 -31.55 -25.07
N GLU G 38 28.58 -31.25 -23.97
CA GLU G 38 28.70 -29.93 -23.33
C GLU G 38 28.81 -30.05 -21.81
N ALA G 39 29.73 -29.29 -21.21
CA ALA G 39 29.97 -29.38 -19.77
C ALA G 39 28.90 -28.65 -18.96
N GLY G 40 28.37 -27.56 -19.49
CA GLY G 40 27.36 -26.78 -18.79
C GLY G 40 25.97 -27.36 -18.93
N GLU G 41 24.98 -26.64 -18.39
CA GLU G 41 23.59 -27.10 -18.45
C GLU G 41 22.96 -26.85 -19.82
N ASN G 42 21.91 -27.62 -20.12
CA ASN G 42 21.06 -27.34 -21.28
C ASN G 42 20.41 -25.98 -21.09
N ASN G 43 20.24 -25.23 -22.18
CA ASN G 43 19.69 -23.88 -22.08
C ASN G 43 18.33 -23.75 -22.73
N LEU G 44 17.76 -24.88 -23.14
CA LEU G 44 16.48 -24.90 -23.85
C LEU G 44 15.38 -24.14 -23.12
N ASN G 45 14.86 -23.10 -23.75
CA ASN G 45 13.76 -22.28 -23.21
C ASN G 45 13.99 -21.77 -21.79
N ASN G 46 15.25 -21.53 -21.45
CA ASN G 46 15.62 -20.93 -20.18
C ASN G 46 15.54 -19.41 -20.25
N PRO G 47 14.62 -18.80 -19.48
CA PRO G 47 14.46 -17.35 -19.50
C PRO G 47 15.72 -16.61 -19.06
N TRP G 48 16.52 -17.23 -18.20
CA TRP G 48 17.75 -16.60 -17.75
C TRP G 48 18.79 -16.56 -18.87
N VAL G 49 18.49 -17.23 -19.97
CA VAL G 49 19.30 -17.11 -21.17
C VAL G 49 18.62 -16.21 -22.22
N TYR G 50 17.33 -16.42 -22.49
CA TYR G 50 16.75 -15.74 -23.65
C TYR G 50 16.22 -14.32 -23.40
N LEU G 51 16.11 -13.92 -22.13
CA LEU G 51 15.75 -12.54 -21.83
C LEU G 51 17.00 -11.65 -21.84
N PRO G 52 17.09 -10.73 -22.81
CA PRO G 52 18.29 -9.90 -22.99
C PRO G 52 18.67 -9.06 -21.77
N GLY G 53 17.71 -8.33 -21.21
CA GLY G 53 18.01 -7.30 -20.22
C GLY G 53 18.66 -7.71 -18.92
N ILE G 54 18.66 -9.02 -18.62
CA ILE G 54 19.19 -9.48 -17.35
C ILE G 54 20.64 -9.96 -17.47
N TYR G 55 21.26 -9.72 -18.63
CA TYR G 55 22.57 -10.31 -18.92
C TYR G 55 23.72 -10.05 -17.91
N PRO G 56 23.71 -8.92 -17.17
CA PRO G 56 24.85 -8.76 -16.25
C PRO G 56 25.01 -9.84 -15.17
N ARG G 57 23.95 -10.52 -14.76
CA ARG G 57 24.07 -11.47 -13.64
C ARG G 57 24.96 -12.67 -13.95
N ASN G 58 25.25 -12.89 -15.23
CA ASN G 58 26.09 -14.02 -15.60
C ASN G 58 27.53 -13.85 -15.14
N MET G 59 27.90 -12.61 -14.82
CA MET G 59 29.27 -12.34 -14.41
C MET G 59 29.41 -12.14 -12.90
N LYS G 60 28.34 -12.41 -12.15
CA LYS G 60 28.44 -12.52 -10.70
C LYS G 60 29.37 -13.70 -10.41
N LEU G 61 30.23 -13.58 -9.41
CA LEU G 61 31.23 -14.61 -9.15
C LEU G 61 30.60 -15.97 -8.79
N ASP G 62 29.37 -15.95 -8.29
CA ASP G 62 28.68 -17.19 -7.91
C ASP G 62 27.76 -17.69 -9.03
N SER G 63 27.92 -17.14 -10.23
CA SER G 63 27.09 -17.53 -11.38
C SER G 63 27.25 -19.00 -11.73
N LYS G 64 26.15 -19.65 -12.13
CA LYS G 64 26.20 -21.04 -12.58
C LYS G 64 26.53 -21.12 -14.06
N THR G 65 26.45 -20.00 -14.75
CA THR G 65 26.54 -20.01 -16.20
C THR G 65 27.94 -19.64 -16.71
N ALA G 66 28.90 -19.54 -15.81
CA ALA G 66 30.26 -19.21 -16.19
C ALA G 66 31.30 -19.92 -15.31
N SER G 67 32.51 -20.08 -15.85
CA SER G 67 33.66 -20.51 -15.08
C SER G 67 34.57 -19.30 -14.90
N PHE G 68 35.23 -19.22 -13.74
CA PHE G 68 36.12 -18.09 -13.48
C PHE G 68 37.57 -18.55 -13.29
N TYR G 69 38.33 -18.52 -14.37
CA TYR G 69 39.72 -18.97 -14.37
C TYR G 69 40.67 -17.95 -13.73
N THR G 70 41.43 -18.40 -12.76
CA THR G 70 42.43 -17.55 -12.14
C THR G 70 43.74 -17.58 -12.93
N SER G 71 44.56 -16.55 -12.76
CA SER G 71 45.83 -16.49 -13.47
C SER G 71 46.94 -16.09 -12.52
N ASN G 72 48.18 -16.18 -12.99
CA ASN G 72 49.34 -15.82 -12.19
C ASN G 72 49.44 -14.31 -11.99
N PRO G 73 50.00 -13.88 -10.85
CA PRO G 73 50.21 -12.44 -10.61
C PRO G 73 51.09 -11.82 -11.70
N SER G 74 50.76 -10.60 -12.10
CA SER G 74 51.48 -9.93 -13.17
C SER G 74 51.91 -8.54 -12.75
N PRO G 75 53.21 -8.24 -12.92
CA PRO G 75 53.75 -6.91 -12.63
C PRO G 75 53.18 -5.85 -13.56
N HIS G 76 52.75 -6.28 -14.74
CA HIS G 76 52.20 -5.37 -15.74
C HIS G 76 50.80 -4.92 -15.35
N LEU G 77 50.17 -5.70 -14.48
CA LEU G 77 48.87 -5.34 -13.93
C LEU G 77 49.02 -4.92 -12.47
N ASN G 78 50.20 -4.39 -12.16
CA ASN G 78 50.55 -3.96 -10.80
C ASN G 78 50.29 -5.01 -9.73
N GLY G 79 50.60 -6.26 -10.05
CA GLY G 79 50.50 -7.35 -9.09
C GLY G 79 49.23 -8.17 -9.17
N ARG G 80 48.26 -7.71 -9.97
CA ARG G 80 46.96 -8.37 -10.04
C ARG G 80 47.03 -9.78 -10.61
N ARG G 81 46.24 -10.67 -10.04
CA ARG G 81 45.95 -11.94 -10.69
C ARG G 81 44.59 -11.83 -11.35
N ALA G 82 44.60 -11.53 -12.64
CA ALA G 82 43.39 -11.29 -13.42
C ALA G 82 42.48 -12.51 -13.44
N ILE G 83 41.18 -12.27 -13.29
CA ILE G 83 40.20 -13.34 -13.40
C ILE G 83 39.64 -13.35 -14.82
N VAL G 84 39.71 -14.51 -15.46
CA VAL G 84 39.23 -14.63 -16.84
C VAL G 84 38.03 -15.54 -16.90
N PRO G 85 36.83 -14.93 -16.96
CA PRO G 85 35.60 -15.71 -17.06
C PRO G 85 35.38 -16.25 -18.47
N CYS G 86 34.62 -17.34 -18.57
CA CYS G 86 34.11 -17.82 -19.85
C CYS G 86 32.84 -18.61 -19.59
N ALA G 87 32.09 -18.91 -20.65
CA ALA G 87 30.78 -19.50 -20.49
C ALA G 87 30.83 -20.93 -19.98
N ASN G 88 29.83 -21.29 -19.19
CA ASN G 88 29.65 -22.64 -18.69
C ASN G 88 28.18 -23.03 -18.82
N VAL G 89 27.73 -23.23 -20.07
CA VAL G 89 26.32 -23.44 -20.38
C VAL G 89 26.20 -23.72 -21.88
N LEU G 90 25.20 -24.52 -22.26
CA LEU G 90 24.95 -24.79 -23.67
C LEU G 90 24.71 -23.48 -24.40
N GLY G 91 25.31 -23.34 -25.58
CA GLY G 91 25.26 -22.09 -26.30
C GLY G 91 26.53 -21.29 -26.09
N GLY G 92 27.25 -21.62 -25.01
CA GLY G 92 28.50 -20.95 -24.70
C GLY G 92 28.30 -19.46 -24.51
N GLY G 93 29.25 -18.69 -25.02
CA GLY G 93 29.21 -17.24 -24.89
C GLY G 93 27.92 -16.63 -25.39
N SER G 94 27.34 -17.23 -26.43
CA SER G 94 26.14 -16.68 -27.04
C SER G 94 24.93 -16.75 -26.12
N SER G 95 25.02 -17.53 -25.05
CA SER G 95 23.94 -17.60 -24.07
C SER G 95 24.02 -16.51 -23.01
N ILE G 96 25.19 -15.87 -22.89
CA ILE G 96 25.42 -14.95 -21.78
C ILE G 96 26.13 -13.64 -22.15
N ASN G 97 26.31 -13.38 -23.45
CA ASN G 97 27.14 -12.24 -23.86
C ASN G 97 26.42 -10.88 -23.78
N PHE G 98 27.14 -9.81 -24.12
CA PHE G 98 26.60 -8.44 -24.11
C PHE G 98 25.68 -8.19 -25.29
N MET G 99 25.61 -9.16 -26.19
CA MET G 99 24.78 -9.10 -27.39
C MET G 99 25.18 -8.01 -28.38
N MET G 100 26.44 -7.56 -28.34
CA MET G 100 26.94 -6.60 -29.33
C MET G 100 27.28 -7.30 -30.64
N TYR G 101 26.71 -6.80 -31.73
CA TYR G 101 26.99 -7.33 -33.07
C TYR G 101 28.09 -6.50 -33.73
N THR G 102 29.19 -7.16 -34.08
CA THR G 102 30.35 -6.48 -34.65
C THR G 102 31.11 -7.41 -35.59
N ARG G 103 31.43 -6.92 -36.79
CA ARG G 103 32.26 -7.67 -37.73
C ARG G 103 33.65 -7.10 -37.81
N GLY G 104 34.63 -7.96 -38.11
CA GLY G 104 36.00 -7.53 -38.27
C GLY G 104 36.23 -6.79 -39.57
N SER G 105 37.49 -6.47 -39.86
CA SER G 105 37.86 -5.85 -41.12
C SER G 105 38.29 -6.92 -42.11
N ALA G 106 38.15 -6.62 -43.40
CA ALA G 106 38.47 -7.58 -44.45
C ALA G 106 39.90 -8.11 -44.34
N SER G 107 40.82 -7.25 -43.93
CA SER G 107 42.23 -7.63 -43.84
C SER G 107 42.51 -8.60 -42.70
N ASP G 108 41.63 -8.61 -41.70
CA ASP G 108 41.80 -9.48 -40.53
C ASP G 108 41.92 -10.94 -40.93
N TYR G 109 41.01 -11.39 -41.78
CA TYR G 109 40.98 -12.80 -42.17
C TYR G 109 42.00 -13.11 -43.26
N ASP G 110 42.28 -12.11 -44.11
CA ASP G 110 43.35 -12.24 -45.08
C ASP G 110 44.67 -12.47 -44.35
N ASP G 111 44.84 -11.78 -43.22
CA ASP G 111 46.08 -11.83 -42.46
C ASP G 111 46.20 -13.10 -41.62
N PHE G 112 45.26 -14.03 -41.78
CA PHE G 112 45.40 -15.36 -41.20
C PHE G 112 46.47 -16.14 -41.97
N GLN G 113 46.74 -15.67 -43.19
CA GLN G 113 47.72 -16.28 -44.08
C GLN G 113 47.42 -17.77 -44.28
N ALA G 114 46.16 -18.08 -44.49
CA ALA G 114 45.72 -19.47 -44.64
C ALA G 114 44.79 -19.62 -45.84
N GLU G 115 45.07 -20.63 -46.65
CA GLU G 115 44.28 -20.91 -47.84
C GLU G 115 42.82 -21.19 -47.50
N GLY G 116 41.91 -20.45 -48.14
CA GLY G 116 40.49 -20.65 -47.95
C GLY G 116 39.90 -19.83 -46.82
N TRP G 117 40.75 -19.09 -46.12
CA TRP G 117 40.31 -18.25 -45.00
C TRP G 117 40.42 -16.77 -45.31
N LYS G 118 40.47 -16.43 -46.59
CA LYS G 118 40.46 -15.01 -46.98
C LYS G 118 39.03 -14.50 -46.99
N THR G 119 38.87 -13.19 -46.81
CA THR G 119 37.55 -12.59 -46.69
C THR G 119 36.70 -12.86 -47.93
N LYS G 120 37.35 -12.87 -49.09
CA LYS G 120 36.67 -13.17 -50.34
C LYS G 120 36.06 -14.57 -50.32
N ASP G 121 36.74 -15.50 -49.68
CA ASP G 121 36.27 -16.88 -49.57
C ASP G 121 35.17 -17.02 -48.52
N LEU G 122 35.30 -16.26 -47.44
CA LEU G 122 34.45 -16.42 -46.27
C LEU G 122 33.16 -15.59 -46.32
N LEU G 123 33.12 -14.61 -47.22
CA LEU G 123 32.00 -13.66 -47.28
C LEU G 123 30.63 -14.32 -47.44
N PRO G 124 30.49 -15.32 -48.33
CA PRO G 124 29.17 -15.97 -48.36
C PRO G 124 28.82 -16.71 -47.07
N LEU G 125 29.82 -17.17 -46.33
CA LEU G 125 29.58 -17.84 -45.05
C LEU G 125 29.20 -16.83 -43.97
N MET G 126 29.69 -15.60 -44.10
CA MET G 126 29.32 -14.53 -43.19
C MET G 126 27.83 -14.22 -43.31
N LYS G 127 27.36 -14.16 -44.56
CA LYS G 127 25.97 -13.81 -44.84
C LYS G 127 25.02 -14.95 -44.48
N LYS G 128 25.52 -16.17 -44.65
CA LYS G 128 24.75 -17.39 -44.43
C LYS G 128 24.13 -17.48 -43.03
N THR G 129 24.85 -16.98 -42.04
CA THR G 129 24.45 -17.13 -40.63
C THR G 129 23.27 -16.24 -40.24
N GLU G 130 23.23 -15.02 -40.75
CA GLU G 130 22.37 -13.98 -40.20
C GLU G 130 21.08 -13.70 -40.96
N THR G 131 20.08 -13.24 -40.22
CA THR G 131 18.97 -12.50 -40.79
C THR G 131 19.05 -11.07 -40.25
N TYR G 132 19.33 -10.14 -41.16
CA TYR G 132 19.63 -8.74 -40.83
C TYR G 132 18.35 -7.92 -40.70
N GLN G 133 17.82 -7.82 -39.49
CA GLN G 133 16.50 -7.19 -39.29
C GLN G 133 16.56 -5.68 -39.08
N ARG G 134 17.10 -4.96 -40.06
CA ARG G 134 17.11 -3.51 -40.00
C ARG G 134 17.38 -2.91 -41.38
N ALA G 135 17.34 -1.59 -41.48
CA ALA G 135 17.54 -0.90 -42.76
C ALA G 135 18.93 -1.18 -43.31
N CYS G 136 19.02 -1.51 -44.59
CA CYS G 136 20.31 -1.87 -45.16
C CYS G 136 20.60 -1.17 -46.49
N ASN G 137 21.65 -0.35 -46.50
CA ASN G 137 22.08 0.33 -47.71
C ASN G 137 23.10 -0.48 -48.51
N ASN G 138 23.59 -1.56 -47.90
CA ASN G 138 24.57 -2.43 -48.56
C ASN G 138 24.23 -3.92 -48.44
N PRO G 139 23.08 -4.33 -48.97
CA PRO G 139 22.60 -5.71 -48.77
C PRO G 139 23.49 -6.80 -49.38
N ASP G 140 24.43 -6.41 -50.23
CA ASP G 140 25.29 -7.40 -50.89
C ASP G 140 26.24 -8.08 -49.90
N ILE G 141 26.51 -7.43 -48.77
CA ILE G 141 27.39 -8.02 -47.77
C ILE G 141 26.68 -8.36 -46.46
N HIS G 142 25.37 -8.56 -46.53
CA HIS G 142 24.60 -9.01 -45.35
C HIS G 142 23.62 -10.12 -45.74
N GLY G 143 23.24 -10.91 -44.75
CA GLY G 143 22.32 -12.01 -44.98
C GLY G 143 20.91 -11.71 -44.50
N PHE G 144 19.93 -12.35 -45.12
CA PHE G 144 18.54 -12.08 -44.78
C PHE G 144 17.70 -13.35 -44.61
N GLU G 145 18.36 -14.49 -44.52
CA GLU G 145 17.66 -15.76 -44.39
C GLU G 145 18.27 -16.69 -43.33
N GLY G 146 19.38 -16.26 -42.73
CA GLY G 146 20.07 -17.08 -41.75
C GLY G 146 19.30 -17.26 -40.46
N PRO G 147 19.61 -18.33 -39.70
CA PRO G 147 18.91 -18.67 -38.46
C PRO G 147 19.22 -17.74 -37.28
N ILE G 148 20.32 -17.00 -37.33
CA ILE G 148 20.63 -16.03 -36.26
C ILE G 148 20.11 -14.64 -36.62
N LYS G 149 19.14 -14.16 -35.85
CA LYS G 149 18.50 -12.88 -36.14
C LYS G 149 19.20 -11.75 -35.39
N VAL G 150 19.52 -10.67 -36.10
CA VAL G 150 20.15 -9.51 -35.47
C VAL G 150 19.32 -8.26 -35.70
N SER G 151 19.29 -7.37 -34.71
CA SER G 151 18.40 -6.21 -34.74
C SER G 151 18.79 -5.15 -33.72
N PHE G 152 18.05 -4.06 -33.69
CA PHE G 152 18.27 -3.02 -32.68
C PHE G 152 17.45 -3.27 -31.42
N GLY G 153 16.88 -4.47 -31.31
CA GLY G 153 16.07 -4.81 -30.16
C GLY G 153 14.74 -4.09 -30.17
N ASN G 154 14.03 -4.13 -29.04
CA ASN G 154 12.71 -3.52 -28.96
C ASN G 154 12.68 -2.43 -27.90
N TYR G 155 13.81 -1.75 -27.76
CA TYR G 155 13.93 -0.59 -26.89
C TYR G 155 15.27 0.09 -27.15
N THR G 156 15.25 1.42 -27.22
CA THR G 156 16.48 2.16 -27.41
C THR G 156 16.61 3.27 -26.36
N TYR G 157 17.62 3.17 -25.51
CA TYR G 157 17.92 4.23 -24.58
C TYR G 157 18.41 5.46 -25.34
N PRO G 158 17.91 6.64 -24.96
CA PRO G 158 18.23 7.92 -25.64
C PRO G 158 19.71 8.33 -25.65
N VAL G 159 20.60 7.56 -25.03
CA VAL G 159 22.03 7.86 -25.14
C VAL G 159 22.53 7.69 -26.56
N CYS G 160 21.73 7.01 -27.37
CA CYS G 160 22.11 6.65 -28.74
C CYS G 160 22.52 7.85 -29.58
N GLN G 161 21.58 8.73 -29.87
CA GLN G 161 21.85 9.86 -30.76
C GLN G 161 22.64 10.96 -30.04
N ASP G 162 22.51 11.01 -28.72
CA ASP G 162 23.31 11.92 -27.91
C ASP G 162 24.81 11.61 -28.11
N PHE G 163 25.14 10.33 -28.03
CA PHE G 163 26.51 9.86 -28.22
C PHE G 163 27.03 10.20 -29.62
N LEU G 164 26.18 9.98 -30.62
CA LEU G 164 26.56 10.19 -32.01
C LEU G 164 26.82 11.66 -32.32
N ARG G 165 26.02 12.55 -31.73
CA ARG G 165 26.26 13.99 -31.92
C ARG G 165 27.59 14.38 -31.31
N ALA G 166 27.86 13.87 -30.12
CA ALA G 166 29.09 14.18 -29.40
C ALA G 166 30.33 13.66 -30.14
N SER G 167 30.25 12.43 -30.63
CA SER G 167 31.39 11.81 -31.30
C SER G 167 31.65 12.46 -32.65
N GLU G 168 30.60 12.95 -33.30
CA GLU G 168 30.77 13.65 -34.56
C GLU G 168 31.58 14.92 -34.37
N SER G 169 31.33 15.63 -33.28
CA SER G 169 32.04 16.87 -33.00
C SER G 169 33.54 16.63 -32.74
N GLN G 170 33.92 15.36 -32.60
CA GLN G 170 35.32 15.00 -32.37
C GLN G 170 36.02 14.50 -33.62
N GLY G 171 35.32 14.54 -34.76
CA GLY G 171 35.91 14.08 -36.00
C GLY G 171 35.71 12.59 -36.24
N ILE G 172 34.76 12.00 -35.54
CA ILE G 172 34.39 10.61 -35.77
C ILE G 172 33.05 10.55 -36.48
N PRO G 173 33.08 10.33 -37.81
CA PRO G 173 31.87 10.46 -38.65
C PRO G 173 30.85 9.35 -38.44
N TYR G 174 29.58 9.72 -38.44
CA TYR G 174 28.49 8.74 -38.43
C TYR G 174 28.50 7.93 -39.71
N VAL G 175 28.30 6.62 -39.60
CA VAL G 175 28.08 5.78 -40.76
C VAL G 175 26.83 4.91 -40.56
N ASP G 176 26.21 4.51 -41.67
CA ASP G 176 25.02 3.67 -41.61
C ASP G 176 25.39 2.25 -41.19
N ASP G 177 26.64 1.87 -41.47
CA ASP G 177 27.11 0.52 -41.16
C ASP G 177 28.61 0.52 -40.89
N LEU G 178 28.98 0.43 -39.61
CA LEU G 178 30.38 0.36 -39.21
C LEU G 178 30.90 -1.06 -39.36
N GLU G 179 30.02 -1.98 -39.74
CA GLU G 179 30.40 -3.39 -39.90
C GLU G 179 30.42 -3.78 -41.37
N ASP G 180 31.01 -2.91 -42.20
CA ASP G 180 31.02 -3.12 -43.64
C ASP G 180 32.35 -3.69 -44.11
N LEU G 181 33.12 -4.21 -43.16
CA LEU G 181 34.41 -4.87 -43.42
C LEU G 181 35.50 -3.94 -43.95
N VAL G 182 35.22 -2.63 -44.00
CA VAL G 182 36.20 -1.70 -44.56
C VAL G 182 36.46 -0.45 -43.68
N THR G 183 35.43 0.01 -42.98
CA THR G 183 35.55 1.25 -42.21
C THR G 183 36.23 1.03 -40.87
N ALA G 184 37.23 1.85 -40.56
CA ALA G 184 38.04 1.69 -39.36
C ALA G 184 37.97 2.92 -38.45
N HIS G 185 37.32 3.98 -38.93
CA HIS G 185 37.17 5.20 -38.15
C HIS G 185 35.77 5.76 -38.36
N GLY G 186 34.88 5.51 -37.40
CA GLY G 186 33.51 5.94 -37.51
C GLY G 186 32.65 5.60 -36.29
N ALA G 187 31.40 6.06 -36.32
CA ALA G 187 30.47 5.84 -35.21
C ALA G 187 29.14 5.33 -35.74
N GLU G 188 28.45 4.52 -34.95
CA GLU G 188 27.17 3.97 -35.39
C GLU G 188 26.24 3.60 -34.25
N HIS G 189 24.97 3.52 -34.60
CA HIS G 189 23.94 2.87 -33.80
C HIS G 189 24.28 1.38 -33.73
N TRP G 190 24.49 0.84 -32.53
CA TRP G 190 25.05 -0.51 -32.44
C TRP G 190 24.03 -1.64 -32.44
N LEU G 191 24.24 -2.60 -33.34
CA LEU G 191 23.36 -3.75 -33.52
C LEU G 191 23.45 -4.74 -32.37
N LYS G 192 22.42 -5.58 -32.25
CA LYS G 192 22.36 -6.55 -31.17
C LYS G 192 22.07 -7.98 -31.64
N TRP G 193 22.58 -8.96 -30.91
CA TRP G 193 22.21 -10.35 -31.16
C TRP G 193 20.85 -10.63 -30.53
N ILE G 194 19.83 -9.96 -31.06
CA ILE G 194 18.48 -10.06 -30.55
C ILE G 194 17.49 -10.17 -31.70
N ASN G 195 16.58 -11.12 -31.62
CA ASN G 195 15.49 -11.22 -32.59
C ASN G 195 14.39 -10.25 -32.20
N ARG G 196 14.17 -9.22 -33.01
CA ARG G 196 13.19 -8.20 -32.66
C ARG G 196 11.77 -8.73 -32.76
N ASP G 197 11.56 -9.80 -33.53
CA ASP G 197 10.22 -10.40 -33.66
C ASP G 197 9.75 -10.95 -32.31
N THR G 198 10.66 -11.60 -31.59
CA THR G 198 10.32 -12.24 -30.33
C THR G 198 10.77 -11.46 -29.10
N GLY G 199 11.71 -10.53 -29.29
CA GLY G 199 12.30 -9.81 -28.18
C GLY G 199 13.26 -10.68 -27.38
N ARG G 200 13.71 -11.77 -27.99
CA ARG G 200 14.60 -12.71 -27.32
C ARG G 200 16.05 -12.63 -27.82
N ARG G 201 16.98 -12.99 -26.95
CA ARG G 201 18.38 -13.16 -27.33
C ARG G 201 18.52 -14.22 -28.42
N SER G 202 19.41 -13.99 -29.37
CA SER G 202 19.78 -14.99 -30.37
C SER G 202 21.03 -15.74 -29.94
N ASP G 203 20.92 -17.06 -29.74
CA ASP G 203 22.08 -17.87 -29.36
C ASP G 203 22.23 -19.07 -30.28
N SER G 204 23.42 -19.64 -30.32
CA SER G 204 23.73 -20.74 -31.24
C SER G 204 22.94 -22.02 -30.96
N ALA G 205 22.66 -22.28 -29.69
CA ALA G 205 21.95 -23.50 -29.32
C ALA G 205 20.52 -23.51 -29.86
N HIS G 206 19.78 -22.44 -29.60
CA HIS G 206 18.40 -22.37 -30.08
C HIS G 206 18.34 -22.29 -31.60
N ALA G 207 19.25 -21.54 -32.19
CA ALA G 207 19.25 -21.35 -33.64
C ALA G 207 19.61 -22.63 -34.40
N PHE G 208 20.63 -23.35 -33.93
CA PHE G 208 21.18 -24.47 -34.68
C PHE G 208 20.85 -25.85 -34.10
N VAL G 209 20.77 -25.94 -32.78
CA VAL G 209 20.65 -27.25 -32.13
C VAL G 209 19.20 -27.62 -31.79
N HIS G 210 18.54 -26.78 -31.00
CA HIS G 210 17.19 -27.07 -30.55
C HIS G 210 16.20 -27.09 -31.72
N SER G 211 16.42 -26.22 -32.70
CA SER G 211 15.60 -26.20 -33.90
C SER G 211 15.69 -27.53 -34.65
N THR G 212 16.93 -28.02 -34.79
CA THR G 212 17.20 -29.27 -35.47
C THR G 212 16.62 -30.47 -34.73
N MET G 213 16.84 -30.53 -33.42
CA MET G 213 16.39 -31.65 -32.61
C MET G 213 14.88 -31.75 -32.54
N ARG G 214 14.21 -30.62 -32.78
CA ARG G 214 12.75 -30.56 -32.71
C ARG G 214 12.12 -31.09 -34.00
N ASN G 215 12.93 -31.25 -35.05
CA ASN G 215 12.40 -31.65 -36.36
C ASN G 215 13.15 -32.81 -37.01
N HIS G 216 14.22 -33.27 -36.38
CA HIS G 216 14.98 -34.40 -36.90
C HIS G 216 15.43 -35.27 -35.75
N ASP G 217 15.96 -36.46 -36.05
CA ASP G 217 16.27 -37.42 -35.01
C ASP G 217 17.75 -37.78 -34.90
N ASN G 218 18.60 -37.24 -35.77
CA ASN G 218 19.99 -37.71 -35.81
C ASN G 218 20.96 -36.87 -34.98
N LEU G 219 20.45 -35.87 -34.27
CA LEU G 219 21.30 -35.06 -33.41
C LEU G 219 21.02 -35.36 -31.93
N TYR G 220 22.08 -35.72 -31.21
CA TYR G 220 21.98 -36.06 -29.80
C TYR G 220 22.66 -35.03 -28.91
N LEU G 221 22.02 -34.69 -27.79
CA LEU G 221 22.53 -33.66 -26.90
C LEU G 221 22.97 -34.26 -25.56
N ILE G 222 24.23 -34.03 -25.21
CA ILE G 222 24.83 -34.57 -23.99
C ILE G 222 25.44 -33.47 -23.12
N CYS G 223 24.64 -32.92 -22.21
CA CYS G 223 25.07 -31.82 -21.36
C CYS G 223 25.58 -32.30 -20.00
N ASN G 224 26.04 -31.36 -19.17
CA ASN G 224 26.57 -31.62 -17.84
C ASN G 224 27.71 -32.64 -17.88
N THR G 225 28.44 -32.65 -18.99
CA THR G 225 29.44 -33.67 -19.24
C THR G 225 30.76 -33.03 -19.69
N LYS G 226 31.81 -33.19 -18.90
CA LYS G 226 33.08 -32.55 -19.21
C LYS G 226 34.04 -33.46 -19.97
N VAL G 227 34.58 -32.95 -21.07
CA VAL G 227 35.54 -33.70 -21.87
C VAL G 227 36.92 -33.74 -21.22
N ASP G 228 37.39 -34.95 -20.94
CA ASP G 228 38.70 -35.15 -20.33
C ASP G 228 39.79 -35.13 -21.41
N LYS G 229 39.85 -36.18 -22.23
CA LYS G 229 40.86 -36.27 -23.26
C LYS G 229 40.35 -36.99 -24.49
N ILE G 230 41.09 -36.85 -25.59
CA ILE G 230 40.76 -37.52 -26.84
C ILE G 230 41.66 -38.75 -27.03
N ILE G 231 41.05 -39.89 -27.30
CA ILE G 231 41.78 -41.15 -27.41
C ILE G 231 42.15 -41.47 -28.85
N VAL G 232 43.43 -41.72 -29.10
CA VAL G 232 43.93 -42.00 -30.44
C VAL G 232 44.20 -43.49 -30.64
N GLU G 233 43.66 -44.03 -31.73
CA GLU G 233 43.89 -45.43 -32.10
C GLU G 233 44.38 -45.52 -33.55
N ASP G 234 45.62 -46.00 -33.71
CA ASP G 234 46.26 -46.10 -35.03
C ASP G 234 46.30 -44.77 -35.76
N GLY G 235 46.72 -43.72 -35.06
CA GLY G 235 46.85 -42.40 -35.65
C GLY G 235 45.53 -41.72 -36.00
N ARG G 236 44.43 -42.27 -35.50
CA ARG G 236 43.12 -41.69 -35.73
C ARG G 236 42.43 -41.33 -34.42
N ALA G 237 41.86 -40.14 -34.36
CA ALA G 237 41.05 -39.72 -33.21
C ALA G 237 39.78 -40.55 -33.18
N ALA G 238 39.72 -41.48 -32.24
CA ALA G 238 38.69 -42.52 -32.28
C ALA G 238 37.65 -42.39 -31.19
N ALA G 239 38.05 -41.87 -30.04
CA ALA G 239 37.13 -41.80 -28.90
C ALA G 239 37.41 -40.62 -27.97
N VAL G 240 36.44 -40.33 -27.11
CA VAL G 240 36.56 -39.27 -26.13
C VAL G 240 36.23 -39.81 -24.74
N ARG G 241 37.09 -39.53 -23.76
CA ARG G 241 36.80 -39.87 -22.38
C ARG G 241 36.16 -38.66 -21.70
N THR G 242 35.02 -38.87 -21.05
CA THR G 242 34.36 -37.77 -20.34
C THR G 242 34.12 -38.12 -18.88
N VAL G 243 33.96 -37.07 -18.07
CA VAL G 243 33.62 -37.20 -16.66
C VAL G 243 32.46 -36.27 -16.36
N PRO G 244 31.72 -36.52 -15.27
CA PRO G 244 30.65 -35.58 -14.93
C PRO G 244 31.21 -34.20 -14.62
N SER G 245 30.45 -33.14 -14.90
CA SER G 245 30.93 -31.80 -14.62
C SER G 245 30.96 -31.54 -13.10
N LYS G 246 30.17 -32.30 -12.35
CA LYS G 246 30.18 -32.22 -10.89
C LYS G 246 30.55 -33.57 -10.27
N PRO G 247 31.74 -33.66 -9.66
CA PRO G 247 32.19 -34.91 -9.03
C PRO G 247 31.47 -35.15 -7.70
N LEU G 248 30.33 -35.82 -7.76
CA LEU G 248 29.47 -35.96 -6.59
C LEU G 248 29.63 -37.31 -5.88
N ASN G 249 30.55 -38.15 -6.36
CA ASN G 249 30.76 -39.46 -5.76
C ASN G 249 32.23 -39.84 -5.75
N PRO G 250 33.00 -39.26 -4.82
CA PRO G 250 34.46 -39.43 -4.76
C PRO G 250 34.88 -40.85 -4.41
N LYS G 251 34.00 -41.58 -3.73
CA LYS G 251 34.28 -42.95 -3.32
C LYS G 251 34.44 -43.87 -4.52
N LYS G 252 33.74 -43.55 -5.61
CA LYS G 252 33.83 -44.32 -6.83
C LYS G 252 33.52 -43.43 -8.04
N PRO G 253 34.53 -42.67 -8.50
CA PRO G 253 34.37 -41.73 -9.62
C PRO G 253 33.98 -42.45 -10.91
N SER G 254 33.13 -41.82 -11.72
CA SER G 254 32.67 -42.44 -12.95
C SER G 254 33.25 -41.74 -14.17
N HIS G 255 33.17 -42.41 -15.32
CA HIS G 255 33.58 -41.82 -16.59
C HIS G 255 32.87 -42.53 -17.72
N LYS G 256 32.76 -41.87 -18.86
CA LYS G 256 32.17 -42.47 -20.05
C LYS G 256 33.08 -42.34 -21.24
N ILE G 257 32.96 -43.27 -22.17
CA ILE G 257 33.71 -43.18 -23.41
C ILE G 257 32.75 -43.14 -24.59
N TYR G 258 32.91 -42.14 -25.44
CA TYR G 258 32.11 -42.02 -26.65
C TYR G 258 33.02 -42.17 -27.87
N ARG G 259 32.57 -42.94 -28.86
CA ARG G 259 33.38 -43.18 -30.04
C ARG G 259 32.84 -42.43 -31.25
N ALA G 260 33.72 -42.08 -32.17
CA ALA G 260 33.34 -41.45 -33.43
C ALA G 260 33.85 -42.25 -34.61
N ARG G 261 32.97 -42.51 -35.57
CA ARG G 261 33.36 -43.26 -36.76
C ARG G 261 34.06 -42.36 -37.78
N LYS G 262 33.50 -41.18 -38.04
CA LYS G 262 33.96 -40.36 -39.15
C LYS G 262 34.73 -39.10 -38.77
N GLN G 263 34.32 -38.40 -37.72
CA GLN G 263 34.91 -37.11 -37.41
C GLN G 263 34.74 -36.68 -35.95
N ILE G 264 35.78 -36.08 -35.39
CA ILE G 264 35.70 -35.41 -34.11
C ILE G 264 36.05 -33.93 -34.29
N VAL G 265 35.22 -33.04 -33.74
CA VAL G 265 35.52 -31.62 -33.76
C VAL G 265 35.64 -31.09 -32.34
N LEU G 266 36.77 -30.45 -32.04
CA LEU G 266 36.99 -29.87 -30.72
C LEU G 266 36.62 -28.40 -30.71
N SER G 267 35.65 -28.03 -29.87
CA SER G 267 35.15 -26.67 -29.81
C SER G 267 34.94 -26.22 -28.37
N CYS G 268 35.91 -26.49 -27.50
CA CYS G 268 35.74 -26.16 -26.10
C CYS G 268 36.15 -24.73 -25.76
N GLY G 269 36.51 -23.95 -26.76
CA GLY G 269 36.88 -22.56 -26.55
C GLY G 269 38.37 -22.38 -26.34
N THR G 270 38.81 -21.13 -26.46
CA THR G 270 40.23 -20.79 -26.44
C THR G 270 40.94 -21.24 -25.16
N ILE G 271 40.27 -21.11 -24.03
CA ILE G 271 40.86 -21.49 -22.76
C ILE G 271 40.91 -23.02 -22.57
N SER G 272 39.87 -23.71 -23.01
CA SER G 272 39.69 -25.11 -22.65
C SER G 272 40.20 -26.11 -23.70
N SER G 273 40.05 -25.77 -24.98
CA SER G 273 40.53 -26.66 -26.05
C SER G 273 42.00 -27.07 -25.94
N PRO G 274 42.92 -26.14 -25.61
CA PRO G 274 44.30 -26.62 -25.49
C PRO G 274 44.48 -27.57 -24.32
N LEU G 275 43.70 -27.36 -23.26
CA LEU G 275 43.75 -28.22 -22.09
C LEU G 275 43.36 -29.64 -22.46
N VAL G 276 42.34 -29.76 -23.30
CA VAL G 276 41.91 -31.06 -23.81
C VAL G 276 43.01 -31.70 -24.66
N LEU G 277 43.61 -30.91 -25.55
CA LEU G 277 44.68 -31.41 -26.40
C LEU G 277 45.89 -31.84 -25.58
N GLN G 278 46.25 -31.02 -24.60
CA GLN G 278 47.41 -31.32 -23.74
C GLN G 278 47.17 -32.58 -22.93
N ARG G 279 45.95 -32.75 -22.42
CA ARG G 279 45.62 -33.96 -21.68
C ARG G 279 45.62 -35.19 -22.61
N SER G 280 45.45 -34.95 -23.90
CA SER G 280 45.43 -36.02 -24.88
C SER G 280 46.82 -36.36 -25.39
N GLY G 281 47.82 -35.62 -24.92
CA GLY G 281 49.20 -35.88 -25.29
C GLY G 281 49.71 -35.04 -26.45
N PHE G 282 49.00 -33.96 -26.75
CA PHE G 282 49.42 -33.03 -27.80
C PHE G 282 50.04 -31.78 -27.17
N GLY G 283 51.33 -31.58 -27.36
CA GLY G 283 51.99 -30.38 -26.86
C GLY G 283 53.49 -30.47 -26.73
N ASP G 284 54.05 -29.67 -25.83
CA ASP G 284 55.47 -29.69 -25.53
C ASP G 284 55.77 -30.86 -24.59
N PRO G 285 56.55 -31.84 -25.07
CA PRO G 285 56.85 -33.07 -24.33
C PRO G 285 57.40 -32.83 -22.93
N ILE G 286 58.25 -31.81 -22.79
CA ILE G 286 58.82 -31.48 -21.49
C ILE G 286 57.74 -31.00 -20.52
N LYS G 287 56.90 -30.08 -20.98
CA LYS G 287 55.80 -29.56 -20.17
C LYS G 287 54.74 -30.62 -19.89
N LEU G 288 54.45 -31.45 -20.89
CA LEU G 288 53.47 -32.52 -20.71
C LEU G 288 53.91 -33.50 -19.62
N ARG G 289 55.18 -33.92 -19.69
CA ARG G 289 55.74 -34.83 -18.70
C ARG G 289 55.78 -34.18 -17.32
N ALA G 290 56.01 -32.87 -17.28
CA ALA G 290 56.01 -32.13 -16.03
C ALA G 290 54.61 -32.08 -15.43
N ALA G 291 53.60 -32.33 -16.27
CA ALA G 291 52.21 -32.31 -15.82
C ALA G 291 51.65 -33.73 -15.69
N GLY G 292 52.51 -34.73 -15.83
CA GLY G 292 52.11 -36.12 -15.63
C GLY G 292 51.42 -36.77 -16.82
N VAL G 293 51.58 -36.18 -18.00
CA VAL G 293 50.96 -36.72 -19.21
C VAL G 293 52.00 -37.28 -20.16
N LYS G 294 51.73 -38.47 -20.70
CA LYS G 294 52.63 -39.08 -21.69
C LYS G 294 52.46 -38.42 -23.05
N PRO G 295 53.55 -37.84 -23.58
CA PRO G 295 53.55 -37.18 -24.89
C PRO G 295 53.17 -38.13 -26.03
N LEU G 296 52.44 -37.62 -27.00
CA LEU G 296 52.02 -38.40 -28.16
C LEU G 296 52.43 -37.70 -29.45
N VAL G 297 52.16 -36.40 -29.51
CA VAL G 297 52.49 -35.61 -30.68
C VAL G 297 53.20 -34.33 -30.27
N ASN G 298 54.36 -34.09 -30.87
CA ASN G 298 55.17 -32.91 -30.56
C ASN G 298 54.60 -31.66 -31.20
N LEU G 299 53.82 -30.90 -30.41
CA LEU G 299 53.17 -29.68 -30.89
C LEU G 299 53.28 -28.55 -29.88
N PRO G 300 54.46 -27.90 -29.81
CA PRO G 300 54.72 -26.86 -28.79
C PRO G 300 53.79 -25.65 -28.89
N GLY G 301 53.03 -25.54 -29.98
CA GLY G 301 52.14 -24.42 -30.18
C GLY G 301 50.84 -24.48 -29.38
N VAL G 302 50.51 -25.67 -28.88
CA VAL G 302 49.27 -25.85 -28.12
C VAL G 302 49.30 -25.09 -26.80
N GLY G 303 48.45 -24.08 -26.69
CA GLY G 303 48.38 -23.28 -25.49
C GLY G 303 49.18 -22.00 -25.60
N ARG G 304 49.89 -21.85 -26.71
CA ARG G 304 50.69 -20.66 -26.95
C ARG G 304 49.91 -19.67 -27.78
N ASN G 305 50.46 -18.46 -27.93
CA ASN G 305 49.88 -17.44 -28.80
C ASN G 305 48.50 -16.99 -28.31
N PHE G 306 48.32 -16.98 -26.99
CA PHE G 306 47.06 -16.55 -26.38
C PHE G 306 46.84 -15.07 -26.58
N GLN G 307 45.74 -14.73 -27.25
CA GLN G 307 45.39 -13.35 -27.52
C GLN G 307 44.01 -13.02 -27.00
N ASP G 308 43.72 -11.73 -26.89
CA ASP G 308 42.45 -11.26 -26.37
C ASP G 308 42.30 -9.79 -26.72
N HIS G 309 41.15 -9.23 -26.43
CA HIS G 309 41.00 -7.79 -26.42
C HIS G 309 41.06 -7.32 -24.97
N TYR G 310 41.75 -6.21 -24.73
CA TYR G 310 41.92 -5.74 -23.36
C TYR G 310 40.97 -4.58 -23.13
N CYS G 311 40.08 -4.71 -22.14
CA CYS G 311 39.03 -3.73 -21.95
C CYS G 311 39.10 -3.02 -20.61
N PHE G 312 38.39 -1.89 -20.50
CA PHE G 312 38.17 -1.24 -19.22
C PHE G 312 36.91 -0.37 -19.27
N PHE G 313 36.33 -0.13 -18.10
CA PHE G 313 35.06 0.58 -17.98
C PHE G 313 35.24 1.89 -17.23
N SER G 314 34.61 2.95 -17.73
CA SER G 314 34.64 4.26 -17.08
C SER G 314 33.23 4.82 -16.96
N PRO G 315 32.69 4.85 -15.74
CA PRO G 315 31.29 5.26 -15.54
C PRO G 315 31.11 6.76 -15.36
N TYR G 316 29.98 7.28 -15.82
CA TYR G 316 29.65 8.68 -15.66
C TYR G 316 28.28 8.88 -15.04
N ARG G 317 28.15 9.97 -14.31
CA ARG G 317 26.88 10.43 -13.77
C ARG G 317 25.95 10.89 -14.90
N ILE G 318 24.67 10.55 -14.84
CA ILE G 318 23.70 11.15 -15.78
C ILE G 318 22.69 12.00 -15.02
N LYS G 319 22.07 12.95 -15.72
CA LYS G 319 21.06 13.82 -15.12
C LYS G 319 19.84 13.01 -14.68
N PRO G 320 19.21 13.42 -13.57
CA PRO G 320 18.13 12.62 -12.96
C PRO G 320 16.93 12.36 -13.87
N GLN G 321 16.76 13.15 -14.92
CA GLN G 321 15.59 12.99 -15.80
C GLN G 321 15.80 11.91 -16.87
N TYR G 322 17.03 11.48 -17.05
CA TYR G 322 17.33 10.53 -18.11
C TYR G 322 17.27 9.07 -17.65
N GLU G 323 17.20 8.14 -18.60
CA GLU G 323 16.98 6.74 -18.30
C GLU G 323 18.26 5.92 -18.24
N SER G 324 18.24 4.86 -17.43
CA SER G 324 19.31 3.87 -17.38
C SER G 324 18.72 2.59 -16.83
N PHE G 325 19.49 1.49 -16.86
CA PHE G 325 18.98 0.24 -16.33
C PHE G 325 19.43 -0.02 -14.90
N ASP G 326 19.97 1.02 -14.24
CA ASP G 326 20.59 0.87 -12.93
C ASP G 326 19.63 0.37 -11.84
N ASP G 327 18.46 0.99 -11.72
CA ASP G 327 17.51 0.56 -10.71
C ASP G 327 17.04 -0.88 -10.95
N PHE G 328 16.88 -1.22 -12.22
CA PHE G 328 16.50 -2.57 -12.61
C PHE G 328 17.55 -3.59 -12.16
N VAL G 329 18.82 -3.29 -12.46
CA VAL G 329 19.92 -4.18 -12.13
C VAL G 329 20.17 -4.19 -10.62
N ARG G 330 19.89 -3.08 -9.96
CA ARG G 330 20.09 -3.00 -8.50
C ARG G 330 19.11 -3.90 -7.76
N GLY G 331 17.92 -4.09 -8.33
CA GLY G 331 16.94 -4.98 -7.75
C GLY G 331 15.68 -4.32 -7.24
N ASP G 332 15.34 -3.15 -7.80
CA ASP G 332 14.11 -2.46 -7.43
C ASP G 332 12.91 -3.28 -7.88
N ALA G 333 12.07 -3.66 -6.91
CA ALA G 333 10.98 -4.60 -7.16
C ALA G 333 9.93 -4.06 -8.12
N GLU G 334 9.49 -2.83 -7.90
CA GLU G 334 8.44 -2.26 -8.73
C GLU G 334 8.90 -2.03 -10.16
N ILE G 335 10.14 -1.57 -10.32
CA ILE G 335 10.66 -1.33 -11.66
C ILE G 335 10.88 -2.66 -12.40
N GLN G 336 11.39 -3.67 -11.71
CA GLN G 336 11.54 -4.99 -12.31
C GLN G 336 10.19 -5.56 -12.75
N LYS G 337 9.19 -5.38 -11.90
CA LYS G 337 7.85 -5.84 -12.22
C LYS G 337 7.30 -5.19 -13.49
N ARG G 338 7.47 -3.88 -13.62
CA ARG G 338 6.93 -3.17 -14.79
C ARG G 338 7.67 -3.57 -16.07
N VAL G 339 8.98 -3.75 -15.95
CA VAL G 339 9.79 -4.12 -17.11
C VAL G 339 9.42 -5.51 -17.62
N PHE G 340 9.23 -6.46 -16.70
CA PHE G 340 8.83 -7.81 -17.10
C PHE G 340 7.40 -7.81 -17.65
N ASP G 341 6.52 -7.04 -17.01
CA ASP G 341 5.13 -6.97 -17.45
C ASP G 341 5.00 -6.50 -18.90
N GLN G 342 5.81 -5.52 -19.28
CA GLN G 342 5.76 -5.03 -20.65
C GLN G 342 6.24 -6.10 -21.62
N TRP G 343 7.28 -6.84 -21.23
CA TRP G 343 7.82 -7.87 -22.11
C TRP G 343 6.82 -9.02 -22.29
N TYR G 344 6.16 -9.40 -21.21
CA TYR G 344 5.13 -10.44 -21.27
C TYR G 344 3.96 -9.99 -22.14
N ALA G 345 3.66 -8.69 -22.10
CA ALA G 345 2.54 -8.13 -22.84
C ALA G 345 2.75 -8.21 -24.35
N ASN G 346 3.92 -7.76 -24.83
CA ASN G 346 4.17 -7.73 -26.26
C ASN G 346 5.65 -7.76 -26.66
N GLY G 347 6.53 -8.22 -25.76
CA GLY G 347 7.93 -8.38 -26.10
C GLY G 347 8.74 -7.10 -26.32
N THR G 348 8.26 -5.99 -25.77
CA THR G 348 8.99 -4.73 -25.90
C THR G 348 9.39 -4.16 -24.55
N GLY G 349 10.14 -3.06 -24.57
CA GLY G 349 10.58 -2.44 -23.33
C GLY G 349 12.02 -2.78 -22.99
N PRO G 350 12.54 -2.22 -21.89
CA PRO G 350 13.94 -2.33 -21.47
C PRO G 350 14.47 -3.77 -21.40
N LEU G 351 13.61 -4.76 -21.22
CA LEU G 351 14.06 -6.15 -21.15
C LEU G 351 14.56 -6.67 -22.50
N ALA G 352 14.17 -5.98 -23.58
CA ALA G 352 14.46 -6.43 -24.93
C ALA G 352 15.62 -5.68 -25.57
N THR G 353 16.56 -5.22 -24.75
CA THR G 353 17.75 -4.55 -25.25
C THR G 353 18.94 -4.85 -24.33
N ASN G 354 20.14 -4.48 -24.78
CA ASN G 354 21.33 -4.62 -23.95
C ASN G 354 21.77 -3.29 -23.37
N GLY G 355 21.12 -2.21 -23.82
CA GLY G 355 21.46 -0.87 -23.37
C GLY G 355 22.78 -0.36 -23.90
N ILE G 356 23.37 -1.08 -24.84
CA ILE G 356 24.61 -0.67 -25.49
C ILE G 356 24.26 -0.13 -26.88
N GLU G 357 23.96 1.16 -26.94
CA GLU G 357 23.21 1.68 -28.07
C GLU G 357 24.03 2.35 -29.17
N ALA G 358 25.23 2.80 -28.83
CA ALA G 358 26.07 3.45 -29.81
C ALA G 358 27.54 3.23 -29.49
N GLY G 359 28.38 3.36 -30.50
CA GLY G 359 29.79 3.07 -30.33
C GLY G 359 30.66 3.56 -31.45
N VAL G 360 31.93 3.18 -31.41
CA VAL G 360 32.95 3.83 -32.20
C VAL G 360 34.09 2.88 -32.54
N LYS G 361 34.61 2.99 -33.77
CA LYS G 361 35.89 2.40 -34.12
C LYS G 361 36.82 3.56 -34.47
N ILE G 362 38.03 3.59 -33.93
CA ILE G 362 38.90 4.74 -34.16
C ILE G 362 40.36 4.42 -34.45
N ARG G 363 40.95 5.28 -35.28
CA ARG G 363 42.40 5.29 -35.53
C ARG G 363 42.94 6.66 -35.16
N PRO G 364 44.20 6.72 -34.71
CA PRO G 364 44.79 8.01 -34.34
C PRO G 364 45.12 8.85 -35.56
N THR G 365 44.97 10.17 -35.45
CA THR G 365 45.47 11.09 -36.47
C THR G 365 46.99 11.14 -36.32
N PRO G 366 47.70 11.57 -37.37
CA PRO G 366 49.18 11.69 -37.27
C PRO G 366 49.64 12.59 -36.12
N GLU G 367 48.86 13.62 -35.79
CA GLU G 367 49.18 14.48 -34.66
C GLU G 367 49.04 13.74 -33.33
N GLU G 368 47.93 13.02 -33.18
CA GLU G 368 47.69 12.22 -31.96
C GLU G 368 48.79 11.19 -31.76
N LEU G 369 49.21 10.55 -32.84
CA LEU G 369 50.31 9.59 -32.82
C LEU G 369 51.59 10.20 -32.28
N SER G 370 51.88 11.43 -32.70
CA SER G 370 53.13 12.10 -32.32
C SER G 370 53.18 12.43 -30.83
N GLN G 371 52.06 12.28 -30.14
CA GLN G 371 51.97 12.56 -28.73
C GLN G 371 52.07 11.29 -27.87
N MET G 372 52.09 10.14 -28.54
CA MET G 372 52.08 8.86 -27.83
C MET G 372 53.49 8.30 -27.63
N ASP G 373 53.58 7.23 -26.86
CA ASP G 373 54.84 6.51 -26.63
C ASP G 373 55.54 6.22 -27.95
N GLU G 374 56.87 6.33 -27.96
CA GLU G 374 57.64 6.01 -29.16
C GLU G 374 57.45 4.56 -29.54
N SER G 375 57.31 3.71 -28.54
CA SER G 375 57.15 2.28 -28.78
C SER G 375 55.89 1.98 -29.58
N PHE G 376 54.79 2.68 -29.30
CA PHE G 376 53.57 2.43 -30.06
C PHE G 376 53.60 3.12 -31.43
N GLN G 377 54.30 4.25 -31.50
CA GLN G 377 54.48 4.91 -32.79
C GLN G 377 55.14 3.98 -33.78
N GLU G 378 56.12 3.23 -33.30
CA GLU G 378 56.81 2.23 -34.12
C GLU G 378 55.90 1.05 -34.41
N GLY G 379 55.14 0.63 -33.41
CA GLY G 379 54.19 -0.46 -33.58
C GLY G 379 53.12 -0.11 -34.60
N TYR G 380 52.74 1.15 -34.65
CA TYR G 380 51.74 1.61 -35.60
C TYR G 380 52.26 1.51 -37.04
N ARG G 381 53.52 1.91 -37.24
CA ARG G 381 54.14 1.82 -38.56
C ARG G 381 54.22 0.37 -39.03
N GLU G 382 54.58 -0.52 -38.10
CA GLU G 382 54.76 -1.94 -38.42
C GLU G 382 53.44 -2.67 -38.73
N TYR G 383 52.38 -2.31 -38.00
CA TYR G 383 51.17 -3.11 -38.02
C TYR G 383 49.95 -2.42 -38.65
N PHE G 384 49.81 -1.11 -38.45
CA PHE G 384 48.59 -0.41 -38.84
C PHE G 384 48.67 0.48 -40.08
N GLU G 385 49.84 1.10 -40.31
CA GLU G 385 49.96 2.16 -41.30
C GLU G 385 49.58 1.71 -42.72
N ASP G 386 49.97 0.50 -43.09
CA ASP G 386 49.66 -0.04 -44.41
C ASP G 386 48.42 -0.94 -44.38
N LYS G 387 47.69 -0.91 -43.26
CA LYS G 387 46.43 -1.64 -43.13
C LYS G 387 45.32 -0.66 -42.74
N PRO G 388 44.89 0.18 -43.69
CA PRO G 388 43.98 1.29 -43.39
C PRO G 388 42.59 0.87 -42.90
N ASP G 389 42.24 -0.40 -42.97
CA ASP G 389 40.91 -0.83 -42.55
C ASP G 389 40.84 -1.38 -41.13
N LYS G 390 41.98 -1.43 -40.45
CA LYS G 390 42.04 -1.92 -39.07
C LYS G 390 41.89 -0.80 -38.05
N PRO G 391 40.90 -0.92 -37.14
CA PRO G 391 40.76 0.04 -36.04
C PRO G 391 41.78 -0.21 -34.93
N VAL G 392 42.15 0.83 -34.19
CA VAL G 392 43.08 0.65 -33.06
C VAL G 392 42.33 0.44 -31.75
N MET G 393 41.34 1.28 -31.49
CA MET G 393 40.51 1.16 -30.28
C MET G 393 39.02 1.13 -30.61
N HIS G 394 38.26 0.45 -29.77
CA HIS G 394 36.81 0.56 -29.79
C HIS G 394 36.32 1.11 -28.47
N TYR G 395 35.28 1.93 -28.51
CA TYR G 395 34.50 2.13 -27.29
C TYR G 395 33.05 2.43 -27.61
N SER G 396 32.20 2.13 -26.64
CA SER G 396 30.77 2.24 -26.81
C SER G 396 30.12 2.74 -25.51
N ILE G 397 28.89 3.21 -25.61
CA ILE G 397 28.20 3.75 -24.46
C ILE G 397 27.14 2.78 -23.92
N ILE G 398 27.22 2.49 -22.62
CA ILE G 398 26.26 1.60 -21.98
C ILE G 398 25.31 2.44 -21.12
N ALA G 399 24.01 2.21 -21.28
CA ALA G 399 22.99 3.02 -20.61
C ALA G 399 22.78 2.60 -19.16
N GLY G 400 23.85 2.63 -18.38
CA GLY G 400 23.83 2.20 -17.00
C GLY G 400 25.24 1.88 -16.55
N PHE G 401 25.40 1.55 -15.27
CA PHE G 401 26.70 1.11 -14.79
C PHE G 401 26.86 -0.39 -14.96
N PHE G 402 27.87 -0.80 -15.72
CA PHE G 402 28.23 -2.21 -15.73
C PHE G 402 29.31 -2.47 -14.69
N GLY G 403 28.97 -3.28 -13.69
CA GLY G 403 29.84 -3.56 -12.56
C GLY G 403 29.01 -3.84 -11.32
N ASP G 404 29.67 -3.91 -10.18
CA ASP G 404 28.98 -4.23 -8.93
C ASP G 404 28.30 -2.98 -8.35
N HIS G 405 26.98 -2.97 -8.36
CA HIS G 405 26.22 -1.82 -7.85
C HIS G 405 26.34 -1.64 -6.33
N THR G 406 26.77 -2.68 -5.61
CA THR G 406 26.96 -2.55 -4.16
C THR G 406 28.23 -1.78 -3.83
N LYS G 407 29.04 -1.46 -4.85
CA LYS G 407 30.31 -0.78 -4.64
C LYS G 407 30.37 0.59 -5.33
N ILE G 408 29.21 1.11 -5.72
CA ILE G 408 29.13 2.41 -6.36
C ILE G 408 27.95 3.15 -5.72
N PRO G 409 27.98 4.49 -5.68
CA PRO G 409 26.89 5.20 -5.00
C PRO G 409 25.54 4.99 -5.68
N PRO G 410 24.44 5.28 -4.97
CA PRO G 410 23.13 5.24 -5.62
C PRO G 410 23.01 6.27 -6.74
N GLY G 411 22.00 6.14 -7.58
CA GLY G 411 21.82 7.06 -8.68
C GLY G 411 21.87 6.35 -10.01
N LYS G 412 21.89 7.12 -11.09
CA LYS G 412 21.88 6.58 -12.44
C LYS G 412 23.17 6.93 -13.18
N TYR G 413 23.59 6.06 -14.07
CA TYR G 413 24.89 6.18 -14.70
C TYR G 413 24.86 5.85 -16.20
N MET G 414 25.98 6.16 -16.86
CA MET G 414 26.27 5.62 -18.18
C MET G 414 27.73 5.24 -18.17
N THR G 415 28.08 4.17 -18.89
CA THR G 415 29.44 3.66 -18.84
C THR G 415 30.09 3.61 -20.23
N MET G 416 31.31 4.16 -20.31
CA MET G 416 32.13 3.99 -21.50
C MET G 416 32.85 2.65 -21.43
N PHE G 417 32.67 1.84 -22.47
CA PHE G 417 33.24 0.50 -22.53
C PHE G 417 34.28 0.47 -23.65
N HIS G 418 35.57 0.40 -23.30
CA HIS G 418 36.66 0.42 -24.29
C HIS G 418 37.33 -0.93 -24.42
N PHE G 419 37.86 -1.25 -25.59
CA PHE G 419 38.85 -2.32 -25.67
C PHE G 419 39.84 -2.16 -26.84
N LEU G 420 41.02 -2.72 -26.63
CA LEU G 420 42.11 -2.66 -27.61
C LEU G 420 41.94 -3.73 -28.66
N GLU G 421 41.99 -3.33 -29.94
CA GLU G 421 41.59 -4.19 -31.05
C GLU G 421 42.64 -5.25 -31.46
N TYR G 422 43.90 -4.85 -31.53
CA TYR G 422 44.97 -5.77 -31.92
C TYR G 422 46.19 -5.63 -31.01
N PRO G 423 46.13 -6.20 -29.80
CA PRO G 423 47.24 -6.08 -28.86
C PRO G 423 48.50 -6.80 -29.36
N PHE G 424 49.67 -6.26 -28.98
CA PHE G 424 50.93 -6.90 -29.30
C PHE G 424 51.30 -7.94 -28.25
N SER G 425 50.73 -7.79 -27.06
CA SER G 425 50.99 -8.71 -25.96
C SER G 425 50.55 -10.14 -26.30
N ARG G 426 51.21 -11.12 -25.70
CA ARG G 426 50.88 -12.52 -25.91
C ARG G 426 50.95 -13.28 -24.60
N GLY G 427 50.09 -14.28 -24.45
CA GLY G 427 50.10 -15.10 -23.26
C GLY G 427 50.16 -16.59 -23.58
N SER G 428 50.01 -17.41 -22.54
CA SER G 428 50.04 -18.86 -22.71
C SER G 428 49.24 -19.56 -21.62
N ILE G 429 48.85 -20.79 -21.88
CA ILE G 429 48.12 -21.57 -20.89
C ILE G 429 48.51 -23.04 -20.99
N HIS G 430 48.55 -23.73 -19.85
CA HIS G 430 48.95 -25.13 -19.82
C HIS G 430 48.39 -25.86 -18.59
N ILE G 431 47.98 -27.11 -18.78
CA ILE G 431 47.49 -27.93 -17.67
C ILE G 431 48.53 -28.09 -16.57
N THR G 432 48.06 -28.37 -15.35
CA THR G 432 48.97 -28.57 -14.23
C THR G 432 49.06 -30.06 -13.86
N SER G 433 48.07 -30.82 -14.30
CA SER G 433 48.02 -32.26 -14.02
C SER G 433 47.07 -32.93 -15.02
N PRO G 434 46.99 -34.28 -15.02
CA PRO G 434 46.01 -34.89 -15.93
C PRO G 434 44.56 -34.80 -15.42
N ASP G 435 44.37 -34.31 -14.20
CA ASP G 435 43.02 -34.12 -13.65
C ASP G 435 42.23 -33.13 -14.51
N PRO G 436 41.13 -33.58 -15.12
CA PRO G 436 40.33 -32.71 -15.98
C PRO G 436 39.71 -31.53 -15.22
N TYR G 437 39.57 -31.65 -13.91
CA TYR G 437 39.00 -30.59 -13.08
C TYR G 437 40.03 -29.56 -12.65
N ALA G 438 41.31 -29.90 -12.78
CA ALA G 438 42.38 -29.08 -12.23
C ALA G 438 42.51 -27.73 -12.93
N ALA G 439 42.74 -26.68 -12.13
CA ALA G 439 42.98 -25.35 -12.65
C ALA G 439 44.30 -25.30 -13.40
N PRO G 440 44.28 -24.76 -14.63
CA PRO G 440 45.50 -24.67 -15.43
C PRO G 440 46.47 -23.59 -14.96
N ASP G 441 47.72 -23.70 -15.37
CA ASP G 441 48.70 -22.64 -15.20
C ASP G 441 48.45 -21.59 -16.29
N PHE G 442 48.05 -20.39 -15.89
CA PHE G 442 47.49 -19.41 -16.83
C PHE G 442 48.18 -18.06 -16.76
N ASP G 443 48.78 -17.65 -17.87
CA ASP G 443 49.29 -16.30 -18.03
C ASP G 443 48.69 -15.66 -19.27
N PRO G 444 47.61 -14.89 -19.10
CA PRO G 444 46.89 -14.25 -20.20
C PRO G 444 47.75 -13.21 -20.91
N GLY G 445 48.74 -12.68 -20.21
CA GLY G 445 49.71 -11.78 -20.80
C GLY G 445 49.23 -10.35 -21.00
N PHE G 446 48.14 -9.99 -20.32
CA PHE G 446 47.55 -8.65 -20.45
C PHE G 446 48.58 -7.55 -20.19
N MET G 447 48.75 -6.67 -21.18
CA MET G 447 49.60 -5.49 -21.09
C MET G 447 51.11 -5.77 -20.87
N ASN G 448 51.58 -6.97 -21.18
CA ASN G 448 52.99 -7.26 -20.93
C ASN G 448 53.90 -6.68 -22.01
N ASP G 449 53.32 -6.29 -23.15
CA ASP G 449 54.06 -5.59 -24.19
C ASP G 449 53.85 -4.09 -24.04
N GLU G 450 54.94 -3.33 -24.08
CA GLU G 450 54.89 -1.90 -23.80
C GLU G 450 54.12 -1.10 -24.84
N ARG G 451 53.91 -1.69 -26.02
CA ARG G 451 53.24 -1.00 -27.12
C ARG G 451 51.73 -0.88 -26.89
N ASP G 452 51.21 -1.63 -25.94
CA ASP G 452 49.76 -1.70 -25.75
C ASP G 452 49.22 -0.63 -24.80
N MET G 453 50.10 0.14 -24.16
CA MET G 453 49.66 1.11 -23.17
C MET G 453 49.09 2.40 -23.77
N ALA G 454 49.80 2.96 -24.75
CA ALA G 454 49.42 4.25 -25.34
C ALA G 454 47.99 4.32 -25.92
N PRO G 455 47.56 3.29 -26.69
CA PRO G 455 46.20 3.39 -27.23
C PRO G 455 45.11 3.42 -26.16
N MET G 456 45.33 2.70 -25.06
CA MET G 456 44.37 2.65 -23.97
C MET G 456 44.24 4.00 -23.28
N VAL G 457 45.38 4.64 -23.02
CA VAL G 457 45.40 5.97 -22.44
C VAL G 457 44.67 6.95 -23.36
N TRP G 458 45.02 6.87 -24.64
CA TRP G 458 44.39 7.68 -25.67
C TRP G 458 42.88 7.54 -25.68
N ALA G 459 42.40 6.30 -25.59
CA ALA G 459 40.97 6.01 -25.63
C ALA G 459 40.22 6.56 -24.41
N TYR G 460 40.85 6.50 -23.24
CA TYR G 460 40.22 7.05 -22.04
C TYR G 460 39.97 8.55 -22.22
N LYS G 461 40.97 9.27 -22.71
CA LYS G 461 40.86 10.70 -22.90
C LYS G 461 39.79 11.03 -23.94
N LYS G 462 39.75 10.22 -24.99
CA LYS G 462 38.81 10.42 -26.07
C LYS G 462 37.35 10.22 -25.61
N SER G 463 37.07 9.09 -24.97
CA SER G 463 35.72 8.79 -24.51
C SER G 463 35.24 9.74 -23.43
N ARG G 464 36.18 10.23 -22.61
CA ARG G 464 35.86 11.18 -21.57
C ARG G 464 35.39 12.50 -22.21
N GLU G 465 36.05 12.88 -23.29
CA GLU G 465 35.67 14.07 -24.05
C GLU G 465 34.30 13.89 -24.70
N THR G 466 34.03 12.68 -25.19
CA THR G 466 32.72 12.34 -25.73
C THR G 466 31.65 12.50 -24.64
N ALA G 467 31.92 11.91 -23.48
CA ALA G 467 30.99 11.92 -22.36
C ALA G 467 30.62 13.34 -21.93
N ARG G 468 31.63 14.21 -21.86
CA ARG G 468 31.42 15.57 -21.37
C ARG G 468 30.68 16.44 -22.39
N ARG G 469 30.51 15.93 -23.61
CA ARG G 469 29.78 16.66 -24.63
C ARG G 469 28.40 16.08 -24.89
N MET G 470 27.98 15.14 -24.04
CA MET G 470 26.65 14.54 -24.13
C MET G 470 25.66 15.25 -23.22
N ASP G 471 24.41 15.36 -23.66
CA ASP G 471 23.36 15.98 -22.85
C ASP G 471 23.14 15.23 -21.54
N HIS G 472 23.36 13.91 -21.59
CA HIS G 472 23.17 13.05 -20.43
C HIS G 472 24.13 13.39 -19.29
N PHE G 473 25.30 13.90 -19.64
CA PHE G 473 26.41 14.07 -18.70
C PHE G 473 26.07 14.92 -17.49
N ALA G 474 26.36 14.41 -16.30
CA ALA G 474 26.11 15.16 -15.08
C ALA G 474 27.27 15.03 -14.08
N GLY G 475 28.36 14.41 -14.49
CA GLY G 475 29.51 14.27 -13.62
C GLY G 475 30.31 12.99 -13.79
N GLU G 476 31.39 12.88 -13.03
CA GLU G 476 32.33 11.79 -13.16
C GLU G 476 32.50 11.07 -11.82
N VAL G 477 32.37 9.74 -11.84
CA VAL G 477 32.45 8.96 -10.61
C VAL G 477 33.89 8.77 -10.17
N THR G 478 34.30 9.56 -9.18
CA THR G 478 35.71 9.69 -8.84
C THR G 478 36.34 8.36 -8.45
N SER G 479 35.61 7.53 -7.72
CA SER G 479 36.15 6.25 -7.24
C SER G 479 36.46 5.29 -8.38
N HIS G 480 35.83 5.51 -9.52
CA HIS G 480 35.98 4.60 -10.65
C HIS G 480 36.69 5.25 -11.81
N HIS G 481 37.43 6.31 -11.53
CA HIS G 481 38.24 7.02 -12.53
C HIS G 481 39.70 6.99 -12.12
N PRO G 482 40.62 7.36 -13.03
CA PRO G 482 42.04 7.40 -12.65
C PRO G 482 42.29 8.30 -11.44
N LEU G 483 43.25 7.88 -10.61
CA LEU G 483 43.56 8.58 -9.37
C LEU G 483 44.45 9.78 -9.63
N PHE G 484 43.89 10.79 -10.30
CA PHE G 484 44.61 12.03 -10.58
C PHE G 484 45.09 12.67 -9.29
N PRO G 485 46.17 13.48 -9.37
CA PRO G 485 46.56 14.30 -8.22
C PRO G 485 45.37 15.13 -7.76
N TYR G 486 45.17 15.26 -6.44
CA TYR G 486 43.93 15.82 -5.91
C TYR G 486 43.55 17.16 -6.53
N SER G 487 44.53 18.04 -6.72
CA SER G 487 44.24 19.39 -7.19
C SER G 487 44.52 19.58 -8.68
N SER G 488 44.73 18.49 -9.39
CA SER G 488 44.90 18.55 -10.83
C SER G 488 43.64 19.06 -11.52
N GLU G 489 43.82 19.84 -12.58
CA GLU G 489 42.68 20.34 -13.35
C GLU G 489 42.11 19.26 -14.24
N ALA G 490 42.75 18.08 -14.22
CA ALA G 490 42.25 16.92 -14.96
C ALA G 490 41.46 15.96 -14.06
N ARG G 491 41.34 16.30 -12.78
CA ARG G 491 40.70 15.40 -11.82
C ARG G 491 39.23 15.14 -12.15
N ALA G 492 38.70 14.05 -11.62
CA ALA G 492 37.30 13.71 -11.82
C ALA G 492 36.41 14.67 -11.03
N LEU G 493 35.39 15.21 -11.68
CA LEU G 493 34.47 16.13 -11.02
C LEU G 493 33.07 15.51 -10.92
N GLU G 494 32.59 15.38 -9.69
CA GLU G 494 31.29 14.75 -9.42
C GLU G 494 30.11 15.65 -9.77
N MET G 495 28.91 15.12 -9.64
CA MET G 495 27.70 15.90 -9.84
C MET G 495 27.64 17.03 -8.81
N ASP G 496 27.02 18.15 -9.18
CA ASP G 496 26.99 19.31 -8.30
C ASP G 496 25.97 19.17 -7.16
N LEU G 497 25.82 20.24 -6.39
CA LEU G 497 24.96 20.26 -5.22
C LEU G 497 23.50 19.98 -5.57
N GLU G 498 22.97 20.70 -6.55
CA GLU G 498 21.57 20.55 -6.96
C GLU G 498 21.25 19.13 -7.40
N THR G 499 22.11 18.57 -8.24
CA THR G 499 21.92 17.22 -8.75
C THR G 499 22.00 16.19 -7.63
N SER G 500 22.91 16.41 -6.69
CA SER G 500 23.05 15.52 -5.54
C SER G 500 21.77 15.51 -4.72
N ASN G 501 21.20 16.70 -4.51
CA ASN G 501 19.95 16.83 -3.77
C ASN G 501 18.79 16.18 -4.50
N ALA G 502 18.82 16.24 -5.83
CA ALA G 502 17.78 15.61 -6.63
C ALA G 502 17.82 14.10 -6.43
N TYR G 503 19.02 13.52 -6.50
CA TYR G 503 19.18 12.08 -6.31
C TYR G 503 18.96 11.67 -4.86
N GLY G 504 19.31 12.55 -3.93
CA GLY G 504 19.14 12.25 -2.51
C GLY G 504 17.69 12.25 -2.07
N GLY G 505 16.85 13.01 -2.78
CA GLY G 505 15.45 13.11 -2.45
C GLY G 505 15.17 14.22 -1.45
N PRO G 506 13.89 14.56 -1.27
CA PRO G 506 13.51 15.72 -0.44
C PRO G 506 13.72 15.51 1.07
N LEU G 507 13.95 14.28 1.51
CA LEU G 507 14.11 14.01 2.92
C LEU G 507 15.56 13.81 3.34
N ASN G 508 16.50 13.91 2.39
CA ASN G 508 17.91 13.64 2.69
C ASN G 508 18.49 14.63 3.70
N LEU G 509 19.47 14.17 4.47
CA LEU G 509 20.07 14.99 5.51
C LEU G 509 21.58 15.12 5.34
N SER G 510 22.12 14.67 4.20
CA SER G 510 23.56 14.75 4.01
C SER G 510 24.01 15.00 2.57
N ALA G 511 23.07 15.16 1.63
CA ALA G 511 23.45 15.50 0.26
C ALA G 511 24.13 16.87 0.24
N GLY G 512 25.32 16.93 -0.35
CA GLY G 512 26.06 18.18 -0.39
C GLY G 512 26.82 18.48 0.89
N LEU G 513 26.89 17.51 1.79
CA LEU G 513 27.73 17.63 2.99
C LEU G 513 29.17 17.35 2.58
N ALA G 514 29.94 18.41 2.34
CA ALA G 514 31.26 18.29 1.72
C ALA G 514 32.37 17.85 2.66
N HIS G 515 32.15 18.00 3.97
CA HIS G 515 33.18 17.73 4.98
C HIS G 515 33.78 16.34 4.83
N GLY G 516 35.10 16.29 4.64
CA GLY G 516 35.82 15.06 4.35
C GLY G 516 36.55 15.19 3.02
N SER G 517 36.02 16.05 2.15
CA SER G 517 36.62 16.35 0.85
C SER G 517 36.83 15.09 0.00
N TRP G 518 35.85 14.20 0.03
CA TRP G 518 35.93 12.96 -0.74
C TRP G 518 35.78 13.21 -2.24
N THR G 519 35.01 14.23 -2.61
CA THR G 519 34.79 14.57 -4.01
C THR G 519 34.90 16.07 -4.24
N GLN G 520 35.04 16.45 -5.51
CA GLN G 520 34.97 17.86 -5.92
C GLN G 520 33.88 18.01 -6.98
N PRO G 521 33.12 19.10 -6.91
CA PRO G 521 31.94 19.28 -7.76
C PRO G 521 32.22 19.86 -9.14
N LEU G 522 31.42 19.41 -10.11
CA LEU G 522 31.41 19.97 -11.44
C LEU G 522 30.95 21.43 -11.40
N LYS G 523 31.60 22.30 -12.17
CA LYS G 523 31.20 23.71 -12.24
C LYS G 523 30.12 23.89 -13.30
N LYS G 524 29.40 25.00 -13.24
CA LYS G 524 28.36 25.29 -14.23
C LYS G 524 28.96 25.41 -15.62
N PRO G 525 28.29 24.84 -16.62
CA PRO G 525 28.76 24.93 -18.01
C PRO G 525 28.54 26.34 -18.57
N THR G 526 28.99 26.58 -19.79
CA THR G 526 28.80 27.89 -20.42
C THR G 526 27.32 28.16 -20.67
N ALA G 527 26.95 29.43 -20.75
CA ALA G 527 25.57 29.83 -20.96
C ALA G 527 25.14 29.62 -22.40
N LYS G 528 23.84 29.39 -22.59
CA LYS G 528 23.27 29.27 -23.92
C LYS G 528 23.37 30.60 -24.68
N ASN G 529 23.61 30.52 -25.98
CA ASN G 529 23.61 31.69 -26.83
C ASN G 529 22.18 32.14 -27.14
N GLU G 530 21.74 33.22 -26.50
CA GLU G 530 20.35 33.67 -26.63
C GLU G 530 20.01 34.16 -28.04
N GLY G 531 21.05 34.46 -28.82
CA GLY G 531 20.85 34.93 -30.18
C GLY G 531 20.67 33.79 -31.18
N HIS G 532 20.74 32.56 -30.69
CA HIS G 532 20.56 31.39 -31.54
C HIS G 532 19.17 30.78 -31.39
N VAL G 533 18.76 30.05 -32.43
CA VAL G 533 17.53 29.27 -32.37
C VAL G 533 17.63 28.24 -31.25
N THR G 534 16.55 28.09 -30.47
CA THR G 534 16.57 27.28 -29.25
C THR G 534 17.14 25.87 -29.45
N SER G 535 16.80 25.24 -30.57
CA SER G 535 17.22 23.88 -30.83
C SER G 535 18.70 23.77 -31.20
N ASN G 536 19.39 24.90 -31.30
CA ASN G 536 20.82 24.90 -31.61
C ASN G 536 21.66 25.43 -30.46
N GLN G 537 20.99 25.74 -29.35
CA GLN G 537 21.68 26.26 -28.18
C GLN G 537 22.38 25.12 -27.43
N VAL G 538 23.54 25.41 -26.85
CA VAL G 538 24.31 24.41 -26.12
C VAL G 538 24.88 24.96 -24.83
N GLU G 539 25.18 24.06 -23.90
CA GLU G 539 25.88 24.39 -22.67
C GLU G 539 27.11 23.51 -22.58
N LEU G 540 28.29 24.11 -22.60
CA LEU G 540 29.52 23.35 -22.76
C LEU G 540 30.38 23.29 -21.50
N HIS G 541 30.90 22.10 -21.24
CA HIS G 541 31.87 21.86 -20.18
C HIS G 541 33.27 22.02 -20.76
N PRO G 542 34.25 22.34 -19.90
CA PRO G 542 35.60 22.62 -20.42
C PRO G 542 36.33 21.39 -20.96
N ASP G 543 37.19 21.60 -21.95
CA ASP G 543 38.11 20.58 -22.40
C ASP G 543 39.14 20.34 -21.31
N ILE G 544 39.76 19.16 -21.32
CA ILE G 544 40.68 18.79 -20.25
C ILE G 544 42.11 18.73 -20.77
N GLU G 545 43.02 19.35 -20.02
CA GLU G 545 44.44 19.27 -20.32
C GLU G 545 45.17 18.39 -19.31
N TYR G 546 46.04 17.53 -19.82
CA TYR G 546 46.75 16.58 -18.98
C TYR G 546 48.26 16.86 -18.98
N ASP G 547 48.89 16.77 -17.81
CA ASP G 547 50.35 16.77 -17.77
C ASP G 547 50.85 15.35 -17.51
N GLU G 548 52.14 15.22 -17.22
CA GLU G 548 52.76 13.91 -17.08
C GLU G 548 52.26 13.14 -15.86
N GLU G 549 51.95 13.87 -14.78
CA GLU G 549 51.41 13.24 -13.57
C GLU G 549 50.03 12.65 -13.83
N ASP G 550 49.21 13.38 -14.59
CA ASP G 550 47.90 12.91 -14.98
C ASP G 550 48.00 11.64 -15.82
N ASP G 551 48.90 11.68 -16.82
CA ASP G 551 49.11 10.55 -17.70
C ASP G 551 49.55 9.32 -16.91
N LYS G 552 50.39 9.55 -15.91
CA LYS G 552 50.86 8.48 -15.04
C LYS G 552 49.68 7.83 -14.32
N ALA G 553 48.73 8.65 -13.89
CA ALA G 553 47.56 8.16 -13.17
C ALA G 553 46.69 7.29 -14.08
N ILE G 554 46.53 7.70 -15.33
CA ILE G 554 45.75 6.95 -16.30
C ILE G 554 46.41 5.61 -16.61
N GLU G 555 47.73 5.60 -16.72
CA GLU G 555 48.46 4.36 -16.98
C GLU G 555 48.25 3.35 -15.87
N ASN G 556 48.37 3.79 -14.62
CA ASN G 556 48.14 2.91 -13.48
C ASN G 556 46.68 2.47 -13.41
N TYR G 557 45.79 3.35 -13.83
CA TYR G 557 44.37 3.05 -13.93
C TYR G 557 44.12 1.88 -14.89
N ILE G 558 44.77 1.94 -16.05
CA ILE G 558 44.66 0.88 -17.04
C ILE G 558 45.23 -0.41 -16.46
N ARG G 559 46.41 -0.34 -15.84
CA ARG G 559 47.06 -1.52 -15.29
C ARG G 559 46.21 -2.19 -14.23
N GLU G 560 45.46 -1.38 -13.48
CA GLU G 560 44.74 -1.88 -12.33
C GLU G 560 43.29 -2.27 -12.63
N HIS G 561 42.76 -1.87 -13.78
CA HIS G 561 41.36 -2.15 -14.07
C HIS G 561 41.10 -2.67 -15.48
N THR G 562 42.17 -3.01 -16.20
CA THR G 562 42.03 -3.71 -17.48
C THR G 562 41.62 -5.15 -17.24
N GLU G 563 40.70 -5.66 -18.07
CA GLU G 563 40.23 -7.02 -17.95
C GLU G 563 40.18 -7.70 -19.32
N THR G 564 39.98 -9.01 -19.31
CA THR G 564 39.62 -9.72 -20.53
C THR G 564 38.30 -9.15 -21.06
N THR G 565 38.15 -9.12 -22.38
CA THR G 565 36.88 -8.74 -22.99
C THR G 565 36.16 -10.01 -23.44
N TRP G 566 36.63 -11.15 -22.92
CA TRP G 566 36.07 -12.46 -23.23
C TRP G 566 36.21 -12.84 -24.71
N HIS G 567 37.13 -12.20 -25.41
CA HIS G 567 37.33 -12.47 -26.83
C HIS G 567 38.59 -13.30 -27.06
N CYS G 568 38.95 -14.14 -26.11
CA CYS G 568 40.21 -14.91 -26.16
C CYS G 568 40.32 -15.74 -27.43
N LEU G 569 41.51 -15.77 -28.00
CA LEU G 569 41.75 -16.55 -29.22
C LEU G 569 43.23 -16.94 -29.38
N GLY G 570 43.50 -17.92 -30.23
CA GLY G 570 44.85 -18.18 -30.69
C GLY G 570 45.60 -19.39 -30.15
N THR G 571 45.03 -20.05 -29.16
CA THR G 571 45.75 -21.13 -28.46
C THR G 571 45.89 -22.43 -29.28
N CYS G 572 45.18 -22.52 -30.39
CA CYS G 572 45.34 -23.63 -31.34
C CYS G 572 45.48 -23.07 -32.75
N SER G 573 46.48 -22.23 -32.94
CA SER G 573 46.58 -21.40 -34.15
C SER G 573 46.73 -22.19 -35.45
N ILE G 574 46.03 -21.72 -36.48
CA ILE G 574 46.25 -22.19 -37.84
C ILE G 574 47.57 -21.65 -38.36
N GLY G 575 48.42 -22.53 -38.87
CA GLY G 575 49.69 -22.12 -39.43
C GLY G 575 50.63 -23.28 -39.67
N PRO G 576 51.75 -23.01 -40.35
CA PRO G 576 52.78 -24.03 -40.60
C PRO G 576 53.25 -24.64 -39.29
N ARG G 577 53.38 -25.97 -39.24
CA ARG G 577 53.75 -26.66 -38.02
C ARG G 577 55.10 -26.17 -37.48
N GLU G 578 56.01 -25.87 -38.39
CA GLU G 578 57.36 -25.42 -38.01
C GLU G 578 57.35 -24.00 -37.45
N GLY G 579 56.28 -23.28 -37.72
CA GLY G 579 56.13 -21.93 -37.21
C GLY G 579 56.07 -20.87 -38.31
N SER G 580 55.91 -19.63 -37.88
CA SER G 580 55.81 -18.50 -38.81
C SER G 580 56.07 -17.21 -38.04
N LYS G 581 56.02 -16.08 -38.71
CA LYS G 581 56.28 -14.80 -38.05
C LYS G 581 55.18 -14.45 -37.05
N ILE G 582 53.95 -14.86 -37.34
CA ILE G 582 52.82 -14.56 -36.47
C ILE G 582 52.52 -15.73 -35.53
N VAL G 583 52.99 -16.93 -35.89
CA VAL G 583 52.84 -18.10 -35.03
C VAL G 583 54.23 -18.64 -34.66
N LYS G 584 54.89 -17.93 -33.76
CA LYS G 584 56.30 -18.19 -33.46
C LYS G 584 56.55 -19.54 -32.79
N TRP G 585 55.61 -19.98 -31.96
CA TRP G 585 55.80 -21.21 -31.19
C TRP G 585 55.42 -22.46 -31.99
N GLY G 586 54.91 -22.26 -33.19
CA GLY G 586 54.54 -23.38 -34.04
C GLY G 586 53.04 -23.50 -34.24
N GLY G 587 52.64 -23.86 -35.46
CA GLY G 587 51.23 -24.02 -35.78
C GLY G 587 50.65 -25.26 -35.13
N VAL G 588 49.34 -25.27 -34.94
CA VAL G 588 48.65 -26.39 -34.34
C VAL G 588 47.75 -27.05 -35.38
N LEU G 589 47.27 -26.26 -36.32
CA LEU G 589 46.34 -26.75 -37.34
C LEU G 589 46.76 -26.36 -38.76
N ASP G 590 46.42 -27.20 -39.73
CA ASP G 590 46.60 -26.82 -41.13
C ASP G 590 45.45 -25.90 -41.58
N HIS G 591 45.42 -25.55 -42.85
CA HIS G 591 44.42 -24.62 -43.36
C HIS G 591 43.03 -25.25 -43.45
N ARG G 592 42.95 -26.55 -43.16
CA ARG G 592 41.66 -27.23 -43.10
C ARG G 592 41.31 -27.55 -41.65
N SER G 593 41.98 -26.87 -40.74
CA SER G 593 41.72 -26.95 -39.30
C SER G 593 42.00 -28.33 -38.70
N ASN G 594 42.76 -29.16 -39.41
CA ASN G 594 43.17 -30.45 -38.87
C ASN G 594 44.29 -30.29 -37.87
N VAL G 595 44.22 -31.00 -36.75
CA VAL G 595 45.34 -31.03 -35.81
C VAL G 595 46.48 -31.83 -36.43
N TYR G 596 47.68 -31.27 -36.45
CA TYR G 596 48.85 -31.98 -36.95
C TYR G 596 49.12 -33.26 -36.16
N GLY G 597 49.59 -34.30 -36.84
CA GLY G 597 50.03 -35.52 -36.18
C GLY G 597 48.95 -36.54 -35.89
N VAL G 598 47.73 -36.25 -36.32
CA VAL G 598 46.61 -37.18 -36.11
C VAL G 598 45.58 -37.02 -37.23
N LYS G 599 44.78 -38.06 -37.46
CA LYS G 599 43.72 -38.02 -38.46
C LYS G 599 42.33 -37.97 -37.81
N GLY G 600 41.41 -37.28 -38.47
CA GLY G 600 40.03 -37.26 -38.05
C GLY G 600 39.75 -36.34 -36.86
N LEU G 601 40.58 -35.31 -36.69
CA LEU G 601 40.40 -34.35 -35.60
C LEU G 601 40.58 -32.92 -36.07
N LYS G 602 39.52 -32.14 -35.95
CA LYS G 602 39.58 -30.71 -36.25
C LYS G 602 39.30 -29.88 -35.01
N VAL G 603 39.83 -28.66 -34.98
CA VAL G 603 39.43 -27.70 -33.95
C VAL G 603 38.60 -26.61 -34.61
N GLY G 604 37.43 -26.34 -34.01
CA GLY G 604 36.52 -25.35 -34.54
C GLY G 604 35.98 -24.43 -33.46
N ASP G 605 36.79 -23.46 -33.06
CA ASP G 605 36.38 -22.38 -32.17
C ASP G 605 37.38 -21.24 -32.32
N LEU G 606 37.39 -20.32 -31.36
N LEU G 606 37.39 -20.32 -31.36
CA LEU G 606 38.23 -19.13 -31.48
CA LEU G 606 38.22 -19.13 -31.46
C LEU G 606 39.72 -19.40 -31.27
C LEU G 606 39.72 -19.40 -31.27
N SER G 607 40.07 -20.56 -30.73
CA SER G 607 41.48 -20.90 -30.54
C SER G 607 42.20 -20.99 -31.89
N VAL G 608 41.42 -21.13 -32.95
CA VAL G 608 41.89 -21.28 -34.31
C VAL G 608 42.66 -20.07 -34.86
N CYS G 609 42.24 -18.86 -34.48
CA CYS G 609 42.77 -17.63 -35.08
C CYS G 609 44.24 -17.37 -34.77
N PRO G 610 45.08 -17.29 -35.80
CA PRO G 610 46.52 -17.04 -35.59
C PRO G 610 46.81 -15.58 -35.23
N ASP G 611 45.94 -14.67 -35.64
CA ASP G 611 46.07 -13.26 -35.31
C ASP G 611 44.69 -12.73 -34.98
N ASN G 612 44.61 -11.49 -34.50
CA ASN G 612 43.37 -10.98 -33.94
C ASN G 612 42.38 -10.44 -34.97
N VAL G 613 41.17 -10.12 -34.51
CA VAL G 613 40.13 -9.56 -35.35
C VAL G 613 39.60 -8.28 -34.69
N GLY G 614 39.28 -7.28 -35.52
CA GLY G 614 38.85 -5.99 -35.01
C GLY G 614 37.38 -5.91 -34.65
N CYS G 615 36.93 -6.82 -33.79
CA CYS G 615 35.51 -6.93 -33.48
C CYS G 615 35.21 -7.80 -32.26
N ASN G 616 34.07 -7.53 -31.61
CA ASN G 616 33.49 -8.49 -30.68
C ASN G 616 33.36 -9.81 -31.45
N THR G 617 33.67 -10.92 -30.80
CA THR G 617 34.01 -12.12 -31.55
C THR G 617 32.92 -13.16 -31.80
N TYR G 618 31.65 -12.81 -31.61
CA TYR G 618 30.59 -13.78 -31.90
C TYR G 618 30.47 -14.00 -33.42
N THR G 619 30.61 -12.94 -34.21
CA THR G 619 30.59 -13.10 -35.66
C THR G 619 31.72 -14.02 -36.09
N THR G 620 32.88 -13.87 -35.46
CA THR G 620 34.03 -14.72 -35.76
C THR G 620 33.75 -16.17 -35.39
N ALA G 621 33.16 -16.37 -34.22
CA ALA G 621 32.82 -17.72 -33.75
C ALA G 621 31.84 -18.40 -34.71
N LEU G 622 30.82 -17.67 -35.14
CA LEU G 622 29.84 -18.19 -36.08
C LEU G 622 30.49 -18.51 -37.42
N LEU G 623 31.36 -17.61 -37.88
CA LEU G 623 32.04 -17.77 -39.14
C LEU G 623 32.94 -19.00 -39.13
N ILE G 624 33.69 -19.15 -38.04
CA ILE G 624 34.54 -20.32 -37.87
C ILE G 624 33.67 -21.58 -37.86
N GLY G 625 32.50 -21.47 -37.26
CA GLY G 625 31.55 -22.57 -37.21
C GLY G 625 31.05 -23.00 -38.58
N GLU G 626 30.61 -22.03 -39.38
CA GLU G 626 30.13 -22.31 -40.73
C GLU G 626 31.25 -22.88 -41.60
N LYS G 627 32.44 -22.32 -41.46
CA LYS G 627 33.61 -22.77 -42.21
C LYS G 627 34.03 -24.20 -41.82
N THR G 628 34.10 -24.46 -40.51
CA THR G 628 34.49 -25.77 -40.01
C THR G 628 33.50 -26.85 -40.46
N ALA G 629 32.21 -26.52 -40.43
CA ALA G 629 31.19 -27.46 -40.87
C ALA G 629 31.36 -27.80 -42.35
N THR G 630 31.67 -26.78 -43.14
CA THR G 630 31.89 -26.97 -44.57
C THR G 630 33.12 -27.83 -44.83
N LEU G 631 34.19 -27.58 -44.08
CA LEU G 631 35.42 -28.36 -44.19
C LEU G 631 35.17 -29.83 -43.92
N VAL G 632 34.43 -30.13 -42.84
CA VAL G 632 34.09 -31.50 -42.50
C VAL G 632 33.26 -32.14 -43.60
N GLY G 633 32.27 -31.40 -44.10
CA GLY G 633 31.39 -31.90 -45.14
C GLY G 633 32.13 -32.27 -46.40
N GLU G 634 33.05 -31.40 -46.83
CA GLU G 634 33.88 -31.67 -47.99
C GLU G 634 34.75 -32.91 -47.78
N ASP G 635 35.36 -32.99 -46.60
CA ASP G 635 36.22 -34.12 -46.24
C ASP G 635 35.47 -35.45 -46.28
N LEU G 636 34.19 -35.42 -45.96
CA LEU G 636 33.39 -36.65 -45.95
C LEU G 636 32.77 -36.92 -47.33
N GLY G 637 33.15 -36.11 -48.32
CA GLY G 637 32.78 -36.36 -49.70
C GLY G 637 31.49 -35.70 -50.17
N TYR G 638 30.96 -34.79 -49.38
CA TYR G 638 29.74 -34.08 -49.77
C TYR G 638 30.06 -32.84 -50.61
N SER G 639 29.11 -32.43 -51.44
CA SER G 639 29.32 -31.28 -52.32
C SER G 639 28.00 -30.65 -52.73
N GLY G 640 28.10 -29.47 -53.36
CA GLY G 640 26.94 -28.78 -53.88
C GLY G 640 25.94 -28.36 -52.82
N GLU G 641 24.66 -28.63 -53.08
CA GLU G 641 23.59 -28.19 -52.18
C GLU G 641 23.60 -28.92 -50.86
N ALA G 642 24.29 -30.05 -50.79
CA ALA G 642 24.43 -30.78 -49.55
C ALA G 642 25.18 -29.96 -48.52
N LEU G 643 26.08 -29.09 -48.99
CA LEU G 643 26.89 -28.25 -48.12
C LEU G 643 26.12 -27.02 -47.61
N ASP G 644 24.88 -26.87 -48.05
CA ASP G 644 24.02 -25.81 -47.54
C ASP G 644 23.78 -26.01 -46.06
N MET G 645 23.47 -27.24 -45.68
CA MET G 645 23.23 -27.62 -44.28
C MET G 645 22.23 -26.70 -43.61
N THR G 646 21.15 -26.40 -44.34
CA THR G 646 20.10 -25.52 -43.85
C THR G 646 19.42 -26.13 -42.62
N VAL G 647 19.32 -25.34 -41.56
CA VAL G 647 18.65 -25.77 -40.34
C VAL G 647 17.18 -25.37 -40.38
N PRO G 648 16.32 -26.13 -39.67
CA PRO G 648 14.90 -25.79 -39.61
C PRO G 648 14.68 -24.37 -39.12
N GLN G 649 13.80 -23.65 -39.80
CA GLN G 649 13.47 -22.27 -39.44
C GLN G 649 12.19 -21.84 -40.12
N PHE G 650 11.38 -21.10 -39.39
CA PHE G 650 10.24 -20.44 -40.02
C PHE G 650 10.58 -18.97 -40.23
N LYS G 651 10.78 -18.58 -41.49
CA LYS G 651 11.20 -17.22 -41.81
C LYS G 651 10.02 -16.26 -41.81
N LEU G 652 10.23 -15.09 -41.22
CA LEU G 652 9.15 -14.09 -41.11
C LEU G 652 9.37 -12.88 -42.02
N GLY G 653 10.59 -12.74 -42.55
CA GLY G 653 10.93 -11.63 -43.43
C GLY G 653 10.69 -10.27 -42.80
N THR G 654 10.23 -9.32 -43.61
CA THR G 654 9.85 -8.00 -43.10
C THR G 654 8.34 -7.86 -43.08
N TYR G 655 7.83 -6.95 -42.26
CA TYR G 655 6.40 -6.82 -42.05
C TYR G 655 5.66 -6.48 -43.35
N GLU G 656 6.18 -5.53 -44.10
CA GLU G 656 5.48 -5.07 -45.30
C GLU G 656 5.44 -6.12 -46.41
N LYS G 657 6.33 -7.11 -46.34
CA LYS G 657 6.33 -8.19 -47.32
C LYS G 657 5.43 -9.35 -46.92
N THR G 658 5.51 -9.77 -45.65
CA THR G 658 4.84 -10.98 -45.20
C THR G 658 3.68 -10.72 -44.24
N GLY G 659 3.78 -9.64 -43.47
CA GLY G 659 2.78 -9.33 -42.46
C GLY G 659 2.92 -10.18 -41.21
N LEU G 660 3.99 -10.97 -41.16
CA LEU G 660 4.21 -11.92 -40.07
C LEU G 660 5.25 -11.40 -39.08
N ALA G 661 6.26 -10.70 -39.58
CA ALA G 661 7.28 -10.11 -38.72
C ALA G 661 6.68 -8.97 -37.91
N ARG G 662 7.39 -8.57 -36.86
CA ARG G 662 6.94 -7.46 -36.02
C ARG G 662 6.98 -6.15 -36.80
N PHE G 663 5.92 -5.35 -36.69
CA PHE G 663 5.89 -4.04 -37.34
C PHE G 663 6.92 -3.09 -36.73
N ALA H 2 28.86 3.47 -45.41
CA ALA H 2 29.12 4.89 -45.27
C ALA H 2 28.13 5.72 -46.08
N ILE H 3 27.88 6.94 -45.62
CA ILE H 3 26.98 7.85 -46.31
C ILE H 3 27.70 8.50 -47.49
N PRO H 4 27.18 8.30 -48.71
CA PRO H 4 27.80 8.87 -49.90
C PRO H 4 27.85 10.40 -49.86
N GLU H 5 28.81 10.98 -50.58
CA GLU H 5 28.95 12.43 -50.63
C GLU H 5 28.14 13.00 -51.78
N GLU H 6 27.77 12.14 -52.71
CA GLU H 6 27.00 12.55 -53.87
C GLU H 6 25.76 11.67 -54.07
N PHE H 7 24.62 12.31 -54.25
CA PHE H 7 23.37 11.61 -54.50
C PHE H 7 22.81 12.01 -55.86
N ASP H 8 21.78 11.29 -56.31
CA ASP H 8 21.04 11.71 -57.49
C ASP H 8 20.01 12.77 -57.08
N ILE H 9 19.30 12.48 -55.99
CA ILE H 9 18.29 13.39 -55.48
C ILE H 9 18.55 13.72 -54.01
N LEU H 10 18.47 14.99 -53.67
CA LEU H 10 18.69 15.46 -52.31
C LEU H 10 17.43 16.14 -51.78
N VAL H 11 16.90 15.64 -50.67
CA VAL H 11 15.74 16.28 -50.05
C VAL H 11 16.15 16.90 -48.72
N LEU H 12 15.88 18.19 -48.57
CA LEU H 12 16.33 18.96 -47.41
C LEU H 12 15.19 19.23 -46.44
N GLY H 13 15.23 18.55 -45.28
CA GLY H 13 14.15 18.64 -44.31
C GLY H 13 13.25 17.42 -44.45
N GLY H 14 13.21 16.60 -43.41
CA GLY H 14 12.41 15.38 -43.44
C GLY H 14 11.11 15.50 -42.67
N GLY H 15 10.36 16.56 -42.94
CA GLY H 15 9.11 16.81 -42.24
C GLY H 15 7.93 16.12 -42.89
N SER H 16 6.74 16.68 -42.66
CA SER H 16 5.51 16.13 -43.20
C SER H 16 5.56 15.98 -44.72
N SER H 17 6.04 17.03 -45.40
CA SER H 17 6.21 16.96 -46.85
C SER H 17 7.49 16.23 -47.21
N GLY H 18 8.59 16.61 -46.56
CA GLY H 18 9.91 16.11 -46.90
C GLY H 18 10.06 14.60 -46.87
N SER H 19 9.57 13.97 -45.80
CA SER H 19 9.65 12.51 -45.70
C SER H 19 8.83 11.85 -46.79
N CYS H 20 7.67 12.44 -47.08
CA CYS H 20 6.82 11.92 -48.14
C CYS H 20 7.53 12.01 -49.49
N ILE H 21 8.12 13.16 -49.77
CA ILE H 21 8.82 13.39 -51.02
C ILE H 21 10.01 12.44 -51.20
N ALA H 22 10.81 12.31 -50.14
CA ALA H 22 11.98 11.43 -50.16
C ALA H 22 11.59 9.97 -50.36
N GLY H 23 10.54 9.55 -49.66
CA GLY H 23 10.06 8.18 -49.77
C GLY H 23 9.51 7.85 -51.15
N ARG H 24 8.66 8.72 -51.67
CA ARG H 24 8.11 8.54 -53.01
C ARG H 24 9.22 8.48 -54.06
N LEU H 25 10.15 9.43 -54.01
CA LEU H 25 11.22 9.51 -55.02
C LEU H 25 12.15 8.31 -54.97
N ALA H 26 12.36 7.74 -53.79
CA ALA H 26 13.21 6.56 -53.68
C ALA H 26 12.57 5.36 -54.35
N ASN H 27 11.24 5.40 -54.49
CA ASN H 27 10.51 4.32 -55.15
C ASN H 27 10.17 4.64 -56.59
N LEU H 28 10.57 5.82 -57.05
CA LEU H 28 10.44 6.19 -58.45
C LEU H 28 11.29 5.26 -59.31
N ASP H 29 12.50 5.01 -58.84
CA ASP H 29 13.47 4.16 -59.52
C ASP H 29 14.59 3.83 -58.54
N HIS H 30 14.74 2.55 -58.22
CA HIS H 30 15.63 2.16 -57.13
C HIS H 30 17.11 2.19 -57.50
N SER H 31 17.42 2.62 -58.72
CA SER H 31 18.81 2.86 -59.10
C SER H 31 19.19 4.31 -58.79
N LEU H 32 18.19 5.11 -58.46
CA LEU H 32 18.43 6.49 -58.04
C LEU H 32 18.83 6.57 -56.56
N LYS H 33 19.96 7.22 -56.30
CA LYS H 33 20.42 7.46 -54.93
C LYS H 33 19.72 8.68 -54.34
N VAL H 34 18.95 8.47 -53.27
CA VAL H 34 18.22 9.56 -52.63
C VAL H 34 18.73 9.82 -51.22
N GLY H 35 19.07 11.07 -50.93
CA GLY H 35 19.53 11.46 -49.62
C GLY H 35 18.57 12.39 -48.92
N LEU H 36 18.19 12.05 -47.69
CA LEU H 36 17.27 12.87 -46.91
C LEU H 36 17.98 13.48 -45.71
N ILE H 37 18.08 14.80 -45.68
CA ILE H 37 18.79 15.51 -44.62
C ILE H 37 17.82 16.15 -43.63
N GLU H 38 18.01 15.86 -42.35
CA GLU H 38 17.11 16.35 -41.30
C GLU H 38 17.88 16.87 -40.10
N ALA H 39 17.44 18.01 -39.56
CA ALA H 39 18.14 18.65 -38.44
C ALA H 39 17.84 17.97 -37.11
N GLY H 40 16.62 17.46 -36.96
CA GLY H 40 16.21 16.81 -35.72
C GLY H 40 16.68 15.37 -35.62
N GLU H 41 16.25 14.69 -34.57
CA GLU H 41 16.63 13.30 -34.35
C GLU H 41 15.80 12.34 -35.20
N ASN H 42 16.37 11.16 -35.47
CA ASN H 42 15.63 10.06 -36.07
C ASN H 42 14.46 9.70 -35.14
N ASN H 43 13.31 9.32 -35.71
CA ASN H 43 12.14 9.01 -34.91
C ASN H 43 11.74 7.55 -34.98
N LEU H 44 12.58 6.74 -35.61
CA LEU H 44 12.29 5.32 -35.82
C LEU H 44 11.92 4.59 -34.53
N ASN H 45 10.69 4.07 -34.49
CA ASN H 45 10.19 3.29 -33.34
C ASN H 45 10.35 4.00 -32.00
N ASN H 46 10.27 5.32 -32.01
CA ASN H 46 10.29 6.11 -30.78
C ASN H 46 8.89 6.24 -30.20
N PRO H 47 8.67 5.68 -29.00
CA PRO H 47 7.35 5.71 -28.38
C PRO H 47 6.87 7.14 -28.09
N TRP H 48 7.80 8.05 -27.86
CA TRP H 48 7.44 9.44 -27.61
C TRP H 48 6.93 10.10 -28.89
N VAL H 49 7.05 9.41 -30.02
CA VAL H 49 6.43 9.85 -31.25
C VAL H 49 5.16 9.04 -31.57
N TYR H 50 5.21 7.72 -31.49
CA TYR H 50 4.09 6.92 -32.02
C TYR H 50 2.94 6.71 -31.04
N LEU H 51 3.12 7.01 -29.76
CA LEU H 51 1.99 6.95 -28.82
C LEU H 51 1.20 8.26 -28.87
N PRO H 52 -0.05 8.20 -29.37
CA PRO H 52 -0.86 9.41 -29.56
C PRO H 52 -1.09 10.23 -28.28
N GLY H 53 -1.52 9.58 -27.21
CA GLY H 53 -2.03 10.29 -26.04
C GLY H 53 -1.08 11.20 -25.29
N ILE H 54 0.22 11.11 -25.57
CA ILE H 54 1.18 11.92 -24.84
C ILE H 54 1.57 13.18 -25.61
N TYR H 55 0.87 13.47 -26.70
CA TYR H 55 1.27 14.56 -27.60
C TYR H 55 1.50 15.96 -26.98
N PRO H 56 0.77 16.33 -25.91
CA PRO H 56 1.03 17.70 -25.40
C PRO H 56 2.48 18.02 -24.97
N ARG H 57 3.26 17.02 -24.56
CA ARG H 57 4.60 17.32 -24.01
C ARG H 57 5.56 17.88 -25.07
N ASN H 58 5.20 17.77 -26.34
CA ASN H 58 6.07 18.31 -27.39
C ASN H 58 6.11 19.83 -27.37
N MET H 59 5.13 20.46 -26.73
CA MET H 59 5.07 21.91 -26.69
C MET H 59 5.55 22.50 -25.36
N LYS H 60 6.11 21.66 -24.49
CA LYS H 60 6.84 22.16 -23.34
C LYS H 60 8.04 22.95 -23.85
N LEU H 61 8.36 24.07 -23.21
CA LEU H 61 9.41 24.94 -23.74
C LEU H 61 10.78 24.26 -23.77
N ASP H 62 10.96 23.24 -22.95
CA ASP H 62 12.24 22.51 -22.92
C ASP H 62 12.21 21.25 -23.77
N SER H 63 11.19 21.13 -24.62
CA SER H 63 11.05 19.98 -25.50
C SER H 63 12.23 19.83 -26.47
N LYS H 64 12.64 18.59 -26.72
CA LYS H 64 13.70 18.30 -27.68
C LYS H 64 13.15 18.18 -29.09
N THR H 65 11.84 18.06 -29.21
CA THR H 65 11.21 17.73 -30.49
C THR H 65 10.66 18.97 -31.22
N ALA H 66 10.97 20.15 -30.69
CA ALA H 66 10.51 21.38 -31.32
C ALA H 66 11.53 22.52 -31.19
N SER H 67 11.45 23.47 -32.11
CA SER H 67 12.18 24.73 -31.99
C SER H 67 11.18 25.82 -31.63
N PHE H 68 11.59 26.78 -30.81
CA PHE H 68 10.69 27.86 -30.41
C PHE H 68 11.20 29.22 -30.89
N TYR H 69 10.71 29.64 -32.06
CA TYR H 69 11.13 30.89 -32.67
C TYR H 69 10.48 32.11 -32.02
N THR H 70 11.31 33.06 -31.60
CA THR H 70 10.81 34.31 -31.04
C THR H 70 10.51 35.31 -32.15
N SER H 71 9.66 36.28 -31.86
CA SER H 71 9.30 37.29 -32.84
C SER H 71 9.36 38.68 -32.22
N ASN H 72 9.25 39.71 -33.06
CA ASN H 72 9.28 41.09 -32.58
C ASN H 72 7.99 41.45 -31.84
N PRO H 73 8.09 42.37 -30.86
CA PRO H 73 6.90 42.84 -30.15
C PRO H 73 5.88 43.45 -31.10
N SER H 74 4.60 43.19 -30.84
CA SER H 74 3.53 43.65 -31.71
C SER H 74 2.46 44.38 -30.93
N PRO H 75 2.12 45.61 -31.35
CA PRO H 75 1.05 46.40 -30.72
C PRO H 75 -0.31 45.74 -30.92
N HIS H 76 -0.43 44.93 -31.97
CA HIS H 76 -1.67 44.24 -32.29
C HIS H 76 -1.92 43.09 -31.31
N LEU H 77 -0.85 42.62 -30.68
CA LEU H 77 -0.94 41.60 -29.65
C LEU H 77 -0.69 42.23 -28.29
N ASN H 78 -1.02 43.52 -28.18
CA ASN H 78 -0.83 44.29 -26.96
C ASN H 78 0.57 44.19 -26.38
N GLY H 79 1.57 44.22 -27.27
CA GLY H 79 2.96 44.25 -26.87
C GLY H 79 3.67 42.91 -26.86
N ARG H 80 2.91 41.84 -27.04
CA ARG H 80 3.45 40.49 -26.96
C ARG H 80 4.48 40.19 -28.05
N ARG H 81 5.54 39.48 -27.67
CA ARG H 81 6.41 38.84 -28.65
C ARG H 81 6.00 37.37 -28.73
N ALA H 82 5.17 37.07 -29.73
CA ALA H 82 4.62 35.74 -29.90
C ALA H 82 5.71 34.69 -30.13
N ILE H 83 5.56 33.55 -29.49
CA ILE H 83 6.46 32.43 -29.70
C ILE H 83 5.86 31.49 -30.73
N VAL H 84 6.62 31.20 -31.80
CA VAL H 84 6.14 30.35 -32.87
C VAL H 84 6.92 29.05 -32.90
N PRO H 85 6.35 27.97 -32.34
CA PRO H 85 7.02 26.68 -32.35
C PRO H 85 6.89 25.97 -33.68
N CYS H 86 7.82 25.09 -33.97
CA CYS H 86 7.70 24.18 -35.11
C CYS H 86 8.52 22.94 -34.82
N ALA H 87 8.30 21.88 -35.60
CA ALA H 87 8.91 20.60 -35.29
C ALA H 87 10.43 20.59 -35.45
N ASN H 88 11.09 19.81 -34.60
CA ASN H 88 12.54 19.59 -34.67
C ASN H 88 12.82 18.10 -34.46
N VAL H 89 12.46 17.31 -35.47
CA VAL H 89 12.50 15.85 -35.38
C VAL H 89 12.12 15.27 -36.74
N LEU H 90 12.69 14.12 -37.10
CA LEU H 90 12.31 13.44 -38.33
C LEU H 90 10.82 13.17 -38.33
N GLY H 91 10.18 13.44 -39.47
CA GLY H 91 8.73 13.35 -39.56
C GLY H 91 8.12 14.74 -39.47
N GLY H 92 8.88 15.68 -38.92
CA GLY H 92 8.40 17.03 -38.76
C GLY H 92 7.14 17.11 -37.93
N GLY H 93 6.22 17.96 -38.37
CA GLY H 93 4.97 18.18 -37.66
C GLY H 93 4.21 16.89 -37.42
N SER H 94 4.31 15.96 -38.36
CA SER H 94 3.55 14.72 -38.27
C SER H 94 3.99 13.83 -37.12
N SER H 95 5.16 14.11 -36.55
CA SER H 95 5.64 13.35 -35.40
C SER H 95 5.11 13.89 -34.08
N ILE H 96 4.59 15.11 -34.08
CA ILE H 96 4.23 15.78 -32.83
C ILE H 96 2.90 16.54 -32.86
N ASN H 97 2.11 16.38 -33.91
CA ASN H 97 0.91 17.21 -34.06
C ASN H 97 -0.29 16.73 -33.22
N PHE H 98 -1.39 17.48 -33.29
CA PHE H 98 -2.62 17.15 -32.54
C PHE H 98 -3.38 15.98 -33.17
N MET H 99 -2.89 15.51 -34.32
CA MET H 99 -3.47 14.40 -35.05
C MET H 99 -4.88 14.66 -35.58
N MET H 100 -5.25 15.93 -35.75
CA MET H 100 -6.54 16.26 -36.39
C MET H 100 -6.46 16.11 -37.90
N TYR H 101 -7.39 15.32 -38.45
CA TYR H 101 -7.49 15.13 -39.90
C TYR H 101 -8.51 16.10 -40.47
N THR H 102 -8.06 16.95 -41.39
CA THR H 102 -8.91 17.99 -41.97
C THR H 102 -8.48 18.31 -43.40
N ARG H 103 -9.45 18.35 -44.32
CA ARG H 103 -9.17 18.74 -45.70
C ARG H 103 -9.70 20.13 -45.99
N GLY H 104 -9.07 20.83 -46.93
CA GLY H 104 -9.51 22.15 -47.32
C GLY H 104 -10.74 22.11 -48.21
N SER H 105 -11.14 23.27 -48.70
CA SER H 105 -12.25 23.35 -49.66
C SER H 105 -11.70 23.33 -51.08
N ALA H 106 -12.51 22.86 -52.01
CA ALA H 106 -12.11 22.73 -53.42
C ALA H 106 -11.58 24.04 -54.00
N SER H 107 -12.17 25.16 -53.58
CA SER H 107 -11.79 26.46 -54.11
C SER H 107 -10.42 26.92 -53.61
N ASP H 108 -9.98 26.38 -52.47
CA ASP H 108 -8.69 26.76 -51.88
C ASP H 108 -7.54 26.55 -52.85
N TYR H 109 -7.51 25.39 -53.48
CA TYR H 109 -6.41 25.04 -54.37
C TYR H 109 -6.60 25.65 -55.75
N ASP H 110 -7.86 25.81 -56.16
CA ASP H 110 -8.16 26.54 -57.38
C ASP H 110 -7.64 27.96 -57.28
N ASP H 111 -7.78 28.54 -56.09
CA ASP H 111 -7.39 29.92 -55.85
C ASP H 111 -5.87 30.10 -55.69
N PHE H 112 -5.11 29.03 -55.90
CA PHE H 112 -3.66 29.14 -55.99
C PHE H 112 -3.30 29.82 -57.31
N GLN H 113 -4.24 29.79 -58.26
CA GLN H 113 -4.06 30.38 -59.57
C GLN H 113 -2.81 29.83 -60.26
N ALA H 114 -2.61 28.53 -60.15
CA ALA H 114 -1.44 27.88 -60.71
C ALA H 114 -1.82 26.64 -61.50
N GLU H 115 -1.24 26.52 -62.69
CA GLU H 115 -1.52 25.39 -63.58
C GLU H 115 -1.13 24.07 -62.93
N GLY H 116 -2.07 23.14 -62.89
CA GLY H 116 -1.81 21.81 -62.35
C GLY H 116 -2.06 21.70 -60.86
N TRP H 117 -2.43 22.81 -60.23
CA TRP H 117 -2.71 22.82 -58.80
C TRP H 117 -4.18 23.04 -58.50
N LYS H 118 -5.04 22.76 -59.47
CA LYS H 118 -6.48 22.86 -59.23
C LYS H 118 -6.96 21.56 -58.57
N THR H 119 -8.05 21.65 -57.83
CA THR H 119 -8.56 20.51 -57.07
C THR H 119 -8.85 19.33 -57.97
N LYS H 120 -9.34 19.61 -59.18
CA LYS H 120 -9.61 18.57 -60.15
C LYS H 120 -8.34 17.79 -60.51
N ASP H 121 -7.22 18.50 -60.55
CA ASP H 121 -5.92 17.88 -60.87
C ASP H 121 -5.35 17.13 -59.68
N LEU H 122 -5.58 17.66 -58.48
CA LEU H 122 -4.94 17.15 -57.27
C LEU H 122 -5.72 16.04 -56.57
N LEU H 123 -7.00 15.89 -56.93
CA LEU H 123 -7.87 14.95 -56.23
C LEU H 123 -7.35 13.50 -56.21
N PRO H 124 -6.83 12.99 -57.33
CA PRO H 124 -6.27 11.63 -57.20
C PRO H 124 -5.05 11.56 -56.29
N LEU H 125 -4.31 12.65 -56.16
CA LEU H 125 -3.16 12.69 -55.27
C LEU H 125 -3.60 12.77 -53.80
N MET H 126 -4.76 13.37 -53.57
CA MET H 126 -5.33 13.43 -52.23
C MET H 126 -5.69 12.04 -51.74
N LYS H 127 -6.27 11.24 -52.64
CA LYS H 127 -6.72 9.90 -52.30
C LYS H 127 -5.54 8.94 -52.15
N LYS H 128 -4.51 9.19 -52.95
CA LYS H 128 -3.32 8.36 -53.02
C LYS H 128 -2.64 8.14 -51.65
N THR H 129 -2.65 9.18 -50.83
CA THR H 129 -1.92 9.18 -49.57
C THR H 129 -2.55 8.30 -48.48
N GLU H 130 -3.88 8.29 -48.43
CA GLU H 130 -4.57 7.79 -47.25
C GLU H 130 -5.18 6.39 -47.38
N THR H 131 -5.27 5.71 -46.24
CA THR H 131 -6.19 4.59 -46.06
C THR H 131 -7.24 5.03 -45.05
N TYR H 132 -8.48 5.15 -45.52
CA TYR H 132 -9.59 5.74 -44.78
C TYR H 132 -10.30 4.68 -43.93
N GLN H 133 -9.87 4.54 -42.68
CA GLN H 133 -10.34 3.44 -41.84
C GLN H 133 -11.60 3.77 -41.06
N ARG H 134 -12.68 4.09 -41.77
CA ARG H 134 -13.97 4.32 -41.14
C ARG H 134 -15.10 4.27 -42.18
N ALA H 135 -16.35 4.37 -41.71
CA ALA H 135 -17.51 4.30 -42.58
C ALA H 135 -17.49 5.42 -43.61
N CYS H 136 -17.74 5.10 -44.87
CA CYS H 136 -17.66 6.11 -45.92
C CYS H 136 -18.85 6.11 -46.85
N ASN H 137 -19.59 7.22 -46.86
CA ASN H 137 -20.73 7.37 -47.76
C ASN H 137 -20.33 8.00 -49.10
N ASN H 138 -19.09 8.50 -49.19
CA ASN H 138 -18.60 9.12 -50.41
C ASN H 138 -17.20 8.63 -50.81
N PRO H 139 -17.06 7.32 -51.08
CA PRO H 139 -15.74 6.73 -51.30
C PRO H 139 -15.01 7.23 -52.55
N ASP H 140 -15.72 7.93 -53.43
CA ASP H 140 -15.11 8.44 -54.66
C ASP H 140 -14.07 9.51 -54.39
N ILE H 141 -14.17 10.18 -53.24
CA ILE H 141 -13.21 11.22 -52.91
C ILE H 141 -12.33 10.87 -51.70
N HIS H 142 -12.18 9.58 -51.42
CA HIS H 142 -11.28 9.13 -50.36
C HIS H 142 -10.45 7.94 -50.82
N GLY H 143 -9.31 7.72 -50.17
CA GLY H 143 -8.40 6.65 -50.53
C GLY H 143 -8.47 5.50 -49.54
N PHE H 144 -8.16 4.30 -50.02
CA PHE H 144 -8.28 3.11 -49.17
C PHE H 144 -7.07 2.19 -49.29
N GLU H 145 -5.98 2.69 -49.87
CA GLU H 145 -4.79 1.88 -50.08
C GLU H 145 -3.51 2.63 -49.73
N GLY H 146 -3.63 3.90 -49.38
CA GLY H 146 -2.48 4.74 -49.09
C GLY H 146 -1.74 4.34 -47.82
N PRO H 147 -0.46 4.71 -47.72
CA PRO H 147 0.39 4.35 -46.57
C PRO H 147 0.06 5.11 -45.28
N ILE H 148 -0.64 6.23 -45.36
CA ILE H 148 -1.04 6.97 -44.16
C ILE H 148 -2.45 6.59 -43.72
N LYS H 149 -2.55 5.93 -42.58
CA LYS H 149 -3.85 5.43 -42.10
C LYS H 149 -4.53 6.47 -41.21
N VAL H 150 -5.81 6.73 -41.48
CA VAL H 150 -6.58 7.66 -40.67
C VAL H 150 -7.81 6.97 -40.09
N SER H 151 -8.17 7.34 -38.86
CA SER H 151 -9.25 6.67 -38.15
C SER H 151 -9.76 7.48 -36.98
N PHE H 152 -10.72 6.93 -36.25
CA PHE H 152 -11.24 7.57 -35.06
C PHE H 152 -10.48 7.13 -33.82
N GLY H 153 -9.36 6.47 -34.02
CA GLY H 153 -8.55 5.96 -32.92
C GLY H 153 -9.22 4.81 -32.20
N ASN H 154 -8.69 4.44 -31.04
CA ASN H 154 -9.22 3.31 -30.28
C ASN H 154 -9.74 3.74 -28.92
N TYR H 155 -10.31 4.94 -28.89
CA TYR H 155 -10.98 5.47 -27.71
C TYR H 155 -11.69 6.76 -28.08
N THR H 156 -12.91 6.91 -27.59
CA THR H 156 -13.66 8.13 -27.86
C THR H 156 -14.21 8.69 -26.56
N TYR H 157 -13.75 9.88 -26.19
CA TYR H 157 -14.31 10.58 -25.04
C TYR H 157 -15.74 10.99 -25.35
N PRO H 158 -16.65 10.81 -24.39
CA PRO H 158 -18.09 11.09 -24.55
C PRO H 158 -18.46 12.54 -24.87
N VAL H 159 -17.49 13.46 -24.95
CA VAL H 159 -17.80 14.82 -25.34
C VAL H 159 -18.26 14.87 -26.79
N CYS H 160 -18.00 13.79 -27.52
CA CYS H 160 -18.27 13.70 -28.95
C CYS H 160 -19.72 14.02 -29.31
N GLN H 161 -20.65 13.18 -28.90
CA GLN H 161 -22.03 13.34 -29.29
C GLN H 161 -22.72 14.45 -28.47
N ASP H 162 -22.20 14.71 -27.28
CA ASP H 162 -22.66 15.83 -26.47
C ASP H 162 -22.46 17.15 -27.23
N PHE H 163 -21.27 17.31 -27.80
CA PHE H 163 -20.92 18.49 -28.59
C PHE H 163 -21.82 18.62 -29.82
N LEU H 164 -22.06 17.50 -30.50
CA LEU H 164 -22.84 17.51 -31.74
C LEU H 164 -24.30 17.88 -31.48
N ARG H 165 -24.87 17.41 -30.36
CA ARG H 165 -26.23 17.77 -30.03
C ARG H 165 -26.32 19.26 -29.76
N ALA H 166 -25.34 19.79 -29.02
CA ALA H 166 -25.32 21.21 -28.68
C ALA H 166 -25.16 22.09 -29.92
N SER H 167 -24.25 21.70 -30.81
CA SER H 167 -23.97 22.50 -31.99
C SER H 167 -25.15 22.46 -32.97
N GLU H 168 -25.88 21.34 -32.98
CA GLU H 168 -27.06 21.23 -33.84
C GLU H 168 -28.11 22.26 -33.42
N SER H 169 -28.29 22.42 -32.11
CA SER H 169 -29.29 23.35 -31.61
C SER H 169 -28.95 24.81 -31.95
N GLN H 170 -27.74 25.03 -32.47
CA GLN H 170 -27.30 26.36 -32.86
C GLN H 170 -27.40 26.61 -34.36
N GLY H 171 -27.91 25.64 -35.10
CA GLY H 171 -28.03 25.76 -36.54
C GLY H 171 -26.79 25.31 -37.28
N ILE H 172 -25.96 24.51 -36.61
CA ILE H 172 -24.81 23.91 -37.27
C ILE H 172 -25.08 22.42 -37.47
N PRO H 173 -25.44 22.04 -38.71
CA PRO H 173 -25.92 20.68 -38.98
C PRO H 173 -24.83 19.61 -38.93
N TYR H 174 -25.17 18.45 -38.38
CA TYR H 174 -24.28 17.29 -38.42
C TYR H 174 -24.12 16.81 -39.85
N VAL H 175 -22.89 16.47 -40.23
CA VAL H 175 -22.62 15.82 -41.51
C VAL H 175 -21.76 14.57 -41.29
N ASP H 176 -21.88 13.60 -42.20
CA ASP H 176 -21.12 12.37 -42.11
C ASP H 176 -19.66 12.64 -42.45
N ASP H 177 -19.41 13.69 -43.24
CA ASP H 177 -18.06 14.04 -43.67
C ASP H 177 -17.93 15.55 -43.92
N LEU H 178 -17.30 16.24 -42.98
CA LEU H 178 -17.05 17.67 -43.11
C LEU H 178 -15.84 17.94 -44.00
N GLU H 179 -15.18 16.87 -44.42
CA GLU H 179 -13.98 16.98 -45.23
C GLU H 179 -14.26 16.52 -46.66
N ASP H 180 -15.39 16.95 -47.20
CA ASP H 180 -15.83 16.53 -48.52
C ASP H 180 -15.51 17.59 -49.58
N LEU H 181 -14.62 18.51 -49.21
CA LEU H 181 -14.13 19.56 -50.12
C LEU H 181 -15.20 20.57 -50.54
N VAL H 182 -16.39 20.48 -49.97
CA VAL H 182 -17.47 21.39 -50.38
C VAL H 182 -18.21 22.04 -49.21
N THR H 183 -18.33 21.34 -48.09
CA THR H 183 -19.13 21.84 -46.97
C THR H 183 -18.35 22.85 -46.13
N ALA H 184 -18.96 23.99 -45.85
CA ALA H 184 -18.29 25.08 -45.13
C ALA H 184 -19.01 25.44 -43.83
N HIS H 185 -20.18 24.85 -43.61
CA HIS H 185 -20.94 25.10 -42.40
C HIS H 185 -21.54 23.79 -41.89
N GLY H 186 -20.89 23.18 -40.90
CA GLY H 186 -21.35 21.91 -40.37
C GLY H 186 -20.52 21.41 -39.20
N ALA H 187 -20.94 20.28 -38.65
CA ALA H 187 -20.27 19.68 -37.50
C ALA H 187 -20.06 18.19 -37.72
N GLU H 188 -18.99 17.65 -37.17
CA GLU H 188 -18.68 16.24 -37.35
C GLU H 188 -17.87 15.62 -36.23
N HIS H 189 -17.94 14.30 -36.16
CA HIS H 189 -17.02 13.46 -35.41
C HIS H 189 -15.65 13.59 -36.06
N TRP H 190 -14.64 14.06 -35.32
CA TRP H 190 -13.38 14.44 -35.97
C TRP H 190 -12.36 13.31 -36.11
N LEU H 191 -11.90 13.10 -37.35
CA LEU H 191 -10.94 12.05 -37.67
C LEU H 191 -9.54 12.33 -37.13
N LYS H 192 -8.72 11.28 -37.04
CA LYS H 192 -7.39 11.39 -36.48
C LYS H 192 -6.31 10.79 -37.38
N TRP H 193 -5.10 11.35 -37.33
CA TRP H 193 -3.96 10.72 -37.98
C TRP H 193 -3.44 9.57 -37.11
N ILE H 194 -4.28 8.55 -36.97
CA ILE H 194 -3.98 7.40 -36.14
C ILE H 194 -4.39 6.11 -36.87
N ASN H 195 -3.49 5.14 -36.91
CA ASN H 195 -3.82 3.82 -37.43
C ASN H 195 -4.54 3.03 -36.34
N ARG H 196 -5.82 2.72 -36.57
CA ARG H 196 -6.59 2.03 -35.53
C ARG H 196 -6.14 0.58 -35.38
N ASP H 197 -5.53 0.01 -36.41
CA ASP H 197 -5.06 -1.36 -36.32
C ASP H 197 -3.97 -1.50 -35.25
N THR H 198 -3.07 -0.53 -35.19
CA THR H 198 -1.95 -0.58 -34.26
C THR H 198 -2.12 0.32 -33.03
N GLY H 199 -3.05 1.27 -33.11
CA GLY H 199 -3.21 2.25 -32.05
C GLY H 199 -2.07 3.26 -32.01
N ARG H 200 -1.36 3.38 -33.13
CA ARG H 200 -0.21 4.27 -33.24
C ARG H 200 -0.49 5.50 -34.08
N ARG H 201 0.24 6.59 -33.80
CA ARG H 201 0.21 7.78 -34.63
C ARG H 201 0.70 7.46 -36.04
N SER H 202 0.07 8.07 -37.04
CA SER H 202 0.57 7.99 -38.42
C SER H 202 1.42 9.20 -38.77
N ASP H 203 2.70 8.96 -39.07
CA ASP H 203 3.60 10.05 -39.44
C ASP H 203 4.30 9.76 -40.77
N SER H 204 4.80 10.80 -41.42
CA SER H 204 5.38 10.67 -42.76
C SER H 204 6.65 9.81 -42.77
N ALA H 205 7.45 9.89 -41.72
CA ALA H 205 8.71 9.14 -41.68
C ALA H 205 8.48 7.63 -41.69
N HIS H 206 7.62 7.15 -40.79
CA HIS H 206 7.34 5.72 -40.73
C HIS H 206 6.62 5.25 -41.98
N ALA H 207 5.68 6.04 -42.47
CA ALA H 207 4.88 5.66 -43.64
C ALA H 207 5.72 5.60 -44.92
N PHE H 208 6.57 6.61 -45.13
CA PHE H 208 7.26 6.74 -46.40
C PHE H 208 8.75 6.41 -46.37
N VAL H 209 9.41 6.72 -45.25
CA VAL H 209 10.87 6.59 -45.19
C VAL H 209 11.32 5.26 -44.58
N HIS H 210 10.89 4.97 -43.36
CA HIS H 210 11.36 3.77 -42.66
C HIS H 210 10.88 2.50 -43.35
N SER H 211 9.67 2.55 -43.91
CA SER H 211 9.14 1.43 -44.68
C SER H 211 10.02 1.14 -45.89
N THR H 212 10.37 2.19 -46.60
CA THR H 212 11.23 2.09 -47.79
C THR H 212 12.63 1.57 -47.44
N MET H 213 13.24 2.15 -46.42
CA MET H 213 14.60 1.79 -46.03
C MET H 213 14.71 0.36 -45.52
N ARG H 214 13.59 -0.18 -45.06
CA ARG H 214 13.56 -1.53 -44.52
C ARG H 214 13.47 -2.57 -45.65
N ASN H 215 13.16 -2.14 -46.86
CA ASN H 215 12.98 -3.07 -47.97
C ASN H 215 13.75 -2.70 -49.25
N HIS H 216 14.43 -1.57 -49.23
CA HIS H 216 15.23 -1.15 -50.38
C HIS H 216 16.53 -0.52 -49.89
N ASP H 217 17.47 -0.27 -50.80
CA ASP H 217 18.79 0.18 -50.40
C ASP H 217 19.16 1.58 -50.90
N ASN H 218 18.31 2.19 -51.72
CA ASN H 218 18.72 3.42 -52.40
C ASN H 218 18.33 4.71 -51.65
N LEU H 219 17.73 4.56 -50.47
CA LEU H 219 17.37 5.73 -49.66
C LEU H 219 18.27 5.86 -48.44
N TYR H 220 18.90 7.02 -48.29
CA TYR H 220 19.83 7.26 -47.20
C TYR H 220 19.28 8.32 -46.23
N LEU H 221 19.47 8.08 -44.94
CA LEU H 221 18.93 8.95 -43.91
C LEU H 221 20.03 9.67 -43.15
N ILE H 222 19.97 11.00 -43.14
CA ILE H 222 21.00 11.84 -42.51
C ILE H 222 20.38 12.81 -41.52
N CYS H 223 20.28 12.39 -40.26
CA CYS H 223 19.65 13.19 -39.22
C CYS H 223 20.67 13.99 -38.41
N ASN H 224 20.17 14.81 -37.49
CA ASN H 224 21.00 15.66 -36.63
C ASN H 224 21.92 16.57 -37.43
N THR H 225 21.44 16.96 -38.61
CA THR H 225 22.25 17.69 -39.57
C THR H 225 21.48 18.90 -40.10
N LYS H 226 21.97 20.10 -39.83
CA LYS H 226 21.26 21.31 -40.25
C LYS H 226 21.77 21.87 -41.57
N VAL H 227 20.84 22.14 -42.47
CA VAL H 227 21.17 22.71 -43.78
C VAL H 227 21.50 24.20 -43.66
N ASP H 228 22.71 24.57 -44.05
CA ASP H 228 23.16 25.95 -44.04
C ASP H 228 22.69 26.67 -45.30
N LYS H 229 23.28 26.34 -46.43
CA LYS H 229 22.92 27.00 -47.69
C LYS H 229 23.04 26.06 -48.88
N ILE H 230 22.43 26.47 -49.99
CA ILE H 230 22.51 25.71 -51.23
C ILE H 230 23.54 26.34 -52.17
N ILE H 231 24.46 25.53 -52.67
CA ILE H 231 25.56 26.00 -53.52
C ILE H 231 25.21 25.89 -55.00
N VAL H 232 25.34 27.01 -55.72
CA VAL H 232 25.02 27.05 -57.14
C VAL H 232 26.27 27.04 -58.02
N GLU H 233 26.29 26.15 -59.00
CA GLU H 233 27.38 26.07 -59.96
C GLU H 233 26.85 26.12 -61.38
N ASP H 234 27.21 27.17 -62.12
CA ASP H 234 26.75 27.38 -63.48
C ASP H 234 25.22 27.39 -63.58
N GLY H 235 24.58 28.15 -62.69
CA GLY H 235 23.14 28.29 -62.72
C GLY H 235 22.38 27.03 -62.32
N ARG H 236 23.08 26.07 -61.74
CA ARG H 236 22.45 24.82 -61.30
C ARG H 236 22.69 24.59 -59.81
N ALA H 237 21.63 24.23 -59.08
CA ALA H 237 21.75 23.87 -57.68
C ALA H 237 22.51 22.55 -57.59
N ALA H 238 23.76 22.62 -57.14
CA ALA H 238 24.67 21.49 -57.27
C ALA H 238 25.01 20.83 -55.94
N ALA H 239 25.04 21.61 -54.88
CA ALA H 239 25.47 21.08 -53.59
C ALA H 239 24.80 21.77 -52.41
N VAL H 240 24.91 21.14 -51.24
CA VAL H 240 24.38 21.70 -50.01
C VAL H 240 25.46 21.70 -48.94
N ARG H 241 25.63 22.82 -48.25
CA ARG H 241 26.53 22.88 -47.11
C ARG H 241 25.72 22.65 -45.83
N THR H 242 26.19 21.73 -45.00
CA THR H 242 25.50 21.45 -43.74
C THR H 242 26.44 21.58 -42.55
N VAL H 243 25.85 21.83 -41.39
CA VAL H 243 26.57 21.89 -40.13
C VAL H 243 25.84 21.00 -39.11
N PRO H 244 26.54 20.58 -38.05
CA PRO H 244 25.84 19.79 -37.03
C PRO H 244 24.73 20.61 -36.38
N SER H 245 23.65 19.96 -35.95
CA SER H 245 22.55 20.69 -35.31
C SER H 245 22.98 21.19 -33.92
N LYS H 246 23.97 20.53 -33.34
CA LYS H 246 24.54 20.97 -32.07
C LYS H 246 26.02 21.31 -32.22
N PRO H 247 26.36 22.60 -32.09
CA PRO H 247 27.76 23.03 -32.20
C PRO H 247 28.56 22.70 -30.94
N LEU H 248 29.14 21.50 -30.89
CA LEU H 248 29.78 21.00 -29.68
C LEU H 248 31.29 21.16 -29.66
N ASN H 249 31.84 21.78 -30.71
CA ASN H 249 33.28 21.97 -30.81
C ASN H 249 33.65 23.32 -31.41
N PRO H 250 33.53 24.40 -30.62
CA PRO H 250 33.71 25.77 -31.10
C PRO H 250 35.15 26.05 -31.53
N LYS H 251 36.08 25.31 -30.96
CA LYS H 251 37.50 25.51 -31.25
C LYS H 251 37.82 25.17 -32.69
N LYS H 252 37.05 24.25 -33.26
CA LYS H 252 37.21 23.87 -34.66
C LYS H 252 35.88 23.37 -35.24
N PRO H 253 35.00 24.30 -35.62
CA PRO H 253 33.68 23.96 -36.17
C PRO H 253 33.78 23.13 -37.44
N SER H 254 32.87 22.17 -37.60
CA SER H 254 32.89 21.30 -38.77
C SER H 254 31.74 21.61 -39.72
N HIS H 255 31.83 21.11 -40.94
CA HIS H 255 30.77 21.22 -41.91
C HIS H 255 30.91 20.12 -42.96
N LYS H 256 29.81 19.79 -43.62
CA LYS H 256 29.86 18.81 -44.70
C LYS H 256 29.22 19.36 -45.96
N ILE H 257 29.66 18.85 -47.10
CA ILE H 257 29.04 19.22 -48.36
C ILE H 257 28.51 17.97 -49.06
N TYR H 258 27.23 18.02 -49.42
CA TYR H 258 26.60 16.94 -50.16
C TYR H 258 26.21 17.42 -51.54
N ARG H 259 26.48 16.61 -52.56
CA ARG H 259 26.20 16.99 -53.94
C ARG H 259 25.00 16.25 -54.50
N ALA H 260 24.30 16.88 -55.42
CA ALA H 260 23.18 16.25 -56.11
C ALA H 260 23.39 16.27 -57.62
N ARG H 261 23.21 15.13 -58.27
CA ARG H 261 23.36 15.05 -59.70
C ARG H 261 22.13 15.54 -60.44
N LYS H 262 20.96 15.12 -60.00
CA LYS H 262 19.73 15.36 -60.77
C LYS H 262 18.76 16.38 -60.18
N GLN H 263 18.60 16.38 -58.86
CA GLN H 263 17.56 17.22 -58.26
C GLN H 263 17.79 17.53 -56.78
N ILE H 264 17.49 18.76 -56.39
CA ILE H 264 17.44 19.14 -54.99
C ILE H 264 16.04 19.64 -54.65
N VAL H 265 15.47 19.13 -53.57
CA VAL H 265 14.17 19.60 -53.09
C VAL H 265 14.31 20.19 -51.69
N LEU H 266 13.87 21.44 -51.54
CA LEU H 266 13.93 22.11 -50.24
C LEU H 266 12.60 21.98 -49.52
N SER H 267 12.62 21.33 -48.35
CA SER H 267 11.42 21.07 -47.57
C SER H 267 11.63 21.34 -46.09
N CYS H 268 12.24 22.46 -45.76
CA CYS H 268 12.55 22.77 -44.37
C CYS H 268 11.41 23.46 -43.64
N GLY H 269 10.26 23.60 -44.31
CA GLY H 269 9.12 24.22 -43.67
C GLY H 269 9.04 25.73 -43.90
N THR H 270 7.86 26.28 -43.64
CA THR H 270 7.57 27.69 -43.91
C THR H 270 8.54 28.66 -43.23
N ILE H 271 8.91 28.36 -41.99
CA ILE H 271 9.80 29.23 -41.25
C ILE H 271 11.25 29.11 -41.73
N SER H 272 11.68 27.91 -42.06
CA SER H 272 13.10 27.64 -42.27
C SER H 272 13.55 27.68 -43.73
N SER H 273 12.71 27.21 -44.64
CA SER H 273 13.03 27.24 -46.07
C SER H 273 13.47 28.61 -46.62
N PRO H 274 12.78 29.72 -46.23
CA PRO H 274 13.26 31.00 -46.76
C PRO H 274 14.63 31.36 -46.20
N LEU H 275 14.89 30.95 -44.97
CA LEU H 275 16.17 31.22 -44.33
C LEU H 275 17.29 30.54 -45.10
N VAL H 276 17.03 29.31 -45.55
CA VAL H 276 17.98 28.58 -46.37
C VAL H 276 18.19 29.28 -47.72
N LEU H 277 17.11 29.70 -48.35
CA LEU H 277 17.20 30.41 -49.63
C LEU H 277 17.95 31.73 -49.46
N GLN H 278 17.63 32.49 -48.42
CA GLN H 278 18.27 33.77 -48.18
C GLN H 278 19.77 33.61 -47.90
N ARG H 279 20.13 32.57 -47.16
CA ARG H 279 21.54 32.28 -46.91
C ARG H 279 22.25 31.85 -48.20
N SER H 280 21.47 31.36 -49.16
CA SER H 280 22.02 30.90 -50.44
C SER H 280 22.11 32.04 -51.45
N GLY H 281 21.65 33.22 -51.07
CA GLY H 281 21.73 34.38 -51.94
C GLY H 281 20.47 34.66 -52.73
N PHE H 282 19.36 34.05 -52.33
CA PHE H 282 18.07 34.29 -52.98
C PHE H 282 17.22 35.22 -52.13
N GLY H 283 16.97 36.43 -52.63
CA GLY H 283 16.12 37.36 -51.92
C GLY H 283 16.25 38.81 -52.33
N ASP H 284 15.91 39.70 -51.41
CA ASP H 284 16.07 41.13 -51.59
C ASP H 284 17.53 41.51 -51.37
N PRO H 285 18.21 41.97 -52.43
CA PRO H 285 19.64 42.30 -52.40
C PRO H 285 20.02 43.26 -51.26
N ILE H 286 19.18 44.25 -51.00
CA ILE H 286 19.44 45.21 -49.94
C ILE H 286 19.42 44.53 -48.57
N LYS H 287 18.39 43.74 -48.32
CA LYS H 287 18.26 43.00 -47.06
C LYS H 287 19.34 41.93 -46.92
N LEU H 288 19.66 41.25 -48.02
CA LEU H 288 20.69 40.21 -47.99
C LEU H 288 22.04 40.80 -47.60
N ARG H 289 22.40 41.93 -48.22
CA ARG H 289 23.65 42.60 -47.92
C ARG H 289 23.66 43.13 -46.49
N ALA H 290 22.49 43.54 -46.01
CA ALA H 290 22.35 44.00 -44.64
C ALA H 290 22.57 42.86 -43.66
N ALA H 291 22.43 41.64 -44.16
CA ALA H 291 22.60 40.44 -43.33
C ALA H 291 23.93 39.74 -43.61
N GLY H 292 24.77 40.39 -44.42
CA GLY H 292 26.11 39.87 -44.68
C GLY H 292 26.18 38.78 -45.73
N VAL H 293 25.15 38.67 -46.56
CA VAL H 293 25.11 37.66 -47.62
C VAL H 293 25.22 38.30 -49.00
N LYS H 294 26.05 37.72 -49.86
CA LYS H 294 26.18 38.21 -51.23
C LYS H 294 25.01 37.76 -52.08
N PRO H 295 24.27 38.73 -52.64
CA PRO H 295 23.10 38.44 -53.50
C PRO H 295 23.47 37.62 -54.73
N LEU H 296 22.57 36.72 -55.12
CA LEU H 296 22.79 35.88 -56.30
C LEU H 296 21.60 36.00 -57.25
N VAL H 297 20.40 35.91 -56.70
CA VAL H 297 19.17 36.00 -57.47
C VAL H 297 18.21 36.99 -56.83
N ASN H 298 17.73 37.94 -57.62
CA ASN H 298 16.81 38.96 -57.12
C ASN H 298 15.39 38.41 -56.98
N LEU H 299 15.05 38.01 -55.76
CA LEU H 299 13.75 37.43 -55.46
C LEU H 299 13.17 37.99 -54.17
N PRO H 300 12.62 39.20 -54.22
CA PRO H 300 12.12 39.89 -53.01
C PRO H 300 10.97 39.15 -52.30
N GLY H 301 10.41 38.14 -52.94
CA GLY H 301 9.30 37.38 -52.39
C GLY H 301 9.68 36.39 -51.32
N VAL H 302 10.97 36.03 -51.27
CA VAL H 302 11.46 35.06 -50.30
C VAL H 302 11.34 35.58 -48.87
N GLY H 303 10.49 34.94 -48.08
CA GLY H 303 10.27 35.33 -46.70
C GLY H 303 9.08 36.24 -46.54
N ARG H 304 8.46 36.61 -47.65
CA ARG H 304 7.29 37.47 -47.64
C ARG H 304 6.03 36.63 -47.71
N ASN H 305 4.88 37.28 -47.50
CA ASN H 305 3.58 36.62 -47.63
C ASN H 305 3.38 35.52 -46.59
N PHE H 306 3.93 35.73 -45.40
CA PHE H 306 3.80 34.77 -44.30
C PHE H 306 2.38 34.70 -43.80
N GLN H 307 1.77 33.52 -43.90
CA GLN H 307 0.41 33.31 -43.46
C GLN H 307 0.34 32.20 -42.43
N ASP H 308 -0.78 32.14 -41.72
CA ASP H 308 -0.99 31.14 -40.68
C ASP H 308 -2.45 31.12 -40.34
N HIS H 309 -2.85 30.19 -39.48
CA HIS H 309 -4.14 30.24 -38.85
C HIS H 309 -3.94 30.78 -37.44
N TYR H 310 -4.83 31.65 -37.00
CA TYR H 310 -4.68 32.27 -35.69
C TYR H 310 -5.63 31.61 -34.71
N CYS H 311 -5.09 31.02 -33.65
CA CYS H 311 -5.91 30.21 -32.75
C CYS H 311 -5.97 30.77 -31.33
N PHE H 312 -6.93 30.28 -30.55
CA PHE H 312 -6.96 30.54 -29.12
C PHE H 312 -7.78 29.45 -28.41
N PHE H 313 -7.51 29.28 -27.12
CA PHE H 313 -8.11 28.21 -26.33
C PHE H 313 -8.97 28.77 -25.21
N SER H 314 -10.14 28.18 -25.01
CA SER H 314 -11.04 28.58 -23.93
C SER H 314 -11.51 27.36 -23.15
N PRO H 315 -11.00 27.19 -21.91
CA PRO H 315 -11.28 25.99 -21.13
C PRO H 315 -12.57 26.07 -20.32
N TYR H 316 -13.23 24.93 -20.14
CA TYR H 316 -14.43 24.86 -19.33
C TYR H 316 -14.34 23.77 -18.28
N ARG H 317 -15.03 24.01 -17.16
CA ARG H 317 -15.21 23.03 -16.11
C ARG H 317 -16.13 21.90 -16.59
N ILE H 318 -15.79 20.64 -16.29
CA ILE H 318 -16.74 19.55 -16.52
C ILE H 318 -17.20 18.91 -15.20
N LYS H 319 -18.35 18.26 -15.23
CA LYS H 319 -18.87 17.59 -14.03
C LYS H 319 -17.97 16.45 -13.60
N PRO H 320 -17.85 16.23 -12.28
CA PRO H 320 -16.87 15.28 -11.75
C PRO H 320 -17.04 13.84 -12.25
N GLN H 321 -18.21 13.49 -12.77
CA GLN H 321 -18.44 12.11 -13.22
C GLN H 321 -17.91 11.86 -14.64
N TYR H 322 -17.59 12.91 -15.37
CA TYR H 322 -17.20 12.76 -16.77
C TYR H 322 -15.69 12.62 -16.94
N GLU H 323 -15.27 12.15 -18.10
CA GLU H 323 -13.87 11.83 -18.35
C GLU H 323 -13.11 12.96 -19.03
N SER H 324 -11.81 13.03 -18.76
CA SER H 324 -10.89 13.91 -19.47
C SER H 324 -9.48 13.34 -19.33
N PHE H 325 -8.52 13.89 -20.06
CA PHE H 325 -7.15 13.38 -19.94
C PHE H 325 -6.30 14.19 -18.95
N ASP H 326 -6.96 15.02 -18.14
CA ASP H 326 -6.26 15.96 -17.27
C ASP H 326 -5.33 15.30 -16.24
N ASP H 327 -5.83 14.31 -15.52
CA ASP H 327 -5.01 13.62 -14.52
C ASP H 327 -3.84 12.91 -15.18
N PHE H 328 -4.07 12.34 -16.35
CA PHE H 328 -3.03 11.69 -17.12
C PHE H 328 -1.91 12.67 -17.49
N VAL H 329 -2.31 13.83 -18.01
CA VAL H 329 -1.37 14.85 -18.46
C VAL H 329 -0.72 15.56 -17.27
N ARG H 330 -1.41 15.60 -16.14
CA ARG H 330 -0.85 16.20 -14.93
C ARG H 330 0.27 15.36 -14.34
N GLY H 331 0.20 14.04 -14.53
CA GLY H 331 1.26 13.16 -14.07
C GLY H 331 0.86 12.20 -12.95
N ASP H 332 -0.43 11.90 -12.86
CA ASP H 332 -0.90 10.92 -11.87
C ASP H 332 -0.36 9.54 -12.20
N ALA H 333 0.39 8.96 -11.26
CA ALA H 333 1.12 7.72 -11.51
C ALA H 333 0.21 6.53 -11.78
N GLU H 334 -0.81 6.35 -10.95
CA GLU H 334 -1.67 5.18 -11.10
C GLU H 334 -2.49 5.25 -12.38
N ILE H 335 -2.98 6.44 -12.72
CA ILE H 335 -3.76 6.59 -13.94
C ILE H 335 -2.87 6.41 -15.19
N GLN H 336 -1.67 6.96 -15.16
CA GLN H 336 -0.74 6.74 -16.26
C GLN H 336 -0.42 5.27 -16.43
N LYS H 337 -0.22 4.57 -15.31
CA LYS H 337 0.06 3.14 -15.35
C LYS H 337 -1.07 2.35 -16.00
N ARG H 338 -2.32 2.66 -15.65
CA ARG H 338 -3.45 1.91 -16.19
C ARG H 338 -3.65 2.20 -17.68
N VAL H 339 -3.44 3.45 -18.06
CA VAL H 339 -3.58 3.85 -19.46
C VAL H 339 -2.55 3.15 -20.36
N PHE H 340 -1.30 3.08 -19.89
CA PHE H 340 -0.25 2.41 -20.65
C PHE H 340 -0.50 0.91 -20.67
N ASP H 341 -0.94 0.35 -19.54
CA ASP H 341 -1.18 -1.09 -19.44
C ASP H 341 -2.23 -1.56 -20.45
N GLN H 342 -3.29 -0.76 -20.62
CA GLN H 342 -4.32 -1.13 -21.57
C GLN H 342 -3.76 -1.09 -23.00
N TRP H 343 -2.95 -0.09 -23.30
CA TRP H 343 -2.37 0.00 -24.64
C TRP H 343 -1.43 -1.15 -24.95
N TYR H 344 -0.61 -1.53 -23.96
CA TYR H 344 0.29 -2.67 -24.11
C TYR H 344 -0.50 -3.96 -24.29
N ALA H 345 -1.66 -4.04 -23.65
CA ALA H 345 -2.49 -5.23 -23.70
C ALA H 345 -3.06 -5.47 -25.09
N ASN H 346 -3.66 -4.44 -25.67
CA ASN H 346 -4.30 -4.60 -26.97
C ASN H 346 -4.43 -3.32 -27.80
N GLY H 347 -3.64 -2.30 -27.50
CA GLY H 347 -3.61 -1.10 -28.30
C GLY H 347 -4.85 -0.22 -28.22
N THR H 348 -5.63 -0.35 -27.15
CA THR H 348 -6.83 0.46 -26.98
C THR H 348 -6.76 1.32 -25.72
N GLY H 349 -7.75 2.19 -25.53
CA GLY H 349 -7.79 3.04 -24.36
C GLY H 349 -7.32 4.45 -24.66
N PRO H 350 -7.36 5.34 -23.65
CA PRO H 350 -7.06 6.76 -23.78
C PRO H 350 -5.73 7.10 -24.48
N LEU H 351 -4.78 6.18 -24.47
CA LEU H 351 -3.48 6.44 -25.10
C LEU H 351 -3.60 6.44 -26.63
N ALA H 352 -4.67 5.86 -27.15
CA ALA H 352 -4.86 5.69 -28.59
C ALA H 352 -5.82 6.72 -29.18
N THR H 353 -5.85 7.91 -28.59
CA THR H 353 -6.65 9.00 -29.12
C THR H 353 -6.00 10.35 -28.83
N ASN H 354 -6.51 11.41 -29.47
CA ASN H 354 -6.03 12.76 -29.19
C ASN H 354 -6.98 13.52 -28.28
N GLY H 355 -8.16 12.95 -28.04
CA GLY H 355 -9.16 13.58 -27.20
C GLY H 355 -9.86 14.74 -27.87
N ILE H 356 -9.60 14.93 -29.17
CA ILE H 356 -10.25 15.97 -29.94
C ILE H 356 -11.32 15.32 -30.79
N GLU H 357 -12.53 15.21 -30.25
CA GLU H 357 -13.49 14.24 -30.75
C GLU H 357 -14.55 14.80 -31.68
N ALA H 358 -14.81 16.10 -31.59
CA ALA H 358 -15.83 16.71 -32.43
C ALA H 358 -15.48 18.16 -32.70
N GLY H 359 -16.02 18.68 -33.80
CA GLY H 359 -15.69 20.03 -34.21
C GLY H 359 -16.62 20.61 -35.25
N VAL H 360 -16.23 21.76 -35.76
CA VAL H 360 -17.15 22.60 -36.51
C VAL H 360 -16.43 23.46 -37.55
N LYS H 361 -17.05 23.60 -38.72
CA LYS H 361 -16.69 24.65 -39.68
C LYS H 361 -17.88 25.59 -39.79
N ILE H 362 -17.66 26.89 -39.69
CA ILE H 362 -18.80 27.81 -39.71
C ILE H 362 -18.63 29.06 -40.56
N ARG H 363 -19.76 29.52 -41.10
CA ARG H 363 -19.87 30.81 -41.77
C ARG H 363 -20.95 31.62 -41.06
N PRO H 364 -20.80 32.95 -41.05
CA PRO H 364 -21.81 33.80 -40.39
C PRO H 364 -23.10 33.89 -41.20
N THR H 365 -24.23 33.96 -40.53
CA THR H 365 -25.49 34.28 -41.17
C THR H 365 -25.49 35.77 -41.52
N PRO H 366 -26.33 36.21 -42.46
CA PRO H 366 -26.37 37.63 -42.80
C PRO H 366 -26.68 38.54 -41.61
N GLU H 367 -27.46 38.03 -40.65
CA GLU H 367 -27.76 38.79 -39.45
C GLU H 367 -26.52 38.93 -38.56
N GLU H 368 -25.81 37.83 -38.36
CA GLU H 368 -24.57 37.83 -37.58
C GLU H 368 -23.54 38.78 -38.17
N LEU H 369 -23.44 38.78 -39.50
CA LEU H 369 -22.55 39.69 -40.22
C LEU H 369 -22.85 41.14 -39.91
N SER H 370 -24.14 41.48 -39.86
CA SER H 370 -24.59 42.86 -39.67
C SER H 370 -24.24 43.39 -38.27
N GLN H 371 -23.81 42.49 -37.39
CA GLN H 371 -23.46 42.87 -36.02
C GLN H 371 -21.95 43.01 -35.85
N MET H 372 -21.19 42.68 -36.88
CA MET H 372 -19.73 42.69 -36.80
C MET H 372 -19.14 44.00 -37.31
N ASP H 373 -17.83 44.17 -37.12
CA ASP H 373 -17.09 45.32 -37.62
C ASP H 373 -17.39 45.57 -39.09
N GLU H 374 -17.48 46.84 -39.48
CA GLU H 374 -17.72 47.18 -40.87
C GLU H 374 -16.57 46.69 -41.74
N SER H 375 -15.36 46.73 -41.18
CA SER H 375 -14.17 46.29 -41.91
C SER H 375 -14.25 44.83 -42.32
N PHE H 376 -14.75 43.96 -41.44
CA PHE H 376 -14.88 42.56 -41.80
C PHE H 376 -16.08 42.30 -42.70
N GLN H 377 -17.14 43.10 -42.53
CA GLN H 377 -18.30 43.00 -43.42
C GLN H 377 -17.88 43.21 -44.86
N GLU H 378 -16.99 44.18 -45.07
CA GLU H 378 -16.44 44.45 -46.39
C GLU H 378 -15.51 43.34 -46.84
N GLY H 379 -14.70 42.85 -45.90
CA GLY H 379 -13.79 41.74 -46.18
C GLY H 379 -14.55 40.49 -46.59
N TYR H 380 -15.72 40.29 -46.00
CA TYR H 380 -16.55 39.13 -46.30
C TYR H 380 -17.07 39.20 -47.74
N ARG H 381 -17.50 40.39 -48.15
CA ARG H 381 -17.98 40.59 -49.52
C ARG H 381 -16.88 40.33 -50.53
N GLU H 382 -15.68 40.82 -50.21
CA GLU H 382 -14.54 40.69 -51.12
C GLU H 382 -14.02 39.26 -51.26
N TYR H 383 -14.03 38.51 -50.16
CA TYR H 383 -13.32 37.23 -50.10
C TYR H 383 -14.23 36.00 -49.99
N PHE H 384 -15.32 36.12 -49.24
CA PHE H 384 -16.12 34.94 -48.89
C PHE H 384 -17.46 34.79 -49.61
N GLU H 385 -18.10 35.92 -49.93
CA GLU H 385 -19.50 35.89 -50.39
C GLU H 385 -19.70 35.07 -51.67
N ASP H 386 -18.76 35.16 -52.60
CA ASP H 386 -18.84 34.41 -53.85
C ASP H 386 -18.02 33.12 -53.80
N LYS H 387 -17.58 32.76 -52.61
CA LYS H 387 -16.88 31.50 -52.38
C LYS H 387 -17.58 30.70 -51.29
N PRO H 388 -18.76 30.13 -51.63
CA PRO H 388 -19.64 29.51 -50.64
C PRO H 388 -19.06 28.27 -49.93
N ASP H 389 -17.93 27.75 -50.40
CA ASP H 389 -17.38 26.53 -49.81
C ASP H 389 -16.25 26.80 -48.79
N LYS H 390 -15.92 28.07 -48.59
CA LYS H 390 -14.88 28.45 -47.63
C LYS H 390 -15.45 28.77 -46.25
N PRO H 391 -14.97 28.07 -45.21
CA PRO H 391 -15.35 28.39 -43.83
C PRO H 391 -14.65 29.63 -43.31
N VAL H 392 -15.25 30.33 -42.36
CA VAL H 392 -14.61 31.51 -41.77
C VAL H 392 -13.86 31.14 -40.49
N MET H 393 -14.52 30.39 -39.61
CA MET H 393 -13.90 29.95 -38.37
C MET H 393 -14.01 28.44 -38.19
N HIS H 394 -13.04 27.85 -37.50
CA HIS H 394 -13.15 26.49 -37.02
C HIS H 394 -13.08 26.48 -35.50
N TYR H 395 -13.84 25.60 -34.87
CA TYR H 395 -13.50 25.23 -33.50
C TYR H 395 -13.92 23.81 -33.18
N SER H 396 -13.22 23.24 -32.21
CA SER H 396 -13.41 21.84 -31.84
C SER H 396 -13.30 21.68 -30.33
N ILE H 397 -13.77 20.54 -29.82
CA ILE H 397 -13.78 20.29 -28.40
C ILE H 397 -12.67 19.30 -28.00
N ILE H 398 -11.85 19.71 -27.04
CA ILE H 398 -10.78 18.86 -26.53
C ILE H 398 -11.18 18.33 -25.16
N ALA H 399 -11.04 17.02 -24.97
CA ALA H 399 -11.50 16.37 -23.75
C ALA H 399 -10.48 16.51 -22.62
N GLY H 400 -10.17 17.76 -22.28
CA GLY H 400 -9.18 18.06 -21.27
C GLY H 400 -8.68 19.49 -21.47
N PHE H 401 -7.84 19.96 -20.55
CA PHE H 401 -7.24 21.26 -20.73
C PHE H 401 -5.96 21.15 -21.53
N PHE H 402 -5.90 21.84 -22.67
CA PHE H 402 -4.63 21.97 -23.36
C PHE H 402 -3.95 23.26 -22.93
N GLY H 403 -2.78 23.11 -22.30
CA GLY H 403 -2.04 24.21 -21.72
C GLY H 403 -1.27 23.74 -20.51
N ASP H 404 -0.71 24.68 -19.76
CA ASP H 404 0.11 24.35 -18.59
C ASP H 404 -0.76 24.04 -17.38
N HIS H 405 -0.78 22.78 -16.95
CA HIS H 405 -1.60 22.38 -15.82
C HIS H 405 -1.12 22.94 -14.48
N THR H 406 0.13 23.40 -14.41
CA THR H 406 0.62 24.01 -13.18
C THR H 406 0.10 25.44 -13.00
N LYS H 407 -0.62 25.95 -14.00
CA LYS H 407 -1.15 27.31 -13.95
C LYS H 407 -2.67 27.36 -14.00
N ILE H 408 -3.31 26.22 -13.76
CA ILE H 408 -4.77 26.14 -13.75
C ILE H 408 -5.16 25.31 -12.52
N PRO H 409 -6.36 25.56 -11.94
CA PRO H 409 -6.70 24.81 -10.73
C PRO H 409 -6.82 23.30 -10.97
N PRO H 410 -6.79 22.50 -9.89
CA PRO H 410 -7.03 21.06 -10.05
C PRO H 410 -8.45 20.79 -10.54
N GLY H 411 -8.70 19.57 -11.01
CA GLY H 411 -10.00 19.20 -11.51
C GLY H 411 -9.93 18.80 -12.97
N LYS H 412 -11.09 18.61 -13.59
CA LYS H 412 -11.16 18.14 -14.95
C LYS H 412 -11.81 19.19 -15.85
N TYR H 413 -11.40 19.21 -17.11
CA TYR H 413 -11.79 20.28 -18.01
C TYR H 413 -12.13 19.78 -19.40
N MET H 414 -12.68 20.69 -20.20
CA MET H 414 -12.78 20.51 -21.64
C MET H 414 -12.42 21.85 -22.27
N THR H 415 -11.75 21.83 -23.42
CA THR H 415 -11.27 23.07 -24.03
C THR H 415 -11.83 23.28 -25.43
N MET H 416 -12.34 24.49 -25.67
CA MET H 416 -12.70 24.90 -27.02
C MET H 416 -11.46 25.42 -27.74
N PHE H 417 -11.17 24.83 -28.89
CA PHE H 417 -10.00 25.16 -29.68
C PHE H 417 -10.43 25.83 -30.99
N HIS H 418 -10.23 27.14 -31.11
CA HIS H 418 -10.66 27.89 -32.30
C HIS H 418 -9.50 28.30 -33.17
N PHE H 419 -9.71 28.42 -34.48
CA PHE H 419 -8.77 29.18 -35.30
C PHE H 419 -9.42 29.81 -36.54
N LEU H 420 -8.83 30.92 -36.97
CA LEU H 420 -9.29 31.69 -38.13
C LEU H 420 -8.77 31.06 -39.43
N GLU H 421 -9.68 30.81 -40.37
CA GLU H 421 -9.38 29.99 -41.54
C GLU H 421 -8.61 30.73 -42.65
N TYR H 422 -9.00 31.96 -42.95
CA TYR H 422 -8.32 32.73 -44.00
C TYR H 422 -8.05 34.16 -43.56
N PRO H 423 -7.01 34.36 -42.74
CA PRO H 423 -6.72 35.71 -42.24
C PRO H 423 -6.27 36.67 -43.35
N PHE H 424 -6.57 37.94 -43.17
CA PHE H 424 -6.15 38.96 -44.12
C PHE H 424 -4.75 39.46 -43.76
N SER H 425 -4.38 39.30 -42.49
CA SER H 425 -3.07 39.72 -42.01
C SER H 425 -1.95 39.01 -42.75
N ARG H 426 -0.79 39.67 -42.84
CA ARG H 426 0.38 39.09 -43.48
C ARG H 426 1.64 39.43 -42.68
N GLY H 427 2.60 38.52 -42.70
CA GLY H 427 3.85 38.74 -42.01
C GLY H 427 5.05 38.50 -42.90
N SER H 428 6.25 38.54 -42.31
CA SER H 428 7.47 38.31 -43.06
C SER H 428 8.58 37.78 -42.16
N ILE H 429 9.58 37.14 -42.75
CA ILE H 429 10.70 36.62 -41.98
C ILE H 429 12.00 36.76 -42.80
N HIS H 430 13.10 37.04 -42.11
CA HIS H 430 14.38 37.23 -42.78
C HIS H 430 15.55 36.94 -41.84
N ILE H 431 16.61 36.33 -42.39
CA ILE H 431 17.82 36.06 -41.63
C ILE H 431 18.45 37.34 -41.07
N THR H 432 19.22 37.22 -40.00
CA THR H 432 19.91 38.36 -39.41
C THR H 432 21.40 38.33 -39.73
N SER H 433 21.90 37.16 -40.11
CA SER H 433 23.31 37.00 -40.43
C SER H 433 23.48 35.71 -41.25
N PRO H 434 24.70 35.44 -41.75
CA PRO H 434 24.84 34.17 -42.48
C PRO H 434 24.98 32.96 -41.56
N ASP H 435 25.04 33.19 -40.26
CA ASP H 435 25.11 32.10 -39.28
C ASP H 435 23.85 31.24 -39.35
N PRO H 436 24.00 29.96 -39.70
CA PRO H 436 22.83 29.08 -39.84
C PRO H 436 22.08 28.88 -38.51
N TYR H 437 22.77 29.10 -37.39
CA TYR H 437 22.17 28.95 -36.06
C TYR H 437 21.42 30.19 -35.60
N ALA H 438 21.67 31.32 -36.27
CA ALA H 438 21.19 32.61 -35.80
C ALA H 438 19.66 32.73 -35.90
N ALA H 439 19.07 33.31 -34.86
CA ALA H 439 17.64 33.58 -34.82
C ALA H 439 17.27 34.62 -35.88
N PRO H 440 16.25 34.33 -36.69
CA PRO H 440 15.83 35.26 -37.74
C PRO H 440 15.07 36.46 -37.20
N ASP H 441 14.99 37.52 -38.01
CA ASP H 441 14.10 38.65 -37.74
C ASP H 441 12.70 38.24 -38.18
N PHE H 442 11.79 38.14 -37.21
CA PHE H 442 10.50 37.48 -37.44
C PHE H 442 9.31 38.36 -37.04
N ASP H 443 8.46 38.66 -38.02
CA ASP H 443 7.18 39.30 -37.76
C ASP H 443 6.07 38.46 -38.38
N PRO H 444 5.45 37.59 -37.58
CA PRO H 444 4.38 36.69 -38.03
C PRO H 444 3.15 37.45 -38.50
N GLY H 445 2.98 38.68 -37.98
CA GLY H 445 1.90 39.55 -38.42
C GLY H 445 0.53 39.22 -37.86
N PHE H 446 0.49 38.45 -36.79
CA PHE H 446 -0.76 38.04 -36.16
C PHE H 446 -1.65 39.24 -35.81
N MET H 447 -2.86 39.24 -36.37
CA MET H 447 -3.89 40.25 -36.09
C MET H 447 -3.54 41.69 -36.49
N ASN H 448 -2.59 41.89 -37.41
CA ASN H 448 -2.21 43.26 -37.75
C ASN H 448 -3.19 43.89 -38.74
N ASP H 449 -4.03 43.07 -39.36
CA ASP H 449 -5.11 43.57 -40.20
C ASP H 449 -6.40 43.63 -39.39
N GLU H 450 -7.11 44.77 -39.47
CA GLU H 450 -8.27 45.00 -38.62
C GLU H 450 -9.45 44.08 -38.95
N ARG H 451 -9.42 43.48 -40.13
CA ARG H 451 -10.51 42.60 -40.57
C ARG H 451 -10.55 41.26 -39.86
N ASP H 452 -9.46 40.92 -39.17
CA ASP H 452 -9.32 39.60 -38.58
C ASP H 452 -9.89 39.50 -37.16
N MET H 453 -10.30 40.64 -36.58
CA MET H 453 -10.73 40.64 -35.19
C MET H 453 -12.16 40.12 -35.01
N ALA H 454 -13.09 40.59 -35.83
CA ALA H 454 -14.51 40.24 -35.70
C ALA H 454 -14.82 38.73 -35.72
N PRO H 455 -14.23 37.95 -36.65
CA PRO H 455 -14.56 36.52 -36.65
C PRO H 455 -14.14 35.80 -35.38
N MET H 456 -13.02 36.23 -34.80
CA MET H 456 -12.50 35.62 -33.58
C MET H 456 -13.42 35.87 -32.38
N VAL H 457 -13.88 37.13 -32.26
CA VAL H 457 -14.84 37.49 -31.23
C VAL H 457 -16.12 36.69 -31.39
N TRP H 458 -16.59 36.64 -32.62
CA TRP H 458 -17.78 35.86 -32.99
C TRP H 458 -17.66 34.39 -32.56
N ALA H 459 -16.50 33.80 -32.85
CA ALA H 459 -16.26 32.38 -32.54
C ALA H 459 -16.23 32.09 -31.05
N TYR H 460 -15.67 33.01 -30.26
CA TYR H 460 -15.66 32.84 -28.82
C TYR H 460 -17.09 32.76 -28.27
N LYS H 461 -17.94 33.67 -28.72
CA LYS H 461 -19.32 33.72 -28.26
C LYS H 461 -20.07 32.46 -28.67
N LYS H 462 -19.80 32.01 -29.89
CA LYS H 462 -20.46 30.82 -30.45
C LYS H 462 -20.08 29.55 -29.67
N SER H 463 -18.79 29.32 -29.48
CA SER H 463 -18.31 28.13 -28.79
C SER H 463 -18.71 28.12 -27.33
N ARG H 464 -18.78 29.31 -26.72
CA ARG H 464 -19.21 29.42 -25.34
C ARG H 464 -20.67 28.99 -25.20
N GLU H 465 -21.48 29.35 -26.19
CA GLU H 465 -22.87 28.94 -26.23
C GLU H 465 -23.00 27.44 -26.42
N THR H 466 -22.12 26.87 -27.24
CA THR H 466 -22.05 25.43 -27.42
C THR H 466 -21.74 24.76 -26.09
N ALA H 467 -20.71 25.25 -25.43
CA ALA H 467 -20.24 24.69 -24.17
C ALA H 467 -21.34 24.67 -23.11
N ARG H 468 -22.08 25.77 -23.00
CA ARG H 468 -23.10 25.89 -21.97
C ARG H 468 -24.32 25.01 -22.25
N ARG H 469 -24.39 24.44 -23.44
CA ARG H 469 -25.50 23.56 -23.81
C ARG H 469 -25.09 22.09 -23.83
N MET H 470 -23.88 21.80 -23.34
CA MET H 470 -23.38 20.44 -23.24
C MET H 470 -23.63 19.85 -21.84
N ASP H 471 -23.93 18.56 -21.78
CA ASP H 471 -24.14 17.88 -20.50
C ASP H 471 -22.90 17.94 -19.63
N HIS H 472 -21.73 17.92 -20.27
CA HIS H 472 -20.46 17.98 -19.56
C HIS H 472 -20.28 19.27 -18.76
N PHE H 473 -20.88 20.35 -19.23
CA PHE H 473 -20.63 21.69 -18.70
C PHE H 473 -20.88 21.83 -17.20
N ALA H 474 -19.89 22.37 -16.49
CA ALA H 474 -20.05 22.60 -15.06
C ALA H 474 -19.50 23.96 -14.63
N GLY H 475 -19.11 24.79 -15.59
CA GLY H 475 -18.61 26.11 -15.27
C GLY H 475 -17.52 26.63 -16.18
N GLU H 476 -17.09 27.86 -15.91
CA GLU H 476 -16.15 28.56 -16.77
C GLU H 476 -14.92 29.00 -15.97
N VAL H 477 -13.72 28.70 -16.48
CA VAL H 477 -12.52 29.02 -15.72
C VAL H 477 -12.14 30.49 -15.94
N THR H 478 -12.42 31.28 -14.90
CA THR H 478 -12.39 32.72 -15.00
C THR H 478 -11.01 33.26 -15.41
N SER H 479 -9.95 32.65 -14.89
CA SER H 479 -8.59 33.11 -15.16
C SER H 479 -8.19 32.93 -16.62
N HIS H 480 -8.90 32.05 -17.33
CA HIS H 480 -8.54 31.73 -18.71
C HIS H 480 -9.64 32.16 -19.68
N HIS H 481 -10.48 33.08 -19.22
CA HIS H 481 -11.53 33.67 -20.05
C HIS H 481 -11.32 35.17 -20.18
N PRO H 482 -12.06 35.84 -21.10
CA PRO H 482 -11.91 37.30 -21.20
C PRO H 482 -12.19 38.01 -19.88
N LEU H 483 -11.46 39.09 -19.65
CA LEU H 483 -11.55 39.83 -18.40
C LEU H 483 -12.75 40.78 -18.42
N PHE H 484 -13.96 40.20 -18.41
CA PHE H 484 -15.19 40.98 -18.38
C PHE H 484 -15.23 41.89 -17.16
N PRO H 485 -15.98 42.99 -17.24
CA PRO H 485 -16.23 43.82 -16.05
C PRO H 485 -16.78 42.94 -14.93
N TYR H 486 -16.33 43.15 -13.70
CA TYR H 486 -16.61 42.21 -12.62
C TYR H 486 -18.08 41.85 -12.47
N SER H 487 -18.96 42.85 -12.60
CA SER H 487 -20.39 42.65 -12.36
C SER H 487 -21.19 42.51 -13.64
N SER H 488 -20.51 42.36 -14.77
CA SER H 488 -21.19 42.11 -16.03
C SER H 488 -21.95 40.79 -16.00
N GLU H 489 -23.10 40.75 -16.65
CA GLU H 489 -23.89 39.53 -16.74
C GLU H 489 -23.30 38.59 -17.77
N ALA H 490 -22.23 39.03 -18.42
CA ALA H 490 -21.51 38.19 -19.37
C ALA H 490 -20.25 37.57 -18.75
N ARG H 491 -20.02 37.85 -17.48
CA ARG H 491 -18.79 37.39 -16.81
C ARG H 491 -18.71 35.88 -16.74
N ALA H 492 -17.50 35.36 -16.56
CA ALA H 492 -17.28 33.92 -16.42
C ALA H 492 -17.80 33.45 -15.08
N LEU H 493 -18.58 32.37 -15.08
CA LEU H 493 -19.13 31.81 -13.85
C LEU H 493 -18.54 30.42 -13.57
N GLU H 494 -17.88 30.29 -12.42
CA GLU H 494 -17.20 29.06 -12.03
C GLU H 494 -18.19 27.98 -11.58
N MET H 495 -17.66 26.79 -11.32
CA MET H 495 -18.46 25.70 -10.78
C MET H 495 -19.04 26.08 -9.43
N ASP H 496 -20.20 25.54 -9.08
CA ASP H 496 -20.86 25.94 -7.85
C ASP H 496 -20.26 25.28 -6.61
N LEU H 497 -20.89 25.52 -5.46
CA LEU H 497 -20.41 25.02 -4.18
C LEU H 497 -20.32 23.50 -4.13
N GLU H 498 -21.39 22.82 -4.52
CA GLU H 498 -21.44 21.36 -4.47
C GLU H 498 -20.35 20.73 -5.33
N THR H 499 -20.20 21.23 -6.55
CA THR H 499 -19.20 20.70 -7.47
C THR H 499 -17.79 20.96 -6.95
N SER H 500 -17.58 22.12 -6.35
CA SER H 500 -16.28 22.46 -5.77
C SER H 500 -15.93 21.49 -4.65
N ASN H 501 -16.91 21.17 -3.83
CA ASN H 501 -16.71 20.21 -2.74
C ASN H 501 -16.45 18.81 -3.26
N ALA H 502 -17.08 18.46 -4.38
CA ALA H 502 -16.85 17.17 -5.00
C ALA H 502 -15.40 17.06 -5.46
N TYR H 503 -14.90 18.10 -6.11
CA TYR H 503 -13.53 18.09 -6.60
C TYR H 503 -12.52 18.24 -5.47
N GLY H 504 -12.90 18.98 -4.43
CA GLY H 504 -12.03 19.15 -3.27
C GLY H 504 -11.86 17.90 -2.44
N GLY H 505 -12.86 17.01 -2.49
CA GLY H 505 -12.81 15.79 -1.70
C GLY H 505 -13.39 15.98 -0.31
N PRO H 506 -13.63 14.87 0.41
CA PRO H 506 -14.32 14.91 1.71
C PRO H 506 -13.48 15.50 2.84
N LEU H 507 -12.17 15.67 2.64
CA LEU H 507 -11.30 16.19 3.70
C LEU H 507 -10.94 17.66 3.51
N ASN H 508 -11.40 18.28 2.42
CA ASN H 508 -11.04 19.66 2.14
C ASN H 508 -11.51 20.64 3.22
N LEU H 509 -10.77 21.73 3.39
CA LEU H 509 -11.06 22.71 4.41
C LEU H 509 -11.25 24.11 3.85
N SER H 510 -11.32 24.24 2.53
CA SER H 510 -11.47 25.56 1.92
C SER H 510 -12.32 25.61 0.65
N ALA H 511 -12.87 24.46 0.24
CA ALA H 511 -13.76 24.48 -0.93
C ALA H 511 -15.00 25.32 -0.61
N GLY H 512 -15.29 26.30 -1.47
CA GLY H 512 -16.43 27.17 -1.26
C GLY H 512 -16.16 28.28 -0.27
N LEU H 513 -14.89 28.47 0.09
CA LEU H 513 -14.49 29.63 0.91
C LEU H 513 -14.40 30.84 -0.01
N ALA H 514 -15.46 31.65 -0.03
CA ALA H 514 -15.62 32.70 -1.04
C ALA H 514 -14.80 33.97 -0.76
N HIS H 515 -14.41 34.17 0.49
CA HIS H 515 -13.71 35.38 0.92
C HIS H 515 -12.50 35.72 0.02
N GLY H 516 -12.54 36.90 -0.58
CA GLY H 516 -11.55 37.32 -1.56
C GLY H 516 -12.23 37.65 -2.87
N SER H 517 -13.39 37.04 -3.10
CA SER H 517 -14.21 37.27 -4.28
C SER H 517 -13.44 37.05 -5.58
N TRP H 518 -12.65 35.99 -5.63
CA TRP H 518 -11.84 35.68 -6.80
C TRP H 518 -12.70 35.15 -7.94
N THR H 519 -13.80 34.47 -7.60
CA THR H 519 -14.71 33.92 -8.59
C THR H 519 -16.16 34.16 -8.21
N GLN H 520 -17.05 33.99 -9.18
CA GLN H 520 -18.49 34.00 -8.93
C GLN H 520 -19.08 32.67 -9.43
N PRO H 521 -20.07 32.14 -8.70
CA PRO H 521 -20.59 30.79 -8.98
C PRO H 521 -21.71 30.75 -10.01
N LEU H 522 -21.72 29.67 -10.77
CA LEU H 522 -22.80 29.34 -11.68
C LEU H 522 -24.09 29.12 -10.90
N LYS H 523 -25.21 29.63 -11.42
CA LYS H 523 -26.51 29.43 -10.77
C LYS H 523 -27.15 28.13 -11.27
N LYS H 524 -28.13 27.62 -10.52
CA LYS H 524 -28.81 26.40 -10.93
C LYS H 524 -29.52 26.59 -12.27
N PRO H 525 -29.43 25.58 -13.14
CA PRO H 525 -30.11 25.64 -14.45
C PRO H 525 -31.63 25.47 -14.28
N THR H 526 -32.37 25.58 -15.37
CA THR H 526 -33.82 25.41 -15.31
C THR H 526 -34.18 23.97 -14.96
N ALA H 527 -35.37 23.79 -14.39
CA ALA H 527 -35.84 22.48 -13.95
C ALA H 527 -36.26 21.61 -15.14
N LYS H 528 -36.14 20.31 -14.97
CA LYS H 528 -36.60 19.36 -15.99
C LYS H 528 -38.12 19.43 -16.13
N ASN H 529 -38.61 19.27 -17.35
CA ASN H 529 -40.04 19.21 -17.60
C ASN H 529 -40.58 17.83 -17.23
N GLU H 530 -41.27 17.74 -16.10
CA GLU H 530 -41.74 16.44 -15.60
C GLU H 530 -42.81 15.80 -16.49
N GLY H 531 -43.42 16.59 -17.37
CA GLY H 531 -44.42 16.07 -18.29
C GLY H 531 -43.82 15.47 -19.55
N HIS H 532 -42.49 15.51 -19.65
CA HIS H 532 -41.80 14.94 -20.79
C HIS H 532 -41.19 13.57 -20.48
N VAL H 533 -40.97 12.78 -21.53
CA VAL H 533 -40.26 11.52 -21.41
C VAL H 533 -38.85 11.79 -20.88
N THR H 534 -38.38 10.97 -19.95
CA THR H 534 -37.12 11.23 -19.24
C THR H 534 -35.94 11.51 -20.16
N SER H 535 -35.85 10.77 -21.27
CA SER H 535 -34.73 10.91 -22.18
C SER H 535 -34.80 12.18 -23.02
N ASN H 536 -35.86 12.97 -22.86
CA ASN H 536 -35.98 14.24 -23.58
C ASN H 536 -35.96 15.43 -22.64
N GLN H 537 -35.77 15.16 -21.35
CA GLN H 537 -35.73 16.22 -20.36
C GLN H 537 -34.37 16.94 -20.40
N VAL H 538 -34.39 18.25 -20.15
CA VAL H 538 -33.17 19.04 -20.18
C VAL H 538 -33.11 20.03 -19.03
N GLU H 539 -31.88 20.45 -18.69
CA GLU H 539 -31.65 21.52 -17.73
C GLU H 539 -30.81 22.57 -18.41
N LEU H 540 -31.35 23.78 -18.54
CA LEU H 540 -30.72 24.79 -19.38
C LEU H 540 -30.12 25.95 -18.61
N HIS H 541 -28.93 26.35 -19.04
CA HIS H 541 -28.27 27.54 -18.53
C HIS H 541 -28.65 28.74 -19.40
N PRO H 542 -28.56 29.96 -18.86
CA PRO H 542 -29.04 31.12 -19.62
C PRO H 542 -28.15 31.48 -20.81
N ASP H 543 -28.77 32.05 -21.84
CA ASP H 543 -28.03 32.65 -22.94
C ASP H 543 -27.34 33.90 -22.44
N ILE H 544 -26.27 34.32 -23.12
CA ILE H 544 -25.49 35.45 -22.65
C ILE H 544 -25.63 36.66 -23.56
N GLU H 545 -25.87 37.81 -22.96
CA GLU H 545 -25.95 39.06 -23.72
C GLU H 545 -24.71 39.92 -23.43
N TYR H 546 -24.14 40.47 -24.50
CA TYR H 546 -22.91 41.26 -24.40
C TYR H 546 -23.15 42.72 -24.77
N ASP H 547 -22.57 43.64 -24.00
CA ASP H 547 -22.54 45.03 -24.42
C ASP H 547 -21.15 45.38 -24.94
N GLU H 548 -20.90 46.66 -25.13
CA GLU H 548 -19.65 47.10 -25.75
C GLU H 548 -18.43 46.87 -24.85
N GLU H 549 -18.63 47.01 -23.55
CA GLU H 549 -17.55 46.74 -22.60
C GLU H 549 -17.14 45.27 -22.63
N ASP H 550 -18.13 44.39 -22.72
CA ASP H 550 -17.88 42.96 -22.83
C ASP H 550 -17.10 42.65 -24.10
N ASP H 551 -17.54 43.23 -25.21
CA ASP H 551 -16.90 43.00 -26.50
C ASP H 551 -15.46 43.48 -26.47
N LYS H 552 -15.23 44.59 -25.78
CA LYS H 552 -13.88 45.13 -25.62
C LYS H 552 -12.98 44.14 -24.89
N ALA H 553 -13.54 43.48 -23.87
CA ALA H 553 -12.80 42.49 -23.09
C ALA H 553 -12.41 41.29 -23.95
N ILE H 554 -13.33 40.85 -24.80
CA ILE H 554 -13.07 39.71 -25.69
C ILE H 554 -11.99 40.06 -26.71
N GLU H 555 -12.02 41.28 -27.23
CA GLU H 555 -11.02 41.72 -28.19
C GLU H 555 -9.62 41.71 -27.59
N ASN H 556 -9.48 42.25 -26.38
CA ASN H 556 -8.20 42.21 -25.69
C ASN H 556 -7.78 40.79 -25.36
N TYR H 557 -8.76 39.95 -25.06
CA TYR H 557 -8.54 38.52 -24.82
C TYR H 557 -7.91 37.86 -26.03
N ILE H 558 -8.46 38.15 -27.21
CA ILE H 558 -7.92 37.62 -28.46
C ILE H 558 -6.50 38.13 -28.68
N ARG H 559 -6.29 39.44 -28.49
CA ARG H 559 -4.99 40.05 -28.69
C ARG H 559 -3.93 39.45 -27.78
N GLU H 560 -4.34 39.07 -26.58
CA GLU H 560 -3.40 38.64 -25.57
C GLU H 560 -3.18 37.13 -25.53
N HIS H 561 -4.05 36.36 -26.18
CA HIS H 561 -3.93 34.90 -26.10
C HIS H 561 -4.06 34.18 -27.44
N THR H 562 -4.05 34.95 -28.53
CA THR H 562 -3.97 34.35 -29.86
C THR H 562 -2.56 33.82 -30.10
N GLU H 563 -2.47 32.64 -30.71
CA GLU H 563 -1.18 32.03 -31.04
C GLU H 563 -1.17 31.51 -32.46
N THR H 564 0.02 31.13 -32.93
CA THR H 564 0.11 30.34 -34.14
C THR H 564 -0.62 29.02 -33.96
N THR H 565 -1.22 28.50 -35.03
CA THR H 565 -1.83 27.18 -34.99
C THR H 565 -0.89 26.20 -35.66
N TRP H 566 0.36 26.63 -35.84
CA TRP H 566 1.42 25.82 -36.45
C TRP H 566 1.13 25.47 -37.91
N HIS H 567 0.25 26.25 -38.55
CA HIS H 567 -0.12 26.01 -39.94
C HIS H 567 0.53 27.02 -40.88
N CYS H 568 1.72 27.51 -40.51
CA CYS H 568 2.41 28.55 -41.27
C CYS H 568 2.63 28.20 -42.74
N LEU H 569 2.38 29.15 -43.63
CA LEU H 569 2.57 28.92 -45.06
C LEU H 569 2.83 30.21 -45.83
N GLY H 570 3.37 30.09 -47.04
CA GLY H 570 3.42 31.21 -47.97
C GLY H 570 4.74 31.91 -48.23
N THR H 571 5.77 31.56 -47.47
CA THR H 571 7.03 32.29 -47.55
C THR H 571 7.85 32.01 -48.82
N CYS H 572 7.46 31.00 -49.58
CA CYS H 572 8.05 30.73 -50.89
C CYS H 572 6.94 30.53 -51.91
N SER H 573 6.09 31.55 -52.05
CA SER H 573 4.84 31.41 -52.79
C SER H 573 4.98 31.07 -54.27
N ILE H 574 4.11 30.19 -54.74
CA ILE H 574 3.95 29.94 -56.16
C ILE H 574 3.24 31.12 -56.81
N GLY H 575 3.83 31.65 -57.88
CA GLY H 575 3.22 32.75 -58.61
C GLY H 575 4.17 33.40 -59.58
N PRO H 576 3.65 34.31 -60.41
CA PRO H 576 4.46 35.08 -61.36
C PRO H 576 5.59 35.83 -60.64
N ARG H 577 6.81 35.77 -61.18
CA ARG H 577 7.95 36.39 -60.50
C ARG H 577 7.73 37.87 -60.28
N GLU H 578 7.06 38.52 -61.23
CA GLU H 578 6.85 39.96 -61.17
C GLU H 578 5.82 40.32 -60.10
N GLY H 579 5.04 39.32 -59.68
CA GLY H 579 4.04 39.52 -58.66
C GLY H 579 2.62 39.29 -59.14
N SER H 580 1.67 39.44 -58.23
CA SER H 580 0.25 39.25 -58.53
C SER H 580 -0.57 39.90 -57.42
N LYS H 581 -1.89 39.81 -57.52
CA LYS H 581 -2.76 40.43 -56.53
C LYS H 581 -2.65 39.73 -55.17
N ILE H 582 -2.43 38.41 -55.21
CA ILE H 582 -2.31 37.64 -53.97
C ILE H 582 -0.85 37.45 -53.55
N VAL H 583 0.07 37.63 -54.49
CA VAL H 583 1.51 37.56 -54.19
C VAL H 583 2.16 38.90 -54.53
N LYS H 584 1.91 39.90 -53.68
CA LYS H 584 2.28 41.28 -53.97
C LYS H 584 3.79 41.52 -54.04
N TRP H 585 4.54 40.80 -53.21
CA TRP H 585 5.98 41.02 -53.11
C TRP H 585 6.76 40.26 -54.18
N GLY H 586 6.06 39.46 -54.96
CA GLY H 586 6.70 38.71 -56.03
C GLY H 586 6.71 37.21 -55.78
N GLY H 587 6.51 36.43 -56.83
CA GLY H 587 6.51 34.99 -56.73
C GLY H 587 7.91 34.45 -56.49
N VAL H 588 7.99 33.26 -55.91
CA VAL H 588 9.26 32.62 -55.64
C VAL H 588 9.41 31.38 -56.51
N LEU H 589 8.27 30.76 -56.84
CA LEU H 589 8.29 29.52 -57.62
C LEU H 589 7.32 29.58 -58.80
N ASP H 590 7.65 28.84 -59.86
CA ASP H 590 6.71 28.67 -60.98
C ASP H 590 5.70 27.59 -60.62
N HIS H 591 4.82 27.26 -61.56
CA HIS H 591 3.76 26.29 -61.29
C HIS H 591 4.29 24.86 -61.18
N ARG H 592 5.58 24.68 -61.45
CA ARG H 592 6.22 23.38 -61.27
C ARG H 592 7.14 23.41 -60.04
N SER H 593 6.91 24.41 -59.19
CA SER H 593 7.61 24.55 -57.91
C SER H 593 9.11 24.79 -58.03
N ASN H 594 9.57 25.17 -59.23
CA ASN H 594 10.96 25.55 -59.42
C ASN H 594 11.25 26.94 -58.85
N VAL H 595 12.36 27.09 -58.16
CA VAL H 595 12.80 28.41 -57.73
C VAL H 595 13.28 29.21 -58.95
N TYR H 596 12.77 30.42 -59.11
CA TYR H 596 13.19 31.27 -60.22
C TYR H 596 14.69 31.59 -60.14
N GLY H 597 15.34 31.69 -61.30
CA GLY H 597 16.71 32.13 -61.37
C GLY H 597 17.76 31.03 -61.19
N VAL H 598 17.30 29.78 -61.07
CA VAL H 598 18.22 28.66 -60.91
C VAL H 598 17.59 27.39 -61.47
N LYS H 599 18.43 26.42 -61.82
CA LYS H 599 17.97 25.14 -62.34
C LYS H 599 18.19 24.01 -61.32
N GLY H 600 17.28 23.05 -61.31
CA GLY H 600 17.43 21.85 -60.49
C GLY H 600 17.11 22.06 -59.02
N LEU H 601 16.25 23.02 -58.72
CA LEU H 601 15.87 23.30 -57.34
C LEU H 601 14.38 23.56 -57.22
N LYS H 602 13.71 22.69 -56.45
CA LYS H 602 12.30 22.86 -56.15
C LYS H 602 12.08 23.08 -54.66
N VAL H 603 10.99 23.74 -54.31
CA VAL H 603 10.56 23.82 -52.92
C VAL H 603 9.30 22.99 -52.76
N GLY H 604 9.31 22.09 -51.78
CA GLY H 604 8.18 21.22 -51.53
C GLY H 604 7.82 21.14 -50.06
N ASP H 605 7.11 22.16 -49.59
CA ASP H 605 6.53 22.17 -48.25
C ASP H 605 5.43 23.23 -48.21
N LEU H 606 5.02 23.64 -47.02
CA LEU H 606 3.92 24.58 -46.88
C LEU H 606 4.23 26.00 -47.33
N SER H 607 5.51 26.33 -47.44
CA SER H 607 5.91 27.67 -47.87
C SER H 607 5.43 27.97 -49.29
N VAL H 608 5.09 26.90 -50.00
CA VAL H 608 4.63 26.93 -51.39
C VAL H 608 3.30 27.68 -51.60
N CYS H 609 2.38 27.56 -50.66
CA CYS H 609 1.01 28.06 -50.84
C CYS H 609 0.91 29.59 -50.92
N PRO H 610 0.40 30.11 -52.04
CA PRO H 610 0.27 31.57 -52.23
C PRO H 610 -0.87 32.15 -51.42
N ASP H 611 -1.89 31.33 -51.14
CA ASP H 611 -3.02 31.75 -50.32
C ASP H 611 -3.37 30.60 -49.37
N ASN H 612 -4.27 30.84 -48.43
CA ASN H 612 -4.49 29.89 -47.34
C ASN H 612 -5.42 28.73 -47.69
N VAL H 613 -5.51 27.77 -46.78
CA VAL H 613 -6.40 26.62 -46.93
C VAL H 613 -7.28 26.49 -45.69
N GLY H 614 -8.53 26.08 -45.89
CA GLY H 614 -9.48 26.02 -44.79
C GLY H 614 -9.41 24.74 -43.96
N CYS H 615 -8.20 24.43 -43.46
CA CYS H 615 -7.98 23.16 -42.80
C CYS H 615 -6.68 23.10 -42.01
N ASN H 616 -6.65 22.23 -41.00
CA ASN H 616 -5.38 21.81 -40.41
C ASN H 616 -4.53 21.29 -41.55
N THR H 617 -3.24 21.60 -41.56
CA THR H 617 -2.47 21.55 -42.80
C THR H 617 -1.64 20.29 -43.08
N TYR H 618 -1.89 19.19 -42.36
CA TYR H 618 -1.14 17.98 -42.67
C TYR H 618 -1.60 17.40 -44.03
N THR H 619 -2.90 17.46 -44.32
CA THR H 619 -3.38 17.00 -45.62
C THR H 619 -2.73 17.82 -46.73
N THR H 620 -2.58 19.11 -46.49
CA THR H 620 -1.94 20.01 -47.46
C THR H 620 -0.47 19.65 -47.64
N ALA H 621 0.21 19.38 -46.53
CA ALA H 621 1.62 19.00 -46.57
C ALA H 621 1.82 17.70 -47.35
N LEU H 622 0.96 16.73 -47.11
CA LEU H 622 1.03 15.45 -47.81
C LEU H 622 0.74 15.63 -49.30
N LEU H 623 -0.27 16.45 -49.59
CA LEU H 623 -0.66 16.71 -50.97
C LEU H 623 0.47 17.39 -51.74
N ILE H 624 1.06 18.42 -51.12
CA ILE H 624 2.21 19.10 -51.70
C ILE H 624 3.34 18.10 -51.94
N GLY H 625 3.49 17.17 -51.00
CA GLY H 625 4.51 16.14 -51.10
C GLY H 625 4.30 15.21 -52.28
N GLU H 626 3.08 14.68 -52.43
CA GLU H 626 2.74 13.82 -53.56
C GLU H 626 2.89 14.55 -54.88
N LYS H 627 2.46 15.81 -54.91
CA LYS H 627 2.55 16.64 -56.12
C LYS H 627 4.00 16.95 -56.49
N THR H 628 4.79 17.34 -55.51
CA THR H 628 6.20 17.67 -55.74
C THR H 628 6.98 16.46 -56.25
N ALA H 629 6.68 15.29 -55.68
CA ALA H 629 7.33 14.05 -56.11
C ALA H 629 7.01 13.75 -57.56
N THR H 630 5.75 13.97 -57.94
CA THR H 630 5.31 13.73 -59.30
C THR H 630 5.98 14.70 -60.27
N LEU H 631 6.08 15.97 -59.86
CA LEU H 631 6.74 16.99 -60.67
C LEU H 631 8.18 16.61 -60.95
N VAL H 632 8.90 16.19 -59.91
CA VAL H 632 10.29 15.77 -60.08
C VAL H 632 10.41 14.57 -61.01
N GLY H 633 9.52 13.59 -60.82
CA GLY H 633 9.51 12.40 -61.64
C GLY H 633 9.31 12.69 -63.11
N GLU H 634 8.35 13.57 -63.41
CA GLU H 634 8.08 13.99 -64.78
C GLU H 634 9.29 14.69 -65.38
N ASP H 635 9.88 15.60 -64.60
CA ASP H 635 11.05 16.35 -65.02
C ASP H 635 12.23 15.44 -65.38
N LEU H 636 12.36 14.32 -64.67
CA LEU H 636 13.45 13.40 -64.90
C LEU H 636 13.11 12.38 -66.00
N GLY H 637 11.95 12.56 -66.62
CA GLY H 637 11.58 11.78 -67.79
C GLY H 637 10.78 10.53 -67.53
N TYR H 638 10.28 10.37 -66.30
CA TYR H 638 9.48 9.20 -65.97
C TYR H 638 8.01 9.45 -66.28
N SER H 639 7.27 8.38 -66.54
CA SER H 639 5.86 8.47 -66.88
C SER H 639 5.09 7.21 -66.56
N GLY H 640 3.77 7.28 -66.65
CA GLY H 640 2.91 6.13 -66.44
C GLY H 640 2.99 5.54 -65.05
N GLU H 641 3.09 4.22 -64.97
CA GLU H 641 3.08 3.52 -63.68
C GLU H 641 4.31 3.81 -62.85
N ALA H 642 5.36 4.34 -63.48
CA ALA H 642 6.57 4.70 -62.75
C ALA H 642 6.28 5.83 -61.77
N LEU H 643 5.29 6.67 -62.10
CA LEU H 643 4.92 7.79 -61.27
C LEU H 643 4.04 7.39 -60.09
N ASP H 644 3.69 6.11 -60.02
CA ASP H 644 2.93 5.58 -58.88
C ASP H 644 3.76 5.76 -57.60
N MET H 645 5.03 5.40 -57.68
CA MET H 645 5.98 5.52 -56.57
C MET H 645 5.43 4.89 -55.30
N THR H 646 4.83 3.70 -55.46
CA THR H 646 4.26 2.97 -54.35
C THR H 646 5.33 2.58 -53.32
N VAL H 647 5.07 2.91 -52.06
CA VAL H 647 5.99 2.55 -50.99
C VAL H 647 5.61 1.20 -50.39
N PRO H 648 6.59 0.49 -49.82
CA PRO H 648 6.30 -0.79 -49.17
C PRO H 648 5.23 -0.67 -48.11
N GLN H 649 4.27 -1.59 -48.14
CA GLN H 649 3.19 -1.59 -47.15
C GLN H 649 2.50 -2.95 -47.14
N PHE H 650 2.13 -3.41 -45.96
CA PHE H 650 1.27 -4.57 -45.87
C PHE H 650 -0.15 -4.10 -45.54
N LYS H 651 -1.04 -4.23 -46.53
CA LYS H 651 -2.40 -3.71 -46.40
C LYS H 651 -3.28 -4.70 -45.62
N LEU H 652 -4.08 -4.17 -44.69
CA LEU H 652 -4.93 -5.01 -43.86
C LEU H 652 -6.42 -4.90 -44.22
N GLY H 653 -6.76 -3.87 -44.99
CA GLY H 653 -8.14 -3.65 -45.41
C GLY H 653 -9.11 -3.50 -44.25
N THR H 654 -10.31 -4.04 -44.41
CA THR H 654 -11.28 -4.07 -43.32
C THR H 654 -11.40 -5.47 -42.75
N TYR H 655 -11.86 -5.59 -41.51
CA TYR H 655 -11.91 -6.87 -40.83
C TYR H 655 -12.77 -7.89 -41.57
N GLU H 656 -13.97 -7.48 -42.01
CA GLU H 656 -14.90 -8.43 -42.61
C GLU H 656 -14.41 -8.93 -43.98
N LYS H 657 -13.50 -8.22 -44.61
CA LYS H 657 -12.95 -8.64 -45.89
C LYS H 657 -11.72 -9.55 -45.72
N THR H 658 -10.81 -9.16 -44.83
CA THR H 658 -9.52 -9.85 -44.72
C THR H 658 -9.34 -10.62 -43.42
N GLY H 659 -9.98 -10.16 -42.36
CA GLY H 659 -9.84 -10.78 -41.05
C GLY H 659 -8.53 -10.42 -40.39
N LEU H 660 -7.80 -9.50 -41.00
CA LEU H 660 -6.48 -9.11 -40.52
C LEU H 660 -6.50 -7.77 -39.79
N ALA H 661 -7.35 -6.86 -40.26
CA ALA H 661 -7.50 -5.56 -39.62
C ALA H 661 -8.18 -5.73 -38.25
N ARG H 662 -8.09 -4.71 -37.42
CA ARG H 662 -8.73 -4.73 -36.12
C ARG H 662 -10.26 -4.73 -36.25
N PHE H 663 -10.92 -5.58 -35.48
CA PHE H 663 -12.38 -5.62 -35.50
C PHE H 663 -12.98 -4.33 -34.92
#